data_4RKU
#
_entry.id   4RKU
#
_cell.length_a   120.631
_cell.length_b   189.168
_cell.length_c   129.667
_cell.angle_alpha   90.00
_cell.angle_beta   91.11
_cell.angle_gamma   90.00
#
_symmetry.space_group_name_H-M   'P 1 21 1'
#
loop_
_entity.id
_entity.type
_entity.pdbx_description
1 polymer 'Photosystem I P700 chlorophyll a apoprotein A1'
2 polymer 'Photosystem I P700 chlorophyll a apoprotein A2'
3 polymer 'Photosystem I iron-sulfur center'
4 polymer 'Photosystem I reaction center subunit II, chloroplastic'
5 polymer 'Photosystem I reaction center subunit IV B, chloroplastic'
6 polymer 'Photosystem I reaction center subunit III, chloroplastic'
7 polymer 'Photosystem I reaction center subunit V, chloroplastic'
8 polymer 'Photosystem I reaction center subunit VI, chloroplastic'
9 polymer 'Photosystem I reaction center subunit VIII'
10 polymer 'Photosystem I reaction center subunit IX'
11 polymer 'Photosystem I reaction center subunit X psaK'
12 polymer 'Photosystem I reaction center subunit XI, chloroplastic'
13 polymer 'Photosystem I-N subunit'
14 polymer 'Chlorophyll a-b binding protein 6A, chloroplastic'
15 polymer 'Type II chlorophyll a/b binding protein from photosystem I'
16 polymer 'Chlorophyll a-b binding protein 3, chloroplastic'
17 polymer 'Chlorophyll a-b binding protein P4, chloroplastic'
18 non-polymer PHYLLOQUINONE
19 non-polymer BETA-CAROTENE
20 non-polymer 1,2-DIPALMITOYL-PHOSPHATIDYL-GLYCEROLE
21 non-polymer 'CHLOROPHYLL A'
22 non-polymer 'IRON/SULFUR CLUSTER'
23 non-polymer 'CHLOROPHYLL A ISOMER'
24 non-polymer 'DIGALACTOSYL DIACYL GLYCEROL (DGDG)'
25 non-polymer 1,2-DISTEAROYL-MONOGALACTOSYL-DIGLYCERIDE
26 non-polymer "(3R,3'R,6S)-4,5-DIDEHYDRO-5,6-DIHYDRO-BETA,BETA-CAROTENE-3,3'-DIOL"
27 non-polymer (1R,3R)-6-{(3E,5E,7E,9E,11E,13E,15E,17E)-18-[(1S,4R,6R)-4-HYDROXY-2,2,6-TRIMETHYL-7-OXABICYCLO[4.1.0]HEPT-1-YL]-3,7,12,16-TETRAMETHYLOCTADECA-1,3,5,7,9,11,13,15,17-NONAENYLIDENE}-1,5,5-TRIMETHYLCYCLOHEXANE-1,3-DIOL
28 non-polymer SN-GLYCEROL-3-PHOSPHATE
#
loop_
_entity_poly.entity_id
_entity_poly.type
_entity_poly.pdbx_seq_one_letter_code
_entity_poly.pdbx_strand_id
1 'polypeptide(L)'
;GHFSRTIAKGPDTTTWIWNLHADAHDFDSHTSDLEEISRKVFSAHFGQLSIIFLWLSGMYFHGARFSNYEAWLNDPTHIR
PSAQVVWPIVGQEILNGDVGGGFRGIQITSGFFQIWRASGITSELQLYCTAIGALVFAGLMLFAGWFHYHKAAPKLAWFQ
DVESMLNHHLAGLLGLGSLSWARHQVHVSLPINQFLNAGVDPKEIPLPHEFILNRDLLAQLYPSFAEGATPFFTLNWSKY
ADFLTFRGGLDPLTGGLWLTDIAHHHLAIAILFLIAGHMYRTNWGIGHGIKDILEAHKGPFTGQGHKGLYEILTTSWHAQ
LSINLAMLGSLTIVVAQHMYSMPPYPYLATDYATQLSLFTHHMWIGGFLIVGAAAHAAIFMVRDYDPTTRYNDLLDRVLR
HRDAIISHLNWVCIFLGFHSFGLYIHNDTMSALGRPQDMFSDTAIQLQPVFAQWIQNTHALAPGTTAPGATASTSLTWGG
GDLVAVGNKVALLPIPLGTADFLVHHIHAFTIHVTVLILLKGVLFARSSRLIPDKANLGFRFPCDGPGRGGTCQVSAWDH
VFLGLFWMYNSISVVIFHFSWKMQSDVWGSINDQGVVTHITGGNFAQSSITINGWLRDFLWAQASQVIQSYGSSLSAYGL
FFLGAHFVWAFSLMFLFSGRGYWQELIESIVWAHNKLKVAPATQPRALSIVQGRAVGVTHYLLGGIATTWAFFLARIIAV
G
;
A
2 'polypeptide(L)'
;LRIPRFSQGLAQDPTTRRIWFGIATAHDFESHDDITEGRLYQNIFASHFGQLAIIFLWTSGNLFHVAWQGNFEAWVQDPF
HVRPIAHAIWDPHFGQPAVEAFTRGGALGPVNNAYSGVYQWWYTIGLRTNEDLYTGAIFLLFLSFISLLAGWLHLQPKWK
PSVSWFKNAESRLNHHLSGLFGVSSLAWAGHLVHVAIPGSRGEYVRWNNFLDVLPYPQGLGPLLTGQWNLYAQNPSSSNH
LFGTTQGAGTAILTILGGFHPQTQSLWLTDMAHHHLAIAFLFLIGGLMYRTNFGIGHSIKYILEAHIPPGGRLGRGHKGL
YDTINNSIHFQLGLALASLGVITSLVAQHMYSLPAYAFIAQDFTTQAALYTHHQYIAGFIMTGAFAHGPIFFIRDYNPEQ
NADNVLARMLEHKEAIISHLSWASLFLGFHTLGLYVHNDVMLAFGTPEKQILIEPIFAQWIQSAHGKTSYGFDVLLSSTN
SPALNAGRSIWLPGWLNAINENSNSLFLTIGPGDFLVHHAIALGLHTTTLILVKGALDARGSKLMPDKKDFGYSFPCDGP
GRGGTCDISAWDDFYLAVFWMLNTIGWVTFYWHWKHITLWQGNVSQFNESSTYLMGWLRDYLWLNSSQLINGYTPLVCNS
LSVWAWMFLFGHLVWATGFMFLISWRGYWQELIETLAWAHERTPLANLIRWRDKPVALSIVQARLVGLVHFSVGYIFTYA
AFLIASTSGKF
;
B
3 'polypeptide(L)' SHSVKIYDTCIGCTQCVRACPTDVLEMIPWGGCKAKQIASAPRTEDCVGCKRCESACPTDFLSVRVYLWHETTRSMGLAY C
4 'polypeptide(L)'
;TPPELDPNTPSPIFGGSTGGLLRKAQVEEFYVITWESPKEQIFEMPTGGAAIMREGPNLLKLARKEQCLALGTRLRSKYK
IKYQFYRVFPSGEVQYLHPKDGVYPEKVNPGRQGVGVNFRSIGKNVSPIEVKFTGKQ
;
D
5 'polypeptide(L)' PIGPKRGAKVKILRQESYWYKGTGSVVTVDQDPNTRYPVVVRFNKVNYANVSTNNYALDEVEE E
6 'polypeptide(L)'
;SGLTPCKESKQFAKREKQSIKKLESSLKIYAADSAPALAINATIEKTKRRFDNYAKQGLLCGADGLPHLIVSGDQRHWGE
FITPGILFLYIAGWIGWVGRSYLIAIRDEKKPTQKEIIIDVPLASRLVFRGFSWPIAAYRELLNGELVAKDV
;
F
7 'polypeptide(L)'
;PSLVISLSTGLSLFLGRFVFFNFQRENVAKQVPEQNGKGTHFDAGDERAKEYAGLLKSAAAIVDVLAWGSIGHIVAYYLA
LTTS
;
G
8 'polypeptide(L)'
;YFDLEDIGNTTGQWDLYGSDAPSPYSPLQSKFFETFAAPFTKRGLLLKFLILGGGSTLAYFSTTASGDILPIVKGPQLPP
KL
;
H
9 'polypeptide(L)' PSLFVPLVGLLFPAVAMASLFLHVEK I
10 'polypeptide(L)' RDLKTYLSVAPVASTLWFAALAGLLIEINRLFPDALTFPF J
11 'polypeptide(L)' DFIGSSTNVIMVASTTLMLFAGRFGLAPSANRKATAGLKLEARDSGLQTGDPAGFTLADTLACGTVGHIIGV K
12 'polypeptide(L)'
;SEKPTYQVVQPINGDPFIGSLETPVTSSPLVAWYLSNLPGYRTAVNPLLRGIEVGLAHGFFLVGPFVKAGPLRNTEYAGA
AGSLAAAGLVVILSICLTIYGISSFNEGDPSTAPSLTLTGRKKQPDQLQTADGWAKFTGGFFFGGISGVIWAFFLLYVLD
LPY
;
L
13 'polypeptide(L)'
;SVFDAYLEKSKANKELNDKKRLATSGANFARAYTVQFGTCKFPENFTGCQDLAKQKKVPFISEDLELECEGKDKFKCGSN
VFWKW
;
N
14 'polypeptide(L)'
;PRPSYLDGSAPGDFGFDPLRLGEVPENLERFKESELIHCRWAMLAVPGILVPEALGLGNWVKAQEWAALPGGQATYLGNP
VPWGTLPTILVIEFLSIAFVEHQRSMEKDPEKKKYPGGAFDPLGYSKDPKKFHEYKIKEVKNGRLALLAFVGICVQQSAY
PGTGPLENLATHLADPWHNNIG
;
1
15 'polypeptide(L)'
;VAEPDRPLWFPGSTPPPWLDGSLPGDFGFDPLGLGSDPESLRWNVQAELVHSRWAMLGAAGIFIPEFLTKLGILNTPSWY
TAGEQEYFTDTTTLFIVELVFIGWAEGRRWADILNPGCVNTDPIFPNNKLTGTDVGYPGGLWFDPLGWGSASPQKLKELR
TKEIKNGRLAMLAVMGAWFQHIYTGTGPIDNLFAHLADP
;
2
16 'polypeptide(L)'
;MATQALVSSSSLTFAAEAVRQSFRARSLPSSVGCSRKGLVRAAATPPVKQGGVDRPLWFASKQSLSYLDGSLPGDYGFDP
LGLSDPEGTGGFIEPRWLAYGEVINGRFAMLGAVGAIAPEYLGKVGLIPQETALAWFQTGVIPPAGTYNYWADNYTLFVL
EMALMGFAEHRRFQDWAKPGSMGKQYFLGLEKGFGGSGNPAYPGGPFFNPLGFGKDEKSLKELKLKEVKNGRLAMLAILG
YFIQGLVTGVGPYQNLLDHVADPVNNNVLTSLKFH
;
3
17 'polypeptide(L)'
;KGEWLPGLASPGYLTGSLPGDNGFDPLGLAEDPENLRWFVQAELVNGRWAMLGVAGMLLPEVFTSIGIINVPKWYDAGKE
EYFASSSTLFVIEFILFHYVEIRRWQDIKNPGSVNQDPIFKQYSLPAGEVGYPGGIFNPLNFAPTLEAKEKEIANGRLAM
LAFLGFIIQHNVTGKGPFDNLLQHISDPWHNTIVQT
;
4
#
loop_
_chem_comp.id
_chem_comp.type
_chem_comp.name
_chem_comp.formula
BCR non-polymer BETA-CAROTENE 'C40 H56'
CL0 non-polymer 'CHLOROPHYLL A ISOMER' 'C55 H72 Mg N4 O5 2'
CLA non-polymer 'CHLOROPHYLL A' 'C55 H72 Mg N4 O5'
DGD saccharide 'DIGALACTOSYL DIACYL GLYCEROL (DGDG)' 'C51 H96 O15'
G3P non-polymer SN-GLYCEROL-3-PHOSPHATE 'C3 H9 O6 P'
LHG non-polymer 1,2-DIPALMITOYL-PHOSPHATIDYL-GLYCEROLE 'C38 H75 O10 P'
LMG non-polymer 1,2-DISTEAROYL-MONOGALACTOSYL-DIGLYCERIDE 'C45 H86 O10'
LUT non-polymer (3R,3'R,6S)-4,5-DIDEHYDRO-5,6-DIHYDRO-BETA,BETA-CAROTENE-3,3'-DIOL 'C40 H56 O2'
NEX non-polymer (1R,3R)-6-{(3E,5E,7E,9E,11E,13E,15E,17E)-18-[(1S,4R,6R)-4-HYDROXY-2,2,6-TRIMETHYL-7-OXABICYCLO[4.1.0]HEPT-1-YL]-3,7,12,16-TETRAMETHYLOCTADECA-1,3,5,7,9,11,13,15,17-NONAENYLIDENE}-1,5,5-TRIMETHYLCYCLOHEXANE-1,3-DIOL 'C40 H56 O4'
PQN non-polymer PHYLLOQUINONE 'C31 H46 O2'
SF4 non-polymer 'IRON/SULFUR CLUSTER' 'Fe4 S4'
#
# COMPACT_ATOMS: atom_id res chain seq x y z
N GLY A 1 15.65 15.93 -13.72
CA GLY A 1 16.79 15.43 -12.98
C GLY A 1 17.87 16.47 -12.82
N HIS A 2 17.90 17.10 -11.65
CA HIS A 2 18.84 18.16 -11.35
C HIS A 2 20.29 17.77 -11.61
N PHE A 3 20.62 16.53 -11.26
CA PHE A 3 22.00 16.05 -11.29
C PHE A 3 22.61 15.99 -12.70
N SER A 4 21.76 15.66 -13.67
CA SER A 4 22.15 15.53 -15.08
C SER A 4 21.33 16.44 -15.99
N ARG A 5 22.01 17.08 -16.95
CA ARG A 5 21.36 18.01 -17.88
C ARG A 5 20.28 17.43 -18.78
N THR A 6 20.56 16.30 -19.40
CA THR A 6 19.56 15.67 -20.24
C THR A 6 18.45 15.23 -19.31
N ILE A 7 18.84 14.73 -18.13
CA ILE A 7 17.89 14.28 -17.15
C ILE A 7 17.03 15.45 -16.72
N ALA A 8 17.66 16.59 -16.47
CA ALA A 8 16.92 17.75 -16.05
C ALA A 8 15.97 18.16 -17.16
N LYS A 9 16.50 18.17 -18.38
CA LYS A 9 15.81 18.56 -19.62
C LYS A 9 14.41 19.14 -19.48
N GLY A 10 13.40 18.28 -19.50
CA GLY A 10 12.01 18.69 -19.35
C GLY A 10 11.12 17.56 -18.90
N PRO A 11 9.93 17.92 -18.30
CA PRO A 11 9.09 16.81 -17.87
C PRO A 11 7.93 16.63 -18.83
N ASP A 12 7.67 15.40 -19.26
CA ASP A 12 6.60 15.12 -20.21
C ASP A 12 5.64 14.11 -19.60
N THR A 13 6.16 13.28 -18.71
CA THR A 13 5.37 12.31 -17.98
C THR A 13 5.70 12.43 -16.49
N THR A 14 4.87 11.82 -15.65
CA THR A 14 5.09 11.87 -14.21
C THR A 14 6.25 10.96 -13.79
N THR A 15 6.66 10.09 -14.70
CA THR A 15 7.76 9.15 -14.44
C THR A 15 9.04 9.91 -14.14
N TRP A 16 9.18 11.08 -14.74
CA TRP A 16 10.34 11.95 -14.53
C TRP A 16 10.52 12.30 -13.06
N ILE A 17 9.40 12.56 -12.39
CA ILE A 17 9.42 12.93 -10.97
C ILE A 17 9.91 11.78 -10.11
N TRP A 18 9.43 10.58 -10.39
CA TRP A 18 9.83 9.40 -9.63
C TRP A 18 11.29 9.05 -9.87
N ASN A 19 11.74 9.20 -11.11
CA ASN A 19 13.13 8.93 -11.46
C ASN A 19 14.08 9.88 -10.73
N LEU A 20 13.65 11.13 -10.62
CA LEU A 20 14.45 12.20 -10.02
C LEU A 20 14.96 11.85 -8.63
N HIS A 21 14.11 11.24 -7.82
CA HIS A 21 14.49 10.88 -6.47
C HIS A 21 15.18 9.52 -6.43
N ALA A 22 14.79 8.64 -7.34
CA ALA A 22 15.32 7.28 -7.40
C ALA A 22 16.82 7.25 -7.67
N ASP A 23 17.28 8.20 -8.48
CA ASP A 23 18.70 8.27 -8.83
C ASP A 23 19.35 9.54 -8.30
N ALA A 24 18.84 10.03 -7.17
CA ALA A 24 19.37 11.25 -6.56
C ALA A 24 20.77 11.02 -6.00
N HIS A 25 20.97 9.88 -5.36
CA HIS A 25 22.25 9.55 -4.74
C HIS A 25 23.10 8.63 -5.61
N ASP A 26 22.57 8.26 -6.77
CA ASP A 26 23.30 7.40 -7.70
C ASP A 26 24.43 8.19 -8.36
N PHE A 27 25.47 8.48 -7.59
CA PHE A 27 26.53 9.40 -8.01
C PHE A 27 27.34 8.87 -9.20
N ASP A 28 27.48 7.56 -9.31
CA ASP A 28 28.29 6.97 -10.36
C ASP A 28 27.54 6.86 -11.69
N SER A 29 26.30 7.32 -11.71
CA SER A 29 25.51 7.33 -12.93
C SER A 29 25.41 8.76 -13.48
N HIS A 30 25.94 9.71 -12.71
CA HIS A 30 25.92 11.11 -13.12
C HIS A 30 27.24 11.49 -13.78
N THR A 31 28.31 10.81 -13.38
CA THR A 31 29.63 11.01 -13.97
C THR A 31 30.39 9.71 -14.04
N SER A 32 31.40 9.67 -14.93
CA SER A 32 32.31 8.54 -15.01
C SER A 32 33.63 8.92 -14.34
N ASP A 33 33.67 10.14 -13.81
CA ASP A 33 34.84 10.67 -13.16
C ASP A 33 34.89 10.22 -11.71
N LEU A 34 35.79 9.29 -11.41
CA LEU A 34 35.91 8.70 -10.08
C LEU A 34 36.17 9.76 -9.01
N GLU A 35 37.02 10.71 -9.34
CA GLU A 35 37.38 11.79 -8.42
C GLU A 35 36.15 12.62 -8.06
N GLU A 36 35.31 12.91 -9.06
CA GLU A 36 34.10 13.68 -8.84
C GLU A 36 33.13 12.95 -7.92
N ILE A 37 33.01 11.64 -8.13
CA ILE A 37 32.15 10.82 -7.28
C ILE A 37 32.67 10.84 -5.85
N SER A 38 33.91 10.43 -5.66
CA SER A 38 34.54 10.38 -4.33
C SER A 38 34.40 11.69 -3.58
N ARG A 39 34.56 12.80 -4.29
CA ARG A 39 34.37 14.12 -3.72
C ARG A 39 32.93 14.32 -3.27
N LYS A 40 31.99 13.81 -4.07
CA LYS A 40 30.58 13.90 -3.76
C LYS A 40 30.22 13.14 -2.47
N VAL A 41 30.60 11.86 -2.41
CA VAL A 41 30.23 11.03 -1.26
C VAL A 41 30.92 11.50 0.03
N PHE A 42 32.15 11.99 -0.08
CA PHE A 42 32.88 12.45 1.09
C PHE A 42 32.15 13.60 1.77
N SER A 43 31.67 14.54 0.96
CA SER A 43 30.88 15.66 1.46
C SER A 43 29.54 15.18 2.01
N ALA A 44 28.98 14.16 1.38
CA ALA A 44 27.69 13.61 1.79
C ALA A 44 27.76 13.02 3.19
N HIS A 45 28.91 12.46 3.55
CA HIS A 45 29.10 11.90 4.89
C HIS A 45 29.07 13.00 5.94
N PHE A 46 29.61 14.16 5.60
CA PHE A 46 29.56 15.32 6.48
C PHE A 46 28.12 15.72 6.74
N GLY A 47 27.34 15.83 5.67
CA GLY A 47 25.93 16.18 5.76
C GLY A 47 25.17 15.17 6.60
N GLN A 48 25.56 13.91 6.50
CA GLN A 48 24.99 12.87 7.35
C GLN A 48 25.31 13.17 8.81
N LEU A 49 26.60 13.26 9.12
CA LEU A 49 27.07 13.49 10.48
C LEU A 49 26.40 14.69 11.13
N SER A 50 26.09 15.71 10.33
CA SER A 50 25.37 16.88 10.82
C SER A 50 23.98 16.50 11.31
N ILE A 51 23.28 15.68 10.53
CA ILE A 51 21.92 15.27 10.86
C ILE A 51 21.88 14.45 12.15
N ILE A 52 22.76 13.46 12.27
CA ILE A 52 22.81 12.64 13.49
C ILE A 52 23.28 13.49 14.67
N PHE A 53 24.15 14.46 14.41
CA PHE A 53 24.59 15.38 15.45
C PHE A 53 23.43 16.23 15.96
N LEU A 54 22.65 16.77 15.02
CA LEU A 54 21.44 17.51 15.35
C LEU A 54 20.48 16.60 16.11
N TRP A 55 20.40 15.34 15.67
CA TRP A 55 19.58 14.33 16.30
C TRP A 55 19.94 14.17 17.77
N LEU A 56 21.25 14.12 18.06
CA LEU A 56 21.75 13.98 19.42
C LEU A 56 21.42 15.22 20.27
N SER A 57 21.52 16.38 19.65
CA SER A 57 21.24 17.65 20.33
C SER A 57 19.81 17.68 20.86
N GLY A 58 18.88 17.17 20.05
CA GLY A 58 17.48 17.14 20.44
C GLY A 58 17.20 16.14 21.54
N MET A 59 18.00 15.08 21.59
CA MET A 59 17.83 14.05 22.61
C MET A 59 18.29 14.58 23.97
N TYR A 60 19.38 15.32 23.97
CA TYR A 60 19.90 15.94 25.19
C TYR A 60 19.02 17.11 25.61
N PHE A 61 18.58 17.91 24.65
CA PHE A 61 17.72 19.06 24.91
C PHE A 61 16.41 18.61 25.55
N HIS A 62 15.76 17.64 24.92
CA HIS A 62 14.49 17.12 25.42
C HIS A 62 14.66 16.48 26.79
N GLY A 63 15.81 15.87 27.02
CA GLY A 63 16.12 15.28 28.31
C GLY A 63 16.23 16.34 29.38
N ALA A 64 16.65 17.53 28.97
CA ALA A 64 16.82 18.65 29.90
C ALA A 64 15.49 19.32 30.23
N ARG A 65 14.76 19.74 29.20
CA ARG A 65 13.59 20.59 29.41
C ARG A 65 12.26 19.81 29.47
N PHE A 66 12.18 18.70 28.75
CA PHE A 66 10.91 17.99 28.61
C PHE A 66 10.93 16.59 29.24
N SER A 67 11.81 16.36 30.20
CA SER A 67 11.93 15.04 30.80
C SER A 67 11.95 15.09 32.32
N ASN A 68 11.68 13.94 32.94
CA ASN A 68 11.73 13.80 34.39
C ASN A 68 12.94 12.98 34.82
N TYR A 69 14.07 13.21 34.15
CA TYR A 69 15.30 12.45 34.42
C TYR A 69 15.76 12.61 35.86
N GLU A 70 15.74 13.85 36.36
CA GLU A 70 16.09 14.12 37.75
C GLU A 70 15.20 13.32 38.70
N ALA A 71 13.90 13.35 38.42
CA ALA A 71 12.93 12.62 39.22
C ALA A 71 13.21 11.11 39.17
N TRP A 72 13.59 10.62 38.00
CA TRP A 72 13.89 9.21 37.81
C TRP A 72 15.16 8.81 38.54
N LEU A 73 16.08 9.76 38.70
CA LEU A 73 17.38 9.49 39.30
C LEU A 73 17.26 9.05 40.77
N ASN A 74 16.46 9.76 41.54
CA ASN A 74 16.28 9.45 42.95
C ASN A 74 15.55 8.12 43.17
N ASP A 75 14.63 7.80 42.25
CA ASP A 75 13.81 6.61 42.41
C ASP A 75 13.72 5.80 41.11
N PRO A 76 14.86 5.22 40.67
CA PRO A 76 14.90 4.55 39.35
C PRO A 76 14.06 3.28 39.28
N THR A 77 13.75 2.66 40.42
CA THR A 77 13.07 1.37 40.41
C THR A 77 11.62 1.46 39.92
N HIS A 78 10.84 2.40 40.46
CA HIS A 78 9.48 2.59 39.98
C HIS A 78 9.17 4.03 39.60
N ILE A 79 10.04 4.61 38.78
CA ILE A 79 9.72 5.81 38.01
C ILE A 79 9.88 5.45 36.54
N ARG A 80 8.90 5.80 35.72
CA ARG A 80 8.95 5.47 34.30
C ARG A 80 9.67 6.55 33.50
N PRO A 81 10.74 6.15 32.79
CA PRO A 81 11.56 7.06 31.97
C PRO A 81 10.74 7.72 30.85
N SER A 82 10.60 9.03 30.92
CA SER A 82 9.77 9.74 29.94
C SER A 82 10.40 11.03 29.44
N ALA A 83 10.54 11.14 28.13
CA ALA A 83 10.94 12.37 27.48
C ALA A 83 9.84 12.78 26.52
N GLN A 84 9.87 14.05 26.08
CA GLN A 84 8.89 14.59 25.14
C GLN A 84 7.47 14.69 25.72
N VAL A 85 6.84 15.84 25.52
CA VAL A 85 5.49 16.09 26.01
C VAL A 85 4.57 16.48 24.86
N VAL A 86 3.29 16.13 24.97
CA VAL A 86 2.32 16.38 23.92
C VAL A 86 1.40 17.57 24.25
N TRP A 87 1.30 18.50 23.32
CA TRP A 87 0.40 19.65 23.47
C TRP A 87 -1.06 19.22 23.51
N PRO A 88 -1.87 19.88 24.35
CA PRO A 88 -3.27 19.53 24.52
C PRO A 88 -4.15 19.99 23.36
N ILE A 89 -4.05 19.32 22.22
CA ILE A 89 -4.84 19.70 21.06
C ILE A 89 -5.64 18.50 20.52
N VAL A 90 -6.80 18.79 19.94
CA VAL A 90 -7.80 17.80 19.50
C VAL A 90 -7.81 16.47 20.28
N GLY A 91 -7.66 16.56 21.60
CA GLY A 91 -7.76 15.40 22.47
C GLY A 91 -6.46 14.64 22.70
N GLN A 92 -5.35 15.23 22.28
CA GLN A 92 -4.04 14.59 22.35
C GLN A 92 -3.54 14.29 23.76
N GLU A 93 -3.92 15.13 24.71
CA GLU A 93 -3.32 15.12 26.04
C GLU A 93 -3.42 13.78 26.78
N ILE A 94 -4.22 12.85 26.26
CA ILE A 94 -4.38 11.54 26.87
C ILE A 94 -3.09 10.72 26.72
N LEU A 95 -2.26 11.08 25.75
CA LEU A 95 -1.00 10.37 25.53
C LEU A 95 0.01 10.73 26.62
N ASN A 96 -0.25 11.83 27.33
CA ASN A 96 0.53 12.17 28.51
C ASN A 96 0.03 11.37 29.70
N GLY A 97 0.84 10.40 30.14
CA GLY A 97 0.41 9.48 31.17
C GLY A 97 1.25 9.50 32.44
N ASP A 98 0.74 8.83 33.47
CA ASP A 98 1.44 8.69 34.74
C ASP A 98 2.74 7.92 34.54
N VAL A 99 3.86 8.62 34.70
CA VAL A 99 5.17 8.01 34.57
C VAL A 99 5.97 8.20 35.85
N GLY A 100 5.32 8.76 36.86
CA GLY A 100 5.95 9.02 38.14
C GLY A 100 6.71 10.32 38.17
N GLY A 101 7.06 10.77 39.37
CA GLY A 101 7.81 12.01 39.53
C GLY A 101 6.97 13.25 39.31
N GLY A 102 5.66 13.10 39.47
CA GLY A 102 4.73 14.21 39.29
C GLY A 102 4.84 14.83 37.91
N PHE A 103 4.95 13.98 36.89
CA PHE A 103 5.17 14.45 35.54
C PHE A 103 4.28 13.74 34.53
N ARG A 104 3.82 14.46 33.52
CA ARG A 104 2.98 13.90 32.48
C ARG A 104 3.73 13.82 31.15
N GLY A 105 4.02 12.61 30.70
CA GLY A 105 4.73 12.43 29.44
C GLY A 105 4.67 11.01 28.92
N ILE A 106 5.12 10.83 27.67
CA ILE A 106 5.16 9.53 27.04
C ILE A 106 6.38 8.74 27.51
N GLN A 107 6.14 7.52 28.01
CA GLN A 107 7.23 6.65 28.44
C GLN A 107 8.12 6.30 27.26
N ILE A 108 9.44 6.36 27.46
CA ILE A 108 10.38 6.14 26.37
C ILE A 108 11.18 4.86 26.53
N THR A 109 11.80 4.43 25.43
CA THR A 109 12.52 3.15 25.40
C THR A 109 13.88 3.25 24.72
N SER A 110 14.30 4.48 24.41
CA SER A 110 15.60 4.69 23.78
C SER A 110 16.75 4.29 24.70
N GLY A 111 16.55 4.51 26.00
CA GLY A 111 17.54 4.11 26.99
C GLY A 111 18.51 5.21 27.36
N PHE A 112 18.25 6.43 26.91
CA PHE A 112 19.11 7.57 27.21
C PHE A 112 19.22 7.80 28.72
N PHE A 113 18.13 7.57 29.44
CA PHE A 113 18.11 7.73 30.90
C PHE A 113 19.16 6.85 31.56
N GLN A 114 19.29 5.61 31.08
CA GLN A 114 20.28 4.68 31.61
C GLN A 114 21.69 5.09 31.19
N ILE A 115 21.82 5.65 29.99
CA ILE A 115 23.10 6.13 29.49
C ILE A 115 23.58 7.31 30.32
N TRP A 116 22.67 8.23 30.63
CA TRP A 116 23.00 9.46 31.33
C TRP A 116 23.42 9.21 32.77
N ARG A 117 22.82 8.22 33.40
CA ARG A 117 23.19 7.87 34.77
C ARG A 117 24.59 7.27 34.80
N ALA A 118 24.91 6.47 33.78
CA ALA A 118 26.22 5.87 33.67
C ALA A 118 27.30 6.93 33.44
N SER A 119 26.94 7.97 32.71
CA SER A 119 27.87 9.06 32.42
C SER A 119 28.06 9.96 33.63
N GLY A 120 27.23 9.77 34.64
CA GLY A 120 27.32 10.55 35.86
C GLY A 120 26.62 11.89 35.78
N ILE A 121 25.84 12.07 34.72
CA ILE A 121 25.06 13.29 34.54
C ILE A 121 24.01 13.41 35.65
N THR A 122 23.88 14.60 36.22
CA THR A 122 23.04 14.79 37.39
C THR A 122 21.99 15.90 37.24
N SER A 123 22.27 16.88 36.39
CA SER A 123 21.37 18.03 36.28
C SER A 123 20.98 18.35 34.84
N GLU A 124 19.85 19.03 34.68
CA GLU A 124 19.40 19.49 33.37
C GLU A 124 20.38 20.51 32.81
N LEU A 125 21.08 21.20 33.71
CA LEU A 125 22.15 22.12 33.34
C LEU A 125 23.20 21.41 32.49
N GLN A 126 23.59 20.22 32.92
CA GLN A 126 24.58 19.43 32.21
C GLN A 126 24.05 18.92 30.88
N LEU A 127 22.78 18.50 30.86
CA LEU A 127 22.15 18.06 29.62
C LEU A 127 21.98 19.22 28.65
N TYR A 128 21.71 20.40 29.21
CA TYR A 128 21.50 21.61 28.42
C TYR A 128 22.76 21.99 27.64
N CYS A 129 23.91 21.86 28.30
CA CYS A 129 25.19 22.20 27.69
C CYS A 129 25.54 21.22 26.58
N THR A 130 25.30 19.93 26.84
CA THR A 130 25.63 18.88 25.88
C THR A 130 24.79 19.02 24.61
N ALA A 131 23.57 19.52 24.77
CA ALA A 131 22.69 19.75 23.64
C ALA A 131 23.24 20.86 22.73
N ILE A 132 23.70 21.93 23.37
CA ILE A 132 24.27 23.06 22.65
C ILE A 132 25.57 22.67 21.96
N GLY A 133 26.42 21.94 22.68
CA GLY A 133 27.68 21.46 22.14
C GLY A 133 27.46 20.59 20.91
N ALA A 134 26.36 19.85 20.91
CA ALA A 134 26.01 19.01 19.77
C ALA A 134 25.56 19.87 18.59
N LEU A 135 24.78 20.91 18.87
CA LEU A 135 24.32 21.84 17.84
C LEU A 135 25.52 22.56 17.22
N VAL A 136 26.44 22.98 18.06
CA VAL A 136 27.67 23.64 17.60
C VAL A 136 28.43 22.72 16.65
N PHE A 137 28.48 21.43 16.99
CA PHE A 137 29.12 20.44 16.14
C PHE A 137 28.35 20.23 14.85
N ALA A 138 27.02 20.26 14.93
CA ALA A 138 26.16 20.10 13.76
C ALA A 138 26.39 21.23 12.78
N GLY A 139 26.63 22.43 13.30
CA GLY A 139 26.94 23.59 12.47
C GLY A 139 28.27 23.41 11.76
N LEU A 140 29.23 22.80 12.47
CA LEU A 140 30.54 22.53 11.90
C LEU A 140 30.47 21.54 10.75
N MET A 141 29.89 20.37 11.04
CA MET A 141 29.80 19.27 10.08
C MET A 141 29.14 19.71 8.77
N LEU A 142 28.04 20.43 8.88
CA LEU A 142 27.35 20.92 7.69
C LEU A 142 28.26 21.87 6.92
N PHE A 143 28.91 22.78 7.64
CA PHE A 143 29.84 23.73 7.03
C PHE A 143 31.02 23.02 6.38
N ALA A 144 31.47 21.93 7.00
CA ALA A 144 32.66 21.22 6.54
C ALA A 144 32.46 20.59 5.16
N GLY A 145 31.23 20.15 4.87
CA GLY A 145 30.92 19.55 3.59
C GLY A 145 30.91 20.57 2.47
N TRP A 146 30.39 21.76 2.78
CA TRP A 146 30.35 22.86 1.83
C TRP A 146 31.76 23.32 1.49
N PHE A 147 32.65 23.23 2.48
CA PHE A 147 34.02 23.69 2.32
C PHE A 147 34.87 22.71 1.51
N HIS A 148 34.50 21.43 1.56
CA HIS A 148 35.28 20.41 0.87
C HIS A 148 34.68 19.97 -0.46
N TYR A 149 33.81 20.80 -1.01
CA TYR A 149 33.23 20.52 -2.31
C TYR A 149 33.27 21.76 -3.21
N HIS A 150 33.26 22.94 -2.59
CA HIS A 150 33.24 24.19 -3.32
C HIS A 150 34.52 25.00 -3.13
N LYS A 151 35.18 24.80 -1.99
CA LYS A 151 36.41 25.52 -1.70
C LYS A 151 37.65 24.67 -1.89
N ALA A 152 37.72 23.58 -1.14
CA ALA A 152 38.91 22.73 -1.16
C ALA A 152 38.56 21.25 -1.15
N ALA A 153 38.32 20.70 -2.34
CA ALA A 153 38.01 19.28 -2.48
C ALA A 153 39.28 18.47 -2.67
N PRO A 154 39.43 17.38 -1.91
CA PRO A 154 40.61 16.52 -1.95
C PRO A 154 40.81 15.84 -3.30
N LYS A 155 42.06 15.55 -3.64
CA LYS A 155 42.37 14.83 -4.87
C LYS A 155 41.94 13.38 -4.75
N LEU A 156 41.86 12.68 -5.87
CA LEU A 156 41.57 11.24 -5.85
C LEU A 156 42.71 10.52 -5.16
N ALA A 157 43.92 11.05 -5.32
CA ALA A 157 45.11 10.48 -4.70
C ALA A 157 44.99 10.48 -3.18
N TRP A 158 44.31 11.50 -2.64
CA TRP A 158 44.11 11.62 -1.21
C TRP A 158 43.31 10.44 -0.65
N PHE A 159 42.19 10.15 -1.32
CA PHE A 159 41.30 9.08 -0.88
C PHE A 159 41.91 7.70 -1.04
N GLN A 160 42.81 7.56 -2.01
CA GLN A 160 43.37 6.26 -2.35
C GLN A 160 44.40 5.75 -1.34
N ASP A 161 45.00 6.66 -0.57
CA ASP A 161 45.96 6.26 0.45
C ASP A 161 45.24 5.55 1.60
N VAL A 162 44.85 4.31 1.36
CA VAL A 162 44.06 3.55 2.33
C VAL A 162 44.87 3.19 3.57
N GLU A 163 46.17 2.94 3.40
CA GLU A 163 47.03 2.57 4.52
C GLU A 163 46.97 3.61 5.62
N SER A 164 47.24 4.86 5.25
CA SER A 164 47.22 5.97 6.21
C SER A 164 45.85 6.11 6.87
N MET A 165 44.79 5.87 6.10
CA MET A 165 43.43 5.97 6.63
C MET A 165 43.14 4.87 7.64
N LEU A 166 43.62 3.66 7.35
CA LEU A 166 43.44 2.52 8.25
C LEU A 166 44.09 2.79 9.59
N ASN A 167 45.39 3.09 9.55
CA ASN A 167 46.16 3.37 10.76
C ASN A 167 45.45 4.33 11.71
N HIS A 168 44.91 5.41 11.16
CA HIS A 168 44.23 6.41 11.97
C HIS A 168 42.90 5.91 12.54
N HIS A 169 42.03 5.43 11.66
CA HIS A 169 40.67 5.09 12.06
C HIS A 169 40.58 4.06 13.18
N LEU A 170 41.47 3.06 13.16
CA LEU A 170 41.48 2.07 14.22
C LEU A 170 42.47 2.42 15.34
N ALA A 171 42.98 3.65 15.32
CA ALA A 171 43.85 4.12 16.40
C ALA A 171 43.48 5.54 16.84
N GLY A 172 43.41 6.46 15.88
CA GLY A 172 43.08 7.85 16.18
C GLY A 172 41.66 8.03 16.62
N LEU A 173 40.76 7.21 16.06
CA LEU A 173 39.36 7.27 16.40
C LEU A 173 39.01 6.21 17.45
N LEU A 174 39.41 4.98 17.18
CA LEU A 174 39.12 3.86 18.07
C LEU A 174 39.95 3.93 19.35
N GLY A 175 41.28 3.92 19.20
CA GLY A 175 42.18 3.92 20.33
C GLY A 175 42.03 5.09 21.27
N LEU A 176 42.30 6.29 20.78
CA LEU A 176 42.19 7.49 21.60
C LEU A 176 40.75 7.75 22.03
N GLY A 177 39.80 7.34 21.19
CA GLY A 177 38.39 7.46 21.51
C GLY A 177 38.03 6.61 22.72
N SER A 178 38.54 5.38 22.72
CA SER A 178 38.35 4.48 23.84
C SER A 178 39.10 4.98 25.07
N LEU A 179 40.30 5.51 24.84
CA LEU A 179 41.15 6.02 25.92
C LEU A 179 40.54 7.25 26.56
N SER A 180 40.07 8.17 25.72
CA SER A 180 39.45 9.40 26.21
C SER A 180 38.23 9.09 27.06
N TRP A 181 37.40 8.18 26.59
CA TRP A 181 36.23 7.79 27.36
C TRP A 181 36.60 7.06 28.64
N ALA A 182 37.72 6.34 28.59
CA ALA A 182 38.21 5.61 29.76
C ALA A 182 38.56 6.57 30.88
N ARG A 183 38.98 7.77 30.52
CA ARG A 183 39.37 8.79 31.49
C ARG A 183 38.16 9.39 32.17
N HIS A 184 37.13 9.70 31.40
CA HIS A 184 35.90 10.27 31.94
C HIS A 184 35.26 9.34 32.97
N GLN A 185 35.38 8.04 32.73
CA GLN A 185 34.77 7.06 33.61
C GLN A 185 35.33 7.13 35.02
N VAL A 186 36.64 6.90 35.15
CA VAL A 186 37.27 6.83 36.47
C VAL A 186 37.34 8.19 37.16
N HIS A 187 37.20 9.27 36.40
CA HIS A 187 37.26 10.61 36.96
C HIS A 187 35.88 11.20 37.23
N VAL A 188 34.89 10.79 36.45
CA VAL A 188 33.56 11.36 36.59
C VAL A 188 32.49 10.28 36.79
N SER A 189 32.39 9.34 35.85
CA SER A 189 31.37 8.29 35.91
C SER A 189 31.48 7.44 37.17
N LEU A 190 32.65 6.86 37.40
CA LEU A 190 32.87 6.01 38.58
C LEU A 190 32.69 6.73 39.91
N PRO A 191 33.31 7.93 40.08
CA PRO A 191 33.10 8.59 41.38
C PRO A 191 31.65 8.97 41.65
N ILE A 192 31.01 9.64 40.70
CA ILE A 192 29.64 10.12 40.87
C ILE A 192 28.65 8.98 41.06
N ASN A 193 28.76 7.94 40.23
CA ASN A 193 27.86 6.79 40.33
C ASN A 193 28.03 6.06 41.65
N GLN A 194 29.26 6.02 42.16
CA GLN A 194 29.54 5.41 43.45
C GLN A 194 28.71 6.09 44.53
N PHE A 195 28.61 7.40 44.43
CA PHE A 195 27.75 8.19 45.31
C PHE A 195 26.28 7.84 45.09
N LEU A 196 25.86 7.82 43.82
CA LEU A 196 24.47 7.52 43.46
C LEU A 196 24.00 6.18 44.00
N ASN A 197 24.90 5.21 44.03
CA ASN A 197 24.56 3.88 44.55
C ASN A 197 24.50 3.87 46.07
N ALA A 198 25.00 4.95 46.68
CA ALA A 198 24.95 5.09 48.13
C ALA A 198 23.75 5.91 48.56
N GLY A 199 22.87 6.23 47.61
CA GLY A 199 21.65 6.98 47.88
C GLY A 199 21.91 8.38 48.39
N VAL A 200 22.90 9.03 47.82
CA VAL A 200 23.34 10.35 48.27
C VAL A 200 22.46 11.48 47.75
N ASP A 201 21.73 11.21 46.66
CA ASP A 201 20.92 12.20 45.91
C ASP A 201 21.83 13.09 45.06
N PRO A 202 21.43 13.32 43.79
CA PRO A 202 22.17 14.10 42.79
C PRO A 202 22.60 15.50 43.24
N LYS A 203 21.69 16.27 43.84
CA LYS A 203 22.02 17.63 44.25
C LYS A 203 23.01 17.63 45.40
N GLU A 204 23.10 16.51 46.12
CA GLU A 204 24.04 16.37 47.22
C GLU A 204 25.37 15.81 46.75
N ILE A 205 25.45 15.47 45.47
CA ILE A 205 26.71 15.06 44.86
C ILE A 205 27.51 16.30 44.49
N PRO A 206 28.81 16.31 44.80
CA PRO A 206 29.67 17.39 44.33
C PRO A 206 29.74 17.41 42.81
N LEU A 207 30.08 18.57 42.25
CA LEU A 207 30.16 18.71 40.80
C LEU A 207 31.37 17.92 40.28
N PRO A 208 31.24 17.33 39.08
CA PRO A 208 32.24 16.43 38.49
C PRO A 208 33.66 17.01 38.48
N HIS A 209 33.78 18.32 38.24
CA HIS A 209 35.07 18.96 38.11
C HIS A 209 35.82 19.06 39.44
N GLU A 210 35.09 18.91 40.54
CA GLU A 210 35.70 18.96 41.86
C GLU A 210 36.42 17.64 42.16
N PHE A 211 36.00 16.59 41.47
CA PHE A 211 36.65 15.29 41.58
C PHE A 211 38.00 15.29 40.86
N ILE A 212 38.08 16.04 39.77
CA ILE A 212 39.29 16.07 38.96
C ILE A 212 40.39 16.94 39.58
N LEU A 213 40.04 18.14 40.00
CA LEU A 213 41.01 19.09 40.55
C LEU A 213 41.73 18.55 41.77
N ASN A 214 41.00 18.42 42.89
CA ASN A 214 41.60 17.89 44.10
C ASN A 214 41.39 16.39 44.23
N ARG A 215 42.47 15.66 44.49
CA ARG A 215 42.42 14.21 44.60
C ARG A 215 41.69 13.79 45.87
N ASP A 216 41.65 14.70 46.84
CA ASP A 216 41.07 14.44 48.16
C ASP A 216 39.72 13.75 48.11
N LEU A 217 38.80 14.31 47.33
CA LEU A 217 37.44 13.79 47.25
C LEU A 217 37.40 12.43 46.55
N LEU A 218 38.25 12.26 45.54
CA LEU A 218 38.27 11.02 44.78
C LEU A 218 39.11 9.94 45.45
N ALA A 219 39.95 10.33 46.41
CA ALA A 219 40.91 9.39 46.99
C ALA A 219 40.40 8.62 48.20
N GLN A 220 39.42 9.17 48.91
CA GLN A 220 38.90 8.52 50.11
C GLN A 220 38.29 7.16 49.77
N LEU A 221 37.56 7.10 48.66
CA LEU A 221 37.24 5.84 48.02
C LEU A 221 38.30 5.62 46.93
N TYR A 222 38.55 4.37 46.57
CA TYR A 222 39.63 4.04 45.63
C TYR A 222 40.95 4.69 46.06
N PRO A 223 41.53 4.25 47.18
CA PRO A 223 42.69 4.92 47.76
C PRO A 223 43.99 4.76 46.95
N SER A 224 43.94 4.14 45.78
CA SER A 224 45.12 4.05 44.94
C SER A 224 45.43 5.42 44.34
N PHE A 225 44.41 6.25 44.22
CA PHE A 225 44.54 7.60 43.70
C PHE A 225 45.30 8.50 44.65
N ALA A 226 45.49 8.04 45.88
CA ALA A 226 46.12 8.84 46.93
C ALA A 226 47.54 9.26 46.57
N GLU A 227 48.32 8.33 46.03
CA GLU A 227 49.70 8.65 45.64
C GLU A 227 49.71 9.62 44.47
N GLY A 228 50.36 10.76 44.67
CA GLY A 228 50.47 11.76 43.62
C GLY A 228 51.37 11.31 42.49
N ALA A 229 52.49 10.67 42.85
CA ALA A 229 53.43 10.14 41.87
C ALA A 229 52.81 9.02 41.07
N THR A 230 51.86 8.32 41.70
CA THR A 230 51.14 7.18 41.13
C THR A 230 52.06 5.98 40.90
N PRO A 231 51.53 4.77 41.11
CA PRO A 231 52.31 3.54 40.92
C PRO A 231 52.48 3.16 39.45
N PHE A 232 51.91 3.96 38.55
CA PHE A 232 52.03 3.74 37.11
C PHE A 232 53.48 3.81 36.65
N PHE A 233 54.18 4.83 37.10
CA PHE A 233 55.58 5.02 36.73
C PHE A 233 56.48 4.03 37.45
N THR A 234 55.96 3.43 38.51
CA THR A 234 56.66 2.34 39.20
C THR A 234 56.46 1.05 38.43
N LEU A 235 55.45 1.06 37.55
CA LEU A 235 55.13 -0.07 36.67
C LEU A 235 54.81 -1.35 37.44
N ASN A 236 54.35 -1.19 38.68
CA ASN A 236 53.86 -2.33 39.44
C ASN A 236 52.42 -2.63 39.07
N TRP A 237 51.62 -1.56 38.96
CA TRP A 237 50.24 -1.61 38.46
C TRP A 237 49.26 -2.38 39.35
N SER A 238 49.78 -3.10 40.34
CA SER A 238 48.94 -3.89 41.22
C SER A 238 48.10 -3.00 42.14
N LYS A 239 48.62 -1.81 42.43
CA LYS A 239 47.98 -0.89 43.36
C LYS A 239 46.70 -0.28 42.78
N TYR A 240 46.71 -0.05 41.47
CA TYR A 240 45.57 0.56 40.78
C TYR A 240 44.29 -0.28 40.85
N ALA A 241 44.43 -1.56 41.15
CA ALA A 241 43.35 -2.53 40.99
C ALA A 241 42.09 -2.27 41.82
N ASP A 242 42.03 -1.13 42.51
CA ASP A 242 40.84 -0.83 43.31
C ASP A 242 39.74 -0.16 42.49
N PHE A 243 40.12 0.74 41.59
CA PHE A 243 39.14 1.46 40.78
C PHE A 243 38.75 0.66 39.54
N LEU A 244 39.66 -0.20 39.08
CA LEU A 244 39.35 -1.12 37.98
C LEU A 244 39.54 -2.57 38.41
N THR A 245 38.62 -3.44 38.01
CA THR A 245 38.74 -4.86 38.31
C THR A 245 38.30 -5.74 37.15
N PHE A 246 38.56 -7.04 37.28
CA PHE A 246 38.11 -8.05 36.32
C PHE A 246 37.01 -8.87 36.97
N ARG A 247 36.20 -8.20 37.80
CA ARG A 247 35.16 -8.88 38.58
C ARG A 247 34.06 -9.47 37.68
N GLY A 248 33.66 -8.71 36.67
CA GLY A 248 32.62 -9.16 35.75
C GLY A 248 31.29 -9.37 36.45
N GLY A 249 30.42 -10.16 35.83
CA GLY A 249 29.12 -10.45 36.40
C GLY A 249 28.20 -9.23 36.37
N LEU A 250 27.62 -8.91 37.51
CA LEU A 250 26.65 -7.82 37.59
C LEU A 250 26.53 -7.28 39.02
N ASP A 251 26.49 -5.96 39.14
CA ASP A 251 26.27 -5.30 40.41
C ASP A 251 24.85 -5.57 40.89
N PRO A 252 24.72 -6.16 42.09
CA PRO A 252 23.42 -6.55 42.64
C PRO A 252 22.53 -5.38 43.06
N LEU A 253 23.06 -4.17 43.02
CA LEU A 253 22.30 -3.00 43.45
C LEU A 253 21.86 -2.12 42.28
N THR A 254 22.66 -2.10 41.21
CA THR A 254 22.35 -1.24 40.07
C THR A 254 21.98 -2.06 38.83
N GLY A 255 22.31 -3.35 38.86
CA GLY A 255 21.91 -4.26 37.79
C GLY A 255 22.65 -4.10 36.48
N GLY A 256 23.69 -3.27 36.48
CA GLY A 256 24.49 -3.09 35.29
C GLY A 256 25.89 -3.65 35.50
N LEU A 257 26.67 -3.69 34.43
CA LEU A 257 28.07 -4.10 34.52
C LEU A 257 28.80 -3.13 35.43
N TRP A 258 29.78 -3.62 36.17
CA TRP A 258 30.60 -2.76 37.00
C TRP A 258 31.36 -1.77 36.11
N LEU A 259 31.17 -0.49 36.36
CA LEU A 259 31.97 0.54 35.69
C LEU A 259 33.43 0.32 36.06
N THR A 260 33.61 -0.34 37.21
CA THR A 260 34.91 -0.82 37.66
C THR A 260 35.56 -1.75 36.64
N ASP A 261 34.76 -2.29 35.73
CA ASP A 261 35.29 -3.18 34.69
C ASP A 261 35.40 -2.50 33.33
N ILE A 262 34.42 -1.64 33.02
CA ILE A 262 34.36 -0.99 31.72
C ILE A 262 35.51 -0.02 31.51
N ALA A 263 35.97 0.60 32.61
CA ALA A 263 37.10 1.52 32.55
C ALA A 263 38.38 0.77 32.18
N HIS A 264 38.57 -0.37 32.83
CA HIS A 264 39.70 -1.25 32.55
C HIS A 264 39.63 -1.76 31.12
N HIS A 265 38.40 -2.05 30.69
CA HIS A 265 38.13 -2.50 29.33
C HIS A 265 38.63 -1.51 28.28
N HIS A 266 38.19 -0.26 28.40
CA HIS A 266 38.57 0.77 27.46
C HIS A 266 40.06 1.07 27.53
N LEU A 267 40.62 1.00 28.73
CA LEU A 267 42.05 1.19 28.93
C LEU A 267 42.83 0.18 28.09
N ALA A 268 42.34 -1.06 28.07
CA ALA A 268 42.96 -2.11 27.26
C ALA A 268 42.67 -1.90 25.78
N ILE A 269 41.40 -1.69 25.45
CA ILE A 269 40.95 -1.47 24.08
C ILE A 269 41.71 -0.32 23.41
N ALA A 270 41.89 0.76 24.15
CA ALA A 270 42.57 1.95 23.65
C ALA A 270 43.94 1.64 23.08
N ILE A 271 44.84 1.16 23.95
CA ILE A 271 46.21 0.89 23.52
C ILE A 271 46.27 -0.30 22.58
N LEU A 272 45.30 -1.21 22.69
CA LEU A 272 45.22 -2.35 21.78
C LEU A 272 44.91 -1.86 20.37
N PHE A 273 44.20 -0.75 20.29
CA PHE A 273 43.91 -0.11 19.02
C PHE A 273 45.00 0.89 18.67
N LEU A 274 45.74 1.32 19.68
CA LEU A 274 46.88 2.20 19.47
C LEU A 274 48.07 1.41 18.90
N ILE A 275 48.27 0.20 19.39
CA ILE A 275 49.35 -0.63 18.86
C ILE A 275 48.98 -1.09 17.45
N ALA A 276 47.81 -1.70 17.29
CA ALA A 276 47.36 -2.19 15.99
C ALA A 276 47.27 -1.07 14.95
N GLY A 277 47.29 0.17 15.42
CA GLY A 277 47.33 1.33 14.55
C GLY A 277 48.65 1.49 13.84
N HIS A 278 49.71 0.93 14.42
CA HIS A 278 51.05 1.08 13.86
C HIS A 278 51.40 -0.08 12.93
N MET A 279 50.59 -0.31 11.90
CA MET A 279 50.79 -1.48 11.06
C MET A 279 51.19 -1.17 9.61
N TYR A 280 50.40 -0.32 8.94
CA TYR A 280 50.57 -0.12 7.50
C TYR A 280 51.63 0.93 7.16
N ARG A 281 52.16 0.84 5.93
CA ARG A 281 53.25 1.69 5.48
C ARG A 281 52.77 3.07 5.07
N THR A 282 53.56 4.09 5.40
CA THR A 282 53.23 5.46 5.03
C THR A 282 54.42 6.17 4.38
N ASN A 283 55.12 6.99 5.13
CA ASN A 283 56.20 7.79 4.58
C ASN A 283 57.53 7.63 5.31
N TRP A 284 57.47 7.49 6.64
CA TRP A 284 58.68 7.40 7.43
C TRP A 284 59.13 5.96 7.64
N GLY A 285 59.02 5.16 6.59
CA GLY A 285 59.60 3.83 6.54
C GLY A 285 58.78 2.72 7.17
N ILE A 286 58.76 2.69 8.49
CA ILE A 286 58.18 1.58 9.26
C ILE A 286 56.69 1.35 8.91
N GLY A 287 56.33 0.10 8.61
CA GLY A 287 54.97 -0.22 8.24
C GLY A 287 54.79 -1.30 7.17
N HIS A 288 53.54 -1.52 6.74
CA HIS A 288 53.19 -2.52 5.74
C HIS A 288 52.60 -1.98 4.45
N GLY A 289 52.98 -2.59 3.34
CA GLY A 289 52.25 -2.40 2.09
C GLY A 289 51.17 -3.45 2.02
N ILE A 290 49.92 -3.04 2.20
CA ILE A 290 48.80 -3.97 2.15
C ILE A 290 48.70 -4.60 0.76
N LYS A 291 49.16 -3.86 -0.25
CA LYS A 291 49.26 -4.38 -1.60
C LYS A 291 50.20 -5.59 -1.64
N ASP A 292 51.30 -5.50 -0.91
CA ASP A 292 52.32 -6.55 -0.93
C ASP A 292 51.88 -7.84 -0.24
N ILE A 293 51.38 -7.65 0.97
CA ILE A 293 50.91 -8.71 1.82
C ILE A 293 49.75 -9.44 1.21
N LEU A 294 48.87 -8.70 0.57
CA LEU A 294 47.72 -9.31 -0.04
C LEU A 294 48.17 -10.24 -1.15
N GLU A 295 49.16 -9.82 -1.90
CA GLU A 295 49.71 -10.59 -3.00
C GLU A 295 50.33 -11.90 -2.57
N ALA A 296 50.94 -11.88 -1.41
CA ALA A 296 51.62 -13.05 -0.90
C ALA A 296 50.72 -14.25 -0.76
N HIS A 297 49.48 -14.07 -0.33
CA HIS A 297 48.60 -15.21 -0.18
C HIS A 297 48.18 -15.67 -1.55
N LYS A 298 48.38 -16.96 -1.81
CA LYS A 298 48.08 -17.62 -3.08
C LYS A 298 47.90 -19.04 -2.70
N GLY A 299 47.40 -19.89 -3.59
CA GLY A 299 47.21 -21.29 -3.22
C GLY A 299 46.97 -22.36 -4.27
N PRO A 300 47.31 -23.66 -3.86
CA PRO A 300 47.07 -24.67 -4.89
C PRO A 300 45.63 -24.63 -5.40
N PHE A 301 44.73 -24.24 -4.51
CA PHE A 301 43.33 -24.14 -4.84
C PHE A 301 42.98 -22.81 -5.48
N THR A 302 43.56 -21.73 -5.00
CA THR A 302 43.26 -20.42 -5.56
C THR A 302 44.16 -19.93 -6.68
N GLY A 303 45.26 -20.62 -6.95
CA GLY A 303 46.18 -20.17 -7.97
C GLY A 303 46.62 -18.78 -7.53
N GLN A 304 46.62 -17.80 -8.42
CA GLN A 304 46.99 -16.46 -8.01
C GLN A 304 45.81 -16.08 -7.12
N GLY A 305 46.05 -15.34 -6.05
CA GLY A 305 44.95 -14.99 -5.17
C GLY A 305 45.12 -13.67 -4.48
N HIS A 306 44.09 -12.85 -4.53
CA HIS A 306 44.14 -11.56 -3.90
C HIS A 306 44.97 -10.62 -4.71
N LYS A 307 45.62 -11.14 -5.74
CA LYS A 307 46.43 -10.26 -6.55
C LYS A 307 45.41 -9.42 -7.26
N GLY A 308 45.61 -8.13 -7.23
CA GLY A 308 44.68 -7.25 -7.90
C GLY A 308 43.56 -6.77 -7.03
N LEU A 309 43.46 -7.26 -5.81
CA LEU A 309 42.38 -6.82 -4.96
C LEU A 309 42.55 -5.36 -4.62
N TYR A 310 43.77 -4.99 -4.25
CA TYR A 310 44.09 -3.62 -3.86
C TYR A 310 43.67 -2.63 -4.93
N GLU A 311 43.78 -3.02 -6.18
CA GLU A 311 43.35 -2.17 -7.29
C GLU A 311 41.84 -1.99 -7.29
N ILE A 312 41.12 -3.09 -7.01
CA ILE A 312 39.66 -3.06 -7.02
C ILE A 312 39.11 -2.24 -5.86
N LEU A 313 39.65 -2.45 -4.67
CA LEU A 313 39.16 -1.77 -3.48
C LEU A 313 39.77 -0.39 -3.30
N THR A 314 40.26 0.19 -4.39
CA THR A 314 40.81 1.54 -4.36
C THR A 314 40.28 2.33 -5.56
N THR A 315 39.36 1.73 -6.30
CA THR A 315 38.78 2.38 -7.47
C THR A 315 37.28 2.11 -7.61
N SER A 316 36.72 1.39 -6.64
CA SER A 316 35.30 1.05 -6.68
C SER A 316 34.64 1.18 -5.30
N TRP A 317 33.79 2.20 -5.17
CA TRP A 317 33.10 2.46 -3.91
C TRP A 317 32.14 1.36 -3.51
N HIS A 318 31.36 0.88 -4.48
CA HIS A 318 30.36 -0.15 -4.23
C HIS A 318 30.98 -1.41 -3.64
N ALA A 319 32.22 -1.68 -4.01
CA ALA A 319 32.96 -2.82 -3.48
C ALA A 319 33.23 -2.62 -1.99
N GLN A 320 33.69 -1.43 -1.61
CA GLN A 320 33.97 -1.11 -0.22
C GLN A 320 32.68 -0.99 0.59
N LEU A 321 31.64 -0.47 -0.03
CA LEU A 321 30.36 -0.26 0.64
C LEU A 321 29.70 -1.58 1.02
N SER A 322 29.83 -2.57 0.14
CA SER A 322 29.26 -3.89 0.39
C SER A 322 29.92 -4.56 1.60
N ILE A 323 31.25 -4.53 1.62
CA ILE A 323 32.01 -5.12 2.73
C ILE A 323 31.65 -4.47 4.05
N ASN A 324 31.65 -3.14 4.06
CA ASN A 324 31.34 -2.38 5.27
C ASN A 324 29.91 -2.62 5.74
N LEU A 325 28.96 -2.59 4.81
CA LEU A 325 27.56 -2.84 5.15
C LEU A 325 27.34 -4.26 5.68
N ALA A 326 28.12 -5.20 5.18
CA ALA A 326 27.98 -6.60 5.57
C ALA A 326 28.36 -6.82 7.02
N MET A 327 29.36 -6.09 7.49
CA MET A 327 29.88 -6.29 8.84
C MET A 327 29.35 -5.27 9.83
N LEU A 328 29.10 -4.05 9.38
CA LEU A 328 28.48 -3.04 10.24
C LEU A 328 27.09 -3.52 10.65
N GLY A 329 26.42 -4.20 9.72
CA GLY A 329 25.15 -4.82 10.02
C GLY A 329 25.35 -6.02 10.93
N SER A 330 26.37 -6.81 10.64
CA SER A 330 26.70 -7.97 11.47
C SER A 330 27.12 -7.53 12.87
N LEU A 331 27.77 -6.37 12.95
CA LEU A 331 28.21 -5.82 14.22
C LEU A 331 27.01 -5.37 15.06
N THR A 332 26.02 -4.78 14.40
CA THR A 332 24.82 -4.30 15.09
C THR A 332 24.06 -5.47 15.71
N ILE A 333 24.13 -6.63 15.05
CA ILE A 333 23.44 -7.82 15.53
C ILE A 333 24.11 -8.39 16.78
N VAL A 334 25.44 -8.44 16.78
CA VAL A 334 26.16 -8.94 17.95
C VAL A 334 26.12 -7.94 19.10
N VAL A 335 25.83 -6.69 18.77
CA VAL A 335 25.62 -5.67 19.78
C VAL A 335 24.32 -5.94 20.52
N ALA A 336 23.29 -6.31 19.76
CA ALA A 336 21.99 -6.65 20.34
C ALA A 336 22.09 -7.84 21.28
N GLN A 337 22.95 -8.80 20.93
CA GLN A 337 23.05 -10.03 21.71
C GLN A 337 24.15 -9.97 22.77
N HIS A 338 24.73 -8.79 22.95
CA HIS A 338 25.74 -8.60 23.99
C HIS A 338 25.23 -7.65 25.07
N MET A 339 24.29 -6.79 24.70
CA MET A 339 23.73 -5.83 25.63
C MET A 339 22.59 -6.42 26.45
N TYR A 340 21.97 -7.47 25.92
CA TYR A 340 20.90 -8.15 26.66
C TYR A 340 21.49 -9.12 27.67
N SER A 341 22.59 -9.77 27.28
CA SER A 341 23.20 -10.81 28.11
C SER A 341 24.13 -10.20 29.13
N MET A 342 24.69 -9.04 28.80
CA MET A 342 25.60 -8.34 29.71
C MET A 342 25.22 -6.87 29.84
N PRO A 343 24.15 -6.58 30.61
CA PRO A 343 23.64 -5.21 30.81
C PRO A 343 24.73 -4.27 31.31
N PRO A 344 25.14 -3.32 30.46
CA PRO A 344 26.26 -2.40 30.70
C PRO A 344 25.84 -1.08 31.35
N TYR A 345 24.54 -0.86 31.51
CA TYR A 345 24.05 0.39 32.06
C TYR A 345 23.31 0.18 33.38
N PRO A 346 23.42 1.17 34.29
CA PRO A 346 22.70 1.16 35.57
C PRO A 346 21.19 1.18 35.37
N TYR A 347 20.50 0.24 36.02
CA TYR A 347 19.04 0.11 35.92
C TYR A 347 18.58 -0.03 34.47
N LEU A 348 19.31 -0.83 33.69
CA LEU A 348 18.93 -1.10 32.31
C LEU A 348 18.15 -2.40 32.21
N ALA A 349 18.74 -3.47 32.74
CA ALA A 349 18.11 -4.80 32.72
C ALA A 349 16.75 -4.77 33.41
N THR A 350 16.65 -4.00 34.49
CA THR A 350 15.41 -3.85 35.23
C THR A 350 14.31 -3.23 34.38
N ASP A 351 14.72 -2.30 33.51
CA ASP A 351 13.78 -1.64 32.60
C ASP A 351 13.50 -2.54 31.39
N TYR A 352 12.52 -3.42 31.54
CA TYR A 352 12.21 -4.41 30.51
C TYR A 352 11.76 -3.78 29.20
N ALA A 353 11.06 -2.66 29.30
CA ALA A 353 10.53 -1.96 28.14
C ALA A 353 11.66 -1.49 27.22
N THR A 354 12.75 -1.04 27.82
CA THR A 354 13.89 -0.54 27.09
C THR A 354 14.66 -1.69 26.44
N GLN A 355 14.85 -2.78 27.18
CA GLN A 355 15.63 -3.91 26.72
C GLN A 355 15.00 -4.60 25.49
N LEU A 356 13.70 -4.81 25.53
CA LEU A 356 13.00 -5.44 24.40
C LEU A 356 13.16 -4.60 23.15
N SER A 357 12.99 -3.30 23.31
CA SER A 357 13.02 -2.37 22.19
C SER A 357 14.44 -2.11 21.69
N LEU A 358 15.42 -2.23 22.58
CA LEU A 358 16.82 -2.06 22.19
C LEU A 358 17.29 -3.25 21.36
N PHE A 359 17.04 -4.45 21.86
CA PHE A 359 17.41 -5.68 21.16
C PHE A 359 16.73 -5.75 19.81
N THR A 360 15.46 -5.36 19.78
CA THR A 360 14.67 -5.45 18.56
C THR A 360 15.09 -4.41 17.53
N HIS A 361 15.45 -3.22 18.01
CA HIS A 361 15.91 -2.15 17.11
C HIS A 361 17.23 -2.50 16.44
N HIS A 362 18.16 -3.04 17.22
CA HIS A 362 19.48 -3.39 16.68
C HIS A 362 19.40 -4.55 15.69
N MET A 363 18.43 -5.43 15.89
CA MET A 363 18.26 -6.59 15.02
C MET A 363 17.81 -6.18 13.62
N TRP A 364 16.94 -5.18 13.54
CA TRP A 364 16.46 -4.70 12.25
C TRP A 364 17.52 -3.90 11.52
N ILE A 365 18.17 -2.98 12.23
CA ILE A 365 19.23 -2.17 11.65
C ILE A 365 20.35 -3.06 11.13
N GLY A 366 20.71 -4.05 11.92
CA GLY A 366 21.72 -5.02 11.52
C GLY A 366 21.26 -5.84 10.33
N GLY A 367 19.97 -6.21 10.35
CA GLY A 367 19.39 -7.00 9.28
C GLY A 367 19.34 -6.26 7.95
N PHE A 368 18.97 -4.99 8.00
CA PHE A 368 18.86 -4.17 6.79
C PHE A 368 20.21 -3.95 6.13
N LEU A 369 21.21 -3.55 6.93
CA LEU A 369 22.54 -3.25 6.41
C LEU A 369 23.16 -4.43 5.67
N ILE A 370 22.91 -5.63 6.18
CA ILE A 370 23.44 -6.85 5.56
C ILE A 370 22.80 -7.06 4.18
N VAL A 371 21.51 -6.78 4.07
CA VAL A 371 20.81 -6.87 2.80
C VAL A 371 21.38 -5.86 1.81
N GLY A 372 21.79 -4.70 2.32
CA GLY A 372 22.38 -3.67 1.50
C GLY A 372 23.72 -4.07 0.93
N ALA A 373 24.41 -4.94 1.64
CA ALA A 373 25.68 -5.49 1.17
C ALA A 373 25.47 -6.29 -0.10
N ALA A 374 24.34 -6.99 -0.16
CA ALA A 374 23.98 -7.79 -1.33
C ALA A 374 23.79 -6.91 -2.56
N ALA A 375 23.14 -5.76 -2.36
CA ALA A 375 22.86 -4.84 -3.43
C ALA A 375 24.15 -4.32 -4.08
N HIS A 376 24.98 -3.68 -3.28
CA HIS A 376 26.20 -3.05 -3.78
C HIS A 376 27.23 -4.05 -4.29
N ALA A 377 27.18 -5.27 -3.76
CA ALA A 377 28.02 -6.35 -4.28
C ALA A 377 27.59 -6.68 -5.70
N ALA A 378 26.29 -6.68 -5.92
CA ALA A 378 25.72 -6.94 -7.23
C ALA A 378 25.94 -5.76 -8.17
N ILE A 379 25.87 -4.55 -7.61
CA ILE A 379 26.12 -3.33 -8.38
C ILE A 379 27.57 -3.31 -8.87
N PHE A 380 28.47 -3.80 -8.03
CA PHE A 380 29.89 -3.89 -8.39
C PHE A 380 30.10 -4.80 -9.59
N MET A 381 29.38 -5.92 -9.61
CA MET A 381 29.51 -6.90 -10.68
C MET A 381 29.02 -6.32 -12.00
N VAL A 382 27.97 -5.51 -11.95
CA VAL A 382 27.38 -4.94 -13.15
C VAL A 382 28.16 -3.73 -13.66
N ARG A 383 28.67 -2.92 -12.73
CA ARG A 383 29.24 -1.62 -13.11
C ARG A 383 30.77 -1.54 -13.05
N ASP A 384 31.39 -2.29 -12.14
CA ASP A 384 32.82 -2.12 -11.91
C ASP A 384 33.65 -3.37 -12.20
N TYR A 385 33.03 -4.48 -12.50
CA TYR A 385 33.79 -5.68 -12.77
C TYR A 385 34.38 -5.70 -14.16
N ASP A 386 35.70 -5.57 -14.28
CA ASP A 386 36.35 -5.63 -15.58
C ASP A 386 37.57 -6.54 -15.53
N PRO A 387 37.41 -7.77 -16.14
CA PRO A 387 38.58 -8.64 -16.06
C PRO A 387 39.76 -8.16 -16.83
N THR A 388 39.54 -7.38 -17.88
CA THR A 388 40.66 -6.94 -18.68
C THR A 388 41.63 -6.08 -17.92
N THR A 389 41.12 -5.16 -17.13
CA THR A 389 41.97 -4.27 -16.39
C THR A 389 42.26 -4.67 -14.95
N ARG A 390 41.27 -5.27 -14.30
CA ARG A 390 41.45 -5.61 -12.90
C ARG A 390 41.05 -7.03 -12.55
N TYR A 391 41.78 -7.99 -13.08
CA TYR A 391 41.50 -9.37 -12.80
C TYR A 391 41.89 -9.67 -11.36
N ASN A 392 41.18 -10.58 -10.69
CA ASN A 392 41.53 -10.94 -9.33
C ASN A 392 41.96 -12.40 -9.28
N ASP A 393 41.10 -13.23 -9.84
CA ASP A 393 41.21 -14.69 -9.96
C ASP A 393 40.39 -15.34 -8.88
N LEU A 394 40.28 -14.67 -7.74
CA LEU A 394 39.46 -15.18 -6.64
C LEU A 394 38.04 -15.07 -7.10
N LEU A 395 37.75 -13.95 -7.73
CA LEU A 395 36.44 -13.66 -8.24
C LEU A 395 36.14 -14.68 -9.30
N ASP A 396 37.18 -15.01 -10.07
CA ASP A 396 37.06 -16.01 -11.09
C ASP A 396 36.88 -17.28 -10.28
N ARG A 397 36.59 -18.40 -10.94
CA ARG A 397 36.38 -19.65 -10.22
C ARG A 397 35.03 -19.54 -9.54
N VAL A 398 34.89 -18.53 -8.68
CA VAL A 398 33.64 -18.29 -7.99
C VAL A 398 32.57 -18.18 -9.05
N LEU A 399 32.90 -17.43 -10.10
CA LEU A 399 32.01 -17.26 -11.21
C LEU A 399 32.05 -18.57 -11.98
N ARG A 400 33.19 -19.23 -11.94
CA ARG A 400 33.38 -20.49 -12.62
C ARG A 400 32.55 -21.63 -12.08
N HIS A 401 32.37 -21.70 -10.76
CA HIS A 401 31.56 -22.77 -10.20
C HIS A 401 30.38 -22.18 -9.47
N ARG A 402 29.76 -21.18 -10.07
CA ARG A 402 28.66 -20.48 -9.42
C ARG A 402 27.38 -21.32 -9.44
N ASP A 403 27.22 -22.14 -10.48
CA ASP A 403 26.06 -23.01 -10.58
C ASP A 403 26.13 -24.10 -9.52
N ALA A 404 27.32 -24.28 -8.96
CA ALA A 404 27.55 -25.28 -7.93
C ALA A 404 27.14 -24.74 -6.56
N ILE A 405 27.65 -23.57 -6.22
CA ILE A 405 27.40 -22.94 -4.92
C ILE A 405 25.90 -22.75 -4.65
N ILE A 406 25.20 -22.25 -5.66
CA ILE A 406 23.77 -21.99 -5.52
C ILE A 406 22.97 -23.28 -5.41
N SER A 407 23.35 -24.28 -6.19
CA SER A 407 22.65 -25.56 -6.18
C SER A 407 22.77 -26.26 -4.82
N HIS A 408 23.95 -26.17 -4.21
CA HIS A 408 24.16 -26.74 -2.88
C HIS A 408 23.39 -25.98 -1.83
N LEU A 409 23.52 -24.66 -1.87
CA LEU A 409 22.81 -23.78 -0.94
C LEU A 409 21.31 -23.94 -1.08
N ASN A 410 20.87 -24.26 -2.30
CA ASN A 410 19.47 -24.56 -2.56
C ASN A 410 19.04 -25.80 -1.77
N TRP A 411 19.90 -26.81 -1.74
CA TRP A 411 19.61 -28.05 -1.05
C TRP A 411 19.56 -27.89 0.46
N VAL A 412 20.54 -27.19 1.01
CA VAL A 412 20.63 -26.98 2.45
C VAL A 412 19.36 -26.35 3.00
N CYS A 413 18.82 -25.37 2.27
CA CYS A 413 17.61 -24.70 2.67
C CYS A 413 16.42 -25.66 2.72
N ILE A 414 16.38 -26.60 1.79
CA ILE A 414 15.30 -27.58 1.76
C ILE A 414 15.46 -28.56 2.91
N PHE A 415 16.70 -28.97 3.18
CA PHE A 415 17.01 -29.84 4.31
C PHE A 415 16.66 -29.15 5.62
N LEU A 416 17.08 -27.89 5.74
CA LEU A 416 16.81 -27.11 6.96
C LEU A 416 15.32 -26.83 7.13
N GLY A 417 14.66 -26.43 6.05
CA GLY A 417 13.24 -26.12 6.08
C GLY A 417 12.40 -27.29 6.55
N PHE A 418 12.69 -28.47 6.02
CA PHE A 418 12.02 -29.69 6.46
C PHE A 418 12.32 -29.97 7.92
N HIS A 419 13.61 -29.94 8.27
CA HIS A 419 14.05 -30.33 9.60
C HIS A 419 13.88 -29.23 10.64
N SER A 420 13.15 -28.18 10.27
CA SER A 420 12.83 -27.11 11.21
C SER A 420 11.32 -26.97 11.31
N PHE A 421 10.72 -26.46 10.24
CA PHE A 421 9.28 -26.22 10.19
C PHE A 421 8.48 -27.51 10.25
N GLY A 422 9.02 -28.57 9.66
CA GLY A 422 8.35 -29.85 9.63
C GLY A 422 8.15 -30.46 11.00
N LEU A 423 9.08 -30.20 11.89
CA LEU A 423 8.98 -30.74 13.21
C LEU A 423 7.80 -30.16 13.93
N TYR A 424 7.53 -28.91 13.65
CA TYR A 424 6.42 -28.19 14.24
C TYR A 424 5.10 -28.67 13.71
N ILE A 425 5.09 -29.05 12.45
CA ILE A 425 3.88 -29.54 11.80
C ILE A 425 3.64 -30.92 12.27
N HIS A 426 4.70 -31.56 12.68
CA HIS A 426 4.60 -32.86 13.32
C HIS A 426 3.92 -32.74 14.68
N ASN A 427 4.48 -31.87 15.52
CA ASN A 427 3.95 -31.64 16.85
C ASN A 427 2.51 -31.13 16.84
N ASP A 428 2.21 -30.26 15.88
CA ASP A 428 0.87 -29.71 15.72
C ASP A 428 -0.14 -30.81 15.36
N THR A 429 0.34 -31.83 14.65
CA THR A 429 -0.53 -32.91 14.20
C THR A 429 -0.68 -33.99 15.28
N MET A 430 0.40 -34.27 16.01
CA MET A 430 0.37 -35.29 17.05
C MET A 430 -0.45 -34.83 18.26
N SER A 431 -0.44 -33.53 18.51
CA SER A 431 -1.17 -32.97 19.64
C SER A 431 -2.66 -32.85 19.32
N ALA A 432 -2.96 -32.56 18.06
CA ALA A 432 -4.34 -32.44 17.62
C ALA A 432 -5.02 -33.80 17.62
N LEU A 433 -4.27 -34.84 17.28
CA LEU A 433 -4.79 -36.20 17.24
C LEU A 433 -4.80 -36.85 18.62
N GLY A 434 -4.29 -36.13 19.61
CA GLY A 434 -4.34 -36.58 20.99
C GLY A 434 -3.24 -37.55 21.37
N ARG A 435 -2.02 -37.29 20.88
CA ARG A 435 -0.88 -38.12 21.22
C ARG A 435 0.36 -37.28 21.48
N PRO A 436 0.44 -36.71 22.74
CA PRO A 436 1.64 -35.91 22.97
C PRO A 436 2.91 -36.72 23.15
N GLN A 437 2.82 -38.01 23.38
CA GLN A 437 4.03 -38.82 23.56
C GLN A 437 4.87 -38.80 22.30
N ASP A 438 4.18 -38.78 21.15
CA ASP A 438 4.76 -38.76 19.82
C ASP A 438 5.56 -37.50 19.46
N MET A 439 5.13 -36.35 19.94
CA MET A 439 5.79 -35.07 19.66
C MET A 439 7.24 -34.90 20.04
N PHE A 440 7.90 -33.97 19.38
CA PHE A 440 9.27 -33.62 19.73
C PHE A 440 9.26 -32.66 20.92
N SER A 441 9.25 -33.22 22.12
CA SER A 441 9.13 -32.42 23.34
C SER A 441 10.02 -32.96 24.46
N ASP A 442 10.23 -32.15 25.48
CA ASP A 442 11.02 -32.56 26.63
C ASP A 442 10.34 -33.69 27.40
N THR A 443 9.02 -33.72 27.33
CA THR A 443 8.24 -34.75 28.02
C THR A 443 8.16 -36.04 27.21
N ALA A 444 8.31 -35.92 25.88
CA ALA A 444 8.27 -37.08 25.00
C ALA A 444 9.63 -37.33 24.38
N ILE A 445 9.65 -37.65 23.09
CA ILE A 445 10.90 -37.80 22.37
C ILE A 445 11.62 -36.45 22.32
N GLN A 446 12.68 -36.33 23.12
CA GLN A 446 13.36 -35.05 23.29
C GLN A 446 14.60 -34.94 22.42
N LEU A 447 14.84 -33.74 21.91
CA LEU A 447 15.99 -33.46 21.08
C LEU A 447 16.85 -32.39 21.75
N GLN A 448 17.55 -32.78 22.80
CA GLN A 448 18.32 -31.86 23.63
C GLN A 448 19.50 -31.24 22.89
N PRO A 449 19.64 -29.91 23.01
CA PRO A 449 20.77 -29.17 22.44
C PRO A 449 22.02 -29.30 23.32
N VAL A 450 22.53 -30.52 23.44
CA VAL A 450 23.63 -30.83 24.34
C VAL A 450 24.91 -30.04 24.06
N PHE A 451 25.09 -29.62 22.81
CA PHE A 451 26.28 -28.86 22.45
C PHE A 451 26.26 -27.47 23.06
N ALA A 452 25.13 -26.77 22.92
CA ALA A 452 24.99 -25.44 23.49
C ALA A 452 24.99 -25.53 25.02
N GLN A 453 24.39 -26.59 25.54
CA GLN A 453 24.33 -26.81 26.98
C GLN A 453 25.72 -27.09 27.55
N TRP A 454 26.61 -27.63 26.71
CA TRP A 454 27.95 -27.95 27.14
C TRP A 454 28.85 -26.72 27.16
N ILE A 455 28.66 -25.84 26.18
CA ILE A 455 29.43 -24.61 26.11
C ILE A 455 29.09 -23.71 27.29
N GLN A 456 27.80 -23.64 27.64
CA GLN A 456 27.35 -22.88 28.79
C GLN A 456 27.94 -23.42 30.09
N ASN A 457 28.03 -24.75 30.17
CA ASN A 457 28.55 -25.41 31.36
C ASN A 457 30.00 -25.03 31.65
N THR A 458 30.80 -24.91 30.60
CA THR A 458 32.21 -24.57 30.76
C THR A 458 32.38 -23.08 31.05
N HIS A 459 31.40 -22.28 30.67
CA HIS A 459 31.43 -20.84 30.98
C HIS A 459 31.14 -20.61 32.46
N ALA A 460 30.33 -21.49 33.04
CA ALA A 460 30.01 -21.41 34.45
C ALA A 460 31.21 -21.74 35.32
N LEU A 461 31.92 -22.81 34.95
CA LEU A 461 33.07 -23.27 35.73
C LEU A 461 34.35 -22.56 35.29
N ALA A 462 34.20 -21.49 34.54
CA ALA A 462 35.35 -20.74 34.02
C ALA A 462 36.07 -19.90 35.10
N PRO A 463 35.32 -19.13 35.92
CA PRO A 463 36.04 -18.35 36.93
C PRO A 463 36.72 -19.22 37.99
N GLY A 464 38.02 -19.00 38.17
CA GLY A 464 38.80 -19.77 39.12
C GLY A 464 39.63 -20.84 38.44
N THR A 465 39.02 -21.56 37.51
CA THR A 465 39.71 -22.61 36.77
C THR A 465 40.47 -22.04 35.58
N THR A 466 39.77 -21.90 34.45
CA THR A 466 40.39 -21.38 33.23
C THR A 466 40.33 -19.85 33.19
N ALA A 467 39.89 -19.25 34.29
CA ALA A 467 39.87 -17.80 34.42
C ALA A 467 40.07 -17.38 35.88
N PRO A 468 41.32 -17.48 36.37
CA PRO A 468 41.66 -17.17 37.76
C PRO A 468 41.29 -15.74 38.17
N GLY A 469 41.67 -14.76 37.36
CA GLY A 469 41.41 -13.37 37.67
C GLY A 469 39.93 -13.03 37.72
N ALA A 470 39.12 -13.81 37.02
CA ALA A 470 37.67 -13.62 37.03
C ALA A 470 37.07 -14.15 38.32
N THR A 471 36.48 -13.26 39.10
CA THR A 471 35.84 -13.65 40.35
C THR A 471 34.46 -14.25 40.08
N ALA A 472 33.74 -13.64 39.15
CA ALA A 472 32.41 -14.12 38.78
C ALA A 472 32.34 -14.42 37.28
N SER A 473 31.18 -14.84 36.82
CA SER A 473 30.99 -15.23 35.43
C SER A 473 30.96 -14.02 34.50
N THR A 474 30.97 -14.30 33.20
CA THR A 474 30.87 -13.26 32.18
C THR A 474 29.47 -12.66 32.17
N SER A 475 28.49 -13.53 31.94
CA SER A 475 27.08 -13.14 32.02
C SER A 475 26.35 -14.13 32.91
N LEU A 476 25.30 -13.66 33.59
CA LEU A 476 24.60 -14.50 34.55
C LEU A 476 23.73 -15.55 33.89
N THR A 477 23.62 -15.48 32.57
CA THR A 477 22.95 -16.55 31.82
C THR A 477 23.88 -17.75 31.76
N TRP A 478 25.14 -17.53 32.13
CA TRP A 478 26.12 -18.61 32.25
C TRP A 478 26.50 -18.83 33.70
N GLY A 479 25.78 -18.16 34.61
CA GLY A 479 26.10 -18.20 36.03
C GLY A 479 26.05 -19.60 36.61
N GLY A 480 24.85 -20.12 36.81
CA GLY A 480 24.67 -21.45 37.38
C GLY A 480 23.66 -21.43 38.52
N GLY A 481 23.99 -20.72 39.59
CA GLY A 481 23.10 -20.63 40.74
C GLY A 481 22.95 -19.21 41.24
N ASP A 482 23.42 -18.25 40.45
CA ASP A 482 23.36 -16.84 40.83
C ASP A 482 22.07 -16.20 40.35
N LEU A 483 21.66 -15.12 41.02
CA LEU A 483 20.43 -14.42 40.69
C LEU A 483 20.51 -12.96 41.15
N VAL A 484 20.51 -12.03 40.20
CA VAL A 484 20.49 -10.61 40.53
C VAL A 484 19.06 -10.06 40.46
N ALA A 485 18.68 -9.31 41.48
CA ALA A 485 17.34 -8.76 41.55
C ALA A 485 17.34 -7.29 41.97
N VAL A 486 17.34 -6.39 41.00
CA VAL A 486 17.28 -4.96 41.27
C VAL A 486 15.83 -4.50 41.38
N GLY A 487 15.51 -3.86 42.51
CA GLY A 487 14.13 -3.55 42.82
C GLY A 487 13.40 -4.85 43.08
N ASN A 488 12.11 -4.89 42.77
CA ASN A 488 11.36 -6.13 42.84
C ASN A 488 11.40 -6.87 41.51
N LYS A 489 12.24 -6.37 40.60
CA LYS A 489 12.39 -6.97 39.28
C LYS A 489 13.65 -7.81 39.18
N VAL A 490 13.62 -8.80 38.28
CA VAL A 490 14.79 -9.64 38.04
C VAL A 490 15.62 -9.08 36.89
N ALA A 491 16.86 -8.70 37.18
CA ALA A 491 17.74 -8.15 36.17
C ALA A 491 18.21 -9.25 35.21
N LEU A 492 18.68 -10.36 35.77
CA LEU A 492 19.17 -11.46 34.95
C LEU A 492 19.18 -12.78 35.72
N LEU A 493 19.30 -13.88 34.99
CA LEU A 493 19.20 -15.22 35.53
C LEU A 493 19.73 -16.22 34.50
N PRO A 494 20.30 -17.35 34.96
CA PRO A 494 20.72 -18.39 34.02
C PRO A 494 19.60 -18.85 33.09
N ILE A 495 19.85 -18.76 31.79
CA ILE A 495 18.85 -19.12 30.79
C ILE A 495 19.02 -20.58 30.35
N PRO A 496 17.96 -21.39 30.54
CA PRO A 496 18.01 -22.81 30.20
C PRO A 496 17.84 -23.04 28.70
N LEU A 497 18.32 -24.18 28.21
CA LEU A 497 18.19 -24.55 26.81
C LEU A 497 17.63 -25.95 26.67
N GLY A 498 16.42 -26.06 26.11
CA GLY A 498 15.77 -27.34 25.97
C GLY A 498 15.46 -27.68 24.52
N THR A 499 14.57 -28.64 24.33
CA THR A 499 14.18 -29.09 22.99
C THR A 499 13.44 -27.97 22.26
N ALA A 500 12.72 -27.15 23.01
CA ALA A 500 12.04 -26.00 22.45
C ALA A 500 13.05 -24.98 21.95
N ASP A 501 14.25 -25.01 22.52
CA ASP A 501 15.33 -24.11 22.13
C ASP A 501 16.13 -24.68 20.96
N PHE A 502 16.03 -26.00 20.78
CA PHE A 502 16.71 -26.67 19.68
C PHE A 502 16.02 -26.36 18.36
N LEU A 503 14.69 -26.28 18.40
CA LEU A 503 13.89 -26.07 17.19
C LEU A 503 14.05 -24.67 16.64
N VAL A 504 13.93 -23.67 17.51
CA VAL A 504 13.96 -22.27 17.11
C VAL A 504 15.31 -21.81 16.55
N HIS A 505 16.39 -22.42 17.02
CA HIS A 505 17.72 -22.09 16.52
C HIS A 505 17.89 -22.63 15.10
N HIS A 506 17.21 -23.71 14.85
CA HIS A 506 17.28 -24.33 13.58
C HIS A 506 16.39 -23.61 12.62
N ILE A 507 15.56 -22.71 13.11
CA ILE A 507 14.71 -21.93 12.26
C ILE A 507 15.48 -20.71 11.85
N HIS A 508 16.42 -20.30 12.68
CA HIS A 508 17.22 -19.15 12.41
C HIS A 508 18.32 -19.55 11.48
N ALA A 509 18.68 -20.81 11.51
CA ALA A 509 19.70 -21.33 10.64
C ALA A 509 19.12 -21.31 9.27
N PHE A 510 17.87 -21.70 9.21
CA PHE A 510 17.12 -21.75 7.99
C PHE A 510 16.91 -20.37 7.38
N THR A 511 16.13 -19.55 8.04
CA THR A 511 15.86 -18.22 7.54
C THR A 511 17.10 -17.48 7.10
N ILE A 512 18.24 -17.69 7.73
CA ILE A 512 19.45 -16.98 7.34
C ILE A 512 20.02 -17.58 6.09
N HIS A 513 19.93 -18.88 5.96
CA HIS A 513 20.48 -19.57 4.79
C HIS A 513 19.70 -19.25 3.52
N VAL A 514 18.38 -19.17 3.63
CA VAL A 514 17.55 -18.81 2.49
C VAL A 514 17.79 -17.37 2.08
N THR A 515 17.88 -16.48 3.06
CA THR A 515 18.17 -15.08 2.80
C THR A 515 19.50 -14.95 2.08
N VAL A 516 20.48 -15.73 2.50
CA VAL A 516 21.78 -15.77 1.85
C VAL A 516 21.65 -16.28 0.43
N LEU A 517 20.86 -17.34 0.25
CA LEU A 517 20.63 -17.94 -1.07
C LEU A 517 20.13 -16.93 -2.09
N ILE A 518 19.02 -16.27 -1.76
CA ILE A 518 18.40 -15.29 -2.65
C ILE A 518 19.35 -14.16 -3.02
N LEU A 519 20.07 -13.66 -2.03
CA LEU A 519 20.98 -12.53 -2.24
C LEU A 519 22.23 -12.93 -2.99
N LEU A 520 22.79 -14.08 -2.64
CA LEU A 520 24.04 -14.55 -3.27
C LEU A 520 23.81 -14.98 -4.71
N LYS A 521 22.62 -15.52 -4.99
CA LYS A 521 22.26 -15.92 -6.34
C LYS A 521 22.17 -14.71 -7.26
N GLY A 522 21.73 -13.59 -6.70
CA GLY A 522 21.57 -12.37 -7.46
C GLY A 522 22.88 -11.68 -7.77
N VAL A 523 23.90 -11.93 -6.94
CA VAL A 523 25.21 -11.30 -7.12
C VAL A 523 26.03 -12.04 -8.16
N LEU A 524 26.06 -13.36 -8.07
CA LEU A 524 26.84 -14.18 -8.99
C LEU A 524 26.27 -14.15 -10.41
N PHE A 525 24.95 -14.32 -10.51
CA PHE A 525 24.28 -14.33 -11.80
C PHE A 525 23.79 -12.93 -12.19
N ALA A 526 24.54 -11.92 -11.79
CA ALA A 526 24.18 -10.54 -12.07
C ALA A 526 24.56 -10.13 -13.50
N ARG A 527 25.62 -10.75 -14.02
CA ARG A 527 26.10 -10.43 -15.36
C ARG A 527 25.59 -11.39 -16.42
N SER A 528 25.84 -12.68 -16.22
CA SER A 528 25.46 -13.69 -17.19
C SER A 528 24.70 -14.85 -16.56
N SER A 529 23.91 -15.52 -17.39
CA SER A 529 23.18 -16.71 -16.98
C SER A 529 22.89 -17.53 -18.24
N ARG A 530 22.62 -18.82 -18.06
CA ARG A 530 22.23 -19.65 -19.20
C ARG A 530 20.97 -19.08 -19.84
N LEU A 531 20.07 -18.57 -18.99
CA LEU A 531 18.84 -17.95 -19.44
C LEU A 531 19.12 -16.63 -20.15
N ILE A 532 19.88 -15.75 -19.48
CA ILE A 532 20.23 -14.45 -20.04
C ILE A 532 21.74 -14.25 -20.09
N PRO A 533 22.36 -14.59 -21.23
CA PRO A 533 23.81 -14.49 -21.42
C PRO A 533 24.37 -13.07 -21.34
N ASP A 534 23.50 -12.06 -21.49
CA ASP A 534 23.95 -10.68 -21.48
C ASP A 534 23.13 -9.81 -20.52
N LYS A 535 22.91 -10.32 -19.32
CA LYS A 535 22.13 -9.60 -18.31
C LYS A 535 22.82 -8.31 -17.88
N ALA A 536 24.15 -8.31 -17.91
CA ALA A 536 24.94 -7.16 -17.49
C ALA A 536 24.68 -5.93 -18.35
N ASN A 537 24.30 -6.16 -19.61
CA ASN A 537 23.99 -5.06 -20.51
C ASN A 537 22.62 -4.45 -20.23
N LEU A 538 21.78 -5.19 -19.52
CA LEU A 538 20.46 -4.70 -19.14
C LEU A 538 20.57 -3.83 -17.89
N GLY A 539 21.70 -3.91 -17.21
CA GLY A 539 21.94 -3.11 -16.04
C GLY A 539 21.74 -3.84 -14.73
N PHE A 540 21.78 -3.11 -13.63
CA PHE A 540 21.54 -3.68 -12.31
C PHE A 540 20.07 -3.61 -11.93
N ARG A 541 19.44 -2.48 -12.27
CA ARG A 541 18.03 -2.28 -11.94
C ARG A 541 17.17 -2.21 -13.19
N PHE A 542 16.74 -3.38 -13.67
CA PHE A 542 15.82 -3.47 -14.79
C PHE A 542 14.72 -4.46 -14.44
N PRO A 543 13.51 -4.25 -14.96
CA PRO A 543 12.39 -5.11 -14.57
C PRO A 543 12.53 -6.56 -15.05
N CYS A 544 12.98 -6.73 -16.29
CA CYS A 544 12.93 -8.03 -16.94
C CYS A 544 13.61 -8.05 -18.31
N ASP A 545 13.36 -9.12 -19.06
CA ASP A 545 13.75 -9.19 -20.46
C ASP A 545 12.64 -9.85 -21.27
N GLY A 546 11.39 -9.51 -20.97
CA GLY A 546 10.25 -9.99 -21.72
C GLY A 546 9.70 -11.33 -21.24
N PRO A 547 8.52 -11.71 -21.74
CA PRO A 547 7.87 -12.98 -21.40
C PRO A 547 8.53 -14.18 -22.07
N GLY A 548 9.53 -13.91 -22.88
CA GLY A 548 10.25 -14.95 -23.61
C GLY A 548 10.94 -15.93 -22.68
N ARG A 549 11.37 -17.06 -23.24
CA ARG A 549 12.01 -18.13 -22.49
C ARG A 549 11.10 -18.65 -21.38
N GLY A 550 9.79 -18.60 -21.63
CA GLY A 550 8.81 -19.03 -20.65
C GLY A 550 8.43 -17.92 -19.69
N GLY A 551 9.30 -16.93 -19.57
CA GLY A 551 9.09 -15.82 -18.66
C GLY A 551 10.36 -15.49 -17.89
N THR A 552 10.83 -14.26 -18.03
CA THR A 552 12.06 -13.83 -17.35
C THR A 552 11.80 -12.66 -16.41
N CYS A 553 10.90 -12.86 -15.45
CA CYS A 553 10.55 -11.81 -14.50
C CYS A 553 11.46 -11.82 -13.29
N GLN A 554 11.93 -10.64 -12.90
CA GLN A 554 12.79 -10.48 -11.73
C GLN A 554 14.10 -11.26 -11.87
N VAL A 555 14.73 -11.15 -13.04
CA VAL A 555 16.02 -11.76 -13.26
C VAL A 555 17.14 -10.81 -12.85
N SER A 556 16.78 -9.56 -12.61
CA SER A 556 17.74 -8.54 -12.21
C SER A 556 18.28 -8.79 -10.81
N ALA A 557 19.47 -8.30 -10.54
CA ALA A 557 20.07 -8.40 -9.21
C ALA A 557 19.31 -7.54 -8.23
N TRP A 558 18.70 -6.46 -8.73
CA TRP A 558 17.84 -5.59 -7.94
C TRP A 558 16.69 -6.37 -7.35
N ASP A 559 16.06 -7.20 -8.18
CA ASP A 559 14.90 -7.97 -7.77
C ASP A 559 15.27 -9.09 -6.80
N HIS A 560 16.52 -9.50 -6.81
CA HIS A 560 16.99 -10.51 -5.86
C HIS A 560 17.13 -9.90 -4.48
N VAL A 561 17.48 -8.61 -4.44
CA VAL A 561 17.48 -7.86 -3.19
C VAL A 561 16.05 -7.62 -2.75
N PHE A 562 15.17 -7.42 -3.73
CA PHE A 562 13.75 -7.22 -3.49
C PHE A 562 13.12 -8.44 -2.83
N LEU A 563 13.41 -9.63 -3.36
CA LEU A 563 12.88 -10.87 -2.80
C LEU A 563 13.53 -11.21 -1.47
N GLY A 564 14.83 -10.98 -1.37
CA GLY A 564 15.57 -11.26 -0.14
C GLY A 564 15.25 -10.27 0.95
N LEU A 565 14.56 -9.19 0.60
CA LEU A 565 14.18 -8.16 1.56
C LEU A 565 13.03 -8.63 2.43
N PHE A 566 12.07 -9.31 1.81
CA PHE A 566 10.95 -9.91 2.56
C PHE A 566 11.46 -10.99 3.49
N TRP A 567 12.45 -11.75 3.00
CA TRP A 567 12.99 -12.87 3.77
C TRP A 567 13.81 -12.40 4.96
N MET A 568 14.41 -11.22 4.86
CA MET A 568 15.15 -10.69 5.97
C MET A 568 14.15 -10.22 7.01
N TYR A 569 12.95 -9.92 6.57
CA TYR A 569 11.90 -9.51 7.45
C TYR A 569 11.45 -10.78 8.11
N ASN A 570 11.14 -11.79 7.32
CA ASN A 570 10.68 -13.05 7.85
C ASN A 570 11.67 -13.58 8.83
N SER A 571 12.94 -13.32 8.57
CA SER A 571 13.97 -13.82 9.45
C SER A 571 13.95 -13.10 10.77
N ILE A 572 14.40 -11.86 10.82
CA ILE A 572 14.39 -11.13 12.08
C ILE A 572 13.07 -11.23 12.81
N SER A 573 11.98 -10.99 12.13
CA SER A 573 10.68 -11.04 12.73
C SER A 573 10.46 -12.21 13.60
N VAL A 574 11.27 -13.24 13.48
CA VAL A 574 11.10 -14.42 14.29
C VAL A 574 12.21 -14.56 15.28
N VAL A 575 13.18 -13.68 15.20
CA VAL A 575 14.27 -13.69 16.11
C VAL A 575 13.75 -12.86 17.25
N ILE A 576 13.22 -11.70 16.93
CA ILE A 576 12.70 -10.84 17.96
C ILE A 576 11.56 -11.51 18.67
N PHE A 577 10.85 -12.39 18.00
CA PHE A 577 9.76 -13.08 18.64
C PHE A 577 10.31 -14.11 19.60
N HIS A 578 11.44 -14.69 19.25
CA HIS A 578 12.07 -15.69 20.09
C HIS A 578 12.54 -15.00 21.34
N PHE A 579 13.16 -13.86 21.18
CA PHE A 579 13.67 -13.03 22.27
C PHE A 579 12.56 -12.65 23.23
N SER A 580 11.47 -12.11 22.69
CA SER A 580 10.36 -11.63 23.50
C SER A 580 9.78 -12.71 24.40
N TRP A 581 9.42 -13.85 23.81
CA TRP A 581 8.76 -14.92 24.57
C TRP A 581 9.69 -15.57 25.58
N LYS A 582 10.92 -15.88 25.15
CA LYS A 582 11.87 -16.58 26.01
C LYS A 582 12.23 -15.75 27.25
N MET A 583 12.42 -14.45 27.06
CA MET A 583 12.77 -13.56 28.16
C MET A 583 11.59 -13.39 29.12
N GLN A 584 10.39 -13.26 28.58
CA GLN A 584 9.19 -13.11 29.39
C GLN A 584 8.84 -14.38 30.15
N SER A 585 9.12 -15.52 29.52
CA SER A 585 8.70 -16.81 30.06
C SER A 585 9.67 -17.40 31.08
N ASP A 586 10.97 -17.20 30.86
CA ASP A 586 11.97 -17.89 31.65
C ASP A 586 13.00 -16.97 32.32
N VAL A 587 12.84 -15.65 32.16
CA VAL A 587 13.80 -14.71 32.75
C VAL A 587 13.11 -13.58 33.52
N TRP A 588 12.42 -12.70 32.80
CA TRP A 588 11.81 -11.53 33.40
C TRP A 588 10.66 -11.88 34.34
N GLY A 589 10.59 -11.19 35.47
CA GLY A 589 9.55 -11.42 36.45
C GLY A 589 9.80 -10.70 37.76
N SER A 590 9.00 -11.05 38.77
CA SER A 590 9.14 -10.44 40.09
C SER A 590 9.60 -11.46 41.12
N ILE A 591 10.53 -11.04 41.96
CA ILE A 591 11.07 -11.90 43.03
C ILE A 591 10.51 -11.46 44.37
N ASN A 592 10.08 -12.42 45.18
CA ASN A 592 9.46 -12.11 46.46
C ASN A 592 10.43 -11.98 47.63
N ASP A 593 9.88 -12.07 48.84
CA ASP A 593 10.66 -11.99 50.06
C ASP A 593 11.34 -13.31 50.35
N GLN A 594 10.68 -14.39 50.00
CA GLN A 594 11.20 -15.74 50.25
C GLN A 594 12.25 -16.11 49.22
N GLY A 595 12.13 -15.55 48.01
CA GLY A 595 13.06 -15.83 46.95
C GLY A 595 12.39 -16.51 45.77
N VAL A 596 11.09 -16.75 45.90
CA VAL A 596 10.32 -17.38 44.84
C VAL A 596 10.14 -16.42 43.67
N VAL A 597 10.45 -16.89 42.47
CA VAL A 597 10.38 -16.06 41.28
C VAL A 597 9.20 -16.44 40.39
N THR A 598 8.36 -15.46 40.09
CA THR A 598 7.24 -15.67 39.17
C THR A 598 7.48 -14.92 37.87
N HIS A 599 7.56 -15.66 36.77
CA HIS A 599 7.80 -15.04 35.47
C HIS A 599 6.50 -14.54 34.86
N ILE A 600 6.62 -13.67 33.86
CA ILE A 600 5.47 -13.00 33.27
C ILE A 600 4.47 -13.95 32.65
N THR A 601 4.96 -14.93 31.89
CA THR A 601 4.07 -15.91 31.26
C THR A 601 4.15 -17.27 31.96
N GLY A 602 5.08 -17.39 32.90
CA GLY A 602 5.15 -18.56 33.76
C GLY A 602 5.66 -19.84 33.12
N GLY A 603 6.82 -19.75 32.48
CA GLY A 603 7.50 -20.92 31.94
C GLY A 603 6.70 -21.76 30.96
N ASN A 604 5.84 -21.12 30.16
CA ASN A 604 5.05 -21.84 29.18
C ASN A 604 5.77 -21.99 27.85
N PHE A 605 6.98 -21.43 27.77
CA PHE A 605 7.77 -21.47 26.54
C PHE A 605 8.20 -22.89 26.18
N ALA A 606 8.58 -23.67 27.18
CA ALA A 606 9.20 -24.98 26.96
C ALA A 606 8.27 -26.00 26.29
N GLN A 607 6.98 -25.92 26.58
CA GLN A 607 6.05 -26.94 26.08
C GLN A 607 4.98 -26.34 25.16
N SER A 608 4.99 -25.02 24.98
CA SER A 608 3.99 -24.40 24.11
C SER A 608 4.59 -23.67 22.91
N SER A 609 5.91 -23.53 22.89
CA SER A 609 6.57 -22.90 21.75
C SER A 609 7.05 -23.96 20.76
N ILE A 610 6.67 -25.21 21.01
CA ILE A 610 7.01 -26.31 20.12
C ILE A 610 5.88 -26.57 19.13
N THR A 611 4.85 -25.77 19.22
CA THR A 611 3.68 -25.94 18.40
C THR A 611 3.44 -24.66 17.69
N ILE A 612 2.83 -24.70 16.52
CA ILE A 612 2.55 -23.49 15.78
C ILE A 612 1.36 -22.85 16.43
N ASN A 613 0.41 -23.67 16.81
CA ASN A 613 -0.77 -23.19 17.46
C ASN A 613 -0.38 -22.54 18.73
N GLY A 614 0.72 -22.96 19.29
CA GLY A 614 1.18 -22.41 20.55
C GLY A 614 1.70 -21.02 20.46
N TRP A 615 2.18 -20.63 19.30
CA TRP A 615 2.71 -19.30 19.13
C TRP A 615 1.58 -18.39 18.75
N LEU A 616 0.61 -18.97 18.08
CA LEU A 616 -0.51 -18.21 17.66
C LEU A 616 -1.45 -17.96 18.78
N ARG A 617 -1.41 -18.77 19.83
CA ARG A 617 -2.31 -18.56 20.95
C ARG A 617 -1.64 -18.03 22.16
N ASP A 618 -0.74 -18.80 22.72
CA ASP A 618 -0.05 -18.41 23.95
C ASP A 618 0.87 -17.22 23.77
N PHE A 619 1.22 -16.88 22.53
CA PHE A 619 2.09 -15.75 22.28
C PHE A 619 1.39 -14.58 21.64
N LEU A 620 0.83 -14.77 20.47
CA LEU A 620 0.16 -13.67 19.78
C LEU A 620 -1.15 -13.28 20.40
N TRP A 621 -2.08 -14.20 20.41
CA TRP A 621 -3.38 -13.90 20.95
C TRP A 621 -3.32 -13.46 22.37
N ALA A 622 -2.42 -14.03 23.15
CA ALA A 622 -2.33 -13.74 24.56
C ALA A 622 -1.74 -12.35 24.82
N GLN A 623 -0.56 -12.14 24.29
CA GLN A 623 0.18 -10.94 24.49
C GLN A 623 -0.26 -9.78 23.65
N ALA A 624 -1.40 -9.89 23.02
CA ALA A 624 -1.89 -8.81 22.20
C ALA A 624 -2.85 -8.01 22.99
N SER A 625 -3.56 -8.68 23.87
CA SER A 625 -4.56 -8.10 24.72
C SER A 625 -4.19 -6.75 25.23
N GLN A 626 -2.90 -6.47 25.29
CA GLN A 626 -2.51 -5.15 25.76
C GLN A 626 -2.74 -4.08 24.70
N VAL A 627 -2.26 -4.33 23.51
CA VAL A 627 -2.39 -3.39 22.44
C VAL A 627 -3.83 -3.15 22.01
N ILE A 628 -4.62 -4.20 22.00
CA ILE A 628 -5.99 -4.09 21.60
C ILE A 628 -6.91 -3.65 22.71
N GLN A 629 -6.37 -3.25 23.84
CA GLN A 629 -7.18 -2.80 24.94
C GLN A 629 -6.57 -1.56 25.47
N SER A 630 -5.82 -0.87 24.63
CA SER A 630 -5.08 0.32 25.04
C SER A 630 -5.84 1.61 24.78
N TYR A 631 -7.05 1.50 24.24
CA TYR A 631 -7.87 2.68 23.98
C TYR A 631 -8.36 3.29 25.28
N GLY A 632 -8.27 4.61 25.38
CA GLY A 632 -8.71 5.32 26.57
C GLY A 632 -7.61 5.42 27.61
N SER A 633 -6.40 5.03 27.23
CA SER A 633 -5.26 5.07 28.14
C SER A 633 -4.08 5.81 27.52
N SER A 634 -2.95 5.81 28.22
CA SER A 634 -1.76 6.51 27.77
C SER A 634 -1.13 5.83 26.56
N LEU A 635 -1.37 4.54 26.42
CA LEU A 635 -0.83 3.76 25.31
C LEU A 635 -1.81 3.72 24.13
N SER A 636 -2.60 4.78 24.00
CA SER A 636 -3.60 4.88 22.95
C SER A 636 -2.98 4.86 21.55
N ALA A 637 -1.84 5.51 21.41
CA ALA A 637 -1.18 5.65 20.11
C ALA A 637 -0.71 4.29 19.57
N TYR A 638 -0.27 3.42 20.46
CA TYR A 638 0.20 2.10 20.06
C TYR A 638 -0.93 1.27 19.48
N GLY A 639 -2.13 1.40 20.06
CA GLY A 639 -3.29 0.71 19.56
C GLY A 639 -3.66 1.16 18.15
N LEU A 640 -3.51 2.46 17.91
CA LEU A 640 -3.81 3.03 16.60
C LEU A 640 -2.75 2.65 15.57
N PHE A 641 -1.51 2.74 15.96
CA PHE A 641 -0.41 2.39 15.08
C PHE A 641 -0.41 0.91 14.76
N PHE A 642 -1.07 0.13 15.60
CA PHE A 642 -1.17 -1.29 15.45
C PHE A 642 -2.16 -1.54 14.36
N LEU A 643 -3.16 -0.69 14.30
CA LEU A 643 -4.16 -0.81 13.29
C LEU A 643 -3.69 -0.14 12.04
N GLY A 644 -2.95 0.93 12.21
CA GLY A 644 -2.38 1.71 11.14
C GLY A 644 -1.31 0.96 10.36
N ALA A 645 -0.60 0.06 11.01
CA ALA A 645 0.41 -0.71 10.37
C ALA A 645 -0.21 -1.86 9.61
N HIS A 646 -1.26 -2.41 10.16
CA HIS A 646 -1.91 -3.51 9.52
C HIS A 646 -2.44 -3.03 8.21
N PHE A 647 -2.63 -1.75 8.06
CA PHE A 647 -3.18 -1.20 6.83
C PHE A 647 -2.14 -0.91 5.78
N VAL A 648 -1.09 -0.22 6.14
CA VAL A 648 -0.05 0.06 5.19
C VAL A 648 0.51 -1.27 4.74
N TRP A 649 0.28 -2.33 5.50
CA TRP A 649 0.80 -3.64 5.13
C TRP A 649 -0.04 -4.30 4.08
N ALA A 650 -1.35 -4.35 4.30
CA ALA A 650 -2.26 -4.92 3.36
C ALA A 650 -2.33 -4.02 2.17
N PHE A 651 -1.88 -2.80 2.32
CA PHE A 651 -1.85 -1.83 1.24
C PHE A 651 -0.74 -2.15 0.26
N SER A 652 0.29 -2.85 0.74
CA SER A 652 1.41 -3.23 -0.10
C SER A 652 1.05 -4.36 -1.06
N LEU A 653 0.17 -5.24 -0.61
CA LEU A 653 -0.24 -6.41 -1.39
C LEU A 653 -0.91 -5.99 -2.69
N MET A 654 -1.47 -4.77 -2.69
CA MET A 654 -2.06 -4.17 -3.87
C MET A 654 -1.02 -3.97 -4.98
N PHE A 655 0.17 -3.53 -4.57
CA PHE A 655 1.25 -3.29 -5.52
C PHE A 655 1.99 -4.58 -5.89
N LEU A 656 2.04 -5.51 -4.94
CA LEU A 656 2.83 -6.72 -5.11
C LEU A 656 2.13 -7.80 -5.94
N PHE A 657 0.80 -7.84 -5.88
CA PHE A 657 0.04 -8.91 -6.54
C PHE A 657 -0.42 -8.52 -7.94
N SER A 658 -0.06 -7.31 -8.38
CA SER A 658 -0.55 -6.81 -9.66
C SER A 658 0.55 -6.21 -10.54
N GLY A 659 0.17 -5.75 -11.73
CA GLY A 659 1.09 -5.15 -12.68
C GLY A 659 0.60 -3.83 -13.23
N ARG A 660 1.50 -3.06 -13.82
CA ARG A 660 1.20 -1.68 -14.22
C ARG A 660 0.33 -1.58 -15.46
N GLY A 661 0.23 -2.66 -16.22
CA GLY A 661 -0.56 -2.66 -17.45
C GLY A 661 -2.04 -2.40 -17.19
N TYR A 662 -2.55 -2.96 -16.10
CA TYR A 662 -3.93 -2.71 -15.69
C TYR A 662 -4.13 -1.25 -15.34
N TRP A 663 -3.21 -0.72 -14.55
CA TRP A 663 -3.33 0.64 -14.00
C TRP A 663 -3.26 1.71 -15.08
N GLN A 664 -2.37 1.52 -16.05
CA GLN A 664 -2.22 2.47 -17.14
C GLN A 664 -3.50 2.55 -17.97
N GLU A 665 -4.14 1.41 -18.18
CA GLU A 665 -5.39 1.35 -18.92
C GLU A 665 -6.53 1.98 -18.14
N LEU A 666 -6.47 1.89 -16.81
CA LEU A 666 -7.46 2.51 -15.94
C LEU A 666 -7.33 4.02 -15.99
N ILE A 667 -6.09 4.50 -15.99
CA ILE A 667 -5.80 5.92 -16.07
C ILE A 667 -6.34 6.53 -17.36
N GLU A 668 -6.28 5.75 -18.44
CA GLU A 668 -6.81 6.18 -19.72
C GLU A 668 -8.27 6.64 -19.62
N SER A 669 -9.08 5.87 -18.90
CA SER A 669 -10.48 6.21 -18.70
C SER A 669 -10.63 7.46 -17.84
N ILE A 670 -9.69 7.63 -16.92
CA ILE A 670 -9.72 8.75 -15.98
C ILE A 670 -9.23 10.03 -16.66
N VAL A 671 -8.26 9.89 -17.55
CA VAL A 671 -7.76 11.03 -18.33
C VAL A 671 -8.84 11.54 -19.26
N TRP A 672 -9.66 10.63 -19.78
CA TRP A 672 -10.78 11.00 -20.63
C TRP A 672 -11.76 11.90 -19.90
N ALA A 673 -12.09 11.53 -18.66
CA ALA A 673 -13.02 12.30 -17.84
C ALA A 673 -12.45 13.69 -17.58
N HIS A 674 -11.13 13.79 -17.52
CA HIS A 674 -10.47 15.06 -17.32
C HIS A 674 -10.51 15.92 -18.57
N ASN A 675 -10.21 15.31 -19.71
CA ASN A 675 -10.22 16.03 -20.98
C ASN A 675 -11.59 16.58 -21.33
N LYS A 676 -12.64 15.91 -20.86
CA LYS A 676 -14.00 16.38 -21.07
C LYS A 676 -14.24 17.71 -20.34
N LEU A 677 -13.58 17.89 -19.20
CA LEU A 677 -13.81 19.07 -18.37
C LEU A 677 -12.59 19.99 -18.32
N LYS A 678 -11.78 19.95 -19.37
CA LYS A 678 -10.61 20.84 -19.50
C LYS A 678 -9.61 20.72 -18.36
N VAL A 679 -9.67 19.62 -17.61
CA VAL A 679 -8.79 19.44 -16.46
C VAL A 679 -7.75 18.34 -16.66
N ALA A 680 -7.20 18.27 -17.88
CA ALA A 680 -6.13 17.33 -18.16
C ALA A 680 -4.77 18.00 -18.01
N PRO A 681 -3.92 17.45 -17.12
CA PRO A 681 -2.59 18.01 -16.90
C PRO A 681 -1.67 17.83 -18.11
N ALA A 682 -0.87 18.85 -18.41
CA ALA A 682 0.08 18.76 -19.52
C ALA A 682 1.10 17.66 -19.24
N THR A 683 1.49 17.52 -17.98
CA THR A 683 2.32 16.40 -17.55
C THR A 683 1.44 15.17 -17.48
N GLN A 684 1.47 14.37 -18.54
CA GLN A 684 0.61 13.20 -18.65
C GLN A 684 0.84 12.22 -17.51
N PRO A 685 -0.24 11.79 -16.84
CA PRO A 685 -0.12 10.81 -15.77
C PRO A 685 0.24 9.42 -16.28
N ARG A 686 1.30 8.84 -15.73
CA ARG A 686 1.72 7.49 -16.07
C ARG A 686 1.69 6.61 -14.84
N ALA A 687 1.47 5.30 -15.03
CA ALA A 687 1.55 4.37 -13.92
C ALA A 687 3.00 4.25 -13.46
N LEU A 688 3.19 3.67 -12.28
CA LEU A 688 4.54 3.43 -11.77
C LEU A 688 5.25 2.44 -12.69
N SER A 689 6.57 2.54 -12.78
CA SER A 689 7.35 1.60 -13.57
C SER A 689 7.25 0.22 -12.94
N ILE A 690 7.54 -0.82 -13.73
CA ILE A 690 7.47 -2.20 -13.25
C ILE A 690 8.30 -2.41 -12.00
N VAL A 691 9.49 -1.81 -12.00
CA VAL A 691 10.43 -1.95 -10.90
C VAL A 691 10.01 -1.09 -9.68
N GLN A 692 9.49 0.10 -9.93
CA GLN A 692 9.05 0.98 -8.86
C GLN A 692 7.91 0.36 -8.06
N GLY A 693 6.97 -0.27 -8.77
CA GLY A 693 5.85 -0.93 -8.14
C GLY A 693 6.30 -2.00 -7.17
N ARG A 694 7.45 -2.59 -7.44
CA ARG A 694 8.05 -3.57 -6.54
C ARG A 694 8.69 -2.86 -5.36
N ALA A 695 9.36 -1.75 -5.64
CA ALA A 695 10.01 -0.94 -4.62
C ALA A 695 8.96 -0.35 -3.67
N VAL A 696 7.89 0.19 -4.24
CA VAL A 696 6.78 0.70 -3.46
C VAL A 696 6.17 -0.41 -2.60
N GLY A 697 6.03 -1.59 -3.20
CA GLY A 697 5.43 -2.72 -2.54
C GLY A 697 6.17 -3.21 -1.31
N VAL A 698 7.48 -3.41 -1.44
CA VAL A 698 8.26 -3.99 -0.36
C VAL A 698 8.44 -2.99 0.80
N THR A 699 8.51 -1.71 0.49
CA THR A 699 8.66 -0.68 1.52
C THR A 699 7.47 -0.65 2.46
N HIS A 700 6.30 -0.69 1.88
CA HIS A 700 5.09 -0.64 2.64
C HIS A 700 4.87 -1.92 3.38
N TYR A 701 5.37 -3.01 2.82
CA TYR A 701 5.25 -4.30 3.44
C TYR A 701 6.12 -4.33 4.65
N LEU A 702 7.35 -3.84 4.52
CA LEU A 702 8.24 -3.83 5.65
C LEU A 702 7.80 -2.84 6.70
N LEU A 703 7.36 -1.70 6.27
CA LEU A 703 6.85 -0.67 7.18
C LEU A 703 5.64 -1.16 7.95
N GLY A 704 4.65 -1.67 7.26
CA GLY A 704 3.45 -2.12 7.93
C GLY A 704 3.70 -3.29 8.82
N GLY A 705 4.63 -4.12 8.42
CA GLY A 705 4.94 -5.31 9.16
C GLY A 705 5.77 -5.00 10.35
N ILE A 706 6.83 -4.23 10.14
CA ILE A 706 7.68 -3.89 11.22
C ILE A 706 6.92 -3.03 12.16
N ALA A 707 6.39 -1.94 11.67
CA ALA A 707 5.64 -1.04 12.51
C ALA A 707 4.62 -1.75 13.34
N THR A 708 3.96 -2.75 12.78
CA THR A 708 2.94 -3.47 13.50
C THR A 708 3.36 -4.23 14.70
N THR A 709 4.62 -4.63 14.78
CA THR A 709 5.09 -5.37 15.92
C THR A 709 5.53 -4.35 16.92
N TRP A 710 6.16 -3.30 16.43
CA TRP A 710 6.62 -2.19 17.23
C TRP A 710 5.56 -1.80 18.18
N ALA A 711 4.36 -1.69 17.68
CA ALA A 711 3.24 -1.34 18.51
C ALA A 711 2.89 -2.52 19.32
N PHE A 712 3.20 -3.70 18.83
CA PHE A 712 2.89 -4.89 19.57
C PHE A 712 3.73 -4.91 20.81
N PHE A 713 5.02 -4.95 20.61
CA PHE A 713 5.93 -5.01 21.70
C PHE A 713 5.84 -3.88 22.68
N LEU A 714 5.85 -2.66 22.19
CA LEU A 714 5.90 -1.51 23.09
C LEU A 714 4.65 -1.38 23.96
N ALA A 715 3.52 -1.91 23.49
CA ALA A 715 2.30 -1.89 24.31
C ALA A 715 2.37 -3.00 25.35
N ARG A 716 2.99 -4.12 24.99
CA ARG A 716 3.06 -5.28 25.86
C ARG A 716 3.93 -5.04 27.10
N ILE A 717 5.21 -4.72 26.88
CA ILE A 717 6.16 -4.63 27.98
C ILE A 717 5.90 -3.45 28.91
N ILE A 718 5.32 -2.37 28.39
CA ILE A 718 5.05 -1.19 29.20
C ILE A 718 3.93 -1.46 30.18
N ALA A 719 2.85 -2.08 29.69
CA ALA A 719 1.70 -2.39 30.52
C ALA A 719 2.01 -3.49 31.53
N VAL A 720 3.00 -4.32 31.22
CA VAL A 720 3.33 -5.46 32.07
C VAL A 720 4.57 -5.21 32.93
N GLY A 721 5.64 -4.73 32.29
CA GLY A 721 6.87 -4.45 33.01
C GLY A 721 6.76 -3.24 33.91
N LEU B 1 -0.08 -37.89 -30.51
CA LEU B 1 1.19 -38.43 -30.04
C LEU B 1 1.19 -38.59 -28.52
N ARG B 2 0.98 -37.49 -27.80
CA ARG B 2 1.00 -37.51 -26.34
C ARG B 2 -0.14 -36.70 -25.75
N ILE B 3 -0.20 -36.64 -24.42
CA ILE B 3 -1.13 -35.76 -23.72
C ILE B 3 -0.54 -34.34 -23.74
N PRO B 4 -1.39 -33.34 -24.05
CA PRO B 4 -2.79 -33.49 -24.45
C PRO B 4 -2.96 -33.81 -25.92
N ARG B 5 -3.82 -34.78 -26.23
CA ARG B 5 -4.07 -35.16 -27.61
C ARG B 5 -4.91 -34.10 -28.33
N PHE B 6 -5.69 -33.35 -27.57
CA PHE B 6 -6.55 -32.33 -28.16
C PHE B 6 -5.76 -31.09 -28.55
N SER B 7 -4.49 -31.05 -28.16
CA SER B 7 -3.62 -29.93 -28.50
C SER B 7 -2.24 -30.43 -28.91
N GLN B 8 -1.98 -30.47 -30.21
CA GLN B 8 -0.72 -30.98 -30.74
C GLN B 8 0.43 -30.03 -30.43
N GLY B 9 0.15 -28.73 -30.48
CA GLY B 9 1.16 -27.73 -30.18
C GLY B 9 1.59 -27.80 -28.72
N LEU B 10 0.67 -28.22 -27.87
CA LEU B 10 0.96 -28.38 -26.45
C LEU B 10 1.70 -29.69 -26.20
N ALA B 11 1.34 -30.72 -26.96
CA ALA B 11 1.88 -32.06 -26.77
C ALA B 11 3.34 -32.19 -27.17
N GLN B 12 3.84 -31.24 -27.96
CA GLN B 12 5.22 -31.30 -28.44
C GLN B 12 6.16 -30.47 -27.56
N ASP B 13 5.64 -29.96 -26.46
CA ASP B 13 6.44 -29.24 -25.48
C ASP B 13 7.40 -30.20 -24.79
N PRO B 14 8.71 -29.93 -24.84
CA PRO B 14 9.68 -30.83 -24.23
C PRO B 14 9.75 -30.70 -22.72
N THR B 15 9.13 -29.65 -22.19
CA THR B 15 9.26 -29.30 -20.78
C THR B 15 8.09 -29.83 -19.94
N THR B 16 8.11 -29.51 -18.65
CA THR B 16 7.04 -29.92 -17.74
C THR B 16 5.80 -29.06 -17.92
N ARG B 17 5.93 -28.03 -18.75
CA ARG B 17 4.84 -27.10 -19.03
C ARG B 17 3.64 -27.79 -19.66
N ARG B 18 3.89 -28.85 -20.41
CA ARG B 18 2.84 -29.55 -21.15
C ARG B 18 1.85 -30.27 -20.24
N ILE B 19 2.35 -30.87 -19.16
CA ILE B 19 1.48 -31.60 -18.24
C ILE B 19 0.54 -30.63 -17.55
N TRP B 20 1.09 -29.51 -17.09
CA TRP B 20 0.29 -28.49 -16.43
C TRP B 20 -0.80 -27.96 -17.35
N PHE B 21 -0.39 -27.42 -18.49
CA PHE B 21 -1.29 -26.77 -19.43
C PHE B 21 -2.27 -27.74 -20.07
N GLY B 22 -1.90 -29.01 -20.11
CA GLY B 22 -2.78 -30.04 -20.64
C GLY B 22 -4.00 -30.21 -19.76
N ILE B 23 -3.82 -29.99 -18.46
CA ILE B 23 -4.91 -30.10 -17.50
C ILE B 23 -5.77 -28.84 -17.49
N ALA B 24 -5.12 -27.68 -17.61
CA ALA B 24 -5.80 -26.39 -17.46
C ALA B 24 -6.58 -25.97 -18.70
N THR B 25 -6.52 -26.78 -19.76
CA THR B 25 -7.16 -26.44 -21.02
C THR B 25 -8.08 -27.54 -21.52
N ALA B 26 -8.34 -28.52 -20.68
CA ALA B 26 -9.13 -29.69 -21.07
C ALA B 26 -10.60 -29.35 -21.36
N HIS B 27 -11.13 -28.33 -20.69
CA HIS B 27 -12.52 -27.96 -20.87
C HIS B 27 -12.70 -26.79 -21.83
N ASP B 28 -11.59 -26.21 -22.28
CA ASP B 28 -11.66 -25.14 -23.27
C ASP B 28 -11.74 -25.75 -24.68
N PHE B 29 -12.93 -26.20 -25.04
CA PHE B 29 -13.16 -26.94 -26.28
C PHE B 29 -12.82 -26.13 -27.54
N GLU B 30 -13.11 -24.84 -27.52
CA GLU B 30 -12.93 -23.98 -28.69
C GLU B 30 -11.47 -23.82 -29.09
N SER B 31 -10.57 -24.09 -28.15
CA SER B 31 -9.14 -23.96 -28.41
C SER B 31 -8.51 -25.29 -28.82
N HIS B 32 -9.28 -26.37 -28.73
CA HIS B 32 -8.79 -27.69 -29.10
C HIS B 32 -8.53 -27.79 -30.60
N ASP B 33 -7.72 -28.79 -30.99
CA ASP B 33 -7.36 -28.98 -32.38
C ASP B 33 -8.56 -29.44 -33.22
N ASP B 34 -8.65 -28.89 -34.43
CA ASP B 34 -9.68 -29.26 -35.40
C ASP B 34 -11.09 -29.18 -34.82
N ILE B 35 -11.32 -28.19 -33.96
CA ILE B 35 -12.63 -28.03 -33.33
C ILE B 35 -13.66 -27.52 -34.34
N THR B 36 -14.86 -28.08 -34.27
CA THR B 36 -15.97 -27.59 -35.08
C THR B 36 -17.14 -27.21 -34.18
N GLU B 37 -18.04 -26.39 -34.72
CA GLU B 37 -19.20 -25.93 -33.96
C GLU B 37 -20.09 -27.10 -33.55
N GLY B 38 -20.07 -28.15 -34.37
CA GLY B 38 -20.81 -29.36 -34.07
C GLY B 38 -20.20 -30.10 -32.90
N ARG B 39 -18.89 -30.31 -32.96
CA ARG B 39 -18.15 -30.97 -31.89
C ARG B 39 -18.24 -30.18 -30.59
N LEU B 40 -18.27 -28.85 -30.71
CA LEU B 40 -18.33 -27.97 -29.54
C LEU B 40 -19.63 -28.15 -28.76
N TYR B 41 -20.74 -28.19 -29.49
CA TYR B 41 -22.06 -28.17 -28.85
C TYR B 41 -22.43 -29.47 -28.14
N GLN B 42 -22.12 -30.61 -28.75
CA GLN B 42 -22.48 -31.88 -28.14
C GLN B 42 -21.37 -32.46 -27.26
N ASN B 43 -20.28 -31.71 -27.13
CA ASN B 43 -19.31 -32.00 -26.08
C ASN B 43 -19.81 -31.42 -24.77
N ILE B 44 -20.35 -30.21 -24.85
CA ILE B 44 -20.96 -29.52 -23.73
C ILE B 44 -22.22 -30.26 -23.28
N PHE B 45 -23.04 -30.66 -24.25
CA PHE B 45 -24.28 -31.36 -23.99
C PHE B 45 -24.02 -32.70 -23.30
N ALA B 46 -22.93 -33.35 -23.68
CA ALA B 46 -22.54 -34.62 -23.05
C ALA B 46 -21.89 -34.37 -21.70
N SER B 47 -21.11 -33.30 -21.60
CA SER B 47 -20.49 -32.90 -20.34
C SER B 47 -21.56 -32.47 -19.36
N HIS B 48 -22.70 -32.06 -19.90
CA HIS B 48 -23.84 -31.65 -19.08
C HIS B 48 -24.44 -32.83 -18.34
N PHE B 49 -24.57 -33.96 -19.02
CA PHE B 49 -25.07 -35.18 -18.40
C PHE B 49 -24.09 -35.71 -17.37
N GLY B 50 -22.81 -35.44 -17.58
CA GLY B 50 -21.78 -35.85 -16.65
C GLY B 50 -21.89 -35.12 -15.33
N GLN B 51 -22.19 -33.83 -15.40
CA GLN B 51 -22.36 -33.01 -14.21
C GLN B 51 -23.56 -33.47 -13.39
N LEU B 52 -24.66 -33.75 -14.09
CA LEU B 52 -25.87 -34.23 -13.43
C LEU B 52 -25.61 -35.56 -12.71
N ALA B 53 -24.81 -36.41 -13.33
CA ALA B 53 -24.49 -37.71 -12.76
C ALA B 53 -23.72 -37.56 -11.44
N ILE B 54 -22.84 -36.58 -11.39
CA ILE B 54 -22.06 -36.31 -10.19
C ILE B 54 -22.95 -35.79 -9.05
N ILE B 55 -23.83 -34.85 -9.38
CA ILE B 55 -24.74 -34.27 -8.40
C ILE B 55 -25.62 -35.33 -7.75
N PHE B 56 -26.20 -36.20 -8.57
CA PHE B 56 -27.07 -37.25 -8.08
C PHE B 56 -26.30 -38.29 -7.26
N LEU B 57 -25.08 -38.59 -7.69
CA LEU B 57 -24.22 -39.51 -6.95
C LEU B 57 -23.83 -38.91 -5.61
N TRP B 58 -23.49 -37.63 -5.64
CA TRP B 58 -23.12 -36.88 -4.44
C TRP B 58 -24.27 -36.80 -3.45
N THR B 59 -25.48 -36.64 -3.96
CA THR B 59 -26.66 -36.55 -3.12
C THR B 59 -27.08 -37.94 -2.64
N SER B 60 -26.80 -38.95 -3.45
CA SER B 60 -27.08 -40.33 -3.07
C SER B 60 -26.24 -40.75 -1.87
N GLY B 61 -24.98 -40.36 -1.86
CA GLY B 61 -24.07 -40.67 -0.78
C GLY B 61 -24.48 -40.01 0.52
N ASN B 62 -25.02 -38.80 0.42
CA ASN B 62 -25.49 -38.07 1.59
C ASN B 62 -26.65 -38.78 2.26
N LEU B 63 -27.60 -39.26 1.45
CA LEU B 63 -28.72 -40.04 1.96
C LEU B 63 -28.26 -41.38 2.51
N PHE B 64 -27.12 -41.85 2.02
CA PHE B 64 -26.61 -43.16 2.40
C PHE B 64 -25.96 -43.16 3.78
N HIS B 65 -25.01 -42.25 3.99
CA HIS B 65 -24.27 -42.18 5.25
C HIS B 65 -25.15 -41.81 6.43
N VAL B 66 -26.09 -40.90 6.21
CA VAL B 66 -27.01 -40.48 7.26
C VAL B 66 -27.91 -41.65 7.67
N ALA B 67 -28.20 -42.53 6.71
CA ALA B 67 -29.02 -43.70 6.98
C ALA B 67 -28.20 -44.83 7.61
N TRP B 68 -26.91 -44.83 7.33
CA TRP B 68 -26.02 -45.90 7.77
C TRP B 68 -25.27 -45.56 9.04
N GLN B 69 -24.81 -44.31 9.15
CA GLN B 69 -23.97 -43.91 10.26
C GLN B 69 -24.56 -42.75 11.06
N GLY B 70 -25.65 -42.18 10.55
CA GLY B 70 -26.33 -41.09 11.24
C GLY B 70 -27.56 -41.58 11.98
N ASN B 71 -27.78 -41.05 13.18
CA ASN B 71 -28.93 -41.45 13.98
C ASN B 71 -30.26 -41.08 13.32
N PHE B 72 -30.41 -39.79 13.01
CA PHE B 72 -31.61 -39.25 12.36
C PHE B 72 -32.90 -39.57 13.13
N GLU B 73 -33.17 -40.85 13.32
CA GLU B 73 -34.32 -41.30 14.09
C GLU B 73 -34.26 -40.76 15.52
N ALA B 74 -33.08 -40.79 16.11
CA ALA B 74 -32.86 -40.21 17.43
C ALA B 74 -33.04 -38.70 17.36
N TRP B 75 -32.69 -38.12 16.22
CA TRP B 75 -32.81 -36.68 16.02
C TRP B 75 -34.27 -36.28 15.87
N VAL B 76 -35.04 -37.10 15.16
CA VAL B 76 -36.45 -36.82 14.92
C VAL B 76 -37.24 -36.74 16.23
N GLN B 77 -36.94 -37.63 17.16
CA GLN B 77 -37.69 -37.72 18.40
C GLN B 77 -37.42 -36.56 19.36
N ASP B 78 -36.34 -35.82 19.12
CA ASP B 78 -36.02 -34.66 19.95
C ASP B 78 -35.14 -33.65 19.22
N PRO B 79 -35.67 -33.05 18.14
CA PRO B 79 -34.90 -32.18 17.23
C PRO B 79 -34.12 -31.06 17.92
N PHE B 80 -34.50 -30.72 19.15
CA PHE B 80 -33.89 -29.61 19.87
C PHE B 80 -32.58 -29.98 20.57
N HIS B 81 -32.49 -31.19 21.10
CA HIS B 81 -31.39 -31.54 22.01
C HIS B 81 -30.47 -32.66 21.53
N VAL B 82 -30.41 -32.87 20.22
CA VAL B 82 -29.56 -33.91 19.65
C VAL B 82 -28.79 -33.31 18.49
N ARG B 83 -27.57 -33.79 18.25
CA ARG B 83 -26.75 -33.28 17.18
C ARG B 83 -26.77 -34.15 15.99
N PRO B 84 -27.05 -33.54 14.77
CA PRO B 84 -27.09 -34.43 13.61
C PRO B 84 -25.74 -35.02 13.25
N ILE B 85 -25.73 -36.24 12.73
CA ILE B 85 -24.50 -36.91 12.35
C ILE B 85 -24.32 -36.96 10.84
N ALA B 86 -23.21 -36.42 10.36
CA ALA B 86 -22.89 -36.45 8.94
C ALA B 86 -22.49 -37.85 8.51
N HIS B 87 -21.44 -38.36 9.15
CA HIS B 87 -20.90 -39.68 8.84
C HIS B 87 -19.91 -40.11 9.91
N ALA B 88 -19.48 -41.36 9.86
CA ALA B 88 -18.52 -41.87 10.83
C ALA B 88 -17.10 -41.44 10.49
N ILE B 89 -16.21 -41.50 11.48
CA ILE B 89 -14.80 -41.18 11.27
C ILE B 89 -13.97 -42.45 11.36
N TRP B 90 -13.09 -42.65 10.38
CA TRP B 90 -12.14 -43.76 10.47
C TRP B 90 -10.74 -43.32 10.07
N ASP B 91 -9.90 -43.07 11.07
CA ASP B 91 -8.55 -42.58 10.84
C ASP B 91 -7.55 -43.28 11.77
N PRO B 92 -6.61 -44.03 11.19
CA PRO B 92 -5.57 -44.75 11.94
C PRO B 92 -4.67 -43.83 12.76
N HIS B 93 -4.56 -42.57 12.34
CA HIS B 93 -3.67 -41.62 13.01
C HIS B 93 -4.26 -41.14 14.31
N PHE B 94 -5.58 -41.30 14.45
CA PHE B 94 -6.29 -40.89 15.66
C PHE B 94 -5.73 -41.52 16.92
N GLY B 95 -5.40 -40.68 17.90
CA GLY B 95 -5.03 -41.17 19.20
C GLY B 95 -6.30 -41.49 19.97
N GLN B 96 -6.16 -42.17 21.10
CA GLN B 96 -7.32 -42.52 21.91
C GLN B 96 -8.11 -41.30 22.42
N PRO B 97 -7.42 -40.22 22.82
CA PRO B 97 -8.21 -39.03 23.19
C PRO B 97 -9.00 -38.44 22.02
N ALA B 98 -8.58 -38.73 20.79
CA ALA B 98 -9.27 -38.24 19.61
C ALA B 98 -10.58 -39.01 19.42
N VAL B 99 -10.46 -40.33 19.30
CA VAL B 99 -11.62 -41.22 19.21
C VAL B 99 -12.61 -40.91 20.32
N GLU B 100 -12.05 -40.53 21.47
CA GLU B 100 -12.82 -40.10 22.62
C GLU B 100 -13.70 -38.90 22.33
N ALA B 101 -13.05 -37.77 22.05
CA ALA B 101 -13.71 -36.48 21.93
C ALA B 101 -14.74 -36.43 20.80
N PHE B 102 -14.51 -37.21 19.74
CA PHE B 102 -15.36 -37.13 18.56
C PHE B 102 -16.56 -38.09 18.62
N THR B 103 -16.67 -38.84 19.72
CA THR B 103 -17.81 -39.73 19.90
C THR B 103 -19.01 -38.95 20.42
N ARG B 104 -19.94 -38.63 19.53
CA ARG B 104 -21.03 -37.71 19.86
C ARG B 104 -22.35 -38.17 19.25
N GLY B 105 -23.44 -37.48 19.63
CA GLY B 105 -24.76 -37.75 19.08
C GLY B 105 -25.30 -39.15 19.32
N GLY B 106 -24.82 -39.80 20.37
CA GLY B 106 -25.25 -41.15 20.68
C GLY B 106 -24.81 -42.15 19.63
N ALA B 107 -23.56 -42.03 19.20
CA ALA B 107 -23.01 -42.93 18.19
C ALA B 107 -22.00 -43.90 18.81
N LEU B 108 -21.88 -45.08 18.23
CA LEU B 108 -20.99 -46.10 18.75
C LEU B 108 -19.52 -45.75 18.51
N GLY B 109 -19.28 -44.82 17.59
CA GLY B 109 -17.93 -44.39 17.28
C GLY B 109 -17.82 -42.91 17.00
N PRO B 110 -16.60 -42.41 16.79
CA PRO B 110 -16.36 -41.00 16.48
C PRO B 110 -17.00 -40.59 15.15
N VAL B 111 -17.81 -39.54 15.19
CA VAL B 111 -18.48 -39.07 13.98
C VAL B 111 -18.29 -37.57 13.78
N ASN B 112 -18.79 -37.06 12.66
CA ASN B 112 -18.75 -35.63 12.38
C ASN B 112 -20.14 -35.00 12.52
N ASN B 113 -20.19 -33.87 13.22
CA ASN B 113 -21.44 -33.15 13.44
C ASN B 113 -21.87 -32.37 12.20
N ALA B 114 -22.92 -32.84 11.54
CA ALA B 114 -23.37 -32.25 10.27
C ALA B 114 -23.88 -30.83 10.44
N TYR B 115 -23.37 -29.93 9.59
CA TYR B 115 -23.81 -28.53 9.59
C TYR B 115 -24.32 -28.12 8.22
N SER B 116 -24.83 -29.10 7.46
CA SER B 116 -25.35 -28.85 6.13
C SER B 116 -26.86 -28.63 6.16
N GLY B 117 -27.48 -28.97 7.28
CA GLY B 117 -28.90 -28.79 7.46
C GLY B 117 -29.74 -29.77 6.66
N VAL B 118 -29.14 -30.91 6.32
CA VAL B 118 -29.86 -31.94 5.58
C VAL B 118 -30.91 -32.63 6.44
N TYR B 119 -30.68 -32.66 7.75
CA TYR B 119 -31.61 -33.28 8.69
C TYR B 119 -32.93 -32.52 8.72
N GLN B 120 -32.85 -31.20 8.84
CA GLN B 120 -34.05 -30.36 8.89
C GLN B 120 -34.80 -30.39 7.57
N TRP B 121 -34.06 -30.40 6.47
CA TRP B 121 -34.64 -30.43 5.13
C TRP B 121 -35.40 -31.74 4.90
N TRP B 122 -34.72 -32.86 5.15
CA TRP B 122 -35.30 -34.18 4.93
C TRP B 122 -36.47 -34.46 5.86
N TYR B 123 -36.40 -33.94 7.09
CA TYR B 123 -37.46 -34.14 8.07
C TYR B 123 -38.70 -33.34 7.70
N THR B 124 -38.49 -32.14 7.18
CA THR B 124 -39.58 -31.23 6.84
C THR B 124 -40.39 -31.74 5.65
N ILE B 125 -39.72 -32.41 4.72
CA ILE B 125 -40.39 -32.89 3.51
C ILE B 125 -41.09 -34.22 3.73
N GLY B 126 -40.77 -34.89 4.85
CA GLY B 126 -41.51 -36.08 5.24
C GLY B 126 -40.73 -37.37 5.41
N LEU B 127 -39.41 -37.27 5.53
CA LEU B 127 -38.58 -38.46 5.75
C LEU B 127 -38.47 -38.75 7.24
N ARG B 128 -38.93 -39.92 7.66
CA ARG B 128 -39.02 -40.25 9.08
C ARG B 128 -38.15 -41.43 9.49
N THR B 129 -37.76 -42.27 8.54
CA THR B 129 -36.98 -43.47 8.86
C THR B 129 -35.71 -43.59 8.01
N ASN B 130 -34.80 -44.45 8.45
CA ASN B 130 -33.58 -44.72 7.71
C ASN B 130 -33.89 -45.46 6.40
N GLU B 131 -34.92 -46.31 6.44
CA GLU B 131 -35.37 -47.03 5.27
C GLU B 131 -35.75 -46.09 4.14
N ASP B 132 -36.43 -45.00 4.49
CA ASP B 132 -36.80 -43.97 3.54
C ASP B 132 -35.56 -43.35 2.90
N LEU B 133 -34.53 -43.11 3.71
CA LEU B 133 -33.31 -42.51 3.23
C LEU B 133 -32.57 -43.42 2.24
N TYR B 134 -32.63 -44.73 2.50
CA TYR B 134 -32.00 -45.70 1.62
C TYR B 134 -32.66 -45.74 0.25
N THR B 135 -33.99 -45.79 0.24
CA THR B 135 -34.74 -45.82 -1.01
C THR B 135 -34.45 -44.59 -1.86
N GLY B 136 -34.18 -43.47 -1.20
CA GLY B 136 -33.81 -42.24 -1.90
C GLY B 136 -32.41 -42.37 -2.48
N ALA B 137 -31.50 -42.96 -1.72
CA ALA B 137 -30.13 -43.17 -2.16
C ALA B 137 -30.09 -44.08 -3.38
N ILE B 138 -30.88 -45.15 -3.34
CA ILE B 138 -30.97 -46.08 -4.46
C ILE B 138 -31.56 -45.39 -5.69
N PHE B 139 -32.58 -44.57 -5.46
CA PHE B 139 -33.26 -43.87 -6.55
C PHE B 139 -32.34 -42.83 -7.19
N LEU B 140 -31.52 -42.17 -6.37
CA LEU B 140 -30.58 -41.19 -6.88
C LEU B 140 -29.42 -41.87 -7.60
N LEU B 141 -29.02 -43.01 -7.08
CA LEU B 141 -27.98 -43.82 -7.73
C LEU B 141 -28.45 -44.25 -9.11
N PHE B 142 -29.74 -44.58 -9.19
CA PHE B 142 -30.35 -44.96 -10.46
C PHE B 142 -30.50 -43.74 -11.38
N LEU B 143 -30.84 -42.60 -10.79
CA LEU B 143 -30.94 -41.35 -11.55
C LEU B 143 -29.56 -40.93 -12.04
N SER B 144 -28.52 -41.25 -11.26
CA SER B 144 -27.16 -40.92 -11.62
C SER B 144 -26.70 -41.75 -12.82
N PHE B 145 -27.26 -42.95 -12.95
CA PHE B 145 -26.89 -43.86 -14.03
C PHE B 145 -27.53 -43.46 -15.35
N ILE B 146 -28.83 -43.21 -15.34
CA ILE B 146 -29.55 -42.88 -16.57
C ILE B 146 -29.09 -41.53 -17.13
N SER B 147 -28.47 -40.72 -16.29
CA SER B 147 -27.85 -39.48 -16.75
C SER B 147 -26.64 -39.81 -17.62
N LEU B 148 -25.82 -40.75 -17.16
CA LEU B 148 -24.68 -41.23 -17.92
C LEU B 148 -25.14 -41.94 -19.18
N LEU B 149 -26.24 -42.68 -19.07
CA LEU B 149 -26.81 -43.39 -20.20
C LEU B 149 -27.22 -42.43 -21.30
N ALA B 150 -27.81 -41.31 -20.91
CA ALA B 150 -28.23 -40.28 -21.86
C ALA B 150 -27.02 -39.57 -22.45
N GLY B 151 -26.00 -39.36 -21.62
CA GLY B 151 -24.77 -38.76 -22.08
C GLY B 151 -24.11 -39.62 -23.14
N TRP B 152 -24.05 -40.92 -22.89
CA TRP B 152 -23.50 -41.86 -23.85
C TRP B 152 -24.39 -41.98 -25.08
N LEU B 153 -25.69 -41.87 -24.87
CA LEU B 153 -26.66 -42.08 -25.95
C LEU B 153 -26.57 -41.01 -27.04
N HIS B 154 -26.40 -39.76 -26.62
CA HIS B 154 -26.40 -38.65 -27.57
C HIS B 154 -25.01 -38.39 -28.17
N LEU B 155 -24.02 -39.12 -27.68
CA LEU B 155 -22.70 -39.10 -28.30
C LEU B 155 -22.71 -40.05 -29.49
N GLN B 156 -23.70 -40.93 -29.51
CA GLN B 156 -23.90 -41.84 -30.63
C GLN B 156 -24.49 -41.08 -31.82
N PRO B 157 -24.09 -41.46 -33.04
CA PRO B 157 -24.45 -40.74 -34.27
C PRO B 157 -25.94 -40.78 -34.55
N LYS B 158 -26.59 -41.88 -34.20
CA LYS B 158 -28.00 -42.08 -34.48
C LYS B 158 -28.91 -41.34 -33.50
N TRP B 159 -28.29 -40.63 -32.55
CA TRP B 159 -29.06 -39.88 -31.56
C TRP B 159 -28.50 -38.48 -31.33
N LYS B 160 -27.40 -38.14 -31.98
CA LYS B 160 -26.80 -36.82 -31.82
C LYS B 160 -27.64 -35.75 -32.52
N PRO B 161 -27.82 -34.60 -31.85
CA PRO B 161 -28.63 -33.49 -32.38
C PRO B 161 -27.82 -32.48 -33.19
N SER B 162 -28.45 -31.73 -34.07
CA SER B 162 -27.76 -30.77 -34.90
C SER B 162 -27.54 -29.49 -34.15
N VAL B 163 -26.61 -28.67 -34.61
CA VAL B 163 -26.34 -27.43 -33.93
C VAL B 163 -27.54 -26.55 -33.98
N SER B 164 -28.25 -26.58 -35.08
CA SER B 164 -29.41 -25.77 -35.25
C SER B 164 -30.38 -26.14 -34.17
N TRP B 165 -30.42 -27.41 -33.80
CA TRP B 165 -31.34 -27.85 -32.78
C TRP B 165 -31.02 -27.13 -31.52
N PHE B 166 -29.74 -26.95 -31.25
CA PHE B 166 -29.29 -26.26 -30.06
C PHE B 166 -29.62 -24.79 -30.10
N LYS B 167 -29.60 -24.23 -31.28
CA LYS B 167 -29.88 -22.82 -31.53
C LYS B 167 -31.34 -22.47 -31.68
N ASN B 168 -32.22 -23.42 -31.47
CA ASN B 168 -33.64 -23.16 -31.55
C ASN B 168 -33.86 -22.73 -30.15
N ALA B 169 -33.96 -21.44 -29.94
CA ALA B 169 -34.13 -20.94 -28.61
C ALA B 169 -35.55 -20.76 -28.25
N GLU B 170 -36.34 -20.48 -29.25
CA GLU B 170 -37.73 -20.21 -29.02
C GLU B 170 -38.41 -21.39 -28.38
N SER B 171 -38.05 -22.59 -28.74
CA SER B 171 -38.68 -23.78 -28.19
C SER B 171 -38.11 -24.29 -26.89
N ARG B 172 -36.87 -23.94 -26.61
CA ARG B 172 -36.16 -24.38 -25.41
C ARG B 172 -36.63 -23.55 -24.22
N LEU B 173 -36.96 -22.30 -24.49
CA LEU B 173 -37.55 -21.42 -23.49
C LEU B 173 -38.97 -21.87 -23.17
N ASN B 174 -39.76 -22.15 -24.21
CA ASN B 174 -41.14 -22.58 -24.05
C ASN B 174 -41.27 -23.84 -23.19
N HIS B 175 -40.31 -24.74 -23.30
CA HIS B 175 -40.34 -25.98 -22.53
C HIS B 175 -39.79 -25.79 -21.11
N HIS B 176 -38.69 -25.06 -21.01
CA HIS B 176 -38.05 -24.87 -19.70
C HIS B 176 -38.95 -24.09 -18.75
N LEU B 177 -39.67 -23.11 -19.27
CA LEU B 177 -40.62 -22.36 -18.45
C LEU B 177 -41.83 -23.21 -18.10
N SER B 178 -42.46 -23.77 -19.12
CA SER B 178 -43.70 -24.53 -18.95
C SER B 178 -43.47 -25.88 -18.27
N GLY B 179 -42.37 -26.55 -18.62
CA GLY B 179 -42.11 -27.88 -18.11
C GLY B 179 -41.10 -27.94 -16.97
N LEU B 180 -39.88 -27.51 -17.25
CA LEU B 180 -38.78 -27.61 -16.28
C LEU B 180 -39.06 -26.81 -15.00
N PHE B 181 -39.62 -25.62 -15.16
CA PHE B 181 -39.94 -24.77 -14.02
C PHE B 181 -41.35 -25.03 -13.49
N GLY B 182 -42.34 -24.93 -14.38
CA GLY B 182 -43.74 -25.05 -14.00
C GLY B 182 -44.14 -26.39 -13.44
N VAL B 183 -43.94 -27.45 -14.21
CA VAL B 183 -44.38 -28.79 -13.84
C VAL B 183 -43.67 -29.29 -12.58
N SER B 184 -42.36 -29.08 -12.52
CA SER B 184 -41.56 -29.54 -11.39
C SER B 184 -42.00 -28.86 -10.10
N SER B 185 -42.39 -27.60 -10.21
CA SER B 185 -42.94 -26.86 -9.07
C SER B 185 -44.32 -27.40 -8.71
N LEU B 186 -45.10 -27.73 -9.74
CA LEU B 186 -46.42 -28.31 -9.55
C LEU B 186 -46.33 -29.69 -8.91
N ALA B 187 -45.36 -30.49 -9.37
CA ALA B 187 -45.15 -31.82 -8.85
C ALA B 187 -44.72 -31.76 -7.38
N TRP B 188 -43.96 -30.74 -7.03
CA TRP B 188 -43.50 -30.57 -5.66
C TRP B 188 -44.66 -30.23 -4.73
N ALA B 189 -45.57 -29.40 -5.24
CA ALA B 189 -46.77 -29.04 -4.47
C ALA B 189 -47.61 -30.29 -4.19
N GLY B 190 -47.48 -31.28 -5.05
CA GLY B 190 -48.15 -32.55 -4.87
C GLY B 190 -47.54 -33.36 -3.74
N HIS B 191 -46.22 -33.41 -3.71
CA HIS B 191 -45.50 -34.10 -2.65
C HIS B 191 -45.79 -33.46 -1.29
N LEU B 192 -45.94 -32.13 -1.29
CA LEU B 192 -46.20 -31.40 -0.07
C LEU B 192 -47.57 -31.75 0.50
N VAL B 193 -48.59 -31.77 -0.35
CA VAL B 193 -49.96 -32.02 0.11
C VAL B 193 -50.25 -33.51 0.34
N HIS B 194 -49.45 -34.38 -0.26
CA HIS B 194 -49.65 -35.82 -0.13
C HIS B 194 -48.81 -36.42 0.99
N VAL B 195 -47.59 -35.93 1.13
CA VAL B 195 -46.64 -36.55 2.03
C VAL B 195 -46.12 -35.61 3.11
N ALA B 196 -45.60 -34.46 2.70
CA ALA B 196 -44.98 -33.52 3.64
C ALA B 196 -45.97 -33.03 4.67
N ILE B 197 -47.08 -32.44 4.21
CA ILE B 197 -48.10 -31.94 5.12
C ILE B 197 -48.75 -33.06 5.95
N PRO B 198 -49.21 -34.16 5.31
CA PRO B 198 -49.78 -35.22 6.16
C PRO B 198 -48.73 -35.89 7.05
N GLY B 199 -47.49 -35.98 6.56
CA GLY B 199 -46.40 -36.51 7.36
C GLY B 199 -46.12 -35.59 8.53
N SER B 200 -46.36 -34.30 8.32
CA SER B 200 -46.15 -33.31 9.37
C SER B 200 -47.21 -33.45 10.42
N ARG B 201 -48.46 -33.59 9.99
CA ARG B 201 -49.58 -33.74 10.89
C ARG B 201 -49.51 -35.03 11.70
N GLY B 202 -49.06 -36.11 11.07
CA GLY B 202 -48.92 -37.37 11.80
C GLY B 202 -49.16 -38.67 11.05
N GLU B 203 -49.68 -38.59 9.82
CA GLU B 203 -49.95 -39.80 9.08
C GLU B 203 -48.76 -40.14 8.20
N TYR B 204 -48.40 -41.43 8.11
CA TYR B 204 -47.27 -41.77 7.24
C TYR B 204 -47.76 -42.19 5.86
N VAL B 205 -47.75 -41.24 4.93
CA VAL B 205 -48.22 -41.51 3.57
C VAL B 205 -47.06 -41.86 2.63
N ARG B 206 -46.95 -43.14 2.29
CA ARG B 206 -45.86 -43.62 1.44
C ARG B 206 -46.40 -44.41 0.26
N TRP B 207 -45.50 -45.00 -0.53
CA TRP B 207 -45.86 -45.66 -1.78
C TRP B 207 -46.86 -46.80 -1.61
N ASN B 208 -46.84 -47.46 -0.46
CA ASN B 208 -47.72 -48.59 -0.22
C ASN B 208 -49.08 -48.21 0.35
N ASN B 209 -49.34 -46.91 0.48
CA ASN B 209 -50.64 -46.45 0.95
C ASN B 209 -51.06 -45.07 0.43
N PHE B 210 -50.23 -44.45 -0.39
CA PHE B 210 -50.52 -43.10 -0.89
C PHE B 210 -51.69 -43.10 -1.85
N LEU B 211 -51.97 -44.27 -2.43
CA LEU B 211 -53.03 -44.41 -3.41
C LEU B 211 -54.40 -44.41 -2.75
N ASP B 212 -54.45 -44.80 -1.47
CA ASP B 212 -55.70 -44.99 -0.76
C ASP B 212 -55.97 -43.93 0.32
N VAL B 213 -55.12 -42.91 0.39
CA VAL B 213 -55.27 -41.89 1.43
C VAL B 213 -55.50 -40.50 0.85
N LEU B 214 -56.69 -39.95 1.10
CA LEU B 214 -57.04 -38.61 0.64
C LEU B 214 -56.15 -37.55 1.28
N PRO B 215 -55.61 -36.63 0.45
CA PRO B 215 -54.83 -35.49 0.94
C PRO B 215 -55.73 -34.48 1.64
N TYR B 216 -57.01 -34.53 1.31
CA TYR B 216 -58.02 -33.65 1.91
C TYR B 216 -59.33 -34.41 2.06
N PRO B 217 -60.05 -34.16 3.17
CA PRO B 217 -61.36 -34.78 3.42
C PRO B 217 -62.30 -34.68 2.23
N GLN B 218 -62.57 -33.46 1.78
CA GLN B 218 -63.36 -33.25 0.57
C GLN B 218 -62.59 -33.78 -0.64
N GLY B 219 -63.32 -34.20 -1.67
CA GLY B 219 -62.69 -34.81 -2.84
C GLY B 219 -61.84 -33.85 -3.65
N LEU B 220 -61.43 -34.30 -4.83
CA LEU B 220 -60.67 -33.46 -5.75
C LEU B 220 -61.63 -32.49 -6.43
N GLY B 221 -62.92 -32.76 -6.28
CA GLY B 221 -63.98 -31.94 -6.84
C GLY B 221 -63.90 -30.43 -6.69
N PRO B 222 -63.85 -29.92 -5.43
CA PRO B 222 -63.81 -28.48 -5.15
C PRO B 222 -62.82 -27.71 -6.02
N LEU B 223 -61.68 -28.33 -6.33
CA LEU B 223 -60.74 -27.75 -7.27
C LEU B 223 -61.38 -27.61 -8.66
N LEU B 224 -61.95 -28.70 -9.15
CA LEU B 224 -62.54 -28.71 -10.49
C LEU B 224 -63.84 -27.91 -10.55
N THR B 225 -64.57 -27.85 -9.45
CA THR B 225 -65.80 -27.06 -9.41
C THR B 225 -65.49 -25.58 -9.51
N GLY B 226 -64.44 -25.15 -8.85
CA GLY B 226 -64.02 -23.76 -8.87
C GLY B 226 -63.82 -23.16 -7.51
N GLN B 227 -64.54 -23.67 -6.51
CA GLN B 227 -64.43 -23.17 -5.15
C GLN B 227 -63.23 -23.78 -4.44
N TRP B 228 -62.16 -22.99 -4.34
CA TRP B 228 -60.88 -23.49 -3.84
C TRP B 228 -60.60 -23.03 -2.41
N ASN B 229 -61.47 -22.17 -1.89
CA ASN B 229 -61.36 -21.69 -0.51
C ASN B 229 -61.50 -22.83 0.49
N LEU B 230 -62.19 -23.89 0.07
CA LEU B 230 -62.38 -25.07 0.90
C LEU B 230 -61.06 -25.71 1.28
N TYR B 231 -59.99 -25.35 0.57
CA TYR B 231 -58.66 -25.84 0.87
C TYR B 231 -57.96 -24.99 1.92
N ALA B 232 -58.69 -24.09 2.56
CA ALA B 232 -58.10 -23.19 3.55
C ALA B 232 -59.01 -22.95 4.74
N GLN B 233 -60.06 -23.76 4.86
CA GLN B 233 -61.03 -23.60 5.93
C GLN B 233 -60.47 -24.00 7.29
N ASN B 234 -59.82 -25.16 7.32
CA ASN B 234 -59.26 -25.74 8.52
C ASN B 234 -57.74 -25.82 8.63
N PRO B 235 -57.10 -24.62 8.90
CA PRO B 235 -55.62 -24.73 8.97
C PRO B 235 -55.11 -25.25 10.31
N SER B 236 -53.82 -25.55 10.37
CA SER B 236 -53.20 -26.05 11.58
C SER B 236 -53.26 -25.02 12.70
N SER B 237 -53.49 -25.48 13.93
CA SER B 237 -53.58 -24.62 15.09
C SER B 237 -52.21 -24.02 15.41
N SER B 238 -52.21 -22.83 16.01
CA SER B 238 -50.95 -22.19 16.34
C SER B 238 -50.15 -23.06 17.30
N ASN B 239 -50.83 -23.61 18.30
CA ASN B 239 -50.15 -24.49 19.24
C ASN B 239 -50.19 -25.90 18.71
N HIS B 240 -49.38 -26.16 17.68
CA HIS B 240 -49.33 -27.47 17.05
C HIS B 240 -47.96 -28.12 17.20
N LEU B 241 -47.95 -29.40 17.50
CA LEU B 241 -46.69 -30.12 17.67
C LEU B 241 -46.39 -30.83 16.36
N PHE B 242 -45.23 -30.54 15.79
CA PHE B 242 -44.85 -31.14 14.53
C PHE B 242 -44.69 -32.65 14.65
N GLY B 243 -45.19 -33.36 13.64
CA GLY B 243 -45.11 -34.81 13.63
C GLY B 243 -46.15 -35.39 14.57
N THR B 244 -47.02 -34.53 15.08
CA THR B 244 -48.06 -34.94 16.01
C THR B 244 -49.41 -34.49 15.53
N THR B 245 -50.41 -35.37 15.60
CA THR B 245 -51.74 -34.99 15.15
C THR B 245 -52.42 -34.25 16.29
N GLN B 246 -51.83 -33.14 16.69
CA GLN B 246 -52.39 -32.31 17.74
C GLN B 246 -52.60 -30.93 17.14
N GLY B 247 -53.82 -30.41 17.25
CA GLY B 247 -54.11 -29.10 16.71
C GLY B 247 -53.75 -29.05 15.24
N ALA B 248 -54.06 -30.12 14.53
CA ALA B 248 -53.76 -30.19 13.10
C ALA B 248 -55.04 -30.01 12.29
N GLY B 249 -55.03 -29.03 11.40
CA GLY B 249 -56.19 -28.74 10.58
C GLY B 249 -56.36 -29.73 9.46
N THR B 250 -57.04 -29.31 8.39
CA THR B 250 -57.25 -30.19 7.25
C THR B 250 -56.77 -29.52 5.97
N ALA B 251 -56.80 -28.19 5.98
CA ALA B 251 -56.39 -27.37 4.84
C ALA B 251 -55.02 -27.77 4.28
N ILE B 252 -54.91 -27.75 2.95
CA ILE B 252 -53.65 -28.10 2.30
C ILE B 252 -53.07 -26.90 1.55
N LEU B 253 -53.81 -25.80 1.52
CA LEU B 253 -53.37 -24.59 0.83
C LEU B 253 -53.78 -23.33 1.59
N THR B 254 -52.81 -22.62 2.15
CA THR B 254 -53.09 -21.40 2.89
C THR B 254 -52.14 -20.25 2.54
N ILE B 255 -52.29 -19.12 3.23
CA ILE B 255 -51.46 -17.95 3.02
C ILE B 255 -51.16 -17.27 4.36
N LEU B 256 -51.35 -18.02 5.42
CA LEU B 256 -51.20 -17.54 6.81
C LEU B 256 -50.03 -16.57 6.99
N GLY B 257 -48.91 -16.86 6.36
CA GLY B 257 -47.72 -16.06 6.52
C GLY B 257 -47.12 -16.29 7.90
N GLY B 258 -46.05 -15.59 8.21
CA GLY B 258 -45.39 -15.75 9.50
C GLY B 258 -44.81 -17.14 9.67
N PHE B 259 -44.58 -17.53 10.92
CA PHE B 259 -43.93 -18.81 11.19
C PHE B 259 -44.77 -19.75 12.06
N HIS B 260 -44.60 -21.04 11.80
CA HIS B 260 -45.06 -22.09 12.69
C HIS B 260 -44.32 -21.92 14.02
N PRO B 261 -45.05 -21.55 15.08
CA PRO B 261 -44.47 -21.09 16.35
C PRO B 261 -43.53 -22.09 17.01
N GLN B 262 -43.81 -23.38 16.92
CA GLN B 262 -42.95 -24.37 17.55
C GLN B 262 -41.66 -24.57 16.76
N THR B 263 -41.78 -24.67 15.45
CA THR B 263 -40.63 -24.97 14.60
C THR B 263 -39.85 -23.72 14.20
N GLN B 264 -40.48 -22.56 14.33
CA GLN B 264 -39.94 -21.29 13.86
C GLN B 264 -39.68 -21.31 12.37
N SER B 265 -40.47 -22.09 11.63
CA SER B 265 -40.33 -22.20 10.19
C SER B 265 -41.62 -21.80 9.49
N LEU B 266 -41.54 -21.60 8.18
CA LEU B 266 -42.71 -21.25 7.39
C LEU B 266 -43.70 -22.42 7.33
N TRP B 267 -44.97 -22.11 7.22
CA TRP B 267 -46.01 -23.13 7.15
C TRP B 267 -45.90 -23.94 5.86
N LEU B 268 -46.05 -25.26 5.97
CA LEU B 268 -46.01 -26.13 4.81
C LEU B 268 -47.18 -25.83 3.86
N THR B 269 -48.31 -25.45 4.45
CA THR B 269 -49.50 -25.11 3.68
C THR B 269 -49.25 -23.87 2.82
N ASP B 270 -48.43 -22.96 3.31
CA ASP B 270 -48.06 -21.76 2.56
C ASP B 270 -47.18 -22.13 1.37
N MET B 271 -46.34 -23.14 1.55
CA MET B 271 -45.41 -23.57 0.51
C MET B 271 -46.09 -24.39 -0.57
N ALA B 272 -46.96 -25.31 -0.15
CA ALA B 272 -47.75 -26.10 -1.09
C ALA B 272 -48.59 -25.17 -1.95
N HIS B 273 -48.93 -24.02 -1.38
CA HIS B 273 -49.67 -23.00 -2.07
C HIS B 273 -48.78 -22.15 -2.95
N HIS B 274 -47.58 -21.87 -2.45
CA HIS B 274 -46.60 -21.06 -3.16
C HIS B 274 -46.21 -21.67 -4.51
N HIS B 275 -45.75 -22.92 -4.47
CA HIS B 275 -45.30 -23.61 -5.67
C HIS B 275 -46.44 -23.81 -6.65
N LEU B 276 -47.63 -24.05 -6.14
CA LEU B 276 -48.76 -24.24 -7.01
C LEU B 276 -49.00 -22.92 -7.69
N ALA B 277 -48.87 -21.84 -6.95
CA ALA B 277 -49.09 -20.52 -7.51
C ALA B 277 -48.13 -20.11 -8.60
N ILE B 278 -46.86 -20.32 -8.36
CA ILE B 278 -45.81 -19.99 -9.30
C ILE B 278 -45.75 -20.92 -10.48
N ALA B 279 -46.26 -22.12 -10.33
CA ALA B 279 -46.23 -23.08 -11.40
C ALA B 279 -47.02 -22.54 -12.57
N PHE B 280 -48.13 -21.92 -12.28
CA PHE B 280 -48.98 -21.37 -13.30
C PHE B 280 -48.37 -20.27 -14.12
N LEU B 281 -47.70 -19.35 -13.47
CA LEU B 281 -47.11 -18.26 -14.19
C LEU B 281 -46.12 -18.87 -15.14
N PHE B 282 -45.34 -19.82 -14.64
CA PHE B 282 -44.36 -20.48 -15.47
C PHE B 282 -45.05 -21.27 -16.55
N LEU B 283 -46.15 -21.93 -16.21
CA LEU B 283 -46.85 -22.71 -17.21
C LEU B 283 -47.41 -21.88 -18.32
N ILE B 284 -48.07 -20.78 -18.00
CA ILE B 284 -48.60 -19.93 -19.05
C ILE B 284 -47.46 -19.24 -19.78
N GLY B 285 -46.48 -18.79 -19.03
CA GLY B 285 -45.35 -18.11 -19.62
C GLY B 285 -44.56 -18.95 -20.59
N GLY B 286 -44.58 -20.26 -20.43
CA GLY B 286 -43.85 -21.13 -21.34
C GLY B 286 -44.60 -21.39 -22.63
N LEU B 287 -45.50 -20.48 -22.97
CA LEU B 287 -46.30 -20.60 -24.19
C LEU B 287 -46.30 -19.27 -24.93
N MET B 288 -45.21 -18.54 -24.78
CA MET B 288 -45.10 -17.19 -25.32
C MET B 288 -44.49 -17.15 -26.71
N TYR B 289 -43.45 -17.94 -26.89
CA TYR B 289 -42.72 -18.00 -28.13
C TYR B 289 -43.18 -19.08 -29.07
N ARG B 290 -43.01 -18.82 -30.35
CA ARG B 290 -43.43 -19.70 -31.41
C ARG B 290 -42.62 -20.94 -31.61
N THR B 291 -43.30 -22.04 -31.87
CA THR B 291 -42.70 -23.33 -32.10
C THR B 291 -43.25 -23.85 -33.41
N ASN B 292 -43.88 -25.01 -33.40
CA ASN B 292 -44.41 -25.57 -34.62
C ASN B 292 -45.88 -25.48 -34.88
N PHE B 293 -46.63 -24.83 -34.02
CA PHE B 293 -48.08 -24.77 -34.18
C PHE B 293 -48.75 -23.53 -34.73
N GLY B 294 -48.00 -22.58 -35.25
CA GLY B 294 -48.59 -21.40 -35.83
C GLY B 294 -48.93 -20.22 -34.97
N ILE B 295 -48.69 -20.31 -33.68
CA ILE B 295 -48.95 -19.19 -32.81
C ILE B 295 -47.75 -19.04 -31.93
N GLY B 296 -47.54 -17.82 -31.45
CA GLY B 296 -46.45 -17.52 -30.55
C GLY B 296 -45.57 -16.39 -31.05
N HIS B 297 -44.53 -16.04 -30.33
CA HIS B 297 -43.69 -14.92 -30.72
C HIS B 297 -42.39 -15.29 -31.35
N SER B 298 -41.69 -14.26 -31.80
CA SER B 298 -40.38 -14.41 -32.39
C SER B 298 -39.55 -13.50 -31.56
N ILE B 299 -38.55 -14.03 -30.89
CA ILE B 299 -37.72 -13.22 -30.04
C ILE B 299 -36.99 -12.20 -30.84
N LYS B 300 -36.42 -12.63 -31.95
CA LYS B 300 -35.67 -11.71 -32.80
C LYS B 300 -36.47 -10.45 -33.08
N TYR B 301 -37.69 -10.61 -33.61
CA TYR B 301 -38.49 -9.48 -34.05
C TYR B 301 -38.83 -8.50 -32.93
N ILE B 302 -39.04 -9.03 -31.73
CA ILE B 302 -39.32 -8.19 -30.57
C ILE B 302 -38.09 -7.34 -30.26
N LEU B 303 -36.91 -7.94 -30.39
CA LEU B 303 -35.66 -7.22 -30.19
C LEU B 303 -35.44 -6.19 -31.29
N GLU B 304 -35.85 -6.51 -32.50
CA GLU B 304 -35.71 -5.60 -33.64
C GLU B 304 -36.61 -4.38 -33.46
N ALA B 305 -37.86 -4.63 -33.05
CA ALA B 305 -38.87 -3.58 -32.99
C ALA B 305 -38.62 -2.57 -31.87
N HIS B 306 -37.78 -2.94 -30.91
CA HIS B 306 -37.52 -2.06 -29.78
C HIS B 306 -36.44 -1.03 -30.08
N ILE B 307 -36.75 -0.12 -30.98
CA ILE B 307 -35.86 0.99 -31.29
C ILE B 307 -36.55 2.31 -30.99
N PRO B 308 -36.10 3.01 -29.93
CA PRO B 308 -36.64 4.33 -29.62
C PRO B 308 -36.30 5.32 -30.74
N PRO B 309 -37.39 5.92 -31.32
CA PRO B 309 -37.04 6.86 -32.38
C PRO B 309 -36.26 8.00 -31.85
N GLY B 310 -35.73 8.79 -32.76
CA GLY B 310 -34.93 9.95 -32.41
C GLY B 310 -33.95 9.59 -31.35
N GLY B 311 -32.93 8.84 -31.72
CA GLY B 311 -31.89 8.39 -30.80
C GLY B 311 -32.62 7.71 -29.66
N ARG B 312 -31.96 7.50 -28.54
CA ARG B 312 -30.56 7.81 -28.35
C ARG B 312 -29.82 6.51 -28.09
N LEU B 313 -30.43 5.41 -28.48
CA LEU B 313 -29.87 4.11 -28.29
C LEU B 313 -29.43 3.53 -29.60
N GLY B 314 -29.63 4.26 -30.68
CA GLY B 314 -29.21 3.80 -31.98
C GLY B 314 -30.08 2.73 -32.57
N ARG B 315 -29.46 1.66 -33.02
CA ARG B 315 -30.21 0.61 -33.67
C ARG B 315 -30.95 -0.27 -32.71
N GLY B 316 -30.91 0.06 -31.44
CA GLY B 316 -31.60 -0.67 -30.39
C GLY B 316 -31.01 -2.05 -30.16
N HIS B 317 -31.81 -3.09 -30.43
CA HIS B 317 -31.39 -4.46 -30.19
C HIS B 317 -31.42 -5.29 -31.46
N LYS B 318 -31.19 -4.65 -32.60
CA LYS B 318 -31.23 -5.35 -33.88
C LYS B 318 -29.95 -6.15 -34.10
N GLY B 319 -30.12 -7.43 -34.45
CA GLY B 319 -28.99 -8.32 -34.66
C GLY B 319 -28.46 -8.86 -33.35
N LEU B 320 -29.05 -8.42 -32.25
CA LEU B 320 -28.61 -8.82 -30.92
C LEU B 320 -29.03 -10.25 -30.63
N TYR B 321 -30.13 -10.67 -31.25
CA TYR B 321 -30.62 -12.04 -31.13
C TYR B 321 -29.56 -13.04 -31.59
N ASP B 322 -29.02 -12.80 -32.78
CA ASP B 322 -28.05 -13.71 -33.37
C ASP B 322 -26.69 -13.63 -32.67
N THR B 323 -26.39 -12.50 -32.05
CA THR B 323 -25.13 -12.34 -31.35
C THR B 323 -25.10 -13.21 -30.09
N ILE B 324 -26.26 -13.36 -29.46
CA ILE B 324 -26.39 -14.16 -28.25
C ILE B 324 -26.48 -15.65 -28.56
N ASN B 325 -27.31 -16.00 -29.53
CA ASN B 325 -27.56 -17.39 -29.86
C ASN B 325 -26.36 -18.07 -30.53
N ASN B 326 -25.53 -17.28 -31.19
CA ASN B 326 -24.32 -17.82 -31.83
C ASN B 326 -23.13 -17.84 -30.88
N SER B 327 -23.26 -17.18 -29.74
CA SER B 327 -22.19 -17.12 -28.76
C SER B 327 -22.62 -17.70 -27.41
N ILE B 328 -22.09 -18.86 -27.07
CA ILE B 328 -22.47 -19.54 -25.85
C ILE B 328 -21.72 -18.99 -24.63
N HIS B 329 -20.80 -18.05 -24.87
CA HIS B 329 -20.12 -17.36 -23.79
C HIS B 329 -21.00 -16.23 -23.26
N PHE B 330 -21.71 -15.56 -24.18
CA PHE B 330 -22.70 -14.56 -23.81
C PHE B 330 -23.77 -15.21 -22.96
N GLN B 331 -24.27 -16.35 -23.44
CA GLN B 331 -25.32 -17.08 -22.75
C GLN B 331 -24.91 -17.50 -21.34
N LEU B 332 -23.69 -18.00 -21.21
CA LEU B 332 -23.18 -18.45 -19.92
C LEU B 332 -22.98 -17.28 -18.96
N GLY B 333 -22.41 -16.20 -19.46
CA GLY B 333 -22.22 -15.00 -18.66
C GLY B 333 -23.55 -14.42 -18.24
N LEU B 334 -24.54 -14.57 -19.10
CA LEU B 334 -25.89 -14.10 -18.83
C LEU B 334 -26.58 -15.00 -17.81
N ALA B 335 -26.24 -16.29 -17.86
CA ALA B 335 -26.81 -17.28 -16.96
C ALA B 335 -26.20 -17.19 -15.57
N LEU B 336 -24.87 -17.10 -15.51
CA LEU B 336 -24.16 -16.95 -14.24
C LEU B 336 -24.61 -15.70 -13.52
N ALA B 337 -24.82 -14.63 -14.29
CA ALA B 337 -25.26 -13.36 -13.74
C ALA B 337 -26.60 -13.49 -13.02
N SER B 338 -27.56 -14.13 -13.67
CA SER B 338 -28.87 -14.32 -13.10
C SER B 338 -28.83 -15.31 -11.94
N LEU B 339 -28.10 -16.41 -12.14
CA LEU B 339 -27.95 -17.42 -11.10
C LEU B 339 -27.22 -16.86 -9.88
N GLY B 340 -26.21 -16.05 -10.14
CA GLY B 340 -25.42 -15.44 -9.08
C GLY B 340 -26.26 -14.50 -8.23
N VAL B 341 -27.18 -13.79 -8.85
CA VAL B 341 -28.05 -12.87 -8.13
C VAL B 341 -29.00 -13.61 -7.19
N ILE B 342 -29.67 -14.63 -7.72
CA ILE B 342 -30.63 -15.36 -6.91
C ILE B 342 -29.95 -16.33 -5.95
N THR B 343 -28.65 -16.54 -6.13
CA THR B 343 -27.89 -17.35 -5.19
C THR B 343 -27.79 -16.61 -3.86
N SER B 344 -27.59 -15.31 -3.94
CA SER B 344 -27.61 -14.45 -2.76
C SER B 344 -29.04 -14.31 -2.25
N LEU B 345 -29.99 -14.27 -3.17
CA LEU B 345 -31.41 -14.18 -2.83
C LEU B 345 -31.82 -15.39 -2.00
N VAL B 346 -31.16 -16.52 -2.25
CA VAL B 346 -31.36 -17.71 -1.44
C VAL B 346 -30.79 -17.47 -0.05
N ALA B 347 -29.56 -16.97 0.02
CA ALA B 347 -28.88 -16.73 1.29
C ALA B 347 -29.65 -15.74 2.16
N GLN B 348 -30.14 -14.66 1.54
CA GLN B 348 -30.83 -13.61 2.28
C GLN B 348 -32.21 -14.06 2.77
N HIS B 349 -32.87 -14.91 2.00
CA HIS B 349 -34.24 -15.29 2.31
C HIS B 349 -34.32 -16.57 3.15
N MET B 350 -33.20 -17.27 3.28
CA MET B 350 -33.19 -18.54 4.00
C MET B 350 -32.77 -18.39 5.45
N TYR B 351 -32.23 -17.24 5.81
CA TYR B 351 -31.91 -16.97 7.20
C TYR B 351 -33.00 -16.08 7.79
N SER B 352 -33.64 -15.30 6.92
CA SER B 352 -34.74 -14.44 7.32
C SER B 352 -36.04 -15.23 7.35
N LEU B 353 -36.19 -16.12 6.39
CA LEU B 353 -37.39 -16.95 6.29
C LEU B 353 -37.01 -18.44 6.22
N PRO B 354 -36.68 -19.04 7.38
CA PRO B 354 -36.34 -20.46 7.46
C PRO B 354 -37.47 -21.33 6.92
N ALA B 355 -37.12 -22.26 6.04
CA ALA B 355 -38.12 -23.08 5.37
C ALA B 355 -38.29 -24.43 6.03
N TYR B 356 -37.26 -24.88 6.74
CA TYR B 356 -37.25 -26.21 7.32
C TYR B 356 -37.44 -26.17 8.83
N ALA B 357 -38.00 -27.25 9.37
CA ALA B 357 -38.30 -27.31 10.80
C ALA B 357 -37.03 -27.45 11.63
N PHE B 358 -36.96 -26.68 12.72
CA PHE B 358 -35.86 -26.73 13.67
C PHE B 358 -34.50 -26.39 13.05
N ILE B 359 -34.49 -25.52 12.05
CA ILE B 359 -33.25 -25.07 11.43
C ILE B 359 -32.84 -23.72 12.02
N ALA B 360 -33.81 -22.96 12.50
CA ALA B 360 -33.57 -21.62 13.02
C ALA B 360 -32.82 -21.66 14.34
N GLN B 361 -32.98 -22.75 15.08
CA GLN B 361 -32.33 -22.89 16.38
C GLN B 361 -30.91 -23.45 16.24
N ASP B 362 -30.64 -24.11 15.12
CA ASP B 362 -29.30 -24.62 14.85
C ASP B 362 -28.43 -23.48 14.31
N PHE B 363 -27.87 -22.70 15.23
CA PHE B 363 -27.17 -21.47 14.88
C PHE B 363 -25.90 -21.70 14.06
N THR B 364 -25.24 -22.83 14.28
CA THR B 364 -24.02 -23.15 13.52
C THR B 364 -24.37 -23.44 12.07
N THR B 365 -25.50 -24.11 11.87
CA THR B 365 -25.95 -24.46 10.53
C THR B 365 -26.40 -23.22 9.76
N GLN B 366 -27.13 -22.34 10.44
CA GLN B 366 -27.62 -21.11 9.82
C GLN B 366 -26.49 -20.22 9.35
N ALA B 367 -25.45 -20.09 10.18
CA ALA B 367 -24.28 -19.28 9.82
C ALA B 367 -23.53 -19.90 8.66
N ALA B 368 -23.37 -21.21 8.70
CA ALA B 368 -22.65 -21.95 7.67
C ALA B 368 -23.30 -21.79 6.30
N LEU B 369 -24.61 -22.03 6.24
CA LEU B 369 -25.36 -21.97 4.99
C LEU B 369 -25.30 -20.60 4.34
N TYR B 370 -25.48 -19.55 5.13
CA TYR B 370 -25.42 -18.19 4.61
C TYR B 370 -24.03 -17.91 4.06
N THR B 371 -23.01 -18.18 4.87
CA THR B 371 -21.63 -17.97 4.47
C THR B 371 -21.27 -18.82 3.25
N HIS B 372 -21.82 -20.03 3.22
CA HIS B 372 -21.65 -20.94 2.09
C HIS B 372 -22.10 -20.30 0.79
N HIS B 373 -23.38 -19.94 0.73
CA HIS B 373 -23.99 -19.44 -0.50
C HIS B 373 -23.46 -18.08 -0.94
N GLN B 374 -23.04 -17.25 0.01
CA GLN B 374 -22.52 -15.93 -0.34
C GLN B 374 -21.19 -16.03 -1.07
N TYR B 375 -20.37 -17.00 -0.68
CA TYR B 375 -19.11 -17.24 -1.37
C TYR B 375 -19.36 -17.93 -2.70
N ILE B 376 -20.37 -18.80 -2.74
CA ILE B 376 -20.77 -19.43 -3.99
C ILE B 376 -21.32 -18.36 -4.93
N ALA B 377 -22.20 -17.51 -4.40
CA ALA B 377 -22.74 -16.40 -5.19
C ALA B 377 -21.63 -15.45 -5.63
N GLY B 378 -20.63 -15.28 -4.76
CA GLY B 378 -19.51 -14.43 -5.05
C GLY B 378 -18.74 -14.88 -6.29
N PHE B 379 -18.26 -16.12 -6.26
CA PHE B 379 -17.47 -16.66 -7.36
C PHE B 379 -18.26 -16.69 -8.67
N ILE B 380 -19.55 -17.00 -8.59
CA ILE B 380 -20.41 -17.04 -9.77
C ILE B 380 -20.46 -15.68 -10.45
N MET B 381 -20.55 -14.61 -9.65
CA MET B 381 -20.59 -13.26 -10.21
C MET B 381 -19.31 -12.92 -10.96
N THR B 382 -18.17 -13.38 -10.45
CA THR B 382 -16.90 -13.13 -11.11
C THR B 382 -16.78 -13.91 -12.42
N GLY B 383 -17.59 -14.97 -12.54
CA GLY B 383 -17.59 -15.78 -13.74
C GLY B 383 -18.46 -15.17 -14.83
N ALA B 384 -19.59 -14.60 -14.41
CA ALA B 384 -20.46 -13.87 -15.32
C ALA B 384 -19.73 -12.69 -15.93
N PHE B 385 -18.88 -12.07 -15.11
CA PHE B 385 -18.06 -10.95 -15.55
C PHE B 385 -16.79 -11.41 -16.25
N ALA B 386 -16.57 -12.73 -16.30
CA ALA B 386 -15.38 -13.28 -16.93
C ALA B 386 -15.68 -13.76 -18.34
N HIS B 387 -16.83 -14.40 -18.52
CA HIS B 387 -17.25 -14.86 -19.83
C HIS B 387 -17.69 -13.68 -20.69
N GLY B 388 -17.90 -12.54 -20.04
CA GLY B 388 -18.18 -11.30 -20.73
C GLY B 388 -17.09 -10.87 -21.70
N PRO B 389 -15.88 -10.64 -21.19
CA PRO B 389 -14.71 -10.32 -22.03
C PRO B 389 -14.44 -11.38 -23.08
N ILE B 390 -14.58 -12.65 -22.72
CA ILE B 390 -14.34 -13.76 -23.64
C ILE B 390 -15.29 -13.68 -24.82
N PHE B 391 -16.52 -13.24 -24.56
CA PHE B 391 -17.48 -12.99 -25.63
C PHE B 391 -16.98 -11.91 -26.58
N PHE B 392 -16.45 -10.83 -26.01
CA PHE B 392 -15.94 -9.71 -26.79
C PHE B 392 -14.76 -10.10 -27.67
N ILE B 393 -13.89 -10.94 -27.13
CA ILE B 393 -12.66 -11.31 -27.83
C ILE B 393 -12.89 -12.40 -28.88
N ARG B 394 -13.66 -13.41 -28.53
CA ARG B 394 -13.77 -14.61 -29.36
C ARG B 394 -15.01 -14.67 -30.25
N ASP B 395 -16.11 -14.05 -29.81
CA ASP B 395 -17.38 -14.22 -30.53
C ASP B 395 -18.05 -12.93 -30.97
N TYR B 396 -17.44 -11.79 -30.64
CA TYR B 396 -18.07 -10.50 -30.94
C TYR B 396 -17.81 -10.04 -32.37
N ASN B 397 -18.90 -9.81 -33.10
CA ASN B 397 -18.81 -9.30 -34.46
C ASN B 397 -19.27 -7.84 -34.49
N PRO B 398 -18.30 -6.91 -34.53
CA PRO B 398 -18.56 -5.46 -34.49
C PRO B 398 -19.51 -4.98 -35.59
N GLU B 399 -19.37 -5.53 -36.79
CA GLU B 399 -20.17 -5.08 -37.93
C GLU B 399 -21.62 -5.53 -37.81
N GLN B 400 -21.82 -6.78 -37.40
CA GLN B 400 -23.17 -7.33 -37.24
C GLN B 400 -23.90 -6.67 -36.08
N ASN B 401 -23.14 -5.99 -35.21
CA ASN B 401 -23.71 -5.28 -34.08
C ASN B 401 -23.54 -3.77 -34.24
N ALA B 402 -23.69 -3.29 -35.48
CA ALA B 402 -23.43 -1.89 -35.79
C ALA B 402 -24.39 -0.93 -35.10
N ASP B 403 -23.84 -0.11 -34.21
CA ASP B 403 -24.57 0.96 -33.55
C ASP B 403 -25.78 0.49 -32.74
N ASN B 404 -25.70 -0.71 -32.17
CA ASN B 404 -26.74 -1.17 -31.25
C ASN B 404 -26.29 -0.97 -29.81
N VAL B 405 -27.19 -1.24 -28.87
CA VAL B 405 -26.94 -1.00 -27.45
C VAL B 405 -25.65 -1.65 -26.95
N LEU B 406 -25.30 -2.80 -27.53
CA LEU B 406 -24.08 -3.50 -27.13
C LEU B 406 -22.84 -2.77 -27.64
N ALA B 407 -22.92 -2.29 -28.86
CA ALA B 407 -21.81 -1.62 -29.51
C ALA B 407 -21.63 -0.22 -29.05
N ARG B 408 -22.60 0.27 -28.31
CA ARG B 408 -22.55 1.60 -27.80
C ARG B 408 -21.85 1.62 -26.48
N MET B 409 -21.57 0.45 -25.93
CA MET B 409 -20.91 0.36 -24.65
C MET B 409 -19.43 0.52 -24.81
N LEU B 410 -18.91 0.06 -25.93
CA LEU B 410 -17.49 0.15 -26.25
C LEU B 410 -17.09 1.55 -26.71
N GLU B 411 -18.05 2.33 -27.19
CA GLU B 411 -17.72 3.65 -27.74
C GLU B 411 -17.85 4.76 -26.71
N HIS B 412 -18.36 4.42 -25.53
CA HIS B 412 -18.30 5.35 -24.39
C HIS B 412 -17.85 4.59 -23.14
N LYS B 413 -16.90 3.68 -23.34
CA LYS B 413 -16.40 2.84 -22.25
C LYS B 413 -15.66 3.66 -21.19
N GLU B 414 -15.02 4.74 -21.62
CA GLU B 414 -14.26 5.58 -20.70
C GLU B 414 -15.17 6.30 -19.70
N ALA B 415 -16.46 6.38 -20.04
CA ALA B 415 -17.42 7.04 -19.17
C ALA B 415 -17.86 6.12 -18.03
N ILE B 416 -18.16 4.87 -18.38
CA ILE B 416 -18.59 3.88 -17.40
C ILE B 416 -17.49 3.58 -16.38
N ILE B 417 -16.26 3.45 -16.88
CA ILE B 417 -15.13 3.09 -16.04
C ILE B 417 -14.75 4.20 -15.07
N SER B 418 -14.74 5.44 -15.57
CA SER B 418 -14.32 6.58 -14.76
C SER B 418 -15.27 6.86 -13.61
N HIS B 419 -16.57 6.68 -13.86
CA HIS B 419 -17.58 6.94 -12.84
C HIS B 419 -17.62 5.81 -11.81
N LEU B 420 -17.29 4.61 -12.26
CA LEU B 420 -17.11 3.49 -11.33
C LEU B 420 -15.90 3.76 -10.46
N SER B 421 -14.88 4.37 -11.04
CA SER B 421 -13.71 4.80 -10.29
C SER B 421 -14.10 5.85 -9.27
N TRP B 422 -14.86 6.85 -9.71
CA TRP B 422 -15.33 7.91 -8.81
C TRP B 422 -16.17 7.33 -7.67
N ALA B 423 -17.17 6.53 -8.02
CA ALA B 423 -18.06 5.93 -7.02
C ALA B 423 -17.28 5.07 -6.04
N SER B 424 -16.26 4.37 -6.55
CA SER B 424 -15.42 3.55 -5.68
C SER B 424 -14.53 4.44 -4.82
N LEU B 425 -13.93 5.45 -5.43
CA LEU B 425 -13.09 6.39 -4.70
C LEU B 425 -13.89 7.17 -3.67
N PHE B 426 -15.13 7.52 -4.01
CA PHE B 426 -15.99 8.25 -3.08
C PHE B 426 -16.29 7.41 -1.85
N LEU B 427 -16.82 6.21 -2.08
CA LEU B 427 -17.19 5.31 -1.00
C LEU B 427 -16.01 4.99 -0.09
N GLY B 428 -14.86 4.73 -0.69
CA GLY B 428 -13.68 4.37 0.06
C GLY B 428 -13.13 5.50 0.91
N PHE B 429 -13.10 6.71 0.36
CA PHE B 429 -12.56 7.87 1.06
C PHE B 429 -13.30 8.19 2.35
N HIS B 430 -14.61 7.91 2.37
CA HIS B 430 -15.44 8.32 3.49
C HIS B 430 -15.73 7.19 4.46
N THR B 431 -16.05 6.01 3.94
CA THR B 431 -16.30 4.85 4.78
C THR B 431 -15.07 4.57 5.64
N LEU B 432 -13.90 4.55 5.02
CA LEU B 432 -12.65 4.42 5.74
C LEU B 432 -12.42 5.64 6.63
N GLY B 433 -12.78 6.82 6.10
CA GLY B 433 -12.62 8.06 6.84
C GLY B 433 -13.43 8.08 8.12
N LEU B 434 -14.70 7.72 8.02
CA LEU B 434 -15.59 7.70 9.17
C LEU B 434 -15.12 6.69 10.21
N TYR B 435 -14.61 5.55 9.74
CA TYR B 435 -14.10 4.52 10.64
C TYR B 435 -12.91 5.02 11.44
N VAL B 436 -11.84 5.37 10.73
CA VAL B 436 -10.60 5.81 11.36
C VAL B 436 -10.86 6.94 12.37
N HIS B 437 -11.69 7.90 11.96
CA HIS B 437 -12.10 8.98 12.84
C HIS B 437 -12.63 8.46 14.17
N ASN B 438 -13.55 7.50 14.10
CA ASN B 438 -14.16 6.93 15.30
C ASN B 438 -13.15 6.22 16.20
N ASP B 439 -12.16 5.58 15.61
CA ASP B 439 -11.12 4.90 16.38
C ASP B 439 -10.25 5.89 17.13
N VAL B 440 -10.06 7.06 16.53
CA VAL B 440 -9.21 8.10 17.10
C VAL B 440 -9.69 8.56 18.47
N MET B 441 -10.98 8.88 18.56
CA MET B 441 -11.54 9.39 19.79
C MET B 441 -11.62 8.33 20.88
N LEU B 442 -11.91 7.09 20.51
CA LEU B 442 -11.95 6.02 21.49
C LEU B 442 -10.54 5.76 22.04
N ALA B 443 -9.55 5.96 21.19
CA ALA B 443 -8.17 5.95 21.62
C ALA B 443 -7.94 7.12 22.57
N PHE B 444 -8.44 8.29 22.15
CA PHE B 444 -8.34 9.50 22.96
C PHE B 444 -9.35 9.49 24.10
N GLY B 445 -10.17 8.45 24.15
CA GLY B 445 -11.12 8.26 25.24
C GLY B 445 -12.30 9.20 25.20
N THR B 446 -12.75 9.53 23.99
CA THR B 446 -13.90 10.42 23.84
C THR B 446 -14.90 9.92 22.79
N PRO B 447 -15.59 8.82 23.08
CA PRO B 447 -16.50 8.19 22.12
C PRO B 447 -17.75 9.02 21.80
N GLU B 448 -17.91 10.16 22.47
CA GLU B 448 -19.08 11.02 22.23
C GLU B 448 -18.82 12.00 21.09
N LYS B 449 -17.64 11.91 20.49
CA LYS B 449 -17.27 12.79 19.39
C LYS B 449 -17.33 12.06 18.06
N GLN B 450 -17.90 10.86 18.07
CA GLN B 450 -17.95 10.02 16.86
C GLN B 450 -18.95 10.52 15.85
N ILE B 451 -18.78 10.08 14.60
CA ILE B 451 -19.77 10.32 13.56
C ILE B 451 -20.61 9.05 13.39
N LEU B 452 -21.77 9.04 14.04
CA LEU B 452 -22.65 7.88 13.99
C LEU B 452 -23.91 8.18 13.20
N ILE B 453 -23.81 8.08 11.88
CA ILE B 453 -24.95 8.33 11.01
C ILE B 453 -26.01 7.25 11.16
N GLU B 454 -27.21 7.67 11.55
CA GLU B 454 -28.33 6.75 11.69
C GLU B 454 -28.87 6.39 10.32
N PRO B 455 -28.95 5.07 10.03
CA PRO B 455 -29.49 4.58 8.76
C PRO B 455 -30.99 4.83 8.66
N ILE B 456 -31.37 6.09 8.58
CA ILE B 456 -32.77 6.50 8.67
C ILE B 456 -33.57 6.11 7.42
N PHE B 457 -32.87 5.99 6.30
CA PHE B 457 -33.53 5.58 5.06
C PHE B 457 -33.98 4.13 5.14
N ALA B 458 -33.08 3.27 5.63
CA ALA B 458 -33.37 1.85 5.78
C ALA B 458 -34.37 1.60 6.89
N GLN B 459 -34.26 2.36 7.99
CA GLN B 459 -35.21 2.24 9.09
C GLN B 459 -36.60 2.67 8.63
N TRP B 460 -36.65 3.56 7.65
CA TRP B 460 -37.90 3.98 7.05
C TRP B 460 -38.52 2.83 6.26
N ILE B 461 -37.67 1.96 5.71
CA ILE B 461 -38.13 0.79 4.99
C ILE B 461 -38.70 -0.24 5.96
N GLN B 462 -38.04 -0.39 7.11
CA GLN B 462 -38.45 -1.36 8.12
C GLN B 462 -39.84 -1.04 8.67
N SER B 463 -40.06 0.23 9.00
CA SER B 463 -41.36 0.68 9.47
C SER B 463 -42.41 0.49 8.38
N ALA B 464 -41.97 0.58 7.13
CA ALA B 464 -42.86 0.41 5.99
C ALA B 464 -43.26 -1.06 5.82
N HIS B 465 -42.60 -1.95 6.56
CA HIS B 465 -42.89 -3.38 6.47
C HIS B 465 -43.80 -3.85 7.60
N GLY B 466 -43.86 -3.09 8.69
CA GLY B 466 -44.74 -3.43 9.78
C GLY B 466 -44.11 -3.28 11.16
N LYS B 467 -42.83 -2.93 11.19
CA LYS B 467 -42.14 -2.76 12.46
C LYS B 467 -42.58 -1.48 13.15
N THR B 468 -43.09 -1.63 14.37
CA THR B 468 -43.63 -0.50 15.13
C THR B 468 -42.54 0.22 15.93
N SER B 469 -41.30 -0.24 15.79
CA SER B 469 -40.18 0.48 16.37
C SER B 469 -39.98 1.77 15.59
N TYR B 470 -39.29 2.73 16.22
CA TYR B 470 -39.11 4.08 15.66
C TYR B 470 -40.44 4.82 15.52
N GLY B 471 -40.36 6.14 15.35
CA GLY B 471 -41.54 6.96 15.13
C GLY B 471 -41.59 7.44 13.69
N PHE B 472 -42.08 6.59 12.79
CA PHE B 472 -42.03 6.88 11.37
C PHE B 472 -43.41 6.99 10.73
N ASP B 473 -44.37 6.20 11.21
CA ASP B 473 -45.75 6.25 10.76
C ASP B 473 -45.87 6.00 9.25
N VAL B 474 -45.23 4.95 8.77
CA VAL B 474 -45.25 4.61 7.34
C VAL B 474 -46.15 3.40 7.09
N LEU B 475 -46.38 3.09 5.81
CA LEU B 475 -47.24 1.98 5.39
C LEU B 475 -47.04 0.71 6.21
N LEU B 476 -48.12 -0.03 6.41
CA LEU B 476 -48.12 -1.26 7.20
C LEU B 476 -47.77 -1.02 8.67
N SER B 477 -47.73 0.25 9.05
CA SER B 477 -47.44 0.66 10.41
C SER B 477 -47.87 2.10 10.61
N SER B 478 -48.83 2.55 9.79
CA SER B 478 -49.31 3.92 9.83
C SER B 478 -50.76 4.02 10.28
N THR B 479 -51.36 5.19 10.11
CA THR B 479 -52.66 5.51 10.70
C THR B 479 -53.82 5.40 9.71
N ASN B 480 -53.56 5.67 8.42
CA ASN B 480 -54.57 5.55 7.37
C ASN B 480 -53.93 5.28 6.00
N SER B 481 -54.20 4.11 5.42
CA SER B 481 -53.63 3.77 4.10
C SER B 481 -54.28 2.54 3.46
N PRO B 482 -54.25 2.48 2.12
CA PRO B 482 -54.74 1.33 1.35
C PRO B 482 -53.88 0.07 1.51
N ALA B 483 -52.68 0.22 2.05
CA ALA B 483 -51.70 -0.87 2.05
C ALA B 483 -51.96 -1.97 3.09
N LEU B 484 -52.02 -1.59 4.36
CA LEU B 484 -52.16 -2.59 5.43
C LEU B 484 -53.53 -3.26 5.38
N ASN B 485 -54.57 -2.47 5.22
CA ASN B 485 -55.94 -2.99 5.16
C ASN B 485 -56.14 -3.95 3.99
N ALA B 486 -55.26 -3.87 3.00
CA ALA B 486 -55.24 -4.81 1.89
C ALA B 486 -54.80 -6.18 2.39
N GLY B 487 -54.27 -6.21 3.61
CA GLY B 487 -53.91 -7.46 4.27
C GLY B 487 -55.12 -8.38 4.33
N ARG B 488 -56.26 -7.82 4.75
CA ARG B 488 -57.50 -8.57 4.86
C ARG B 488 -57.29 -9.84 5.66
N SER B 489 -56.76 -9.67 6.87
CA SER B 489 -56.23 -10.77 7.66
C SER B 489 -55.23 -11.55 6.81
N ILE B 490 -55.45 -12.85 6.66
CA ILE B 490 -54.60 -13.70 5.83
C ILE B 490 -53.14 -13.67 6.27
N TRP B 491 -52.30 -13.03 5.46
CA TRP B 491 -50.87 -13.04 5.72
C TRP B 491 -50.48 -12.09 6.86
N LEU B 492 -51.04 -10.88 6.84
CA LEU B 492 -50.65 -9.81 7.76
C LEU B 492 -50.64 -10.19 9.26
N PRO B 493 -51.74 -10.76 9.80
CA PRO B 493 -51.74 -10.99 11.24
C PRO B 493 -50.69 -12.01 11.70
N GLY B 494 -50.50 -13.06 10.91
CA GLY B 494 -49.48 -14.04 11.21
C GLY B 494 -48.09 -13.53 10.91
N TRP B 495 -48.00 -12.64 9.92
CA TRP B 495 -46.72 -12.08 9.49
C TRP B 495 -46.30 -10.88 10.33
N LEU B 496 -47.24 -10.02 10.68
CA LEU B 496 -46.94 -8.86 11.53
C LEU B 496 -46.55 -9.33 12.93
N ASN B 497 -47.05 -10.51 13.30
CA ASN B 497 -46.62 -11.16 14.53
C ASN B 497 -45.16 -11.55 14.41
N ALA B 498 -44.76 -11.96 13.21
CA ALA B 498 -43.42 -12.46 12.95
C ALA B 498 -42.37 -11.36 12.84
N ILE B 499 -42.78 -10.18 12.38
CA ILE B 499 -41.82 -9.09 12.17
C ILE B 499 -41.43 -8.42 13.49
N ASN B 500 -42.37 -8.35 14.43
CA ASN B 500 -42.12 -7.73 15.71
C ASN B 500 -41.62 -8.76 16.73
N GLU B 501 -41.26 -9.94 16.24
CA GLU B 501 -40.57 -10.92 17.06
C GLU B 501 -39.16 -10.44 17.33
N ASN B 502 -38.78 -10.37 18.60
CA ASN B 502 -37.45 -9.91 18.99
C ASN B 502 -36.45 -11.05 18.96
N SER B 503 -36.91 -12.24 18.61
CA SER B 503 -36.06 -13.43 18.61
C SER B 503 -35.56 -13.78 17.22
N ASN B 504 -36.46 -13.79 16.24
CA ASN B 504 -36.12 -14.18 14.87
C ASN B 504 -35.20 -13.19 14.18
N SER B 505 -34.69 -13.58 13.01
CA SER B 505 -33.83 -12.72 12.21
C SER B 505 -34.64 -11.96 11.18
N LEU B 506 -35.97 -12.11 11.24
CA LEU B 506 -36.85 -11.41 10.32
C LEU B 506 -36.87 -9.92 10.65
N PHE B 507 -36.10 -9.14 9.88
CA PHE B 507 -35.98 -7.70 10.06
C PHE B 507 -35.42 -7.34 11.42
N LEU B 508 -34.12 -7.50 11.59
CA LEU B 508 -33.43 -7.14 12.83
C LEU B 508 -33.41 -5.63 13.01
N THR B 509 -33.06 -5.19 14.21
CA THR B 509 -32.89 -3.76 14.49
C THR B 509 -31.52 -3.30 13.99
N ILE B 510 -31.50 -2.17 13.29
CA ILE B 510 -30.25 -1.66 12.74
C ILE B 510 -29.92 -0.26 13.25
N GLY B 511 -28.64 0.08 13.24
CA GLY B 511 -28.18 1.38 13.72
C GLY B 511 -26.92 1.86 13.03
N PRO B 512 -26.20 2.79 13.67
CA PRO B 512 -24.98 3.40 13.13
C PRO B 512 -23.92 2.40 12.70
N GLY B 513 -23.82 1.28 13.41
CA GLY B 513 -22.86 0.24 13.07
C GLY B 513 -23.23 -0.44 11.77
N ASP B 514 -24.53 -0.55 11.52
CA ASP B 514 -25.03 -1.17 10.30
C ASP B 514 -24.88 -0.24 9.11
N PHE B 515 -24.72 1.05 9.40
CA PHE B 515 -24.56 2.07 8.36
C PHE B 515 -23.19 1.98 7.68
N LEU B 516 -22.15 1.95 8.50
CA LEU B 516 -20.78 1.97 7.99
C LEU B 516 -20.44 0.73 7.17
N VAL B 517 -20.88 -0.44 7.66
CA VAL B 517 -20.58 -1.71 7.00
C VAL B 517 -21.29 -1.82 5.66
N HIS B 518 -22.53 -1.35 5.59
CA HIS B 518 -23.29 -1.37 4.35
C HIS B 518 -22.61 -0.53 3.26
N HIS B 519 -21.91 0.52 3.68
CA HIS B 519 -21.14 1.34 2.75
C HIS B 519 -19.85 0.64 2.36
N ALA B 520 -19.30 -0.13 3.30
CA ALA B 520 -18.13 -0.93 3.03
C ALA B 520 -18.44 -1.99 1.97
N ILE B 521 -19.62 -2.60 2.11
CA ILE B 521 -20.08 -3.59 1.13
C ILE B 521 -20.37 -2.92 -0.21
N ALA B 522 -20.97 -1.73 -0.16
CA ALA B 522 -21.23 -0.95 -1.36
C ALA B 522 -19.91 -0.58 -2.04
N LEU B 523 -18.89 -0.31 -1.22
CA LEU B 523 -17.55 -0.06 -1.73
C LEU B 523 -16.99 -1.32 -2.39
N GLY B 524 -17.25 -2.47 -1.77
CA GLY B 524 -16.78 -3.75 -2.28
C GLY B 524 -17.42 -4.11 -3.61
N LEU B 525 -18.70 -3.84 -3.73
CA LEU B 525 -19.44 -4.11 -4.97
C LEU B 525 -18.92 -3.25 -6.12
N HIS B 526 -18.89 -1.94 -5.90
CA HIS B 526 -18.51 -0.99 -6.94
C HIS B 526 -17.09 -1.23 -7.44
N THR B 527 -16.16 -1.43 -6.52
CA THR B 527 -14.77 -1.63 -6.89
C THR B 527 -14.61 -2.92 -7.69
N THR B 528 -15.26 -3.98 -7.24
CA THR B 528 -15.18 -5.27 -7.93
C THR B 528 -15.76 -5.16 -9.34
N THR B 529 -16.89 -4.46 -9.47
CA THR B 529 -17.50 -4.23 -10.76
C THR B 529 -16.63 -3.33 -11.64
N LEU B 530 -15.95 -2.38 -11.01
CA LEU B 530 -15.03 -1.50 -11.73
C LEU B 530 -13.92 -2.32 -12.40
N ILE B 531 -13.34 -3.26 -11.65
CA ILE B 531 -12.27 -4.10 -12.16
C ILE B 531 -12.74 -5.02 -13.28
N LEU B 532 -13.93 -5.57 -13.10
CA LEU B 532 -14.46 -6.57 -14.02
C LEU B 532 -14.94 -6.00 -15.34
N VAL B 533 -15.66 -4.88 -15.30
CA VAL B 533 -16.14 -4.28 -16.54
C VAL B 533 -15.00 -3.64 -17.31
N LYS B 534 -14.00 -3.14 -16.59
CA LYS B 534 -12.84 -2.51 -17.23
C LYS B 534 -12.06 -3.56 -18.00
N GLY B 535 -12.05 -4.78 -17.48
CA GLY B 535 -11.43 -5.90 -18.16
C GLY B 535 -12.24 -6.31 -19.37
N ALA B 536 -13.56 -6.13 -19.28
CA ALA B 536 -14.45 -6.49 -20.37
C ALA B 536 -14.42 -5.47 -21.50
N LEU B 537 -14.51 -4.20 -21.15
CA LEU B 537 -14.58 -3.14 -22.15
C LEU B 537 -13.22 -2.89 -22.81
N ASP B 538 -12.14 -3.29 -22.15
CA ASP B 538 -10.80 -3.14 -22.71
C ASP B 538 -10.24 -4.48 -23.16
N ALA B 539 -11.10 -5.50 -23.22
CA ALA B 539 -10.69 -6.84 -23.62
C ALA B 539 -10.22 -6.86 -25.07
N ARG B 540 -10.92 -6.12 -25.92
CA ARG B 540 -10.57 -6.07 -27.34
C ARG B 540 -9.40 -5.11 -27.59
N GLY B 541 -9.11 -4.25 -26.61
CA GLY B 541 -7.96 -3.37 -26.72
C GLY B 541 -8.12 -2.01 -26.07
N SER B 542 -6.98 -1.43 -25.69
CA SER B 542 -6.93 -0.07 -25.14
C SER B 542 -6.02 0.77 -26.02
N LYS B 543 -5.46 1.84 -25.45
CA LYS B 543 -4.51 2.65 -26.18
C LYS B 543 -3.10 2.16 -25.93
N LEU B 544 -2.89 1.53 -24.78
CA LEU B 544 -1.61 0.92 -24.45
C LEU B 544 -1.42 -0.37 -25.26
N MET B 545 -2.53 -0.97 -25.64
CA MET B 545 -2.50 -2.19 -26.45
C MET B 545 -3.78 -2.32 -27.29
N PRO B 546 -3.81 -1.66 -28.45
CA PRO B 546 -4.97 -1.62 -29.36
C PRO B 546 -5.31 -2.96 -30.01
N ASP B 547 -4.35 -3.88 -30.08
CA ASP B 547 -4.57 -5.16 -30.74
C ASP B 547 -4.63 -6.31 -29.74
N LYS B 548 -5.08 -6.01 -28.52
CA LYS B 548 -5.24 -7.02 -27.48
C LYS B 548 -6.21 -8.11 -27.94
N LYS B 549 -7.09 -7.73 -28.85
CA LYS B 549 -8.02 -8.65 -29.51
C LYS B 549 -7.31 -9.82 -30.17
N ASP B 550 -6.10 -9.58 -30.67
CA ASP B 550 -5.35 -10.59 -31.41
C ASP B 550 -4.55 -11.55 -30.54
N PHE B 551 -4.66 -11.42 -29.22
CA PHE B 551 -3.83 -12.22 -28.33
C PHE B 551 -4.64 -13.18 -27.46
N GLY B 552 -5.96 -12.98 -27.43
CA GLY B 552 -6.84 -13.87 -26.69
C GLY B 552 -7.15 -13.38 -25.29
N TYR B 553 -8.00 -14.13 -24.59
CA TYR B 553 -8.43 -13.76 -23.24
C TYR B 553 -7.27 -13.81 -22.25
N SER B 554 -6.47 -14.86 -22.34
CA SER B 554 -5.37 -15.04 -21.42
C SER B 554 -4.02 -15.08 -22.13
N PHE B 555 -3.19 -14.08 -21.85
CA PHE B 555 -1.79 -14.08 -22.29
C PHE B 555 -0.98 -13.46 -21.16
N PRO B 556 0.32 -13.81 -21.07
CA PRO B 556 1.14 -13.29 -19.97
C PRO B 556 1.17 -11.76 -19.93
N CYS B 557 1.49 -11.14 -21.06
CA CYS B 557 1.68 -9.69 -21.13
C CYS B 557 2.00 -9.26 -22.56
N ASP B 558 2.60 -8.08 -22.68
CA ASP B 558 3.03 -7.58 -23.97
C ASP B 558 4.46 -7.06 -23.91
N GLY B 559 5.13 -7.33 -22.79
CA GLY B 559 6.52 -6.95 -22.63
C GLY B 559 6.73 -5.69 -21.81
N PRO B 560 8.00 -5.32 -21.58
CA PRO B 560 8.39 -4.12 -20.83
C PRO B 560 8.45 -2.87 -21.70
N GLY B 561 8.20 -3.01 -23.00
CA GLY B 561 8.20 -1.89 -23.90
C GLY B 561 7.01 -0.99 -23.62
N ARG B 562 7.09 0.26 -24.10
CA ARG B 562 6.05 1.26 -23.92
C ARG B 562 5.74 1.49 -22.44
N GLY B 563 6.76 1.37 -21.60
CA GLY B 563 6.61 1.65 -20.18
C GLY B 563 6.39 0.43 -19.30
N GLY B 564 5.89 -0.65 -19.89
CA GLY B 564 5.60 -1.85 -19.14
C GLY B 564 4.15 -2.25 -19.28
N THR B 565 3.89 -3.55 -19.47
CA THR B 565 2.55 -4.03 -19.74
C THR B 565 2.15 -5.24 -18.92
N CYS B 566 2.48 -5.23 -17.62
CA CYS B 566 2.16 -6.35 -16.74
C CYS B 566 0.67 -6.39 -16.41
N ASP B 567 0.09 -7.59 -16.43
CA ASP B 567 -1.31 -7.80 -16.07
C ASP B 567 -2.26 -6.95 -16.91
N ILE B 568 -2.12 -7.04 -18.23
CA ILE B 568 -2.88 -6.20 -19.15
C ILE B 568 -4.01 -6.96 -19.84
N SER B 569 -3.99 -8.29 -19.73
CA SER B 569 -5.03 -9.11 -20.34
C SER B 569 -6.32 -9.10 -19.50
N ALA B 570 -7.44 -9.41 -20.14
CA ALA B 570 -8.73 -9.43 -19.48
C ALA B 570 -8.79 -10.54 -18.42
N TRP B 571 -7.98 -11.57 -18.61
CA TRP B 571 -7.89 -12.67 -17.66
C TRP B 571 -7.32 -12.17 -16.33
N ASP B 572 -6.28 -11.36 -16.41
CA ASP B 572 -5.61 -10.84 -15.23
C ASP B 572 -6.52 -9.90 -14.45
N ASP B 573 -7.35 -9.15 -15.19
CA ASP B 573 -8.30 -8.24 -14.57
C ASP B 573 -9.33 -9.02 -13.75
N PHE B 574 -9.71 -10.19 -14.26
CA PHE B 574 -10.53 -11.12 -13.49
C PHE B 574 -9.79 -11.53 -12.23
N TYR B 575 -8.56 -11.99 -12.43
CA TYR B 575 -7.71 -12.50 -11.35
C TYR B 575 -7.49 -11.46 -10.25
N LEU B 576 -7.48 -10.19 -10.64
CA LEU B 576 -7.38 -9.10 -9.67
C LEU B 576 -8.71 -8.88 -8.95
N ALA B 577 -9.81 -9.16 -9.64
CA ALA B 577 -11.14 -8.94 -9.08
C ALA B 577 -11.51 -10.04 -8.08
N VAL B 578 -10.94 -11.23 -8.26
CA VAL B 578 -11.20 -12.34 -7.35
C VAL B 578 -10.75 -11.97 -5.94
N PHE B 579 -9.64 -11.24 -5.86
CA PHE B 579 -9.16 -10.74 -4.59
C PHE B 579 -10.20 -9.82 -3.95
N TRP B 580 -10.68 -8.86 -4.73
CA TRP B 580 -11.65 -7.88 -4.25
C TRP B 580 -13.00 -8.54 -3.92
N MET B 581 -13.33 -9.59 -4.64
CA MET B 581 -14.55 -10.34 -4.39
C MET B 581 -14.49 -11.01 -3.03
N LEU B 582 -13.36 -11.64 -2.74
CA LEU B 582 -13.14 -12.30 -1.45
C LEU B 582 -13.22 -11.30 -0.30
N ASN B 583 -12.68 -10.10 -0.52
CA ASN B 583 -12.74 -9.05 0.47
C ASN B 583 -14.17 -8.61 0.75
N THR B 584 -14.94 -8.45 -0.33
CA THR B 584 -16.33 -8.01 -0.23
C THR B 584 -17.19 -9.03 0.53
N ILE B 585 -17.16 -10.27 0.09
CA ILE B 585 -17.90 -11.35 0.75
C ILE B 585 -17.39 -11.54 2.18
N GLY B 586 -16.10 -11.28 2.38
CA GLY B 586 -15.51 -11.34 3.70
C GLY B 586 -16.16 -10.35 4.65
N TRP B 587 -16.36 -9.12 4.17
CA TRP B 587 -17.02 -8.09 4.96
C TRP B 587 -18.50 -8.43 5.20
N VAL B 588 -19.13 -9.03 4.18
CA VAL B 588 -20.53 -9.41 4.27
C VAL B 588 -20.73 -10.51 5.32
N THR B 589 -19.88 -11.52 5.29
CA THR B 589 -20.00 -12.66 6.19
C THR B 589 -19.56 -12.30 7.62
N PHE B 590 -18.57 -11.43 7.74
CA PHE B 590 -18.17 -10.89 9.04
C PHE B 590 -19.35 -10.19 9.70
N TYR B 591 -19.98 -9.33 8.93
CA TYR B 591 -21.10 -8.52 9.40
C TYR B 591 -22.31 -9.38 9.78
N TRP B 592 -22.58 -10.41 8.99
CA TRP B 592 -23.71 -11.29 9.26
C TRP B 592 -23.47 -12.10 10.53
N HIS B 593 -22.30 -12.70 10.64
CA HIS B 593 -21.97 -13.60 11.74
C HIS B 593 -21.90 -12.89 13.09
N TRP B 594 -21.20 -11.76 13.13
CA TRP B 594 -21.00 -11.03 14.38
C TRP B 594 -22.31 -10.52 14.95
N LYS B 595 -23.17 -9.98 14.09
CA LYS B 595 -24.45 -9.43 14.54
C LYS B 595 -25.37 -10.53 15.05
N HIS B 596 -25.16 -11.76 14.58
CA HIS B 596 -25.99 -12.88 14.99
C HIS B 596 -25.49 -13.55 16.27
N ILE B 597 -24.17 -13.72 16.39
CA ILE B 597 -23.62 -14.35 17.58
C ILE B 597 -23.75 -13.44 18.81
N THR B 598 -23.92 -12.14 18.57
CA THR B 598 -24.22 -11.22 19.67
C THR B 598 -25.70 -11.30 20.02
N LEU B 599 -26.52 -11.52 19.01
CA LEU B 599 -27.96 -11.67 19.21
C LEU B 599 -28.28 -12.99 19.90
N TRP B 600 -27.59 -14.05 19.49
CA TRP B 600 -27.82 -15.38 20.04
C TRP B 600 -27.39 -15.47 21.50
N GLN B 601 -26.43 -14.64 21.88
CA GLN B 601 -25.97 -14.57 23.27
C GLN B 601 -26.83 -13.62 24.09
N GLY B 602 -27.80 -12.99 23.44
CA GLY B 602 -28.67 -12.04 24.10
C GLY B 602 -27.91 -10.79 24.49
N ASN B 603 -26.97 -10.39 23.65
CA ASN B 603 -26.16 -9.20 23.91
C ASN B 603 -25.86 -8.42 22.63
N VAL B 604 -26.91 -7.86 22.03
CA VAL B 604 -26.77 -7.05 20.83
C VAL B 604 -26.14 -5.70 21.17
N SER B 605 -26.10 -5.38 22.46
CA SER B 605 -25.50 -4.13 22.94
C SER B 605 -24.03 -4.03 22.60
N GLN B 606 -23.33 -5.17 22.62
CA GLN B 606 -21.91 -5.18 22.33
C GLN B 606 -21.63 -4.89 20.87
N PHE B 607 -22.50 -5.38 19.99
CA PHE B 607 -22.35 -5.15 18.57
C PHE B 607 -22.61 -3.69 18.22
N ASN B 608 -23.69 -3.15 18.79
CA ASN B 608 -24.11 -1.78 18.49
C ASN B 608 -23.08 -0.71 18.85
N GLU B 609 -22.14 -1.06 19.73
CA GLU B 609 -21.14 -0.10 20.18
C GLU B 609 -19.76 -0.37 19.62
N SER B 610 -19.46 -1.64 19.35
CA SER B 610 -18.11 -2.03 18.91
C SER B 610 -17.97 -2.04 17.39
N SER B 611 -19.09 -2.02 16.68
CA SER B 611 -19.07 -2.09 15.23
C SER B 611 -18.81 -0.73 14.59
N THR B 612 -18.83 0.32 15.40
CA THR B 612 -18.66 1.68 14.89
C THR B 612 -17.20 2.06 14.72
N TYR B 613 -16.30 1.24 15.27
CA TYR B 613 -14.87 1.47 15.11
C TYR B 613 -14.13 0.16 14.91
N LEU B 614 -13.09 0.21 14.08
CA LEU B 614 -12.45 -1.00 13.55
C LEU B 614 -11.71 -1.84 14.58
N MET B 615 -11.26 -1.22 15.66
CA MET B 615 -10.61 -1.98 16.74
C MET B 615 -11.62 -2.90 17.40
N GLY B 616 -12.88 -2.49 17.41
CA GLY B 616 -13.95 -3.30 17.97
C GLY B 616 -14.12 -4.60 17.21
N TRP B 617 -13.95 -4.53 15.90
CA TRP B 617 -14.12 -5.68 15.03
C TRP B 617 -13.04 -6.68 15.28
N LEU B 618 -11.81 -6.23 15.29
CA LEU B 618 -10.66 -7.08 15.53
C LEU B 618 -10.55 -7.65 16.91
N ARG B 619 -11.12 -7.01 17.89
CA ARG B 619 -11.02 -7.46 19.23
C ARG B 619 -12.22 -8.19 19.73
N ASP B 620 -13.37 -7.59 19.60
CA ASP B 620 -14.60 -8.17 20.13
C ASP B 620 -15.23 -9.23 19.23
N TYR B 621 -14.71 -9.34 18.01
CA TYR B 621 -15.18 -10.31 17.04
C TYR B 621 -14.12 -11.31 16.68
N LEU B 622 -12.97 -10.82 16.25
CA LEU B 622 -11.91 -11.71 15.87
C LEU B 622 -11.21 -12.31 17.07
N TRP B 623 -10.67 -11.47 17.93
CA TRP B 623 -9.96 -11.95 19.10
C TRP B 623 -10.84 -12.68 20.08
N LEU B 624 -11.97 -12.12 20.39
CA LEU B 624 -12.84 -12.70 21.37
C LEU B 624 -13.43 -14.06 21.13
N ASN B 625 -13.69 -14.40 19.90
CA ASN B 625 -14.32 -15.68 19.58
C ASN B 625 -13.31 -16.75 19.18
N SER B 626 -12.03 -16.43 19.28
CA SER B 626 -10.98 -17.36 18.84
C SER B 626 -10.50 -18.27 19.97
N SER B 627 -10.81 -17.90 21.22
CA SER B 627 -10.27 -18.60 22.38
C SER B 627 -10.60 -20.09 22.40
N GLN B 628 -11.88 -20.42 22.27
CA GLN B 628 -12.31 -21.81 22.25
C GLN B 628 -11.78 -22.54 21.03
N LEU B 629 -11.69 -21.82 19.92
CA LEU B 629 -11.16 -22.38 18.68
C LEU B 629 -9.70 -22.80 18.82
N ILE B 630 -8.86 -21.85 19.21
CA ILE B 630 -7.41 -22.07 19.28
C ILE B 630 -7.03 -22.98 20.44
N ASN B 631 -8.00 -23.36 21.25
CA ASN B 631 -7.79 -24.34 22.29
C ASN B 631 -8.46 -25.66 21.94
N GLY B 632 -8.58 -25.94 20.64
CA GLY B 632 -9.08 -27.20 20.17
C GLY B 632 -8.15 -28.31 20.60
N TYR B 633 -6.85 -28.03 20.53
CA TYR B 633 -5.84 -28.91 21.10
C TYR B 633 -4.84 -28.08 21.89
N THR B 634 -4.69 -28.42 23.17
CA THR B 634 -3.87 -27.67 24.10
C THR B 634 -2.69 -28.54 24.54
N PRO B 635 -1.58 -27.91 24.96
CA PRO B 635 -0.51 -28.68 25.60
C PRO B 635 -0.93 -29.41 26.89
N LEU B 636 -2.21 -29.33 27.23
CA LEU B 636 -2.76 -30.04 28.37
C LEU B 636 -3.80 -31.07 27.93
N VAL B 637 -4.69 -30.67 27.03
CA VAL B 637 -5.81 -31.53 26.61
C VAL B 637 -6.05 -31.51 25.10
N CYS B 638 -7.18 -32.08 24.70
CA CYS B 638 -7.56 -32.19 23.30
C CYS B 638 -9.07 -32.26 23.15
N ASN B 639 -9.65 -31.27 22.48
CA ASN B 639 -11.11 -31.17 22.38
C ASN B 639 -11.66 -31.64 21.03
N SER B 640 -12.98 -31.57 20.89
CA SER B 640 -13.65 -31.92 19.65
C SER B 640 -13.47 -30.82 18.61
N LEU B 641 -12.95 -29.69 19.05
CA LEU B 641 -12.69 -28.56 18.16
C LEU B 641 -11.26 -28.59 17.64
N SER B 642 -10.57 -29.70 17.87
CA SER B 642 -9.18 -29.83 17.46
C SER B 642 -9.05 -29.85 15.93
N VAL B 643 -10.05 -30.39 15.26
CA VAL B 643 -10.09 -30.38 13.81
C VAL B 643 -10.06 -28.96 13.27
N TRP B 644 -10.83 -28.08 13.89
CA TRP B 644 -11.01 -26.72 13.42
C TRP B 644 -9.79 -25.86 13.75
N ALA B 645 -9.15 -26.16 14.88
CA ALA B 645 -7.94 -25.47 15.27
C ALA B 645 -6.81 -25.81 14.30
N TRP B 646 -6.78 -27.05 13.85
CA TRP B 646 -5.78 -27.51 12.89
C TRP B 646 -6.04 -26.93 11.50
N MET B 647 -7.30 -26.97 11.09
CA MET B 647 -7.72 -26.41 9.81
C MET B 647 -7.53 -24.90 9.77
N PHE B 648 -7.72 -24.26 10.93
CA PHE B 648 -7.51 -22.83 11.07
C PHE B 648 -6.07 -22.46 10.73
N LEU B 649 -5.14 -23.24 11.26
CA LEU B 649 -3.72 -23.08 10.97
C LEU B 649 -3.41 -23.53 9.55
N PHE B 650 -4.13 -24.55 9.09
CA PHE B 650 -3.97 -25.05 7.73
C PHE B 650 -4.31 -23.95 6.73
N GLY B 651 -5.44 -23.30 6.95
CA GLY B 651 -5.87 -22.21 6.09
C GLY B 651 -4.88 -21.08 6.04
N HIS B 652 -4.24 -20.78 7.17
CA HIS B 652 -3.21 -19.76 7.22
C HIS B 652 -2.02 -20.14 6.34
N LEU B 653 -1.70 -21.43 6.33
CA LEU B 653 -0.51 -21.91 5.62
C LEU B 653 -0.69 -21.90 4.11
N VAL B 654 -1.87 -22.32 3.64
CA VAL B 654 -2.18 -22.29 2.22
C VAL B 654 -2.24 -20.84 1.73
N TRP B 655 -2.85 -19.99 2.54
CA TRP B 655 -2.99 -18.57 2.24
C TRP B 655 -1.64 -17.88 2.03
N ALA B 656 -0.73 -18.10 2.97
CA ALA B 656 0.58 -17.48 2.92
C ALA B 656 1.44 -18.06 1.80
N THR B 657 1.10 -19.29 1.39
CA THR B 657 1.85 -19.96 0.35
C THR B 657 1.55 -19.35 -1.02
N GLY B 658 0.31 -18.91 -1.19
CA GLY B 658 -0.09 -18.21 -2.40
C GLY B 658 0.70 -16.94 -2.60
N PHE B 659 0.97 -16.25 -1.49
CA PHE B 659 1.76 -15.02 -1.49
C PHE B 659 3.10 -15.18 -2.23
N MET B 660 3.65 -16.39 -2.15
CA MET B 660 4.92 -16.70 -2.83
C MET B 660 4.77 -16.61 -4.35
N PHE B 661 3.68 -17.16 -4.87
CA PHE B 661 3.46 -17.20 -6.30
C PHE B 661 2.98 -15.84 -6.83
N LEU B 662 2.52 -14.99 -5.92
CA LEU B 662 1.98 -13.69 -6.30
C LEU B 662 3.03 -12.58 -6.24
N ILE B 663 3.96 -12.70 -5.31
CA ILE B 663 5.00 -11.70 -5.14
C ILE B 663 6.26 -12.04 -5.94
N SER B 664 6.87 -13.19 -5.65
CA SER B 664 8.01 -13.65 -6.42
C SER B 664 7.55 -14.08 -7.80
N TRP B 665 8.33 -13.74 -8.82
CA TRP B 665 7.95 -14.04 -10.18
C TRP B 665 8.95 -14.98 -10.87
N ARG B 666 8.65 -15.35 -12.11
CA ARG B 666 9.26 -16.54 -12.73
C ARG B 666 10.77 -16.53 -12.94
N GLY B 667 11.30 -15.47 -13.54
CA GLY B 667 12.70 -15.43 -13.94
C GLY B 667 13.70 -15.79 -12.87
N TYR B 668 13.34 -15.55 -11.61
CA TYR B 668 14.17 -15.95 -10.49
C TYR B 668 14.20 -17.47 -10.35
N TRP B 669 13.02 -18.08 -10.45
CA TRP B 669 12.88 -19.51 -10.24
C TRP B 669 13.46 -20.33 -11.38
N GLN B 670 13.29 -19.84 -12.60
CA GLN B 670 13.82 -20.53 -13.78
C GLN B 670 15.33 -20.62 -13.72
N GLU B 671 15.98 -19.53 -13.32
CA GLU B 671 17.44 -19.51 -13.19
C GLU B 671 17.91 -20.40 -12.05
N LEU B 672 17.04 -20.57 -11.05
CA LEU B 672 17.36 -21.42 -9.91
C LEU B 672 17.30 -22.89 -10.30
N ILE B 673 16.28 -23.25 -11.06
CA ILE B 673 16.10 -24.61 -11.54
C ILE B 673 17.23 -25.02 -12.49
N GLU B 674 17.71 -24.07 -13.28
CA GLU B 674 18.80 -24.32 -14.21
C GLU B 674 20.07 -24.77 -13.50
N THR B 675 20.26 -24.30 -12.27
CA THR B 675 21.40 -24.72 -11.47
C THR B 675 21.16 -26.11 -10.92
N LEU B 676 19.89 -26.43 -10.67
CA LEU B 676 19.51 -27.73 -10.15
C LEU B 676 19.55 -28.79 -11.25
N ALA B 677 19.33 -28.35 -12.48
CA ALA B 677 19.43 -29.24 -13.64
C ALA B 677 20.89 -29.62 -13.86
N TRP B 678 21.79 -28.66 -13.66
CA TRP B 678 23.22 -28.91 -13.75
C TRP B 678 23.65 -29.89 -12.67
N ALA B 679 23.08 -29.75 -11.48
CA ALA B 679 23.47 -30.56 -10.33
C ALA B 679 23.15 -32.03 -10.53
N HIS B 680 21.92 -32.29 -10.89
CA HIS B 680 21.46 -33.63 -11.08
C HIS B 680 22.30 -34.35 -12.09
N GLU B 681 22.73 -33.65 -13.11
CA GLU B 681 23.59 -34.23 -14.12
C GLU B 681 24.98 -34.59 -13.62
N ARG B 682 25.53 -33.77 -12.74
CA ARG B 682 26.87 -33.99 -12.21
C ARG B 682 26.95 -34.70 -10.87
N THR B 683 25.93 -35.46 -10.52
CA THR B 683 25.89 -36.19 -9.26
C THR B 683 25.84 -37.70 -9.50
N PRO B 684 26.93 -38.41 -9.15
CA PRO B 684 27.04 -39.86 -9.33
C PRO B 684 25.91 -40.62 -8.66
N LEU B 685 25.61 -41.81 -9.16
CA LEU B 685 24.54 -42.64 -8.63
C LEU B 685 23.16 -42.06 -8.90
N ALA B 686 23.13 -40.87 -9.49
CA ALA B 686 21.88 -40.20 -9.82
C ALA B 686 21.87 -39.88 -11.31
N ASN B 687 23.04 -40.02 -11.93
CA ASN B 687 23.18 -39.82 -13.37
C ASN B 687 22.42 -40.90 -14.14
N LEU B 688 22.32 -42.08 -13.55
CA LEU B 688 21.65 -43.21 -14.18
C LEU B 688 20.18 -42.90 -14.46
N ILE B 689 19.61 -42.03 -13.64
CA ILE B 689 18.22 -41.64 -13.78
C ILE B 689 18.09 -40.30 -14.45
N ARG B 690 17.18 -40.18 -15.41
CA ARG B 690 17.00 -38.94 -16.12
C ARG B 690 15.54 -38.63 -16.23
N TRP B 691 15.21 -37.36 -16.36
CA TRP B 691 13.83 -36.97 -16.47
C TRP B 691 13.34 -37.06 -17.89
N ARG B 692 12.06 -37.32 -18.07
CA ARG B 692 11.46 -37.38 -19.40
C ARG B 692 10.84 -36.03 -19.77
N ASP B 693 10.71 -35.16 -18.77
CA ASP B 693 10.20 -33.82 -19.00
C ASP B 693 11.18 -32.77 -18.47
N LYS B 694 11.51 -31.80 -19.30
CA LYS B 694 12.46 -30.74 -18.93
C LYS B 694 11.91 -29.91 -17.78
N PRO B 695 12.69 -29.83 -16.68
CA PRO B 695 12.29 -29.04 -15.50
C PRO B 695 12.30 -27.54 -15.80
N VAL B 696 11.14 -26.90 -15.70
CA VAL B 696 11.05 -25.45 -15.93
C VAL B 696 10.18 -24.77 -14.88
N ALA B 697 10.43 -23.48 -14.67
CA ALA B 697 9.63 -22.71 -13.75
C ALA B 697 8.21 -22.55 -14.30
N LEU B 698 7.24 -22.45 -13.40
CA LEU B 698 5.85 -22.28 -13.79
C LEU B 698 5.70 -21.02 -14.63
N SER B 699 4.68 -20.97 -15.48
CA SER B 699 4.51 -19.84 -16.37
C SER B 699 4.03 -18.60 -15.60
N ILE B 700 4.06 -17.46 -16.27
CA ILE B 700 3.67 -16.19 -15.66
C ILE B 700 2.20 -16.19 -15.27
N VAL B 701 1.34 -16.69 -16.15
CA VAL B 701 -0.09 -16.78 -15.89
C VAL B 701 -0.40 -17.92 -14.92
N GLN B 702 0.32 -19.03 -15.07
CA GLN B 702 0.12 -20.19 -14.22
C GLN B 702 0.34 -19.85 -12.74
N ALA B 703 1.39 -19.09 -12.47
CA ALA B 703 1.73 -18.70 -11.11
C ALA B 703 0.67 -17.80 -10.50
N ARG B 704 0.14 -16.87 -11.30
CA ARG B 704 -0.93 -16.00 -10.84
C ARG B 704 -2.15 -16.83 -10.47
N LEU B 705 -2.39 -17.90 -11.23
CA LEU B 705 -3.48 -18.81 -10.92
C LEU B 705 -3.19 -19.62 -9.67
N VAL B 706 -2.10 -20.38 -9.71
CA VAL B 706 -1.67 -21.21 -8.59
C VAL B 706 -1.63 -20.43 -7.28
N GLY B 707 -1.15 -19.20 -7.35
CA GLY B 707 -1.11 -18.33 -6.19
C GLY B 707 -2.50 -17.91 -5.74
N LEU B 708 -3.39 -17.66 -6.70
CA LEU B 708 -4.75 -17.26 -6.39
C LEU B 708 -5.53 -18.44 -5.81
N VAL B 709 -5.24 -19.64 -6.28
CA VAL B 709 -5.88 -20.85 -5.77
C VAL B 709 -5.53 -21.06 -4.30
N HIS B 710 -4.24 -20.93 -3.99
CA HIS B 710 -3.77 -21.02 -2.61
C HIS B 710 -4.43 -19.96 -1.75
N PHE B 711 -4.42 -18.73 -2.25
CA PHE B 711 -4.99 -17.59 -1.56
C PHE B 711 -6.47 -17.81 -1.26
N SER B 712 -7.19 -18.36 -2.24
CA SER B 712 -8.63 -18.55 -2.11
C SER B 712 -8.97 -19.74 -1.21
N VAL B 713 -8.20 -20.81 -1.32
CA VAL B 713 -8.45 -22.01 -0.52
C VAL B 713 -8.22 -21.72 0.96
N GLY B 714 -7.09 -21.11 1.27
CA GLY B 714 -6.78 -20.73 2.64
C GLY B 714 -7.76 -19.73 3.19
N TYR B 715 -8.19 -18.81 2.32
CA TYR B 715 -9.20 -17.81 2.68
C TYR B 715 -10.47 -18.48 3.18
N ILE B 716 -10.99 -19.41 2.39
CA ILE B 716 -12.21 -20.13 2.73
C ILE B 716 -12.02 -21.01 3.97
N PHE B 717 -10.99 -21.86 3.93
CA PHE B 717 -10.77 -22.85 4.98
C PHE B 717 -10.53 -22.23 6.35
N THR B 718 -9.84 -21.09 6.38
CA THR B 718 -9.57 -20.42 7.66
C THR B 718 -10.86 -19.95 8.31
N TYR B 719 -11.66 -19.20 7.54
CA TYR B 719 -12.92 -18.68 8.05
C TYR B 719 -13.92 -19.81 8.31
N ALA B 720 -13.87 -20.85 7.50
CA ALA B 720 -14.72 -22.02 7.71
C ALA B 720 -14.40 -22.67 9.05
N ALA B 721 -13.11 -22.76 9.35
CA ALA B 721 -12.65 -23.32 10.61
C ALA B 721 -13.10 -22.44 11.78
N PHE B 722 -13.12 -21.14 11.56
CA PHE B 722 -13.51 -20.20 12.60
C PHE B 722 -15.03 -20.06 12.73
N LEU B 723 -15.72 -20.00 11.59
CA LEU B 723 -17.17 -19.84 11.59
C LEU B 723 -17.84 -20.99 12.33
N ILE B 724 -17.41 -22.21 12.05
CA ILE B 724 -17.99 -23.40 12.67
C ILE B 724 -17.63 -23.50 14.16
N ALA B 725 -16.34 -23.54 14.45
CA ALA B 725 -15.85 -23.79 15.81
C ALA B 725 -16.35 -22.76 16.82
N SER B 726 -16.18 -21.48 16.51
CA SER B 726 -16.59 -20.40 17.41
C SER B 726 -18.09 -20.46 17.67
N THR B 727 -18.85 -20.86 16.66
CA THR B 727 -20.30 -20.95 16.80
C THR B 727 -20.70 -22.27 17.46
N SER B 728 -20.05 -23.36 17.08
CA SER B 728 -20.34 -24.67 17.66
C SER B 728 -20.00 -24.72 19.14
N GLY B 729 -18.86 -24.13 19.50
CA GLY B 729 -18.39 -24.13 20.87
C GLY B 729 -19.39 -23.54 21.85
N LYS B 730 -19.85 -22.32 21.55
CA LYS B 730 -20.82 -21.66 22.40
C LYS B 730 -22.24 -22.13 22.13
N PHE B 731 -22.47 -22.60 20.90
CA PHE B 731 -23.80 -22.88 20.36
C PHE B 731 -24.61 -21.58 20.22
N SER C 1 6.75 -22.97 -33.00
CA SER C 1 7.50 -21.95 -32.28
C SER C 1 6.70 -20.65 -32.20
N HIS C 2 7.38 -19.55 -31.87
CA HIS C 2 6.73 -18.26 -31.80
C HIS C 2 6.44 -17.71 -33.19
N SER C 3 5.41 -16.88 -33.28
CA SER C 3 5.00 -16.29 -34.55
C SER C 3 5.25 -14.79 -34.57
N VAL C 4 6.11 -14.35 -35.49
CA VAL C 4 6.43 -12.93 -35.63
C VAL C 4 6.04 -12.43 -37.01
N LYS C 5 5.50 -11.21 -37.07
CA LYS C 5 5.08 -10.62 -38.34
C LYS C 5 5.63 -9.19 -38.48
N ILE C 6 5.83 -8.76 -39.72
CA ILE C 6 6.24 -7.39 -40.00
C ILE C 6 5.14 -6.69 -40.78
N TYR C 7 4.97 -5.40 -40.56
CA TYR C 7 3.91 -4.64 -41.22
C TYR C 7 4.45 -3.51 -42.08
N ASP C 8 3.71 -3.17 -43.14
CA ASP C 8 4.15 -2.19 -44.11
C ASP C 8 4.22 -0.78 -43.54
N THR C 9 3.73 -0.62 -42.30
CA THR C 9 3.80 0.65 -41.60
C THR C 9 5.21 0.92 -41.12
N CYS C 10 6.10 -0.04 -41.33
CA CYS C 10 7.51 0.09 -40.99
C CYS C 10 8.17 1.24 -41.74
N ILE C 11 9.29 1.72 -41.21
CA ILE C 11 10.03 2.82 -41.81
C ILE C 11 11.51 2.46 -42.00
N GLY C 12 11.84 1.21 -41.73
CA GLY C 12 13.18 0.70 -41.94
C GLY C 12 14.27 1.37 -41.12
N CYS C 13 14.09 1.40 -39.81
CA CYS C 13 15.08 2.00 -38.92
C CYS C 13 16.06 0.95 -38.39
N THR C 14 15.76 -0.31 -38.68
CA THR C 14 16.64 -1.45 -38.40
C THR C 14 16.93 -1.70 -36.92
N GLN C 15 16.16 -1.08 -36.03
CA GLN C 15 16.42 -1.22 -34.59
C GLN C 15 15.92 -2.55 -34.03
N CYS C 16 14.92 -3.13 -34.69
CA CYS C 16 14.38 -4.41 -34.24
C CYS C 16 15.40 -5.52 -34.42
N VAL C 17 16.20 -5.40 -35.47
CA VAL C 17 17.23 -6.39 -35.77
C VAL C 17 18.38 -6.31 -34.79
N ARG C 18 18.86 -5.09 -34.54
CA ARG C 18 19.97 -4.86 -33.62
C ARG C 18 19.62 -5.28 -32.19
N ALA C 19 18.33 -5.28 -31.88
CA ALA C 19 17.86 -5.61 -30.54
C ALA C 19 17.83 -7.12 -30.32
N CYS C 20 17.51 -7.87 -31.37
CA CYS C 20 17.39 -9.32 -31.27
C CYS C 20 18.70 -9.99 -30.90
N PRO C 21 18.64 -10.92 -29.88
CA PRO C 21 19.92 -11.57 -29.55
C PRO C 21 20.08 -12.91 -30.25
N THR C 22 19.01 -13.47 -30.79
CA THR C 22 19.08 -14.76 -31.48
C THR C 22 19.13 -14.66 -33.02
N ASP C 23 19.06 -13.45 -33.55
CA ASP C 23 19.10 -13.25 -35.00
C ASP C 23 17.88 -13.89 -35.67
N VAL C 24 16.71 -13.33 -35.41
CA VAL C 24 15.46 -13.81 -35.97
C VAL C 24 15.02 -12.89 -37.11
N LEU C 25 15.47 -11.66 -37.06
CA LEU C 25 15.07 -10.71 -38.08
C LEU C 25 16.17 -10.19 -38.95
N GLU C 26 15.81 -9.58 -40.07
CA GLU C 26 16.78 -8.99 -40.99
C GLU C 26 16.14 -7.96 -41.88
N MET C 27 16.94 -7.11 -42.52
CA MET C 27 16.42 -6.06 -43.40
C MET C 27 16.24 -6.49 -44.86
N ILE C 28 15.25 -5.91 -45.52
CA ILE C 28 14.85 -6.32 -46.86
C ILE C 28 14.58 -5.12 -47.77
N PRO C 29 15.12 -5.15 -49.00
CA PRO C 29 14.82 -4.12 -50.01
C PRO C 29 13.33 -4.00 -50.28
N TRP C 30 12.81 -2.78 -50.29
CA TRP C 30 11.39 -2.54 -50.45
C TRP C 30 11.19 -1.11 -50.97
N GLY C 31 10.02 -0.82 -51.52
CA GLY C 31 9.76 0.49 -52.09
C GLY C 31 8.76 1.31 -51.30
N GLY C 32 8.41 0.83 -50.11
CA GLY C 32 7.33 1.43 -49.35
C GLY C 32 7.66 2.69 -48.55
N CYS C 33 8.93 2.87 -48.20
CA CYS C 33 9.32 4.03 -47.39
C CYS C 33 10.61 4.67 -47.89
N LYS C 34 10.99 5.80 -47.29
CA LYS C 34 12.16 6.56 -47.71
C LYS C 34 13.46 5.77 -47.54
N ALA C 35 13.53 4.97 -46.49
CA ALA C 35 14.69 4.13 -46.26
C ALA C 35 14.80 3.07 -47.34
N LYS C 36 13.64 2.72 -47.91
CA LYS C 36 13.53 1.67 -48.92
C LYS C 36 14.02 0.33 -48.39
N GLN C 37 13.91 0.15 -47.08
CA GLN C 37 14.18 -1.14 -46.45
C GLN C 37 12.97 -1.56 -45.64
N ILE C 38 12.95 -2.82 -45.22
CA ILE C 38 11.87 -3.32 -44.38
C ILE C 38 12.34 -4.54 -43.59
N ALA C 39 11.85 -4.69 -42.36
CA ALA C 39 12.22 -5.81 -41.52
C ALA C 39 11.69 -7.12 -42.08
N SER C 40 12.38 -8.20 -41.77
CA SER C 40 11.98 -9.54 -42.20
C SER C 40 12.14 -10.52 -41.05
N ALA C 41 11.31 -11.55 -41.01
CA ALA C 41 11.40 -12.55 -39.94
C ALA C 41 11.59 -13.95 -40.49
N PRO C 42 12.77 -14.26 -41.04
CA PRO C 42 13.00 -15.58 -41.63
C PRO C 42 13.19 -16.69 -40.60
N ARG C 43 13.95 -16.41 -39.54
CA ARG C 43 14.36 -17.46 -38.60
C ARG C 43 13.56 -17.46 -37.31
N THR C 44 12.25 -17.67 -37.41
CA THR C 44 11.39 -17.70 -36.23
C THR C 44 11.69 -18.89 -35.33
N GLU C 45 12.44 -19.86 -35.85
CA GLU C 45 12.77 -21.04 -35.07
C GLU C 45 13.66 -20.72 -33.90
N ASP C 46 14.50 -19.69 -34.06
CA ASP C 46 15.43 -19.28 -33.03
C ASP C 46 14.85 -18.19 -32.14
N CYS C 47 13.60 -17.83 -32.39
CA CYS C 47 12.92 -16.81 -31.61
C CYS C 47 12.57 -17.26 -30.19
N VAL C 48 12.98 -16.47 -29.20
CA VAL C 48 12.72 -16.77 -27.80
C VAL C 48 11.48 -16.05 -27.28
N GLY C 49 11.10 -14.97 -27.97
CA GLY C 49 9.87 -14.26 -27.65
C GLY C 49 9.97 -13.20 -26.57
N CYS C 50 11.11 -12.52 -26.51
CA CYS C 50 11.38 -11.57 -25.44
C CYS C 50 10.88 -10.17 -25.73
N LYS C 51 10.49 -9.92 -26.98
CA LYS C 51 9.94 -8.64 -27.41
C LYS C 51 10.91 -7.46 -27.23
N ARG C 52 12.21 -7.74 -27.35
CA ARG C 52 13.22 -6.68 -27.34
C ARG C 52 13.07 -5.84 -28.61
N CYS C 53 12.62 -6.48 -29.67
CA CYS C 53 12.40 -5.83 -30.95
C CYS C 53 11.30 -4.80 -30.88
N GLU C 54 10.26 -5.10 -30.10
CA GLU C 54 9.11 -4.22 -29.97
C GLU C 54 9.46 -2.95 -29.20
N SER C 55 10.40 -3.06 -28.26
CA SER C 55 10.78 -1.94 -27.42
C SER C 55 11.77 -1.01 -28.12
N ALA C 56 12.08 -1.31 -29.37
CA ALA C 56 12.97 -0.48 -30.16
C ALA C 56 12.22 0.15 -31.32
N CYS C 57 11.00 -0.31 -31.55
CA CYS C 57 10.18 0.19 -32.65
C CYS C 57 9.64 1.60 -32.36
N PRO C 58 9.90 2.54 -33.29
CA PRO C 58 9.47 3.93 -33.16
C PRO C 58 8.15 4.24 -33.84
N THR C 59 7.66 3.33 -34.68
CA THR C 59 6.37 3.52 -35.36
C THR C 59 5.24 3.62 -34.33
N ASP C 60 4.27 4.48 -34.58
CA ASP C 60 3.10 4.56 -33.71
C ASP C 60 2.43 3.20 -33.70
N PHE C 61 2.62 2.51 -32.58
CA PHE C 61 2.37 1.08 -32.43
C PHE C 61 3.29 0.28 -33.37
N LEU C 62 3.54 -0.96 -32.96
CA LEU C 62 4.61 -1.76 -33.50
C LEU C 62 4.40 -2.19 -34.95
N SER C 63 5.47 -2.12 -35.74
CA SER C 63 5.47 -2.65 -37.09
C SER C 63 5.86 -4.12 -37.03
N VAL C 64 6.57 -4.48 -35.96
CA VAL C 64 6.92 -5.87 -35.70
C VAL C 64 6.15 -6.37 -34.48
N ARG C 65 5.43 -7.48 -34.66
CA ARG C 65 4.62 -8.02 -33.59
C ARG C 65 4.95 -9.48 -33.29
N VAL C 66 5.20 -9.78 -32.02
CA VAL C 66 5.49 -11.14 -31.60
C VAL C 66 4.28 -11.80 -30.96
N TYR C 67 3.84 -12.91 -31.55
CA TYR C 67 2.70 -13.65 -31.03
C TYR C 67 3.15 -14.97 -30.43
N LEU C 68 3.28 -15.01 -29.11
CA LEU C 68 3.73 -16.19 -28.40
C LEU C 68 2.84 -17.39 -28.70
N TRP C 69 3.40 -18.38 -29.40
CA TRP C 69 2.63 -19.55 -29.79
C TRP C 69 3.18 -20.80 -29.12
N HIS C 70 3.33 -21.88 -29.88
CA HIS C 70 3.80 -23.15 -29.35
C HIS C 70 5.21 -23.05 -28.78
N GLU C 71 5.46 -23.76 -27.69
CA GLU C 71 6.75 -23.70 -27.01
C GLU C 71 7.69 -24.81 -27.46
N THR C 72 8.94 -24.45 -27.68
CA THR C 72 10.00 -25.41 -28.01
C THR C 72 11.21 -25.11 -27.13
N THR C 73 12.20 -26.00 -27.15
CA THR C 73 13.40 -25.80 -26.36
C THR C 73 14.03 -24.46 -26.69
N ARG C 74 14.12 -24.14 -27.98
CA ARG C 74 14.71 -22.89 -28.42
C ARG C 74 13.91 -21.69 -27.91
N SER C 75 12.59 -21.81 -27.96
CA SER C 75 11.72 -20.73 -27.51
C SER C 75 11.75 -20.64 -26.00
N MET C 76 11.90 -21.79 -25.35
CA MET C 76 11.92 -21.85 -23.89
C MET C 76 13.24 -21.30 -23.34
N GLY C 77 14.22 -21.15 -24.23
CA GLY C 77 15.49 -20.57 -23.85
C GLY C 77 16.33 -21.48 -22.96
N LEU C 78 16.12 -22.78 -23.10
CA LEU C 78 16.82 -23.77 -22.26
C LEU C 78 18.23 -24.05 -22.76
N ALA C 79 19.15 -24.20 -21.82
CA ALA C 79 20.53 -24.56 -22.14
C ALA C 79 20.84 -25.98 -21.68
N TYR C 80 19.80 -26.68 -21.23
CA TYR C 80 19.95 -28.03 -20.71
C TYR C 80 18.95 -28.99 -21.33
N THR D 1 26.27 -16.47 -51.56
CA THR D 1 27.51 -16.56 -50.78
C THR D 1 27.84 -18.00 -50.41
N PRO D 2 29.19 -18.31 -50.38
CA PRO D 2 29.49 -19.70 -50.02
C PRO D 2 29.91 -19.77 -48.56
N PRO D 3 29.22 -20.67 -47.75
CA PRO D 3 29.68 -20.69 -46.36
C PRO D 3 31.13 -21.13 -46.32
N GLU D 4 31.93 -20.49 -45.48
CA GLU D 4 33.34 -20.80 -45.41
C GLU D 4 33.68 -22.15 -44.84
N LEU D 5 32.98 -22.55 -43.79
CA LEU D 5 33.17 -23.85 -43.15
C LEU D 5 34.27 -23.75 -42.10
N ASP D 6 34.20 -24.60 -41.09
CA ASP D 6 35.16 -24.61 -40.02
C ASP D 6 35.65 -26.02 -39.87
N PRO D 7 37.01 -26.21 -39.74
CA PRO D 7 37.41 -27.61 -39.60
C PRO D 7 37.96 -27.93 -38.24
N ASN D 8 39.07 -27.30 -37.94
CA ASN D 8 39.79 -27.46 -36.72
C ASN D 8 40.38 -26.10 -36.48
N THR D 9 40.43 -25.71 -35.22
CA THR D 9 41.00 -24.44 -34.86
C THR D 9 41.29 -24.60 -33.41
N PRO D 10 42.23 -23.74 -32.88
CA PRO D 10 42.47 -23.94 -31.46
C PRO D 10 41.43 -23.22 -30.61
N SER D 11 41.16 -23.73 -29.42
CA SER D 11 40.20 -23.11 -28.51
C SER D 11 40.86 -22.04 -27.65
N PRO D 12 40.03 -21.01 -27.23
CA PRO D 12 40.70 -19.99 -26.39
C PRO D 12 41.05 -20.52 -25.01
N ILE D 13 42.08 -19.96 -24.39
CA ILE D 13 42.50 -20.39 -23.06
C ILE D 13 41.43 -20.06 -22.03
N PHE D 14 41.20 -20.94 -21.07
CA PHE D 14 40.17 -20.69 -20.07
C PHE D 14 40.29 -21.49 -18.76
N GLY D 15 40.50 -22.80 -18.86
CA GLY D 15 40.63 -23.63 -17.68
C GLY D 15 39.39 -24.30 -17.09
N GLY D 16 38.23 -24.11 -17.70
CA GLY D 16 37.03 -24.77 -17.21
C GLY D 16 35.97 -23.98 -16.46
N SER D 17 34.73 -24.49 -16.49
CA SER D 17 33.61 -23.86 -15.81
C SER D 17 32.48 -24.85 -15.62
N THR D 18 31.42 -24.42 -14.95
CA THR D 18 30.25 -25.27 -14.72
C THR D 18 29.06 -24.80 -15.53
N GLY D 19 29.29 -23.86 -16.44
CA GLY D 19 28.24 -23.33 -17.28
C GLY D 19 28.31 -23.86 -18.70
N GLY D 20 29.20 -24.82 -18.92
CA GLY D 20 29.38 -25.38 -20.25
C GLY D 20 28.25 -26.29 -20.71
N LEU D 21 28.51 -27.04 -21.77
CA LEU D 21 27.51 -27.93 -22.35
C LEU D 21 27.18 -29.04 -21.43
N LEU D 22 25.96 -29.55 -21.50
CA LEU D 22 25.58 -30.64 -20.65
C LEU D 22 24.46 -31.51 -21.18
N ARG D 23 24.79 -32.63 -21.77
CA ARG D 23 23.79 -33.56 -22.26
C ARG D 23 22.95 -33.07 -23.41
N LYS D 24 22.52 -31.83 -23.40
CA LYS D 24 21.71 -31.34 -24.49
C LYS D 24 22.55 -31.43 -25.72
N ALA D 25 23.83 -31.11 -25.57
CA ALA D 25 24.74 -31.12 -26.68
C ALA D 25 24.88 -32.52 -27.26
N GLN D 26 24.93 -33.50 -26.40
CA GLN D 26 25.05 -34.87 -26.84
C GLN D 26 23.87 -35.37 -27.62
N VAL D 27 22.67 -35.01 -27.19
CA VAL D 27 21.46 -35.50 -27.84
C VAL D 27 20.61 -34.56 -28.69
N GLU D 28 20.79 -33.25 -28.61
CA GLU D 28 19.96 -32.35 -29.41
C GLU D 28 20.80 -31.44 -30.25
N GLU D 29 21.29 -30.37 -29.66
CA GLU D 29 22.16 -29.47 -30.41
C GLU D 29 23.10 -28.64 -29.56
N PHE D 30 24.19 -28.18 -30.19
CA PHE D 30 25.16 -27.32 -29.54
C PHE D 30 25.67 -26.35 -30.61
N TYR D 31 26.00 -25.13 -30.22
CA TYR D 31 26.45 -24.12 -31.17
C TYR D 31 27.89 -23.70 -30.98
N VAL D 32 28.62 -23.62 -32.09
CA VAL D 32 30.02 -23.20 -32.08
C VAL D 32 30.19 -21.85 -32.76
N ILE D 33 31.12 -21.06 -32.28
CA ILE D 33 31.41 -19.73 -32.82
C ILE D 33 32.88 -19.52 -33.10
N THR D 34 33.19 -18.95 -34.26
CA THR D 34 34.56 -18.70 -34.67
C THR D 34 34.85 -17.24 -34.98
N TRP D 35 35.99 -16.74 -34.52
CA TRP D 35 36.39 -15.36 -34.79
C TRP D 35 37.92 -15.25 -34.79
N GLU D 36 38.47 -14.31 -35.56
CA GLU D 36 39.93 -14.15 -35.60
C GLU D 36 40.37 -12.89 -34.87
N SER D 37 41.35 -13.04 -33.99
CA SER D 37 41.87 -11.93 -33.21
C SER D 37 43.27 -11.48 -33.62
N PRO D 38 43.43 -10.11 -33.78
CA PRO D 38 44.78 -9.71 -34.18
C PRO D 38 45.74 -9.73 -32.99
N LYS D 39 45.20 -9.97 -31.81
CA LYS D 39 46.02 -10.00 -30.60
C LYS D 39 45.46 -10.98 -29.57
N GLU D 40 46.35 -11.62 -28.82
CA GLU D 40 45.97 -12.46 -27.70
C GLU D 40 45.33 -11.60 -26.61
N GLN D 41 44.05 -11.26 -26.78
CA GLN D 41 43.35 -10.38 -25.85
C GLN D 41 42.62 -11.16 -24.77
N ILE D 42 41.85 -10.44 -23.95
CA ILE D 42 41.06 -11.07 -22.89
C ILE D 42 39.60 -10.64 -23.00
N PHE D 43 38.71 -11.62 -23.07
CA PHE D 43 37.28 -11.34 -23.21
C PHE D 43 36.50 -11.99 -22.07
N GLU D 44 35.29 -11.49 -21.82
CA GLU D 44 34.54 -11.88 -20.64
C GLU D 44 34.09 -13.33 -20.64
N MET D 45 33.64 -13.80 -21.81
CA MET D 45 33.03 -15.14 -21.95
C MET D 45 31.76 -15.25 -21.12
N PRO D 46 30.60 -15.37 -21.78
CA PRO D 46 29.36 -15.58 -21.03
C PRO D 46 29.39 -16.93 -20.32
N THR D 47 28.50 -17.10 -19.33
CA THR D 47 28.44 -18.32 -18.53
C THR D 47 29.80 -18.64 -17.89
N GLY D 48 30.40 -17.62 -17.29
CA GLY D 48 31.71 -17.76 -16.67
C GLY D 48 32.45 -16.43 -16.69
N GLY D 49 33.75 -16.47 -16.44
CA GLY D 49 34.50 -15.25 -16.48
C GLY D 49 35.96 -15.33 -16.81
N ALA D 50 36.41 -14.40 -17.62
CA ALA D 50 37.81 -14.34 -17.96
C ALA D 50 38.37 -15.52 -18.69
N ALA D 51 38.65 -15.28 -19.97
CA ALA D 51 39.26 -16.24 -20.84
C ALA D 51 40.12 -15.42 -21.75
N ILE D 52 41.27 -15.97 -22.15
CA ILE D 52 42.16 -15.26 -23.06
C ILE D 52 41.70 -15.56 -24.48
N MET D 53 41.54 -14.51 -25.28
CA MET D 53 41.04 -14.65 -26.65
C MET D 53 41.87 -15.47 -27.61
N ARG D 54 43.18 -15.31 -27.58
CA ARG D 54 44.12 -16.03 -28.45
C ARG D 54 44.26 -15.28 -29.76
N GLU D 55 45.26 -15.63 -30.56
CA GLU D 55 45.45 -15.00 -31.86
C GLU D 55 45.39 -16.11 -32.89
N GLY D 56 44.53 -15.97 -33.88
CA GLY D 56 44.40 -17.01 -34.88
C GLY D 56 42.95 -17.29 -35.22
N PRO D 57 42.71 -18.55 -35.72
CA PRO D 57 41.30 -18.81 -36.05
C PRO D 57 40.32 -18.74 -34.87
N ASN D 58 40.70 -19.24 -33.68
CA ASN D 58 39.80 -19.18 -32.52
C ASN D 58 38.45 -19.87 -32.71
N LEU D 59 38.29 -21.05 -32.09
CA LEU D 59 37.04 -21.79 -32.19
C LEU D 59 36.45 -22.09 -30.81
N LEU D 60 35.17 -21.76 -30.62
CA LEU D 60 34.50 -21.99 -29.35
C LEU D 60 33.14 -22.67 -29.51
N LYS D 61 32.84 -23.65 -28.65
CA LYS D 61 31.56 -24.35 -28.71
C LYS D 61 30.67 -23.97 -27.54
N LEU D 62 29.46 -23.54 -27.85
CA LEU D 62 28.49 -23.12 -26.84
C LEU D 62 27.12 -23.72 -27.12
N ALA D 63 26.14 -23.30 -26.33
CA ALA D 63 24.78 -23.79 -26.48
C ALA D 63 23.77 -22.65 -26.45
N ARG D 64 22.63 -22.87 -27.10
CA ARG D 64 21.53 -21.91 -27.17
C ARG D 64 21.60 -20.90 -28.29
N LYS D 65 22.69 -20.88 -29.04
CA LYS D 65 22.80 -19.93 -30.15
C LYS D 65 22.98 -18.52 -29.63
N GLU D 66 22.08 -18.13 -28.74
CA GLU D 66 22.07 -16.79 -28.16
C GLU D 66 23.36 -16.50 -27.43
N GLN D 67 23.93 -17.51 -26.79
CA GLN D 67 25.17 -17.31 -26.07
C GLN D 67 26.23 -16.88 -27.07
N CYS D 68 26.23 -17.50 -28.25
CA CYS D 68 27.19 -17.16 -29.28
C CYS D 68 27.07 -15.73 -29.79
N LEU D 69 25.83 -15.30 -30.04
CA LEU D 69 25.60 -13.95 -30.53
C LEU D 69 26.01 -12.90 -29.51
N ALA D 70 25.68 -13.16 -28.25
CA ALA D 70 26.03 -12.24 -27.18
C ALA D 70 27.53 -12.03 -27.22
N LEU D 71 28.26 -13.13 -27.29
CA LEU D 71 29.72 -13.05 -27.37
C LEU D 71 30.12 -12.34 -28.64
N GLY D 72 29.49 -12.73 -29.75
CA GLY D 72 29.78 -12.15 -31.05
C GLY D 72 29.51 -10.66 -31.12
N THR D 73 28.42 -10.22 -30.51
CA THR D 73 28.07 -8.80 -30.52
C THR D 73 29.01 -8.02 -29.61
N ARG D 74 29.56 -8.69 -28.60
CA ARG D 74 30.58 -8.08 -27.75
C ARG D 74 31.92 -8.15 -28.48
N LEU D 75 32.09 -9.19 -29.29
CA LEU D 75 33.31 -9.37 -30.05
C LEU D 75 33.45 -8.33 -31.16
N ARG D 76 32.32 -7.90 -31.71
CA ARG D 76 32.32 -6.89 -32.77
C ARG D 76 32.57 -5.51 -32.18
N SER D 77 32.03 -5.28 -30.99
CA SER D 77 32.34 -4.07 -30.21
C SER D 77 33.65 -4.32 -29.47
N LYS D 78 34.07 -3.34 -28.66
CA LYS D 78 35.33 -3.44 -27.92
C LYS D 78 36.52 -3.68 -28.84
N TYR D 79 36.52 -4.85 -29.48
CA TYR D 79 37.53 -5.20 -30.48
C TYR D 79 36.88 -5.21 -31.86
N LYS D 80 37.61 -4.72 -32.87
CA LYS D 80 37.06 -4.70 -34.22
C LYS D 80 37.20 -6.08 -34.86
N ILE D 81 36.37 -7.02 -34.43
CA ILE D 81 36.51 -8.42 -34.83
C ILE D 81 35.28 -8.96 -35.57
N LYS D 82 35.55 -9.66 -36.68
CA LYS D 82 34.52 -10.34 -37.44
C LYS D 82 34.28 -11.73 -36.85
N TYR D 83 33.05 -12.23 -36.91
CA TYR D 83 32.74 -13.53 -36.35
C TYR D 83 31.63 -14.29 -37.06
N GLN D 84 31.60 -15.61 -36.84
CA GLN D 84 30.58 -16.46 -37.44
C GLN D 84 30.35 -17.68 -36.54
N PHE D 85 29.09 -18.11 -36.45
CA PHE D 85 28.75 -19.28 -35.63
C PHE D 85 27.78 -20.21 -36.35
N TYR D 86 27.85 -21.50 -36.02
CA TYR D 86 26.98 -22.50 -36.64
C TYR D 86 26.31 -23.38 -35.59
N ARG D 87 25.38 -24.22 -36.04
CA ARG D 87 24.71 -25.17 -35.18
C ARG D 87 25.24 -26.56 -35.57
N VAL D 88 26.03 -27.14 -34.68
CA VAL D 88 26.66 -28.44 -34.93
C VAL D 88 25.81 -29.70 -35.07
N PHE D 89 24.80 -29.86 -34.23
CA PHE D 89 23.95 -31.05 -34.26
C PHE D 89 24.71 -32.19 -33.58
N PRO D 90 24.06 -33.43 -33.55
CA PRO D 90 24.81 -34.48 -32.88
C PRO D 90 25.46 -35.45 -33.85
N SER D 91 24.99 -35.45 -35.09
CA SER D 91 25.53 -36.34 -36.09
C SER D 91 26.14 -35.53 -37.22
N GLY D 92 27.27 -34.90 -36.94
CA GLY D 92 27.94 -34.08 -37.93
C GLY D 92 26.93 -33.07 -38.41
N GLU D 93 26.85 -32.92 -39.73
CA GLU D 93 25.91 -32.01 -40.35
C GLU D 93 26.47 -30.61 -40.35
N VAL D 94 26.11 -29.81 -41.34
CA VAL D 94 26.64 -28.47 -41.40
C VAL D 94 25.59 -27.41 -41.63
N GLN D 95 25.08 -26.85 -40.55
CA GLN D 95 24.10 -25.80 -40.68
C GLN D 95 24.81 -24.52 -40.31
N TYR D 96 24.85 -23.59 -41.25
CA TYR D 96 25.52 -22.32 -41.05
C TYR D 96 24.51 -21.19 -40.99
N LEU D 97 24.43 -20.53 -39.83
CA LEU D 97 23.53 -19.42 -39.65
C LEU D 97 24.27 -18.22 -39.10
N HIS D 98 24.05 -17.06 -39.70
CA HIS D 98 24.70 -15.84 -39.24
C HIS D 98 26.22 -15.87 -39.42
N PRO D 99 26.79 -14.89 -40.22
CA PRO D 99 25.82 -13.96 -40.82
C PRO D 99 24.85 -14.59 -41.81
N LYS D 100 25.34 -15.57 -42.58
CA LYS D 100 24.57 -16.25 -43.61
C LYS D 100 24.76 -15.46 -44.90
N ASP D 101 23.86 -14.52 -45.18
CA ASP D 101 23.97 -13.68 -46.37
C ASP D 101 25.40 -13.18 -46.55
N GLY D 102 26.16 -13.20 -45.47
CA GLY D 102 27.53 -12.75 -45.50
C GLY D 102 27.61 -11.29 -45.18
N VAL D 103 26.47 -10.65 -45.05
CA VAL D 103 26.42 -9.27 -44.67
C VAL D 103 25.43 -9.22 -43.55
N TYR D 104 25.76 -8.48 -42.52
CA TYR D 104 24.91 -8.39 -41.39
C TYR D 104 23.44 -8.06 -41.62
N PRO D 105 22.63 -8.84 -40.77
CA PRO D 105 21.18 -8.68 -40.92
C PRO D 105 20.70 -7.23 -40.87
N GLU D 106 21.38 -6.40 -40.09
CA GLU D 106 20.96 -5.00 -39.96
C GLU D 106 21.22 -4.22 -41.24
N LYS D 107 22.15 -4.71 -42.05
CA LYS D 107 22.47 -4.07 -43.32
C LYS D 107 21.67 -4.71 -44.46
N VAL D 108 20.92 -3.88 -45.15
CA VAL D 108 20.05 -4.30 -46.22
C VAL D 108 20.82 -5.00 -47.30
N ASN D 109 20.30 -6.10 -47.78
CA ASN D 109 20.96 -6.84 -48.83
C ASN D 109 20.05 -7.09 -49.98
N PRO D 110 20.71 -7.31 -51.18
CA PRO D 110 19.88 -7.52 -52.36
C PRO D 110 18.91 -8.70 -52.55
N GLY D 111 19.20 -9.93 -52.15
CA GLY D 111 18.25 -11.00 -52.41
C GLY D 111 17.87 -11.89 -51.26
N ARG D 112 17.08 -11.37 -50.34
CA ARG D 112 16.72 -12.12 -49.16
C ARG D 112 15.35 -12.81 -48.98
N GLN D 113 14.29 -12.30 -49.60
CA GLN D 113 12.95 -12.87 -49.45
C GLN D 113 12.36 -12.35 -48.17
N GLY D 114 11.15 -11.83 -48.25
CA GLY D 114 10.49 -11.19 -47.12
C GLY D 114 10.17 -12.04 -45.91
N VAL D 115 9.40 -13.11 -46.12
CA VAL D 115 8.99 -14.03 -45.06
C VAL D 115 8.17 -13.36 -43.96
N GLY D 116 6.86 -13.56 -43.99
CA GLY D 116 5.98 -13.07 -42.95
C GLY D 116 5.77 -11.57 -42.96
N VAL D 117 5.69 -10.99 -44.16
CA VAL D 117 5.43 -9.56 -44.29
C VAL D 117 3.96 -9.30 -44.59
N ASN D 118 3.33 -8.47 -43.77
CA ASN D 118 1.93 -8.11 -43.96
C ASN D 118 1.79 -6.69 -44.51
N PHE D 119 1.20 -6.58 -45.69
CA PHE D 119 1.05 -5.29 -46.34
C PHE D 119 -0.29 -4.66 -46.03
N ARG D 120 -0.94 -5.19 -44.99
CA ARG D 120 -2.24 -4.70 -44.55
C ARG D 120 -2.09 -3.52 -43.60
N SER D 121 -1.01 -3.54 -42.81
CA SER D 121 -0.78 -2.64 -41.66
C SER D 121 -1.61 -3.09 -40.45
N ILE D 122 -0.99 -2.97 -39.27
CA ILE D 122 -1.60 -3.41 -38.01
C ILE D 122 -2.92 -2.66 -37.76
N GLY D 123 -3.80 -3.27 -36.96
CA GLY D 123 -5.09 -2.66 -36.66
C GLY D 123 -6.15 -3.00 -37.69
N LYS D 124 -5.71 -3.50 -38.84
CA LYS D 124 -6.63 -3.91 -39.89
C LYS D 124 -6.82 -5.42 -39.88
N ASN D 125 -6.33 -6.05 -38.81
CA ASN D 125 -6.52 -7.49 -38.62
C ASN D 125 -7.97 -7.82 -38.29
N VAL D 126 -8.40 -9.02 -38.62
CA VAL D 126 -9.78 -9.42 -38.38
C VAL D 126 -10.00 -10.00 -36.99
N SER D 127 -11.22 -10.49 -36.79
CA SER D 127 -11.63 -11.11 -35.54
C SER D 127 -12.16 -12.48 -35.91
N PRO D 128 -11.93 -13.49 -34.98
CA PRO D 128 -12.43 -14.82 -35.39
C PRO D 128 -13.95 -14.91 -35.37
N ILE D 129 -14.57 -15.84 -36.11
CA ILE D 129 -13.93 -16.85 -36.98
C ILE D 129 -13.44 -18.13 -36.27
N GLU D 130 -14.13 -19.23 -36.52
CA GLU D 130 -13.80 -20.53 -35.93
C GLU D 130 -12.88 -21.33 -36.85
N VAL D 131 -12.57 -20.77 -38.01
CA VAL D 131 -11.72 -21.40 -39.00
C VAL D 131 -10.25 -21.36 -38.58
N LYS D 132 -9.44 -22.17 -39.24
CA LYS D 132 -8.02 -22.23 -38.93
C LYS D 132 -7.37 -20.88 -39.21
N PHE D 133 -6.30 -20.59 -38.47
CA PHE D 133 -5.54 -19.35 -38.54
C PHE D 133 -6.03 -18.36 -37.50
N THR D 134 -5.22 -17.35 -37.21
CA THR D 134 -5.58 -16.35 -36.20
C THR D 134 -5.89 -14.97 -36.74
N GLY D 135 -5.63 -14.74 -38.02
CA GLY D 135 -5.91 -13.44 -38.60
C GLY D 135 -4.71 -12.52 -38.74
N LYS D 136 -3.62 -12.85 -38.05
CA LYS D 136 -2.39 -12.08 -38.18
C LYS D 136 -1.46 -12.71 -39.21
N GLN D 137 -2.05 -13.49 -40.13
CA GLN D 137 -1.31 -14.19 -41.18
C GLN D 137 -0.40 -13.26 -41.96
N PRO E 1 0.13 20.07 -54.81
CA PRO E 1 1.03 18.92 -54.68
C PRO E 1 0.57 17.98 -53.57
N ILE E 2 -0.55 17.31 -53.80
CA ILE E 2 -1.14 16.38 -52.85
C ILE E 2 -2.02 17.11 -51.84
N GLY E 3 -2.65 16.34 -50.95
CA GLY E 3 -3.58 16.84 -49.94
C GLY E 3 -3.35 17.75 -48.74
N PRO E 4 -2.21 17.56 -47.96
CA PRO E 4 -2.14 18.43 -46.78
C PRO E 4 -1.05 19.47 -46.82
N LYS E 5 -1.36 20.67 -46.37
CA LYS E 5 -0.39 21.75 -46.36
C LYS E 5 0.79 21.41 -45.44
N ARG E 6 1.76 22.29 -45.35
CA ARG E 6 2.94 22.05 -44.53
C ARG E 6 2.72 22.43 -43.07
N GLY E 7 1.89 23.45 -42.83
CA GLY E 7 1.66 23.92 -41.48
C GLY E 7 0.28 23.61 -40.95
N ALA E 8 -0.51 22.88 -41.73
CA ALA E 8 -1.89 22.59 -41.38
C ALA E 8 -2.00 21.61 -40.21
N LYS E 9 -3.02 21.83 -39.39
CA LYS E 9 -3.33 20.99 -38.26
C LYS E 9 -4.12 19.84 -38.79
N VAL E 10 -3.89 18.65 -38.27
CA VAL E 10 -4.63 17.48 -38.76
C VAL E 10 -5.06 16.53 -37.69
N LYS E 11 -6.24 15.97 -37.90
CA LYS E 11 -6.84 15.04 -36.98
C LYS E 11 -6.51 13.63 -37.40
N ILE E 12 -6.08 12.80 -36.46
CA ILE E 12 -5.71 11.43 -36.78
C ILE E 12 -6.90 10.50 -36.91
N LEU E 13 -6.86 9.60 -37.87
CA LEU E 13 -7.96 8.67 -38.08
C LEU E 13 -7.59 7.20 -38.02
N ARG E 14 -6.40 6.90 -37.53
CA ARG E 14 -5.93 5.52 -37.46
C ARG E 14 -6.67 4.52 -36.59
N GLN E 15 -7.11 4.92 -35.41
CA GLN E 15 -7.80 4.04 -34.46
C GLN E 15 -6.81 3.30 -33.58
N GLU E 16 -5.63 3.06 -34.10
CA GLU E 16 -4.60 2.36 -33.33
C GLU E 16 -3.55 3.34 -32.84
N SER E 17 -3.65 4.59 -33.28
CA SER E 17 -2.67 5.58 -32.88
C SER E 17 -2.93 6.11 -31.49
N TYR E 18 -1.87 6.52 -30.81
CA TYR E 18 -1.99 7.03 -29.46
C TYR E 18 -2.89 8.24 -29.52
N TRP E 19 -2.71 9.04 -30.56
CA TRP E 19 -3.51 10.21 -30.78
C TRP E 19 -4.65 9.84 -31.73
N TYR E 20 -5.49 8.89 -31.35
CA TYR E 20 -6.53 8.44 -32.26
C TYR E 20 -7.50 9.49 -32.74
N LYS E 21 -8.04 10.32 -31.88
CA LYS E 21 -8.97 11.33 -32.36
C LYS E 21 -8.44 12.70 -32.10
N GLY E 22 -7.17 12.77 -31.78
CA GLY E 22 -6.53 14.02 -31.47
C GLY E 22 -6.09 14.73 -32.71
N THR E 23 -5.46 15.87 -32.49
CA THR E 23 -4.96 16.71 -33.56
C THR E 23 -3.48 16.80 -33.48
N GLY E 24 -2.85 17.20 -34.57
CA GLY E 24 -1.41 17.33 -34.62
C GLY E 24 -0.92 18.15 -35.78
N SER E 25 0.29 18.67 -35.66
CA SER E 25 0.89 19.46 -36.73
C SER E 25 1.70 18.58 -37.67
N VAL E 26 1.67 18.89 -38.96
CA VAL E 26 2.42 18.11 -39.94
C VAL E 26 3.80 18.71 -40.20
N VAL E 27 4.82 17.87 -40.25
CA VAL E 27 6.17 18.33 -40.56
C VAL E 27 6.28 18.62 -42.04
N THR E 28 6.03 17.60 -42.85
CA THR E 28 6.07 17.69 -44.29
C THR E 28 5.32 16.52 -44.92
N VAL E 29 5.40 16.39 -46.22
CA VAL E 29 4.73 15.30 -46.90
C VAL E 29 5.52 14.88 -48.12
N ASP E 30 6.16 13.73 -48.04
CA ASP E 30 6.94 13.24 -49.17
C ASP E 30 6.03 13.04 -50.35
N GLN E 31 6.57 13.24 -51.54
CA GLN E 31 5.81 13.09 -52.78
C GLN E 31 6.02 11.82 -53.60
N ASP E 32 6.87 10.90 -53.13
CA ASP E 32 7.05 9.65 -53.85
C ASP E 32 5.76 8.84 -53.76
N PRO E 33 5.16 8.51 -54.92
CA PRO E 33 3.96 7.67 -54.95
C PRO E 33 4.18 6.31 -54.31
N ASN E 34 5.43 5.86 -54.31
CA ASN E 34 5.80 4.59 -53.71
C ASN E 34 5.51 4.54 -52.21
N THR E 35 5.71 5.67 -51.55
CA THR E 35 5.53 5.79 -50.11
C THR E 35 4.11 5.54 -49.62
N ARG E 36 3.92 4.48 -48.84
CA ARG E 36 2.61 4.18 -48.31
C ARG E 36 2.15 5.22 -47.34
N TYR E 37 3.05 5.61 -46.44
CA TYR E 37 2.71 6.59 -45.43
C TYR E 37 3.64 7.77 -45.37
N PRO E 38 3.13 8.91 -45.95
CA PRO E 38 3.98 10.10 -45.84
C PRO E 38 3.22 10.95 -44.84
N VAL E 39 3.14 12.24 -45.06
CA VAL E 39 2.37 13.06 -44.15
C VAL E 39 2.83 13.07 -42.69
N VAL E 40 4.14 13.10 -42.46
CA VAL E 40 4.68 13.11 -41.11
C VAL E 40 3.93 14.08 -40.22
N VAL E 41 3.70 13.72 -38.97
CA VAL E 41 2.96 14.58 -38.05
C VAL E 41 3.66 14.74 -36.71
N ARG E 42 3.77 15.99 -36.25
CA ARG E 42 4.26 16.26 -34.89
C ARG E 42 3.10 16.31 -33.91
N PHE E 43 3.36 15.92 -32.67
CA PHE E 43 2.36 15.99 -31.61
C PHE E 43 2.92 16.67 -30.38
N ASN E 44 2.05 17.34 -29.63
CA ASN E 44 2.44 18.00 -28.39
C ASN E 44 2.68 16.98 -27.27
N LYS E 45 1.88 15.93 -27.26
CA LYS E 45 2.01 14.87 -26.27
C LYS E 45 2.66 13.62 -26.85
N VAL E 46 3.60 13.05 -26.11
CA VAL E 46 4.26 11.82 -26.52
C VAL E 46 3.38 10.62 -26.19
N ASN E 47 3.73 9.47 -26.73
CA ASN E 47 3.02 8.23 -26.40
C ASN E 47 3.80 7.40 -25.39
N TYR E 48 3.35 6.18 -25.16
CA TYR E 48 3.96 5.31 -24.16
C TYR E 48 5.40 4.98 -24.51
N ALA E 49 5.70 4.99 -25.80
CA ALA E 49 7.07 5.10 -26.26
C ALA E 49 7.34 6.58 -26.46
N ASN E 50 8.42 7.09 -25.88
CA ASN E 50 8.67 8.52 -25.88
C ASN E 50 9.03 9.08 -27.25
N VAL E 51 8.14 8.90 -28.22
CA VAL E 51 8.31 9.49 -29.54
C VAL E 51 7.20 10.52 -29.78
N SER E 52 7.54 11.58 -30.49
CA SER E 52 6.60 12.69 -30.70
C SER E 52 6.07 12.73 -32.12
N THR E 53 6.71 11.98 -33.02
CA THR E 53 6.33 12.01 -34.42
C THR E 53 5.94 10.64 -34.95
N ASN E 54 5.21 10.64 -36.06
CA ASN E 54 4.84 9.41 -36.74
C ASN E 54 4.33 9.68 -38.15
N ASN E 55 4.55 8.76 -39.08
CA ASN E 55 4.07 8.95 -40.42
C ASN E 55 2.73 8.31 -40.63
N TYR E 56 1.85 9.02 -41.32
CA TYR E 56 0.50 8.52 -41.56
C TYR E 56 0.06 8.41 -43.01
N ALA E 57 -1.02 7.69 -43.20
CA ALA E 57 -1.60 7.47 -44.51
C ALA E 57 -2.33 8.73 -44.96
N LEU E 58 -2.62 8.78 -46.25
CA LEU E 58 -3.27 9.95 -46.80
C LEU E 58 -4.65 10.22 -46.24
N ASP E 59 -5.32 9.21 -45.72
CA ASP E 59 -6.66 9.43 -45.20
C ASP E 59 -6.74 10.04 -43.79
N GLU E 60 -7.08 11.32 -43.77
CA GLU E 60 -7.25 12.09 -42.54
C GLU E 60 -8.02 13.39 -42.84
N VAL E 61 -8.58 14.01 -41.82
CA VAL E 61 -9.32 15.26 -42.01
C VAL E 61 -8.44 16.43 -41.60
N GLU E 62 -8.71 17.64 -42.07
CA GLU E 62 -7.87 18.76 -41.68
C GLU E 62 -8.60 19.67 -40.77
N GLU E 63 -7.99 20.79 -40.40
CA GLU E 63 -8.72 21.68 -39.51
C GLU E 63 -7.89 22.91 -39.15
N SER F 1 -35.04 6.53 14.56
CA SER F 1 -35.21 7.55 15.59
C SER F 1 -35.89 7.01 16.84
N GLY F 2 -35.49 5.83 17.29
CA GLY F 2 -35.94 5.30 18.56
C GLY F 2 -35.19 6.03 19.67
N LEU F 3 -34.21 6.82 19.26
CA LEU F 3 -33.36 7.59 20.16
C LEU F 3 -34.14 8.71 20.85
N THR F 4 -33.85 8.92 22.12
CA THR F 4 -34.43 10.04 22.87
C THR F 4 -33.33 11.04 23.18
N PRO F 5 -33.56 12.33 22.88
CA PRO F 5 -32.57 13.41 22.86
C PRO F 5 -31.56 13.38 24.02
N CYS F 6 -30.34 13.85 23.75
CA CYS F 6 -29.24 13.80 24.70
C CYS F 6 -29.55 14.48 26.03
N LYS F 7 -30.59 15.30 26.06
CA LYS F 7 -31.00 15.97 27.30
C LYS F 7 -31.63 14.98 28.27
N GLU F 8 -32.68 14.29 27.82
CA GLU F 8 -33.37 13.33 28.68
C GLU F 8 -32.75 11.94 28.58
N SER F 9 -31.45 11.89 28.33
CA SER F 9 -30.71 10.64 28.27
C SER F 9 -30.07 10.34 29.62
N LYS F 10 -30.18 9.09 30.06
CA LYS F 10 -29.54 8.70 31.31
C LYS F 10 -28.17 8.08 31.04
N GLN F 11 -28.01 7.51 29.85
CA GLN F 11 -26.74 6.89 29.46
C GLN F 11 -25.70 7.95 29.09
N PHE F 12 -26.09 8.86 28.19
CA PHE F 12 -25.22 9.93 27.74
C PHE F 12 -24.84 10.84 28.89
N ALA F 13 -25.74 10.99 29.84
CA ALA F 13 -25.47 11.75 31.05
C ALA F 13 -24.51 11.00 31.96
N LYS F 14 -24.75 9.69 32.09
CA LYS F 14 -23.88 8.82 32.87
C LYS F 14 -22.47 8.79 32.29
N ARG F 15 -22.39 8.83 30.96
CA ARG F 15 -21.11 8.74 30.26
C ARG F 15 -20.25 9.96 30.55
N GLU F 16 -20.89 11.11 30.73
CA GLU F 16 -20.20 12.35 31.08
C GLU F 16 -19.51 12.21 32.43
N LYS F 17 -20.27 11.72 33.41
CA LYS F 17 -19.77 11.57 34.76
C LYS F 17 -18.63 10.55 34.83
N GLN F 18 -18.77 9.45 34.10
CA GLN F 18 -17.74 8.41 34.08
C GLN F 18 -16.39 8.95 33.60
N SER F 19 -16.43 9.78 32.56
CA SER F 19 -15.21 10.29 31.95
C SER F 19 -14.46 11.27 32.84
N ILE F 20 -15.20 12.13 33.53
CA ILE F 20 -14.57 13.14 34.37
C ILE F 20 -14.03 12.57 35.68
N LYS F 21 -14.64 11.47 36.15
CA LYS F 21 -14.15 10.85 37.38
C LYS F 21 -12.78 10.23 37.14
N LYS F 22 -12.61 9.61 35.98
CA LYS F 22 -11.33 9.01 35.61
C LYS F 22 -10.23 10.07 35.51
N LEU F 23 -10.58 11.22 34.95
CA LEU F 23 -9.66 12.34 34.87
C LEU F 23 -9.32 12.85 36.26
N GLU F 24 -10.33 12.92 37.12
CA GLU F 24 -10.14 13.38 38.49
C GLU F 24 -9.24 12.42 39.27
N SER F 25 -9.32 11.13 38.93
CA SER F 25 -8.50 10.12 39.57
C SER F 25 -7.01 10.38 39.35
N SER F 26 -6.70 11.03 38.23
CA SER F 26 -5.31 11.27 37.85
C SER F 26 -4.67 12.45 38.56
N LEU F 27 -5.44 13.50 38.86
CA LEU F 27 -4.86 14.68 39.47
C LEU F 27 -4.52 14.48 40.94
N LYS F 28 -4.98 13.36 41.51
CA LYS F 28 -4.80 13.10 42.92
C LYS F 28 -3.35 12.77 43.28
N ILE F 29 -2.58 12.40 42.29
CA ILE F 29 -1.20 12.04 42.51
C ILE F 29 -0.20 13.13 42.18
N TYR F 30 -0.67 14.26 41.68
CA TYR F 30 0.24 15.32 41.30
C TYR F 30 0.25 16.51 42.25
N ALA F 31 -0.80 16.67 43.04
CA ALA F 31 -0.89 17.78 43.96
C ALA F 31 -1.19 19.07 43.20
N ALA F 32 -2.33 19.68 43.50
CA ALA F 32 -2.72 20.90 42.81
C ALA F 32 -1.60 21.86 42.85
N ASP F 33 -1.68 22.90 42.03
CA ASP F 33 -0.64 23.93 41.94
C ASP F 33 0.44 23.51 40.96
N SER F 34 0.40 22.24 40.58
CA SER F 34 1.37 21.67 39.64
C SER F 34 0.90 21.70 38.20
N ALA F 35 1.84 21.54 37.28
CA ALA F 35 1.53 21.57 35.86
C ALA F 35 0.56 20.51 35.43
N PRO F 36 0.96 19.20 35.66
CA PRO F 36 0.01 18.19 35.21
C PRO F 36 -1.38 18.37 35.76
N ALA F 37 -1.50 19.29 36.70
CA ALA F 37 -2.77 19.57 37.35
C ALA F 37 -3.75 20.29 36.47
N LEU F 38 -3.37 21.45 35.97
CA LEU F 38 -4.28 22.21 35.14
C LEU F 38 -4.63 21.42 33.92
N ALA F 39 -3.59 20.90 33.29
CA ALA F 39 -3.77 20.14 32.05
C ALA F 39 -4.88 19.11 32.20
N ILE F 40 -4.95 18.48 33.36
CA ILE F 40 -6.01 17.54 33.68
C ILE F 40 -7.34 18.28 33.87
N ASN F 41 -7.31 19.34 34.68
CA ASN F 41 -8.52 20.12 34.94
C ASN F 41 -9.02 20.87 33.71
N ALA F 42 -8.09 21.35 32.87
CA ALA F 42 -8.47 22.00 31.63
C ALA F 42 -9.15 21.00 30.71
N THR F 43 -8.73 19.74 30.80
CA THR F 43 -9.32 18.67 30.02
C THR F 43 -10.73 18.35 30.52
N ILE F 44 -10.94 18.54 31.82
CA ILE F 44 -12.23 18.24 32.44
C ILE F 44 -13.31 19.25 32.05
N GLU F 45 -12.95 20.52 31.99
CA GLU F 45 -13.90 21.56 31.65
C GLU F 45 -14.32 21.42 30.18
N LYS F 46 -13.36 21.08 29.33
CA LYS F 46 -13.63 20.80 27.93
C LYS F 46 -14.58 19.63 27.80
N THR F 47 -14.40 18.65 28.68
CA THR F 47 -15.26 17.47 28.72
C THR F 47 -16.69 17.87 29.09
N LYS F 48 -16.83 18.63 30.17
CA LYS F 48 -18.13 19.13 30.60
C LYS F 48 -18.75 20.02 29.52
N ARG F 49 -17.93 20.84 28.89
CA ARG F 49 -18.40 21.78 27.90
C ARG F 49 -18.97 21.10 26.66
N ARG F 50 -18.25 20.11 26.15
CA ARG F 50 -18.67 19.43 24.93
C ARG F 50 -19.93 18.60 25.18
N PHE F 51 -20.06 18.06 26.40
CA PHE F 51 -21.26 17.33 26.78
C PHE F 51 -22.42 18.30 26.91
N ASP F 52 -22.12 19.49 27.42
CA ASP F 52 -23.11 20.54 27.62
C ASP F 52 -23.63 21.06 26.28
N ASN F 53 -22.71 21.30 25.35
CA ASN F 53 -23.06 21.83 24.03
C ASN F 53 -23.90 20.86 23.20
N TYR F 54 -23.56 19.59 23.25
CA TYR F 54 -24.25 18.58 22.46
C TYR F 54 -25.73 18.48 22.83
N ALA F 55 -26.02 18.67 24.11
CA ALA F 55 -27.40 18.62 24.59
C ALA F 55 -28.17 19.86 24.12
N LYS F 56 -27.47 20.99 24.06
CA LYS F 56 -28.07 22.25 23.59
C LYS F 56 -28.53 22.15 22.15
N GLN F 57 -27.62 21.79 21.27
CA GLN F 57 -27.84 21.81 19.82
C GLN F 57 -28.83 20.76 19.34
N GLY F 58 -29.35 19.96 20.27
CA GLY F 58 -30.21 18.85 19.92
C GLY F 58 -29.44 17.56 20.09
N LEU F 59 -29.15 16.87 18.98
CA LEU F 59 -28.44 15.60 18.98
C LEU F 59 -29.19 14.54 19.78
N LEU F 60 -29.60 13.48 19.09
CA LEU F 60 -30.59 12.58 19.67
C LEU F 60 -30.04 11.54 20.65
N CYS F 61 -28.82 11.05 20.43
CA CYS F 61 -28.21 10.05 21.31
C CYS F 61 -28.97 8.73 21.38
N GLY F 62 -28.33 7.65 20.96
CA GLY F 62 -28.95 6.33 20.99
C GLY F 62 -29.02 5.75 22.39
N ALA F 63 -29.35 4.46 22.48
CA ALA F 63 -29.41 3.78 23.77
C ALA F 63 -28.02 3.61 24.34
N ASP F 64 -27.02 3.62 23.46
CA ASP F 64 -25.62 3.49 23.87
C ASP F 64 -25.14 4.73 24.62
N GLY F 65 -25.86 5.84 24.45
CA GLY F 65 -25.53 7.07 25.15
C GLY F 65 -24.59 7.97 24.37
N LEU F 66 -24.57 7.80 23.05
CA LEU F 66 -23.75 8.63 22.18
C LEU F 66 -24.60 9.24 21.09
N PRO F 67 -24.31 10.49 20.69
CA PRO F 67 -25.12 11.20 19.69
C PRO F 67 -25.10 10.52 18.32
N HIS F 68 -26.28 10.38 17.73
CA HIS F 68 -26.40 9.87 16.36
C HIS F 68 -26.88 10.98 15.44
N LEU F 69 -26.17 11.17 14.33
CA LEU F 69 -26.51 12.22 13.39
C LEU F 69 -27.66 11.80 12.46
N ILE F 70 -28.53 12.73 12.14
CA ILE F 70 -29.62 12.46 11.21
C ILE F 70 -29.44 13.23 9.90
N VAL F 71 -29.29 12.49 8.82
CA VAL F 71 -28.98 13.08 7.52
C VAL F 71 -30.14 12.95 6.53
N SER F 72 -31.32 12.64 7.04
CA SER F 72 -32.52 12.48 6.21
C SER F 72 -32.87 13.77 5.49
N GLY F 73 -32.43 14.89 6.05
CA GLY F 73 -32.75 16.20 5.50
C GLY F 73 -33.68 16.94 6.44
N ASP F 74 -34.07 16.28 7.53
CA ASP F 74 -34.97 16.84 8.52
C ASP F 74 -34.53 18.23 8.96
N GLN F 75 -35.42 19.20 8.82
CA GLN F 75 -35.11 20.60 9.10
C GLN F 75 -34.61 20.82 10.53
N ARG F 76 -35.04 19.95 11.43
CA ARG F 76 -34.63 20.02 12.83
C ARG F 76 -33.14 19.70 13.00
N HIS F 77 -32.57 19.00 12.04
CA HIS F 77 -31.20 18.54 12.14
C HIS F 77 -30.35 18.85 10.91
N TRP F 78 -30.63 20.00 10.28
CA TRP F 78 -29.87 20.42 9.10
C TRP F 78 -28.41 20.69 9.40
N GLY F 79 -28.14 21.18 10.60
CA GLY F 79 -26.79 21.52 10.99
C GLY F 79 -25.89 20.31 11.16
N GLU F 80 -26.48 19.12 11.14
CA GLU F 80 -25.73 17.90 11.35
C GLU F 80 -25.10 17.36 10.06
N PHE F 81 -25.53 17.87 8.91
CA PHE F 81 -25.02 17.37 7.64
C PHE F 81 -25.17 18.35 6.47
N ILE F 82 -26.38 18.83 6.24
CA ILE F 82 -26.64 19.69 5.08
C ILE F 82 -25.84 20.99 5.11
N THR F 83 -25.95 21.72 6.20
CA THR F 83 -25.23 22.98 6.33
C THR F 83 -23.71 22.80 6.32
N PRO F 84 -23.19 21.77 7.03
CA PRO F 84 -21.76 21.52 6.81
C PRO F 84 -21.46 20.99 5.42
N GLY F 85 -22.40 20.27 4.84
CA GLY F 85 -22.25 19.73 3.50
C GLY F 85 -22.20 20.79 2.44
N ILE F 86 -23.09 21.79 2.57
CA ILE F 86 -23.09 22.94 1.67
C ILE F 86 -21.76 23.68 1.77
N LEU F 87 -21.25 23.80 2.99
CA LEU F 87 -19.98 24.47 3.23
C LEU F 87 -18.84 23.69 2.58
N PHE F 88 -18.89 22.37 2.64
CA PHE F 88 -17.85 21.55 2.01
C PHE F 88 -17.85 21.72 0.50
N LEU F 89 -18.97 21.49 -0.15
CA LEU F 89 -19.05 21.63 -1.59
C LEU F 89 -18.60 22.98 -2.06
N TYR F 90 -18.78 24.00 -1.24
CA TYR F 90 -18.37 25.33 -1.60
C TYR F 90 -16.90 25.38 -1.70
N ILE F 91 -16.23 24.88 -0.67
CA ILE F 91 -14.79 24.88 -0.67
C ILE F 91 -14.29 23.86 -1.63
N ALA F 92 -15.00 22.74 -1.74
CA ALA F 92 -14.59 21.70 -2.68
C ALA F 92 -14.64 22.19 -4.11
N GLY F 93 -15.69 22.91 -4.47
CA GLY F 93 -15.77 23.46 -5.80
C GLY F 93 -14.71 24.54 -5.98
N TRP F 94 -14.66 25.47 -5.05
CA TRP F 94 -13.68 26.55 -5.09
C TRP F 94 -12.30 26.05 -5.44
N ILE F 95 -11.90 24.94 -4.85
CA ILE F 95 -10.59 24.38 -5.10
C ILE F 95 -10.58 23.83 -6.48
N GLY F 96 -11.62 23.10 -6.80
CA GLY F 96 -11.73 22.53 -8.14
C GLY F 96 -11.71 23.58 -9.22
N TRP F 97 -12.41 24.69 -9.00
CA TRP F 97 -12.53 25.73 -10.02
C TRP F 97 -11.22 26.51 -10.17
N VAL F 98 -10.53 26.75 -9.07
CA VAL F 98 -9.27 27.49 -9.10
C VAL F 98 -8.19 26.66 -9.80
N GLY F 99 -8.16 25.37 -9.48
CA GLY F 99 -7.19 24.46 -10.09
C GLY F 99 -7.40 24.32 -11.59
N ARG F 100 -8.65 24.18 -12.00
CA ARG F 100 -9.00 24.09 -13.42
C ARG F 100 -8.62 25.36 -14.15
N SER F 101 -8.92 26.50 -13.53
CA SER F 101 -8.63 27.81 -14.11
C SER F 101 -7.14 28.01 -14.34
N TYR F 102 -6.33 27.35 -13.51
CA TYR F 102 -4.89 27.49 -13.62
C TYR F 102 -4.33 26.75 -14.84
N LEU F 103 -4.64 25.46 -14.94
CA LEU F 103 -4.14 24.64 -16.04
C LEU F 103 -4.59 25.16 -17.40
N ILE F 104 -5.72 25.85 -17.42
CA ILE F 104 -6.24 26.44 -18.66
C ILE F 104 -5.38 27.63 -19.09
N ALA F 105 -5.07 28.51 -18.14
CA ALA F 105 -4.29 29.71 -18.43
C ALA F 105 -2.87 29.37 -18.86
N ILE F 106 -2.36 28.24 -18.39
CA ILE F 106 -0.99 27.82 -18.64
C ILE F 106 -0.78 27.30 -20.06
N ARG F 107 -1.80 26.64 -20.60
CA ARG F 107 -1.66 25.85 -21.82
C ARG F 107 -1.16 26.60 -23.06
N ASP F 108 -1.62 27.83 -23.26
CA ASP F 108 -1.20 28.58 -24.44
C ASP F 108 0.23 29.11 -24.26
N GLU F 109 1.06 28.86 -25.27
CA GLU F 109 2.47 29.25 -25.26
C GLU F 109 3.23 28.66 -24.06
N LYS F 110 4.45 29.13 -23.86
CA LYS F 110 5.37 28.62 -22.85
C LYS F 110 5.60 27.11 -22.96
N LYS F 111 6.34 26.57 -22.00
CA LYS F 111 6.42 25.14 -21.79
C LYS F 111 5.47 24.82 -20.65
N PRO F 112 4.30 24.25 -20.97
CA PRO F 112 3.20 24.09 -20.00
C PRO F 112 3.59 23.31 -18.76
N THR F 113 4.41 22.28 -18.93
CA THR F 113 4.81 21.43 -17.82
C THR F 113 5.74 22.16 -16.84
N GLN F 114 6.44 23.17 -17.35
CA GLN F 114 7.31 24.00 -16.52
C GLN F 114 6.52 24.67 -15.40
N LYS F 115 5.31 25.11 -15.73
CA LYS F 115 4.44 25.77 -14.76
C LYS F 115 3.84 24.79 -13.76
N GLU F 116 3.81 23.51 -14.12
CA GLU F 116 3.17 22.52 -13.26
C GLU F 116 4.08 22.05 -12.12
N ILE F 117 5.35 21.88 -12.40
CA ILE F 117 6.26 21.45 -11.35
C ILE F 117 6.74 22.63 -10.57
N ILE F 118 6.82 23.76 -11.23
CA ILE F 118 7.24 24.98 -10.59
C ILE F 118 6.15 25.94 -10.93
N ILE F 119 5.67 26.71 -9.97
CA ILE F 119 4.64 27.67 -10.28
C ILE F 119 5.11 29.01 -9.79
N ASP F 120 6.17 29.55 -10.39
CA ASP F 120 6.65 30.87 -9.97
C ASP F 120 5.77 31.84 -10.68
N VAL F 121 4.49 31.50 -10.59
CA VAL F 121 3.38 32.23 -11.09
C VAL F 121 2.56 31.92 -9.89
N PRO F 122 2.14 33.00 -9.14
CA PRO F 122 1.32 32.64 -8.00
C PRO F 122 -0.10 33.10 -8.31
N LEU F 123 -1.07 32.20 -8.22
CA LEU F 123 -2.45 32.49 -8.57
C LEU F 123 -2.46 33.18 -9.91
N ALA F 124 -1.40 32.96 -10.68
CA ALA F 124 -1.27 33.62 -11.98
C ALA F 124 -1.28 35.13 -11.81
N SER F 125 -2.22 35.80 -12.47
CA SER F 125 -2.40 37.23 -12.28
C SER F 125 -3.10 37.47 -10.95
N ARG F 126 -4.20 36.76 -10.75
CA ARG F 126 -4.98 36.80 -9.50
C ARG F 126 -6.12 35.80 -9.55
N LEU F 127 -5.79 34.50 -9.50
CA LEU F 127 -6.76 33.45 -9.80
C LEU F 127 -7.55 32.89 -8.61
N VAL F 128 -6.97 32.92 -7.43
CA VAL F 128 -7.63 32.38 -6.25
C VAL F 128 -9.02 32.88 -5.96
N PHE F 129 -9.16 34.18 -5.78
CA PHE F 129 -10.45 34.72 -5.44
C PHE F 129 -11.48 34.42 -6.47
N ARG F 130 -11.05 34.00 -7.64
CA ARG F 130 -12.01 33.69 -8.67
C ARG F 130 -12.95 32.61 -8.16
N GLY F 131 -12.52 31.93 -7.11
CA GLY F 131 -13.30 30.86 -6.55
C GLY F 131 -14.39 31.31 -5.63
N PHE F 132 -14.35 32.57 -5.26
CA PHE F 132 -15.34 33.11 -4.37
C PHE F 132 -16.66 32.97 -5.02
N SER F 133 -16.67 32.99 -6.33
CA SER F 133 -17.89 32.90 -7.09
C SER F 133 -17.96 31.73 -8.03
N TRP F 134 -17.28 30.65 -7.70
CA TRP F 134 -17.27 29.48 -8.52
C TRP F 134 -18.67 29.10 -9.01
N PRO F 135 -19.66 29.08 -8.05
CA PRO F 135 -20.96 28.61 -8.51
C PRO F 135 -21.46 29.27 -9.74
N ILE F 136 -20.82 30.35 -10.16
CA ILE F 136 -21.25 31.01 -11.38
C ILE F 136 -20.74 30.22 -12.58
N ALA F 137 -20.04 29.13 -12.28
CA ALA F 137 -19.59 28.14 -13.27
C ALA F 137 -20.76 27.43 -13.94
N ALA F 138 -21.93 27.51 -13.31
CA ALA F 138 -23.18 27.10 -13.93
C ALA F 138 -23.38 27.86 -15.24
N TYR F 139 -22.95 29.12 -15.28
CA TYR F 139 -23.07 29.89 -16.50
C TYR F 139 -21.96 29.55 -17.48
N ARG F 140 -20.85 29.03 -16.96
CA ARG F 140 -19.79 28.51 -17.82
C ARG F 140 -20.26 27.22 -18.47
N GLU F 141 -21.21 26.56 -17.82
CA GLU F 141 -21.74 25.29 -18.30
C GLU F 141 -22.61 25.45 -19.54
N LEU F 142 -23.39 26.52 -19.58
CA LEU F 142 -24.30 26.78 -20.70
C LEU F 142 -23.54 27.16 -21.96
N LEU F 143 -22.24 27.41 -21.83
CA LEU F 143 -21.42 27.84 -22.95
C LEU F 143 -20.41 26.76 -23.34
N ASN F 144 -19.36 26.64 -22.54
CA ASN F 144 -18.27 25.72 -22.84
C ASN F 144 -17.54 25.24 -21.57
N GLY F 145 -18.30 24.73 -20.61
CA GLY F 145 -17.70 24.16 -19.42
C GLY F 145 -17.07 22.82 -19.73
N GLU F 146 -17.43 22.29 -20.90
CA GLU F 146 -16.96 20.99 -21.34
C GLU F 146 -16.46 21.07 -22.79
N LEU F 147 -15.46 20.26 -23.13
CA LEU F 147 -14.96 20.21 -24.50
C LEU F 147 -15.75 19.19 -25.33
N VAL F 148 -15.91 19.48 -26.61
CA VAL F 148 -16.78 18.68 -27.48
C VAL F 148 -16.02 17.62 -28.27
N ALA F 149 -14.78 17.35 -27.87
CA ALA F 149 -13.92 16.40 -28.58
C ALA F 149 -14.49 14.99 -28.55
N LYS F 150 -14.81 14.50 -27.36
CA LYS F 150 -15.31 13.13 -27.21
C LYS F 150 -16.73 13.11 -26.65
N ASP F 151 -17.64 12.53 -27.44
CA ASP F 151 -19.05 12.41 -27.07
C ASP F 151 -19.68 13.76 -26.72
N VAL F 152 -20.84 13.73 -26.07
CA VAL F 152 -21.51 14.95 -25.64
C VAL F 152 -21.87 14.87 -24.16
N PRO G 1 -70.66 -22.83 -10.28
CA PRO G 1 -71.37 -23.43 -11.41
C PRO G 1 -70.55 -23.50 -12.68
N SER G 2 -70.75 -24.57 -13.42
CA SER G 2 -70.06 -24.80 -14.67
C SER G 2 -70.46 -23.75 -15.67
N LEU G 3 -71.59 -23.14 -15.48
CA LEU G 3 -72.07 -22.16 -16.43
C LEU G 3 -71.09 -21.01 -16.62
N VAL G 4 -70.44 -20.59 -15.54
CA VAL G 4 -69.50 -19.50 -15.66
C VAL G 4 -68.42 -19.86 -16.65
N ILE G 5 -67.98 -21.10 -16.59
CA ILE G 5 -66.94 -21.55 -17.48
C ILE G 5 -67.35 -21.36 -18.91
N SER G 6 -68.46 -21.95 -19.30
CA SER G 6 -68.88 -21.88 -20.67
C SER G 6 -69.14 -20.49 -21.17
N LEU G 7 -69.74 -19.66 -20.34
CA LEU G 7 -70.04 -18.32 -20.81
C LEU G 7 -68.75 -17.66 -21.16
N SER G 8 -67.77 -17.70 -20.26
CA SER G 8 -66.50 -17.05 -20.57
C SER G 8 -65.74 -17.72 -21.69
N THR G 9 -65.71 -19.04 -21.69
CA THR G 9 -65.03 -19.73 -22.76
C THR G 9 -65.77 -19.38 -24.00
N GLY G 10 -67.09 -19.30 -23.88
CA GLY G 10 -67.89 -18.98 -25.03
C GLY G 10 -67.59 -17.63 -25.63
N LEU G 11 -67.49 -16.62 -24.79
CA LEU G 11 -67.24 -15.28 -25.28
C LEU G 11 -65.89 -15.21 -25.96
N SER G 12 -64.90 -15.82 -25.33
CA SER G 12 -63.57 -15.79 -25.88
C SER G 12 -63.54 -16.35 -27.28
N LEU G 13 -64.18 -17.50 -27.47
CA LEU G 13 -64.17 -18.10 -28.77
C LEU G 13 -64.82 -17.13 -29.71
N PHE G 14 -65.88 -16.48 -29.28
CA PHE G 14 -66.54 -15.53 -30.14
C PHE G 14 -65.60 -14.41 -30.52
N LEU G 15 -64.87 -13.90 -29.56
CA LEU G 15 -63.97 -12.80 -29.82
C LEU G 15 -62.85 -13.13 -30.77
N GLY G 16 -62.22 -14.26 -30.55
CA GLY G 16 -61.11 -14.63 -31.40
C GLY G 16 -61.56 -14.84 -32.80
N ARG G 17 -62.69 -15.50 -32.94
CA ARG G 17 -63.20 -15.77 -34.26
C ARG G 17 -63.69 -14.56 -35.05
N PHE G 18 -64.37 -13.63 -34.41
CA PHE G 18 -64.90 -12.49 -35.10
C PHE G 18 -64.26 -11.17 -34.77
N VAL G 19 -64.38 -10.81 -33.51
CA VAL G 19 -63.90 -9.55 -33.04
C VAL G 19 -62.41 -9.29 -33.11
N PHE G 20 -61.60 -10.27 -32.72
CA PHE G 20 -60.16 -10.05 -32.72
C PHE G 20 -59.38 -10.86 -33.71
N PHE G 21 -60.07 -11.67 -34.49
CA PHE G 21 -59.34 -12.55 -35.40
C PHE G 21 -58.39 -11.87 -36.36
N ASN G 22 -58.80 -10.78 -36.98
CA ASN G 22 -57.93 -10.13 -37.94
C ASN G 22 -56.64 -9.61 -37.35
N PHE G 23 -56.74 -8.99 -36.20
CA PHE G 23 -55.57 -8.42 -35.58
C PHE G 23 -54.53 -9.47 -35.25
N GLN G 24 -54.98 -10.58 -34.69
CA GLN G 24 -54.06 -11.65 -34.33
C GLN G 24 -53.26 -12.00 -35.56
N ARG G 25 -53.93 -12.60 -36.52
CA ARG G 25 -53.27 -13.03 -37.74
C ARG G 25 -52.38 -11.97 -38.29
N GLU G 26 -52.80 -10.72 -38.22
CA GLU G 26 -52.00 -9.67 -38.79
C GLU G 26 -50.63 -9.58 -38.16
N ASN G 27 -50.58 -9.68 -36.85
CA ASN G 27 -49.32 -9.61 -36.13
C ASN G 27 -48.41 -10.77 -36.39
N VAL G 28 -49.00 -11.94 -36.54
CA VAL G 28 -48.22 -13.11 -36.77
C VAL G 28 -47.47 -13.01 -38.07
N ALA G 29 -48.12 -12.47 -39.08
CA ALA G 29 -47.47 -12.37 -40.37
C ALA G 29 -46.25 -11.51 -40.26
N LYS G 30 -46.40 -10.40 -39.58
CA LYS G 30 -45.30 -9.48 -39.43
C LYS G 30 -44.34 -9.94 -38.39
N GLN G 31 -44.47 -11.15 -37.88
CA GLN G 31 -43.57 -11.58 -36.83
C GLN G 31 -42.68 -12.79 -36.92
N VAL G 32 -43.22 -13.97 -37.15
CA VAL G 32 -42.46 -15.23 -37.13
C VAL G 32 -41.47 -15.55 -38.24
N PRO G 33 -40.63 -16.66 -38.10
CA PRO G 33 -40.74 -17.41 -36.86
C PRO G 33 -39.43 -17.79 -36.14
N GLU G 34 -38.31 -17.90 -36.84
CA GLU G 34 -37.06 -18.25 -36.17
C GLU G 34 -35.91 -17.77 -37.03
N GLN G 35 -34.74 -17.53 -36.47
CA GLN G 35 -33.62 -17.07 -37.29
C GLN G 35 -32.28 -17.68 -36.88
N ASN G 36 -31.30 -17.69 -37.77
CA ASN G 36 -29.99 -18.22 -37.42
C ASN G 36 -28.74 -17.35 -37.69
N GLY G 37 -28.20 -17.32 -38.89
CA GLY G 37 -28.73 -18.05 -40.01
C GLY G 37 -30.03 -17.37 -40.20
N LYS G 38 -30.95 -18.04 -40.87
CA LYS G 38 -32.27 -17.50 -41.09
C LYS G 38 -33.24 -18.63 -41.26
N GLY G 39 -34.45 -18.40 -40.78
CA GLY G 39 -35.55 -19.33 -40.95
C GLY G 39 -35.67 -20.62 -40.21
N THR G 40 -34.73 -20.93 -39.34
CA THR G 40 -34.80 -22.16 -38.57
C THR G 40 -35.04 -23.34 -39.49
N HIS G 41 -35.86 -24.31 -39.10
CA HIS G 41 -36.15 -25.49 -39.96
C HIS G 41 -35.01 -25.99 -40.84
N PHE G 42 -34.17 -25.11 -41.32
CA PHE G 42 -33.05 -25.48 -42.12
C PHE G 42 -32.20 -25.85 -40.95
N ASP G 43 -32.12 -27.15 -40.71
CA ASP G 43 -31.42 -27.78 -39.62
C ASP G 43 -32.45 -27.79 -38.50
N ALA G 44 -32.28 -28.63 -37.50
CA ALA G 44 -33.29 -28.71 -36.44
C ALA G 44 -34.58 -29.20 -37.03
N GLY G 45 -34.46 -30.12 -37.98
CA GLY G 45 -35.60 -30.67 -38.66
C GLY G 45 -36.90 -30.79 -37.91
N ASP G 46 -37.40 -29.65 -37.41
CA ASP G 46 -38.67 -29.57 -36.71
C ASP G 46 -38.99 -28.09 -36.49
N GLU G 47 -39.84 -27.40 -37.28
CA GLU G 47 -40.60 -27.82 -38.48
C GLU G 47 -42.09 -28.13 -38.34
N ARG G 48 -42.91 -27.28 -38.94
CA ARG G 48 -44.36 -27.42 -38.91
C ARG G 48 -44.71 -28.67 -39.71
N ALA G 49 -45.88 -29.31 -39.54
CA ALA G 49 -47.05 -28.95 -38.76
C ALA G 49 -48.18 -28.36 -39.57
N LYS G 50 -48.11 -28.44 -40.88
CA LYS G 50 -49.17 -27.91 -41.74
C LYS G 50 -50.57 -28.49 -41.61
N GLU G 51 -50.67 -29.80 -41.46
CA GLU G 51 -51.97 -30.44 -41.36
C GLU G 51 -52.85 -29.96 -40.23
N TYR G 52 -52.40 -30.05 -38.99
CA TYR G 52 -53.24 -29.64 -37.88
C TYR G 52 -53.59 -28.20 -38.11
N ALA G 53 -52.69 -27.47 -38.73
CA ALA G 53 -52.95 -26.08 -38.97
C ALA G 53 -54.01 -25.94 -40.03
N GLY G 54 -54.12 -26.93 -40.90
CA GLY G 54 -55.11 -26.93 -41.96
C GLY G 54 -56.52 -26.98 -41.41
N LEU G 55 -57.38 -26.09 -41.88
CA LEU G 55 -58.75 -26.04 -41.40
C LEU G 55 -59.74 -25.79 -42.51
N LEU G 56 -60.53 -26.79 -42.84
CA LEU G 56 -61.52 -26.64 -43.89
C LEU G 56 -62.48 -25.51 -43.57
N LYS G 57 -62.32 -24.89 -42.42
CA LYS G 57 -63.21 -23.81 -42.02
C LYS G 57 -62.84 -22.46 -42.59
N SER G 58 -63.85 -21.63 -42.81
CA SER G 58 -63.63 -20.33 -43.38
C SER G 58 -62.58 -19.48 -42.67
N ALA G 59 -61.79 -20.08 -41.79
CA ALA G 59 -60.74 -19.32 -41.06
C ALA G 59 -59.97 -20.01 -39.92
N ALA G 60 -60.59 -20.01 -38.75
CA ALA G 60 -60.03 -20.55 -37.50
C ALA G 60 -59.49 -21.97 -37.38
N ALA G 61 -58.17 -22.10 -37.29
CA ALA G 61 -57.53 -23.39 -37.12
C ALA G 61 -58.01 -24.03 -35.85
N ILE G 62 -57.50 -25.21 -35.56
CA ILE G 62 -57.86 -25.93 -34.35
C ILE G 62 -57.04 -25.34 -33.22
N VAL G 63 -55.79 -25.11 -33.53
CA VAL G 63 -54.87 -24.53 -32.58
C VAL G 63 -55.53 -23.33 -31.98
N ASP G 64 -56.14 -22.55 -32.85
CA ASP G 64 -56.78 -21.35 -32.39
C ASP G 64 -57.77 -21.75 -31.35
N VAL G 65 -58.47 -22.83 -31.62
CA VAL G 65 -59.46 -23.27 -30.69
C VAL G 65 -58.85 -23.51 -29.36
N LEU G 66 -57.78 -24.29 -29.35
CA LEU G 66 -57.15 -24.61 -28.11
C LEU G 66 -56.62 -23.34 -27.49
N ALA G 67 -56.03 -22.50 -28.32
CA ALA G 67 -55.47 -21.28 -27.80
C ALA G 67 -56.46 -20.31 -27.23
N TRP G 68 -57.54 -20.04 -27.94
CA TRP G 68 -58.51 -19.10 -27.42
C TRP G 68 -59.26 -19.60 -26.22
N GLY G 69 -59.61 -20.86 -26.26
CA GLY G 69 -60.35 -21.45 -25.17
C GLY G 69 -59.60 -21.47 -23.86
N SER G 70 -58.33 -21.80 -23.94
CA SER G 70 -57.57 -21.92 -22.73
C SER G 70 -57.63 -20.64 -21.98
N ILE G 71 -57.49 -19.53 -22.69
CA ILE G 71 -57.51 -18.26 -22.02
C ILE G 71 -58.86 -18.13 -21.37
N GLY G 72 -59.87 -18.60 -22.06
CA GLY G 72 -61.20 -18.50 -21.53
C GLY G 72 -61.37 -19.27 -20.25
N HIS G 73 -60.85 -20.48 -20.19
CA HIS G 73 -60.98 -21.27 -19.00
C HIS G 73 -60.27 -20.63 -17.84
N ILE G 74 -59.11 -20.07 -18.11
CA ILE G 74 -58.36 -19.47 -17.03
C ILE G 74 -59.17 -18.38 -16.43
N VAL G 75 -59.79 -17.59 -17.28
CA VAL G 75 -60.59 -16.51 -16.77
C VAL G 75 -61.72 -17.07 -15.96
N ALA G 76 -62.34 -18.12 -16.46
CA ALA G 76 -63.47 -18.67 -15.77
C ALA G 76 -63.09 -19.15 -14.41
N TYR G 77 -62.01 -19.89 -14.34
CA TYR G 77 -61.57 -20.38 -13.06
C TYR G 77 -61.17 -19.21 -12.22
N TYR G 78 -60.59 -18.22 -12.86
CA TYR G 78 -60.18 -17.05 -12.14
C TYR G 78 -61.37 -16.50 -11.40
N LEU G 79 -62.46 -16.26 -12.10
CA LEU G 79 -63.64 -15.72 -11.45
C LEU G 79 -64.27 -16.68 -10.45
N ALA G 80 -64.38 -17.94 -10.86
CA ALA G 80 -65.00 -18.93 -10.01
C ALA G 80 -64.25 -19.09 -8.74
N LEU G 81 -62.94 -19.11 -8.83
CA LEU G 81 -62.14 -19.26 -7.64
C LEU G 81 -62.31 -18.08 -6.74
N THR G 82 -62.28 -16.91 -7.35
CA THR G 82 -62.27 -15.64 -6.66
C THR G 82 -63.44 -15.31 -5.76
N THR G 83 -64.63 -15.70 -6.15
CA THR G 83 -65.78 -15.40 -5.33
C THR G 83 -65.63 -16.07 -3.97
N SER G 84 -65.19 -17.31 -3.97
CA SER G 84 -65.04 -18.02 -2.72
C SER G 84 -63.97 -17.39 -1.86
N TYR H 1 40.76 -26.81 -29.02
CA TYR H 1 41.95 -27.61 -29.29
C TYR H 1 41.59 -28.98 -29.85
N PHE H 2 40.63 -29.64 -29.21
CA PHE H 2 40.22 -30.97 -29.65
C PHE H 2 38.72 -31.14 -29.87
N ASP H 3 38.27 -30.73 -31.06
CA ASP H 3 36.88 -30.85 -31.48
C ASP H 3 36.96 -31.67 -32.76
N LEU H 4 36.19 -32.73 -32.86
CA LEU H 4 36.24 -33.58 -34.04
C LEU H 4 34.87 -33.95 -34.52
N GLU H 5 34.45 -33.38 -35.64
CA GLU H 5 33.13 -33.67 -36.17
C GLU H 5 32.95 -35.16 -36.41
N ASP H 6 34.08 -35.84 -36.62
CA ASP H 6 34.10 -37.28 -36.82
C ASP H 6 33.45 -38.00 -35.65
N ILE H 7 33.98 -37.80 -34.45
CA ILE H 7 33.34 -38.32 -33.25
C ILE H 7 32.64 -37.21 -32.49
N GLY H 8 31.31 -37.25 -32.49
CA GLY H 8 30.53 -36.25 -31.78
C GLY H 8 30.49 -36.52 -30.29
N ASN H 9 30.94 -37.70 -29.90
CA ASN H 9 30.80 -38.17 -28.52
C ASN H 9 31.81 -37.56 -27.55
N THR H 10 33.10 -37.78 -27.77
CA THR H 10 34.14 -37.20 -26.91
C THR H 10 34.02 -35.68 -26.88
N THR H 11 33.56 -35.11 -27.98
CA THR H 11 33.28 -33.68 -28.07
C THR H 11 32.32 -33.26 -26.97
N GLY H 12 31.29 -34.07 -26.73
CA GLY H 12 30.36 -33.84 -25.66
C GLY H 12 30.74 -34.65 -24.42
N GLN H 13 29.93 -34.59 -23.37
CA GLN H 13 30.27 -35.34 -22.15
C GLN H 13 29.75 -36.73 -22.37
N TRP H 14 29.88 -37.18 -23.59
CA TRP H 14 29.38 -38.48 -23.94
C TRP H 14 30.07 -39.55 -23.15
N ASP H 15 31.34 -39.36 -22.88
CA ASP H 15 32.09 -40.35 -22.14
C ASP H 15 31.58 -40.70 -20.74
N LEU H 16 31.63 -41.99 -20.42
CA LEU H 16 31.27 -42.43 -19.09
C LEU H 16 32.38 -41.99 -18.17
N TYR H 17 32.00 -41.33 -17.07
CA TYR H 17 32.99 -40.95 -16.09
C TYR H 17 33.63 -42.21 -15.55
N GLY H 18 34.92 -42.15 -15.23
CA GLY H 18 35.70 -43.28 -14.79
C GLY H 18 35.08 -44.13 -13.68
N SER H 19 33.88 -43.73 -13.30
CA SER H 19 33.12 -44.42 -12.30
C SER H 19 32.41 -45.61 -12.94
N ASP H 20 32.56 -45.76 -14.24
CA ASP H 20 31.89 -46.84 -14.97
C ASP H 20 32.25 -48.29 -14.70
N ALA H 21 33.54 -48.62 -14.68
CA ALA H 21 34.00 -49.99 -14.42
C ALA H 21 33.33 -51.10 -15.23
N PRO H 22 34.09 -51.63 -16.26
CA PRO H 22 33.44 -52.72 -17.01
C PRO H 22 34.12 -54.03 -16.64
N SER H 23 34.64 -54.08 -15.41
CA SER H 23 35.38 -55.21 -14.88
C SER H 23 34.66 -56.52 -14.52
N PRO H 24 35.48 -57.63 -14.65
CA PRO H 24 34.93 -58.95 -14.31
C PRO H 24 33.51 -59.22 -13.79
N TYR H 25 33.40 -59.63 -12.52
CA TYR H 25 32.13 -60.05 -11.95
C TYR H 25 32.21 -60.24 -10.42
N SER H 26 31.24 -61.00 -9.89
CA SER H 26 31.16 -61.33 -8.47
C SER H 26 30.96 -62.84 -8.27
N PRO H 27 31.30 -63.35 -7.02
CA PRO H 27 31.13 -64.81 -6.85
C PRO H 27 29.94 -65.55 -7.49
N LEU H 28 30.11 -66.86 -7.63
CA LEU H 28 29.14 -67.77 -8.25
C LEU H 28 27.81 -67.89 -7.51
N GLN H 29 27.74 -67.28 -6.34
CA GLN H 29 26.52 -67.30 -5.54
C GLN H 29 25.36 -66.78 -6.38
N SER H 30 25.71 -66.11 -7.47
CA SER H 30 24.72 -65.52 -8.36
C SER H 30 23.84 -66.61 -8.95
N LYS H 31 24.46 -67.74 -9.27
CA LYS H 31 23.72 -68.87 -9.82
C LYS H 31 22.49 -69.14 -8.99
N PHE H 32 22.54 -68.80 -7.71
CA PHE H 32 21.39 -69.04 -6.84
C PHE H 32 20.31 -67.98 -7.03
N PHE H 33 20.72 -66.72 -6.96
CA PHE H 33 19.83 -65.57 -7.11
C PHE H 33 19.11 -65.55 -8.44
N GLU H 34 19.83 -65.87 -9.50
CA GLU H 34 19.27 -65.89 -10.85
C GLU H 34 18.12 -66.90 -10.95
N THR H 35 18.18 -67.93 -10.11
CA THR H 35 17.16 -68.96 -10.08
C THR H 35 15.88 -68.51 -9.39
N PHE H 36 16.03 -67.78 -8.29
CA PHE H 36 14.90 -67.44 -7.43
C PHE H 36 14.39 -66.01 -7.59
N ALA H 37 15.15 -65.19 -8.31
CA ALA H 37 14.74 -63.80 -8.55
C ALA H 37 14.11 -63.65 -9.92
N ALA H 38 14.08 -64.76 -10.67
CA ALA H 38 13.53 -64.77 -12.03
C ALA H 38 12.07 -64.29 -12.16
N PRO H 39 11.16 -64.77 -11.28
CA PRO H 39 9.76 -64.35 -11.47
C PRO H 39 9.53 -62.85 -11.32
N PHE H 40 10.46 -62.14 -10.70
CA PHE H 40 10.30 -60.71 -10.46
C PHE H 40 11.02 -59.89 -11.52
N THR H 41 11.64 -60.57 -12.48
CA THR H 41 12.43 -59.90 -13.51
C THR H 41 11.62 -59.61 -14.78
N LYS H 42 10.38 -60.05 -14.80
CA LYS H 42 9.59 -59.99 -16.03
C LYS H 42 9.06 -58.59 -16.37
N ARG H 43 8.83 -57.77 -15.35
CA ARG H 43 8.25 -56.42 -15.52
C ARG H 43 6.80 -56.49 -16.01
N GLY H 44 5.96 -55.60 -15.50
CA GLY H 44 4.53 -55.62 -15.83
C GLY H 44 3.86 -56.71 -15.03
N LEU H 45 4.40 -57.92 -15.13
CA LEU H 45 3.99 -59.03 -14.27
C LEU H 45 4.30 -58.68 -12.82
N LEU H 46 5.43 -58.03 -12.61
CA LEU H 46 5.83 -57.60 -11.26
C LEU H 46 5.04 -56.38 -10.82
N LEU H 47 4.75 -55.48 -11.76
CA LEU H 47 3.92 -54.30 -11.50
C LEU H 47 2.61 -54.75 -10.88
N LYS H 48 2.04 -55.79 -11.46
CA LYS H 48 0.76 -56.33 -11.02
C LYS H 48 0.86 -57.00 -9.65
N PHE H 49 1.83 -57.91 -9.51
CA PHE H 49 2.05 -58.64 -8.26
C PHE H 49 2.16 -57.72 -7.05
N LEU H 50 2.80 -56.57 -7.23
CA LEU H 50 3.00 -55.63 -6.14
C LEU H 50 1.71 -54.87 -5.83
N ILE H 51 0.97 -54.50 -6.87
CA ILE H 51 -0.30 -53.82 -6.69
C ILE H 51 -1.32 -54.74 -6.02
N LEU H 52 -1.38 -55.98 -6.50
CA LEU H 52 -2.24 -56.99 -5.88
C LEU H 52 -1.62 -57.41 -4.55
N GLY H 53 -0.35 -57.06 -4.36
CA GLY H 53 0.30 -57.21 -3.07
C GLY H 53 -0.27 -56.20 -2.10
N GLY H 54 -1.02 -55.24 -2.63
CA GLY H 54 -1.77 -54.30 -1.82
C GLY H 54 -2.95 -54.98 -1.15
N GLY H 55 -3.15 -56.25 -1.49
CA GLY H 55 -4.13 -57.08 -0.79
C GLY H 55 -3.66 -57.36 0.62
N SER H 56 -2.37 -57.16 0.86
CA SER H 56 -1.80 -57.29 2.19
C SER H 56 -2.31 -56.20 3.11
N THR H 57 -2.39 -54.98 2.59
CA THR H 57 -2.82 -53.83 3.38
C THR H 57 -4.26 -54.00 3.86
N LEU H 58 -5.10 -54.54 2.98
CA LEU H 58 -6.48 -54.84 3.34
C LEU H 58 -6.52 -55.87 4.46
N ALA H 59 -5.73 -56.93 4.31
CA ALA H 59 -5.71 -58.01 5.29
C ALA H 59 -5.21 -57.51 6.64
N TYR H 60 -4.23 -56.62 6.61
CA TYR H 60 -3.60 -56.14 7.84
C TYR H 60 -4.49 -55.19 8.63
N PHE H 61 -5.44 -54.54 7.96
CA PHE H 61 -6.31 -53.59 8.63
C PHE H 61 -7.65 -54.18 9.02
N SER H 62 -8.13 -55.14 8.24
CA SER H 62 -9.34 -55.86 8.59
C SER H 62 -9.14 -56.57 9.92
N THR H 63 -7.91 -56.97 10.18
CA THR H 63 -7.55 -57.62 11.43
C THR H 63 -6.44 -56.85 12.13
N THR H 64 -6.80 -56.04 13.13
CA THR H 64 -5.81 -55.25 13.85
C THR H 64 -6.32 -54.83 15.22
N ALA H 65 -5.91 -55.56 16.25
CA ALA H 65 -6.31 -55.30 17.62
C ALA H 65 -5.86 -54.00 18.28
N SER H 66 -4.61 -53.59 18.06
CA SER H 66 -4.11 -52.39 18.73
C SER H 66 -3.99 -51.03 18.02
N GLY H 67 -5.06 -50.62 17.34
CA GLY H 67 -5.11 -49.32 16.71
C GLY H 67 -6.33 -48.66 17.31
N ASP H 68 -6.27 -47.36 17.57
CA ASP H 68 -7.35 -46.69 18.27
C ASP H 68 -8.63 -46.67 17.43
N ILE H 69 -9.52 -47.64 17.70
CA ILE H 69 -10.81 -47.73 17.01
C ILE H 69 -11.92 -47.88 18.06
N LEU H 70 -11.56 -47.73 19.32
CA LEU H 70 -12.49 -47.88 20.44
C LEU H 70 -12.37 -46.66 21.33
N PRO H 71 -13.47 -46.27 22.01
CA PRO H 71 -13.46 -45.01 22.75
C PRO H 71 -12.32 -44.80 23.78
N ILE H 72 -12.05 -45.64 24.78
CA ILE H 72 -12.41 -47.04 24.91
C ILE H 72 -13.85 -47.26 25.43
N VAL H 73 -14.18 -46.75 26.60
CA VAL H 73 -15.55 -46.27 26.82
C VAL H 73 -15.50 -44.99 27.62
N LYS H 74 -16.50 -44.15 27.38
CA LYS H 74 -16.75 -42.97 28.17
C LYS H 74 -18.24 -42.67 28.12
N GLY H 75 -18.62 -41.69 28.94
CA GLY H 75 -19.96 -41.15 28.96
C GLY H 75 -19.77 -39.84 28.20
N PRO H 76 -20.41 -39.75 26.96
CA PRO H 76 -20.16 -38.49 26.23
C PRO H 76 -20.81 -37.20 26.75
N GLN H 77 -20.10 -36.12 26.47
CA GLN H 77 -20.42 -34.77 26.84
C GLN H 77 -21.68 -34.44 26.15
N LEU H 78 -22.47 -33.55 26.71
CA LEU H 78 -23.73 -33.26 26.10
C LEU H 78 -23.75 -32.54 24.77
N PRO H 79 -22.95 -31.42 24.56
CA PRO H 79 -22.41 -30.74 25.72
C PRO H 79 -22.71 -29.19 25.75
N PRO H 80 -22.53 -28.33 24.65
CA PRO H 80 -22.91 -26.93 24.92
C PRO H 80 -24.36 -26.69 25.25
N LYS H 81 -25.27 -27.37 24.58
CA LYS H 81 -26.65 -27.23 24.96
C LYS H 81 -27.30 -28.59 25.03
N LEU H 82 -26.49 -29.64 24.92
CA LEU H 82 -26.91 -31.04 24.91
C LEU H 82 -27.10 -31.53 23.47
N PRO I 1 -15.59 -53.63 7.97
CA PRO I 1 -16.49 -53.00 6.99
C PRO I 1 -15.98 -51.66 6.50
N SER I 2 -16.10 -50.63 7.33
CA SER I 2 -15.63 -49.30 6.99
C SER I 2 -14.13 -49.16 7.26
N LEU I 3 -13.51 -50.28 7.60
CA LEU I 3 -12.07 -50.33 7.86
C LEU I 3 -11.37 -51.10 6.77
N PHE I 4 -12.07 -51.29 5.66
CA PHE I 4 -11.54 -51.99 4.50
C PHE I 4 -11.49 -51.02 3.33
N VAL I 5 -12.42 -50.08 3.33
CA VAL I 5 -12.63 -49.18 2.20
C VAL I 5 -11.77 -47.90 2.16
N PRO I 6 -11.44 -47.29 3.32
CA PRO I 6 -10.66 -46.05 3.14
C PRO I 6 -9.22 -46.31 2.68
N LEU I 7 -8.77 -47.56 2.80
CA LEU I 7 -7.45 -47.96 2.33
C LEU I 7 -7.45 -48.25 0.84
N VAL I 8 -8.56 -48.78 0.34
CA VAL I 8 -8.70 -48.98 -1.09
C VAL I 8 -8.94 -47.63 -1.72
N GLY I 9 -9.38 -46.69 -0.88
CA GLY I 9 -9.43 -45.29 -1.25
C GLY I 9 -8.02 -44.73 -1.20
N LEU I 10 -7.07 -45.58 -0.82
CA LEU I 10 -5.65 -45.22 -0.84
C LEU I 10 -4.83 -46.21 -1.67
N LEU I 11 -5.42 -47.35 -1.99
CA LEU I 11 -4.83 -48.22 -3.01
C LEU I 11 -5.10 -47.58 -4.37
N PHE I 12 -6.27 -46.96 -4.48
CA PHE I 12 -6.72 -46.31 -5.71
C PHE I 12 -5.80 -45.16 -6.18
N PRO I 13 -5.39 -44.26 -5.27
CA PRO I 13 -4.40 -43.26 -5.67
C PRO I 13 -3.11 -43.88 -6.18
N ALA I 14 -2.66 -44.96 -5.53
CA ALA I 14 -1.47 -45.66 -5.96
C ALA I 14 -1.65 -46.19 -7.38
N VAL I 15 -2.82 -46.78 -7.63
CA VAL I 15 -3.14 -47.32 -8.95
C VAL I 15 -3.35 -46.19 -9.97
N ALA I 16 -4.09 -45.17 -9.56
CA ALA I 16 -4.40 -44.05 -10.46
C ALA I 16 -3.16 -43.25 -10.83
N MET I 17 -2.34 -42.92 -9.83
CA MET I 17 -1.12 -42.14 -10.05
C MET I 17 -0.13 -42.89 -10.94
N ALA I 18 -0.11 -44.22 -10.80
CA ALA I 18 0.79 -45.04 -11.61
C ALA I 18 0.34 -45.08 -13.06
N SER I 19 -0.94 -45.33 -13.26
CA SER I 19 -1.52 -45.41 -14.60
C SER I 19 -1.39 -44.09 -15.34
N LEU I 20 -1.76 -43.01 -14.66
CA LEU I 20 -1.70 -41.67 -15.23
C LEU I 20 -0.27 -41.29 -15.61
N PHE I 21 0.69 -41.70 -14.78
CA PHE I 21 2.09 -41.45 -15.05
C PHE I 21 2.51 -42.11 -16.36
N LEU I 22 2.06 -43.33 -16.58
CA LEU I 22 2.34 -44.04 -17.81
C LEU I 22 1.67 -43.37 -18.99
N HIS I 23 0.49 -42.80 -18.75
CA HIS I 23 -0.28 -42.14 -19.79
C HIS I 23 0.37 -40.83 -20.23
N VAL I 24 0.94 -40.09 -19.28
CA VAL I 24 1.46 -38.76 -19.58
C VAL I 24 2.87 -38.78 -20.17
N GLU I 25 3.62 -39.86 -19.95
CA GLU I 25 4.99 -39.94 -20.45
C GLU I 25 5.03 -40.66 -21.79
N LYS I 26 3.89 -41.21 -22.20
CA LYS I 26 3.79 -41.93 -23.47
C LYS I 26 3.75 -40.97 -24.65
N ARG J 1 18.37 37.93 -7.13
CA ARG J 1 17.52 37.39 -6.07
C ARG J 1 16.30 36.67 -6.60
N ASP J 2 16.20 36.58 -7.91
CA ASP J 2 15.09 35.91 -8.50
C ASP J 2 15.14 34.49 -8.04
N LEU J 3 16.34 33.98 -7.89
CA LEU J 3 16.52 32.60 -7.55
C LEU J 3 15.89 32.07 -6.31
N LYS J 4 15.90 32.81 -5.20
CA LYS J 4 15.29 32.26 -4.00
C LYS J 4 13.81 32.04 -4.16
N THR J 5 13.13 32.98 -4.79
CA THR J 5 11.71 32.84 -4.97
C THR J 5 11.37 31.55 -5.64
N TYR J 6 11.92 31.28 -6.81
CA TYR J 6 11.60 30.08 -7.54
C TYR J 6 11.81 28.89 -6.65
N LEU J 7 12.86 28.95 -5.89
CA LEU J 7 13.22 27.85 -5.05
C LEU J 7 12.07 27.56 -4.15
N SER J 8 11.41 28.58 -3.68
CA SER J 8 10.32 28.40 -2.76
C SER J 8 9.06 28.07 -3.52
N VAL J 9 9.15 27.99 -4.83
CA VAL J 9 7.98 27.69 -5.65
C VAL J 9 7.85 26.28 -6.26
N ALA J 10 8.51 25.29 -5.67
CA ALA J 10 8.44 23.92 -6.13
C ALA J 10 7.48 23.07 -5.25
N PRO J 11 7.83 21.74 -4.96
CA PRO J 11 6.86 21.01 -4.11
C PRO J 11 6.92 21.55 -2.70
N VAL J 12 7.93 22.34 -2.39
CA VAL J 12 8.05 22.89 -1.07
C VAL J 12 6.79 23.71 -0.85
N ALA J 13 6.36 24.35 -1.92
CA ALA J 13 5.16 25.13 -1.92
C ALA J 13 4.06 24.38 -1.25
N SER J 14 4.04 23.08 -1.47
CA SER J 14 3.03 22.18 -0.94
C SER J 14 3.13 22.10 0.58
N THR J 15 4.35 21.99 1.08
CA THR J 15 4.59 21.91 2.51
C THR J 15 4.15 23.21 3.19
N LEU J 16 4.62 24.33 2.65
CA LEU J 16 4.24 25.65 3.15
C LEU J 16 2.72 25.83 3.12
N TRP J 17 2.11 25.36 2.05
CA TRP J 17 0.66 25.46 1.89
C TRP J 17 -0.06 24.58 2.91
N PHE J 18 0.44 23.38 3.11
CA PHE J 18 -0.19 22.43 4.03
C PHE J 18 0.13 22.77 5.48
N ALA J 19 1.27 23.40 5.71
CA ALA J 19 1.60 23.88 7.04
C ALA J 19 0.68 25.04 7.41
N ALA J 20 0.46 25.93 6.46
CA ALA J 20 -0.44 27.05 6.65
C ALA J 20 -1.88 26.57 6.83
N LEU J 21 -2.23 25.53 6.07
CA LEU J 21 -3.57 24.96 6.16
C LEU J 21 -3.77 24.27 7.50
N ALA J 22 -2.76 23.53 7.93
CA ALA J 22 -2.82 22.82 9.21
C ALA J 22 -2.97 23.81 10.35
N GLY J 23 -2.13 24.84 10.35
CA GLY J 23 -2.17 25.88 11.36
C GLY J 23 -3.54 26.51 11.46
N LEU J 24 -4.12 26.83 10.32
CA LEU J 24 -5.47 27.38 10.26
C LEU J 24 -6.47 26.42 10.93
N LEU J 25 -6.45 25.17 10.47
CA LEU J 25 -7.37 24.15 10.96
C LEU J 25 -7.24 23.89 12.46
N ILE J 26 -6.01 23.79 12.94
CA ILE J 26 -5.77 23.54 14.37
C ILE J 26 -6.28 24.71 15.20
N GLU J 27 -5.92 25.93 14.80
CA GLU J 27 -6.36 27.13 15.51
C GLU J 27 -7.88 27.25 15.52
N ILE J 28 -8.52 26.91 14.41
CA ILE J 28 -9.98 26.87 14.34
C ILE J 28 -10.52 25.91 15.38
N ASN J 29 -9.86 24.76 15.50
CA ASN J 29 -10.25 23.74 16.47
C ASN J 29 -9.98 24.18 17.90
N ARG J 30 -9.02 25.06 18.11
CA ARG J 30 -8.75 25.58 19.45
C ARG J 30 -9.90 26.46 19.91
N LEU J 31 -10.32 27.35 19.02
CA LEU J 31 -11.39 28.28 19.32
C LEU J 31 -12.74 27.58 19.36
N PHE J 32 -12.88 26.53 18.54
CA PHE J 32 -14.12 25.77 18.48
C PHE J 32 -13.87 24.25 18.47
N PRO J 33 -13.46 23.69 19.62
CA PRO J 33 -13.18 22.25 19.70
C PRO J 33 -14.43 21.39 19.86
N ASP J 34 -14.27 20.09 19.63
CA ASP J 34 -15.35 19.12 19.80
C ASP J 34 -16.58 19.51 18.99
N ALA J 35 -16.36 19.85 17.72
CA ALA J 35 -17.43 20.29 16.85
C ALA J 35 -18.03 19.14 16.06
N LEU J 36 -19.23 18.73 16.42
CA LEU J 36 -19.93 17.68 15.71
C LEU J 36 -20.97 18.24 14.75
N THR J 37 -21.13 19.56 14.75
CA THR J 37 -22.15 20.19 13.92
C THR J 37 -21.91 21.68 13.68
N PHE J 38 -22.62 22.21 12.69
CA PHE J 38 -22.64 23.65 12.41
C PHE J 38 -23.98 24.22 12.86
N PRO J 39 -24.01 24.83 14.06
CA PRO J 39 -25.24 25.39 14.60
C PRO J 39 -25.26 26.92 14.62
N PHE J 40 -25.80 27.54 13.57
CA PHE J 40 -25.94 28.99 13.53
C PHE J 40 -27.22 29.40 12.80
N ASP K 1 61.79 6.61 47.66
CA ASP K 1 62.33 7.11 46.40
C ASP K 1 63.82 6.82 46.28
N PHE K 2 64.62 7.88 46.26
CA PHE K 2 66.08 7.79 46.26
C PHE K 2 66.69 6.91 45.16
N ILE K 3 67.74 6.19 45.53
CA ILE K 3 68.46 5.30 44.62
C ILE K 3 67.54 4.21 44.08
N GLY K 4 66.68 3.68 44.95
CA GLY K 4 65.76 2.62 44.55
C GLY K 4 64.89 3.06 43.39
N SER K 5 64.29 4.24 43.55
CA SER K 5 63.53 4.91 42.50
C SER K 5 64.26 4.98 41.17
N SER K 6 65.50 5.43 41.21
CA SER K 6 66.29 5.66 40.01
C SER K 6 66.69 4.32 39.40
N THR K 7 66.52 3.27 40.18
CA THR K 7 66.85 1.92 39.72
C THR K 7 65.65 1.25 39.06
N ASN K 8 64.44 1.57 39.51
CA ASN K 8 63.27 1.09 38.79
C ASN K 8 62.98 1.99 37.59
N VAL K 9 63.22 3.29 37.73
CA VAL K 9 62.97 4.19 36.61
C VAL K 9 63.98 3.96 35.50
N ILE K 10 65.08 3.28 35.82
CA ILE K 10 66.08 2.98 34.81
C ILE K 10 65.83 1.60 34.21
N MET K 11 65.08 0.76 34.92
CA MET K 11 64.75 -0.58 34.42
C MET K 11 63.36 -0.58 33.76
N VAL K 12 62.56 0.46 34.05
CA VAL K 12 61.41 0.75 33.21
C VAL K 12 61.92 1.58 32.04
N ALA K 13 63.21 1.90 32.09
CA ALA K 13 63.93 2.45 30.96
C ALA K 13 64.93 1.41 30.46
N SER K 14 64.94 0.24 31.11
CA SER K 14 65.70 -0.92 30.63
C SER K 14 64.77 -2.09 30.36
N THR K 15 63.49 -1.93 30.67
CA THR K 15 62.48 -2.82 30.13
C THR K 15 62.52 -2.57 28.64
N THR K 16 62.80 -1.32 28.31
CA THR K 16 63.07 -0.89 26.95
C THR K 16 64.23 -1.68 26.37
N LEU K 17 65.31 -1.76 27.13
CA LEU K 17 66.60 -2.26 26.65
C LEU K 17 66.58 -3.70 26.15
N MET K 18 65.62 -4.50 26.63
CA MET K 18 65.63 -5.92 26.30
C MET K 18 64.99 -6.24 24.93
N LEU K 19 64.11 -5.37 24.45
CA LEU K 19 63.60 -5.57 23.10
C LEU K 19 64.50 -4.84 22.11
N PHE K 20 65.52 -4.16 22.64
CA PHE K 20 66.64 -3.75 21.81
C PHE K 20 67.29 -5.04 21.35
N ALA K 21 67.38 -5.99 22.27
CA ALA K 21 68.00 -7.29 22.01
C ALA K 21 67.13 -8.16 21.12
N GLY K 22 65.93 -7.69 20.83
CA GLY K 22 65.04 -8.37 19.89
C GLY K 22 64.33 -7.35 19.01
N ARG K 23 64.94 -6.96 17.90
CA ARG K 23 66.22 -7.54 17.48
C ARG K 23 67.42 -6.60 17.65
N PHE K 24 68.46 -7.09 18.34
CA PHE K 24 69.77 -6.44 18.37
C PHE K 24 70.57 -6.87 17.15
N GLY K 25 70.71 -8.19 17.03
CA GLY K 25 71.29 -8.82 15.86
C GLY K 25 72.79 -8.70 15.83
N LEU K 26 73.24 -7.47 15.65
CA LEU K 26 74.64 -7.16 15.38
C LEU K 26 75.17 -7.87 14.12
N ALA K 27 76.36 -8.45 14.22
CA ALA K 27 77.13 -8.85 13.03
C ALA K 27 77.54 -7.62 12.20
N PRO K 28 78.26 -6.67 12.81
CA PRO K 28 78.68 -5.51 12.02
C PRO K 28 80.22 -5.46 11.86
N SER K 29 80.76 -5.38 10.64
CA SER K 29 80.02 -5.48 9.37
C SER K 29 79.65 -6.92 9.03
N ALA K 30 80.46 -7.88 9.47
CA ALA K 30 80.16 -9.29 9.26
C ALA K 30 79.65 -9.96 10.55
N ASN K 31 78.71 -10.91 10.44
CA ASN K 31 78.13 -11.43 9.20
C ASN K 31 77.15 -10.49 8.48
N ARG K 32 75.86 -10.60 8.82
CA ARG K 32 74.83 -9.88 8.09
C ARG K 32 73.65 -9.54 8.97
N LYS K 33 73.64 -10.07 10.19
CA LYS K 33 72.49 -9.96 11.06
C LYS K 33 72.06 -8.50 11.29
N ALA K 34 73.03 -7.59 11.21
CA ALA K 34 72.75 -6.16 11.24
C ALA K 34 72.05 -5.72 9.96
N THR K 35 72.72 -5.93 8.84
CA THR K 35 72.17 -5.58 7.53
C THR K 35 70.83 -6.30 7.34
N ALA K 36 70.74 -7.52 7.85
CA ALA K 36 69.50 -8.29 7.82
C ALA K 36 68.49 -7.67 8.78
N GLY K 37 68.97 -7.22 9.93
CA GLY K 37 68.15 -6.54 10.91
C GLY K 37 67.94 -5.07 10.56
N LEU K 38 68.53 -4.64 9.46
CA LEU K 38 68.26 -3.29 8.93
C LEU K 38 67.63 -3.40 7.56
N LYS K 39 67.36 -4.62 7.12
CA LYS K 39 66.70 -4.87 5.84
C LYS K 39 65.19 -4.83 5.97
N LEU K 40 64.65 -5.85 6.63
CA LEU K 40 63.19 -5.97 6.78
C LEU K 40 62.76 -5.56 8.18
N GLU K 41 63.55 -5.95 9.17
CA GLU K 41 63.32 -5.60 10.57
C GLU K 41 63.01 -4.11 10.77
N ALA K 42 63.90 -3.28 10.25
CA ALA K 42 63.90 -1.87 10.57
C ALA K 42 64.08 -1.01 9.32
N ARG K 43 63.07 -0.21 8.99
CA ARG K 43 63.10 0.64 7.81
C ARG K 43 63.89 1.93 8.06
N GLY K 50 66.05 5.63 13.63
CA GLY K 50 65.55 4.36 13.12
C GLY K 50 65.27 3.33 14.20
N ASP K 51 66.30 2.99 14.97
CA ASP K 51 66.20 2.02 16.04
C ASP K 51 65.94 2.73 17.38
N PRO K 52 66.20 4.05 17.47
CA PRO K 52 65.34 4.77 18.41
C PRO K 52 63.91 5.00 17.97
N ALA K 53 63.52 4.50 16.80
CA ALA K 53 62.12 4.23 16.57
C ALA K 53 61.84 3.04 17.47
N GLY K 54 62.89 2.26 17.72
CA GLY K 54 62.83 1.13 18.64
C GLY K 54 63.35 1.42 20.05
N PHE K 55 63.88 2.63 20.28
CA PHE K 55 63.98 3.18 21.63
C PHE K 55 62.55 3.56 21.98
N THR K 56 61.76 3.77 20.92
CA THR K 56 60.37 4.16 21.05
C THR K 56 59.44 2.95 20.97
N LEU K 57 59.76 1.97 20.11
CA LEU K 57 59.01 0.72 20.13
C LEU K 57 59.35 -0.03 21.41
N ALA K 58 60.38 0.46 22.09
CA ALA K 58 60.84 -0.09 23.35
C ALA K 58 59.82 0.15 24.46
N ASP K 59 59.77 1.39 24.96
CA ASP K 59 58.91 1.71 26.09
C ASP K 59 57.42 1.41 25.85
N THR K 60 57.04 1.11 24.61
CA THR K 60 55.66 0.70 24.30
C THR K 60 55.39 -0.73 24.74
N LEU K 61 55.98 -1.66 24.01
CA LEU K 61 55.71 -3.08 24.17
C LEU K 61 56.41 -3.67 25.39
N ALA K 62 57.43 -2.97 25.87
CA ALA K 62 58.23 -3.44 27.00
C ALA K 62 57.40 -3.46 28.28
N CYS K 63 56.63 -2.39 28.51
CA CYS K 63 55.72 -2.36 29.66
C CYS K 63 54.68 -3.47 29.53
N GLY K 64 54.46 -3.91 28.30
CA GLY K 64 53.56 -5.02 28.02
C GLY K 64 54.21 -6.35 28.30
N THR K 65 55.48 -6.49 27.89
CA THR K 65 56.22 -7.73 28.10
C THR K 65 56.38 -8.02 29.58
N VAL K 66 56.61 -6.98 30.39
CA VAL K 66 56.68 -7.15 31.84
C VAL K 66 55.30 -7.48 32.39
N GLY K 67 54.29 -6.79 31.87
CA GLY K 67 52.92 -7.05 32.27
C GLY K 67 52.46 -8.47 31.95
N HIS K 68 52.97 -9.02 30.87
CA HIS K 68 52.60 -10.38 30.45
C HIS K 68 53.53 -11.45 31.02
N ILE K 69 54.81 -11.12 31.21
CA ILE K 69 55.75 -12.11 31.74
C ILE K 69 55.38 -12.43 33.18
N ILE K 70 54.67 -11.50 33.82
CA ILE K 70 54.13 -11.73 35.15
C ILE K 70 52.81 -12.50 35.03
N GLY K 71 52.12 -12.28 33.91
CA GLY K 71 50.85 -12.95 33.66
C GLY K 71 50.98 -14.31 32.98
N VAL K 72 51.96 -14.44 32.09
CA VAL K 72 52.14 -15.70 31.36
C VAL K 72 52.55 -16.82 32.31
N SER L 1 49.41 -35.49 -16.91
CA SER L 1 49.00 -34.32 -16.12
C SER L 1 49.38 -34.40 -14.63
N GLU L 2 50.56 -34.93 -14.34
CA GLU L 2 51.08 -35.06 -12.99
C GLU L 2 52.57 -34.79 -12.97
N LYS L 3 53.10 -34.25 -11.88
CA LYS L 3 52.31 -33.76 -10.76
C LYS L 3 52.79 -32.34 -10.40
N PRO L 4 53.40 -31.62 -11.42
CA PRO L 4 53.86 -30.28 -11.06
C PRO L 4 52.79 -29.24 -11.33
N THR L 5 51.56 -29.72 -11.41
CA THR L 5 50.41 -28.87 -11.66
C THR L 5 50.37 -27.85 -10.53
N TYR L 6 50.83 -28.28 -9.36
CA TYR L 6 50.86 -27.43 -8.17
C TYR L 6 49.52 -26.77 -7.91
N GLN L 7 48.51 -27.21 -8.64
CA GLN L 7 47.16 -26.69 -8.49
C GLN L 7 46.12 -27.79 -8.64
N VAL L 8 44.98 -27.59 -7.99
CA VAL L 8 43.88 -28.53 -8.05
C VAL L 8 42.70 -27.80 -8.65
N VAL L 9 42.01 -28.45 -9.60
CA VAL L 9 40.85 -27.94 -10.34
C VAL L 9 41.09 -28.06 -11.85
N GLN L 10 41.67 -29.18 -12.26
CA GLN L 10 41.93 -29.41 -13.66
C GLN L 10 40.59 -29.38 -14.37
N PRO L 11 40.56 -28.77 -15.62
CA PRO L 11 39.23 -28.77 -16.25
C PRO L 11 38.79 -30.20 -16.53
N ILE L 12 37.50 -30.47 -16.31
CA ILE L 12 36.95 -31.81 -16.50
C ILE L 12 37.50 -32.52 -17.74
N ASN L 13 38.21 -33.62 -17.50
CA ASN L 13 38.77 -34.44 -18.54
C ASN L 13 39.37 -33.61 -19.61
N GLY L 14 40.10 -32.60 -19.20
CA GLY L 14 40.73 -31.73 -20.15
C GLY L 14 39.78 -30.84 -20.90
N ASP L 15 38.46 -31.04 -20.76
CA ASP L 15 37.56 -30.16 -21.49
C ASP L 15 37.04 -29.03 -20.63
N PRO L 16 37.50 -27.79 -21.03
CA PRO L 16 37.04 -26.66 -20.22
C PRO L 16 35.79 -26.01 -20.75
N PHE L 17 35.06 -26.68 -21.62
CA PHE L 17 33.83 -26.11 -22.13
C PHE L 17 32.64 -27.02 -21.87
N ILE L 18 32.83 -27.98 -20.99
CA ILE L 18 31.80 -28.89 -20.60
C ILE L 18 31.67 -28.51 -19.15
N GLY L 19 30.46 -28.36 -18.64
CA GLY L 19 30.31 -27.93 -17.28
C GLY L 19 30.48 -28.96 -16.23
N SER L 20 31.54 -28.76 -15.48
CA SER L 20 31.92 -29.58 -14.36
C SER L 20 33.38 -29.33 -14.34
N LEU L 21 34.04 -29.74 -13.27
CA LEU L 21 35.48 -29.54 -13.15
C LEU L 21 36.06 -30.77 -12.50
N GLU L 22 37.38 -30.83 -12.42
CA GLU L 22 38.01 -31.96 -11.78
C GLU L 22 38.50 -31.53 -10.43
N THR L 23 38.03 -32.22 -9.41
CA THR L 23 38.42 -31.93 -8.04
C THR L 23 38.68 -33.25 -7.36
N PRO L 24 39.37 -33.18 -6.17
CA PRO L 24 39.62 -34.47 -5.54
C PRO L 24 38.33 -35.21 -5.33
N VAL L 25 37.28 -34.52 -4.97
CA VAL L 25 36.01 -35.19 -4.78
C VAL L 25 35.53 -35.76 -6.11
N THR L 26 35.75 -35.02 -7.19
CA THR L 26 35.34 -35.49 -8.48
C THR L 26 36.18 -36.65 -8.92
N SER L 27 37.48 -36.45 -8.84
CA SER L 27 38.38 -37.47 -9.31
C SER L 27 39.62 -37.67 -8.48
N SER L 28 39.52 -38.57 -7.53
CA SER L 28 40.62 -38.91 -6.68
C SER L 28 40.69 -40.39 -6.85
N PRO L 29 41.96 -40.93 -6.85
CA PRO L 29 41.99 -42.38 -7.04
C PRO L 29 41.15 -43.06 -5.99
N LEU L 30 41.19 -42.58 -4.76
CA LEU L 30 40.40 -43.21 -3.74
C LEU L 30 38.92 -43.10 -4.07
N VAL L 31 38.48 -41.93 -4.49
CA VAL L 31 37.08 -41.77 -4.84
C VAL L 31 36.71 -42.50 -6.09
N ALA L 32 37.58 -42.43 -7.07
CA ALA L 32 37.32 -43.07 -8.32
C ALA L 32 37.25 -44.55 -8.15
N TRP L 33 38.21 -45.08 -7.42
CA TRP L 33 38.22 -46.49 -7.21
C TRP L 33 36.92 -46.82 -6.51
N TYR L 34 36.56 -46.04 -5.50
CA TYR L 34 35.33 -46.29 -4.77
C TYR L 34 34.09 -46.25 -5.66
N LEU L 35 33.96 -45.20 -6.45
CA LEU L 35 32.83 -45.03 -7.35
C LEU L 35 32.73 -46.11 -8.42
N SER L 36 33.87 -46.52 -8.95
CA SER L 36 33.90 -47.53 -10.01
C SER L 36 33.25 -48.79 -9.48
N ASN L 37 33.55 -49.12 -8.23
CA ASN L 37 32.96 -50.28 -7.60
C ASN L 37 31.53 -49.91 -7.21
N LEU L 38 30.75 -50.93 -6.85
CA LEU L 38 29.34 -50.83 -6.44
C LEU L 38 28.34 -51.30 -7.48
N PRO L 39 27.13 -51.74 -6.98
CA PRO L 39 26.18 -52.23 -7.99
C PRO L 39 25.67 -51.23 -9.02
N GLY L 40 25.44 -49.98 -8.67
CA GLY L 40 24.93 -49.04 -9.64
C GLY L 40 25.91 -48.94 -10.78
N TYR L 41 27.19 -48.85 -10.43
CA TYR L 41 28.24 -48.82 -11.42
C TYR L 41 28.57 -50.29 -11.59
N ARG L 42 29.64 -50.60 -12.31
CA ARG L 42 30.03 -51.99 -12.56
C ARG L 42 29.26 -52.47 -13.76
N THR L 43 29.44 -51.75 -14.85
CA THR L 43 28.78 -52.07 -16.11
C THR L 43 29.42 -53.36 -16.62
N ALA L 44 28.69 -54.08 -17.47
CA ALA L 44 29.15 -55.34 -18.03
C ALA L 44 28.88 -56.51 -17.10
N VAL L 45 28.08 -56.25 -16.08
CA VAL L 45 27.71 -57.28 -15.10
C VAL L 45 26.19 -57.42 -15.17
N ASN L 46 25.67 -58.58 -14.81
CA ASN L 46 24.24 -58.81 -14.88
C ASN L 46 23.48 -57.80 -14.03
N PRO L 47 22.38 -57.20 -14.65
CA PRO L 47 21.66 -56.22 -13.82
C PRO L 47 20.99 -56.81 -12.59
N LEU L 48 20.45 -58.01 -12.72
CA LEU L 48 19.76 -58.65 -11.61
C LEU L 48 20.69 -58.83 -10.44
N LEU L 49 21.94 -59.19 -10.72
CA LEU L 49 22.91 -59.38 -9.66
C LEU L 49 23.17 -58.08 -8.91
N ARG L 50 23.23 -56.98 -9.66
CA ARG L 50 23.48 -55.66 -9.09
C ARG L 50 22.32 -55.15 -8.24
N GLY L 51 21.10 -55.39 -8.70
CA GLY L 51 19.93 -54.95 -7.98
C GLY L 51 19.87 -55.62 -6.64
N ILE L 52 20.26 -56.87 -6.63
CA ILE L 52 20.23 -57.63 -5.40
C ILE L 52 21.16 -56.98 -4.40
N GLU L 53 22.36 -56.60 -4.83
CA GLU L 53 23.27 -56.01 -3.90
C GLU L 53 22.71 -54.72 -3.40
N VAL L 54 22.22 -53.89 -4.31
CA VAL L 54 21.66 -52.63 -3.90
C VAL L 54 20.40 -52.83 -3.12
N GLY L 55 19.56 -53.71 -3.61
CA GLY L 55 18.30 -53.96 -2.95
C GLY L 55 18.45 -54.54 -1.58
N LEU L 56 19.35 -55.49 -1.47
CA LEU L 56 19.57 -56.13 -0.22
C LEU L 56 20.08 -55.14 0.80
N ALA L 57 21.00 -54.29 0.39
CA ALA L 57 21.55 -53.31 1.31
C ALA L 57 20.55 -52.32 1.81
N HIS L 58 19.74 -51.77 0.93
CA HIS L 58 18.76 -50.79 1.36
C HIS L 58 17.68 -51.34 2.26
N GLY L 59 17.15 -52.51 1.92
CA GLY L 59 16.11 -53.11 2.72
C GLY L 59 16.57 -53.24 4.15
N PHE L 60 17.81 -53.69 4.33
CA PHE L 60 18.39 -53.87 5.65
C PHE L 60 18.47 -52.54 6.40
N PHE L 61 18.88 -51.50 5.69
CA PHE L 61 19.02 -50.16 6.24
C PHE L 61 17.69 -49.53 6.70
N LEU L 62 16.65 -49.74 5.94
CA LEU L 62 15.35 -49.17 6.23
C LEU L 62 14.72 -49.59 7.53
N VAL L 63 15.03 -50.77 7.99
CA VAL L 63 14.41 -51.26 9.21
C VAL L 63 14.71 -50.42 10.44
N GLY L 64 15.95 -50.04 10.60
CA GLY L 64 16.32 -49.28 11.76
C GLY L 64 15.49 -48.07 12.04
N PRO L 65 15.32 -47.24 10.96
CA PRO L 65 14.60 -45.99 11.24
C PRO L 65 13.13 -46.21 11.59
N PHE L 66 12.48 -47.07 10.82
CA PHE L 66 11.07 -47.34 11.03
C PHE L 66 10.82 -47.96 12.40
N VAL L 67 11.63 -48.93 12.79
CA VAL L 67 11.44 -49.56 14.08
C VAL L 67 11.66 -48.63 15.27
N LYS L 68 12.74 -47.86 15.22
CA LYS L 68 13.08 -46.93 16.28
C LYS L 68 12.20 -45.70 16.46
N ALA L 69 11.77 -45.12 15.35
CA ALA L 69 10.95 -43.91 15.35
C ALA L 69 9.50 -44.15 14.98
N GLY L 70 9.12 -45.41 14.95
CA GLY L 70 7.77 -45.79 14.58
C GLY L 70 6.70 -45.40 15.56
N PRO L 71 5.40 -45.50 15.11
CA PRO L 71 4.40 -45.13 16.09
C PRO L 71 4.37 -45.98 17.34
N LEU L 72 5.07 -47.10 17.34
CA LEU L 72 5.13 -48.03 18.49
C LEU L 72 6.58 -48.35 18.78
N ARG L 73 7.29 -47.40 19.35
CA ARG L 73 8.72 -47.52 19.53
C ARG L 73 9.46 -48.60 20.35
N ASN L 74 9.09 -49.00 21.56
CA ASN L 74 7.96 -48.61 22.39
C ASN L 74 6.86 -49.64 22.58
N THR L 75 6.99 -50.80 21.96
CA THR L 75 6.02 -51.84 22.17
C THR L 75 6.47 -53.23 21.77
N GLU L 76 6.09 -54.22 22.56
CA GLU L 76 6.45 -55.57 22.25
C GLU L 76 5.71 -55.96 20.99
N TYR L 77 4.45 -55.54 20.99
CA TYR L 77 3.52 -55.81 19.92
C TYR L 77 4.05 -55.20 18.66
N ALA L 78 4.76 -54.11 18.80
CA ALA L 78 5.35 -53.47 17.66
C ALA L 78 6.83 -53.45 17.93
N GLY L 79 7.31 -54.53 18.51
CA GLY L 79 8.70 -54.58 18.85
C GLY L 79 9.57 -54.35 17.63
N ALA L 80 9.19 -54.90 16.49
CA ALA L 80 9.99 -54.70 15.30
C ALA L 80 9.18 -55.05 14.13
N ALA L 81 7.99 -55.56 14.38
CA ALA L 81 7.09 -55.84 13.30
C ALA L 81 6.98 -54.66 12.39
N GLY L 82 7.29 -53.49 12.91
CA GLY L 82 7.28 -52.28 12.14
C GLY L 82 8.21 -52.53 10.97
N SER L 83 9.15 -53.46 11.10
CA SER L 83 10.02 -53.80 9.99
C SER L 83 9.13 -54.13 8.80
N LEU L 84 7.94 -54.63 9.09
CA LEU L 84 6.98 -54.92 8.07
C LEU L 84 6.84 -53.61 7.30
N ALA L 85 6.90 -52.51 8.03
CA ALA L 85 6.78 -51.19 7.43
C ALA L 85 7.92 -50.94 6.55
N ALA L 86 9.09 -51.33 6.99
CA ALA L 86 10.26 -51.12 6.14
C ALA L 86 10.03 -51.92 4.88
N ALA L 87 9.45 -53.09 5.00
CA ALA L 87 9.16 -53.94 3.86
C ALA L 87 8.19 -53.33 2.92
N GLY L 88 7.16 -52.69 3.44
CA GLY L 88 6.16 -52.06 2.61
C GLY L 88 6.79 -51.00 1.78
N LEU L 89 7.73 -50.31 2.35
CA LEU L 89 8.36 -49.27 1.58
C LEU L 89 9.05 -49.85 0.38
N VAL L 90 9.64 -51.02 0.49
CA VAL L 90 10.37 -51.60 -0.63
C VAL L 90 9.40 -52.20 -1.65
N VAL L 91 8.18 -52.47 -1.22
CA VAL L 91 7.11 -52.86 -2.13
C VAL L 91 6.72 -51.67 -2.99
N ILE L 92 6.53 -50.53 -2.34
CA ILE L 92 6.23 -49.28 -3.04
C ILE L 92 7.41 -48.84 -3.90
N LEU L 93 8.61 -48.89 -3.31
CA LEU L 93 9.82 -48.46 -4.00
C LEU L 93 10.11 -49.31 -5.23
N SER L 94 9.57 -50.52 -5.26
CA SER L 94 9.72 -51.40 -6.41
C SER L 94 8.72 -51.06 -7.50
N ILE L 95 7.59 -50.48 -7.11
CA ILE L 95 6.63 -49.97 -8.08
C ILE L 95 7.27 -48.81 -8.84
N CYS L 96 7.68 -47.80 -8.09
CA CYS L 96 8.34 -46.61 -8.63
C CYS L 96 9.48 -46.99 -9.59
N LEU L 97 10.19 -48.05 -9.24
CA LEU L 97 11.25 -48.58 -10.08
C LEU L 97 10.69 -49.22 -11.36
N THR L 98 9.61 -49.97 -11.19
CA THR L 98 8.97 -50.67 -12.31
C THR L 98 8.37 -49.70 -13.32
N ILE L 99 7.68 -48.69 -12.84
CA ILE L 99 7.04 -47.72 -13.71
C ILE L 99 8.07 -46.88 -14.42
N TYR L 100 9.16 -46.61 -13.76
CA TYR L 100 10.25 -45.83 -14.37
C TYR L 100 10.88 -46.62 -15.50
N GLY L 101 10.85 -47.95 -15.38
CA GLY L 101 11.44 -48.82 -16.39
C GLY L 101 10.69 -48.82 -17.69
N ILE L 102 9.49 -48.23 -17.66
CA ILE L 102 8.63 -48.11 -18.81
C ILE L 102 8.94 -46.89 -19.65
N SER L 103 9.96 -46.17 -19.22
CA SER L 103 10.49 -45.06 -19.94
C SER L 103 11.56 -45.58 -20.88
N SER L 104 11.88 -46.87 -20.78
CA SER L 104 12.85 -47.53 -21.62
C SER L 104 12.02 -48.61 -22.30
N PHE L 105 12.05 -48.66 -23.62
CA PHE L 105 11.27 -49.63 -24.34
C PHE L 105 12.05 -50.86 -24.72
N ASN L 106 11.35 -51.81 -25.28
CA ASN L 106 11.93 -53.08 -25.65
C ASN L 106 12.51 -53.14 -27.04
N GLU L 107 12.47 -52.05 -27.79
CA GLU L 107 12.99 -52.08 -29.14
C GLU L 107 14.44 -52.51 -29.11
N GLY L 108 15.24 -51.93 -28.24
CA GLY L 108 14.86 -50.80 -27.44
C GLY L 108 15.85 -49.69 -27.71
N ASP L 109 16.75 -49.93 -28.64
CA ASP L 109 17.82 -48.99 -28.92
C ASP L 109 18.46 -49.12 -27.56
N PRO L 110 18.88 -50.39 -27.26
CA PRO L 110 19.38 -50.56 -25.91
C PRO L 110 20.45 -49.59 -25.50
N SER L 111 20.20 -49.10 -24.30
CA SER L 111 21.07 -48.23 -23.60
C SER L 111 21.18 -46.81 -24.04
N THR L 112 20.75 -45.96 -23.12
CA THR L 112 20.87 -44.54 -23.26
C THR L 112 22.17 -44.11 -22.58
N ALA L 113 22.86 -45.07 -21.96
CA ALA L 113 24.10 -44.88 -21.26
C ALA L 113 25.16 -44.53 -22.23
N PRO L 114 26.24 -43.85 -21.69
CA PRO L 114 27.27 -43.50 -22.66
C PRO L 114 27.87 -44.72 -23.25
N SER L 115 28.47 -44.56 -24.43
CA SER L 115 29.09 -45.67 -25.11
C SER L 115 30.60 -45.66 -24.97
N LEU L 116 31.13 -44.75 -24.16
CA LEU L 116 32.56 -44.71 -23.96
C LEU L 116 32.97 -44.26 -22.60
N THR L 117 34.14 -44.72 -22.22
CA THR L 117 34.71 -44.40 -20.96
C THR L 117 35.28 -43.06 -21.17
N LEU L 118 35.89 -42.55 -20.11
CA LEU L 118 36.58 -41.30 -20.15
C LEU L 118 37.82 -41.83 -20.80
N THR L 119 38.75 -40.98 -21.18
CA THR L 119 39.97 -41.46 -21.83
C THR L 119 39.54 -41.72 -23.24
N GLY L 120 38.26 -41.52 -23.47
CA GLY L 120 37.71 -41.70 -24.78
C GLY L 120 38.20 -42.92 -25.49
N ARG L 121 38.18 -44.03 -24.78
CA ARG L 121 38.63 -45.30 -25.30
C ARG L 121 37.79 -45.64 -26.47
N LYS L 122 36.54 -45.20 -26.43
CA LYS L 122 35.61 -45.46 -27.52
C LYS L 122 35.09 -46.87 -27.56
N LYS L 123 35.32 -47.64 -26.51
CA LYS L 123 34.89 -49.01 -26.53
C LYS L 123 33.84 -49.41 -25.51
N GLN L 124 32.89 -50.20 -25.94
CA GLN L 124 31.86 -50.76 -25.07
C GLN L 124 30.60 -49.99 -24.87
N PRO L 125 29.60 -50.79 -24.31
CA PRO L 125 28.31 -50.16 -24.02
C PRO L 125 27.89 -50.46 -22.57
N ASP L 126 26.84 -49.86 -22.01
CA ASP L 126 26.48 -50.14 -20.60
C ASP L 126 25.39 -51.17 -20.30
N GLN L 127 24.20 -51.03 -20.83
CA GLN L 127 23.15 -52.03 -20.65
C GLN L 127 22.29 -52.06 -19.41
N LEU L 128 22.57 -51.21 -18.44
CA LEU L 128 21.73 -51.17 -17.26
C LEU L 128 20.37 -50.74 -17.72
N GLN L 129 20.40 -49.80 -18.64
CA GLN L 129 19.23 -49.18 -19.22
C GLN L 129 18.63 -50.22 -20.12
N THR L 130 17.54 -49.90 -20.78
CA THR L 130 16.83 -50.80 -21.70
C THR L 130 15.81 -51.52 -20.91
N ALA L 131 14.74 -51.94 -21.55
CA ALA L 131 13.68 -52.57 -20.83
C ALA L 131 14.01 -53.83 -20.11
N ASP L 132 14.66 -54.76 -20.77
CA ASP L 132 14.98 -56.02 -20.14
C ASP L 132 15.95 -55.86 -19.00
N GLY L 133 16.95 -55.03 -19.22
CA GLY L 133 17.95 -54.84 -18.20
C GLY L 133 17.44 -54.21 -16.94
N TRP L 134 16.65 -53.16 -17.07
CA TRP L 134 16.12 -52.46 -15.93
C TRP L 134 15.19 -53.32 -15.12
N ALA L 135 14.39 -54.12 -15.79
CA ALA L 135 13.43 -54.98 -15.12
C ALA L 135 14.06 -56.05 -14.27
N LYS L 136 15.16 -56.58 -14.76
CA LYS L 136 15.86 -57.58 -14.01
C LYS L 136 16.33 -56.91 -12.76
N PHE L 137 16.86 -55.72 -12.93
CA PHE L 137 17.40 -55.02 -11.81
C PHE L 137 16.37 -54.73 -10.75
N THR L 138 15.18 -54.36 -11.15
CA THR L 138 14.16 -54.10 -10.16
C THR L 138 13.92 -55.39 -9.41
N GLY L 139 13.62 -56.44 -10.15
CA GLY L 139 13.32 -57.73 -9.54
C GLY L 139 14.39 -58.10 -8.54
N GLY L 140 15.62 -57.72 -8.81
CA GLY L 140 16.68 -58.01 -7.88
C GLY L 140 16.49 -57.17 -6.65
N PHE L 141 16.14 -55.90 -6.87
CA PHE L 141 15.94 -55.00 -5.76
C PHE L 141 14.81 -55.45 -4.88
N PHE L 142 13.73 -55.89 -5.49
CA PHE L 142 12.62 -56.36 -4.73
C PHE L 142 13.09 -57.52 -3.89
N PHE L 143 13.76 -58.46 -4.54
CA PHE L 143 14.26 -59.62 -3.86
C PHE L 143 15.24 -59.21 -2.81
N GLY L 144 16.18 -58.38 -3.18
CA GLY L 144 17.17 -57.94 -2.25
C GLY L 144 16.58 -57.17 -1.08
N GLY L 145 15.61 -56.32 -1.36
CA GLY L 145 14.99 -55.55 -0.32
C GLY L 145 14.19 -56.30 0.69
N ILE L 146 13.39 -57.24 0.24
CA ILE L 146 12.58 -58.00 1.16
C ILE L 146 13.46 -58.79 2.08
N SER L 147 14.50 -59.37 1.52
CA SER L 147 15.44 -60.16 2.29
C SER L 147 16.19 -59.36 3.31
N GLY L 148 16.74 -58.24 2.88
CA GLY L 148 17.52 -57.42 3.78
C GLY L 148 16.65 -57.05 4.94
N VAL L 149 15.39 -56.91 4.66
CA VAL L 149 14.45 -56.55 5.69
C VAL L 149 14.26 -57.61 6.71
N ILE L 150 14.14 -58.85 6.26
CA ILE L 150 13.88 -59.98 7.14
C ILE L 150 15.03 -60.35 8.00
N TRP L 151 16.18 -60.29 7.42
CA TRP L 151 17.42 -60.57 8.13
C TRP L 151 17.67 -59.59 9.25
N ALA L 152 17.51 -58.31 8.98
CA ALA L 152 17.75 -57.31 9.99
C ALA L 152 16.80 -57.51 11.15
N PHE L 153 15.58 -57.89 10.85
CA PHE L 153 14.59 -58.16 11.86
C PHE L 153 15.05 -59.36 12.65
N PHE L 154 15.55 -60.33 11.92
CA PHE L 154 16.02 -61.56 12.50
C PHE L 154 16.92 -61.27 13.63
N LEU L 155 18.02 -60.60 13.35
CA LEU L 155 19.00 -60.33 14.39
C LEU L 155 18.37 -59.55 15.53
N LEU L 156 17.55 -58.56 15.19
CA LEU L 156 16.88 -57.77 16.21
C LEU L 156 15.93 -58.64 17.02
N TYR L 157 15.23 -59.55 16.34
CA TYR L 157 14.31 -60.45 17.01
C TYR L 157 15.13 -61.57 17.62
N VAL L 158 16.11 -61.16 18.42
CA VAL L 158 17.05 -62.04 19.11
C VAL L 158 18.02 -61.03 19.70
N LEU L 159 18.74 -60.33 18.83
CA LEU L 159 19.65 -59.27 19.27
C LEU L 159 20.73 -59.67 20.29
N ASP L 160 20.75 -58.95 21.42
CA ASP L 160 21.66 -59.05 22.54
C ASP L 160 22.69 -57.92 22.42
N LEU L 161 22.80 -57.32 21.25
CA LEU L 161 23.74 -56.22 21.05
C LEU L 161 23.32 -55.25 19.93
N PRO L 162 22.94 -53.94 20.25
CA PRO L 162 22.93 -53.58 21.67
C PRO L 162 21.51 -53.45 22.19
N TYR L 163 21.20 -54.14 23.28
CA TYR L 163 19.86 -54.11 23.86
C TYR L 163 19.34 -52.67 23.93
N SER M 1 1.88 62.39 40.42
CA SER M 1 2.38 61.02 40.37
C SER M 1 3.86 60.96 40.00
N VAL M 2 4.24 61.66 38.93
CA VAL M 2 5.59 61.56 38.38
C VAL M 2 6.57 62.57 39.01
N PHE M 3 6.08 63.72 39.45
CA PHE M 3 6.93 64.69 40.16
C PHE M 3 7.10 64.28 41.61
N ASP M 4 6.08 63.59 42.12
CA ASP M 4 5.99 63.19 43.52
C ASP M 4 7.32 62.72 44.10
N ALA M 5 7.86 63.51 45.03
CA ALA M 5 9.13 63.22 45.69
C ALA M 5 10.29 63.13 44.70
N TYR M 6 10.43 64.14 43.83
CA TYR M 6 11.45 64.17 42.77
C TYR M 6 11.55 62.85 41.97
N LEU M 7 10.40 62.26 41.62
CA LEU M 7 10.35 60.93 40.98
C LEU M 7 10.94 59.91 41.97
N GLU M 8 10.52 60.04 43.24
CA GLU M 8 11.13 59.32 44.36
C GLU M 8 12.64 59.61 44.35
N LYS M 9 12.98 60.89 44.36
CA LYS M 9 14.33 61.41 44.09
C LYS M 9 15.08 60.61 43.03
N SER M 10 14.87 60.98 41.76
CA SER M 10 15.42 60.29 40.59
C SER M 10 15.30 58.76 40.65
N LYS M 11 14.37 58.28 41.45
CA LYS M 11 14.43 56.93 42.02
C LYS M 11 15.86 56.67 42.48
N ALA M 12 16.71 56.35 41.51
CA ALA M 12 18.09 55.88 41.70
C ALA M 12 18.87 56.47 42.89
N ASN M 13 18.40 57.56 43.49
CA ASN M 13 18.94 58.00 44.76
C ASN M 13 18.50 57.02 45.85
N LYS M 14 17.56 56.12 45.54
CA LYS M 14 16.96 55.22 46.55
C LYS M 14 17.82 53.99 46.81
N GLU M 15 18.34 53.38 45.75
CA GLU M 15 19.05 52.12 45.88
C GLU M 15 20.52 52.37 46.11
N LEU M 16 20.96 53.56 45.73
CA LEU M 16 22.38 53.88 45.75
C LEU M 16 22.63 55.37 45.58
N ASN M 17 23.07 56.01 46.66
CA ASN M 17 23.62 57.36 46.58
C ASN M 17 25.13 57.21 46.49
N ASP M 18 25.53 56.21 45.71
CA ASP M 18 26.92 55.81 45.54
C ASP M 18 27.58 55.60 46.89
N LYS M 19 28.37 56.57 47.30
CA LYS M 19 28.93 56.57 48.63
C LYS M 19 28.63 57.91 49.26
N LYS M 20 27.95 57.89 50.40
CA LYS M 20 27.81 59.09 51.20
C LYS M 20 28.79 58.94 52.35
N ARG M 21 29.73 59.87 52.42
CA ARG M 21 30.84 59.79 53.37
C ARG M 21 30.33 59.42 54.76
N LEU M 22 30.88 58.35 55.33
CA LEU M 22 30.47 57.90 56.65
C LEU M 22 31.50 58.38 57.66
N ALA M 23 31.12 58.33 58.94
CA ALA M 23 31.63 59.27 59.94
C ALA M 23 31.33 60.66 59.40
N THR M 24 30.11 60.82 58.89
CA THR M 24 29.68 62.04 58.22
C THR M 24 29.86 63.28 59.08
N SER M 25 30.28 64.38 58.46
CA SER M 25 30.50 65.66 59.11
C SER M 25 31.56 65.56 60.21
N GLY M 26 32.48 64.62 60.04
CA GLY M 26 33.59 64.45 60.99
C GLY M 26 34.92 64.65 60.31
N ALA M 27 35.58 63.54 59.99
CA ALA M 27 36.85 63.57 59.26
C ALA M 27 36.61 63.19 57.81
N ASN M 28 35.88 64.04 57.11
CA ASN M 28 35.26 63.68 55.84
C ASN M 28 35.99 64.21 54.60
N PHE M 29 36.62 65.37 54.74
CA PHE M 29 37.29 66.03 53.64
C PHE M 29 38.42 65.15 53.10
N ALA M 30 38.01 64.08 52.41
CA ALA M 30 38.92 63.00 52.08
C ALA M 30 38.47 62.20 50.86
N ARG M 31 37.67 61.16 51.11
CA ARG M 31 37.45 60.12 50.12
C ARG M 31 36.27 59.20 50.47
N ALA M 32 35.67 58.57 49.45
CA ALA M 32 34.73 57.47 49.65
C ALA M 32 35.41 56.28 50.35
N TYR M 33 34.73 55.13 50.45
CA TYR M 33 35.30 53.96 51.14
C TYR M 33 35.80 54.24 52.56
N THR M 34 36.70 55.22 52.64
CA THR M 34 37.42 55.61 53.85
C THR M 34 38.35 54.51 54.29
N VAL M 35 39.32 54.22 53.43
CA VAL M 35 40.56 53.61 53.85
C VAL M 35 41.34 54.86 54.36
N GLN M 36 40.67 55.51 55.32
CA GLN M 36 40.72 56.94 55.62
C GLN M 36 41.91 57.74 55.08
N PHE M 37 41.63 58.73 54.25
CA PHE M 37 42.57 59.84 54.09
C PHE M 37 42.46 60.63 55.40
N GLY M 38 41.23 60.70 55.89
CA GLY M 38 40.93 61.22 57.22
C GLY M 38 40.87 62.73 57.27
N THR M 39 41.16 63.28 58.44
CA THR M 39 41.28 64.73 58.62
C THR M 39 42.28 65.32 57.64
N CYS M 40 43.56 65.30 58.03
CA CYS M 40 44.67 65.72 57.19
C CYS M 40 45.98 65.57 57.96
N LYS M 41 45.94 65.97 59.23
CA LYS M 41 47.13 66.09 60.06
C LYS M 41 47.86 64.77 60.30
N PHE M 42 47.49 64.06 61.37
CA PHE M 42 48.13 62.80 61.72
C PHE M 42 47.79 61.69 60.70
N PRO M 43 48.61 60.59 60.69
CA PRO M 43 48.50 59.41 59.82
C PRO M 43 47.11 59.05 59.32
N GLU M 44 47.08 58.45 58.14
CA GLU M 44 45.83 58.22 57.43
C GLU M 44 45.09 57.01 57.98
N ASN M 45 45.83 55.99 58.41
CA ASN M 45 45.28 54.82 59.08
C ASN M 45 44.55 53.94 58.05
N PHE M 46 44.00 52.79 58.48
CA PHE M 46 43.61 51.69 57.61
C PHE M 46 44.87 51.26 56.85
N THR M 47 45.67 50.45 57.55
CA THR M 47 47.10 50.26 57.32
C THR M 47 47.57 50.24 55.86
N GLY M 48 48.05 51.40 55.36
CA GLY M 48 47.97 52.66 56.07
C GLY M 48 48.95 52.93 57.20
N CYS M 49 48.45 52.82 58.42
CA CYS M 49 49.21 53.17 59.61
C CYS M 49 50.16 52.08 60.09
N GLN M 50 50.67 51.25 59.19
CA GLN M 50 51.74 50.34 59.57
C GLN M 50 52.96 51.13 60.10
N ASP M 51 53.50 52.12 59.39
CA ASP M 51 53.13 52.53 58.03
C ASP M 51 54.08 51.83 57.05
N LEU M 52 55.37 52.04 57.26
CA LEU M 52 56.39 51.16 56.71
C LEU M 52 56.86 50.30 57.88
N ALA M 53 56.68 50.86 59.08
CA ALA M 53 56.94 50.18 60.34
C ALA M 53 58.36 49.65 60.46
N LYS M 54 58.58 48.84 61.49
CA LYS M 54 59.82 48.07 61.62
C LYS M 54 59.43 46.61 61.71
N GLN M 55 60.41 45.74 61.94
CA GLN M 55 60.18 44.31 62.16
C GLN M 55 58.98 44.01 63.07
N LYS M 56 58.48 42.78 62.99
CA LYS M 56 57.25 42.35 63.67
C LYS M 56 56.06 43.18 63.22
N LYS M 57 55.99 43.40 61.90
CA LYS M 57 54.88 44.16 61.30
C LYS M 57 53.54 43.48 61.57
N VAL M 58 52.46 44.24 61.45
CA VAL M 58 51.14 43.77 61.88
C VAL M 58 50.29 42.98 60.86
N PRO M 59 50.35 43.34 59.55
CA PRO M 59 49.22 43.17 58.63
C PRO M 59 47.91 42.81 59.35
N PHE M 60 47.53 41.54 59.29
CA PHE M 60 46.81 40.92 60.39
C PHE M 60 47.48 39.57 60.61
N ILE M 61 48.34 39.52 61.62
CA ILE M 61 49.20 38.38 61.82
C ILE M 61 48.45 37.11 62.23
N SER M 62 48.56 36.09 61.38
CA SER M 62 48.35 34.72 61.81
C SER M 62 49.75 34.14 61.96
N GLU M 63 50.56 34.41 60.93
CA GLU M 63 51.99 34.10 60.91
C GLU M 63 52.62 34.51 59.59
N ASP M 64 51.81 34.56 58.55
CA ASP M 64 52.32 34.64 57.18
C ASP M 64 51.76 35.80 56.36
N LEU M 65 52.40 36.03 55.21
CA LEU M 65 51.88 36.83 54.08
C LEU M 65 52.99 37.01 53.04
N GLU M 66 53.77 38.07 53.21
CA GLU M 66 54.88 38.38 52.30
C GLU M 66 55.77 39.49 52.88
N LEU M 67 55.86 40.59 52.14
CA LEU M 67 56.35 41.92 52.57
C LEU M 67 57.86 42.16 52.80
N GLU M 68 58.39 43.07 51.98
CA GLU M 68 59.53 43.96 52.29
C GLU M 68 60.90 43.35 52.60
N CYS M 69 61.89 44.25 52.63
CA CYS M 69 63.29 43.93 52.91
C CYS M 69 63.80 44.82 54.04
N GLU M 70 63.17 44.69 55.20
CA GLU M 70 63.33 45.63 56.32
C GLU M 70 64.66 45.50 57.05
N GLY M 71 64.92 46.47 57.92
CA GLY M 71 66.17 46.51 58.68
C GLY M 71 67.36 46.62 57.77
N LYS M 72 68.29 45.69 57.91
CA LYS M 72 69.36 45.54 56.95
C LYS M 72 69.33 44.15 56.33
N ASP M 73 68.79 44.07 55.12
CA ASP M 73 68.86 42.88 54.27
C ASP M 73 68.23 41.63 54.91
N LYS M 74 67.05 41.26 54.40
CA LYS M 74 66.32 40.08 54.87
C LYS M 74 65.69 39.35 53.70
N PHE M 75 65.91 39.89 52.51
CA PHE M 75 65.37 39.32 51.28
C PHE M 75 66.48 38.70 50.42
N LYS M 76 66.20 37.56 49.79
CA LYS M 76 64.90 36.90 49.87
C LYS M 76 64.59 36.48 51.30
N CYS M 77 63.38 36.76 51.75
CA CYS M 77 62.95 36.39 53.10
C CYS M 77 62.73 34.88 53.18
N GLY M 78 63.11 34.28 54.30
CA GLY M 78 62.93 32.84 54.44
C GLY M 78 61.46 32.46 54.38
N SER M 79 60.62 33.25 55.03
CA SER M 79 59.19 32.99 55.05
C SER M 79 58.55 33.07 53.67
N ASN M 80 58.94 34.07 52.88
CA ASN M 80 58.36 34.26 51.55
C ASN M 80 59.38 34.59 50.45
N VAL M 81 59.08 34.16 49.23
CA VAL M 81 59.94 34.41 48.06
C VAL M 81 61.38 33.93 48.27
N PHE M 82 61.52 32.76 48.87
CA PHE M 82 62.83 32.19 49.14
C PHE M 82 62.87 30.72 48.76
N TRP M 83 64.06 30.20 48.50
CA TRP M 83 64.20 28.79 48.14
C TRP M 83 63.71 27.97 49.34
N LYS M 84 63.02 26.88 49.05
CA LYS M 84 62.47 26.04 50.11
C LYS M 84 63.22 24.71 50.25
N TRP M 85 63.64 24.42 51.48
CA TRP M 85 64.36 23.19 51.80
C TRP M 85 65.07 23.32 53.15
N PRO N 1 -39.30 29.52 -30.73
CA PRO N 1 -40.16 30.00 -31.81
C PRO N 1 -41.11 28.91 -32.16
N ARG N 2 -41.47 28.77 -33.35
CA ARG N 2 -42.40 27.71 -33.70
C ARG N 2 -41.67 26.52 -34.27
N PRO N 3 -42.12 25.30 -33.73
CA PRO N 3 -41.43 24.13 -34.27
C PRO N 3 -41.67 23.96 -35.77
N SER N 4 -40.77 23.31 -36.48
CA SER N 4 -40.77 23.21 -37.94
C SER N 4 -42.02 22.52 -38.50
N TYR N 5 -42.49 21.50 -37.82
CA TYR N 5 -43.60 20.68 -38.31
C TYR N 5 -44.97 21.25 -37.96
N LEU N 6 -45.00 21.95 -36.80
CA LEU N 6 -46.29 22.52 -36.42
C LEU N 6 -46.59 23.77 -37.24
N ASP N 7 -47.28 23.54 -38.38
CA ASP N 7 -47.55 24.60 -39.34
C ASP N 7 -48.52 25.66 -38.77
N GLY N 8 -49.58 25.20 -38.25
CA GLY N 8 -50.61 26.10 -37.75
C GLY N 8 -51.95 25.80 -38.41
N SER N 9 -51.86 25.12 -39.55
CA SER N 9 -53.07 24.78 -40.28
C SER N 9 -53.85 23.68 -39.58
N ALA N 10 -53.08 22.85 -38.81
CA ALA N 10 -53.69 21.74 -38.10
C ALA N 10 -54.71 22.22 -37.07
N PRO N 11 -55.80 21.42 -36.83
CA PRO N 11 -56.84 21.79 -35.85
C PRO N 11 -56.31 21.77 -34.42
N GLY N 12 -56.32 23.00 -33.81
CA GLY N 12 -55.84 23.12 -32.44
C GLY N 12 -54.33 23.29 -32.33
N ASP N 13 -53.70 23.57 -33.50
CA ASP N 13 -52.22 23.71 -33.48
C ASP N 13 -51.68 25.06 -33.05
N PHE N 14 -51.20 25.20 -31.82
CA PHE N 14 -50.65 26.45 -31.35
C PHE N 14 -49.15 26.46 -31.14
N GLY N 15 -48.48 25.48 -31.74
CA GLY N 15 -47.04 25.43 -31.55
C GLY N 15 -46.48 24.78 -30.28
N PHE N 16 -47.23 23.95 -29.63
CA PHE N 16 -46.73 23.31 -28.42
C PHE N 16 -46.29 21.84 -28.53
N ASP N 17 -45.03 21.60 -28.49
CA ASP N 17 -44.42 20.30 -28.44
C ASP N 17 -43.02 20.56 -27.97
N PRO N 18 -42.89 20.92 -26.62
CA PRO N 18 -41.51 21.19 -26.19
C PRO N 18 -40.52 20.02 -26.28
N LEU N 19 -40.92 18.78 -26.09
CA LEU N 19 -39.98 17.67 -26.16
C LEU N 19 -39.88 17.11 -27.57
N ARG N 20 -40.39 17.86 -28.49
CA ARG N 20 -40.37 17.42 -29.88
C ARG N 20 -40.95 16.01 -30.00
N LEU N 21 -42.12 15.78 -29.42
CA LEU N 21 -42.73 14.45 -29.37
C LEU N 21 -43.33 14.03 -30.71
N GLY N 22 -43.80 15.02 -31.48
CA GLY N 22 -44.42 14.74 -32.75
C GLY N 22 -43.55 15.12 -33.93
N GLU N 23 -42.21 15.15 -33.69
CA GLU N 23 -41.28 15.47 -34.77
C GLU N 23 -41.38 14.44 -35.89
N VAL N 24 -41.50 13.19 -35.55
CA VAL N 24 -41.69 12.11 -36.52
C VAL N 24 -43.15 12.13 -37.00
N PRO N 25 -43.29 12.23 -38.36
CA PRO N 25 -44.62 12.46 -38.93
C PRO N 25 -45.68 11.38 -38.69
N GLU N 26 -45.47 10.16 -38.97
CA GLU N 26 -46.49 9.11 -38.98
C GLU N 26 -47.05 8.84 -37.59
N ASN N 27 -46.30 9.31 -36.55
CA ASN N 27 -46.77 9.16 -35.18
C ASN N 27 -47.45 10.42 -34.67
N LEU N 28 -47.09 11.58 -35.40
CA LEU N 28 -47.79 12.83 -35.12
C LEU N 28 -49.25 12.67 -35.52
N GLU N 29 -49.54 12.07 -36.60
CA GLU N 29 -50.88 11.70 -37.03
C GLU N 29 -51.50 10.72 -36.05
N ARG N 30 -50.64 9.85 -35.41
CA ARG N 30 -51.10 8.86 -34.44
C ARG N 30 -51.54 9.56 -33.15
N PHE N 31 -50.74 10.57 -32.74
CA PHE N 31 -51.01 11.32 -31.51
C PHE N 31 -52.25 12.20 -31.69
N LYS N 32 -52.35 12.84 -32.89
CA LYS N 32 -53.49 13.68 -33.21
C LYS N 32 -54.79 12.91 -33.10
N GLU N 33 -54.83 11.66 -33.52
CA GLU N 33 -55.98 10.78 -33.39
C GLU N 33 -56.22 10.44 -31.92
N SER N 34 -55.07 10.21 -31.21
CA SER N 34 -55.14 9.85 -29.79
C SER N 34 -55.70 10.99 -28.95
N GLU N 35 -55.48 12.22 -29.45
CA GLU N 35 -55.91 13.37 -28.70
C GLU N 35 -57.40 13.54 -28.59
N LEU N 36 -58.11 13.45 -29.70
CA LEU N 36 -59.53 13.65 -29.69
C LEU N 36 -60.24 12.60 -28.88
N ILE N 37 -59.74 11.37 -29.01
CA ILE N 37 -60.37 10.28 -28.29
C ILE N 37 -60.21 10.52 -26.82
N HIS N 38 -59.05 10.95 -26.39
CA HIS N 38 -58.86 11.26 -24.99
C HIS N 38 -59.80 12.42 -24.76
N CYS N 39 -59.86 13.33 -25.71
CA CYS N 39 -60.73 14.47 -25.59
C CYS N 39 -62.19 14.09 -25.59
N ARG N 40 -62.57 13.17 -26.47
CA ARG N 40 -63.96 12.77 -26.54
C ARG N 40 -64.47 12.08 -25.29
N TRP N 41 -63.65 11.17 -24.70
CA TRP N 41 -64.11 10.47 -23.52
C TRP N 41 -64.27 11.42 -22.38
N ALA N 42 -63.31 12.31 -22.23
CA ALA N 42 -63.31 13.28 -21.16
C ALA N 42 -64.45 14.24 -21.17
N MET N 43 -64.74 14.81 -22.32
CA MET N 43 -65.81 15.79 -22.38
C MET N 43 -67.09 15.13 -21.99
N LEU N 44 -67.27 13.90 -22.42
CA LEU N 44 -68.46 13.18 -22.10
C LEU N 44 -68.55 13.05 -20.61
N ALA N 45 -67.44 12.68 -19.97
CA ALA N 45 -67.40 12.48 -18.52
C ALA N 45 -67.55 13.60 -17.51
N VAL N 46 -66.96 14.76 -17.74
CA VAL N 46 -67.03 15.80 -16.72
C VAL N 46 -68.47 16.10 -16.41
N PRO N 47 -69.30 16.24 -17.49
CA PRO N 47 -70.71 16.48 -17.15
C PRO N 47 -71.18 15.30 -16.36
N GLY N 48 -70.63 14.15 -16.69
CA GLY N 48 -71.01 12.93 -16.04
C GLY N 48 -70.77 13.00 -14.56
N ILE N 49 -69.67 13.61 -14.13
CA ILE N 49 -69.41 13.69 -12.71
C ILE N 49 -69.95 14.91 -12.00
N LEU N 50 -70.44 15.89 -12.75
CA LEU N 50 -70.96 17.08 -12.11
C LEU N 50 -72.46 17.13 -11.91
N VAL N 51 -73.21 16.76 -12.92
CA VAL N 51 -74.65 16.81 -12.79
C VAL N 51 -75.14 15.86 -11.72
N PRO N 52 -74.56 14.61 -11.73
CA PRO N 52 -75.10 13.73 -10.69
C PRO N 52 -74.84 14.32 -9.33
N GLU N 53 -73.65 14.96 -9.21
CA GLU N 53 -73.34 15.57 -7.93
C GLU N 53 -74.34 16.68 -7.68
N ALA N 54 -74.75 17.35 -8.78
CA ALA N 54 -75.67 18.45 -8.59
C ALA N 54 -77.02 17.96 -8.08
N LEU N 55 -77.48 16.83 -8.68
CA LEU N 55 -78.76 16.33 -8.18
C LEU N 55 -78.62 15.87 -6.73
N GLY N 56 -77.48 15.38 -6.39
CA GLY N 56 -77.16 14.89 -5.07
C GLY N 56 -76.87 13.40 -5.03
N LEU N 57 -75.51 13.10 -5.04
CA LEU N 57 -75.06 11.71 -4.99
C LEU N 57 -73.71 11.39 -4.36
N GLY N 58 -73.26 12.41 -3.51
CA GLY N 58 -71.98 12.22 -2.80
C GLY N 58 -70.76 12.15 -3.71
N ASN N 59 -70.86 12.80 -4.82
CA ASN N 59 -69.74 12.78 -5.78
C ASN N 59 -69.59 11.48 -6.57
N TRP N 60 -68.75 11.54 -7.58
CA TRP N 60 -68.46 10.41 -8.46
C TRP N 60 -67.76 9.25 -7.77
N VAL N 61 -67.04 9.56 -6.67
CA VAL N 61 -66.34 8.52 -5.93
C VAL N 61 -67.35 7.61 -5.24
N LYS N 62 -68.21 8.23 -4.44
CA LYS N 62 -69.22 7.45 -3.76
C LYS N 62 -70.12 6.86 -4.80
N ALA N 63 -70.20 7.40 -5.95
CA ALA N 63 -71.05 6.89 -7.00
C ALA N 63 -70.57 5.50 -7.33
N GLN N 64 -69.25 5.31 -7.23
CA GLN N 64 -68.66 4.02 -7.55
C GLN N 64 -68.51 3.01 -6.43
N GLU N 65 -68.77 3.36 -5.17
CA GLU N 65 -68.61 2.42 -4.07
C GLU N 65 -69.62 1.29 -4.04
N TRP N 66 -70.71 1.45 -4.83
CA TRP N 66 -71.74 0.44 -4.83
C TRP N 66 -71.21 -0.93 -5.28
N ALA N 67 -70.41 -0.96 -6.30
CA ALA N 67 -69.88 -2.22 -6.78
C ALA N 67 -69.05 -2.91 -5.73
N ALA N 68 -68.18 -2.18 -5.05
CA ALA N 68 -67.28 -2.61 -4.00
C ALA N 68 -67.95 -3.47 -2.96
N LEU N 69 -69.13 -3.07 -2.43
CA LEU N 69 -69.80 -3.84 -1.41
C LEU N 69 -70.40 -5.11 -1.95
N VAL N 81 -81.75 -3.99 -11.13
CA VAL N 81 -82.02 -4.30 -12.51
C VAL N 81 -81.62 -3.11 -13.35
N PRO N 82 -81.04 -3.32 -14.51
CA PRO N 82 -80.81 -4.70 -14.95
C PRO N 82 -79.34 -5.03 -15.02
N TRP N 83 -79.00 -6.11 -14.38
CA TRP N 83 -77.60 -6.55 -14.37
C TRP N 83 -76.82 -5.82 -13.27
N GLY N 84 -77.56 -5.35 -12.34
CA GLY N 84 -77.05 -4.53 -11.24
C GLY N 84 -76.01 -5.25 -10.39
N THR N 85 -75.09 -5.90 -11.05
CA THR N 85 -74.04 -6.58 -10.33
C THR N 85 -72.75 -6.26 -11.02
N LEU N 86 -71.74 -6.14 -10.33
CA LEU N 86 -70.43 -5.83 -10.89
C LEU N 86 -70.05 -6.86 -11.91
N PRO N 87 -70.36 -8.16 -11.57
CA PRO N 87 -69.97 -9.14 -12.60
C PRO N 87 -70.76 -8.93 -13.87
N THR N 88 -72.01 -8.75 -13.70
CA THR N 88 -72.82 -8.58 -14.89
C THR N 88 -72.36 -7.40 -15.69
N ILE N 89 -72.28 -6.22 -15.03
CA ILE N 89 -71.88 -5.01 -15.72
C ILE N 89 -70.50 -5.09 -16.34
N LEU N 90 -69.59 -5.69 -15.65
CA LEU N 90 -68.24 -5.77 -16.16
C LEU N 90 -68.19 -6.46 -17.49
N VAL N 91 -68.88 -7.65 -17.61
CA VAL N 91 -68.83 -8.37 -18.86
C VAL N 91 -69.43 -7.51 -19.93
N ILE N 92 -70.53 -6.83 -19.61
CA ILE N 92 -71.20 -6.01 -20.59
C ILE N 92 -70.31 -4.87 -21.00
N GLU N 93 -69.64 -4.25 -20.01
CA GLU N 93 -68.79 -3.14 -20.33
C GLU N 93 -67.69 -3.69 -21.19
N PHE N 94 -67.22 -4.86 -20.82
CA PHE N 94 -66.12 -5.52 -21.48
C PHE N 94 -66.40 -5.90 -22.92
N LEU N 95 -67.17 -6.90 -23.12
CA LEU N 95 -67.43 -7.40 -24.46
C LEU N 95 -67.85 -6.36 -25.46
N SER N 96 -68.61 -5.36 -24.99
CA SER N 96 -69.12 -4.33 -25.87
C SER N 96 -68.07 -3.30 -26.25
N ILE N 97 -67.43 -2.72 -25.22
CA ILE N 97 -66.43 -1.70 -25.47
C ILE N 97 -65.35 -2.32 -26.31
N ALA N 98 -65.31 -3.65 -26.39
CA ALA N 98 -64.37 -4.34 -27.19
C ALA N 98 -64.92 -4.38 -28.60
N PHE N 99 -66.26 -4.69 -28.74
CA PHE N 99 -66.82 -4.78 -30.07
C PHE N 99 -66.50 -3.47 -30.73
N VAL N 100 -67.01 -2.38 -30.18
CA VAL N 100 -66.71 -1.05 -30.70
C VAL N 100 -65.26 -0.94 -30.31
N GLU N 101 -64.44 -0.32 -31.03
CA GLU N 101 -63.01 -0.21 -30.77
C GLU N 101 -62.50 -1.50 -31.37
N HIS N 102 -61.24 -1.59 -31.76
CA HIS N 102 -60.67 -2.80 -32.39
C HIS N 102 -61.69 -3.30 -33.41
N GLN N 103 -62.17 -2.32 -34.14
CA GLN N 103 -63.11 -2.27 -35.23
C GLN N 103 -62.92 -0.84 -35.76
N ARG N 104 -62.77 0.10 -34.85
CA ARG N 104 -62.52 1.47 -35.14
C ARG N 104 -61.11 1.60 -35.69
N SER N 105 -60.42 0.55 -35.57
CA SER N 105 -59.02 0.60 -35.99
C SER N 105 -58.80 1.01 -37.45
N MET N 106 -59.78 0.43 -38.35
CA MET N 106 -59.66 0.73 -39.77
C MET N 106 -58.33 1.21 -40.37
N GLU N 107 -57.55 1.96 -39.81
CA GLU N 107 -56.26 2.50 -40.26
C GLU N 107 -56.18 2.70 -41.78
N LYS N 108 -57.42 3.40 -42.29
CA LYS N 108 -57.45 3.77 -43.70
C LYS N 108 -58.07 5.17 -43.78
N ASP N 109 -57.12 6.06 -44.24
CA ASP N 109 -57.46 7.47 -44.08
C ASP N 109 -57.72 7.77 -42.59
N PRO N 110 -56.53 8.38 -42.08
CA PRO N 110 -56.29 8.55 -40.64
C PRO N 110 -57.51 8.34 -39.73
N GLU N 111 -57.83 7.10 -39.44
CA GLU N 111 -59.07 6.75 -38.74
C GLU N 111 -60.24 7.56 -39.27
N LYS N 112 -60.53 7.43 -40.55
CA LYS N 112 -61.51 8.23 -41.29
C LYS N 112 -61.19 9.72 -41.13
N LYS N 113 -59.88 9.95 -41.39
CA LYS N 113 -59.38 11.29 -41.27
C LYS N 113 -59.55 11.75 -39.84
N LYS N 114 -59.77 10.81 -38.97
CA LYS N 114 -59.96 11.07 -37.54
C LYS N 114 -61.37 11.55 -37.29
N TYR N 115 -62.09 11.76 -38.34
CA TYR N 115 -63.44 12.24 -38.23
C TYR N 115 -64.24 11.27 -39.06
N PRO N 116 -64.80 10.30 -38.30
CA PRO N 116 -65.54 9.35 -39.13
C PRO N 116 -66.71 9.89 -39.95
N GLY N 117 -67.44 10.83 -39.39
CA GLY N 117 -68.57 11.34 -40.13
C GLY N 117 -69.47 10.21 -40.61
N GLY N 118 -70.23 10.53 -41.62
CA GLY N 118 -71.19 9.63 -42.21
C GLY N 118 -72.42 9.50 -41.35
N ALA N 119 -72.58 8.32 -40.77
CA ALA N 119 -73.69 8.09 -39.89
C ALA N 119 -73.41 8.81 -38.58
N PHE N 120 -72.14 9.11 -38.34
CA PHE N 120 -71.77 9.77 -37.12
C PHE N 120 -72.01 11.25 -37.25
N ASP N 121 -72.53 11.67 -38.37
CA ASP N 121 -72.84 13.07 -38.55
C ASP N 121 -74.25 13.07 -39.08
N PRO N 122 -75.20 12.60 -38.19
CA PRO N 122 -76.56 12.55 -38.73
C PRO N 122 -77.06 13.91 -39.18
N LEU N 123 -76.68 14.97 -38.49
CA LEU N 123 -77.14 16.30 -38.85
C LEU N 123 -76.31 17.06 -39.86
N GLY N 124 -75.34 16.39 -40.46
CA GLY N 124 -74.54 17.01 -41.49
C GLY N 124 -73.72 18.28 -41.33
N TYR N 125 -73.01 18.43 -40.22
CA TYR N 125 -72.18 19.61 -40.06
C TYR N 125 -70.85 19.39 -40.77
N SER N 126 -70.64 18.18 -41.26
CA SER N 126 -69.41 17.82 -41.95
C SER N 126 -69.43 18.29 -43.38
N LYS N 127 -70.62 18.37 -43.94
CA LYS N 127 -70.81 18.77 -45.32
C LYS N 127 -70.25 20.16 -45.59
N ASP N 128 -70.45 21.07 -44.64
CA ASP N 128 -69.97 22.44 -44.75
C ASP N 128 -68.46 22.45 -44.93
N PRO N 129 -67.93 23.41 -45.75
CA PRO N 129 -66.49 23.49 -46.00
C PRO N 129 -65.70 24.07 -44.81
N LYS N 130 -65.83 25.41 -44.61
CA LYS N 130 -65.08 26.10 -43.56
C LYS N 130 -65.62 25.77 -42.16
N LYS N 131 -66.99 25.54 -42.04
CA LYS N 131 -67.61 25.23 -40.76
C LYS N 131 -67.08 23.92 -40.21
N PHE N 132 -66.83 22.97 -41.04
CA PHE N 132 -66.28 21.69 -40.61
C PHE N 132 -64.93 21.88 -39.94
N HIS N 133 -64.14 22.89 -40.51
CA HIS N 133 -62.81 23.16 -39.94
C HIS N 133 -62.90 23.99 -38.66
N GLU N 134 -63.83 24.91 -38.62
CA GLU N 134 -63.95 25.72 -37.44
C GLU N 134 -64.61 24.86 -36.39
N TYR N 135 -65.42 23.92 -36.83
CA TYR N 135 -66.07 23.02 -35.90
C TYR N 135 -65.01 22.19 -35.21
N LYS N 136 -63.98 21.86 -35.96
CA LYS N 136 -62.91 21.08 -35.43
C LYS N 136 -62.14 21.82 -34.36
N ILE N 137 -61.59 22.98 -34.69
CA ILE N 137 -60.82 23.72 -33.72
C ILE N 137 -61.61 23.96 -32.47
N LYS N 138 -62.96 24.06 -32.56
CA LYS N 138 -63.78 24.25 -31.38
C LYS N 138 -63.78 22.99 -30.54
N GLU N 139 -63.88 21.87 -31.22
CA GLU N 139 -63.98 20.60 -30.55
C GLU N 139 -62.78 20.23 -29.74
N VAL N 140 -61.61 20.63 -30.25
CA VAL N 140 -60.40 20.35 -29.53
C VAL N 140 -60.31 21.20 -28.30
N LYS N 141 -60.23 22.48 -28.52
CA LYS N 141 -60.10 23.42 -27.44
C LYS N 141 -61.04 23.10 -26.29
N ASN N 142 -62.31 22.72 -26.57
CA ASN N 142 -63.22 22.38 -25.51
C ASN N 142 -62.67 21.15 -24.87
N GLY N 143 -62.20 20.24 -25.71
CA GLY N 143 -61.70 18.98 -25.22
C GLY N 143 -60.48 19.12 -24.34
N ARG N 144 -59.52 19.90 -24.79
CA ARG N 144 -58.34 20.11 -23.98
C ARG N 144 -58.82 20.68 -22.69
N LEU N 145 -59.89 21.45 -22.75
CA LEU N 145 -60.40 22.05 -21.54
C LEU N 145 -60.87 21.02 -20.60
N ALA N 146 -61.52 19.98 -21.09
CA ALA N 146 -62.01 18.95 -20.22
C ALA N 146 -60.84 18.24 -19.58
N LEU N 147 -59.96 17.73 -20.41
CA LEU N 147 -58.78 16.99 -19.97
C LEU N 147 -58.13 17.71 -18.78
N LEU N 148 -58.08 19.01 -18.87
CA LEU N 148 -57.51 19.79 -17.81
C LEU N 148 -58.42 19.73 -16.63
N ALA N 149 -59.72 19.77 -16.87
CA ALA N 149 -60.67 19.73 -15.78
C ALA N 149 -60.61 18.43 -15.05
N PHE N 150 -60.52 17.35 -15.79
CA PHE N 150 -60.48 16.03 -15.24
C PHE N 150 -59.33 15.94 -14.31
N VAL N 151 -58.18 16.38 -14.76
CA VAL N 151 -57.00 16.39 -13.90
C VAL N 151 -57.26 17.24 -12.67
N GLY N 152 -57.91 18.37 -12.85
CA GLY N 152 -58.24 19.20 -11.71
C GLY N 152 -59.13 18.45 -10.77
N ILE N 153 -60.12 17.76 -11.30
CA ILE N 153 -61.01 17.00 -10.48
C ILE N 153 -60.25 15.90 -9.76
N CYS N 154 -59.39 15.20 -10.48
CA CYS N 154 -58.67 14.10 -9.87
C CYS N 154 -57.79 14.55 -8.76
N VAL N 155 -57.05 15.61 -8.99
CA VAL N 155 -56.17 16.09 -7.97
C VAL N 155 -56.99 16.53 -6.79
N GLN N 156 -58.08 17.22 -7.04
CA GLN N 156 -58.92 17.66 -5.94
C GLN N 156 -59.55 16.50 -5.21
N GLN N 157 -60.10 15.54 -5.94
CA GLN N 157 -60.79 14.40 -5.32
C GLN N 157 -59.91 13.47 -4.51
N SER N 158 -58.65 13.50 -4.82
CA SER N 158 -57.61 12.73 -4.14
C SER N 158 -57.66 13.02 -2.65
N ALA N 159 -58.40 14.03 -2.20
CA ALA N 159 -58.68 14.29 -0.79
C ALA N 159 -60.00 13.62 -0.40
N TYR N 160 -60.79 13.13 -1.26
CA TYR N 160 -62.05 12.38 -1.16
C TYR N 160 -63.31 13.16 -0.73
N PRO N 161 -63.34 14.45 -1.11
CA PRO N 161 -64.68 14.98 -0.89
C PRO N 161 -65.38 15.24 -2.22
N GLY N 162 -65.80 16.47 -2.53
CA GLY N 162 -66.58 16.69 -3.75
C GLY N 162 -66.14 17.68 -4.79
N THR N 163 -66.30 17.30 -6.04
CA THR N 163 -65.89 18.18 -7.10
C THR N 163 -66.68 19.46 -7.02
N GLY N 164 -67.99 19.36 -6.78
CA GLY N 164 -68.80 20.55 -6.65
C GLY N 164 -68.56 21.12 -5.28
N PRO N 165 -68.89 20.23 -4.23
CA PRO N 165 -68.65 20.74 -2.87
C PRO N 165 -67.35 21.51 -2.70
N LEU N 166 -66.37 21.21 -3.52
CA LEU N 166 -65.13 21.93 -3.46
C LEU N 166 -65.36 23.38 -3.82
N GLU N 167 -66.16 23.56 -4.85
CA GLU N 167 -66.45 24.90 -5.31
C GLU N 167 -67.15 25.59 -4.19
N ASN N 168 -68.07 24.87 -3.59
CA ASN N 168 -68.84 25.45 -2.54
C ASN N 168 -67.92 25.84 -1.44
N LEU N 169 -66.95 25.02 -1.10
CA LEU N 169 -66.06 25.37 -0.01
C LEU N 169 -65.28 26.64 -0.30
N ALA N 170 -64.69 26.77 -1.48
CA ALA N 170 -63.93 27.98 -1.79
C ALA N 170 -64.86 29.15 -1.89
N THR N 171 -66.00 28.90 -2.50
CA THR N 171 -66.96 29.95 -2.70
C THR N 171 -67.34 30.44 -1.34
N HIS N 172 -67.38 29.52 -0.40
CA HIS N 172 -67.76 29.88 0.94
C HIS N 172 -66.82 30.93 1.43
N LEU N 173 -65.53 30.75 1.20
CA LEU N 173 -64.59 31.76 1.63
C LEU N 173 -63.36 31.75 0.78
N ALA N 174 -62.84 32.92 0.47
CA ALA N 174 -61.61 33.01 -0.30
C ALA N 174 -60.44 32.83 0.66
N ASP N 175 -60.76 32.79 1.94
CA ASP N 175 -59.77 32.65 3.00
C ASP N 175 -59.09 31.31 3.03
N PRO N 176 -59.89 30.22 2.73
CA PRO N 176 -59.21 28.93 2.78
C PRO N 176 -58.02 28.94 1.86
N TRP N 177 -56.90 28.44 2.36
CA TRP N 177 -55.66 28.45 1.58
C TRP N 177 -55.02 27.11 1.29
N HIS N 178 -54.65 26.93 0.03
CA HIS N 178 -53.98 25.73 -0.43
C HIS N 178 -52.57 25.54 0.07
N ASN N 179 -51.78 26.61 0.13
CA ASN N 179 -50.40 26.43 0.58
C ASN N 179 -49.77 25.45 -0.40
N ASN N 180 -49.70 24.19 0.02
CA ASN N 180 -49.14 23.14 -0.74
C ASN N 180 -47.68 23.21 -0.46
N ILE N 181 -46.97 22.28 -1.07
CA ILE N 181 -45.55 22.14 -0.91
C ILE N 181 -44.61 23.31 -1.27
N GLY N 182 -44.99 24.26 -2.12
CA GLY N 182 -46.32 24.36 -2.69
C GLY N 182 -46.29 24.29 -4.20
N VAL O 1 25.94 57.69 -14.02
CA VAL O 1 25.98 58.04 -12.61
C VAL O 1 26.75 56.98 -11.82
N ALA O 2 27.77 56.41 -12.46
CA ALA O 2 28.56 55.33 -11.86
C ALA O 2 29.90 55.85 -11.34
N GLU O 3 30.34 55.28 -10.21
CA GLU O 3 31.61 55.65 -9.63
C GLU O 3 32.12 54.56 -8.68
N PRO O 4 33.42 54.25 -8.78
CA PRO O 4 34.11 53.31 -7.90
C PRO O 4 34.56 53.96 -6.60
N ASP O 5 34.08 55.18 -6.35
CA ASP O 5 34.63 56.01 -5.30
C ASP O 5 33.77 56.05 -4.03
N ARG O 6 32.48 55.74 -4.18
CA ARG O 6 31.53 55.80 -3.07
C ARG O 6 32.09 55.15 -1.82
N PRO O 7 31.97 55.85 -0.68
CA PRO O 7 32.39 55.34 0.62
C PRO O 7 31.71 54.01 0.91
N LEU O 8 32.35 52.92 0.52
CA LEU O 8 31.82 51.58 0.73
C LEU O 8 31.73 51.30 2.23
N TRP O 9 30.86 50.38 2.63
CA TRP O 9 30.76 50.03 4.04
C TRP O 9 32.07 49.32 4.41
N PHE O 10 32.42 48.28 3.67
CA PHE O 10 33.70 47.62 3.87
C PHE O 10 34.68 48.04 2.79
N PRO O 11 35.70 48.83 3.15
CA PRO O 11 36.73 49.31 2.22
C PRO O 11 37.54 48.20 1.55
N GLY O 12 37.73 48.30 0.24
CA GLY O 12 38.61 47.43 -0.52
C GLY O 12 38.42 45.93 -0.30
N SER O 13 37.42 45.35 -0.96
CA SER O 13 36.51 46.11 -1.80
C SER O 13 35.04 45.80 -1.51
N THR O 14 34.15 46.51 -2.18
CA THR O 14 32.72 46.26 -2.05
C THR O 14 31.95 46.74 -3.29
N PRO O 15 31.92 45.90 -4.34
CA PRO O 15 31.11 46.28 -5.50
C PRO O 15 30.11 45.21 -5.98
N PRO O 16 28.85 45.28 -5.53
CA PRO O 16 27.84 44.43 -6.14
C PRO O 16 27.32 45.05 -7.42
N PRO O 17 27.29 44.23 -8.53
CA PRO O 17 26.85 44.91 -9.76
C PRO O 17 25.54 45.64 -9.66
N TRP O 18 24.58 45.13 -8.88
CA TRP O 18 23.31 45.82 -8.80
C TRP O 18 23.41 47.21 -8.17
N LEU O 19 24.20 47.31 -7.11
CA LEU O 19 24.36 48.58 -6.45
C LEU O 19 25.44 49.30 -7.22
N ASP O 20 25.33 50.62 -7.29
CA ASP O 20 26.30 51.37 -8.09
C ASP O 20 26.49 52.79 -7.57
N GLY O 21 25.63 53.22 -6.65
CA GLY O 21 25.70 54.56 -6.14
C GLY O 21 24.85 55.51 -6.96
N SER O 22 24.20 54.97 -7.97
CA SER O 22 23.22 55.71 -8.75
C SER O 22 22.11 56.14 -7.81
N LEU O 23 21.71 55.21 -6.94
CA LEU O 23 20.72 55.48 -5.90
C LEU O 23 21.30 56.40 -4.84
N PRO O 24 20.42 57.04 -3.97
CA PRO O 24 21.06 57.86 -2.94
C PRO O 24 21.38 56.99 -1.74
N GLY O 25 22.47 57.22 -1.04
CA GLY O 25 22.81 56.43 0.12
C GLY O 25 23.48 55.11 -0.16
N ASP O 26 23.82 54.91 -1.40
CA ASP O 26 24.46 53.69 -1.84
C ASP O 26 25.83 53.41 -1.18
N PHE O 27 25.88 52.81 0.02
CA PHE O 27 27.19 52.57 0.63
C PHE O 27 27.67 51.19 0.26
N GLY O 28 27.22 50.73 -0.89
CA GLY O 28 27.60 49.42 -1.35
C GLY O 28 27.29 48.28 -0.40
N PHE O 29 26.06 48.16 0.07
CA PHE O 29 25.75 47.06 1.00
C PHE O 29 24.66 46.02 0.66
N ASP O 30 25.04 44.74 0.53
CA ASP O 30 24.08 43.67 0.27
C ASP O 30 24.75 42.34 -0.09
N PRO O 31 25.41 41.68 0.94
CA PRO O 31 26.03 40.42 0.53
C PRO O 31 25.02 39.40 0.07
N LEU O 32 23.90 39.38 0.75
CA LEU O 32 22.83 38.47 0.44
C LEU O 32 22.29 38.75 -0.94
N GLY O 33 22.26 40.00 -1.30
CA GLY O 33 21.76 40.37 -2.60
C GLY O 33 20.29 40.66 -2.53
N LEU O 34 19.72 40.55 -1.34
CA LEU O 34 18.31 40.83 -1.08
C LEU O 34 17.75 41.91 -1.96
N GLY O 35 17.86 41.64 -3.25
CA GLY O 35 17.45 42.49 -4.33
C GLY O 35 18.55 42.65 -5.35
N SER O 36 18.51 41.74 -6.31
CA SER O 36 19.39 41.65 -7.47
C SER O 36 18.55 41.76 -8.74
N ASP O 37 17.24 41.91 -8.54
CA ASP O 37 16.28 42.01 -9.60
C ASP O 37 15.85 43.43 -9.48
N PRO O 38 15.66 44.06 -10.72
CA PRO O 38 15.28 45.46 -10.56
C PRO O 38 13.88 45.56 -9.97
N GLU O 39 13.08 44.54 -10.20
CA GLU O 39 11.79 44.55 -9.61
C GLU O 39 12.06 44.41 -8.11
N SER O 40 13.12 43.69 -7.79
CA SER O 40 13.50 43.43 -6.42
C SER O 40 13.95 44.62 -5.65
N LEU O 41 14.72 45.45 -6.30
CA LEU O 41 15.28 46.61 -5.68
C LEU O 41 14.31 47.77 -5.65
N ARG O 42 13.70 47.98 -6.77
CA ARG O 42 12.78 49.11 -6.91
C ARG O 42 11.75 49.04 -5.80
N TRP O 43 11.46 47.83 -5.35
CA TRP O 43 10.51 47.61 -4.28
C TRP O 43 11.20 47.77 -2.97
N ASN O 44 12.38 47.21 -2.85
CA ASN O 44 13.10 47.31 -1.62
C ASN O 44 13.34 48.77 -1.34
N VAL O 45 13.71 49.51 -2.37
CA VAL O 45 13.97 50.92 -2.20
C VAL O 45 12.81 51.59 -1.53
N GLN O 46 11.65 51.54 -2.14
CA GLN O 46 10.49 52.17 -1.57
C GLN O 46 10.28 51.68 -0.17
N ALA O 47 10.52 50.40 0.05
CA ALA O 47 10.35 49.80 1.34
C ALA O 47 11.30 50.40 2.35
N GLU O 48 12.57 50.52 1.97
CA GLU O 48 13.57 51.07 2.88
C GLU O 48 13.37 52.53 3.10
N LEU O 49 12.54 53.13 2.28
CA LEU O 49 12.30 54.54 2.42
C LEU O 49 11.19 54.78 3.41
N VAL O 50 9.97 54.36 3.05
CA VAL O 50 8.80 54.58 3.88
C VAL O 50 9.10 54.23 5.31
N HIS O 51 9.85 53.18 5.51
CA HIS O 51 10.22 52.77 6.83
C HIS O 51 10.89 53.88 7.57
N SER O 52 11.89 54.42 6.91
CA SER O 52 12.69 55.46 7.49
C SER O 52 11.88 56.65 7.83
N ARG O 53 11.05 57.06 6.90
CA ARG O 53 10.22 58.20 7.13
C ARG O 53 9.42 57.96 8.38
N TRP O 54 8.94 56.74 8.56
CA TRP O 54 8.18 56.46 9.77
C TRP O 54 9.10 56.47 10.97
N ALA O 55 10.22 55.76 10.88
CA ALA O 55 11.13 55.70 12.00
C ALA O 55 11.51 57.06 12.50
N MET O 56 11.67 58.02 11.60
CA MET O 56 12.01 59.35 12.05
C MET O 56 11.00 59.76 13.06
N LEU O 57 9.74 59.84 12.63
CA LEU O 57 8.66 60.21 13.54
C LEU O 57 8.79 59.41 14.83
N GLY O 58 9.00 58.11 14.73
CA GLY O 58 9.14 57.31 15.95
C GLY O 58 10.18 57.94 16.86
N ALA O 59 11.18 58.51 16.24
CA ALA O 59 12.23 59.15 16.97
C ALA O 59 11.60 60.34 17.63
N ALA O 60 10.70 60.98 16.91
CA ALA O 60 10.04 62.17 17.43
C ALA O 60 9.17 61.78 18.61
N GLY O 61 9.27 60.52 19.01
CA GLY O 61 8.54 60.02 20.15
C GLY O 61 9.52 59.92 21.31
N ILE O 62 10.80 60.01 20.99
CA ILE O 62 11.87 59.94 21.98
C ILE O 62 12.20 61.38 22.33
N PHE O 63 11.65 62.28 21.52
CA PHE O 63 11.84 63.71 21.72
C PHE O 63 10.93 64.22 22.82
N ILE O 64 9.77 63.57 22.96
CA ILE O 64 8.76 63.96 23.95
C ILE O 64 9.08 63.55 25.41
N PRO O 65 9.78 62.42 25.64
CA PRO O 65 10.01 62.12 27.07
C PRO O 65 11.03 63.05 27.75
N GLU O 66 11.76 63.84 26.98
CA GLU O 66 12.77 64.74 27.54
C GLU O 66 12.22 66.15 27.69
N PHE O 67 11.07 66.37 27.05
CA PHE O 67 10.28 67.57 27.28
C PHE O 67 9.60 67.45 28.63
N LEU O 68 9.42 66.21 29.07
CA LEU O 68 8.90 65.92 30.40
C LEU O 68 9.60 64.71 31.02
N THR O 69 10.67 64.97 31.74
CA THR O 69 11.46 63.92 32.38
C THR O 69 10.63 63.07 33.34
N GLU O 86 -4.31 55.79 26.24
CA GLU O 86 -4.02 57.06 25.56
C GLU O 86 -5.09 57.37 24.52
N TYR O 87 -6.34 57.43 24.94
CA TYR O 87 -7.40 57.70 24.03
C TYR O 87 -8.75 57.94 24.64
N PHE O 88 -9.64 58.43 23.81
CA PHE O 88 -10.99 58.74 24.15
C PHE O 88 -11.88 57.55 23.85
N THR O 89 -11.28 56.45 23.38
CA THR O 89 -11.99 55.21 23.03
C THR O 89 -11.00 54.13 22.65
N ASP O 90 -9.90 54.10 23.39
CA ASP O 90 -8.77 53.18 23.22
C ASP O 90 -8.87 52.12 22.12
N THR O 91 -7.90 52.15 21.20
CA THR O 91 -7.87 51.18 20.13
C THR O 91 -9.22 51.12 19.47
N THR O 92 -9.58 49.97 18.91
CA THR O 92 -10.89 49.89 18.32
C THR O 92 -11.04 50.98 17.28
N THR O 93 -12.04 51.84 17.44
CA THR O 93 -12.29 52.91 16.51
C THR O 93 -11.01 53.62 16.10
N LEU O 94 -10.19 53.99 17.07
CA LEU O 94 -8.97 54.69 16.75
C LEU O 94 -8.11 54.04 15.70
N PHE O 95 -8.31 52.73 15.54
CA PHE O 95 -7.53 51.94 14.60
C PHE O 95 -8.25 51.87 13.27
N ILE O 96 -9.51 51.56 13.33
CA ILE O 96 -10.29 51.44 12.11
C ILE O 96 -10.21 52.72 11.31
N VAL O 97 -10.38 53.86 11.99
CA VAL O 97 -10.21 55.16 11.35
C VAL O 97 -8.81 55.28 10.79
N GLU O 98 -7.85 54.77 11.55
CA GLU O 98 -6.46 54.70 11.11
C GLU O 98 -6.34 53.76 9.91
N LEU O 99 -6.90 52.57 10.04
CA LEU O 99 -6.84 51.65 8.93
C LEU O 99 -7.52 52.29 7.74
N VAL O 100 -8.73 52.78 7.94
CA VAL O 100 -9.48 53.42 6.87
C VAL O 100 -8.81 54.63 6.30
N PHE O 101 -8.00 55.31 7.09
CA PHE O 101 -7.35 56.51 6.63
C PHE O 101 -6.00 56.23 6.00
N ILE O 102 -5.09 55.63 6.75
CA ILE O 102 -3.80 55.33 6.19
C ILE O 102 -3.94 54.32 5.09
N GLY O 103 -5.09 53.68 5.03
CA GLY O 103 -5.34 52.71 4.01
C GLY O 103 -5.32 53.47 2.73
N TRP O 104 -6.36 54.27 2.54
CA TRP O 104 -6.49 55.11 1.36
C TRP O 104 -5.20 55.80 1.10
N ALA O 105 -4.55 56.25 2.14
CA ALA O 105 -3.29 56.93 1.97
C ALA O 105 -2.36 55.93 1.31
N GLU O 106 -1.93 54.93 2.06
CA GLU O 106 -1.04 53.92 1.53
C GLU O 106 -1.64 53.30 0.29
N GLY O 107 -2.94 53.38 0.15
CA GLY O 107 -3.58 52.81 -0.99
C GLY O 107 -2.97 53.37 -2.24
N ARG O 108 -3.18 54.65 -2.44
CA ARG O 108 -2.68 55.35 -3.60
C ARG O 108 -1.19 55.24 -3.74
N ARG O 109 -0.48 55.22 -2.63
CA ARG O 109 0.95 55.09 -2.71
C ARG O 109 1.29 53.80 -3.42
N TRP O 110 0.51 52.76 -3.17
CA TRP O 110 0.68 51.47 -3.82
C TRP O 110 0.50 51.55 -5.33
N ALA O 111 -0.57 52.21 -5.74
CA ALA O 111 -0.91 52.35 -7.15
C ALA O 111 0.16 53.12 -7.90
N ASP O 112 0.88 53.98 -7.19
CA ASP O 112 1.94 54.79 -7.78
C ASP O 112 3.22 53.98 -7.93
N ILE O 113 3.45 53.04 -7.03
CA ILE O 113 4.63 52.20 -7.07
C ILE O 113 4.62 51.33 -8.34
N LEU O 114 3.42 50.92 -8.74
CA LEU O 114 3.26 50.04 -9.89
C LEU O 114 2.80 50.79 -11.14
N ASN O 115 2.71 52.11 -11.03
CA ASN O 115 2.30 52.95 -12.15
C ASN O 115 2.70 54.40 -11.95
N PRO O 153 17.27 68.34 -10.80
CA PRO O 153 18.53 68.91 -10.30
C PRO O 153 19.43 67.85 -9.65
N GLN O 154 20.74 68.03 -9.79
CA GLN O 154 21.71 67.13 -9.18
C GLN O 154 21.76 67.38 -7.67
N LYS O 155 21.23 68.52 -7.26
CA LYS O 155 21.16 68.89 -5.85
C LYS O 155 20.29 67.92 -5.04
N LEU O 156 19.20 67.49 -5.64
CA LEU O 156 18.22 66.65 -4.97
C LEU O 156 18.83 65.32 -4.52
N LYS O 157 19.81 64.83 -5.26
CA LYS O 157 20.52 63.61 -4.88
C LYS O 157 21.08 63.76 -3.48
N GLU O 158 21.73 64.87 -3.20
CA GLU O 158 22.29 65.07 -1.87
C GLU O 158 21.21 64.91 -0.82
N LEU O 159 20.19 65.74 -0.90
CA LEU O 159 19.08 65.70 0.04
C LEU O 159 18.63 64.28 0.31
N ARG O 160 18.33 63.55 -0.76
CA ARG O 160 17.87 62.19 -0.65
C ARG O 160 18.96 61.26 -0.14
N THR O 161 20.23 61.49 -0.45
CA THR O 161 21.21 60.56 0.11
C THR O 161 21.22 60.71 1.63
N LYS O 162 21.23 61.97 2.05
CA LYS O 162 21.24 62.34 3.46
C LYS O 162 19.96 61.90 4.16
N GLU O 163 18.83 62.06 3.48
CA GLU O 163 17.58 61.63 4.07
C GLU O 163 17.60 60.16 4.49
N ILE O 164 18.13 59.29 3.64
CA ILE O 164 18.17 57.89 3.97
C ILE O 164 19.03 57.59 5.15
N LYS O 165 20.20 58.18 5.19
CA LYS O 165 21.12 57.86 6.26
C LYS O 165 20.60 58.23 7.62
N ASN O 166 19.98 59.40 7.76
CA ASN O 166 19.44 59.76 9.03
C ASN O 166 18.34 58.75 9.33
N GLY O 167 17.54 58.49 8.30
CA GLY O 167 16.41 57.61 8.38
C GLY O 167 16.88 56.26 8.79
N ARG O 168 18.02 55.87 8.26
CA ARG O 168 18.58 54.59 8.61
C ARG O 168 18.82 54.62 10.08
N LEU O 169 19.20 55.78 10.60
CA LEU O 169 19.51 55.91 12.00
C LEU O 169 18.37 55.65 12.94
N ALA O 170 17.20 56.18 12.64
CA ALA O 170 16.07 55.99 13.53
C ALA O 170 15.72 54.55 13.68
N MET O 171 15.70 53.84 12.57
CA MET O 171 15.33 52.45 12.62
C MET O 171 16.27 51.71 13.52
N LEU O 172 17.56 51.93 13.35
CA LEU O 172 18.51 51.27 14.21
C LEU O 172 18.23 51.81 15.59
N ALA O 173 17.89 53.08 15.65
CA ALA O 173 17.59 53.71 16.92
C ALA O 173 16.32 53.17 17.54
N VAL O 174 15.21 53.46 16.88
CA VAL O 174 13.92 53.05 17.37
C VAL O 174 13.96 51.62 17.74
N MET O 175 14.84 50.88 17.10
CA MET O 175 14.98 49.48 17.40
C MET O 175 15.61 49.43 18.76
N GLY O 176 16.86 49.84 18.81
CA GLY O 176 17.62 49.81 20.06
C GLY O 176 16.97 50.10 21.39
N ALA O 177 16.07 51.08 21.42
CA ALA O 177 15.40 51.55 22.62
C ALA O 177 14.45 50.51 23.23
N TRP O 178 14.05 49.52 22.42
CA TRP O 178 13.09 48.53 22.89
C TRP O 178 13.70 47.18 23.23
N PHE O 179 14.65 46.70 22.41
CA PHE O 179 15.35 45.46 22.75
C PHE O 179 16.32 45.71 23.91
N GLN O 180 16.22 46.91 24.45
CA GLN O 180 16.98 47.29 25.60
C GLN O 180 15.91 47.45 26.67
N HIS O 181 14.69 47.74 26.22
CA HIS O 181 13.54 47.89 27.11
C HIS O 181 12.91 46.55 27.45
N ILE O 182 12.89 45.64 26.48
CA ILE O 182 12.43 44.29 26.74
C ILE O 182 13.41 43.58 27.67
N TYR O 183 12.91 42.57 28.39
CA TYR O 183 13.72 41.76 29.31
C TYR O 183 14.38 42.58 30.43
N THR O 184 14.36 43.90 30.31
CA THR O 184 15.19 44.78 31.10
C THR O 184 14.46 46.04 31.56
N GLY O 185 13.30 45.86 32.17
CA GLY O 185 12.41 46.96 32.54
C GLY O 185 13.05 48.24 33.05
N THR O 186 13.54 49.05 32.13
CA THR O 186 14.11 50.37 32.45
C THR O 186 14.05 51.28 31.23
N GLY O 187 13.61 52.52 31.42
CA GLY O 187 13.50 53.48 30.33
C GLY O 187 14.85 53.99 29.84
N PRO O 188 14.85 54.52 28.57
CA PRO O 188 16.16 54.97 28.11
C PRO O 188 16.34 56.42 28.38
N ILE O 189 15.23 57.05 28.78
CA ILE O 189 15.19 58.49 29.03
C ILE O 189 16.50 59.07 29.59
N ASP O 190 17.03 58.46 30.65
CA ASP O 190 18.14 59.08 31.40
C ASP O 190 19.52 58.52 31.04
N ASN O 191 19.50 57.35 30.41
CA ASN O 191 20.62 56.43 30.31
C ASN O 191 21.89 57.01 29.71
N LEU O 192 21.72 58.01 28.85
CA LEU O 192 22.82 58.67 28.17
C LEU O 192 23.95 59.07 29.11
N PHE O 193 23.60 59.77 30.18
CA PHE O 193 24.58 60.12 31.20
C PHE O 193 24.25 59.49 32.55
N ALA O 194 23.23 58.65 32.60
CA ALA O 194 22.89 57.95 33.84
C ALA O 194 23.61 56.61 33.93
N HIS O 195 23.84 56.00 32.76
CA HIS O 195 24.57 54.74 32.66
C HIS O 195 26.04 55.05 32.43
N LEU O 196 26.32 56.32 32.11
CA LEU O 196 27.67 56.77 31.87
C LEU O 196 28.42 56.97 33.18
N ALA O 197 27.70 56.83 34.28
CA ALA O 197 28.30 56.89 35.61
C ALA O 197 29.25 55.72 35.79
N ASP O 198 28.82 54.54 35.36
CA ASP O 198 29.66 53.36 35.41
C ASP O 198 29.12 52.25 34.51
N PRO O 199 30.03 51.60 33.76
CA PRO O 199 29.68 50.36 33.07
C PRO O 199 29.27 49.25 34.02
N GLY P 82 54.74 13.47 4.89
CA GLY P 82 55.20 14.76 4.42
C GLY P 82 54.25 15.89 4.81
N LEU P 83 54.50 16.47 5.98
CA LEU P 83 53.67 17.57 6.47
C LEU P 83 53.93 18.87 5.72
N SER P 84 55.18 19.09 5.34
CA SER P 84 55.59 20.35 4.74
C SER P 84 54.97 20.62 3.37
N ASP P 85 55.09 19.66 2.46
CA ASP P 85 54.74 19.90 1.05
C ASP P 85 53.25 20.14 0.87
N PRO P 86 52.92 21.27 0.21
CA PRO P 86 51.56 21.79 0.00
C PRO P 86 50.79 21.17 -1.16
N GLU P 87 50.96 21.78 -2.32
CA GLU P 87 50.14 21.52 -3.50
C GLU P 87 48.67 21.69 -3.18
N GLY P 88 48.24 22.95 -3.06
CA GLY P 88 46.85 23.28 -2.83
C GLY P 88 46.39 24.43 -3.71
N THR P 89 45.07 24.66 -3.74
CA THR P 89 44.50 25.76 -4.51
C THR P 89 44.78 27.20 -3.99
N GLY P 90 44.63 27.48 -2.69
CA GLY P 90 44.30 26.50 -1.67
C GLY P 90 43.53 26.99 -0.46
N GLY P 91 42.59 26.16 -0.02
CA GLY P 91 42.02 26.27 1.30
C GLY P 91 43.23 26.17 2.21
N PHE P 92 43.42 27.15 3.08
CA PHE P 92 44.76 27.41 3.60
C PHE P 92 45.24 26.47 4.72
N ILE P 93 45.66 25.28 4.30
CA ILE P 93 46.55 24.43 5.10
C ILE P 93 47.85 24.22 4.34
N GLU P 94 47.79 24.31 3.02
CA GLU P 94 48.91 23.94 2.17
C GLU P 94 49.76 25.14 1.69
N PRO P 95 49.16 26.18 1.07
CA PRO P 95 50.00 27.24 0.48
C PRO P 95 50.78 28.13 1.44
N ARG P 96 50.86 29.44 1.19
CA ARG P 96 51.91 30.25 1.86
C ARG P 96 51.63 30.86 3.23
N TRP P 97 50.51 31.57 3.37
CA TRP P 97 49.97 32.00 4.66
C TRP P 97 49.78 30.80 5.63
N LEU P 98 49.48 31.11 6.89
CA LEU P 98 49.41 30.18 8.02
C LEU P 98 50.83 29.92 8.48
N ALA P 99 51.78 30.34 7.64
CA ALA P 99 53.15 30.59 8.08
C ALA P 99 53.30 32.11 8.07
N TYR P 100 52.36 32.76 7.41
CA TYR P 100 52.23 34.21 7.43
C TYR P 100 51.85 34.64 8.83
N GLY P 101 50.78 34.04 9.35
CA GLY P 101 50.36 34.26 10.72
C GLY P 101 51.51 33.95 11.65
N GLU P 102 52.19 32.84 11.39
CA GLU P 102 53.36 32.43 12.16
C GLU P 102 54.36 33.57 12.31
N VAL P 103 54.53 34.35 11.23
CA VAL P 103 55.40 35.51 11.27
C VAL P 103 54.90 36.57 12.28
N ILE P 104 53.58 36.76 12.37
CA ILE P 104 53.01 37.88 13.14
C ILE P 104 52.65 37.53 14.59
N ASN P 105 52.40 36.25 14.88
CA ASN P 105 52.33 35.87 16.28
C ASN P 105 53.76 35.77 16.81
N GLY P 106 54.73 36.04 15.93
CA GLY P 106 56.09 36.27 16.36
C GLY P 106 56.21 37.54 17.16
N ARG P 107 55.17 38.37 17.08
CA ARG P 107 55.14 39.70 17.70
C ARG P 107 54.28 39.97 18.92
N PHE P 108 53.16 39.31 19.05
CA PHE P 108 52.32 39.52 20.22
C PHE P 108 52.42 38.40 21.23
N ALA P 109 53.15 37.35 20.89
CA ALA P 109 53.64 36.40 21.88
C ALA P 109 54.87 37.06 22.50
N MET P 110 55.40 38.03 21.77
CA MET P 110 56.50 38.87 22.23
C MET P 110 56.02 40.02 23.11
N LEU P 111 55.09 40.82 22.59
CA LEU P 111 54.53 41.93 23.38
C LEU P 111 53.71 41.37 24.53
N GLY P 112 53.12 40.21 24.31
CA GLY P 112 52.32 39.55 25.32
C GLY P 112 53.15 39.06 26.48
N ALA P 113 54.33 38.52 26.18
CA ALA P 113 55.20 37.95 27.21
C ALA P 113 55.74 38.99 28.17
N VAL P 114 56.59 39.89 27.67
CA VAL P 114 57.21 40.93 28.49
C VAL P 114 56.16 41.86 29.07
N GLY P 115 55.07 42.05 28.32
CA GLY P 115 53.96 42.86 28.79
C GLY P 115 53.20 42.17 29.91
N ALA P 116 53.42 40.87 30.07
CA ALA P 116 52.76 40.13 31.14
C ALA P 116 53.69 39.96 32.34
N ILE P 117 54.99 39.98 32.11
CA ILE P 117 55.94 39.91 33.22
C ILE P 117 56.10 41.31 33.84
N ALA P 118 55.76 42.33 33.06
CA ALA P 118 55.87 43.72 33.53
C ALA P 118 55.05 43.97 34.82
N PRO P 119 53.80 43.46 34.91
CA PRO P 119 53.14 43.60 36.21
C PRO P 119 53.64 42.61 37.26
N GLU P 120 54.41 41.61 36.84
CA GLU P 120 54.83 40.53 37.72
C GLU P 120 56.04 40.89 38.56
N TYR P 121 56.94 41.69 37.98
CA TYR P 121 58.21 41.99 38.63
C TYR P 121 58.46 43.48 38.81
N LEU P 122 57.52 44.30 38.40
CA LEU P 122 57.54 45.71 38.78
C LEU P 122 57.07 45.78 40.23
N GLY P 123 56.39 44.72 40.66
CA GLY P 123 55.96 44.56 42.02
C GLY P 123 56.92 43.69 42.82
N LYS P 124 57.90 43.11 42.14
CA LYS P 124 58.95 42.34 42.81
C LYS P 124 59.74 43.27 43.72
N VAL P 125 59.87 44.53 43.30
CA VAL P 125 60.37 45.57 44.16
C VAL P 125 59.17 46.23 44.83
N GLY P 126 59.04 46.03 46.13
CA GLY P 126 57.90 46.53 46.88
C GLY P 126 56.59 45.89 46.42
N GLY P 146 40.87 30.29 40.28
CA GLY P 146 41.29 31.66 40.54
C GLY P 146 40.59 32.66 39.64
N THR P 147 39.57 33.32 40.18
CA THR P 147 38.79 34.29 39.42
C THR P 147 39.54 35.62 39.23
N TYR P 148 39.76 36.32 40.34
CA TYR P 148 40.41 37.64 40.37
C TYR P 148 39.56 38.71 39.69
N ASN P 149 39.49 39.89 40.30
CA ASN P 149 38.57 40.95 39.86
C ASN P 149 39.26 42.30 39.69
N TYR P 150 38.84 43.04 38.66
CA TYR P 150 39.36 44.37 38.37
C TYR P 150 38.22 45.38 38.34
N TRP P 151 37.82 45.72 37.12
CA TRP P 151 36.78 46.71 36.87
C TRP P 151 35.59 46.10 36.13
N ALA P 152 34.39 46.41 36.60
CA ALA P 152 33.15 45.80 36.11
C ALA P 152 33.30 44.29 35.97
N ASP P 153 32.87 43.76 34.84
CA ASP P 153 33.35 42.47 34.39
C ASP P 153 34.15 42.72 33.11
N ASN P 154 35.29 42.04 33.00
CA ASN P 154 36.23 42.28 31.92
C ASN P 154 35.77 41.68 30.59
N TYR P 155 34.53 41.21 30.57
CA TYR P 155 33.87 40.82 29.34
C TYR P 155 33.41 42.07 28.63
N THR P 156 33.16 43.12 29.42
CA THR P 156 32.76 44.41 28.90
C THR P 156 33.94 45.09 28.22
N LEU P 157 35.12 44.86 28.76
CA LEU P 157 36.31 45.45 28.19
C LEU P 157 36.50 44.72 26.90
N PHE P 158 36.29 43.42 26.95
CA PHE P 158 36.40 42.57 25.80
C PHE P 158 35.67 43.20 24.64
N VAL P 159 34.40 43.52 24.84
CA VAL P 159 33.65 44.13 23.77
C VAL P 159 34.40 45.34 23.24
N LEU P 160 35.31 45.87 24.03
CA LEU P 160 36.09 47.02 23.58
C LEU P 160 37.52 46.60 23.33
N GLU P 161 37.80 45.31 23.56
CA GLU P 161 39.09 44.71 23.30
C GLU P 161 38.96 44.12 21.90
N MET P 162 37.77 43.62 21.59
CA MET P 162 37.49 43.07 20.28
C MET P 162 36.73 44.10 19.46
N ALA P 163 36.66 45.32 19.97
CA ALA P 163 36.00 46.41 19.27
C ALA P 163 37.09 47.07 18.46
N LEU P 164 37.82 47.97 19.11
CA LEU P 164 38.92 48.68 18.50
C LEU P 164 39.78 47.70 17.74
N MET P 165 40.17 46.64 18.41
CA MET P 165 40.95 45.58 17.79
C MET P 165 40.28 45.20 16.48
N GLY P 166 38.96 45.23 16.50
CA GLY P 166 38.20 44.91 15.31
C GLY P 166 38.59 45.98 14.32
N PHE P 167 38.09 47.19 14.55
CA PHE P 167 38.37 48.34 13.71
C PHE P 167 39.82 48.40 13.30
N ALA P 168 40.65 47.72 14.06
CA ALA P 168 42.05 47.69 13.77
C ALA P 168 42.34 46.47 12.95
N GLU P 169 42.63 45.37 13.62
CA GLU P 169 42.98 44.12 12.95
C GLU P 169 42.15 43.82 11.72
N HIS P 170 41.04 44.52 11.56
CA HIS P 170 40.23 44.29 10.38
C HIS P 170 41.08 44.74 9.24
N ARG P 171 40.98 46.03 8.91
CA ARG P 171 41.74 46.69 7.83
C ARG P 171 43.02 45.98 7.42
N ARG P 172 43.84 45.66 8.42
CA ARG P 172 45.11 44.98 8.23
C ARG P 172 44.98 43.90 7.20
N PHE P 173 43.83 43.24 7.16
CA PHE P 173 43.59 42.17 6.23
C PHE P 173 43.35 42.80 4.90
N GLN P 174 42.55 43.84 4.93
CA GLN P 174 42.21 44.58 3.73
C GLN P 174 43.44 44.83 2.90
N ASP P 175 44.49 45.32 3.53
CA ASP P 175 45.71 45.58 2.79
C ASP P 175 46.11 44.30 2.10
N TRP P 176 46.25 43.26 2.89
CA TRP P 176 46.63 41.96 2.39
C TRP P 176 45.80 41.61 1.18
N ALA P 177 44.54 41.35 1.43
CA ALA P 177 43.60 40.97 0.40
C ALA P 177 43.76 41.84 -0.81
N LYS P 178 44.05 43.12 -0.59
CA LYS P 178 44.22 44.06 -1.68
C LYS P 178 44.84 45.35 -1.14
N PRO P 179 46.00 45.74 -1.72
CA PRO P 179 46.92 46.82 -1.31
C PRO P 179 46.27 47.97 -0.54
N GLY P 180 45.40 48.74 -1.21
CA GLY P 180 44.76 49.88 -0.57
C GLY P 180 43.68 49.50 0.43
N SER P 181 43.34 50.51 1.22
CA SER P 181 42.30 50.54 2.23
C SER P 181 41.67 51.87 1.82
N MET P 182 42.18 52.99 2.35
CA MET P 182 41.69 54.33 1.99
C MET P 182 40.47 54.87 2.73
N GLY P 183 40.62 55.11 4.02
CA GLY P 183 39.55 55.65 4.82
C GLY P 183 40.01 56.34 6.10
N LYS P 184 39.81 57.66 6.17
CA LYS P 184 40.18 58.44 7.35
C LYS P 184 40.16 59.96 7.08
N GLY P 198 44.22 60.85 6.19
CA GLY P 198 45.42 60.31 6.82
C GLY P 198 45.29 58.84 7.11
N ASN P 199 46.07 58.03 6.40
CA ASN P 199 46.00 56.60 6.58
C ASN P 199 47.07 55.78 5.84
N PRO P 200 47.66 56.42 4.74
CA PRO P 200 48.68 55.69 3.98
C PRO P 200 49.26 54.32 4.38
N ALA P 201 49.22 53.38 3.42
CA ALA P 201 49.71 52.01 3.62
C ALA P 201 50.30 51.48 2.31
N TYR P 202 51.24 52.21 1.75
CA TYR P 202 51.92 51.85 0.50
C TYR P 202 52.86 50.66 0.65
N PRO P 203 53.19 50.29 1.94
CA PRO P 203 54.14 49.16 2.04
C PRO P 203 53.57 47.83 1.60
N GLY P 204 54.46 46.89 1.33
CA GLY P 204 54.08 45.57 0.87
C GLY P 204 53.28 44.88 1.96
N GLY P 205 52.45 43.92 1.56
CA GLY P 205 51.58 43.23 2.50
C GLY P 205 52.30 42.53 3.62
N PRO P 206 53.50 41.92 3.29
CA PRO P 206 54.16 41.26 4.43
C PRO P 206 54.50 42.26 5.54
N PHE P 207 55.02 43.43 5.17
CA PHE P 207 55.37 44.44 6.15
C PHE P 207 55.10 45.87 5.67
N PHE P 208 54.63 46.73 6.57
CA PHE P 208 54.33 48.12 6.21
C PHE P 208 54.95 49.08 7.22
N ASN P 209 56.26 49.18 7.21
CA ASN P 209 57.01 50.03 8.14
C ASN P 209 56.77 51.54 8.03
N PRO P 210 56.64 52.04 6.74
CA PRO P 210 56.46 53.50 6.67
C PRO P 210 55.18 54.04 7.29
N LEU P 211 55.29 55.20 7.94
CA LEU P 211 54.16 55.90 8.55
C LEU P 211 53.78 55.51 9.99
N GLY P 212 54.15 54.32 10.46
CA GLY P 212 53.79 53.93 11.80
C GLY P 212 55.04 53.55 12.56
N PHE P 213 56.18 54.02 12.03
CA PHE P 213 57.47 53.78 12.62
C PHE P 213 58.31 55.04 12.55
N GLY P 214 57.63 56.18 12.62
CA GLY P 214 58.31 57.46 12.79
C GLY P 214 59.33 57.90 11.75
N LYS P 215 60.56 57.43 11.88
CA LYS P 215 61.66 58.02 11.15
C LYS P 215 62.65 56.99 10.60
N ASP P 216 62.42 55.72 10.90
CA ASP P 216 63.44 54.69 10.77
C ASP P 216 63.60 54.12 9.37
N GLU P 217 62.79 53.11 9.03
CA GLU P 217 62.92 52.34 7.79
C GLU P 217 64.25 51.59 7.74
N LYS P 218 64.21 50.27 7.90
CA LYS P 218 65.45 49.56 8.25
C LYS P 218 65.40 48.00 8.23
N SER P 219 65.03 47.37 7.09
CA SER P 219 64.80 45.89 7.15
C SER P 219 65.40 44.98 6.05
N LEU P 220 66.35 44.10 6.43
CA LEU P 220 67.17 43.32 5.49
C LEU P 220 68.21 42.34 6.10
N LYS P 221 68.85 42.70 7.22
CA LYS P 221 69.91 41.88 7.86
C LYS P 221 69.75 40.31 8.04
N GLU P 222 68.56 39.73 8.27
CA GLU P 222 67.24 40.28 8.07
C GLU P 222 66.71 41.14 9.21
N LEU P 223 67.26 40.95 10.40
CA LEU P 223 66.53 41.19 11.65
C LEU P 223 65.23 40.39 11.63
N LYS P 224 64.47 40.48 10.55
CA LYS P 224 63.25 39.69 10.35
C LYS P 224 63.49 38.22 10.63
N LEU P 225 64.66 37.71 10.27
CA LEU P 225 64.99 36.31 10.58
C LEU P 225 65.30 36.16 12.07
N LYS P 226 65.74 37.25 12.71
CA LYS P 226 65.98 37.25 14.14
C LYS P 226 64.71 37.71 14.88
N GLU P 227 63.82 38.38 14.16
CA GLU P 227 62.54 38.79 14.73
C GLU P 227 61.56 37.63 14.68
N VAL P 228 61.78 36.72 13.73
CA VAL P 228 61.02 35.48 13.74
C VAL P 228 61.76 34.48 14.63
N LYS P 229 63.05 34.71 14.88
CA LYS P 229 63.81 33.90 15.82
C LYS P 229 63.43 34.27 17.25
N ASN P 230 63.38 35.57 17.52
CA ASN P 230 62.81 36.07 18.77
C ASN P 230 61.36 35.63 18.83
N GLY P 231 60.76 35.53 17.66
CA GLY P 231 59.42 35.00 17.50
C GLY P 231 59.22 33.67 18.20
N ARG P 232 59.62 32.57 17.57
CA ARG P 232 59.15 31.27 18.02
C ARG P 232 59.90 30.71 19.22
N LEU P 233 60.86 31.47 19.74
CA LEU P 233 61.40 31.18 21.06
C LEU P 233 60.51 31.86 22.09
N ALA P 234 59.97 33.01 21.75
CA ALA P 234 58.97 33.65 22.60
C ALA P 234 57.65 32.86 22.53
N MET P 235 57.45 32.15 21.43
CA MET P 235 56.32 31.22 21.31
C MET P 235 56.45 30.16 22.40
N LEU P 236 57.59 29.48 22.39
CA LEU P 236 57.84 28.44 23.36
C LEU P 236 58.12 29.03 24.73
N ALA P 237 58.54 30.29 24.77
CA ALA P 237 58.67 30.99 26.04
C ALA P 237 57.29 31.16 26.62
N ILE P 238 56.38 31.73 25.82
CA ILE P 238 55.01 31.94 26.26
C ILE P 238 54.20 30.65 26.23
N LEU P 239 54.64 29.67 25.43
CA LEU P 239 54.04 28.34 25.48
C LEU P 239 54.54 27.67 26.74
N GLY P 240 55.71 28.12 27.19
CA GLY P 240 56.18 27.81 28.52
C GLY P 240 55.05 28.13 29.48
N TYR P 241 54.86 29.43 29.75
CA TYR P 241 53.83 29.98 30.65
C TYR P 241 52.55 29.14 30.77
N PHE P 242 52.11 28.59 29.65
CA PHE P 242 50.89 27.77 29.60
C PHE P 242 51.04 26.52 30.46
N ILE P 243 51.26 25.39 29.80
CA ILE P 243 51.40 24.07 30.45
C ILE P 243 52.15 24.14 31.79
N GLN P 244 53.11 25.06 31.86
CA GLN P 244 53.74 25.48 33.10
C GLN P 244 52.79 25.63 34.28
N GLY P 245 52.03 26.72 34.28
CA GLY P 245 51.21 27.08 35.42
C GLY P 245 49.88 26.36 35.46
N LEU P 246 49.69 25.46 34.51
CA LEU P 246 48.43 24.76 34.35
C LEU P 246 48.41 23.44 35.13
N VAL P 247 49.07 22.43 34.58
CA VAL P 247 48.96 21.07 35.12
C VAL P 247 49.62 20.95 36.48
N THR P 248 50.50 21.89 36.81
CA THR P 248 51.16 21.90 38.10
C THR P 248 50.25 22.47 39.17
N GLY P 249 49.81 23.71 38.98
CA GLY P 249 49.00 24.40 39.96
C GLY P 249 49.71 25.64 40.47
N VAL P 250 50.97 25.82 40.05
CA VAL P 250 51.75 26.99 40.45
C VAL P 250 52.28 27.72 39.23
N GLY P 251 52.52 29.03 39.37
CA GLY P 251 52.98 29.87 38.28
C GLY P 251 54.31 29.47 37.69
N PRO P 252 54.71 30.12 36.58
CA PRO P 252 55.95 29.78 35.86
C PRO P 252 57.24 30.13 36.61
N TYR P 253 57.18 31.06 37.55
CA TYR P 253 58.39 31.54 38.20
C TYR P 253 58.62 30.86 39.55
N GLN P 254 57.61 30.15 40.03
CA GLN P 254 57.70 29.45 41.30
C GLN P 254 58.45 28.15 41.12
N ASN P 255 57.94 27.30 40.22
CA ASN P 255 58.55 26.01 39.94
C ASN P 255 59.92 26.18 39.29
N LEU P 256 60.07 27.23 38.47
CA LEU P 256 61.35 27.52 37.84
C LEU P 256 62.41 27.81 38.90
N LEU P 257 62.07 28.69 39.84
CA LEU P 257 62.95 28.98 40.96
C LEU P 257 63.14 27.74 41.82
N ASP P 258 62.06 26.97 41.96
CA ASP P 258 62.12 25.73 42.69
C ASP P 258 62.85 24.65 41.88
N HIS P 259 63.06 24.85 40.58
CA HIS P 259 63.69 23.82 39.77
C HIS P 259 65.21 23.93 39.78
N VAL P 260 65.74 25.15 39.90
CA VAL P 260 67.18 25.33 40.05
C VAL P 260 67.52 25.11 41.52
N ALA P 261 66.47 25.12 42.34
CA ALA P 261 66.58 24.80 43.75
C ALA P 261 66.83 23.30 43.98
N ASP P 262 65.91 22.44 43.54
CA ASP P 262 66.17 21.00 43.65
C ASP P 262 66.10 20.30 42.28
N PRO P 263 67.18 20.43 41.47
CA PRO P 263 67.22 19.84 40.13
C PRO P 263 66.81 18.38 40.09
N VAL P 264 67.62 17.51 40.69
CA VAL P 264 67.32 16.08 40.75
C VAL P 264 66.04 15.79 41.53
N LYS Q 1 -16.48 55.18 -18.31
CA LYS Q 1 -16.53 56.37 -17.48
C LYS Q 1 -15.34 56.42 -16.51
N GLY Q 2 -15.63 56.34 -15.22
CA GLY Q 2 -14.59 56.37 -14.21
C GLY Q 2 -13.95 55.01 -14.02
N GLU Q 3 -12.99 54.94 -13.09
CA GLU Q 3 -12.32 53.69 -12.77
C GLU Q 3 -12.36 53.45 -11.27
N TRP Q 4 -12.62 52.21 -10.86
CA TRP Q 4 -12.73 51.90 -9.45
C TRP Q 4 -11.35 51.98 -8.78
N LEU Q 5 -10.30 51.60 -9.52
CA LEU Q 5 -8.94 51.79 -9.03
C LEU Q 5 -8.11 52.45 -10.12
N PRO Q 6 -7.22 53.39 -9.73
CA PRO Q 6 -6.44 54.20 -10.68
C PRO Q 6 -5.49 53.36 -11.53
N GLY Q 7 -4.85 52.38 -10.89
CA GLY Q 7 -4.01 51.43 -11.61
C GLY Q 7 -4.87 50.27 -12.09
N LEU Q 8 -4.25 49.10 -12.24
CA LEU Q 8 -4.95 47.87 -12.63
C LEU Q 8 -5.69 47.98 -13.97
N ALA Q 9 -6.46 49.07 -14.14
CA ALA Q 9 -7.13 49.45 -15.38
C ALA Q 9 -8.35 48.60 -15.70
N SER Q 10 -9.29 49.23 -16.42
CA SER Q 10 -10.53 48.60 -16.83
C SER Q 10 -10.30 47.49 -17.85
N PRO Q 11 -11.17 46.47 -17.83
CA PRO Q 11 -11.09 45.40 -18.83
C PRO Q 11 -11.67 45.87 -20.17
N GLY Q 12 -11.44 45.10 -21.22
CA GLY Q 12 -11.94 45.42 -22.54
C GLY Q 12 -13.44 45.28 -22.64
N TYR Q 13 -14.00 44.38 -21.82
CA TYR Q 13 -15.43 44.15 -21.80
C TYR Q 13 -16.17 45.37 -21.27
N LEU Q 14 -15.52 46.09 -20.38
CA LEU Q 14 -16.11 47.29 -19.80
C LEU Q 14 -15.80 48.50 -20.65
N THR Q 15 -16.51 48.61 -21.77
CA THR Q 15 -16.26 49.66 -22.76
C THR Q 15 -16.62 51.02 -22.21
N GLY Q 16 -17.77 51.11 -21.56
CA GLY Q 16 -18.30 52.36 -21.09
C GLY Q 16 -19.63 52.63 -21.76
N SER Q 17 -19.97 51.77 -22.73
CA SER Q 17 -21.25 51.86 -23.42
C SER Q 17 -22.37 51.68 -22.41
N LEU Q 18 -22.19 50.72 -21.50
CA LEU Q 18 -23.18 50.45 -20.47
C LEU Q 18 -23.16 51.54 -19.41
N PRO Q 19 -24.36 51.96 -18.96
CA PRO Q 19 -24.46 52.95 -17.88
C PRO Q 19 -24.00 52.37 -16.55
N GLY Q 20 -23.15 53.09 -15.84
CA GLY Q 20 -22.62 52.62 -14.56
C GLY Q 20 -21.33 51.84 -14.72
N ASP Q 21 -20.67 52.01 -15.86
CA ASP Q 21 -19.41 51.32 -16.13
C ASP Q 21 -18.26 51.98 -15.37
N ASN Q 22 -17.51 51.17 -14.62
CA ASN Q 22 -16.37 51.67 -13.86
C ASN Q 22 -15.19 50.70 -13.87
N GLY Q 23 -15.23 49.72 -14.77
CA GLY Q 23 -14.13 48.79 -14.96
C GLY Q 23 -13.88 47.89 -13.76
N PHE Q 24 -14.96 47.52 -13.11
CA PHE Q 24 -14.86 46.69 -11.94
C PHE Q 24 -15.37 45.30 -12.18
N ASP Q 25 -14.47 44.41 -12.52
CA ASP Q 25 -14.79 43.03 -12.70
C ASP Q 25 -13.49 42.32 -12.45
N PRO Q 26 -13.04 42.37 -11.15
CA PRO Q 26 -11.75 41.71 -10.92
C PRO Q 26 -11.74 40.22 -11.10
N LEU Q 27 -12.81 39.55 -10.77
CA LEU Q 27 -12.86 38.11 -10.91
C LEU Q 27 -12.96 37.70 -12.36
N GLY Q 28 -13.90 38.28 -13.09
CA GLY Q 28 -14.04 37.97 -14.47
C GLY Q 28 -15.32 37.29 -14.86
N LEU Q 29 -16.33 37.34 -14.01
CA LEU Q 29 -17.58 36.67 -14.35
C LEU Q 29 -18.13 37.15 -15.69
N ALA Q 30 -18.39 38.45 -15.79
CA ALA Q 30 -18.88 39.02 -17.04
C ALA Q 30 -17.72 39.30 -17.99
N GLU Q 31 -17.32 38.33 -18.78
CA GLU Q 31 -16.23 38.49 -19.75
C GLU Q 31 -16.71 38.02 -21.10
N ASP Q 32 -17.68 37.14 -21.07
CA ASP Q 32 -18.27 36.62 -22.26
C ASP Q 32 -19.42 37.56 -22.49
N PRO Q 33 -19.49 38.11 -23.76
CA PRO Q 33 -20.57 39.08 -23.93
C PRO Q 33 -21.94 38.55 -23.61
N GLU Q 34 -22.24 37.31 -23.92
CA GLU Q 34 -23.55 36.79 -23.59
C GLU Q 34 -23.67 36.86 -22.09
N ASN Q 35 -22.55 36.65 -21.42
CA ASN Q 35 -22.56 36.70 -19.97
C ASN Q 35 -22.93 38.05 -19.42
N LEU Q 36 -22.49 39.12 -20.06
CA LEU Q 36 -22.83 40.45 -19.61
C LEU Q 36 -24.29 40.75 -19.78
N ARG Q 37 -24.77 40.65 -20.99
CA ARG Q 37 -26.15 40.97 -21.31
C ARG Q 37 -27.13 40.36 -20.30
N TRP Q 38 -26.73 39.26 -19.67
CA TRP Q 38 -27.54 38.62 -18.66
C TRP Q 38 -27.33 39.27 -17.29
N PHE Q 39 -26.07 39.53 -16.97
CA PHE Q 39 -25.73 40.15 -15.69
C PHE Q 39 -26.14 41.61 -15.64
N VAL Q 40 -26.24 42.24 -16.81
CA VAL Q 40 -26.74 43.60 -16.89
C VAL Q 40 -28.21 43.62 -16.48
N GLN Q 41 -28.96 42.63 -16.95
CA GLN Q 41 -30.37 42.51 -16.59
C GLN Q 41 -30.55 42.19 -15.11
N ALA Q 42 -29.70 41.31 -14.60
CA ALA Q 42 -29.79 40.89 -13.21
C ALA Q 42 -29.50 42.05 -12.27
N GLU Q 43 -28.55 42.90 -12.65
CA GLU Q 43 -28.16 44.04 -11.81
C GLU Q 43 -29.29 45.06 -11.69
N LEU Q 44 -30.02 45.24 -12.78
CA LEU Q 44 -31.13 46.19 -12.80
C LEU Q 44 -32.29 45.68 -11.96
N VAL Q 45 -32.64 44.41 -12.15
CA VAL Q 45 -33.78 43.82 -11.45
C VAL Q 45 -33.50 43.64 -9.95
N ASN Q 46 -32.26 43.32 -9.62
CA ASN Q 46 -31.90 43.21 -8.24
C ASN Q 46 -31.87 44.58 -7.64
N GLY Q 47 -31.23 45.47 -8.34
CA GLY Q 47 -31.08 46.85 -7.95
C GLY Q 47 -32.39 47.55 -7.75
N ARG Q 48 -33.31 47.35 -8.65
CA ARG Q 48 -34.61 47.95 -8.52
C ARG Q 48 -35.43 47.22 -7.51
N TRP Q 49 -34.77 46.33 -6.80
C TRP Q 49 -35.53 45.92 -4.20
N ALA Q 50 -34.23 46.05 -4.28
CA ALA Q 50 -33.45 46.71 -3.27
C ALA Q 50 -34.08 48.03 -2.97
N MET Q 51 -33.86 48.95 -3.89
CA MET Q 51 -34.40 50.28 -3.79
C MET Q 51 -35.84 50.23 -3.35
N LEU Q 52 -36.68 49.66 -4.17
CA LEU Q 52 -38.08 49.56 -3.83
C LEU Q 52 -38.28 49.03 -2.44
N GLY Q 53 -37.62 47.92 -2.14
CA GLY Q 53 -37.76 47.33 -0.85
C GLY Q 53 -37.07 48.02 0.28
N VAL Q 54 -35.76 48.20 0.17
CA VAL Q 54 -35.02 48.80 1.26
C VAL Q 54 -35.68 50.07 1.73
N ALA Q 55 -36.31 50.77 0.82
CA ALA Q 55 -36.97 51.99 1.19
C ALA Q 55 -38.24 51.54 1.79
N GLY Q 56 -38.75 50.42 1.32
CA GLY Q 56 -39.97 49.87 1.87
C GLY Q 56 -39.87 49.34 3.29
N MET Q 57 -38.66 49.02 3.73
CA MET Q 57 -38.49 48.52 5.08
C MET Q 57 -37.95 49.58 5.96
N LEU Q 58 -37.40 50.60 5.37
CA LEU Q 58 -36.82 51.68 6.14
C LEU Q 58 -37.77 52.80 6.47
N LEU Q 59 -38.37 53.36 5.45
CA LEU Q 59 -39.21 54.55 5.61
C LEU Q 59 -40.44 54.35 6.51
N PRO Q 60 -41.20 53.23 6.33
CA PRO Q 60 -42.32 53.03 7.25
C PRO Q 60 -41.89 52.82 8.69
N GLU Q 61 -40.65 52.39 8.89
CA GLU Q 61 -40.09 52.20 10.22
C GLU Q 61 -39.83 53.55 10.89
N VAL Q 62 -39.59 54.57 10.07
CA VAL Q 62 -39.29 55.92 10.59
C VAL Q 62 -40.51 56.83 10.45
N PHE Q 63 -41.58 56.30 9.87
CA PHE Q 63 -42.88 56.97 9.91
C PHE Q 63 -43.56 56.58 11.22
N THR Q 64 -43.20 55.41 11.73
CA THR Q 64 -43.59 55.02 13.07
C THR Q 64 -42.54 55.48 14.07
N SER Q 65 -42.12 56.74 13.95
CA SER Q 65 -41.07 57.28 14.79
C SER Q 65 -41.65 57.96 16.02
N ILE Q 66 -42.71 58.72 15.82
CA ILE Q 66 -43.29 59.55 16.86
C ILE Q 66 -44.66 59.03 17.27
N GLY Q 67 -45.22 58.17 16.42
CA GLY Q 67 -46.50 57.54 16.70
C GLY Q 67 -47.54 57.91 15.66
N ILE Q 68 -47.10 58.26 14.46
CA ILE Q 68 -48.01 58.59 13.38
C ILE Q 68 -48.78 57.35 12.94
N ILE Q 69 -48.07 56.24 12.78
CA ILE Q 69 -48.70 54.98 12.40
C ILE Q 69 -48.27 53.86 13.36
N ASN Q 70 -49.18 52.93 13.60
CA ASN Q 70 -48.90 51.81 14.50
C ASN Q 70 -48.79 50.49 13.76
N VAL Q 71 -47.82 50.40 12.86
CA VAL Q 71 -47.60 49.19 12.09
C VAL Q 71 -46.42 48.41 12.67
N PRO Q 72 -46.48 47.07 12.59
CA PRO Q 72 -45.39 46.22 13.10
C PRO Q 72 -44.10 46.41 12.30
N LYS Q 73 -42.98 45.97 12.87
CA LYS Q 73 -41.69 46.08 12.20
C LYS Q 73 -41.68 45.27 10.91
N TRP Q 74 -40.68 45.53 10.08
CA TRP Q 74 -40.54 44.81 8.83
C TRP Q 74 -40.23 43.37 9.04
N TYR Q 75 -39.63 43.05 10.17
CA TYR Q 75 -39.33 41.67 10.44
C TYR Q 75 -40.34 41.04 11.36
N ASP Q 76 -41.47 41.70 11.54
CA ASP Q 76 -42.60 41.21 12.34
C ASP Q 76 -43.91 41.22 11.56
N ALA Q 77 -43.82 41.41 10.24
CA ALA Q 77 -45.02 41.62 9.43
C ALA Q 77 -45.52 40.33 8.77
N GLY Q 78 -45.21 39.19 9.38
CA GLY Q 78 -45.62 37.91 8.84
C GLY Q 78 -47.10 37.63 9.00
N LYS Q 79 -47.67 38.09 10.11
CA LYS Q 79 -49.08 37.85 10.41
C LYS Q 79 -49.53 38.76 11.55
N GLU Q 80 -50.81 39.15 11.55
CA GLU Q 80 -51.77 38.77 10.51
C GLU Q 80 -52.01 39.92 9.54
N GLU Q 81 -50.97 40.28 8.79
CA GLU Q 81 -51.08 41.33 7.79
C GLU Q 81 -51.86 40.86 6.55
N TYR Q 82 -53.06 40.36 6.79
CA TYR Q 82 -53.87 39.79 5.72
C TYR Q 82 -55.35 39.71 6.08
N PHE Q 83 -56.20 40.08 5.13
CA PHE Q 83 -57.63 39.88 5.27
C PHE Q 83 -58.02 38.55 4.63
N ALA Q 84 -57.01 37.77 4.28
CA ALA Q 84 -57.22 36.50 3.60
C ALA Q 84 -56.24 35.43 4.07
N SER Q 85 -55.53 35.72 5.16
CA SER Q 85 -54.44 34.88 5.69
C SER Q 85 -53.24 34.85 4.75
N SER Q 86 -52.11 34.35 5.25
CA SER Q 86 -50.84 34.41 4.52
C SER Q 86 -50.77 33.48 3.33
N SER Q 87 -51.11 32.21 3.55
CA SER Q 87 -50.94 31.17 2.55
C SER Q 87 -51.77 31.42 1.27
N THR Q 88 -52.85 32.19 1.41
CA THR Q 88 -53.63 32.63 0.26
C THR Q 88 -52.76 33.46 -0.65
N LEU Q 89 -52.06 34.40 -0.03
CA LEU Q 89 -51.36 35.47 -0.74
C LEU Q 89 -50.16 34.98 -1.55
N PHE Q 90 -49.44 34.01 -1.02
CA PHE Q 90 -48.27 33.48 -1.70
C PHE Q 90 -48.64 32.95 -3.08
N VAL Q 91 -49.67 32.13 -3.14
CA VAL Q 91 -50.12 31.52 -4.38
C VAL Q 91 -50.53 32.58 -5.40
N ILE Q 92 -51.28 33.58 -4.95
CA ILE Q 92 -51.66 34.70 -5.80
C ILE Q 92 -50.42 35.44 -6.27
N GLU Q 93 -49.51 35.71 -5.34
CA GLU Q 93 -48.25 36.35 -5.67
C GLU Q 93 -47.44 35.52 -6.64
N PHE Q 94 -47.40 34.21 -6.41
CA PHE Q 94 -46.62 33.30 -7.25
C PHE Q 94 -47.18 33.17 -8.66
N ILE Q 95 -48.41 32.66 -8.75
CA ILE Q 95 -49.07 32.39 -10.03
C ILE Q 95 -48.95 33.53 -11.03
N LEU Q 96 -49.18 34.74 -10.57
CA LEU Q 96 -49.22 35.90 -11.45
C LEU Q 96 -47.84 36.48 -11.72
N PHE Q 97 -47.01 36.48 -10.70
CA PHE Q 97 -45.67 36.92 -10.85
C PHE Q 97 -45.03 35.94 -11.85
N HIS Q 98 -45.56 34.74 -11.84
CA HIS Q 98 -45.08 33.71 -12.72
C HIS Q 98 -45.27 34.24 -14.10
N TYR Q 99 -46.47 34.74 -14.35
CA TYR Q 99 -46.79 35.24 -15.65
C TYR Q 99 -45.96 36.41 -16.09
N VAL Q 100 -45.72 37.35 -15.20
CA VAL Q 100 -44.97 38.53 -15.55
C VAL Q 100 -43.53 38.22 -15.78
N GLU Q 101 -42.98 37.35 -14.98
CA GLU Q 101 -41.58 37.02 -15.09
C GLU Q 101 -41.17 36.32 -16.37
N ILE Q 102 -41.97 35.38 -16.87
CA ILE Q 102 -41.63 34.71 -18.11
C ILE Q 102 -41.68 35.69 -19.29
N ARG Q 103 -42.71 36.52 -19.31
CA ARG Q 103 -42.90 37.47 -20.38
C ARG Q 103 -41.72 38.39 -20.39
N ARG Q 104 -41.26 38.75 -19.21
CA ARG Q 104 -40.10 39.59 -19.11
C ARG Q 104 -38.92 38.82 -19.65
N TRP Q 105 -38.97 37.51 -19.46
CA TRP Q 105 -37.90 36.64 -19.88
C TRP Q 105 -37.68 36.66 -21.37
N GLN Q 106 -38.74 36.63 -22.14
CA GLN Q 106 -38.63 36.61 -23.57
C GLN Q 106 -37.91 37.81 -24.11
N ASP Q 107 -38.21 38.97 -23.57
CA ASP Q 107 -37.57 40.21 -24.02
C ASP Q 107 -36.06 40.18 -23.90
N ILE Q 108 -35.53 39.32 -23.05
CA ILE Q 108 -34.10 39.17 -22.89
C ILE Q 108 -33.51 38.40 -24.07
N LYS Q 109 -34.29 37.49 -24.64
CA LYS Q 109 -33.82 36.70 -25.76
C LYS Q 109 -34.28 37.27 -27.09
N ASN Q 110 -35.51 37.78 -27.13
CA ASN Q 110 -36.05 38.40 -28.34
C ASN Q 110 -37.15 39.38 -27.98
N PRO Q 111 -36.90 40.68 -28.19
CA PRO Q 111 -37.85 41.77 -27.92
C PRO Q 111 -38.78 42.10 -29.11
N GLY Q 112 -40.02 41.64 -29.05
CA GLY Q 112 -40.43 40.85 -27.93
C GLY Q 112 -41.89 40.63 -27.75
N SER Q 113 -42.33 40.93 -26.55
CA SER Q 113 -43.70 40.77 -26.14
C SER Q 113 -44.28 42.13 -25.81
N VAL Q 114 -43.81 43.14 -26.51
CA VAL Q 114 -44.24 44.49 -26.26
C VAL Q 114 -45.75 44.66 -26.43
N ASN Q 115 -46.37 43.86 -27.27
CA ASN Q 115 -47.81 44.01 -27.51
C ASN Q 115 -48.78 43.53 -26.43
N GLN Q 116 -50.00 44.07 -26.41
CA GLN Q 116 -51.07 43.72 -25.49
C GLN Q 116 -51.55 42.40 -25.96
N ASP Q 117 -52.32 41.72 -25.14
CA ASP Q 117 -52.73 40.38 -25.47
C ASP Q 117 -54.17 40.05 -25.65
N PRO Q 118 -54.91 40.02 -24.49
CA PRO Q 118 -56.30 39.66 -24.66
C PRO Q 118 -56.97 40.73 -25.41
N ILE Q 119 -56.50 41.95 -25.20
CA ILE Q 119 -57.15 43.11 -25.71
C ILE Q 119 -57.54 42.96 -27.17
N PHE Q 120 -58.85 43.14 -27.37
CA PHE Q 120 -59.59 43.01 -28.61
C PHE Q 120 -59.26 43.98 -29.73
N LYS Q 121 -59.05 45.24 -29.39
CA LYS Q 121 -58.71 46.22 -30.40
C LYS Q 121 -57.90 47.36 -29.83
N GLN Q 122 -56.65 47.13 -29.48
CA GLN Q 122 -55.85 48.22 -28.92
C GLN Q 122 -54.34 48.12 -29.06
N TYR Q 123 -53.72 49.25 -28.76
CA TYR Q 123 -52.29 49.43 -28.80
C TYR Q 123 -51.48 48.39 -28.05
N SER Q 124 -50.18 48.57 -28.17
CA SER Q 124 -49.10 47.76 -27.66
C SER Q 124 -47.92 48.64 -27.30
N LEU Q 125 -47.07 48.12 -26.45
CA LEU Q 125 -45.93 48.88 -26.03
C LEU Q 125 -45.05 49.16 -27.23
N PRO Q 126 -44.60 50.47 -27.32
CA PRO Q 126 -43.70 50.72 -28.44
C PRO Q 126 -42.36 51.06 -27.80
N ALA Q 127 -41.35 50.22 -28.00
CA ALA Q 127 -40.06 50.46 -27.36
C ALA Q 127 -38.89 49.72 -27.99
N GLY Q 128 -37.72 49.97 -27.41
CA GLY Q 128 -36.47 49.34 -27.79
C GLY Q 128 -35.66 49.26 -26.51
N GLU Q 129 -34.72 48.32 -26.43
CA GLU Q 129 -33.84 48.12 -25.27
C GLU Q 129 -34.40 47.09 -24.28
N VAL Q 130 -33.61 46.08 -23.95
CA VAL Q 130 -34.06 45.01 -23.07
C VAL Q 130 -34.36 45.37 -21.63
N GLY Q 131 -33.44 46.08 -21.01
CA GLY Q 131 -33.61 46.44 -19.63
C GLY Q 131 -34.64 47.47 -19.29
N TYR Q 132 -34.94 48.34 -20.23
CA TYR Q 132 -35.88 49.43 -19.99
C TYR Q 132 -37.01 49.57 -21.00
N PRO Q 133 -38.27 49.20 -20.57
CA PRO Q 133 -39.34 49.37 -21.56
C PRO Q 133 -40.23 50.60 -21.33
N GLY Q 134 -40.27 51.55 -22.25
CA GLY Q 134 -41.13 52.70 -22.08
C GLY Q 134 -42.55 52.23 -22.09
N GLY Q 135 -43.51 53.14 -22.23
CA GLY Q 135 -44.91 52.78 -22.25
C GLY Q 135 -45.44 53.14 -20.91
N ILE Q 136 -46.62 52.68 -20.51
CA ILE Q 136 -47.15 53.03 -19.18
C ILE Q 136 -46.10 52.78 -18.15
N PHE Q 137 -45.13 51.97 -18.48
CA PHE Q 137 -44.03 51.77 -17.57
C PHE Q 137 -43.45 53.13 -17.35
N ASN Q 138 -43.61 54.02 -18.31
CA ASN Q 138 -43.16 55.39 -18.17
C ASN Q 138 -44.29 56.25 -18.67
N PRO Q 139 -45.38 56.35 -17.83
CA PRO Q 139 -46.51 57.16 -18.36
C PRO Q 139 -46.20 58.64 -18.58
N LEU Q 140 -45.37 59.18 -17.73
CA LEU Q 140 -44.98 60.54 -17.85
C LEU Q 140 -44.31 60.68 -19.17
N ASN Q 141 -43.54 59.67 -19.55
CA ASN Q 141 -42.80 59.68 -20.81
C ASN Q 141 -41.50 60.40 -20.62
N PHE Q 142 -40.89 60.15 -19.47
CA PHE Q 142 -39.64 60.75 -19.10
C PHE Q 142 -38.58 60.53 -20.16
N ALA Q 143 -37.37 61.02 -19.90
CA ALA Q 143 -36.26 60.93 -20.83
C ALA Q 143 -35.40 59.72 -20.68
N PRO Q 144 -35.61 58.69 -21.59
CA PRO Q 144 -34.77 57.50 -21.39
C PRO Q 144 -33.28 57.74 -21.35
N THR Q 145 -32.84 58.98 -21.20
CA THR Q 145 -31.42 59.29 -21.09
C THR Q 145 -30.93 58.40 -19.97
N LEU Q 146 -29.68 57.97 -19.87
CA LEU Q 146 -28.49 58.25 -20.67
C LEU Q 146 -27.44 58.55 -19.60
N GLU Q 147 -27.88 59.26 -18.57
CA GLU Q 147 -27.11 59.63 -17.38
C GLU Q 147 -27.95 59.04 -16.27
N ALA Q 148 -29.25 59.23 -16.36
CA ALA Q 148 -30.14 58.67 -15.38
C ALA Q 148 -29.92 57.19 -15.37
N LYS Q 149 -29.80 56.62 -16.57
CA LYS Q 149 -29.57 55.20 -16.71
C LYS Q 149 -28.40 54.82 -15.83
N GLU Q 150 -27.53 55.79 -15.59
CA GLU Q 150 -26.37 55.59 -14.72
C GLU Q 150 -26.74 56.04 -13.32
N LYS Q 151 -27.80 56.79 -13.23
CA LYS Q 151 -28.28 57.27 -11.97
C LYS Q 151 -29.03 56.10 -11.45
N GLU Q 152 -29.88 55.52 -12.29
CA GLU Q 152 -30.66 54.40 -11.87
C GLU Q 152 -29.81 53.37 -11.23
N ILE Q 153 -28.81 52.90 -11.94
CA ILE Q 153 -27.92 51.91 -11.40
C ILE Q 153 -27.41 52.38 -10.07
N ALA Q 154 -26.36 53.20 -10.10
CA ALA Q 154 -25.72 53.73 -8.90
C ALA Q 154 -26.55 53.83 -7.63
N ASN Q 155 -27.84 54.13 -7.75
CA ASN Q 155 -28.67 54.23 -6.58
C ASN Q 155 -29.11 52.85 -6.19
N GLY Q 156 -29.25 51.98 -7.17
CA GLY Q 156 -29.66 50.63 -6.90
C GLY Q 156 -28.55 49.84 -6.27
N ARG Q 157 -27.34 50.15 -6.66
CA ARG Q 157 -26.16 49.47 -6.11
C ARG Q 157 -25.98 49.80 -4.65
N LEU Q 158 -26.25 51.05 -4.28
CA LEU Q 158 -26.11 51.44 -2.90
C LEU Q 158 -27.20 50.79 -2.09
N ALA Q 159 -28.38 50.72 -2.67
CA ALA Q 159 -29.48 50.11 -1.97
C ALA Q 159 -29.16 48.67 -1.66
N MET Q 160 -28.53 48.02 -2.62
CA MET Q 160 -28.17 46.64 -2.44
C MET Q 160 -27.30 46.56 -1.23
N LEU Q 161 -26.15 47.21 -1.25
CA LEU Q 161 -25.27 47.20 -0.09
C LEU Q 161 -26.07 47.56 1.16
N ALA Q 162 -27.04 48.44 0.98
CA ALA Q 162 -27.90 48.88 2.05
C ALA Q 162 -28.68 47.73 2.60
N PHE Q 163 -29.20 46.89 1.73
CA PHE Q 163 -29.95 45.74 2.18
C PHE Q 163 -29.04 44.83 2.96
N LEU Q 164 -27.91 44.53 2.38
CA LEU Q 164 -26.93 43.68 3.05
C LEU Q 164 -26.64 44.20 4.45
N GLY Q 165 -26.61 45.52 4.58
CA GLY Q 165 -26.45 46.16 5.87
C GLY Q 165 -27.63 45.85 6.78
N PHE Q 166 -28.83 46.10 6.29
CA PHE Q 166 -30.00 45.87 7.08
C PHE Q 166 -30.06 44.50 7.70
N ILE Q 167 -30.02 43.47 6.90
CA ILE Q 167 -30.15 42.11 7.40
C ILE Q 167 -29.05 41.73 8.40
N ILE Q 168 -27.81 42.04 8.05
CA ILE Q 168 -26.73 41.70 8.94
C ILE Q 168 -26.98 42.40 10.24
N GLN Q 169 -26.92 43.71 10.22
CA GLN Q 169 -27.13 44.50 11.41
C GLN Q 169 -28.27 44.03 12.28
N HIS Q 170 -29.36 43.63 11.68
CA HIS Q 170 -30.48 43.15 12.46
C HIS Q 170 -29.99 42.08 13.37
N ASN Q 171 -29.31 41.08 12.82
CA ASN Q 171 -28.74 40.04 13.66
C ASN Q 171 -27.76 40.76 14.53
N VAL Q 172 -27.57 40.29 15.75
CA VAL Q 172 -26.68 40.97 16.69
C VAL Q 172 -27.46 42.15 17.33
N THR Q 173 -27.73 43.20 16.58
CA THR Q 173 -28.45 44.36 17.09
C THR Q 173 -29.89 43.99 17.28
N GLY Q 174 -30.12 42.72 17.53
CA GLY Q 174 -31.44 42.17 17.75
C GLY Q 174 -32.68 42.92 17.35
N LYS Q 175 -32.58 44.23 17.15
CA LYS Q 175 -33.78 44.97 16.76
C LYS Q 175 -33.64 45.90 15.56
N GLY Q 176 -34.80 46.39 15.16
CA GLY Q 176 -34.98 47.30 14.05
C GLY Q 176 -33.78 47.97 13.44
N PRO Q 177 -33.75 47.91 12.04
CA PRO Q 177 -32.58 48.62 11.49
C PRO Q 177 -32.58 50.11 11.78
N PHE Q 178 -33.66 50.62 12.37
CA PHE Q 178 -33.73 52.04 12.66
C PHE Q 178 -33.51 52.38 14.13
N ASP Q 179 -33.98 51.48 15.00
CA ASP Q 179 -33.71 51.59 16.40
C ASP Q 179 -32.19 51.59 16.30
N ASN Q 180 -31.65 50.56 15.64
CA ASN Q 180 -30.23 50.37 15.36
C ASN Q 180 -29.65 51.69 15.03
N LEU Q 181 -30.17 52.26 13.97
CA LEU Q 181 -29.72 53.52 13.54
C LEU Q 181 -29.78 54.49 14.65
N LEU Q 182 -30.77 54.37 15.56
CA LEU Q 182 -30.80 55.49 16.51
C LEU Q 182 -30.07 55.14 17.81
N GLN Q 183 -29.79 53.86 18.01
CA GLN Q 183 -28.98 53.44 19.14
C GLN Q 183 -27.54 53.91 18.94
N HIS Q 184 -27.14 54.01 17.67
CA HIS Q 184 -25.81 54.52 17.34
C HIS Q 184 -25.72 56.00 17.66
N ILE Q 185 -26.84 56.70 17.50
CA ILE Q 185 -26.87 58.15 17.64
C ILE Q 185 -26.88 58.57 19.10
N SER Q 186 -27.16 57.62 20.00
CA SER Q 186 -27.08 57.88 21.44
C SER Q 186 -25.66 58.31 21.83
N ASP Q 187 -25.19 59.40 21.23
CA ASP Q 187 -23.80 59.83 21.28
C ASP Q 187 -22.86 58.67 20.96
N PRO Q 188 -22.57 58.57 19.60
CA PRO Q 188 -21.69 57.45 19.24
C PRO Q 188 -20.27 57.60 19.77
N TRP Q 189 -19.32 57.07 19.02
CA TRP Q 189 -17.92 57.09 19.42
C TRP Q 189 -17.70 56.00 20.48
N HIS Q 190 -18.77 55.25 20.75
CA HIS Q 190 -18.83 54.17 21.71
C HIS Q 190 -19.91 53.23 21.18
N ASN Q 191 -20.74 53.74 20.28
CA ASN Q 191 -21.79 52.91 19.72
C ASN Q 191 -21.41 52.50 18.32
N THR Q 192 -20.56 51.50 18.27
CA THR Q 192 -20.01 50.98 17.06
C THR Q 192 -20.23 49.49 16.94
N ILE Q 193 -20.11 48.99 15.74
CA ILE Q 193 -20.26 47.57 15.50
C ILE Q 193 -19.19 46.88 16.33
N VAL Q 194 -18.15 47.62 16.71
CA VAL Q 194 -17.07 47.04 17.45
C VAL Q 194 -17.68 46.42 18.68
N GLN Q 195 -18.70 47.06 19.25
CA GLN Q 195 -19.37 46.49 20.41
C GLN Q 195 -19.75 45.05 20.10
N THR Q 196 -20.12 44.82 18.85
CA THR Q 196 -20.52 43.48 18.43
C THR Q 196 -20.11 43.17 17.00
C1 PQN R . -0.42 -0.46 -8.12
O1 PQN R . -0.83 -1.27 -7.26
C2 PQN R . -1.04 0.89 -8.23
C2M PQN R . -2.17 1.26 -7.32
C3 PQN R . -0.54 1.86 -9.25
C4 PQN R . 0.57 1.47 -10.15
O4 PQN R . 0.99 2.28 -11.01
C5 PQN R . 1.19 0.12 -10.04
C6 PQN R . 2.24 -0.25 -10.88
C7 PQN R . 2.80 -1.51 -10.76
C8 PQN R . 2.33 -2.42 -9.81
C9 PQN R . 1.29 -2.09 -8.95
C10 PQN R . 0.69 -0.84 -9.02
C11 PQN R . -1.15 3.24 -9.38
C12 PQN R . -0.57 4.05 -8.25
C13 PQN R . 0.08 5.21 -8.45
C14 PQN R . 0.26 5.74 -9.84
C15 PQN R . 0.61 5.94 -7.24
C16 PQN R . 0.99 7.38 -7.56
C17 PQN R . -0.21 8.29 -7.39
C18 PQN R . 0.11 9.55 -6.60
C19 PQN R . -0.29 9.37 -5.14
C20 PQN R . -0.63 10.72 -7.22
C21 PQN R . 0.24 11.97 -7.20
C22 PQN R . -0.59 13.20 -6.86
C23 PQN R . 0.28 14.44 -6.71
C24 PQN R . 1.22 14.28 -5.52
C25 PQN R . -0.62 15.66 -6.54
C26 PQN R . -1.30 15.67 -5.18
C27 PQN R . -1.88 17.04 -4.88
C28 PQN R . -2.26 17.17 -3.41
C29 PQN R . -3.26 16.09 -2.99
C30 PQN R . -1.02 17.14 -2.53
C1 BCR S . 29.01 16.51 22.07
C2 BCR S . 28.25 15.91 20.90
C3 BCR S . 27.19 14.92 21.36
C4 BCR S . 27.87 13.77 22.06
C5 BCR S . 28.70 14.31 23.20
C6 BCR S . 29.36 15.46 23.10
C7 BCR S . 30.47 15.74 24.05
C8 BCR S . 31.67 15.17 23.96
C9 BCR S . 32.58 15.46 24.81
C10 BCR S . 33.57 14.72 24.96
C11 BCR S . 34.74 14.65 24.94
C33 BCR S . 28.74 13.52 24.48
C31 BCR S . 28.15 17.55 22.76
C32 BCR S . 30.29 17.16 21.55
C34 BCR S . 32.46 16.70 25.65
C12 BCR S . 36.00 14.50 24.91
C13 BCR S . 37.37 14.58 25.40
C14 BCR S . 38.32 13.88 24.77
C15 BCR S . 39.72 13.84 25.19
C16 BCR S . 40.94 13.33 25.01
C17 BCR S . 42.10 13.01 25.10
C18 BCR S . 43.26 12.53 24.65
C19 BCR S . 44.46 12.35 25.50
C20 BCR S . 45.78 12.39 25.60
C21 BCR S . 46.90 12.26 26.01
C22 BCR S . 48.21 12.46 26.27
C23 BCR S . 49.02 11.40 26.89
C24 BCR S . 49.82 11.78 27.89
C25 BCR S . 50.72 10.86 28.60
C26 BCR S . 50.27 10.12 29.63
C27 BCR S . 51.24 9.51 30.62
C28 BCR S . 52.55 10.29 30.72
C29 BCR S . 53.03 10.97 29.43
C30 BCR S . 52.17 10.79 28.19
C35 BCR S . 37.70 15.40 26.61
C36 BCR S . 43.38 12.15 23.21
C37 BCR S . 48.87 13.78 26.00
C38 BCR S . 48.81 9.90 29.85
C39 BCR S . 52.47 9.48 27.47
C40 BCR S . 52.46 11.96 27.24
C1 BCR T . 46.88 17.31 21.61
C2 BCR T . 48.10 16.62 22.20
C3 BCR T . 47.96 16.35 23.69
C4 BCR T . 46.69 15.59 24.02
C5 BCR T . 45.53 16.32 23.40
C6 BCR T . 45.64 16.63 22.12
C7 BCR T . 44.51 16.35 21.22
C8 BCR T . 44.16 15.07 21.05
C9 BCR T . 43.19 14.77 20.30
C10 BCR T . 42.32 13.98 20.72
C11 BCR T . 41.46 13.22 20.43
C33 BCR T . 44.31 16.65 24.19
C31 BCR T . 46.90 17.25 20.08
C32 BCR T . 46.85 18.77 22.06
C34 BCR T . 43.10 15.42 18.94
C12 BCR T . 40.58 12.34 20.22
C13 BCR T . 39.34 11.82 19.60
C14 BCR T . 38.68 10.88 20.28
C15 BCR T . 37.44 10.29 19.81
C16 BCR T . 36.28 9.69 20.07
C17 BCR T . 35.21 9.16 20.01
C18 BCR T . 34.11 8.61 20.53
C19 BCR T . 33.03 8.08 19.69
C20 BCR T . 31.72 7.87 19.61
C21 BCR T . 30.62 7.55 19.27
C22 BCR T . 29.33 7.23 19.46
C23 BCR T . 28.42 6.94 18.36
C24 BCR T . 27.40 6.11 18.60
C25 BCR T . 26.39 5.77 17.58
C26 BCR T . 26.65 4.77 16.73
C27 BCR T . 25.91 4.65 15.42
C28 BCR T . 24.45 5.03 15.64
C29 BCR T . 24.42 6.45 16.19
C30 BCR T . 25.08 6.52 17.57
C35 BCR T . 38.81 12.33 18.29
C36 BCR T . 33.97 8.53 22.02
C37 BCR T . 28.82 7.14 20.88
C38 BCR T . 27.71 3.76 17.06
C39 BCR T . 24.16 5.86 18.59
C40 BCR T . 25.29 7.97 17.94
C1 BCR U . 34.62 -7.86 -3.12
C2 BCR U . 33.76 -7.86 -4.38
C3 BCR U . 32.34 -7.40 -4.09
C4 BCR U . 31.70 -8.41 -3.15
C5 BCR U . 32.53 -8.47 -1.88
C6 BCR U . 33.86 -8.37 -1.91
C7 BCR U . 34.64 -8.74 -0.70
C8 BCR U . 34.89 -9.97 -0.24
C9 BCR U . 35.58 -10.03 0.84
C10 BCR U . 35.49 -10.97 1.67
C11 BCR U . 35.95 -11.99 2.07
C33 BCR U . 31.81 -8.60 -0.58
C31 BCR U . 35.06 -6.44 -2.80
C32 BCR U . 35.84 -8.74 -3.34
C34 BCR U . 36.55 -8.92 1.15
C12 BCR U . 36.42 -13.04 2.59
C13 BCR U . 36.67 -14.49 2.69
C14 BCR U . 37.55 -14.98 3.58
C15 BCR U . 37.73 -16.43 3.62
C16 BCR U . 37.96 -17.64 4.14
C17 BCR U . 38.18 -18.56 4.89
C18 BCR U . 38.25 -19.85 5.24
C19 BCR U . 38.66 -20.34 6.56
C20 BCR U . 39.00 -21.40 7.29
C21 BCR U . 39.33 -22.15 8.18
C22 BCR U . 39.38 -23.31 8.84
C23 BCR U . 40.13 -23.48 10.09
C24 BCR U . 40.16 -24.69 10.64
C25 BCR U . 40.88 -24.98 11.90
C26 BCR U . 42.19 -24.85 11.98
C27 BCR U . 42.82 -24.37 13.27
C28 BCR U . 42.22 -25.10 14.46
C29 BCR U . 41.10 -26.07 14.09
C30 BCR U . 40.11 -25.48 13.10
C35 BCR U . 35.89 -15.41 1.80
C36 BCR U . 37.88 -20.88 4.20
C37 BCR U . 38.64 -24.49 8.29
C38 BCR U . 43.07 -25.18 10.80
C39 BCR U . 39.33 -24.33 13.72
C40 BCR U . 39.14 -26.57 12.63
C1 BCR V . 37.78 -20.00 20.64
C2 BCR V . 37.62 -19.50 22.08
C3 BCR V . 36.33 -18.74 22.34
C4 BCR V . 36.47 -17.36 21.74
C5 BCR V . 37.60 -17.46 20.75
C6 BCR V . 37.73 -18.59 20.02
C7 BCR V . 37.88 -18.46 18.54
C8 BCR V . 37.13 -17.63 17.79
C9 BCR V . 37.37 -17.59 16.54
C10 BCR V . 37.23 -16.51 15.87
C11 BCR V . 36.55 -16.01 15.03
C33 BCR V . 38.57 -16.33 20.55
C31 BCR V . 39.19 -20.06 20.04
C32 BCR V . 36.52 -20.29 19.82
C34 BCR V . 37.92 -18.81 15.85
C12 BCR V . 35.90 -15.34 14.17
C13 BCR V . 34.68 -15.13 13.33
C14 BCR V . 34.82 -14.42 12.20
C15 BCR V . 33.67 -14.19 11.34
C16 BCR V . 32.81 -13.47 10.62
C17 BCR V . 31.88 -13.19 9.90
C18 BCR V . 30.72 -12.62 9.54
C19 BCR V . 30.19 -12.74 8.17
C20 BCR V . 29.49 -12.16 7.19
C21 BCR V . 28.92 -11.93 6.15
C22 BCR V . 28.00 -11.37 5.35
C23 BCR V . 27.98 -11.58 3.89
C24 BCR V . 27.03 -10.94 3.20
C25 BCR V . 26.89 -11.05 1.74
C26 BCR V . 27.84 -10.50 0.96
C27 BCR V . 28.32 -11.14 -0.31
C28 BCR V . 27.17 -11.97 -0.85
C29 BCR V . 26.49 -12.64 0.33
C30 BCR V . 25.62 -11.75 1.24
C35 BCR V . 33.32 -15.63 13.72
C36 BCR V . 29.92 -11.87 10.55
C37 BCR V . 26.95 -10.53 5.99
C38 BCR V . 28.43 -9.19 1.36
C39 BCR V . 24.88 -11.22 0.02
C40 BCR V . 25.23 -13.09 1.86
C1 BCR W . -8.77 12.36 3.53
C2 BCR W . -8.01 13.64 3.17
C3 BCR W . -7.98 14.67 4.28
C4 BCR W . -6.96 14.22 5.30
C5 BCR W . -6.81 12.72 5.14
C6 BCR W . -7.83 11.95 4.70
C7 BCR W . -8.13 10.66 5.42
C8 BCR W . -7.35 9.56 5.45
C9 BCR W . -7.72 8.54 6.10
C10 BCR W . -7.01 8.00 6.98
C11 BCR W . -6.02 7.40 7.20
C33 BCR W . -5.47 12.17 5.52
C31 BCR W . -9.84 12.37 4.62
C32 BCR W . -8.34 11.09 2.80
C34 BCR W . -9.06 7.93 5.80
C12 BCR W . -4.94 6.82 7.52
C13 BCR W . -4.05 5.68 7.77
C14 BCR W . -2.76 5.93 8.04
C15 BCR W . -1.78 4.88 8.32
C16 BCR W . -0.58 4.48 8.73
C17 BCR W . 0.55 4.54 9.14
C18 BCR W . 1.73 4.15 9.68
C19 BCR W . 2.85 5.10 9.86
C20 BCR W . 4.15 5.30 10.03
C21 BCR W . 5.21 5.87 10.19
C22 BCR W . 6.45 6.15 10.61
C23 BCR W . 7.18 5.26 11.53
C24 BCR W . 7.87 4.23 11.04
C25 BCR W . 8.66 3.29 11.88
C26 BCR W . 9.98 3.47 11.87
C27 BCR W . 10.88 3.17 13.04
C28 BCR W . 10.24 2.02 13.79
C29 BCR W . 8.76 2.34 13.88
C30 BCR W . 7.91 2.16 12.61
C35 BCR W . -4.57 4.27 7.73
C36 BCR W . 1.89 2.72 10.07
C37 BCR W . 7.11 7.40 10.13
C38 BCR W . 10.62 4.01 10.62
C39 BCR W . 8.44 0.73 12.48
C40 BCR W . 6.79 2.51 13.59
C1 BCR X . -7.42 -33.53 6.62
C2 BCR X . -7.56 -33.10 8.07
C3 BCR X . -8.66 -32.06 8.27
C4 BCR X . -8.33 -30.82 7.45
C5 BCR X . -8.13 -31.22 6.02
C6 BCR X . -7.45 -32.32 5.69
C7 BCR X . -6.75 -32.38 4.39
C8 BCR X . -5.66 -31.67 4.10
C9 BCR X . -5.11 -31.77 2.95
C10 BCR X . -3.92 -31.41 2.77
C11 BCR X . -3.13 -31.32 1.88
C33 BCR X . -8.73 -30.35 4.95
C31 BCR X . -8.55 -34.45 6.23
C32 BCR X . -6.09 -34.23 6.43
C34 BCR X . -5.92 -32.33 1.79
C12 BCR X . -2.22 -31.11 1.02
C13 BCR X . -1.86 -31.17 -0.42
C14 BCR X . -0.66 -30.88 -0.96
C15 BCR X . 0.58 -30.43 -0.32
C16 BCR X . 1.86 -30.06 -0.42
C17 BCR X . 2.97 -29.69 -0.11
C18 BCR X . 4.24 -29.28 -0.14
C19 BCR X . 5.10 -29.11 -1.33
C20 BCR X . 6.37 -28.94 -1.71
C21 BCR X . 7.42 -28.72 -2.26
C22 BCR X . 8.76 -28.51 -2.27
C23 BCR X . 9.57 -28.25 -3.47
C24 BCR X . 9.85 -26.98 -3.82
C25 BCR X . 10.69 -26.56 -4.97
C26 BCR X . 11.50 -25.53 -4.81
C27 BCR X . 12.86 -25.51 -5.49
C28 BCR X . 12.71 -25.87 -6.96
C29 BCR X . 11.29 -26.31 -7.35
C30 BCR X . 10.65 -27.24 -6.33
C35 BCR X . -2.95 -31.62 -1.36
C36 BCR X . 4.87 -28.97 1.19
C37 BCR X . 9.46 -28.56 -0.95
C38 BCR X . 11.10 -24.39 -3.94
C39 BCR X . 11.37 -28.57 -6.31
C40 BCR X . 9.19 -27.46 -6.72
O1 LHG Y . 15.46 6.78 -15.97
C1 LHG Y . 14.78 5.69 -15.35
C2 LHG Y . 15.21 5.59 -13.89
O2 LHG Y . 16.44 6.30 -13.70
C3 LHG Y . 15.41 4.12 -13.52
O3 LHG Y . 14.97 3.91 -12.18
P LHG Y . 13.77 2.90 -11.84
O4 LHG Y . 12.52 3.33 -12.58
O5 LHG Y . 14.30 1.49 -12.00
O6 LHG Y . 13.53 3.18 -10.27
C4 LHG Y . 12.25 2.99 -9.67
C5 LHG Y . 12.37 2.83 -8.16
C6 LHG Y . 13.59 1.98 -7.78
O7 LHG Y . 12.46 4.10 -7.52
C7 LHG Y . 11.28 4.39 -6.73
O9 LHG Y . 10.83 3.51 -6.00
C8 LHG Y . 10.59 5.74 -6.82
C9 LHG Y . 11.32 6.76 -5.95
C10 LHG Y . 10.35 7.80 -5.40
O8 LHG Y . 14.10 2.42 -6.52
C23 LHG Y . 15.40 3.06 -6.44
O10 LHG Y . 16.15 3.00 -7.40
C24 LHG Y . 15.83 3.78 -5.19
C11 LHG Y . 10.95 8.53 -4.19
C12 LHG Y . 10.00 9.60 -3.64
C13 LHG Y . 9.31 9.14 -2.36
C14 LHG Y . 9.45 10.16 -1.25
C15 LHG Y . 10.88 10.69 -1.15
C16 LHG Y . 11.66 10.00 -0.03
C17 LHG Y . 11.17 10.40 1.36
C18 LHG Y . 12.20 10.00 2.41
C19 LHG Y . 11.56 9.82 3.78
C20 LHG Y . 12.50 9.15 4.77
C21 LHG Y . 13.75 10.01 4.99
C22 LHG Y . 14.29 9.83 6.39
C25 LHG Y . 14.76 3.62 -4.12
C26 LHG Y . 15.31 2.84 -2.92
C27 LHG Y . 14.17 2.25 -2.10
C28 LHG Y . 13.82 0.86 -2.62
C29 LHG Y . 14.46 -0.22 -1.76
C30 LHG Y . 13.50 -0.68 -0.65
C31 LHG Y . 14.00 -0.26 0.72
C32 LHG Y . 13.12 -0.88 1.80
C33 LHG Y . 13.27 -0.15 3.13
C34 LHG Y . 12.04 0.70 3.43
C35 LHG Y . 12.00 1.10 4.89
C36 LHG Y . 11.18 0.11 5.71
C37 LHG Y . 10.49 0.80 6.89
C38 LHG Y . 10.43 -0.13 8.08
O1 LHG Z . 44.88 -17.20 -0.80
C1 LHG Z . 43.87 -18.19 -0.73
C2 LHG Z . 44.47 -19.54 -1.06
O2 LHG Z . 43.54 -20.30 -1.81
C3 LHG Z . 44.73 -20.28 0.23
O3 LHG Z . 43.77 -21.30 0.31
P LHG Z . 44.03 -22.64 -0.43
O4 LHG Z . 44.33 -22.22 -1.81
O5 LHG Z . 44.94 -23.46 0.39
O6 LHG Z . 42.60 -23.24 -0.36
C4 LHG Z . 42.24 -23.75 0.90
C5 LHG Z . 40.84 -24.32 0.87
C6 LHG Z . 40.08 -23.92 2.11
O7 LHG Z . 40.11 -23.80 -0.23
C7 LHG Z . 39.07 -24.67 -0.71
O9 LHG Z . 38.70 -25.65 -0.06
C8 LHG Z . 38.44 -24.36 -2.03
C9 LHG Z . 37.10 -25.05 -2.15
C10 LHG Z . 36.13 -24.51 -1.11
O8 LHG Z . 39.70 -25.11 2.79
C23 LHG Z . 38.59 -25.06 3.73
O10 LHG Z . 37.66 -24.31 3.50
C24 LHG Z . 38.58 -25.87 4.99
C11 LHG Z . 35.61 -25.60 -0.20
C12 LHG Z . 34.11 -25.43 0.00
C13 LHG Z . 33.56 -26.22 1.18
C14 LHG Z . 32.78 -25.28 2.08
C15 LHG Z . 32.05 -26.01 3.20
C16 LHG Z . 30.75 -25.27 3.50
C17 LHG Z . 30.34 -25.42 4.96
C18 LHG Z . 30.68 -24.21 5.82
C19 LHG Z . 30.52 -24.57 7.29
C20 LHG Z . 30.83 -23.41 8.22
C21 LHG Z . 30.25 -23.70 9.60
C22 LHG Z . 30.65 -22.63 10.57
C25 LHG Z . 37.66 -27.06 4.75
C26 LHG Z . 36.23 -26.79 5.22
C27 LHG Z . 35.41 -28.06 5.08
C28 LHG Z . 33.98 -27.92 5.58
C29 LHG Z . 33.63 -28.96 6.63
C30 LHG Z . 32.40 -28.53 7.40
C31 LHG Z . 32.66 -28.43 8.89
C32 LHG Z . 31.89 -29.49 9.66
C33 LHG Z . 32.45 -30.89 9.39
C34 LHG Z . 33.53 -31.28 10.38
C35 LHG Z . 33.07 -30.99 11.79
C36 LHG Z . 33.04 -32.27 12.62
C37 LHG Z . 31.63 -32.52 13.17
C38 LHG Z . 31.02 -33.73 12.52
MG CLA AA . 11.03 16.82 -4.01
CHA CLA AA . 7.81 15.88 -5.13
CHB CLA AA . 10.37 14.96 -1.19
CHC CLA AA . 14.27 17.19 -3.22
CHD CLA AA . 11.66 18.25 -7.26
NA CLA AA . 9.30 15.55 -3.24
C1A CLA AA . 8.17 15.36 -3.77
C2A CLA AA . 7.20 14.62 -2.88
C3A CLA AA . 8.03 14.35 -1.64
C4A CLA AA . 9.33 14.98 -2.04
CMA CLA AA . 7.49 15.13 -0.45
CAA CLA AA . 6.74 13.29 -3.47
CBA CLA AA . 5.23 13.28 -3.69
CGA CLA AA . 4.48 13.17 -2.38
O1A CLA AA . 4.83 13.62 -1.31
O2A CLA AA . 3.33 12.54 -2.23
NB CLA AA . 12.16 16.12 -2.44
C1B CLA AA . 11.73 15.49 -1.34
C2B CLA AA . 12.76 15.38 -0.26
C3B CLA AA . 13.89 16.05 -0.89
C4B CLA AA . 13.44 16.48 -2.24
CMB CLA AA . 12.62 14.73 1.10
CAB CLA AA . 15.26 16.28 -0.36
CBB CLA AA . 15.50 16.47 0.92
NC CLA AA . 12.72 17.55 -5.12
C1C CLA AA . 13.91 17.74 -4.55
C2C CLA AA . 14.87 18.56 -5.33
C3C CLA AA . 14.10 18.86 -6.54
C4C CLA AA . 12.78 18.20 -6.30
CMC CLA AA . 16.27 18.96 -4.98
CAC CLA AA . 14.52 19.69 -7.72
CBC CLA AA . 15.14 18.79 -8.78
ND CLA AA . 10.12 17.00 -5.85
C1D CLA AA . 10.34 17.66 -7.00
C2D CLA AA . 9.16 17.74 -7.92
C3D CLA AA . 8.18 17.00 -7.10
C4D CLA AA . 8.78 16.62 -5.97
CMD CLA AA . 8.81 18.30 -9.27
CAD CLA AA . 6.78 16.54 -7.14
OBD CLA AA . 5.96 16.72 -8.12
CBD CLA AA . 6.48 15.80 -5.87
CGD CLA AA . 5.40 16.49 -5.10
O1D CLA AA . 5.62 17.02 -4.03
O2D CLA AA . 4.05 16.55 -5.62
CED CLA AA . 3.23 17.64 -5.26
C1 CLA AA . 2.10 13.29 -1.53
C2 CLA AA . 2.05 14.78 -1.27
C3 CLA AA . 2.16 15.26 -0.02
C4 CLA AA . 2.34 14.31 1.14
C5 CLA AA . 2.10 16.74 0.20
C6 CLA AA . 2.68 17.09 1.57
C7 CLA AA . 4.16 17.44 1.45
C8 CLA AA . 4.71 18.07 2.72
C9 CLA AA . 6.21 17.81 2.83
C10 CLA AA . 3.99 17.55 3.96
C11 CLA AA . 3.26 18.68 4.68
C12 CLA AA . 3.64 18.71 6.15
C13 CLA AA . 2.39 18.89 6.99
C14 CLA AA . 2.18 20.35 7.38
C15 CLA AA . 2.48 18.02 8.23
C16 CLA AA . 1.76 16.70 8.01
C17 CLA AA . 0.29 16.93 7.64
C18 CLA AA . -0.52 15.65 7.79
C19 CLA AA . -1.88 15.78 7.12
C20 CLA AA . 0.24 14.45 7.23
MG CLA BA . 19.80 14.31 -0.92
CHA CLA BA . 20.93 16.21 -3.70
CHB CLA BA . 22.75 15.21 0.62
CHC CLA BA . 18.49 13.02 1.89
CHD CLA BA . 16.61 13.96 -2.56
NA CLA BA . 21.64 15.57 -1.45
C1A CLA BA . 21.90 16.16 -2.55
C2A CLA BA . 23.29 16.74 -2.62
C3A CLA BA . 23.83 16.40 -1.23
C4A CLA BA . 22.67 15.69 -0.63
CMA CLA BA . 25.00 15.42 -1.34
CAA CLA BA . 23.24 18.26 -2.78
CBA CLA BA . 23.09 19.00 -1.45
CGA CLA BA . 22.89 20.47 -1.71
O1A CLA BA . 22.23 20.93 -2.64
O2A CLA BA . 23.38 21.44 -0.96
NB CLA BA . 20.52 14.19 1.00
C1B CLA BA . 21.75 14.48 1.43
C2B CLA BA . 22.02 14.04 2.83
C3B CLA BA . 20.75 13.39 3.18
C4B CLA BA . 19.88 13.52 1.98
CMB CLA BA . 23.28 14.21 3.64
CAB CLA BA . 20.36 12.74 4.44
CBB CLA BA . 21.18 11.95 5.09
NC CLA BA . 17.82 13.67 -0.41
C1C CLA BA . 17.53 13.05 0.75
C2C CLA BA . 16.20 12.41 0.83
C3C CLA BA . 15.66 12.72 -0.49
C4C CLA BA . 16.72 13.48 -1.17
CMC CLA BA . 15.57 11.66 1.98
CAC CLA BA . 14.31 12.34 -1.07
CBC CLA BA . 14.48 11.11 -1.93
ND CLA BA . 18.85 14.92 -2.64
C1D CLA BA . 17.68 14.70 -3.25
C2D CLA BA . 17.58 15.25 -4.64
C3D CLA BA . 18.91 15.84 -4.75
C4D CLA BA . 19.58 15.62 -3.60
CMD CLA BA . 16.58 15.32 -5.76
CAD CLA BA . 19.74 16.59 -5.71
OBD CLA BA . 19.39 16.95 -6.89
CBD CLA BA . 21.06 16.86 -5.07
CGD CLA BA . 22.09 16.22 -5.98
O1D CLA BA . 22.48 16.84 -6.96
O2D CLA BA . 22.62 14.90 -5.73
CED CLA BA . 23.79 14.51 -6.47
C1 CLA BA . 22.80 21.66 0.51
C2 CLA BA . 21.49 22.38 0.77
C3 CLA BA . 21.09 22.66 2.01
C4 CLA BA . 19.81 23.37 2.24
C5 CLA BA . 21.96 22.25 3.19
MG CLA CA . 27.77 6.68 1.93
CHA CLA CA . 29.61 5.24 4.59
CHB CLA CA . 26.18 8.57 4.35
CHC CLA CA . 26.39 8.41 -0.59
CHD CLA CA . 29.92 4.98 -0.39
NA CLA CA . 27.88 6.91 4.20
C1A CLA CA . 28.60 6.26 5.03
C2A CLA CA . 28.35 6.60 6.46
C3A CLA CA . 27.24 7.63 6.35
C4A CLA CA . 27.09 7.74 4.87
CMA CLA CA . 25.96 7.03 6.92
CAA CLA CA . 29.58 7.35 6.97
CBA CLA CA . 29.90 7.13 8.44
CGA CLA CA . 28.67 7.37 9.27
O1A CLA CA . 28.23 8.47 9.57
O2A CLA CA . 27.90 6.40 9.72
NB CLA CA . 26.50 8.30 1.90
C1B CLA CA . 25.85 8.85 2.94
C2B CLA CA . 24.80 9.82 2.53
C3B CLA CA . 24.89 9.76 1.07
C4B CLA CA . 25.96 8.79 0.77
CMB CLA CA . 23.90 10.64 3.42
CAB CLA CA . 24.08 10.49 0.07
CBB CLA CA . 23.83 11.77 0.20
NC CLA CA . 28.17 6.74 -0.17
C1C CLA CA . 27.39 7.41 -1.03
C2C CLA CA . 27.59 7.08 -2.46
C3C CLA CA . 28.65 6.08 -2.38
C4C CLA CA . 28.93 5.95 -0.94
CMC CLA CA . 26.88 7.63 -3.67
CAC CLA CA . 29.28 5.35 -3.54
CBC CLA CA . 28.47 4.11 -3.86
ND CLA CA . 29.41 5.45 1.94
C1D CLA CA . 30.14 4.76 1.04
C2D CLA CA . 31.12 3.81 1.64
C3D CLA CA . 30.86 4.06 3.06
C4D CLA CA . 29.89 4.98 3.16
CMD CLA CA . 32.16 2.81 1.19
CAD CLA CA . 31.31 3.62 4.41
OBD CLA CA . 32.16 2.68 4.64
CBD CLA CA . 30.46 4.31 5.43
CGD CLA CA . 29.63 3.27 6.13
O1D CLA CA . 28.86 3.57 7.02
O2D CLA CA . 29.71 1.87 5.74
CED CLA CA . 28.55 1.06 5.75
C1 CLA CA . 27.78 6.08 11.28
C2 CLA CA . 28.26 7.03 12.34
C3 CLA CA . 28.91 6.60 13.43
C4 CLA CA . 29.21 5.13 13.59
C5 CLA CA . 29.37 7.58 14.48
C6 CLA CA . 28.76 8.95 14.22
C7 CLA CA . 27.79 9.33 15.33
C8 CLA CA . 28.11 10.70 15.93
C9 CLA CA . 28.59 11.69 14.85
C10 CLA CA . 29.15 10.56 17.04
C11 CLA CA . 28.47 10.52 18.41
C12 CLA CA . 28.91 11.68 19.27
C13 CLA CA . 30.35 11.49 19.74
C14 CLA CA . 30.40 10.94 21.17
C15 CLA CA . 31.10 12.82 19.64
C16 CLA CA . 32.55 12.67 20.06
C17 CLA CA . 33.43 13.70 19.37
C18 CLA CA . 34.55 14.18 20.29
C19 CLA CA . 35.32 13.00 20.88
C20 CLA CA . 35.49 15.14 19.57
MG CLA DA . 21.19 7.20 8.30
CHA CLA DA . 19.95 8.40 5.21
CHB CLA DA . 23.01 4.93 6.43
CHC CLA DA . 22.84 6.49 11.12
CHD CLA DA . 19.62 9.99 9.93
NA CLA DA . 21.47 6.71 6.08
C1A CLA DA . 20.88 7.25 5.09
C2A CLA DA . 21.16 6.57 3.77
C3A CLA DA . 22.11 5.47 4.19
C4A CLA DA . 22.23 5.71 5.66
CMA CLA DA . 21.44 4.11 3.98
CAA CLA DA . 21.97 7.53 2.90
CBA CLA DA . 21.24 7.90 1.61
CGA CLA DA . 21.24 6.71 0.67
O1A CLA DA . 22.07 5.84 0.67
O2A CLA DA . 20.32 6.52 -0.26
NB CLA DA . 22.75 5.91 8.69
C1B CLA DA . 23.27 4.99 7.88
C2B CLA DA . 24.19 4.03 8.57
C3B CLA DA . 24.12 4.50 9.95
C4B CLA DA . 23.20 5.68 9.94
CMB CLA DA . 24.97 2.87 8.00
CAB CLA DA . 24.84 3.93 11.12
CBB CLA DA . 24.27 3.76 12.28
NC CLA DA . 21.28 8.17 10.21
C1C CLA DA . 21.88 7.61 11.26
C2C CLA DA . 21.54 8.18 12.59
C3C CLA DA . 20.60 9.24 12.22
C4C CLA DA . 20.52 9.14 10.73
CMC CLA DA . 22.03 7.78 13.95
CAC CLA DA . 19.87 10.20 13.12
CBC CLA DA . 18.50 9.62 13.43
ND CLA DA . 20.11 8.88 7.83
C1D CLA DA . 19.45 9.85 8.48
C2D CLA DA . 18.54 10.69 7.64
C3D CLA DA . 18.80 10.05 6.34
C4D CLA DA . 19.68 9.05 6.52
CMD CLA DA . 17.59 11.84 7.79
CAD CLA DA . 18.39 10.16 4.92
OBD CLA DA . 17.70 11.11 4.41
CBD CLA DA . 19.12 9.11 4.15
CGD CLA DA . 18.15 8.15 3.54
O1D CLA DA . 17.52 7.38 4.23
O2D CLA DA . 17.94 8.14 2.10
CED CLA DA . 16.62 8.17 1.58
C1 CLA DA . 18.96 5.76 0.11
C2 CLA DA . 18.97 4.36 0.70
C3 CLA DA . 17.83 3.66 0.73
C4 CLA DA . 16.56 4.25 0.19
C5 CLA DA . 17.82 2.26 1.31
C6 CLA DA . 16.63 2.11 2.26
C7 CLA DA . 16.86 2.87 3.55
C8 CLA DA . 16.83 1.94 4.76
C9 CLA DA . 15.56 2.16 5.59
C10 CLA DA . 18.07 2.16 5.60
C11 CLA DA . 18.19 1.11 6.71
C12 CLA DA . 18.26 1.77 8.08
C13 CLA DA . 19.51 2.64 8.20
C14 CLA DA . 20.63 1.89 8.90
C15 CLA DA . 19.16 3.91 8.97
C16 CLA DA . 17.95 4.63 8.36
C17 CLA DA . 18.01 6.12 8.63
C18 CLA DA . 16.64 6.76 8.48
C19 CLA DA . 16.15 6.68 7.04
C20 CLA DA . 15.63 6.10 9.43
MG CLA EA . 12.61 19.30 19.42
CHA CLA EA . 9.53 20.59 20.62
CHB CLA EA . 10.73 16.82 17.91
CHC CLA EA . 15.42 18.43 17.84
CHD CLA EA . 14.24 22.27 20.65
NA CLA EA . 10.40 18.76 19.25
C1A CLA EA . 9.40 19.34 19.81
C2A CLA EA . 8.08 18.62 19.64
C3A CLA EA . 8.50 17.43 18.77
C4A CLA EA . 9.97 17.69 18.62
CMA CLA EA . 8.28 16.12 19.50
CAA CLA EA . 7.03 19.49 18.96
CBA CLA EA . 7.18 19.57 17.45
CGA CLA EA . 7.44 21.01 17.06
O1A CLA EA . 8.51 21.58 17.21
O2A CLA EA . 6.53 21.81 16.54
NB CLA EA . 13.01 17.84 18.02
C1B CLA EA . 12.18 16.87 17.61
C2B CLA EA . 12.86 15.82 16.80
C3B CLA EA . 14.24 16.31 16.80
C4B CLA EA . 14.24 17.58 17.58
CMB CLA EA . 12.29 14.58 16.17
CAB CLA EA . 15.41 15.67 16.14
CBB CLA EA . 16.17 16.32 15.30
NC CLA EA . 14.52 20.25 19.23
C1C CLA EA . 15.57 19.66 18.63
C2C CLA EA . 16.87 20.34 18.81
C3C CLA EA . 16.51 21.48 19.65
C4C CLA EA . 15.04 21.33 19.84
CMC CLA EA . 18.23 19.96 18.28
CAC CLA EA . 17.41 22.56 20.18
CBC CLA EA . 17.26 23.83 19.36
ND CLA EA . 12.14 21.08 20.34
C1D CLA EA . 12.79 22.13 20.87
C2D CLA EA . 11.94 23.06 21.68
C3D CLA EA . 10.66 22.38 21.53
C4D CLA EA . 10.83 21.29 20.77
CMD CLA EA . 12.10 24.34 22.47
CAD CLA EA . 9.24 22.52 21.94
OBD CLA EA . 8.73 23.56 22.50
CBD CLA EA . 8.48 21.35 21.39
CGD CLA EA . 7.98 20.49 22.51
O1D CLA EA . 8.74 19.72 23.08
O2D CLA EA . 6.59 20.55 22.93
CED CLA EA . 6.27 20.67 24.31
C1 CLA EA . 6.71 22.42 15.08
C2 CLA EA . 7.97 23.12 14.62
C3 CLA EA . 7.91 24.24 13.90
C4 CLA EA . 6.57 24.82 13.52
C5 CLA EA . 9.18 24.91 13.45
C6 CLA EA . 9.83 24.09 12.35
MG CLA FA . 8.29 9.85 19.84
CHA CLA FA . 11.51 9.06 21.10
CHB CLA FA . 9.80 12.46 18.18
CHC CLA FA . 5.40 10.19 18.16
CHD CLA FA . 7.09 6.74 21.21
NA CLA FA . 10.40 10.68 19.64
C1A CLA FA . 11.47 10.28 20.22
C2A CLA FA . 12.66 11.16 19.97
C3A CLA FA . 12.08 12.24 19.06
C4A CLA FA . 10.67 11.76 18.94
CMA CLA FA . 12.10 13.59 19.76
CAA CLA FA . 13.67 10.34 19.16
CBA CLA FA . 14.04 10.95 17.82
CGA CLA FA . 13.37 10.23 16.66
O1A CLA FA . 12.18 9.99 16.59
O2A CLA FA . 14.01 9.78 15.60
NB CLA FA . 7.71 11.13 18.34
C1B CLA FA . 8.38 12.20 17.88
C2B CLA FA . 7.56 13.08 17.01
C3B CLA FA . 6.27 12.39 17.03
C4B CLA FA . 6.45 11.19 17.87
CMB CLA FA . 8.00 14.36 16.32
CAB CLA FA . 4.99 12.73 16.36
CBB CLA FA . 4.79 13.87 15.73
NC CLA FA . 6.50 8.66 19.75
C1C CLA FA . 5.42 8.99 19.03
C2C CLA FA . 4.25 8.08 19.18
C3C CLA FA . 4.77 7.10 20.11
C4C CLA FA . 6.16 7.53 20.40
CMC CLA FA . 2.90 8.10 18.53
CAC CLA FA . 4.05 5.89 20.66
CBC CLA FA . 3.20 6.33 21.82
ND CLA FA . 9.00 8.21 20.85
C1D CLA FA . 8.50 7.11 21.42
C2D CLA FA . 9.46 6.33 22.26
C3D CLA FA . 10.64 7.17 22.08
C4D CLA FA . 10.32 8.21 21.30
CMD CLA FA . 9.46 5.07 23.09
CAD CLA FA . 12.06 7.25 22.49
OBD CLA FA . 12.63 6.46 23.34
CBD CLA FA . 12.67 8.46 21.88
CGD CLA FA . 13.18 9.36 22.98
O1D CLA FA . 14.06 8.97 23.72
O2D CLA FA . 12.65 10.70 23.17
CED CLA FA . 13.56 11.79 23.37
C1 CLA FA . 13.52 10.13 14.12
C2 CLA FA . 12.52 9.30 13.35
C3 CLA FA . 12.60 9.24 12.01
C4 CLA FA . 13.67 10.00 11.29
C5 CLA FA . 11.63 8.40 11.21
C6 CLA FA . 11.18 9.19 9.99
C7 CLA FA . 10.03 10.12 10.35
C8 CLA FA . 9.56 10.98 9.18
C9 CLA FA . 10.74 11.68 8.50
C10 CLA FA . 8.54 11.99 9.70
C11 CLA FA . 7.69 12.55 8.58
C12 CLA FA . 7.84 14.07 8.49
C13 CLA FA . 6.91 14.66 7.44
C14 CLA FA . 5.47 14.69 7.94
C15 CLA FA . 7.04 13.87 6.15
C16 CLA FA . 6.00 14.31 5.11
C17 CLA FA . 6.62 14.40 3.72
C18 CLA FA . 6.87 13.01 3.14
C19 CLA FA . 5.72 12.59 2.23
C20 CLA FA . 8.19 12.97 2.38
MG CLA GA . -1.43 14.67 15.84
CHA CLA GA . 1.61 15.83 17.24
CHB CLA GA . -2.06 17.96 15.06
CHC CLA GA . -4.48 13.64 14.97
CHD CLA GA . -0.82 11.48 17.43
NA CLA GA . -0.36 16.68 16.10
C1A CLA GA . 0.79 16.91 16.59
C2A CLA GA . 1.30 18.32 16.43
C3A CLA GA . 0.10 18.97 15.75
C4A CLA GA . -0.85 17.81 15.63
CMA CLA GA . -0.53 20.04 16.64
CAA CLA GA . 2.43 18.32 15.40
CBA CLA GA . 3.82 18.65 15.96
CGA CLA GA . 4.84 18.47 14.86
O1A CLA GA . 4.93 19.22 13.90
O2A CLA GA . 5.73 17.50 14.80
NB CLA GA . -3.07 15.69 15.14
C1B CLA GA . -3.15 16.99 14.81
C2B CLA GA . -4.43 17.35 14.17
C3B CLA GA . -5.13 16.07 14.15
C4B CLA GA . -4.21 15.08 14.77
CMB CLA GA . -4.87 18.70 13.69
CAB CLA GA . -6.49 15.79 13.63
CBB CLA GA . -6.67 14.87 12.70
NC CLA GA . -2.51 12.85 16.24
C1C CLA GA . -3.68 12.58 15.64
C2C CLA GA . -4.11 11.16 15.69
C3C CLA GA . -3.02 10.54 16.42
C4C CLA GA . -2.09 11.67 16.72
CMC CLA GA . -5.35 10.54 15.11
CAC CLA GA . -2.86 9.09 16.82
CBC CLA GA . -1.79 8.40 16.00
ND CLA GA . -0.07 13.76 17.07
C1D CLA GA . 0.17 12.54 17.57
C2D CLA GA . 1.48 12.39 18.26
C3D CLA GA . 2.00 13.74 18.09
C4D CLA GA . 1.09 14.46 17.41
CMD CLA GA . 2.27 11.36 19.00
CAD CLA GA . 3.19 14.55 18.43
OBD CLA GA . 4.06 14.21 19.31
CBD CLA GA . 2.94 15.93 17.93
CGD CLA GA . 2.75 16.80 19.13
O1D CLA GA . 2.02 16.41 20.03
O2D CLA GA . 3.43 18.08 19.26
CED CLA GA . 4.00 18.43 20.51
C1 CLA GA . 7.30 17.75 14.62
C2 CLA GA . 7.86 18.70 13.59
C3 CLA GA . 9.18 18.84 13.41
C4 CLA GA . 10.15 18.05 14.24
C5 CLA GA . 9.69 19.80 12.36
C6 CLA GA . 11.12 20.23 12.69
MG CLA HA . 38.83 19.45 7.16
CHA CLA HA . 41.39 20.95 5.23
CHB CLA HA . 40.02 16.43 5.99
CHC CLA HA . 36.83 18.01 9.44
CHD CLA HA . 38.13 22.68 8.59
NA CLA HA . 40.51 18.74 5.79
C1A CLA HA . 41.33 19.45 5.12
C2A CLA HA . 42.20 18.67 4.18
C3A CLA HA . 41.72 17.25 4.43
C4A CLA HA . 40.68 17.47 5.48
CMA CLA HA . 41.08 16.65 3.19
CAA CLA HA . 43.67 18.75 4.59
CBA CLA HA . 43.83 18.69 6.11
CGA CLA HA . 45.22 18.21 6.46
O1A CLA HA . 46.25 18.64 5.96
O2A CLA HA . 45.47 17.29 7.36
NB CLA HA . 38.52 17.48 7.66
C1B CLA HA . 38.97 16.40 7.03
C2B CLA HA . 38.35 15.12 7.51
C3B CLA HA . 37.41 15.63 8.51
C4B CLA HA . 37.58 17.10 8.55
CMB CLA HA . 38.62 13.71 7.04
CAB CLA HA . 36.48 14.87 9.37
CBB CLA HA . 35.73 13.90 8.88
NC CLA HA . 37.72 20.23 8.82
C1C CLA HA . 36.87 19.49 9.54
C2C CLA HA . 35.98 20.23 10.47
C3C CLA HA . 36.40 21.61 10.23
C4C CLA HA . 37.45 21.50 9.19
CMC CLA HA . 34.94 19.70 11.42
CAC CLA HA . 35.86 22.86 10.87
CBC CLA HA . 34.53 23.23 10.22
ND CLA HA . 39.54 21.38 7.10
C1D CLA HA . 39.17 22.58 7.56
C2D CLA HA . 39.88 23.75 6.94
C3D CLA HA . 40.75 23.02 6.01
C4D CLA HA . 40.51 21.70 6.15
CMD CLA HA . 39.90 25.25 7.02
CAD CLA HA . 41.79 23.25 4.99
OBD CLA HA . 42.25 24.40 4.63
CBD CLA HA . 42.27 21.93 4.49
CGD CLA HA . 42.04 21.77 3.02
O1D CLA HA . 40.90 21.77 2.59
O2D CLA HA . 43.15 21.60 2.11
CED CLA HA . 43.24 22.36 0.91
C1 CLA HA . 46.72 17.44 8.34
MG CLA IA . 25.98 22.54 -2.27
CHA CLA IA . 25.78 20.84 -5.37
CHB CLA IA . 24.40 25.17 -3.85
CHC CLA IA . 25.60 23.89 0.77
CHD CLA IA . 27.14 19.49 -0.75
NA CLA IA . 25.17 22.98 -4.35
C1A CLA IA . 25.24 22.25 -5.39
C2A CLA IA . 24.74 22.91 -6.64
C3A CLA IA . 24.33 24.28 -6.14
C4A CLA IA . 24.65 24.15 -4.68
CMA CLA IA . 25.20 25.37 -6.75
CAA CLA IA . 23.47 22.22 -7.08
CBA CLA IA . 22.41 22.12 -5.99
CGA CLA IA . 21.97 20.69 -5.81
O1A CLA IA . 22.70 19.80 -5.42
O2A CLA IA . 20.77 20.21 -6.08
NB CLA IA . 25.08 24.27 -1.64
C1B CLA IA . 24.61 25.28 -2.40
C2B CLA IA . 24.26 26.51 -1.63
C3B CLA IA . 24.63 26.11 -0.27
C4B CLA IA . 25.12 24.71 -0.36
CMB CLA IA . 23.70 27.82 -2.12
CAB CLA IA . 24.51 26.93 0.96
CBB CLA IA . 25.46 27.00 1.87
NC CLA IA . 26.28 21.77 -0.29
C1C CLA IA . 26.14 22.51 0.81
C2C CLA IA . 26.55 21.89 2.07
C3C CLA IA . 27.00 20.58 1.62
C4C CLA IA . 26.80 20.60 0.15
CMC CLA IA . 26.49 22.48 3.45
CAC CLA IA . 27.55 19.45 2.47
CBC CLA IA . 26.49 18.39 2.66
ND CLA IA . 26.34 20.58 -2.77
C1D CLA IA . 26.88 19.50 -2.20
C2D CLA IA . 27.20 18.37 -3.14
C3D CLA IA . 26.73 18.98 -4.39
C4D CLA IA . 26.27 20.22 -4.12
CMD CLA IA . 27.80 16.99 -3.11
CAD CLA IA . 26.62 18.69 -5.84
OBD CLA IA . 27.21 17.71 -6.45
CBD CLA IA . 25.90 19.83 -6.49
CGD CLA IA . 26.68 20.34 -7.67
O1D CLA IA . 27.72 20.95 -7.53
O2D CLA IA . 26.19 20.09 -9.02
CED CLA IA . 26.91 19.22 -9.90
C1 CLA IA . 19.58 20.15 -5.01
C2 CLA IA . 19.42 21.09 -3.85
C3 CLA IA . 19.12 20.64 -2.62
C4 CLA IA . 18.98 21.63 -1.50
C5 CLA IA . 18.97 19.16 -2.35
C6 CLA IA . 18.56 18.91 -0.90
C7 CLA IA . 19.70 18.34 -0.08
C8 CLA IA . 19.61 18.78 1.38
C9 CLA IA . 20.96 18.68 2.07
C10 CLA IA . 18.57 17.92 2.10
C11 CLA IA . 18.61 18.13 3.61
C12 CLA IA . 18.50 16.79 4.35
C13 CLA IA . 17.09 16.55 4.85
C14 CLA IA . 16.84 17.32 6.15
C15 CLA IA . 16.85 15.07 5.03
C16 CLA IA . 15.59 14.79 5.84
C17 CLA IA . 14.34 14.84 4.96
C18 CLA IA . 13.09 14.50 5.76
C19 CLA IA . 12.19 15.72 5.92
C20 CLA IA . 12.34 13.34 5.13
MG CLA JA . 46.73 13.49 10.82
CHA CLA JA . 49.06 11.91 8.69
CHB CLA JA . 44.98 14.28 7.96
CHC CLA JA . 44.20 14.41 12.83
CHD CLA JA . 48.45 12.09 13.65
NA CLA JA . 46.96 13.14 8.58
C1A CLA JA . 47.92 12.56 7.97
C2A CLA JA . 47.85 12.66 6.47
C3A CLA JA . 46.56 13.44 6.28
C4A CLA JA . 46.12 13.61 7.69
CMA CLA JA . 46.89 14.83 5.78
CAA CLA JA . 47.67 11.27 5.85
CBA CLA JA . 48.47 11.13 4.56
CGA CLA JA . 47.88 12.01 3.48
O1A CLA JA . 47.14 11.62 2.59
O2A CLA JA . 48.06 13.31 3.41
NB CLA JA . 44.84 14.20 10.43
C1B CLA JA . 44.34 14.59 9.25
C2B CLA JA . 43.06 15.33 9.36
C3B CLA JA . 42.86 15.36 10.80
C4B CLA JA . 44.00 14.63 11.39
CMB CLA JA . 42.23 15.90 8.26
CAB CLA JA . 41.73 15.97 11.55
CBB CLA JA . 41.43 17.24 11.39
NC CLA JA . 46.37 13.21 12.91
C1C CLA JA . 45.33 13.78 13.54
C2C CLA JA . 45.37 13.76 15.01
C3C CLA JA . 46.63 13.06 15.26
C4C CLA JA . 47.16 12.77 13.90
CMC CLA JA . 44.37 14.31 15.97
CAC CLA JA . 47.25 12.72 16.59
CBC CLA JA . 47.84 13.98 17.19
ND CLA JA . 48.30 12.25 11.23
C1D CLA JA . 48.99 11.82 12.30
C2D CLA JA . 50.26 11.10 12.00
C3D CLA JA . 50.23 11.17 10.53
C4D CLA JA . 49.11 11.83 10.17
CMD CLA JA . 51.39 10.43 12.73
CAD CLA JA . 51.01 10.77 9.34
OBD CLA JA . 51.92 9.86 9.35
CBD CLA JA . 50.30 11.27 8.13
CGD CLA JA . 51.14 12.32 7.46
O1D CLA JA . 52.00 12.00 6.66
O2D CLA JA . 50.93 13.73 7.77
CED CLA JA . 50.81 14.68 6.71
C1 CLA JA . 48.34 14.04 2.02
C2 CLA JA . 49.70 13.92 1.36
C3 CLA JA . 50.33 15.00 0.90
C4 CLA JA . 49.69 16.36 1.02
C5 CLA JA . 51.68 14.84 0.25
C6 CLA JA . 51.59 13.85 -0.90
C7 CLA JA . 51.69 14.58 -2.24
C8 CLA JA . 52.92 14.13 -3.02
C9 CLA JA . 54.20 14.32 -2.21
C10 CLA JA . 53.00 14.90 -4.33
MG CLA KA . 38.69 10.71 9.21
CHA CLA KA . 35.50 9.96 7.84
CHB CLA KA . 37.14 10.67 12.29
CHC CLA KA . 41.77 10.77 10.54
CHD CLA KA . 40.13 10.24 5.94
NA CLA KA . 36.58 10.34 10.00
C1A CLA KA . 35.51 10.13 9.33
C2A CLA KA . 34.26 10.17 10.17
C3A CLA KA . 34.82 10.41 11.55
C4A CLA KA . 36.29 10.46 11.28
CMA CLA KA . 34.43 11.82 11.98
CAA CLA KA . 33.52 8.82 10.19
CBA CLA KA . 32.51 8.75 11.33
CGA CLA KA . 33.04 7.89 12.46
O1A CLA KA . 34.02 7.17 12.34
O2A CLA KA . 32.54 7.78 13.68
NB CLA KA . 39.35 10.67 11.16
C1B CLA KA . 38.61 10.77 12.27
C2B CLA KA . 39.41 10.99 13.52
C3B CLA KA . 40.77 11.02 12.97
C4B CLA KA . 40.64 10.81 11.51
CMB CLA KA . 38.95 11.14 14.93
CAB CLA KA . 42.03 11.21 13.72
CBB CLA KA . 42.97 10.29 13.73
NC CLA KA . 40.65 10.45 8.37
C1C CLA KA . 41.77 10.66 9.08
C2C CLA KA . 43.01 10.78 8.29
C3C CLA KA . 42.52 10.61 6.93
C4C CLA KA . 41.06 10.42 7.09
CMC CLA KA . 44.39 11.01 8.79
CAC CLA KA . 43.34 10.64 5.65
CBC CLA KA . 43.52 9.27 5.08
ND CLA KA . 38.12 10.17 7.32
C1D CLA KA . 38.67 10.09 6.10
C2D CLA KA . 37.70 9.90 4.98
C3D CLA KA . 36.46 9.84 5.75
C4D CLA KA . 36.76 10.00 7.05
CMD CLA KA . 37.71 9.74 3.48
CAD CLA KA . 35.01 9.68 5.55
OBD CLA KA . 34.44 9.31 4.46
CBD CLA KA . 34.35 9.71 6.90
CGD CLA KA . 33.35 10.84 6.91
O1D CLA KA . 32.42 10.83 7.71
O2D CLA KA . 33.49 11.94 5.99
CED CLA KA . 33.33 13.27 6.46
C1 CLA KA . 32.54 8.97 14.77
C2 CLA KA . 32.59 10.44 14.44
C3 CLA KA . 32.97 11.34 15.38
C4 CLA KA . 33.35 10.86 16.74
C5 CLA KA . 33.01 12.81 15.07
C6 CLA KA . 34.38 13.39 15.41
C7 CLA KA . 34.34 14.91 15.43
C8 CLA KA . 35.48 15.51 14.62
C9 CLA KA . 35.39 15.14 13.15
C10 CLA KA . 36.82 15.08 15.21
C11 CLA KA . 37.86 16.17 15.01
C12 CLA KA . 39.18 15.80 15.67
C13 CLA KA . 39.44 16.68 16.89
C14 CLA KA . 40.58 17.66 16.63
C15 CLA KA . 39.74 15.80 18.09
MG CLA LA . 33.55 13.96 29.74
CHA CLA LA . 31.20 16.15 31.24
CHB CLA LA . 31.06 13.16 27.51
CHC CLA LA . 35.93 12.41 27.96
CHD CLA LA . 36.09 15.34 31.90
NA CLA LA . 31.38 14.57 29.38
C1A CLA LA . 30.66 15.37 30.07
C2A CLA LA . 29.21 15.41 29.67
C3A CLA LA . 29.20 14.44 28.49
C4A CLA LA . 30.64 14.03 28.43
CMA CLA LA . 28.34 13.23 28.80
CAA CLA LA . 28.83 16.79 29.13
CBA CLA LA . 29.78 17.24 28.03
CGA CLA LA . 29.37 18.57 27.44
O1A CLA LA . 28.64 19.38 28.00
O2A CLA LA . 29.75 19.01 26.25
NB CLA LA . 33.50 12.97 27.95
C1B CLA LA . 32.40 12.62 27.25
C2B CLA LA . 32.69 11.65 26.14
C3B CLA LA . 34.13 11.45 26.30
C4B CLA LA . 34.54 12.30 27.45
CMB CLA LA . 31.74 11.03 25.14
CAB CLA LA . 35.02 10.58 25.50
CBB CLA LA . 35.79 11.10 24.59
NC CLA LA . 35.69 13.91 29.90
C1C CLA LA . 36.48 13.17 29.10
C2C CLA LA . 37.92 13.17 29.45
C3C CLA LA . 37.94 14.04 30.62
C4C CLA LA . 36.53 14.44 30.83
CMC CLA LA . 39.07 12.49 28.76
CAC CLA LA . 39.15 14.44 31.44
CBC CLA LA . 39.62 15.83 31.03
ND CLA LA . 33.76 15.42 31.19
C1D CLA LA . 34.70 15.83 32.03
C2D CLA LA . 34.23 16.79 33.09
C3D CLA LA . 32.81 16.86 32.70
C4D CLA LA . 32.62 16.07 31.64
CMD CLA LA . 34.77 17.56 34.26
CAD CLA LA . 31.57 17.53 33.12
OBD CLA LA . 31.51 18.56 33.88
CBD CLA LA . 30.48 17.09 32.18
CGD CLA LA . 29.44 16.38 32.99
O1D CLA LA . 28.27 16.76 32.95
O2D CLA LA . 29.78 15.25 33.84
CED CLA LA . 28.92 14.11 33.86
C1 CLA LA . 30.25 20.52 26.09
MG CLA MA . 44.03 10.76 34.32
CHA CLA MA . 45.16 12.32 37.29
CHB CLA MA . 44.20 13.88 32.86
CHC CLA MA . 43.53 9.19 31.41
CHD CLA MA . 44.44 7.56 35.94
NA CLA MA . 44.62 12.86 34.97
C1A CLA MA . 44.98 13.27 36.14
C2A CLA MA . 45.16 14.76 36.25
C3A CLA MA . 44.83 15.21 34.83
C4A CLA MA . 44.55 13.90 34.16
CMA CLA MA . 43.58 16.08 34.80
CAA CLA MA . 46.60 15.12 36.56
CBA CLA MA . 46.78 15.80 37.91
CGA CLA MA . 45.99 17.07 37.99
O1A CLA MA . 46.27 18.11 37.42
O2A CLA MA . 44.89 17.22 38.71
NB CLA MA . 43.93 11.45 32.39
C1B CLA MA . 43.89 12.74 31.98
C2B CLA MA . 43.52 12.89 30.54
C3B CLA MA . 43.32 11.50 30.13
C4B CLA MA . 43.59 10.67 31.35
CMB CLA MA . 43.38 14.16 29.73
CAB CLA MA . 42.93 11.00 28.79
CBB CLA MA . 43.57 10.04 28.18
NC CLA MA . 44.05 8.69 33.76
C1C CLA MA . 43.69 8.26 32.55
C2C CLA MA . 43.46 6.81 32.40
C3C CLA MA . 43.75 6.34 33.75
C4C CLA MA . 44.09 7.57 34.51
CMC CLA MA . 43.05 6.02 31.17
CAC CLA MA . 43.68 4.92 34.26
CBC CLA MA . 45.07 4.35 34.42
ND CLA MA . 44.68 9.98 36.11
C1D CLA MA . 44.73 8.78 36.71
C2D CLA MA . 45.11 8.81 38.15
C3D CLA MA . 45.27 10.27 38.31
C4D CLA MA . 45.00 10.85 37.14
CMD CLA MA . 45.34 7.84 39.28
CAD CLA MA . 45.62 11.26 39.35
OBD CLA MA . 45.78 11.01 40.59
CBD CLA MA . 45.48 12.62 38.74
CGD CLA MA . 44.33 13.32 39.40
O1D CLA MA . 44.14 14.52 39.24
O2D CLA MA . 43.41 12.59 40.26
CED CLA MA . 42.01 12.74 40.05
C1 CLA MA . 43.86 18.40 38.38
MG CLA NA . 33.85 21.65 33.82
CHA CLA NA . 31.16 23.71 34.83
CHB CLA NA . 31.78 20.60 31.25
CHC CLA NA . 36.55 20.14 32.52
CHD CLA NA . 35.96 23.35 36.19
NA CLA NA . 31.73 22.10 33.09
C1A CLA NA . 30.86 22.86 33.62
C2A CLA NA . 29.49 22.81 32.98
C3A CLA NA . 29.73 21.81 31.86
C4A CLA NA . 31.18 21.48 32.06
CMA CLA NA . 28.88 20.56 32.06
CAA CLA NA . 29.15 24.15 32.35
CBA CLA NA . 30.33 24.70 31.56
CGA CLA NA . 30.25 26.21 31.51
O1A CLA NA . 29.48 26.83 30.80
O2A CLA NA . 31.03 27.01 32.22
NB CLA NA . 34.12 20.56 32.09
C1B CLA NA . 33.19 20.12 31.24
C2B CLA NA . 33.69 19.14 30.24
C3B CLA NA . 35.09 19.02 30.65
C4B CLA NA . 35.27 19.94 31.80
CMB CLA NA . 32.92 18.46 29.14
CAB CLA NA . 36.19 18.20 30.09
CBB CLA NA . 36.03 17.37 29.08
NC CLA NA . 35.95 21.78 34.26
C1C CLA NA . 36.86 20.97 33.70
C2C CLA NA . 38.20 20.96 34.34
C3C CLA NA . 38.01 21.92 35.42
C4C CLA NA . 36.59 22.37 35.29
CMC CLA NA . 39.42 20.17 33.95
CAC CLA NA . 39.03 22.35 36.45
CBC CLA NA . 39.60 23.70 36.08
ND CLA NA . 33.76 23.19 35.17
C1D CLA NA . 34.54 23.73 36.11
C2D CLA NA . 33.85 24.69 37.03
C3D CLA NA . 32.50 24.64 36.45
C4D CLA NA . 32.51 23.78 35.41
CMD CLA NA . 34.18 25.58 38.20
CAD CLA NA . 31.15 25.21 36.63
OBD CLA NA . 30.84 26.13 37.48
CBD CLA NA . 30.24 24.61 35.62
CGD CLA NA . 29.19 23.80 36.32
O1D CLA NA . 28.17 24.32 36.74
O2D CLA NA . 29.38 22.36 36.52
CED CLA NA . 28.34 21.45 36.16
C1 CLA NA . 32.28 26.42 33.02
MG CLA OA . 45.55 -4.79 32.23
CHA CLA OA . 45.24 -6.83 35.11
CHB CLA OA . 46.67 -2.32 34.36
CHC CLA OA . 46.30 -3.04 29.47
CHD CLA OA . 44.95 -7.70 30.21
NA CLA OA . 45.93 -4.58 34.47
C1A CLA OA . 45.73 -5.44 35.40
C2A CLA OA . 45.95 -4.92 36.79
C3A CLA OA . 46.42 -3.49 36.52
C4A CLA OA . 46.35 -3.45 35.02
CMA CLA OA . 45.54 -2.43 37.15
CAA CLA OA . 47.06 -5.69 37.51
CBA CLA OA . 48.38 -5.60 36.76
CGA CLA OA . 49.09 -6.94 36.80
O1A CLA OA . 49.05 -7.72 37.74
O2A CLA OA . 49.85 -7.37 35.82
NB CLA OA . 46.42 -2.95 31.97
C1B CLA OA . 46.71 -2.04 32.91
C2B CLA OA . 47.12 -0.72 32.37
C3B CLA OA . 47.00 -0.95 30.94
C4B CLA OA . 46.56 -2.36 30.76
CMB CLA OA . 47.53 0.54 33.11
CAB CLA OA . 47.28 0.04 29.86
CBB CLA OA . 46.50 0.22 28.82
NC CLA OA . 45.69 -5.33 30.15
C1C CLA OA . 45.92 -4.45 29.18
C2C CLA OA . 45.79 -4.96 27.79
C3C CLA OA . 45.42 -6.35 28.04
C4C CLA OA . 45.38 -6.48 29.52
CMC CLA OA . 45.98 -4.26 26.48
CAC CLA OA . 45.15 -7.44 27.02
CBC CLA OA . 43.66 -7.73 26.92
ND CLA OA . 45.23 -6.81 32.45
C1D CLA OA . 44.92 -7.86 31.67
C2D CLA OA . 44.56 -9.11 32.40
C3D CLA OA . 44.71 -8.62 33.78
C4D CLA OA . 45.08 -7.33 33.74
CMD CLA OA . 44.14 -10.51 32.07
CAD CLA OA . 44.58 -9.08 35.17
OBD CLA OA . 44.37 -10.30 35.54
CBD CLA OA . 44.85 -7.93 36.07
CGD CLA OA . 43.59 -7.56 36.81
O1D CLA OA . 42.67 -7.02 36.23
O2D CLA OA . 43.45 -7.88 38.22
CED CLA OA . 42.51 -8.87 38.64
C1 CLA OA . 49.48 -7.01 34.32
C2 CLA OA . 48.83 -7.99 33.38
C3 CLA OA . 48.88 -7.76 32.06
C4 CLA OA . 48.25 -8.72 31.10
C5 CLA OA . 49.59 -6.52 31.57
C6 CLA OA . 49.42 -6.31 30.07
C7 CLA OA . 49.20 -4.83 29.81
C8 CLA OA . 50.22 -4.23 28.84
C9 CLA OA . 50.24 -2.71 28.97
C10 CLA OA . 49.87 -4.65 27.42
C11 CLA OA . 50.63 -3.82 26.40
MG CLA PA . 36.07 -6.76 27.13
CHA CLA PA . 32.60 -7.38 27.13
CHB CLA PA . 35.75 -6.22 30.53
CHC CLA PA . 39.43 -6.69 27.23
CHD CLA PA . 36.21 -7.88 23.71
NA CLA PA . 34.39 -6.81 28.67
C1A CLA PA . 33.15 -7.02 28.48
C2A CLA PA . 32.28 -6.81 29.69
C3A CLA PA . 33.32 -6.43 30.74
C4A CLA PA . 34.58 -6.50 29.94
CMA CLA PA . 33.10 -4.99 31.21
CAA CLA PA . 31.57 -8.10 30.08
CBA CLA PA . 31.70 -8.45 31.56
CGA CLA PA . 32.78 -9.50 31.75
O1A CLA PA . 33.75 -9.37 32.49
O2A CLA PA . 32.81 -10.66 31.12
NB CLA PA . 37.40 -6.53 28.69
C1B CLA PA . 37.12 -6.22 29.95
C2B CLA PA . 38.32 -5.89 30.78
C3B CLA PA . 39.39 -6.03 29.79
C4B CLA PA . 38.73 -6.44 28.51
CMB CLA PA . 38.40 -5.49 32.23
CAB CLA PA . 40.83 -5.81 30.03
CBB CLA PA . 41.75 -6.66 29.60
NC CLA PA . 37.59 -7.30 25.70
C1C CLA PA . 38.88 -7.07 25.90
C2C CLA PA . 39.75 -7.20 24.70
C3C CLA PA . 38.79 -7.58 23.68
C4C CLA PA . 37.49 -7.61 24.39
CMC CLA PA . 41.24 -7.00 24.56
CAC CLA PA . 39.04 -7.86 22.22
CBC CLA PA . 39.32 -6.56 21.47
ND CLA PA . 34.84 -7.53 25.69
C1D CLA PA . 34.90 -7.86 24.39
C2D CLA PA . 33.59 -8.14 23.74
C3D CLA PA . 32.70 -7.94 24.90
C4D CLA PA . 33.47 -7.59 25.96
CMD CLA PA . 33.04 -8.53 22.38
CAD CLA PA . 31.28 -7.98 25.27
OBD CLA PA . 30.30 -8.12 24.45
CBD CLA PA . 31.16 -7.57 26.71
CGD CLA PA . 30.45 -6.25 26.82
O1D CLA PA . 30.92 -5.24 26.34
O2D CLA PA . 29.17 -6.17 27.52
CED CLA PA . 28.05 -5.57 26.87
C1 CLA PA . 34.20 -11.37 30.81
C2 CLA PA . 35.33 -10.64 30.11
C3 CLA PA . 36.17 -11.32 29.33
C4 CLA PA . 35.98 -12.79 29.13
C5 CLA PA . 37.32 -10.60 28.63
C6 CLA PA . 37.76 -11.42 27.43
C7 CLA PA . 38.14 -10.52 26.26
C8 CLA PA . 39.41 -11.00 25.57
C9 CLA PA . 40.64 -10.32 26.19
MG CLA QA . 32.83 0.91 24.17
CHA CLA QA . 30.19 2.30 26.09
CHB CLA QA . 31.60 -2.17 25.09
CHC CLA QA . 34.97 -0.39 21.92
CHD CLA QA . 33.58 4.21 22.95
NA CLA QA . 31.11 0.13 25.43
C1A CLA QA . 30.26 0.80 26.10
C2A CLA QA . 29.32 -0.05 26.93
C3A CLA QA . 29.82 -1.46 26.64
C4A CLA QA . 30.90 -1.16 25.64
CMA CLA QA . 30.43 -2.07 27.88
CAA CLA QA . 27.92 0.13 26.32
CBA CLA QA . 27.28 -1.13 25.72
CGA CLA QA . 27.75 -1.49 24.33
O1A CLA QA . 28.48 -0.80 23.65
O2A CLA QA . 27.45 -2.63 23.73
NB CLA QA . 33.18 -1.02 23.57
C1B CLA QA . 32.71 -2.13 24.11
C2B CLA QA . 33.36 -3.38 23.60
C3B CLA QA . 34.34 -2.83 22.68
C4B CLA QA . 34.17 -1.36 22.72
CMB CLA QA . 33.06 -4.79 23.99
CAB CLA QA . 35.34 -3.53 21.83
CBB CLA QA . 35.17 -4.76 21.40
NC CLA QA . 34.02 1.79 22.61
C1C CLA QA . 34.90 1.08 21.89
C2C CLA QA . 35.82 1.88 21.05
C3C CLA QA . 35.38 3.24 21.33
C4C CLA QA . 34.28 3.07 22.31
CMC CLA QA . 36.92 1.40 20.13
CAC CLA QA . 35.95 4.52 20.77
CBC CLA QA . 35.02 5.05 19.70
ND CLA QA . 32.13 2.83 24.33
C1D CLA QA . 32.49 4.06 23.93
C2D CLA QA . 31.73 5.19 24.55
C3D CLA QA . 30.83 4.40 25.40
C4D CLA QA . 31.10 3.10 25.23
CMD CLA QA . 31.67 6.69 24.50
CAD CLA QA . 29.72 4.59 26.37
OBD CLA QA . 29.18 5.71 26.67
CBD CLA QA . 29.30 3.24 26.86
CGD CLA QA . 29.58 3.17 28.34
O1D CLA QA . 30.29 4.00 28.87
O2D CLA QA . 29.02 2.11 29.16
CED CLA QA . 28.28 2.42 30.34
C1 CLA QA . 28.60 -3.56 23.13
C2 CLA QA . 29.37 -3.16 21.89
C3 CLA QA . 29.85 -4.09 21.04
C4 CLA QA . 29.63 -5.54 21.31
C5 CLA QA . 30.59 -3.65 19.80
C6 CLA QA . 32.10 -3.67 20.05
C7 CLA QA . 32.85 -3.79 18.73
C8 CLA QA . 33.88 -2.69 18.55
C9 CLA QA . 33.20 -1.33 18.44
C10 CLA QA . 34.73 -2.96 17.32
C11 CLA QA . 36.02 -3.70 17.68
C12 CLA QA . 35.85 -5.21 17.48
C13 CLA QA . 37.19 -5.93 17.39
C14 CLA QA . 37.95 -5.48 16.15
C15 CLA QA . 36.96 -7.43 17.37
C16 CLA QA . 36.05 -7.88 18.51
C17 CLA QA . 35.08 -8.95 18.05
C18 CLA QA . 33.64 -8.53 18.32
C19 CLA QA . 33.14 -7.57 17.23
C20 CLA QA . 32.73 -9.74 18.43
MG CLA RA . 52.41 6.79 16.24
CHA CLA RA . 53.54 6.24 12.93
CHB CLA RA . 55.69 6.34 17.22
CHC CLA RA . 51.47 7.90 19.27
CHD CLA RA . 49.20 7.74 14.92
NA CLA RA . 54.41 6.35 15.21
C1A CLA RA . 54.61 6.13 13.97
C2A CLA RA . 56.01 5.71 13.63
C3A CLA RA . 56.67 5.74 15.02
C4A CLA RA . 55.53 6.19 15.89
CMA CLA RA . 57.11 4.34 15.43
CAA CLA RA . 56.70 6.78 12.78
CBA CLA RA . 56.43 8.17 13.37
CGA CLA RA . 56.98 9.25 12.46
O1A CLA RA . 56.78 9.31 11.26
O2A CLA RA . 57.73 10.25 12.87
NB CLA RA . 53.47 7.12 17.98
C1B CLA RA . 54.73 6.77 18.26
C2B CLA RA . 55.07 6.92 19.71
C3B CLA RA . 53.80 7.37 20.26
C4B CLA RA . 52.86 7.47 19.13
CMB CLA RA . 56.32 6.68 20.50
CAB CLA RA . 53.47 7.69 21.68
CBB CLA RA . 53.57 8.92 22.11
NC CLA RA . 50.63 7.75 16.96
C1C CLA RA . 50.41 8.01 18.25
C2C CLA RA . 49.05 8.42 18.63
C3C CLA RA . 48.39 8.39 17.33
C4C CLA RA . 49.44 7.96 16.37
CMC CLA RA . 48.51 8.78 19.99
CAC CLA RA . 46.94 8.70 17.05
CBC CLA RA . 46.14 7.59 17.65
ND CLA RA . 51.48 7.04 14.44
C1D CLA RA . 50.25 7.32 13.99
C2D CLA RA . 50.07 7.15 12.52
C3D CLA RA . 51.42 6.72 12.16
C4D CLA RA . 52.16 6.67 13.27
CMD CLA RA . 49.00 7.30 11.48
CAD CLA RA . 52.22 6.34 10.98
OBD CLA RA . 51.89 6.59 9.76
CBD CLA RA . 53.58 5.94 11.44
CGD CLA RA . 53.71 4.48 11.13
O1D CLA RA . 54.07 4.13 10.02
O2D CLA RA . 53.37 3.47 12.11
CED CLA RA . 53.94 2.17 12.00
C1 CLA RA . 57.04 11.61 13.35
MG CLA SA . 43.12 -5.45 11.54
CHA CLA SA . 44.18 -7.16 8.64
CHB CLA SA . 40.53 -4.22 9.60
CHC CLA SA . 41.76 -4.33 14.40
CHD CLA SA . 45.55 -7.31 13.43
NA CLA SA . 42.40 -5.66 9.38
C1A CLA SA . 42.96 -6.31 8.43
C2A CLA SA . 42.32 -6.11 7.08
C3A CLA SA . 41.17 -5.16 7.41
C4A CLA SA . 41.37 -5.00 8.90
CMA CLA SA . 41.38 -3.81 6.74
CAA CLA SA . 41.76 -7.43 6.58
CBA CLA SA . 40.38 -7.73 7.16
CGA CLA SA . 40.32 -9.15 7.67
O1A CLA SA . 40.54 -10.13 6.98
O2A CLA SA . 40.03 -9.48 8.91
NB CLA SA . 41.36 -4.46 11.94
C1B CLA SA . 40.50 -3.93 11.05
C2B CLA SA . 39.48 -3.04 11.66
C3B CLA SA . 39.87 -3.09 13.07
C4B CLA SA . 41.04 -3.99 13.16
CMB CLA SA . 38.37 -2.29 10.99
CAB CLA SA . 39.25 -2.39 14.22
CBB CLA SA . 37.95 -2.47 14.42
NC CLA SA . 43.56 -5.83 13.61
C1C CLA SA . 42.95 -5.18 14.61
C2C CLA SA . 43.53 -5.38 15.95
C3C CLA SA . 44.65 -6.28 15.66
C4C CLA SA . 44.58 -6.49 14.19
CMC CLA SA . 43.08 -4.81 17.28
CAC CLA SA . 45.64 -6.85 16.64
CBC CLA SA . 45.22 -8.25 17.04
ND CLA SA . 44.50 -6.93 11.27
C1D CLA SA . 45.47 -7.52 11.98
C2D CLA SA . 46.43 -8.36 11.18
C3D CLA SA . 45.84 -8.17 9.85
C4D CLA SA . 44.78 -7.36 9.97
CMD CLA SA . 47.65 -9.22 11.39
CAD CLA SA . 46.05 -8.56 8.44
OBD CLA SA . 47.09 -9.16 7.97
CBD CLA SA . 45.00 -7.90 7.61
CGD CLA SA . 45.64 -6.91 6.69
O1D CLA SA . 46.61 -6.26 7.05
O2D CLA SA . 45.10 -6.70 5.36
CED CLA SA . 45.86 -7.06 4.21
C1 CLA SA . 38.86 -10.53 9.21
C2 CLA SA . 37.54 -10.50 8.45
C3 CLA SA . 36.50 -11.24 8.87
C4 CLA SA . 36.64 -12.11 10.08
C5 CLA SA . 35.20 -11.21 8.11
C6 CLA SA . 35.38 -11.80 6.72
C7 CLA SA . 34.05 -12.35 6.19
C8 CLA SA . 33.71 -11.75 4.83
C9 CLA SA . 33.62 -10.22 4.91
C10 CLA SA . 32.41 -12.35 4.34
C11 CLA SA . 32.52 -12.80 2.88
C12 CLA SA . 31.22 -12.54 2.13
C13 CLA SA . 30.77 -13.78 1.38
C14 CLA SA . 30.58 -14.96 2.33
C15 CLA SA . 31.78 -14.13 0.29
C16 CLA SA . 31.76 -13.08 -0.81
C17 CLA SA . 31.37 -13.69 -2.15
C18 CLA SA . 31.57 -12.69 -3.29
C19 CLA SA . 32.05 -13.39 -4.56
C20 CLA SA . 30.28 -11.92 -3.55
MG CLA TA . 49.23 -14.95 7.02
CHA CLA TA . 52.21 -13.21 6.25
CHB CLA TA . 50.74 -17.72 5.63
CHC CLA TA . 46.66 -16.73 8.25
CHD CLA TA . 48.15 -12.09 8.92
NA CLA TA . 51.24 -15.44 6.06
C1A CLA TA . 52.21 -14.65 5.82
C2A CLA TA . 53.33 -15.26 5.00
C3A CLA TA . 52.82 -16.69 4.81
C4A CLA TA . 51.52 -16.63 5.56
CMA CLA TA . 52.55 -16.98 3.35
CAA CLA TA . 54.63 -15.32 5.77
CBA CLA TA . 55.80 -15.50 4.81
CGA CLA TA . 56.96 -16.17 5.52
O1A CLA TA . 57.90 -16.69 4.95
O2A CLA TA . 57.08 -16.25 6.83
NB CLA TA . 48.80 -16.97 6.98
C1B CLA TA . 49.44 -17.92 6.29
C2B CLA TA . 48.72 -19.23 6.28
C3B CLA TA . 47.53 -18.91 7.05
C4B CLA TA . 47.66 -17.48 7.45
CMB CLA TA . 49.11 -20.53 5.63
CAB CLA TA . 46.39 -19.79 7.40
CBB CLA TA . 46.10 -20.07 8.65
NC CLA TA . 47.68 -14.48 8.43
C1C CLA TA . 46.66 -15.32 8.70
C2C CLA TA . 45.54 -14.74 9.48
C3C CLA TA . 45.99 -13.37 9.68
C4C CLA TA . 47.32 -13.32 9.01
CMC CLA TA . 44.27 -15.40 9.94
CAC CLA TA . 45.28 -12.27 10.41
CBC CLA TA . 45.70 -12.26 11.87
ND CLA TA . 49.91 -13.10 7.59
C1D CLA TA . 49.44 -12.02 8.22
C2D CLA TA . 50.31 -10.80 8.15
C3D CLA TA . 51.41 -11.36 7.35
C4D CLA TA . 51.12 -12.64 7.06
CMD CLA TA . 50.32 -9.38 8.63
CAD CLA TA . 52.69 -10.96 6.75
OBD CLA TA . 53.14 -9.76 6.66
CBD CLA TA . 53.24 -12.13 5.99
CGD CLA TA . 53.30 -11.80 4.53
O1D CLA TA . 52.44 -12.20 3.77
O2D CLA TA . 54.39 -10.99 4.02
CED CLA TA . 54.12 -9.70 3.47
C1 CLA TA . 58.13 -17.28 7.47
MG CLA UA . 53.99 -6.99 11.46
CHA CLA UA . 57.07 -5.81 10.12
CHB CLA UA . 54.98 -10.12 10.46
CHC CLA UA . 51.34 -8.13 13.18
CHD CLA UA . 53.45 -3.72 12.84
NA CLA UA . 55.82 -7.89 10.42
C1A CLA UA . 56.84 -7.29 9.97
C2A CLA UA . 57.79 -8.18 9.20
C3A CLA UA . 57.09 -9.53 9.32
C4A CLA UA . 55.89 -9.18 10.13
CMA CLA UA . 56.65 -10.04 7.95
CAA CLA UA . 59.14 -8.27 9.91
CBA CLA UA . 58.94 -8.45 11.42
CGA CLA UA . 59.98 -9.41 11.94
O1A CLA UA . 60.28 -10.47 11.43
O2A CLA UA . 60.68 -9.20 13.04
NB CLA UA . 53.29 -8.89 11.80
C1B CLA UA . 53.73 -10.03 11.24
C2B CLA UA . 52.84 -11.20 11.51
C3B CLA UA . 51.79 -10.58 12.31
C4B CLA UA . 52.14 -9.14 12.45
CMB CLA UA . 52.98 -12.63 11.07
CAB CLA UA . 50.58 -11.23 12.89
CBB CLA UA . 50.35 -11.20 14.19
NC CLA UA . 52.65 -6.07 12.86
C1C CLA UA . 51.58 -6.68 13.37
C2C CLA UA . 50.64 -5.83 14.14
C3C CLA UA . 51.30 -4.53 14.05
C4C CLA UA . 52.52 -4.79 13.24
CMC CLA UA . 49.36 -6.20 14.85
CAC CLA UA . 50.87 -3.22 14.64
CBC CLA UA . 51.84 -2.87 15.76
ND CLA UA . 54.96 -5.19 11.62
C1D CLA UA . 54.66 -3.96 12.05
C2D CLA UA . 55.60 -2.88 11.64
C3D CLA UA . 56.56 -3.70 10.87
C4D CLA UA . 56.13 -4.97 10.90
CMD CLA UA . 55.74 -1.40 11.84
CAD CLA UA . 57.80 -3.56 10.10
OBD CLA UA . 58.35 -2.45 9.76
CBD CLA UA . 58.17 -4.92 9.58
CGD CLA UA . 58.16 -4.85 8.08
O1D CLA UA . 58.88 -4.05 7.50
O2D CLA UA . 57.32 -5.70 7.26
CED CLA UA . 57.87 -6.33 6.10
C1 CLA UA . 59.98 -9.27 14.47
MG CLA VA . 40.34 -14.51 1.25
CHA CLA VA . 42.00 -12.30 3.50
CHB CLA VA . 41.60 -17.07 3.18
CHC CLA VA . 38.36 -16.55 -0.52
CHD CLA VA . 38.77 -11.66 -0.27
NA CLA VA . 41.63 -14.70 3.12
C1A CLA VA . 42.19 -13.77 3.80
C2A CLA VA . 43.09 -14.28 4.90
C3A CLA VA . 42.95 -15.79 4.76
C4A CLA VA . 41.99 -15.87 3.62
CMA CLA VA . 44.27 -16.42 4.36
CAA CLA VA . 42.58 -13.86 6.28
CBA CLA VA . 41.15 -14.32 6.53
CGA CLA VA . 40.73 -13.80 7.88
O1A CLA VA . 40.87 -12.64 8.23
O2A CLA VA . 40.20 -14.52 8.85
NB CLA VA . 40.00 -16.53 1.36
C1B CLA VA . 40.67 -17.43 2.10
C2B CLA VA . 40.36 -18.84 1.77
C3B CLA VA . 39.41 -18.69 0.68
C4B CLA VA . 39.23 -17.22 0.47
CMB CLA VA . 40.90 -20.11 2.38
CAB CLA VA . 38.78 -19.83 -0.04
CBB CLA VA . 37.94 -19.71 -1.05
NC CLA VA . 38.76 -14.14 -0.15
C1C CLA VA . 38.14 -15.11 -0.83
C2C CLA VA . 37.22 -14.67 -1.90
C3C CLA VA . 37.34 -13.22 -1.81
C4C CLA VA . 38.31 -12.99 -0.71
CMC CLA VA . 36.38 -15.51 -2.83
CAC CLA VA . 36.64 -12.18 -2.65
CBC CLA VA . 37.26 -12.13 -4.03
ND CLA VA . 40.23 -12.47 1.49
C1D CLA VA . 39.73 -11.43 0.83
C2D CLA VA . 40.22 -10.08 1.28
C3D CLA VA . 41.12 -10.53 2.35
C4D CLA VA . 41.08 -11.86 2.42
CMD CLA VA . 40.05 -8.62 0.96
CAD CLA VA . 42.03 -9.95 3.37
OBD CLA VA . 42.34 -8.71 3.49
CBD CLA VA . 42.59 -11.08 4.18
CGD CLA VA . 44.10 -11.04 4.15
O1D CLA VA . 44.77 -11.78 4.83
O2D CLA VA . 44.82 -10.09 3.30
CED CLA VA . 46.17 -10.41 2.96
C1 CLA VA . 39.20 -15.73 8.53
C2 CLA VA . 37.78 -15.50 8.04
C3 CLA VA . 36.84 -16.42 8.27
C4 CLA VA . 37.18 -17.68 9.01
C5 CLA VA . 35.43 -16.20 7.79
C6 CLA VA . 35.10 -17.25 6.73
C7 CLA VA . 33.65 -17.71 6.85
C8 CLA VA . 33.03 -17.92 5.47
C9 CLA VA . 33.07 -16.63 4.66
C10 CLA VA . 31.60 -18.42 5.63
C11 CLA VA . 31.52 -19.93 5.43
C12 CLA VA . 30.58 -20.28 4.28
C13 CLA VA . 30.99 -21.58 3.61
C14 CLA VA . 32.45 -21.54 3.18
MG CLA WA . 38.47 -2.74 5.37
CHA CLA WA . 37.07 0.17 6.86
CHB CLA WA . 36.10 -4.52 7.13
CHC CLA WA . 39.42 -5.39 3.55
CHD CLA WA . 40.41 -0.60 3.22
NA CLA WA . 36.77 -2.26 6.82
C1A CLA WA . 36.42 -1.12 7.29
C2A CLA WA . 35.35 -1.17 8.35
C3A CLA WA . 35.04 -2.69 8.39
C4A CLA WA . 36.03 -3.20 7.38
CMA CLA WA . 35.29 -3.31 9.76
CAA CLA WA . 34.11 -0.41 7.91
CBA CLA WA . 32.92 -0.69 8.81
CGA CLA WA . 31.94 0.46 8.70
O1A CLA WA . 31.53 0.92 7.65
O2A CLA WA . 31.44 1.11 9.74
NB CLA WA . 37.81 -4.67 5.33
C1B CLA WA . 36.94 -5.27 6.18
C2B CLA WA . 36.89 -6.75 6.02
C3B CLA WA . 37.88 -6.98 4.97
C4B CLA WA . 38.40 -5.63 4.59
CMB CLA WA . 36.04 -7.74 6.79
CAB CLA WA . 38.33 -8.24 4.33
CBB CLA WA . 38.32 -9.39 4.95
NC CLA WA . 39.67 -2.94 3.59
C1C CLA WA . 40.04 -4.12 3.11
C2C CLA WA . 41.13 -4.11 2.09
C3C CLA WA . 41.39 -2.67 1.99
C4C CLA WA . 40.45 -2.04 2.95
CMC CLA WA . 41.76 -5.25 1.36
CAC CLA WA . 42.41 -1.99 1.11
CBC CLA WA . 41.75 -1.18 0.02
ND CLA WA . 38.74 -0.74 4.98
C1D CLA WA . 39.52 0.03 4.21
C2D CLA WA . 39.41 1.50 4.46
C3D CLA WA . 38.41 1.47 5.52
C4D CLA WA . 38.08 0.20 5.78
CMD CLA WA . 39.99 2.79 3.94
CAD CLA WA . 37.68 2.41 6.40
OBD CLA WA . 38.05 3.61 6.63
CBD CLA WA . 36.86 1.59 7.34
CGD CLA WA . 37.42 1.84 8.72
O1D CLA WA . 37.08 2.84 9.33
O2D CLA WA . 38.37 0.95 9.34
CED CLA WA . 38.70 1.16 10.72
C1 CLA WA . 31.53 2.71 9.83
C2 CLA WA . 32.57 3.48 9.04
C3 CLA WA . 33.53 4.16 9.67
C4 CLA WA . 33.60 4.13 11.17
C5 CLA WA . 34.57 4.93 8.89
C6 CLA WA . 34.45 4.67 7.40
C7 CLA WA . 35.50 5.48 6.64
C8 CLA WA . 35.22 5.58 5.14
C9 CLA WA . 33.75 5.92 4.87
C10 CLA WA . 35.62 4.29 4.43
C11 CLA WA . 35.70 4.52 2.92
C12 CLA WA . 36.52 3.43 2.23
C13 CLA WA . 37.76 3.99 1.53
C14 CLA WA . 37.51 5.40 0.99
C15 CLA WA . 38.21 3.03 0.44
C16 CLA WA . 38.99 3.73 -0.67
C17 CLA WA . 38.39 3.42 -2.04
C18 CLA WA . 38.66 4.51 -3.06
C19 CLA WA . 37.64 4.44 -4.20
C20 CLA WA . 38.66 5.89 -2.43
MG CLA XA . 24.43 -13.68 9.85
CHA CLA XA . 24.37 -14.35 13.32
CHB CLA XA . 27.40 -15.43 9.78
CHC CLA XA . 24.19 -13.57 6.51
CHD CLA XA . 21.08 -12.39 10.12
NA CLA XA . 25.75 -14.78 11.35
C1A CLA XA . 25.58 -14.89 12.62
C2A CLA XA . 26.73 -15.55 13.34
C3A CLA XA . 27.67 -15.86 12.18
C4A CLA XA . 26.90 -15.34 11.03
CMA CLA XA . 28.97 -15.07 12.33
CAA CLA XA . 26.26 -16.87 13.96
CBA CLA XA . 27.35 -17.94 14.01
CGA CLA XA . 26.73 -19.26 14.38
O1A CLA XA . 25.92 -19.86 13.71
O2A CLA XA . 26.99 -19.93 15.50
NB CLA XA . 25.62 -14.45 8.36
C1B CLA XA . 26.83 -15.00 8.49
C2B CLA XA . 27.55 -15.19 7.19
C3B CLA XA . 26.58 -14.62 6.25
C4B CLA XA . 25.41 -14.20 7.06
CMB CLA XA . 28.91 -15.78 6.95
CAB CLA XA . 26.66 -14.49 4.77
CBB CLA XA . 27.26 -15.40 4.03
NC CLA XA . 22.85 -13.09 8.53
C1C CLA XA . 22.99 -13.05 7.19
C2C CLA XA . 21.86 -12.45 6.44
C3C CLA XA . 20.94 -12.10 7.53
C4C CLA XA . 21.65 -12.53 8.76
CMC CLA XA . 21.70 -12.26 4.97
CAC CLA XA . 19.59 -11.44 7.42
CBC CLA XA . 18.52 -12.49 7.56
ND CLA XA . 22.96 -13.44 11.26
C1D CLA XA . 21.75 -12.86 11.34
C2D CLA XA . 21.20 -12.73 12.73
C3D CLA XA . 22.31 -13.36 13.48
C4D CLA XA . 23.25 -13.73 12.59
CMD CLA XA . 19.96 -12.21 13.42
CAD CLA XA . 22.70 -13.71 14.85
OBD CLA XA . 22.11 -13.30 15.92
CBD CLA XA . 24.06 -14.30 14.80
CGD CLA XA . 25.03 -13.38 15.47
O1D CLA XA . 25.58 -12.48 14.85
O2D CLA XA . 25.30 -13.51 16.90
CED CLA XA . 25.02 -12.43 17.79
C1 CLA XA . 27.73 -21.34 15.53
C2 CLA XA . 29.23 -21.46 15.62
C3 CLA XA . 29.83 -22.66 15.58
C4 CLA XA . 29.00 -23.91 15.45
C5 CLA XA . 31.33 -22.75 15.67
C6 CLA XA . 31.86 -21.71 16.64
C7 CLA XA . 33.22 -22.10 17.20
C8 CLA XA . 34.34 -21.44 16.40
C9 CLA XA . 35.63 -22.25 16.49
C10 CLA XA . 34.55 -20.02 16.91
MG CLA YA . 29.30 -13.68 22.00
CHA CLA YA . 29.00 -14.39 18.66
CHB CLA YA . 32.42 -12.72 21.35
CHC CLA YA . 29.43 -12.99 25.22
CHD CLA YA . 25.85 -14.73 22.43
NA CLA YA . 30.60 -13.55 20.18
C1A CLA YA . 30.32 -13.87 19.01
C2A CLA YA . 31.44 -13.70 18.04
C3A CLA YA . 32.52 -13.15 18.95
C4A CLA YA . 31.82 -13.14 20.24
CMA CLA YA . 33.67 -14.13 19.05
CAA CLA YA . 31.13 -12.71 16.94
CBA CLA YA . 32.40 -12.33 16.17
CGA CLA YA . 32.08 -12.13 14.71
O1A CLA YA . 31.11 -12.61 14.17
O2A CLA YA . 32.80 -11.51 13.81
NB CLA YA . 30.76 -12.93 23.16
C1B CLA YA . 31.96 -12.61 22.74
C2B CLA YA . 32.82 -12.11 23.83
C3B CLA YA . 31.92 -12.20 24.96
C4B CLA YA . 30.65 -12.73 24.45
CMB CLA YA . 34.24 -11.64 23.77
CAB CLA YA . 32.19 -11.85 26.35
CBB CLA YA . 32.83 -12.72 27.09
NC CLA YA . 27.85 -13.84 23.55
C1C CLA YA . 28.12 -13.51 24.80
C2C CLA YA . 27.02 -13.69 25.76
C3C CLA YA . 25.99 -14.21 24.89
C4C CLA YA . 26.59 -14.26 23.58
CMC CLA YA . 26.99 -13.44 27.23
CAC CLA YA . 24.59 -14.64 25.24
CBC CLA YA . 24.70 -15.82 26.15
ND CLA YA . 27.71 -14.39 20.97
C1D CLA YA . 26.47 -14.78 21.14
C2D CLA YA . 25.78 -15.25 19.95
C3D CLA YA . 26.87 -15.06 19.00
C4D CLA YA . 27.92 -14.58 19.62
CMD CLA YA . 24.44 -15.78 19.58
CAD CLA YA . 27.14 -15.25 17.58
OBD CLA YA . 26.68 -16.28 17.02
CBD CLA YA . 28.54 -14.83 17.32
CGD CLA YA . 29.36 -16.02 17.03
O1D CLA YA . 29.05 -17.14 17.34
O2D CLA YA . 30.62 -15.85 16.36
CED CLA YA . 31.03 -16.82 15.41
C1 CLA YA . 33.50 -10.10 14.03
C2 CLA YA . 32.97 -8.82 13.43
C3 CLA YA . 33.81 -7.82 13.17
C4 CLA YA . 33.31 -6.54 12.60
C5 CLA YA . 35.28 -7.94 13.46
C6 CLA YA . 36.10 -8.48 12.29
C7 CLA YA . 36.93 -7.42 11.58
C8 CLA YA . 38.23 -7.13 12.32
C9 CLA YA . 39.25 -8.25 12.23
C10 CLA YA . 37.88 -6.82 13.78
MG CLA ZA . 13.72 1.63 15.83
CHA CLA ZA . 14.35 4.65 17.56
CHB CLA ZA . 12.43 0.46 18.81
CHC CLA ZA . 12.51 -0.97 14.07
CHD CLA ZA . 14.67 3.25 12.78
NA CLA ZA . 13.41 2.43 17.95
C1A CLA ZA . 13.78 3.56 18.42
C2A CLA ZA . 13.65 3.67 19.92
C3A CLA ZA . 13.05 2.32 20.27
C4A CLA ZA . 12.94 1.69 18.93
CMA CLA ZA . 14.08 1.54 21.09
CAA CLA ZA . 12.65 4.73 20.37
CBA CLA ZA . 11.32 4.60 19.64
CGA CLA ZA . 11.34 5.61 18.53
O1A CLA ZA . 11.56 6.81 18.70
O2A CLA ZA . 11.14 5.35 17.26
NB CLA ZA . 12.59 -0.01 16.37
C1B CLA ZA . 12.24 -0.37 17.61
C2B CLA ZA . 11.62 -1.73 17.69
C3B CLA ZA . 11.67 -2.13 16.28
C4B CLA ZA . 12.28 -1.01 15.52
CMB CLA ZA . 11.11 -2.46 18.89
CAB CLA ZA . 11.18 -3.40 15.68
CBB CLA ZA . 9.90 -3.66 15.68
NC CLA ZA . 13.57 1.23 13.72
C1C CLA ZA . 13.18 0.06 13.23
C2C CLA ZA . 13.43 -0.15 11.78
C3C CLA ZA . 14.06 1.12 11.40
C4C CLA ZA . 14.11 1.89 12.67
CMC CLA ZA . 13.12 -1.34 10.91
CAC CLA ZA . 14.59 1.52 10.04
CBC CLA ZA . 13.72 2.58 9.42
ND CLA ZA . 14.33 3.46 15.17
C1D CLA ZA . 14.74 4.02 14.02
C2D CLA ZA . 15.24 5.42 14.14
C3D CLA ZA . 15.05 5.60 15.59
C4D CLA ZA . 14.55 4.47 16.10
CMD CLA ZA . 15.78 6.50 13.26
CAD CLA ZA . 15.24 6.62 16.63
OBD CLA ZA . 15.66 7.82 16.44
CBD CLA ZA . 14.76 6.06 17.93
CGD CLA ZA . 15.90 6.10 18.90
O1D CLA ZA . 16.97 5.62 18.59
O2D CLA ZA . 15.73 6.74 20.20
CED CLA ZA . 16.28 8.04 20.42
C1 CLA ZA . 10.38 6.42 16.37
C2 CLA ZA . 9.07 7.01 16.81
C3 CLA ZA . 7.96 6.56 16.21
C4 CLA ZA . 8.05 5.51 15.15
C5 CLA ZA . 6.60 7.09 16.58
C6 CLA ZA . 6.05 7.79 15.35
C7 CLA ZA . 6.83 9.08 15.11
C8 CLA ZA . 6.86 9.48 13.65
C9 CLA ZA . 8.19 10.13 13.33
C10 CLA ZA . 5.72 10.45 13.36
C11 CLA ZA . 4.41 9.75 13.04
C12 CLA ZA . 3.35 10.16 14.06
C13 CLA ZA . 2.30 11.03 13.40
C14 CLA ZA . 2.03 12.29 14.23
C15 CLA ZA . 1.04 10.18 13.20
C16 CLA ZA . -0.20 10.80 13.84
C17 CLA ZA . -1.33 10.91 12.83
C18 CLA ZA . -1.53 12.36 12.38
C19 CLA ZA . -0.52 12.75 11.30
C20 CLA ZA . -2.95 12.58 11.89
MG CLA AB . 22.41 2.33 18.06
CHA CLA AB . 22.84 2.88 21.53
CHB CLA AB . 19.86 4.64 18.25
CHC CLA AB . 22.37 2.24 14.71
CHD CLA AB . 25.41 0.38 18.07
NA CLA AB . 21.45 3.63 19.67
C1A CLA AB . 21.71 3.65 20.92
C2A CLA AB . 20.76 4.49 21.74
C3A CLA AB . 19.82 5.01 20.67
C4A CLA AB . 20.41 4.41 19.44
CMA CLA AB . 18.45 4.40 20.95
CAA CLA AB . 21.49 5.69 22.36
CBA CLA AB . 21.89 6.72 21.33
CGA CLA AB . 23.24 7.25 21.71
O1A CLA AB . 23.80 8.22 21.20
O2A CLA AB . 23.98 6.73 22.68
NB CLA AB . 21.30 3.35 16.67
C1B CLA AB . 20.25 4.15 16.91
C2B CLA AB . 19.50 4.53 15.68
C3B CLA AB . 20.25 3.82 14.64
C4B CLA AB . 21.35 3.10 15.35
CMB CLA AB . 18.30 5.42 15.55
CAB CLA AB . 19.96 3.82 13.19
CBB CLA AB . 20.88 4.02 12.29
NC CLA AB . 23.75 1.49 16.61
C1C CLA AB . 23.49 1.47 15.29
C2C CLA AB . 24.38 0.63 14.47
C3C CLA AB . 25.29 0.08 15.47
C4C CLA AB . 24.81 0.68 16.76
CMC CLA AB . 24.36 0.38 12.99
CAC CLA AB . 26.44 -0.88 15.25
CBC CLA AB . 27.77 -0.22 15.54
ND CLA AB . 23.89 1.76 19.35
C1D CLA AB . 24.94 0.94 19.34
C2D CLA AB . 25.54 0.65 20.68
C3D CLA AB . 24.65 1.46 21.51
C4D CLA AB . 23.75 2.05 20.71
CMD CLA AB . 26.67 -0.15 21.25
CAD CLA AB . 24.42 1.83 22.92
OBD CLA AB . 24.99 1.30 23.95
CBD CLA AB . 23.24 2.76 22.98
CGD CLA AB . 22.11 2.13 23.75
O1D CLA AB . 21.64 1.07 23.39
O2D CLA AB . 21.57 2.78 24.92
CED CLA AB . 21.31 2.03 26.11
C1 CLA AB . 25.55 6.53 22.49
C2 CLA AB . 26.15 5.20 22.10
C3 CLA AB . 26.86 4.53 23.03
C4 CLA AB . 27.00 5.12 24.41
C5 CLA AB . 27.50 3.21 22.71
C6 CLA AB . 28.70 3.44 21.82
C7 CLA AB . 29.67 2.27 21.88
C8 CLA AB . 30.09 1.84 20.48
C9 CLA AB . 30.72 0.46 20.51
C10 CLA AB . 31.06 2.87 19.89
C11 CLA AB . 31.39 2.53 18.45
C12 CLA AB . 31.65 3.79 17.64
C13 CLA AB . 32.29 3.46 16.29
C14 CLA AB . 32.47 4.72 15.45
C15 CLA AB . 31.43 2.44 15.56
C16 CLA AB . 32.26 1.23 15.11
C17 CLA AB . 32.95 1.51 13.77
C18 CLA AB . 33.25 0.23 13.00
C19 CLA AB . 34.38 0.47 11.99
C20 CLA AB . 33.62 -0.93 13.93
MG CLA BB . 21.84 1.77 -1.25
CHA CLA BB . 20.92 2.44 -4.59
CHB CLA BB . 23.93 4.44 -1.47
CHC CLA BB . 22.55 1.14 1.95
CHD CLA BB . 19.46 -0.95 -1.25
NA CLA BB . 22.38 3.29 -2.84
C1A CLA BB . 21.95 3.38 -4.04
C2A CLA BB . 22.55 4.50 -4.83
C3A CLA BB . 23.51 5.10 -3.81
C4A CLA BB . 23.26 4.24 -2.62
CMA CLA BB . 24.95 4.92 -4.26
CAA CLA BB . 21.55 5.60 -5.19
CBA CLA BB . 20.10 5.40 -4.75
CGA CLA BB . 19.54 6.66 -4.12
O1A CLA BB . 19.81 7.80 -4.46
O2A CLA BB . 18.67 6.64 -3.13
NB CLA BB . 23.07 2.70 0.07
C1B CLA BB . 23.87 3.74 -0.16
C2B CLA BB . 24.70 4.14 1.01
C3B CLA BB . 24.27 3.15 1.99
C4B CLA BB . 23.26 2.28 1.33
CMB CLA BB . 25.69 5.25 1.15
CAB CLA BB . 24.72 3.01 3.40
CBB CLA BB . 25.83 2.36 3.67
NC CLA BB . 21.09 0.31 0.13
C1C CLA BB . 21.54 0.22 1.39
C2C CLA BB . 20.95 -0.87 2.20
C3C CLA BB . 20.04 -1.48 1.24
C4C CLA BB . 20.20 -0.69 0.00
CMC CLA BB . 21.22 -1.25 3.63
CAC CLA BB . 19.14 -2.66 1.46
CBC CLA BB . 17.75 -2.14 1.77
ND CLA BB . 20.46 0.87 -2.49
C1D CLA BB . 19.61 -0.16 -2.47
C2D CLA BB . 18.88 -0.41 -3.75
C3D CLA BB . 19.46 0.68 -4.56
C4D CLA BB . 20.33 1.34 -3.79
CMD CLA BB . 17.86 -1.35 -4.31
CAD CLA BB . 19.39 1.26 -5.91
OBD CLA BB . 18.48 0.99 -6.78
CBD CLA BB . 20.33 2.42 -5.98
CGD CLA BB . 21.35 2.14 -7.04
O1D CLA BB . 20.99 1.89 -8.17
O2D CLA BB . 22.76 2.18 -6.74
CED CLA BB . 23.60 3.00 -7.55
C1 CLA BB . 17.15 7.10 -3.35
C2 CLA BB . 16.24 7.39 -2.18
C3 CLA BB . 14.94 7.13 -2.28
C4 CLA BB . 14.35 6.59 -3.55
C5 CLA BB . 14.01 7.37 -1.10
C6 CLA BB . 13.06 6.18 -1.00
C7 CLA BB . 12.10 6.31 0.16
C8 CLA BB . 12.58 5.54 1.39
C9 CLA BB . 13.11 4.16 1.00
C10 CLA BB . 11.45 5.42 2.39
C11 CLA BB . 11.98 5.14 3.79
C12 CLA BB . 10.85 5.03 4.81
C13 CLA BB . 11.21 5.76 6.10
C14 CLA BB . 12.56 5.28 6.63
C15 CLA BB . 10.12 5.55 7.13
C16 CLA BB . 8.79 6.10 6.65
C17 CLA BB . 8.83 7.62 6.56
C18 CLA BB . 7.60 8.17 5.85
C19 CLA BB . 6.33 7.53 6.39
C20 CLA BB . 7.53 9.69 5.98
MG CLA CB . 34.18 -23.38 -3.77
CHA CLA CB . 37.20 -23.77 -5.54
CHB CLA CB . 33.53 -26.65 -4.53
CHC CLA CB . 31.40 -22.98 -1.96
CHD CLA CB . 35.17 -19.99 -2.99
NA CLA CB . 35.24 -25.05 -4.90
C1A CLA CB . 36.35 -25.00 -5.51
C2A CLA CB . 36.74 -26.27 -6.20
C3A CLA CB . 35.55 -27.16 -5.87
C4A CLA CB . 34.70 -26.24 -5.05
CMA CLA CB . 34.78 -27.54 -7.13
CAA CLA CB . 38.02 -26.83 -5.62
CBA CLA CB . 37.97 -26.95 -4.10
CGA CLA CB . 37.58 -28.35 -3.71
O1A CLA CB . 36.51 -28.86 -3.95
O2A CLA CB . 38.36 -29.21 -3.06
NB CLA CB . 32.66 -24.67 -3.30
C1B CLA CB . 32.53 -25.94 -3.71
C2B CLA CB . 31.27 -26.57 -3.23
C3B CLA CB . 30.67 -25.47 -2.48
C4B CLA CB . 31.60 -24.31 -2.58
CMB CLA CB . 30.75 -27.96 -3.45
CAB CLA CB . 29.37 -25.48 -1.75
CBB CLA CB . 29.03 -24.43 -1.03
NC CLA CB . 33.42 -21.73 -2.63
C1C CLA CB . 32.25 -21.77 -2.00
C2C CLA CB . 31.85 -20.52 -1.32
C3C CLA CB . 32.98 -19.65 -1.63
C4C CLA CB . 33.88 -20.48 -2.44
CMC CLA CB . 30.61 -20.22 -0.52
CAC CLA CB . 33.17 -18.21 -1.21
CBC CLA CB . 32.22 -17.34 -2.00
ND CLA CB . 35.74 -22.09 -4.08
C1D CLA CB . 36.07 -20.82 -3.80
C2D CLA CB . 37.37 -20.37 -4.37
C3D CLA CB . 37.76 -21.60 -5.05
C4D CLA CB . 36.81 -22.52 -4.85
CMD CLA CB . 38.24 -19.13 -4.41
CAD CLA CB . 38.85 -22.16 -5.88
OBD CLA CB . 39.78 -21.46 -6.43
CBD CLA CB . 38.52 -23.58 -6.22
CGD CLA CB . 38.34 -23.64 -7.69
O1D CLA CB . 39.30 -23.67 -8.44
O2D CLA CB . 37.00 -23.66 -8.26
CED CLA CB . 36.75 -24.44 -9.43
C1 CLA CB . 38.10 -29.51 -1.52
C2 CLA CB . 38.11 -28.41 -0.49
C3 CLA CB . 38.24 -28.67 0.81
C4 CLA CB . 38.37 -30.09 1.29
C5 CLA CB . 38.27 -27.55 1.81
MG CLA DB . 28.63 -31.86 -2.92
CHA CLA DB . 30.96 -31.53 -5.55
CHB CLA DB . 26.51 -33.21 -5.23
CHC CLA DB . 26.52 -32.26 -0.38
CHD CLA DB . 31.11 -30.51 -0.66
NA CLA DB . 28.71 -32.34 -5.14
C1A CLA DB . 29.66 -32.12 -5.95
C2A CLA DB . 29.37 -32.53 -7.36
C3A CLA DB . 27.95 -33.05 -7.24
C4A CLA DB . 27.69 -32.86 -5.78
CMA CLA DB . 26.99 -32.17 -8.01
CAA CLA DB . 30.26 -33.73 -7.71
CBA CLA DB . 30.10 -34.84 -6.68
CGA CLA DB . 30.69 -36.14 -7.16
O1A CLA DB . 30.30 -36.76 -8.13
O2A CLA DB . 31.68 -36.78 -6.54
NB CLA DB . 26.75 -32.66 -2.82
C1B CLA DB . 26.02 -33.13 -3.84
C2B CLA DB . 24.67 -33.58 -3.42
C3B CLA DB . 24.70 -33.29 -1.99
C4B CLA DB . 26.03 -32.71 -1.70
CMB CLA DB . 23.57 -34.18 -4.25
CAB CLA DB . 23.61 -33.51 -1.02
CBB CLA DB . 23.81 -34.27 0.04
NC CLA DB . 28.81 -31.45 -0.83
C1C CLA DB . 27.81 -31.67 0.04
C2C CLA DB . 28.09 -31.28 1.44
C3C CLA DB . 29.45 -30.77 1.33
C4C CLA DB . 29.80 -30.91 -0.10
CMC CLA DB . 27.20 -31.39 2.65
CAC CLA DB . 30.31 -30.21 2.43
CBC CLA DB . 29.86 -28.81 2.77
ND CLA DB . 30.56 -31.18 -2.94
C1D CLA DB . 31.45 -30.66 -2.09
C2D CLA DB . 32.75 -30.26 -2.70
C3D CLA DB . 32.48 -30.65 -4.09
C4D CLA DB . 31.24 -31.15 -4.15
CMD CLA DB . 34.07 -29.66 -2.29
CAD CLA DB . 33.12 -30.66 -5.43
OBD CLA DB . 34.35 -30.41 -5.66
CBD CLA DB . 32.16 -31.23 -6.41
CGD CLA DB . 31.83 -30.22 -7.47
O1D CLA DB . 32.20 -30.36 -8.61
O2D CLA DB . 31.06 -29.03 -7.11
CED CLA DB . 29.86 -28.73 -7.80
C1 CLA DB . 31.39 -37.67 -5.26
MG CLA EB . 16.01 -36.87 6.96
CHA CLA EB . 16.37 -35.59 3.72
CHB CLA EB . 12.71 -37.20 6.28
CHC CLA EB . 15.76 -38.24 10.00
CHD CLA EB . 19.54 -36.58 7.39
NA CLA EB . 14.67 -36.45 5.19
C1A CLA EB . 14.97 -35.95 4.07
C2A CLA EB . 13.82 -35.74 3.15
C3A CLA EB . 12.68 -36.28 4.00
C4A CLA EB . 13.39 -36.68 5.24
CMA CLA EB . 11.74 -35.15 4.41
CAA CLA EB . 13.95 -36.59 1.89
CBA CLA EB . 12.74 -36.37 1.02
CGA CLA EB . 13.06 -35.23 0.10
O1A CLA EB . 13.69 -34.25 0.41
O2A CLA EB . 12.72 -35.15 -1.15
NB CLA EB . 14.44 -37.63 7.98
C1B CLA EB . 13.17 -37.67 7.60
C2B CLA EB . 12.26 -38.22 8.62
C3B CLA EB . 13.20 -38.52 9.69
C4B CLA EB . 14.52 -38.11 9.22
CMB CLA EB . 10.78 -38.43 8.56
CAB CLA EB . 12.92 -39.11 11.01
CBB CLA EB . 13.08 -40.40 11.14
NC CLA EB . 17.45 -37.35 8.45
C1C CLA EB . 17.13 -37.87 9.63
C2C CLA EB . 18.25 -38.07 10.56
C3C CLA EB . 19.37 -37.57 9.78
C4C CLA EB . 18.78 -37.15 8.50
CMC CLA EB . 18.21 -38.63 11.95
CAC CLA EB . 20.81 -37.50 10.19
CBC CLA EB . 20.92 -36.62 11.41
ND CLA EB . 17.67 -36.29 5.91
C1D CLA EB . 18.96 -36.17 6.11
C2D CLA EB . 19.72 -35.57 4.98
C3D CLA EB . 18.61 -35.37 4.04
C4D CLA EB . 17.49 -35.79 4.63
CMD CLA EB . 21.14 -35.22 4.67
CAD CLA EB . 18.31 -34.86 2.69
OBD CLA EB . 19.11 -34.21 1.95
CBD CLA EB . 16.86 -34.99 2.44
CGD CLA EB . 16.29 -33.63 2.31
O1D CLA EB . 16.17 -32.93 3.28
O2D CLA EB . 15.86 -33.08 1.05
CED CLA EB . 16.36 -31.82 0.66
C1 CLA EB . 12.08 -33.79 -1.71
C2 CLA EB . 10.58 -33.62 -1.76
C3 CLA EB . 10.04 -32.64 -2.47
C4 CLA EB . 10.90 -31.68 -3.21
C5 CLA EB . 8.54 -32.52 -2.51
C6 CLA EB . 8.05 -32.56 -3.95
C7 CLA EB . 6.63 -32.06 -4.02
C8 CLA EB . 5.64 -33.10 -3.55
C9 CLA EB . 5.86 -33.44 -2.09
C10 CLA EB . 5.79 -34.33 -4.42
C11 CLA EB . 5.58 -33.95 -5.87
C12 CLA EB . 5.06 -35.16 -6.65
C13 CLA EB . 5.31 -35.04 -8.14
C14 CLA EB . 6.64 -34.40 -8.48
C15 CLA EB . 4.15 -34.28 -8.77
C16 CLA EB . 3.93 -34.76 -10.18
C17 CLA EB . 2.94 -33.86 -10.90
C18 CLA EB . 2.19 -34.63 -11.97
C19 CLA EB . 1.12 -33.77 -12.61
C20 CLA EB . 3.17 -35.13 -13.01
MG CLA FB . 6.57 -36.90 11.08
CHA CLA FB . 5.85 -39.96 12.59
CHB CLA FB . 9.86 -37.54 11.84
CHC CLA FB . 7.25 -34.09 9.50
CHD CLA FB . 3.11 -36.54 10.26
NA CLA FB . 7.73 -38.56 12.09
C1A CLA FB . 7.28 -39.60 12.61
C2A CLA FB . 8.32 -40.47 13.23
C3A CLA FB . 9.57 -39.67 12.99
C4A CLA FB . 9.02 -38.51 12.26
CMA CLA FB . 10.10 -39.12 14.30
CAA CLA FB . 8.51 -41.74 12.42
CBA CLA FB . 8.37 -41.60 10.90
CGA CLA FB . 9.24 -42.56 10.14
O1A CLA FB . 8.87 -43.37 9.33
O2A CLA FB . 10.54 -42.63 10.24
NB CLA FB . 8.35 -35.96 10.70
C1B CLA FB . 9.56 -36.32 11.10
C2B CLA FB . 10.61 -35.35 10.72
C3B CLA FB . 9.82 -34.35 10.02
C4B CLA FB . 8.41 -34.80 10.07
CMB CLA FB . 12.08 -35.39 10.96
CAB CLA FB . 10.29 -33.11 9.39
CBB CLA FB . 10.46 -33.09 8.09
NC CLA FB . 5.33 -35.52 10.01
C1C CLA FB . 5.81 -34.42 9.47
C2C CLA FB . 4.82 -33.54 8.84
C3C CLA FB . 3.59 -34.27 9.06
C4C CLA FB . 4.01 -35.47 9.80
CMC CLA FB . 5.02 -32.24 8.12
CAC CLA FB . 2.22 -33.84 8.63
CBC CLA FB . 1.49 -34.98 7.94
ND CLA FB . 4.82 -37.91 11.28
C1D CLA FB . 3.54 -37.73 11.00
C2D CLA FB . 2.64 -38.81 11.47
C3D CLA FB . 3.65 -39.68 12.11
C4D CLA FB . 4.84 -39.11 11.96
CMD CLA FB . 1.19 -39.15 11.44
CAD CLA FB . 3.77 -40.95 12.84
OBD CLA FB . 2.84 -41.79 13.07
CBD CLA FB . 5.19 -41.17 13.17
CGD CLA FB . 5.32 -41.12 14.64
O1D CLA FB . 6.20 -40.52 15.21
O2D CLA FB . 4.34 -41.82 15.43
CED CLA FB . 4.40 -41.69 16.84
C1 CLA FB . 11.40 -42.34 8.95
C2 CLA FB . 11.60 -43.33 7.83
C3 CLA FB . 12.71 -43.30 7.10
C4 CLA FB . 12.89 -44.29 5.99
C5 CLA FB . 13.79 -42.30 7.40
C6 CLA FB . 14.91 -42.31 6.38
C7 CLA FB . 15.71 -41.03 6.54
C8 CLA FB . 17.17 -41.33 6.80
C9 CLA FB . 17.50 -41.08 8.25
C10 CLA FB . 18.04 -40.45 5.91
C11 CLA FB . 19.50 -40.50 6.30
C12 CLA FB . 20.32 -39.50 5.49
C13 CLA FB . 21.77 -39.94 5.33
C14 CLA FB . 22.70 -38.99 6.07
C15 CLA FB . 22.10 -40.03 3.85
C16 CLA FB . 23.58 -39.87 3.52
C17 CLA FB . 24.42 -40.85 4.32
C18 CLA FB . 25.73 -41.18 3.63
C19 CLA FB . 26.83 -41.31 4.67
C20 CLA FB . 25.63 -42.45 2.82
MG CLA GB . 34.22 -19.86 24.72
CHA CLA GB . 35.78 -18.08 27.29
CHB CLA GB . 32.79 -16.93 23.81
CHC CLA GB . 32.87 -21.57 22.21
CHD CLA GB . 35.96 -22.81 25.80
NA CLA GB . 34.28 -17.73 25.45
C1A CLA GB . 34.90 -17.25 26.44
C2A CLA GB . 34.67 -15.80 26.67
C3A CLA GB . 33.70 -15.50 25.55
C4A CLA GB . 33.58 -16.80 24.88
CMA CLA GB . 32.31 -15.34 26.14
CAA CLA GB . 35.96 -15.04 26.38
CBA CLA GB . 36.49 -15.37 25.00
CGA CLA GB . 37.90 -14.86 24.81
O1A CLA GB . 38.68 -14.67 25.71
O2A CLA GB . 38.45 -14.59 23.64
NB CLA GB . 32.99 -19.30 23.19
C1B CLA GB . 32.48 -18.10 22.97
C2B CLA GB . 31.57 -18.05 21.80
C3B CLA GB . 31.61 -19.43 21.36
C4B CLA GB . 32.52 -20.15 22.28
CMB CLA GB . 30.80 -16.89 21.22
CAB CLA GB . 30.89 -20.03 20.21
CBB CLA GB . 29.86 -20.78 20.44
NC CLA GB . 34.43 -21.89 24.10
C1C CLA GB . 33.76 -22.39 23.06
C2C CLA GB . 33.95 -23.81 22.80
C3C CLA GB . 34.88 -24.17 23.86
C4C CLA GB . 35.10 -22.92 24.61
CMC CLA GB . 33.38 -24.67 21.72
CAC CLA GB . 35.48 -25.51 24.14
CBC CLA GB . 36.80 -25.51 23.38
ND CLA GB . 35.56 -20.46 26.13
C1D CLA GB . 36.17 -21.57 26.53
C2D CLA GB . 37.04 -21.41 27.74
C3D CLA GB . 36.83 -19.98 27.99
C4D CLA GB . 36.00 -19.51 27.06
CMD CLA GB . 37.92 -22.25 28.61
CAD CLA GB . 37.23 -18.91 28.92
OBD CLA GB . 37.43 -19.15 30.16
CBD CLA GB . 36.58 -17.64 28.48
CGD CLA GB . 35.70 -17.06 29.53
O1D CLA GB . 34.66 -17.58 29.87
O2D CLA GB . 36.08 -15.83 30.17
CED CLA GB . 35.90 -15.70 31.57
C1 CLA GB . 38.47 -13.10 23.05
MG CLA HB . 42.43 -18.79 29.82
CHA CLA HB . 43.50 -15.81 31.37
CHB CLA HB . 40.65 -16.77 27.65
CHC CLA HB . 41.90 -21.56 27.99
CHD CLA HB . 44.80 -20.61 31.84
NA CLA HB . 42.11 -16.55 29.51
C1A CLA HB . 42.56 -15.59 30.22
C2A CLA HB . 42.01 -14.24 29.87
C3A CLA HB . 41.11 -14.58 28.69
C4A CLA HB . 41.30 -16.06 28.59
CMA CLA HB . 39.64 -14.28 29.00
CAA CLA HB . 43.07 -13.23 29.44
CBA CLA HB . 43.99 -13.75 28.33
CGA CLA HB . 45.13 -12.78 28.15
O1A CLA HB . 45.93 -12.48 29.01
O2A CLA HB . 45.36 -12.11 27.03
NB CLA HB . 41.45 -19.10 28.04
C1B CLA HB . 40.69 -18.22 27.36
C2B CLA HB . 39.90 -18.85 26.26
C3B CLA HB . 40.28 -20.26 26.39
C4B CLA HB . 41.25 -20.32 27.51
CMB CLA HB . 38.95 -18.21 25.28
CAB CLA HB . 39.82 -21.40 25.57
CBB CLA HB . 40.66 -22.11 24.86
NC CLA HB . 43.28 -20.76 29.87
C1C CLA HB . 42.84 -21.77 29.11
C2C CLA HB . 43.33 -23.13 29.46
C3C CLA HB . 44.21 -22.82 30.59
C4C CLA HB . 44.10 -21.35 30.76
CMC CLA HB . 43.03 -24.45 28.82
CAC CLA HB . 45.02 -23.80 31.41
CBC CLA HB . 46.46 -23.79 30.93
ND CLA HB . 43.88 -18.43 31.22
C1D CLA HB . 44.68 -19.15 32.02
C2D CLA HB . 45.41 -18.36 33.07
C3D CLA HB . 44.88 -17.03 32.74
C4D CLA HB . 44.04 -17.14 31.71
CMD CLA HB . 46.39 -18.58 34.19
CAD CLA HB . 44.99 -15.62 33.18
OBD CLA HB . 45.92 -15.14 33.93
CBD CLA HB . 44.02 -14.81 32.38
CGD CLA HB . 42.89 -14.37 33.25
O1D CLA HB . 42.43 -15.13 34.09
O2D CLA HB . 42.33 -13.04 33.14
CED CLA HB . 42.01 -12.29 34.31
C1 CLA HB . 44.67 -12.56 25.66
MG CLA IB . 21.71 -17.77 20.47
CHA CLA IB . 23.92 -19.81 22.33
CHB CLA IB . 23.49 -18.77 17.68
CHC CLA IB . 19.31 -16.30 18.67
CHD CLA IB . 19.74 -17.33 23.45
NA CLA IB . 23.48 -19.14 20.03
C1A CLA IB . 24.21 -19.78 20.86
C2A CLA IB . 25.42 -20.43 20.26
C3A CLA IB . 25.26 -20.07 18.79
C4A CLA IB . 23.99 -19.29 18.82
CMA CLA IB . 26.38 -19.12 18.41
CAA CLA IB . 25.42 -21.95 20.40
CBA CLA IB . 26.71 -22.50 19.81
CGA CLA IB . 27.05 -23.85 20.41
O1A CLA IB . 26.26 -24.77 20.55
O2A CLA IB . 28.25 -24.18 20.82
NB CLA IB . 21.42 -17.61 18.45
C1B CLA IB . 22.26 -17.97 17.47
C2B CLA IB . 21.85 -17.49 16.12
C3B CLA IB . 20.62 -16.76 16.44
C4B CLA IB . 20.42 -16.89 17.90
CMB CLA IB . 22.51 -17.69 14.78
CAB CLA IB . 19.72 -16.05 15.50
CBB CLA IB . 19.40 -14.79 15.67
NC CLA IB . 19.76 -17.04 20.98
C1C CLA IB . 19.02 -16.32 20.12
C2C CLA IB . 17.91 -15.54 20.69
C3C CLA IB . 18.03 -15.88 22.11
C4C CLA IB . 19.19 -16.80 22.18
CMC CLA IB . 16.94 -14.63 19.98
CAC CLA IB . 17.19 -15.40 23.27
CBC CLA IB . 17.76 -14.11 23.81
ND CLA IB . 21.65 -18.42 22.42
C1D CLA IB . 20.98 -18.12 23.54
C2D CLA IB . 21.58 -18.62 24.81
C3D CLA IB . 22.75 -19.30 24.25
C4D CLA IB . 22.73 -19.14 22.91
CMD CLA IB . 21.30 -18.61 26.29
CAD CLA IB . 23.94 -20.07 24.67
OBD CLA IB . 24.54 -19.83 25.78
CBD CLA IB . 24.68 -20.49 23.45
CGD CLA IB . 26.07 -19.95 23.52
O1D CLA IB . 27.02 -20.70 23.64
O2D CLA IB . 26.32 -18.51 23.44
CED CLA IB . 27.37 -18.03 22.61
C1 CLA IB . 29.38 -24.61 19.75
C2 CLA IB . 29.40 -25.98 19.15
C3 CLA IB . 30.52 -26.46 18.58
C4 CLA IB . 31.75 -25.62 18.54
C5 CLA IB . 30.52 -27.85 17.98
C6 CLA IB . 30.69 -27.73 16.46
MG CLA JB . 22.43 -28.22 14.37
CHA CLA JB . 23.16 -26.64 17.45
CHB CLA JB . 22.99 -25.15 12.90
CHC CLA JB . 22.32 -29.82 11.42
CHD CLA JB . 22.49 -31.38 16.08
NA CLA JB . 23.03 -26.13 15.06
C1A CLA JB . 23.22 -25.72 16.27
C2A CLA JB . 23.47 -24.23 16.38
C3A CLA JB . 23.38 -23.80 14.92
C4A CLA JB . 23.13 -25.10 14.23
CMA CLA JB . 22.20 -22.87 14.71
CAA CLA JB . 24.89 -23.82 16.80
CBA CLA JB . 25.88 -24.86 17.34
CGA CLA JB . 26.27 -25.93 16.36
O1A CLA JB . 26.14 -25.87 15.15
O2A CLA JB . 26.86 -27.06 16.72
NB CLA JB . 22.67 -27.56 12.44
C1B CLA JB . 22.76 -26.29 12.00
C2B CLA JB . 22.63 -26.15 10.53
C3B CLA JB . 22.43 -27.54 10.12
C4B CLA JB . 22.47 -28.35 11.37
CMB CLA JB . 22.68 -24.91 9.68
CAB CLA JB . 22.23 -28.07 8.75
CBB CLA JB . 23.09 -28.89 8.21
NC CLA JB . 22.43 -30.30 13.85
C1C CLA JB . 22.29 -30.74 12.59
C2C CLA JB . 22.10 -32.19 12.43
C3C CLA JB . 22.15 -32.65 13.82
C4C CLA JB . 22.35 -31.41 14.60
CMC CLA JB . 21.92 -32.99 11.17
CAC CLA JB . 22.02 -34.06 14.36
CBC CLA JB . 20.60 -34.31 14.81
ND CLA JB . 22.79 -28.99 16.24
C1D CLA JB . 22.71 -30.17 16.86
C2D CLA JB . 22.83 -30.11 18.35
C3D CLA JB . 23.02 -28.67 18.51
C4D CLA JB . 22.98 -28.10 17.30
CMD CLA JB . 22.83 -31.06 19.53
CAD CLA JB . 23.23 -27.64 19.57
OBD CLA JB . 23.28 -27.87 20.83
CBD CLA JB . 23.22 -26.29 18.92
CGD CLA JB . 21.97 -25.56 19.29
O1D CLA JB . 20.89 -26.12 19.26
O2D CLA JB . 22.03 -24.16 19.69
CED CLA JB . 21.18 -23.68 20.72
C1 CLA JB . 27.17 -28.18 15.63
C2 CLA JB . 26.25 -29.35 15.39
C3 CLA JB . 26.53 -30.19 14.39
C4 CLA JB . 25.64 -31.38 14.12
C5 CLA JB . 27.75 -29.93 13.54
C6 CLA JB . 27.83 -30.91 12.39
C7 CLA JB . 27.10 -30.39 11.17
C8 CLA JB . 27.16 -31.42 10.05
C9 CLA JB . 27.89 -30.79 8.87
C10 CLA JB . 25.76 -31.88 9.68
C11 CLA JB . 25.75 -32.76 8.42
C12 CLA JB . 24.53 -32.44 7.56
C13 CLA JB . 23.93 -33.70 6.92
C14 CLA JB . 24.06 -34.91 7.83
C15 CLA JB . 24.54 -33.91 5.54
C16 CLA JB . 25.26 -35.24 5.39
C17 CLA JB . 26.24 -35.21 4.22
C18 CLA JB . 25.85 -36.22 3.15
C19 CLA JB . 24.53 -35.86 2.49
C20 CLA JB . 26.95 -36.34 2.09
MG CLA KB . 25.95 -23.22 6.16
CHA CLA KB . 25.96 -21.83 9.43
CHB CLA KB . 26.27 -19.98 5.03
CHC CLA KB . 26.52 -24.55 3.14
CHD CLA KB . 26.18 -26.49 7.64
NA CLA KB . 26.11 -21.14 7.09
C1A CLA KB . 26.05 -20.82 8.33
C2A CLA KB . 25.99 -19.33 8.57
C3A CLA KB . 26.11 -18.78 7.15
C4A CLA KB . 26.18 -20.05 6.36
CMA CLA KB . 24.85 -18.00 6.77
CAA CLA KB . 27.16 -18.84 9.41
CBA CLA KB . 28.51 -19.06 8.74
CGA CLA KB . 29.51 -18.63 9.77
O1A CLA KB . 29.41 -18.96 10.94
O2A CLA KB . 30.55 -17.84 9.54
NB CLA KB . 26.38 -22.37 4.34
C1B CLA KB . 26.36 -21.06 4.02
C2B CLA KB . 26.45 -20.80 2.56
C3B CLA KB . 26.52 -22.15 2.02
C4B CLA KB . 26.46 -23.08 3.20
CMB CLA KB . 26.46 -19.48 1.84
CAB CLA KB . 26.63 -22.46 0.57
CBB CLA KB . 26.55 -23.66 0.04
NC CLA KB . 26.35 -25.23 5.51
C1C CLA KB . 26.42 -25.56 4.22
C2C CLA KB . 26.41 -27.01 3.93
C3C CLA KB . 26.32 -27.57 5.26
C4C CLA KB . 26.28 -26.40 6.17
CMC CLA KB . 26.48 -27.71 2.60
CAC CLA KB . 26.27 -29.03 5.63
CBC CLA KB . 27.69 -29.53 5.67
ND CLA KB . 26.09 -24.09 8.02
C1D CLA KB . 26.12 -25.33 8.54
C2D CLA KB . 26.07 -25.40 10.03
C3D CLA KB . 26.01 -23.96 10.33
C4D CLA KB . 26.02 -23.29 9.15
CMD CLA KB . 26.07 -26.43 11.13
CAD CLA KB . 25.95 -23.02 11.46
OBD CLA KB . 25.97 -23.34 12.71
CBD CLA KB . 25.79 -21.63 10.92
CGD CLA KB . 24.41 -21.15 11.26
O1D CLA KB . 23.68 -21.82 11.97
O2D CLA KB . 23.91 -19.89 10.74
CED CLA KB . 23.76 -18.76 11.59
C1 CLA KB . 31.95 -18.09 10.28
C2 CLA KB . 32.01 -18.24 11.78
C3 CLA KB . 32.94 -19.01 12.35
C4 CLA KB . 32.96 -19.15 13.85
C5 CLA KB . 33.93 -19.76 11.49
C6 CLA KB . 34.94 -20.47 12.38
C7 CLA KB . 36.27 -19.73 12.39
C8 CLA KB . 37.42 -20.68 12.72
C9 CLA KB . 38.76 -20.05 12.41
C10 CLA KB . 37.24 -21.99 11.93
MG CLA LB . -8.98 14.38 -10.58
CHA CLA LB . -11.60 12.00 -10.91
CHB CLA LB . -11.40 16.78 -11.06
CHC CLA LB . -6.65 16.64 -9.72
CHD CLA LB . -6.79 11.72 -9.59
NA CLA LB . -11.23 14.41 -10.94
C1A CLA LB . -12.03 13.42 -11.08
C2A CLA LB . -13.43 13.81 -11.47
C3A CLA LB . -13.31 15.33 -11.52
C4A CLA LB . -11.89 15.53 -11.14
CMA CLA LB . -13.46 15.82 -12.96
CAA CLA LB . -14.43 13.40 -10.39
CBA CLA LB . -14.35 14.23 -9.12
CGA CLA LB . -13.29 13.66 -8.21
O1A CLA LB . -13.00 12.48 -8.16
O2A CLA LB . -12.57 14.38 -7.37
NB CLA LB . -9.05 16.43 -10.38
C1B CLA LB . -10.04 17.25 -10.71
C2B CLA LB . -9.68 18.70 -10.68
C3B CLA LB . -8.27 18.62 -10.29
C4B CLA LB . -7.96 17.18 -10.13
CMB CLA LB . -10.54 19.89 -10.99
CAB CLA LB . -7.32 19.73 -10.08
CBB CLA LB . -7.16 20.67 -10.99
NC CLA LB . -7.02 14.20 -9.74
C1C CLA LB . -6.21 15.24 -9.53
C2C CLA LB . -4.83 14.90 -9.10
C3C CLA LB . -4.89 13.44 -9.06
C4C CLA LB . -6.27 13.11 -9.47
CMC CLA LB . -3.68 15.82 -8.78
CAC CLA LB . -3.78 12.48 -8.68
CBC CLA LB . -4.02 11.99 -7.27
ND CLA LB . -9.04 12.36 -10.22
C1D CLA LB . -8.17 11.38 -9.94
C2D CLA LB . -8.73 10.00 -10.03
C3D CLA LB . -10.10 10.32 -10.43
C4D CLA LB . -10.21 11.65 -10.51
CMD CLA LB . -8.27 8.57 -9.85
CAD CLA LB . -11.39 9.66 -10.74
OBD CLA LB . -11.63 8.40 -10.67
CBD CLA LB . -12.40 10.72 -11.06
CGD CLA LB . -12.92 10.52 -12.45
O1D CLA LB . -12.30 9.85 -13.25
O2D CLA LB . -14.18 11.13 -12.87
CED CLA LB . -15.33 10.33 -13.09
C1 CLA LB . -11.39 13.68 -6.52
C2 CLA LB . -9.95 14.08 -6.73
C3 CLA LB . -8.96 13.34 -6.22
C4 CLA LB . -9.27 12.09 -5.46
C5 CLA LB . -7.52 13.74 -6.42
C6 CLA LB . -7.17 14.94 -5.53
C7 CLA LB . -7.32 16.24 -6.31
C8 CLA LB . -6.63 17.42 -5.63
C9 CLA LB . -7.21 17.67 -4.24
C10 CLA LB . -6.79 18.64 -6.52
C11 CLA LB . -5.45 19.23 -6.92
C12 CLA LB . -5.42 20.72 -6.61
C13 CLA LB . -4.30 21.43 -7.35
C14 CLA LB . -2.95 20.84 -7.00
C15 CLA LB . -4.37 22.91 -7.00
C16 CLA LB . -3.49 23.76 -7.92
C17 CLA LB . -4.11 25.14 -8.09
C18 CLA LB . -3.19 26.10 -8.83
C19 CLA LB . -3.73 27.52 -8.74
C20 CLA LB . -1.76 26.03 -8.29
MG CLA MB . -0.93 14.80 -11.60
CHA CLA MB . -1.15 18.29 -11.07
CHB CLA MB . 2.21 15.00 -10.19
CHC CLA MB . -0.98 11.45 -11.49
CHD CLA MB . -4.38 14.80 -12.61
NA CLA MB . 0.40 16.44 -10.72
C1A CLA MB . 0.17 17.69 -10.66
C2A CLA MB . 1.33 18.52 -10.20
C3A CLA MB . 2.39 17.44 -9.93
C4A CLA MB . 1.63 16.20 -10.29
CMA CLA MB . 3.57 17.60 -10.87
CAA CLA MB . 1.03 19.23 -8.89
CBA CLA MB . 2.28 19.88 -8.30
CGA CLA MB . 1.95 20.47 -6.96
O1A CLA MB . 1.27 19.90 -6.11
O2A CLA MB . 2.35 21.66 -6.56
NB CLA MB . 0.43 13.42 -10.88
C1B CLA MB . 1.69 13.66 -10.47
C2B CLA MB . 2.49 12.42 -10.28
C3B CLA MB . 1.53 11.38 -10.67
C4B CLA MB . 0.28 12.09 -11.03
CMB CLA MB . 3.91 12.26 -9.82
CAB CLA MB . 1.77 9.92 -10.68
CBB CLA MB . 1.36 9.14 -11.66
NC CLA MB . -2.47 13.35 -11.96
C1C CLA MB . -2.26 12.03 -11.92
C2C CLA MB . -3.41 11.18 -12.33
C3C CLA MB . -4.42 12.19 -12.65
C4C CLA MB . -3.73 13.49 -12.38
CMC CLA MB . -3.50 9.68 -12.39
CAC CLA MB . -5.82 11.96 -13.13
CBC CLA MB . -5.82 11.39 -14.54
ND CLA MB . -2.50 16.10 -11.77
C1D CLA MB . -3.75 16.08 -12.25
C2D CLA MB . -4.40 17.42 -12.39
C3D CLA MB . -3.30 18.26 -11.90
C4D CLA MB . -2.27 17.46 -11.57
CMD CLA MB . -5.70 18.02 -12.85
CAD CLA MB . -2.98 19.68 -11.65
OBD CLA MB . -3.85 20.62 -11.56
CBD CLA MB . -1.63 19.72 -11.00
CGD CLA MB . -0.74 20.69 -11.74
O1D CLA MB . -0.34 20.45 -12.87
O2D CLA MB . -0.36 21.92 -11.07
CED CLA MB . -1.29 22.98 -10.99
C1 CLA MB . 1.65 22.41 -5.33
C2 CLA MB . 0.15 22.40 -5.15
C3 CLA MB . -0.49 23.40 -4.53
C4 CLA MB . -1.99 23.35 -4.37
C5 CLA MB . 0.26 24.59 -3.99
C6 CLA MB . -0.64 25.81 -4.17
C7 CLA MB . 0.11 27.11 -3.89
C8 CLA MB . -0.82 28.11 -3.22
C9 CLA MB . -2.06 28.35 -4.06
C10 CLA MB . -0.07 29.42 -2.98
C11 CLA MB . 1.33 29.16 -2.41
C12 CLA MB . 1.27 28.93 -0.91
C13 CLA MB . 2.54 29.42 -0.23
C14 CLA MB . 3.77 28.74 -0.83
C15 CLA MB . 2.45 29.15 1.27
C16 CLA MB . 1.77 30.30 1.99
C17 CLA MB . 2.11 30.30 3.48
C18 CLA MB . 3.45 30.98 3.74
C19 CLA MB . 3.26 32.44 4.10
C20 CLA MB . 4.24 30.25 4.82
MG CLA NB . 2.89 5.67 0.09
CHA CLA NB . 6.19 5.76 -1.19
CHB CLA NB . 4.33 5.87 3.22
CHC CLA NB . -0.22 6.12 1.26
CHD CLA NB . 1.65 5.97 -3.28
NA CLA NB . 5.00 5.81 0.94
C1A CLA NB . 6.11 5.78 0.30
C2A CLA NB . 7.33 5.76 1.18
C3A CLA NB . 6.71 5.79 2.58
C4A CLA NB . 5.25 5.84 2.24
CMA CLA NB . 7.02 4.51 3.35
CAA CLA NB . 8.21 6.99 0.93
CBA CLA NB . 7.68 8.32 1.49
CGA CLA NB . 6.36 8.73 0.89
O1A CLA NB . 5.40 9.03 1.57
O2A CLA NB . 6.09 8.80 -0.41
NB CLA NB . 2.17 5.99 1.99
C1B CLA NB . 2.86 5.93 3.15
C2B CLA NB . 1.98 5.96 4.36
C3B CLA NB . 0.65 6.02 3.76
C4B CLA NB . 0.86 6.04 2.28
CMB CLA NB . 2.37 5.91 5.81
CAB CLA NB . -0.65 6.08 4.46
CBB CLA NB . -1.63 5.25 4.18
NC CLA NB . 1.00 6.07 -0.87
C1C CLA NB . -0.15 6.10 -0.21
C2C CLA NB . -1.37 6.13 -1.04
C3C CLA NB . -0.80 6.11 -2.39
C4C CLA NB . 0.67 6.07 -2.18
CMC CLA NB . -2.81 6.18 -0.61
CAC CLA NB . -1.54 6.12 -3.71
CBC CLA NB . -2.07 4.74 -4.01
ND CLA NB . 3.60 5.89 -1.82
C1D CLA NB . 3.11 5.92 -3.07
C2D CLA NB . 4.13 5.88 -4.15
C3D CLA NB . 5.34 5.82 -3.33
C4D CLA NB . 4.97 5.81 -2.04
CMD CLA NB . 4.19 5.88 -5.66
CAD CLA NB . 6.81 5.75 -3.47
OBD CLA NB . 7.47 6.05 -4.53
CBD CLA NB . 7.41 5.70 -2.10
CGD CLA NB . 8.15 4.41 -1.89
O1D CLA NB . 7.55 3.38 -1.63
O2D CLA NB . 9.60 4.38 -2.00
CED CLA NB . 10.23 3.33 -2.73
C1 CLA NB . 4.85 9.61 -1.03
C2 CLA NB . 3.44 9.55 -0.46
C3 CLA NB . 2.34 9.49 -1.22
C4 CLA NB . 2.46 9.47 -2.72
C5 CLA NB . 0.98 9.45 -0.54
C6 CLA NB . -0.17 9.67 -1.51
C7 CLA NB . -0.54 11.15 -1.62
C8 CLA NB . -1.90 11.49 -1.02
C9 CLA NB . -3.01 10.92 -1.89
C10 CLA NB . -2.03 13.00 -0.91
C11 CLA NB . -2.93 13.41 0.26
C12 CLA NB . -2.30 14.51 1.11
C13 CLA NB . -3.36 15.25 1.92
C14 CLA NB . -4.32 15.98 0.99
C15 CLA NB . -2.70 16.23 2.90
C16 CLA NB . -3.74 16.83 3.84
C17 CLA NB . -3.33 18.21 4.33
C18 CLA NB . -3.82 18.46 5.75
C19 CLA NB . -3.43 19.86 6.23
C20 CLA NB . -5.32 18.25 5.87
MG CLA OB . 46.22 -24.90 2.33
CHA CLA OB . 46.93 -28.26 1.51
CHB CLA OB . 43.58 -26.14 4.18
CHC CLA OB . 45.84 -21.78 3.48
CHD CLA OB . 49.34 -23.95 0.82
NA CLA OB . 45.35 -26.95 2.82
C1A CLA OB . 45.73 -28.09 2.39
C2A CLA OB . 44.85 -29.24 2.78
C3A CLA OB . 43.80 -28.54 3.63
C4A CLA OB . 44.27 -27.12 3.56
CMA CLA OB . 42.43 -28.65 2.99
CAA CLA OB . 45.64 -30.21 3.67
CBA CLA OB . 44.72 -31.24 4.30
CGA CLA OB . 44.70 -31.07 5.80
O1A CLA OB . 45.52 -30.42 6.43
O2A CLA OB . 43.78 -31.60 6.58
NB CLA OB . 44.90 -24.09 3.69
C1B CLA OB . 43.85 -24.69 4.25
C2B CLA OB . 42.96 -23.76 5.02
C3B CLA OB . 43.64 -22.48 4.81
C4B CLA OB . 44.83 -22.77 3.97
CMB CLA OB . 41.71 -24.06 5.79
CAB CLA OB . 43.15 -21.18 5.35
CBB CLA OB . 43.88 -20.10 5.46
NC CLA OB . 47.47 -23.15 2.24
C1C CLA OB . 47.07 -21.95 2.67
C2C CLA OB . 47.92 -20.80 2.30
C3C CLA OB . 48.99 -21.47 1.54
C4C CLA OB . 48.61 -22.91 1.56
CMC CLA OB . 47.76 -19.34 2.62
CAC CLA OB . 50.19 -20.81 0.89
CBC CLA OB . 50.18 -20.92 -0.62
ND CLA OB . 47.85 -25.77 1.43
C1D CLA OB . 48.95 -25.37 0.78
C2D CLA OB . 49.69 -26.46 0.07
C3D CLA OB . 48.82 -27.59 0.40
C4D CLA OB . 47.82 -27.13 1.16
CMD CLA OB . 50.93 -26.62 -0.78
CAD CLA OB . 48.70 -29.05 0.18
OBD CLA OB . 49.57 -29.79 -0.39
CBD CLA OB . 47.41 -29.51 0.80
CGD CLA OB . 46.42 -29.83 -0.28
O1D CLA OB . 46.51 -29.31 -1.38
O2D CLA OB . 45.34 -30.76 -0.03
CED CLA OB . 44.89 -31.66 -1.05
C1 CLA OB . 44.16 -32.87 7.47
C2 CLA OB . 45.59 -33.38 7.50
C3 CLA OB . 45.97 -34.40 6.72
C4 CLA OB . 45.00 -35.06 5.80
C5 CLA OB . 47.41 -34.87 6.78
C6 CLA OB . 48.34 -33.67 6.69
MG CLA PB . 26.50 -37.22 31.66
CHA CLA PB . 28.01 -39.00 28.99
CHB CLA PB . 24.45 -39.98 32.05
CHC CLA PB . 25.48 -35.81 34.52
CHD CLA PB . 29.10 -34.75 31.38
NA CLA PB . 26.25 -39.27 30.66
C1A CLA PB . 26.88 -39.74 29.66
C2A CLA PB . 26.34 -41.05 29.14
C3A CLA PB . 25.21 -41.32 30.13
C4A CLA PB . 25.30 -40.12 31.02
CMA CLA PB . 23.86 -41.33 29.43
CAA CLA PB . 27.35 -42.18 29.26
CBA CLA PB . 27.77 -42.76 27.91
CGA CLA PB . 26.58 -43.19 27.08
O1A CLA PB . 26.57 -43.21 25.86
O2A CLA PB . 25.43 -43.60 27.57
NB CLA PB . 25.18 -37.84 33.10
C1B CLA PB . 24.35 -38.90 33.05
C2B CLA PB . 23.33 -38.91 34.14
C3B CLA PB . 23.66 -37.68 34.85
C4B CLA PB . 24.81 -37.08 34.14
CMB CLA PB . 22.24 -39.91 34.43
CAB CLA PB . 23.00 -37.09 36.04
NC CLA PB . 27.24 -35.57 32.82
C1C CLA PB . 26.59 -35.09 33.89
C2C CLA PB . 27.07 -33.79 34.40
C3C CLA PB . 28.17 -33.49 33.48
C4C CLA PB . 28.18 -34.65 32.53
CMC CLA PB . 26.58 -32.99 35.58
CAC CLA PB . 29.06 -32.28 33.47
CBC CLA PB . 30.30 -32.55 34.33
ND CLA PB . 28.21 -36.86 30.58
C1D CLA PB . 29.11 -35.88 30.45
C2D CLA PB . 30.06 -36.04 29.30
C3D CLA PB . 29.56 -37.32 28.77
C4D CLA PB . 28.53 -37.72 29.52
CMD CLA PB . 31.23 -35.32 28.68
CAD CLA PB . 29.83 -38.28 27.68
OBD CLA PB . 30.95 -38.39 27.05
CBD CLA PB . 28.78 -39.34 27.75
CGD CLA PB . 27.88 -39.22 26.55
O1D CLA PB . 27.43 -38.13 26.23
O2D CLA PB . 27.55 -40.39 25.76
CED CLA PB . 28.13 -40.57 24.48
MG CLA QB . 44.96 -30.89 15.77
CHA CLA QB . 42.01 -32.83 16.07
CHB CLA QB . 46.25 -33.55 13.98
CHC CLA QB . 47.51 -28.86 14.97
CHD CLA QB . 43.16 -28.09 17.13
NA CLA QB . 44.23 -32.95 15.08
C1A CLA QB . 43.11 -33.52 15.32
C2A CLA QB . 43.02 -34.95 14.85
C3A CLA QB . 44.39 -35.14 14.20
C4A CLA QB . 45.01 -33.80 14.41
CMA CLA QB . 45.20 -36.20 14.93
CAA CLA QB . 41.94 -35.09 13.77
CBA CLA QB . 40.86 -36.08 14.21
CGA CLA QB . 39.55 -35.67 13.58
O1A CLA QB . 39.38 -35.43 12.40
O2A CLA QB . 38.43 -35.51 14.26
NB CLA QB . 46.62 -31.17 14.59
C1B CLA QB . 47.07 -32.32 14.06
C2B CLA QB . 48.46 -32.24 13.51
C3B CLA QB . 48.79 -30.85 13.82
C4B CLA QB . 47.61 -30.27 14.49
CMB CLA QB . 49.29 -33.29 12.83
CAB CLA QB . 50.06 -30.14 13.53
CBB CLA QB . 50.09 -29.15 12.67
NC CLA QB . 45.25 -28.77 15.96
C1C CLA QB . 46.41 -28.18 15.68
C2C CLA QB . 46.53 -26.76 16.12
C3C CLA QB . 45.24 -26.54 16.75
C4C CLA QB . 44.52 -27.84 16.59
CMC CLA QB . 47.69 -25.81 15.97
CAC CLA QB . 44.72 -25.29 17.41
CBC CLA QB . 45.29 -25.19 18.81
ND CLA QB . 43.07 -30.40 16.41
C1D CLA QB . 42.46 -29.36 16.99
C2D CLA QB . 41.05 -29.64 17.45
C3D CLA QB . 40.95 -31.04 17.04
C4D CLA QB . 42.10 -31.41 16.48
CMD CLA QB . 39.92 -28.90 18.12
CAD CLA QB . 39.98 -32.16 17.06
OBD CLA QB . 38.72 -32.05 17.29
CBD CLA QB . 40.68 -33.37 16.55
CGD CLA QB . 40.88 -34.31 17.72
O1D CLA QB . 41.82 -35.09 17.75
O2D CLA QB . 39.95 -34.28 18.83
CED CLA QB . 40.41 -33.91 20.13
C2 CLA QB . 42.23 -43.95 21.90
FE1 SF4 RB . 5.89 -8.96 -18.67
FE2 SF4 RB . 6.51 -7.60 -16.36
FE3 SF4 RB . 8.47 -8.95 -17.73
FE4 SF4 RB . 6.52 -10.34 -16.36
S1 SF4 RB . 8.12 -8.96 -15.46
S2 SF4 RB . 7.30 -10.77 -18.49
S3 SF4 RB . 4.71 -8.98 -16.69
S4 SF4 RB . 7.27 -7.14 -18.49
MG CL0 SB . -2.44 -9.79 12.79
CHA CL0 SB . 0.98 -9.08 12.87
CHB CL0 SB . -2.18 -9.67 9.44
CHC CL0 SB . -5.57 -10.63 12.78
CHD CL0 SB . -2.40 -10.01 16.34
NA CL0 SB . -0.78 -9.42 11.31
C1A CL0 SB . 0.42 -9.16 11.49
C2A CL0 SB . 1.21 -8.91 10.24
C3A CL0 SB . 0.14 -9.09 9.24
C4A CL0 SB . -1.02 -9.43 10.05
CMA CL0 SB . -0.19 -7.68 8.85
CAA CL0 SB . 2.26 -9.96 9.90
CBA CL0 SB . 2.76 -9.87 8.47
CGA CL0 SB . 3.84 -10.84 8.14
O1A CL0 SB . 4.25 -11.11 7.06
O2A CL0 SB . 4.48 -11.50 9.03
NB CL0 SB . -3.71 -10.13 11.27
C1B CL0 SB . -3.47 -10.01 10.00
C2B CL0 SB . -4.65 -10.25 9.19
C3B CL0 SB . -5.63 -10.54 10.19
C4B CL0 SB . -4.96 -10.42 11.47
CMB CL0 SB . -4.83 -10.24 7.71
CAB CL0 SB . -7.03 -10.85 9.97
CBB CL0 SB . -7.84 -10.75 10.97
NC CL0 SB . -3.77 -10.25 14.37
C1C CL0 SB . -5.01 -10.54 14.14
C2C CL0 SB . -5.84 -10.77 15.29
C3C CL0 SB . -4.91 -10.59 16.35
C4C CL0 SB . -3.66 -10.27 15.67
CMC CL0 SB . -7.28 -11.12 15.38
CAC CL0 SB . -5.23 -10.69 17.80
CBC CL0 SB . -4.73 -9.47 18.49
ND CL0 SB . -1.13 -9.64 14.34
C1D CL0 SB . -1.17 -9.70 15.64
C2D CL0 SB . 0.11 -9.40 16.28
C3D CL0 SB . 0.92 -9.17 15.12
C4D CL0 SB . 0.17 -9.31 14.06
CMD CL0 SB . 0.65 -9.32 17.66
CAD CL0 SB . 2.28 -8.83 14.72
OBD CL0 SB . 3.28 -8.58 15.44
CBD CL0 SB . 2.36 -8.77 13.27
CGD CL0 SB . 3.31 -9.88 13.01
O1D CL0 SB . 2.97 -10.98 12.76
O2D CL0 SB . 4.69 -9.63 13.08
CED CL0 SB . 5.51 -10.28 12.15
C1 CL0 SB . 5.05 -12.95 8.85
C2 CL0 SB . 4.66 -13.99 9.83
C3 CL0 SB . 5.49 -14.47 10.72
C4 CL0 SB . 6.89 -13.97 10.77
C5 CL0 SB . 5.01 -15.54 11.66
C6 CL0 SB . 4.50 -14.95 12.97
C7 CL0 SB . 3.46 -15.81 13.63
C8 CL0 SB . 3.89 -17.24 13.70
C9 CL0 SB . 2.78 -18.07 14.28
C10 CL0 SB . 5.12 -17.38 14.56
C11 CL0 SB . 5.55 -18.82 14.64
C12 CL0 SB . 7.03 -18.92 14.33
C13 CL0 SB . 7.54 -20.34 14.42
C14 CL0 SB . 8.83 -20.39 15.20
C15 CL0 SB . 7.81 -20.89 13.04
C16 CL0 SB . 8.92 -20.12 12.35
C17 CL0 SB . 8.89 -20.38 10.86
C18 CL0 SB . 9.79 -19.39 10.17
C19 CL0 SB . 10.62 -20.06 9.12
C20 CL0 SB . 8.97 -18.32 9.49
MG CLA TB . -8.03 -4.60 3.66
CHA CLA TB . -6.59 -5.45 6.74
CHB CLA TB . -9.10 -1.79 5.15
CHC CLA TB . -9.16 -3.82 0.66
CHD CLA TB . -6.61 -7.57 2.30
NA CLA TB . -7.87 -3.69 5.72
C1A CLA TB . -7.32 -4.15 6.75
C2A CLA TB . -7.47 -3.32 7.96
C3A CLA TB . -8.28 -2.19 7.41
C4A CLA TB . -8.43 -2.56 6.00
CMA CLA TB . -9.69 -2.37 7.94
CAA CLA TB . -6.15 -2.78 8.42
CBA CLA TB . -6.33 -2.16 9.79
CGA CLA TB . -6.82 -0.76 9.67
O1A CLA TB . -6.32 0.09 8.98
O2A CLA TB . -7.86 -0.30 10.28
NB CLA TB . -9.01 -2.96 2.99
C1B CLA TB . -9.40 -1.94 3.71
C2B CLA TB . -10.16 -0.96 2.92
C3B CLA TB . -10.16 -1.60 1.60
C4B CLA TB . -9.42 -2.86 1.74
CMB CLA TB . -10.77 0.34 3.36
CAB CLA TB . -10.72 -1.15 0.33
CBB CLA TB . -10.24 -0.06 -0.21
NC CLA TB . -7.87 -5.56 1.77
C1C CLA TB . -8.44 -5.11 0.68
C2C CLA TB . -8.30 -5.96 -0.50
C3C CLA TB . -7.54 -7.07 0.01
C4C CLA TB . -7.34 -6.72 1.41
CMC CLA TB . -8.83 -5.77 -1.87
CAC CLA TB . -7.08 -8.33 -0.68
CBC CLA TB . -8.03 -9.43 -0.31
ND CLA TB . -6.88 -6.17 4.22
C1D CLA TB . -6.40 -7.25 3.69
C2D CLA TB . -5.66 -8.11 4.58
C3D CLA TB . -5.77 -7.32 5.80
C4D CLA TB . -6.47 -6.25 5.53
CMD CLA TB . -4.91 -9.39 4.47
CAD CLA TB . -5.34 -7.35 7.19
OBD CLA TB . -4.14 -7.64 7.48
CBD CLA TB . -5.87 -6.16 7.84
CGD CLA TB . -6.66 -6.64 8.98
O1D CLA TB . -7.75 -7.12 8.89
O2D CLA TB . -6.05 -6.54 10.27
CED CLA TB . -6.68 -7.18 11.37
C1 CLA TB . -7.98 1.20 10.80
C2 CLA TB . -6.73 1.98 10.99
C3 CLA TB . -6.65 2.91 11.94
C4 CLA TB . -7.78 3.19 12.83
C5 CLA TB . -5.37 3.68 12.12
C6 CLA TB . -5.63 5.16 12.11
C7 CLA TB . -4.57 5.81 12.96
C8 CLA TB . -3.47 6.29 12.09
C9 CLA TB . -2.18 6.39 12.88
C10 CLA TB . -3.89 7.64 11.57
C11 CLA TB . -2.75 8.37 10.90
C12 CLA TB . -3.30 9.16 9.74
C13 CLA TB . -2.28 10.17 9.28
C14 CLA TB . -2.83 10.96 8.12
C15 CLA TB . -1.01 9.43 8.89
C16 CLA TB . 0.14 10.40 8.79
C17 CLA TB . 1.45 9.64 8.81
C18 CLA TB . 2.64 10.53 9.08
C19 CLA TB . 3.94 9.82 8.76
C20 CLA TB . 2.57 11.81 8.29
MG CLA UB . -6.93 -1.95 -3.98
CHA CLA UB . -8.57 -0.18 -6.48
CHB CLA UB . -7.45 0.69 -1.99
CHC CLA UB . -5.51 -3.76 -1.68
CHD CLA UB . -6.61 -4.72 -6.26
NA CLA UB . -7.92 0.07 -4.20
C1A CLA UB . -8.46 0.57 -5.20
C2A CLA UB . -8.97 1.95 -4.96
C3A CLA UB . -8.55 2.17 -3.55
C4A CLA UB . -7.94 0.89 -3.21
CMA CLA UB . -7.39 3.12 -3.67
CAA CLA UB . -10.47 1.92 -4.81
CBA CLA UB . -10.95 3.33 -4.53
CGA CLA UB . -11.52 3.50 -3.16
O1A CLA UB . -12.43 2.86 -2.73
O2A CLA UB . -11.14 4.35 -2.24
NB CLA UB . -6.54 -1.57 -2.05
C1B CLA UB . -6.78 -0.46 -1.40
C2B CLA UB . -6.31 -0.49 -0.01
C3B CLA UB . -5.74 -1.83 0.05
C4B CLA UB . -5.93 -2.42 -1.27
CMB CLA UB . -6.39 0.54 1.06
CAB CLA UB . -5.10 -2.49 1.19
CBB CLA UB . -5.61 -2.36 2.39
NC CLA UB . -6.19 -3.94 -3.99
C1C CLA UB . -5.64 -4.47 -2.94
C2C CLA UB . -5.12 -5.81 -3.09
C3C CLA UB . -5.46 -6.09 -4.47
C4C CLA UB . -6.10 -4.86 -4.91
CMC CLA UB . -4.45 -6.69 -2.10
CAC CLA UB . -5.21 -7.33 -5.27
CBC CLA UB . -3.93 -7.19 -6.03
ND CLA UB . -7.42 -2.48 -5.88
C1D CLA UB . -7.25 -3.50 -6.69
C2D CLA UB . -7.77 -3.31 -8.06
C3D CLA UB . -8.29 -1.96 -7.91
C4D CLA UB . -8.06 -1.54 -6.66
CMD CLA UB . -7.84 -4.12 -9.30
CAD CLA UB . -8.97 -0.92 -8.67
OBD CLA UB . -8.98 -0.88 -9.93
CBD CLA UB . -9.24 0.21 -7.76
CGD CLA UB . -8.97 1.56 -8.27
O1D CLA UB . -7.87 1.89 -8.52
O2D CLA UB . -10.07 2.47 -8.44
CED CLA UB . -9.76 3.79 -8.84
C1 CLA UB . -10.04 5.45 -2.48
C2 CLA UB . -8.72 5.27 -1.78
C3 CLA UB . -8.66 4.76 -0.57
C4 CLA UB . -9.89 4.36 0.15
C5 CLA UB . -7.35 4.55 0.12
C6 CLA UB . -6.47 5.75 -0.06
C7 CLA UB . -5.50 5.75 1.09
C8 CLA UB . -5.71 6.94 2.00
C9 CLA UB . -7.16 7.02 2.41
C10 CLA UB . -5.28 8.20 1.30
C11 CLA UB . -4.95 9.26 2.32
C12 CLA UB . -3.46 9.46 2.43
C13 CLA UB . -3.11 10.07 3.78
C14 CLA UB . -3.15 11.58 3.70
C15 CLA UB . -1.76 9.57 4.26
C16 CLA UB . -0.61 10.30 3.60
C17 CLA UB . 0.69 9.52 3.69
C18 CLA UB . 1.86 10.46 3.80
C19 CLA UB . 3.18 9.73 3.77
C20 CLA UB . 1.81 11.51 2.71
C1 PQN VB . 7.19 -19.54 -7.51
O1 PQN VB . 6.94 -18.93 -6.45
C2 PQN VB . 7.76 -20.91 -7.47
C2M PQN VB . 8.02 -21.56 -6.14
C3 PQN VB . 8.06 -21.63 -8.74
C4 PQN VB . 7.80 -20.98 -10.04
O4 PQN VB . 8.04 -21.58 -11.10
C5 PQN VB . 7.22 -19.61 -10.08
C6 PQN VB . 6.96 -18.99 -11.30
C7 PQN VB . 6.44 -17.70 -11.29
C8 PQN VB . 6.16 -17.02 -10.11
C9 PQN VB . 6.41 -17.61 -8.88
C10 PQN VB . 6.93 -18.89 -8.82
C11 PQN VB . 8.63 -23.03 -8.72
C12 PQN VB . 7.43 -23.94 -8.67
C13 PQN VB . 7.44 -25.18 -9.16
C14 PQN VB . 8.68 -25.74 -9.83
C15 PQN VB . 6.18 -26.01 -9.08
C16 PQN VB . 6.48 -27.48 -8.82
C17 PQN VB . 5.72 -27.97 -7.59
C18 PQN VB . 6.16 -29.37 -7.19
C19 PQN VB . 6.15 -30.33 -8.38
C20 PQN VB . 5.28 -29.89 -6.06
C21 PQN VB . 3.84 -29.42 -6.19
C22 PQN VB . 2.86 -30.51 -5.78
C23 PQN VB . 1.42 -30.03 -5.95
C24 PQN VB . 0.60 -30.41 -4.72
C25 PQN VB . 0.84 -30.58 -7.25
C26 PQN VB . -0.20 -31.67 -7.04
C27 PQN VB . -0.44 -32.48 -8.32
C28 PQN VB . -1.74 -32.11 -9.05
C29 PQN VB . -2.85 -31.70 -8.08
C30 PQN VB . -1.50 -31.03 -10.09
O1 LHG WB . -39.69 8.46 -30.62
C1 LHG WB . -40.47 9.66 -30.45
C2 LHG WB . -40.83 9.96 -29.00
O2 LHG WB . -40.49 11.32 -28.76
C3 LHG WB . -40.10 9.05 -28.02
O3 LHG WB . -38.72 9.05 -28.27
P LHG WB . -37.84 8.29 -27.26
O4 LHG WB . -38.58 7.09 -26.93
O5 LHG WB . -36.47 8.31 -27.80
O6 LHG WB . -37.92 9.23 -26.03
C4 LHG WB . -36.74 9.43 -25.30
C5 LHG WB . -37.05 10.24 -24.06
C6 LHG WB . -36.86 9.35 -22.84
O7 LHG WB . -36.20 11.38 -23.97
C7 LHG WB . -36.96 12.58 -23.75
O9 LHG WB . -38.05 12.73 -24.24
C8 LHG WB . -36.38 13.68 -22.94
C9 LHG WB . -36.82 13.50 -21.51
C10 LHG WB . -36.21 14.58 -20.63
O8 LHG WB . -35.80 9.80 -22.02
C23 LHG WB . -35.84 9.43 -20.62
O10 LHG WB . -36.69 8.65 -20.23
C24 LHG WB . -34.83 10.02 -19.67
C11 LHG WB . -37.04 14.78 -19.36
C12 LHG WB . -36.87 16.19 -18.78
C13 LHG WB . -35.44 16.56 -18.46
C14 LHG WB . -35.39 17.43 -17.21
C15 LHG WB . -36.02 16.72 -16.03
C16 LHG WB . -35.70 17.37 -14.70
C17 LHG WB . -34.29 17.97 -14.63
C18 LHG WB . -34.00 18.46 -13.21
C19 LHG WB . -32.65 19.16 -13.07
C20 LHG WB . -32.33 19.40 -11.61
C21 LHG WB . -30.89 19.83 -11.40
C22 LHG WB . -30.74 20.57 -10.09
C25 LHG WB . -35.50 10.79 -18.55
C26 LHG WB . -34.52 11.15 -17.44
C27 LHG WB . -34.02 12.58 -17.61
C28 LHG WB . -33.00 12.91 -16.56
C29 LHG WB . -33.32 14.25 -15.93
C30 LHG WB . -32.70 14.45 -14.54
C31 LHG WB . -33.79 14.79 -13.54
C32 LHG WB . -33.23 15.65 -12.39
C33 LHG WB . -34.21 15.68 -11.22
C34 LHG WB . -34.45 17.11 -10.73
C35 LHG WB . -34.95 17.11 -9.30
C36 LHG WB . -35.19 18.52 -8.78
C37 LHG WB . -36.57 18.60 -8.14
C38 LHG WB . -37.32 19.80 -8.63
C1A DGD XB . -1.90 -23.38 -16.08
C2A DGD XB . -2.48 -23.79 -14.78
C3A DGD XB . -2.16 -25.25 -14.47
C4A DGD XB . -2.52 -25.56 -13.02
C5A DGD XB . -3.55 -26.68 -12.96
C6A DGD XB . -3.40 -27.50 -11.69
C7A DGD XB . -4.79 -28.02 -11.37
C8A DGD XB . -4.69 -29.36 -10.67
C9A DGD XB . -5.58 -29.30 -9.44
CAA DGD XB . -7.01 -29.33 -9.91
CBA DGD XB . -7.83 -30.20 -8.94
CCA DGD XB . -9.28 -30.00 -9.31
CDA DGD XB . -10.12 -30.44 -8.11
O1A DGD XB . -0.95 -23.85 -16.67
C1B DGD XB . -5.48 -20.80 -18.12
C2B DGD XB . -5.88 -20.53 -16.70
C3B DGD XB . -6.75 -21.65 -16.19
C4B DGD XB . -8.21 -21.34 -16.45
C5B DGD XB . -8.96 -22.33 -15.59
C6B DGD XB . -9.99 -21.54 -14.79
C7B DGD XB . -9.19 -20.87 -13.71
C8B DGD XB . -10.14 -20.58 -12.59
C9B DGD XB . -9.55 -19.45 -11.80
CAB DGD XB . -10.41 -19.36 -10.59
CBB DGD XB . -9.54 -19.89 -9.50
CCB DGD XB . -10.13 -19.40 -8.22
CDB DGD XB . -10.00 -20.62 -7.37
CEB DGD XB . -10.89 -20.45 -6.19
CFB DGD XB . -10.73 -21.76 -5.45
CGB DGD XB . -12.00 -21.98 -4.66
CHB DGD XB . -11.62 -22.69 -3.39
CIB DGD XB . -12.87 -23.28 -2.80
O1B DGD XB . -6.22 -21.18 -19.01
O1G DGD XB . -2.63 -22.35 -16.61
C1G DGD XB . -2.16 -21.73 -17.78
C2G DGD XB . -3.38 -21.63 -18.74
O2G DGD XB . -4.17 -20.55 -18.35
C3G DGD XB . -2.82 -21.32 -20.16
O3G DGD XB . -3.81 -20.46 -20.70
C1D DGD XB . -4.22 -20.79 -22.01
C2D DGD XB . -4.61 -19.44 -22.69
O2D DGD XB . -5.89 -19.14 -22.21
C3D DGD XB . -4.73 -19.69 -24.23
O3D DGD XB . -4.78 -18.45 -24.88
C4D DGD XB . -3.47 -20.42 -24.77
O4D DGD XB . -2.31 -19.69 -24.52
C5D DGD XB . -3.35 -21.72 -23.94
O5D DGD XB . -2.48 -22.87 -25.75
C6D DGD XB . -2.19 -22.63 -24.39
O6D DGD XB . -3.07 -21.37 -22.61
C1E DGD XB . -2.21 -24.16 -26.23
C2E DGD XB . -1.76 -24.09 -27.73
O2E DGD XB . -0.69 -23.20 -27.79
C3E DGD XB . -2.93 -23.57 -28.59
O3E DGD XB . -2.51 -23.68 -29.92
C4E DGD XB . -4.14 -24.50 -28.36
O4E DGD XB . -3.79 -25.80 -28.72
C5E DGD XB . -4.49 -24.51 -26.87
O6E DGD XB . -3.39 -24.90 -26.07
C6E DGD XB . -5.55 -25.59 -26.53
O5E DGD XB . -5.24 -26.02 -25.23
C1 BCR YB . -53.94 -15.70 -28.31
C2 BCR YB . -54.61 -14.36 -28.53
C3 BCR YB . -53.69 -13.21 -28.17
C4 BCR YB . -53.37 -13.35 -26.70
C5 BCR YB . -52.74 -14.69 -26.40
C6 BCR YB . -53.05 -15.77 -27.11
C7 BCR YB . -52.52 -17.09 -26.74
C8 BCR YB . -52.94 -17.85 -25.73
C9 BCR YB . -52.41 -19.00 -25.51
C10 BCR YB . -52.28 -19.47 -24.37
C11 BCR YB . -52.40 -20.46 -23.73
C33 BCR YB . -51.77 -14.76 -25.27
C31 BCR YB . -53.11 -16.01 -29.51
C32 BCR YB . -55.00 -16.77 -28.16
C34 BCR YB . -51.94 -19.88 -26.63
C12 BCR YB . -52.39 -21.51 -23.04
C13 BCR YB . -52.55 -22.21 -21.76
C14 BCR YB . -52.10 -23.46 -21.57
C15 BCR YB . -52.26 -24.12 -20.27
C16 BCR YB . -51.82 -24.62 -19.11
C17 BCR YB . -51.83 -25.17 -18.04
C18 BCR YB . -51.74 -25.27 -16.71
C19 BCR YB . -51.82 -26.54 -15.97
C20 BCR YB . -52.14 -27.15 -14.84
C21 BCR YB . -52.32 -28.01 -14.02
C22 BCR YB . -52.81 -28.57 -12.93
C23 BCR YB . -52.52 -29.96 -12.56
C24 BCR YB . -53.53 -30.61 -12.01
C25 BCR YB . -53.50 -32.01 -11.53
C26 BCR YB . -52.64 -32.89 -12.01
C27 BCR YB . -52.22 -34.01 -11.10
C28 BCR YB . -53.39 -34.67 -10.36
C29 BCR YB . -54.69 -33.89 -10.33
C30 BCR YB . -54.49 -32.39 -10.48
C35 BCR YB . -53.19 -21.46 -20.65
C36 BCR YB . -51.58 -24.03 -15.93
C37 BCR YB . -53.70 -27.77 -12.03
C38 BCR YB . -52.10 -32.81 -13.40
C39 BCR YB . -53.98 -31.81 -9.17
C40 BCR YB . -55.84 -31.77 -10.81
C1 BCR ZB . -43.26 -38.69 -20.81
C2 BCR ZB . -43.65 -40.14 -21.06
C3 BCR ZB . -44.95 -40.24 -21.84
C4 BCR ZB . -46.06 -39.71 -20.96
C5 BCR ZB . -45.72 -38.31 -20.54
C6 BCR ZB . -44.46 -37.89 -20.31
C7 BCR ZB . -44.35 -36.59 -19.61
C8 BCR ZB . -43.90 -36.35 -18.37
C9 BCR ZB . -43.93 -35.15 -17.93
C10 BCR ZB . -42.95 -34.37 -17.86
C11 BCR ZB . -42.00 -34.01 -17.25
C33 BCR ZB . -46.84 -37.32 -20.36
C31 BCR ZB . -42.83 -38.06 -22.12
C32 BCR ZB . -42.11 -38.68 -19.81
C34 BCR ZB . -45.25 -34.63 -17.46
C12 BCR ZB . -41.03 -33.54 -16.60
C13 BCR ZB . -39.63 -33.51 -16.09
C14 BCR ZB . -39.24 -32.65 -15.14
C15 BCR ZB . -37.85 -32.68 -14.69
C16 BCR ZB . -36.76 -32.36 -13.98
C17 BCR ZB . -35.59 -32.46 -13.69
C18 BCR ZB . -34.36 -32.38 -13.16
C19 BCR ZB . -33.91 -31.44 -12.11
C20 BCR ZB . -32.81 -30.91 -11.57
C21 BCR ZB . -31.99 -30.31 -10.92
C22 BCR ZB . -30.76 -30.14 -10.39
C23 BCR ZB . -30.33 -28.98 -9.59
C24 BCR ZB . -30.06 -29.18 -8.30
C25 BCR ZB . -29.60 -28.11 -7.39
C26 BCR ZB . -28.33 -28.17 -6.97
C27 BCR ZB . -27.66 -27.01 -6.29
C28 BCR ZB . -28.62 -26.33 -5.30
C29 BCR ZB . -30.10 -26.64 -5.50
C30 BCR ZB . -30.51 -27.00 -6.92
C35 BCR ZB . -38.63 -34.45 -16.68
C36 BCR ZB . -33.33 -33.33 -13.71
C37 BCR ZB . -29.75 -31.23 -10.63
C38 BCR ZB . -27.56 -29.44 -7.18
C39 BCR ZB . -30.43 -25.79 -7.84
C40 BCR ZB . -31.94 -27.52 -6.91
C1 BCR AC . -34.11 -35.20 -2.62
C2 BCR AC . -34.82 -35.59 -1.33
C3 BCR AC . -34.22 -36.79 -0.63
C4 BCR AC . -34.76 -38.00 -1.37
C5 BCR AC . -34.51 -37.73 -2.83
C6 BCR AC . -34.51 -36.49 -3.38
C7 BCR AC . -34.79 -36.42 -4.84
C8 BCR AC . -35.91 -36.79 -5.50
C9 BCR AC . -35.91 -36.63 -6.77
C10 BCR AC . -36.83 -37.04 -7.52
C11 BCR AC . -37.95 -37.37 -7.67
C33 BCR AC . -34.24 -38.95 -3.67
C31 BCR AC . -34.92 -34.32 -3.57
C32 BCR AC . -32.71 -35.70 -2.99
C34 BCR AC . -34.78 -35.89 -7.41
C12 BCR AC . -39.13 -37.70 -7.96
C13 BCR AC . -40.47 -38.30 -7.80
C14 BCR AC . -41.36 -38.09 -8.79
C15 BCR AC . -42.72 -38.62 -8.76
C16 BCR AC . -43.89 -38.83 -9.35
C17 BCR AC . -45.02 -39.17 -9.55
C18 BCR AC . -46.18 -39.34 -10.23
C19 BCR AC . -47.33 -40.02 -9.62
C20 BCR AC . -48.55 -40.51 -9.75
C21 BCR AC . -49.62 -40.74 -10.26
C22 BCR AC . -50.76 -41.35 -10.61
C23 BCR AC . -51.67 -40.66 -11.54
C24 BCR AC . -51.80 -41.08 -12.79
C25 BCR AC . -52.72 -40.38 -13.71
C26 BCR AC . -54.03 -40.44 -13.47
C27 BCR AC . -54.89 -39.21 -13.43
C28 BCR AC . -54.29 -38.24 -14.43
C29 BCR AC . -52.77 -38.34 -14.35
C30 BCR AC . -52.10 -39.62 -14.88
C35 BCR AC . -40.82 -39.12 -6.60
C36 BCR AC . -46.28 -38.81 -11.63
C37 BCR AC . -51.09 -42.71 -10.06
C38 BCR AC . -54.65 -41.79 -13.21
C39 BCR AC . -52.87 -39.48 -16.20
C40 BCR AC . -50.81 -38.83 -14.66
C1 BCR BC . -45.82 0.16 -17.52
C2 BCR BC . -47.33 -0.06 -17.60
C3 BCR BC . -47.90 -0.04 -19.00
C4 BCR BC . -47.53 1.29 -19.63
C5 BCR BC . -46.03 1.30 -19.75
C6 BCR BC . -45.25 0.75 -18.81
C7 BCR BC . -43.79 0.73 -19.08
C8 BCR BC . -42.86 1.31 -18.32
C9 BCR BC . -41.62 1.26 -18.63
C10 BCR BC . -40.98 0.16 -18.59
C11 BCR BC . -39.90 -0.29 -18.77
C33 BCR BC . -45.41 1.93 -20.97
C31 BCR BC . -45.11 -1.16 -17.27
C32 BCR BC . -45.56 1.14 -16.39
C34 BCR BC . -40.90 2.53 -19.02
C12 BCR BC . -38.79 -0.88 -18.92
C13 BCR BC . -37.32 -0.94 -19.04
C14 BCR BC . -36.72 -2.15 -19.10
C15 BCR BC . -35.27 -2.32 -19.19
C16 BCR BC . -34.19 -3.09 -19.33
C17 BCR BC . -33.06 -3.50 -19.42
C18 BCR BC . -32.08 -4.39 -19.63
C19 BCR BC . -30.64 -4.08 -19.49
C20 BCR BC . -29.39 -4.51 -19.59
C21 BCR BC . -28.19 -4.57 -19.56
C22 BCR BC . -26.99 -5.17 -19.47
C23 BCR BC . -25.72 -4.42 -19.52
C24 BCR BC . -24.62 -5.03 -19.08
C25 BCR BC . -23.29 -4.38 -19.07
C26 BCR BC . -22.53 -4.41 -20.19
C27 BCR BC . -21.23 -3.64 -20.33
C28 BCR BC . -20.84 -2.87 -19.06
C29 BCR BC . -21.30 -3.61 -17.81
C30 BCR BC . -22.81 -3.72 -17.80
C35 BCR BC . -36.48 0.31 -19.09
C36 BCR BC . -32.47 -5.78 -20.05
C37 BCR BC . -26.94 -6.66 -19.28
C38 BCR BC . -22.98 -5.24 -21.35
C39 BCR BC . -23.44 -2.35 -17.67
C40 BCR BC . -23.23 -4.60 -16.62
C1 BCR CC . -40.05 -4.97 -6.52
C2 BCR CC . -40.49 -5.48 -5.16
C3 BCR CC . -40.17 -4.50 -4.04
C4 BCR CC . -38.66 -4.34 -3.97
C5 BCR CC . -38.17 -3.84 -5.32
C6 BCR CC . -38.69 -4.31 -6.46
C7 BCR CC . -37.92 -4.17 -7.74
C8 BCR CC . -36.78 -4.78 -8.00
C9 BCR CC . -36.21 -4.59 -9.13
C10 BCR CC . -35.40 -5.44 -9.60
C11 BCR CC . -34.27 -5.68 -9.92
C33 BCR CC . -37.10 -2.79 -5.33
C31 BCR CC . -41.04 -3.92 -7.02
C32 BCR CC . -39.99 -6.14 -7.49
C34 BCR CC . -36.54 -3.37 -9.95
C12 BCR CC . -33.08 -5.98 -10.17
C13 BCR CC . -31.76 -5.76 -10.84
C14 BCR CC . -30.91 -6.79 -10.99
C15 BCR CC . -29.62 -6.58 -11.65
C16 BCR CC . -28.52 -6.94 -12.32
C17 BCR CC . -27.45 -6.81 -12.90
C18 BCR CC . -26.36 -7.01 -13.66
C19 BCR CC . -26.06 -8.28 -14.35
C20 BCR CC . -25.19 -8.97 -15.07
C21 BCR CC . -24.22 -9.24 -15.74
C22 BCR CC . -22.97 -9.63 -16.05
C23 BCR CC . -22.55 -9.82 -17.45
C24 BCR CC . -22.53 -8.79 -18.31
C25 BCR CC . -22.10 -8.98 -19.72
C26 BCR CC . -20.92 -8.50 -20.10
C27 BCR CC . -20.37 -8.69 -21.50
C28 BCR CC . -21.41 -9.01 -22.55
C29 BCR CC . -22.86 -9.04 -22.05
C30 BCR CC . -23.02 -9.69 -20.69
C35 BCR CC . -31.39 -4.40 -11.36
C36 BCR CC . -25.36 -5.92 -13.81
C37 BCR CC . -21.98 -9.84 -14.95
C38 BCR CC . -20.11 -7.72 -19.12
C39 BCR CC . -22.66 -11.18 -20.74
C40 BCR CC . -24.46 -9.52 -20.25
C1 BCR DC . -40.54 19.06 8.94
C2 BCR DC . -40.95 20.49 8.58
C3 BCR DC . -41.54 21.22 9.78
C4 BCR DC . -42.73 20.48 10.37
C5 BCR DC . -42.35 19.04 10.58
C6 BCR DC . -41.71 18.38 9.62
C7 BCR DC . -42.16 17.01 9.28
C8 BCR DC . -43.12 16.83 8.38
C9 BCR DC . -43.54 15.67 8.08
C10 BCR DC . -43.00 15.02 7.17
C11 BCR DC . -42.32 14.97 6.20
C33 BCR DC . -42.69 18.34 11.87
C31 BCR DC . -39.37 19.07 9.90
C32 BCR DC . -40.18 18.30 7.67
C34 BCR DC . -44.69 15.08 8.87
C12 BCR DC . -41.58 14.93 5.20
C13 BCR DC . -41.28 14.90 3.76
C14 BCR DC . -40.01 14.81 3.34
C15 BCR DC . -39.71 14.78 1.91
C16 BCR DC . -39.01 14.42 0.85
C17 BCR DC . -38.66 14.32 -0.31
C18 BCR DC . -38.06 13.83 -1.39
C19 BCR DC . -38.22 14.52 -2.70
C35 BCR DC . -42.39 14.96 2.78
C36 BCR DC . -37.22 12.58 -1.30
MG CLA EC . -12.33 -33.55 -17.24
CHA CLA EC . -11.06 -34.73 -20.34
CHB CLA EC . -15.46 -34.34 -18.46
CHC CLA EC . -13.45 -33.02 -14.13
CHD CLA EC . -8.94 -33.28 -16.05
NA CLA EC . -13.19 -34.44 -19.17
C1A CLA EC . -12.57 -34.76 -20.24
C2A CLA EC . -13.47 -35.16 -21.38
C3A CLA EC . -14.84 -35.01 -20.75
C4A CLA EC . -14.49 -34.58 -19.36
CMA CLA EC . -15.65 -33.90 -21.43
CAA CLA EC . -13.29 -36.63 -21.74
CBA CLA EC . -13.25 -37.50 -20.49
CGA CLA EC . -13.49 -38.95 -20.84
O1A CLA EC . -14.47 -39.36 -21.44
O2A CLA EC . -12.67 -39.94 -20.55
NB CLA EC . -14.20 -33.71 -16.41
C1B CLA EC . -15.36 -33.91 -17.05
C2B CLA EC . -16.56 -33.72 -16.19
C3B CLA EC . -15.95 -33.32 -14.92
C4B CLA EC . -14.48 -33.35 -15.15
CMB CLA EC . -18.01 -33.87 -16.55
CAB CLA EC . -16.61 -32.98 -13.65
CBB CLA EC . -17.59 -32.11 -13.62
NC CLA EC . -11.33 -33.26 -15.36
C1C CLA EC . -11.97 -32.97 -14.22
C2C CLA EC . -11.12 -32.60 -13.07
C3C CLA EC . -9.79 -32.70 -13.66
C4C CLA EC . -10.03 -33.10 -15.07
CMC CLA EC . -11.51 -32.23 -11.67
CAC CLA EC . -8.46 -32.45 -12.99
CBC CLA EC . -8.28 -30.96 -12.82
ND CLA EC . -10.41 -33.94 -17.87
C1D CLA EC . -9.16 -33.72 -17.44
C2D CLA EC . -8.09 -33.94 -18.45
C3D CLA EC . -8.92 -34.34 -19.59
C4D CLA EC . -10.21 -34.32 -19.21
CMD CLA EC . -6.59 -33.86 -18.55
CAD CLA EC . -8.81 -34.75 -21.01
OBD CLA EC . -7.71 -34.80 -21.68
CBD CLA EC . -10.16 -35.12 -21.51
CGD CLA EC . -10.45 -34.38 -22.78
O1D CLA EC . -10.20 -34.91 -23.86
O2D CLA EC . -11.03 -33.05 -22.79
CED CLA EC . -12.03 -32.73 -23.75
C1 CLA EC . -13.04 -40.95 -19.36
MG CLA FC . -21.65 -26.02 -19.22
CHA CLA FC . -24.64 -24.73 -17.77
CHB CLA FC . -21.50 -28.12 -16.51
CHC CLA FC . -18.62 -26.89 -20.34
CHD CLA FC . -21.72 -23.28 -21.55
NA CLA FC . -22.91 -26.40 -17.35
C1A CLA FC . -24.02 -25.87 -17.00
C2A CLA FC . -24.64 -26.48 -15.77
C3A CLA FC . -23.60 -27.53 -15.40
C4A CLA FC . -22.60 -27.34 -16.48
CMA CLA FC . -22.92 -27.16 -14.09
CAA CLA FC . -26.00 -27.14 -16.05
CBA CLA FC . -26.25 -28.40 -15.22
CGA CLA FC . -26.54 -28.08 -13.76
O1A CLA FC . -25.74 -27.61 -12.97
O2A CLA FC . -27.67 -28.31 -13.13
NB CLA FC . -20.25 -27.32 -18.48
C1B CLA FC . -20.36 -28.15 -17.45
C2B CLA FC . -19.21 -29.10 -17.31
C3B CLA FC . -18.38 -28.70 -18.45
C4B CLA FC . -19.10 -27.60 -19.13
CMB CLA FC . -18.99 -30.16 -16.26
CAB CLA FC . -17.08 -29.25 -18.90
CBB CLA FC . -16.81 -30.53 -18.83
NC CLA FC . -20.36 -25.17 -20.70
C1C CLA FC . -19.20 -25.73 -21.06
C2C CLA FC . -18.51 -25.11 -22.21
C3C CLA FC . -19.43 -24.05 -22.56
C4C CLA FC . -20.54 -24.16 -21.57
CMC CLA FC . -17.20 -25.51 -22.84
CAC CLA FC . -19.31 -23.02 -23.67
CBC CLA FC . -18.66 -21.77 -23.13
ND CLA FC . -22.76 -24.33 -19.62
C1D CLA FC . -22.82 -23.41 -20.60
C2D CLA FC . -24.05 -22.56 -20.60
C3D CLA FC . -24.73 -23.16 -19.44
C4D CLA FC . -23.96 -24.14 -18.94
CMD CLA FC . -24.66 -21.43 -21.39
CAD CLA FC . -25.98 -23.01 -18.67
OBD CLA FC . -26.93 -22.18 -18.90
CBD CLA FC . -25.94 -23.99 -17.53
CGD CLA FC . -25.93 -23.24 -16.22
O1D CLA FC . -26.22 -23.79 -15.19
O2D CLA FC . -25.56 -21.84 -16.20
CED CLA FC . -24.71 -21.35 -15.15
C1 CLA FC . -28.45 -27.08 -12.48
C2 CLA FC . -28.47 -25.75 -13.19
C3 CLA FC . -28.91 -24.62 -12.59
C4 CLA FC . -29.36 -24.65 -11.17
C5 CLA FC . -28.92 -23.33 -13.38
C6 CLA FC . -30.31 -23.06 -13.96
C7 CLA FC . -30.78 -24.19 -14.88
C8 CLA FC . -31.05 -23.71 -16.30
C9 CLA FC . -32.56 -23.63 -16.53
C10 CLA FC . -30.40 -24.67 -17.29
C11 CLA FC . -29.96 -23.96 -18.57
C12 CLA FC . -28.96 -24.82 -19.34
C13 CLA FC . -28.89 -24.45 -20.82
C14 CLA FC . -30.25 -24.66 -21.48
C15 CLA FC . -27.83 -25.30 -21.50
C16 CLA FC . -26.77 -24.44 -22.19
C17 CLA FC . -27.03 -24.33 -23.68
C18 CLA FC . -26.00 -25.09 -24.51
C19 CLA FC . -26.50 -25.31 -25.93
C20 CLA FC . -24.66 -24.35 -24.50
MG CLA GC . -19.97 -27.97 -10.24
CHA CLA GC . -17.03 -28.64 -12.10
CHB CLA GC . -20.41 -25.27 -12.34
CHC CLA GC . -23.03 -27.70 -8.90
CHD CLA GC . -19.53 -31.12 -8.56
NA CLA GC . -18.88 -27.05 -12.03
C1A CLA GC . -17.76 -27.40 -12.55
C2A CLA GC . -17.22 -26.47 -13.59
C3A CLA GC . -18.31 -25.40 -13.62
C4A CLA GC . -19.29 -25.94 -12.62
CMA CLA GC . -17.76 -24.08 -13.08
CAA CLA GC . -17.12 -27.12 -14.96
CBA CLA GC . -16.89 -26.09 -16.07
CGA CLA GC . -15.43 -25.71 -16.14
O1A CLA GC . -14.51 -26.51 -16.19
O2A CLA GC . -14.99 -24.47 -16.15
NB CLA GC . -21.51 -26.68 -10.62
C1B CLA GC . -21.51 -25.58 -11.40
C2B CLA GC . -22.71 -24.72 -11.24
C3B CLA GC . -23.45 -25.46 -10.21
C4B CLA GC . -22.65 -26.66 -9.89
CMB CLA GC . -23.06 -23.42 -11.92
CAB CLA GC . -24.76 -25.11 -9.60
CBB CLA GC . -25.83 -25.01 -10.35
NC CLA GC . -21.13 -29.27 -8.99
C1C CLA GC . -22.30 -28.90 -8.45
C2C CLA GC . -22.81 -29.78 -7.37
C3C CLA GC . -21.77 -30.80 -7.30
C4C CLA GC . -20.79 -30.39 -8.34
CMC CLA GC . -24.07 -29.64 -6.56
CAC CLA GC . -21.70 -32.00 -6.38
CBC CLA GC . -21.02 -31.60 -5.09
ND CLA GC . -18.72 -29.60 -10.28
C1D CLA GC . -18.52 -30.71 -9.55
C2D CLA GC . -17.22 -31.41 -9.80
C3D CLA GC . -16.68 -30.53 -10.84
C4D CLA GC . -17.56 -29.54 -11.06
CMD CLA GC . -16.48 -32.63 -9.32
CAD CLA GC . -15.50 -30.39 -11.71
OBD CLA GC . -14.34 -30.88 -11.44
CBD CLA GC . -15.72 -29.21 -12.61
CGD CLA GC . -14.60 -28.23 -12.44
O1D CLA GC . -14.47 -27.58 -11.42
O2D CLA GC . -13.65 -28.04 -13.52
CED CLA GC . -12.35 -28.63 -13.42
C1 CLA GC . -13.72 -24.05 -15.28
C2 CLA GC . -13.55 -24.49 -13.84
C3 CLA GC . -13.39 -23.58 -12.87
C4 CLA GC . -13.37 -22.12 -13.20
C5 CLA GC . -13.25 -24.04 -11.44
C6 CLA GC . -13.57 -22.89 -10.48
C7 CLA GC . -14.82 -23.17 -9.66
C8 CLA GC . -15.11 -22.02 -8.71
C9 CLA GC . -13.83 -21.55 -8.01
C10 CLA GC . -16.14 -22.45 -7.67
C11 CLA GC . -17.56 -22.35 -8.21
C12 CLA GC . -18.55 -22.97 -7.22
C13 CLA GC . -19.11 -24.29 -7.73
C14 CLA GC . -18.14 -25.45 -7.51
C15 CLA GC . -19.45 -24.16 -9.22
MG CLA HC . -19.40 -43.44 0.52
CHA CLA HC . -17.17 -44.77 2.92
CHB CLA HC . -17.62 -40.49 0.82
CHC CLA HC . -21.13 -42.36 -2.13
CHD CLA HC . -20.70 -46.76 0.01
NA CLA HC . -17.60 -42.69 1.71
C1A CLA HC . -16.93 -43.32 2.59
C2A CLA HC . -15.88 -42.50 3.30
C3A CLA HC . -16.07 -41.15 2.63
C4A CLA HC . -17.16 -41.45 1.64
CMA CLA HC . -16.59 -40.14 3.64
CAA CLA HC . -14.49 -43.02 2.94
CBA CLA HC . -14.16 -42.86 1.45
CGA CLA HC . -14.30 -44.17 0.71
O1A CLA HC . -13.37 -44.77 0.19
O2A CLA HC . -15.43 -44.82 0.54
NB CLA HC . -19.34 -41.67 -0.53
C1B CLA HC . -18.66 -40.56 -0.22
C2B CLA HC . -19.05 -39.38 -1.06
C3B CLA HC . -20.08 -39.96 -1.91
C4B CLA HC . -20.20 -41.39 -1.52
CMB CLA HC . -18.52 -37.97 -1.02
CAB CLA HC . -20.86 -39.29 -2.96
CBB CLA HC . -20.69 -39.59 -4.22
NC CLA HC . -20.67 -44.44 -0.88
C1C CLA HC . -21.36 -43.80 -1.83
C2C CLA HC . -22.38 -44.59 -2.55
C3C CLA HC . -22.22 -45.90 -1.91
C4C CLA HC . -21.15 -45.70 -0.90
CMC CLA HC . -23.31 -44.16 -3.65
CAC CLA HC . -22.99 -47.18 -2.20
CBC CLA HC . -24.41 -47.07 -1.71
ND CLA HC . -19.06 -45.36 1.16
C1D CLA HC . -19.65 -46.57 1.03
C2D CLA HC . -19.15 -47.61 1.97
C3D CLA HC . -18.16 -46.82 2.70
C4D CLA HC . -18.16 -45.58 2.20
CMD CLA HC . -19.40 -49.07 2.29
CAD CLA HC . -17.17 -46.95 3.79
OBD CLA HC . -17.19 -47.89 4.66
CBD CLA HC . -16.51 -45.62 3.98
CGD CLA HC . -16.82 -45.06 5.34
O1D CLA HC . -17.97 -45.07 5.76
O2D CLA HC . -15.78 -44.49 6.16
CED CLA HC . -15.77 -44.73 7.56
C1 CLA HC . -16.02 -45.18 -0.91
C2 CLA HC . -16.85 -46.44 -1.10
C3 CLA HC . -17.40 -46.76 -2.28
C4 CLA HC . -18.21 -48.02 -2.38
C5 CLA HC . -17.23 -45.85 -3.48
C6 CLA HC . -18.41 -46.05 -4.44
C7 CLA HC . -19.17 -44.74 -4.65
C8 CLA HC . -19.29 -44.40 -6.14
C9 CLA HC . -20.16 -45.41 -6.86
C10 CLA HC . -17.89 -44.33 -6.75
MG CLA IC . -17.02 -34.85 5.64
CHA CLA IC . -20.44 -34.07 5.08
CHB CLA IC . -17.16 -36.63 2.69
CHC CLA IC . -13.69 -35.11 5.87
CHD CLA IC . -17.01 -32.48 8.35
NA CLA IC . -18.59 -35.31 4.06
C1A CLA IC . -19.83 -34.98 4.06
C2A CLA IC . -20.61 -35.52 2.90
C3A CLA IC . -19.56 -36.36 2.17
C4A CLA IC . -18.35 -36.08 3.02
CMA CLA IC . -19.92 -37.83 2.28
CAA CLA IC . -21.00 -34.35 1.98
CBA CLA IC . -19.84 -33.53 1.40
CGA CLA IC . -19.08 -32.69 2.41
O1A CLA IC . -19.54 -31.77 3.06
O2A CLA IC . -17.81 -32.91 2.75
NB CLA IC . -15.62 -35.72 4.41
C1B CLA IC . -15.85 -36.50 3.34
C2B CLA IC . -14.61 -37.17 2.82
C3B CLA IC . -13.62 -36.70 3.79
C4B CLA IC . -14.32 -35.81 4.73
CMB CLA IC . -14.43 -38.09 1.65
CAB CLA IC . -12.16 -37.03 3.83
CBB CLA IC . -11.28 -36.10 3.57
NC CLA IC . -15.57 -33.88 6.89
C1C CLA IC . -14.27 -34.22 6.89
C2C CLA IC . -13.45 -33.64 7.98
C3C CLA IC . -14.44 -32.85 8.70
C4C CLA IC . -15.71 -33.07 7.96
CMC CLA IC . -11.98 -33.80 8.25
CAC CLA IC . -14.23 -32.00 9.93
CBC CLA IC . -13.70 -30.65 9.54
ND CLA IC . -18.29 -33.51 6.55
C1D CLA IC . -18.26 -32.69 7.60
C2D CLA IC . -19.58 -32.05 7.95
C3D CLA IC . -20.40 -32.65 6.89
C4D CLA IC . -19.63 -33.47 6.15
CMD CLA IC . -20.15 -31.09 8.95
CAD CLA IC . -21.78 -32.65 6.40
OBD CLA IC . -22.70 -31.82 6.75
CBD CLA IC . -21.85 -33.52 5.18
CGD CLA IC . -22.93 -34.56 5.35
O1D CLA IC . -24.10 -34.22 5.40
O2D CLA IC . -22.62 -35.98 5.46
CED CLA IC . -23.47 -36.91 4.79
C1 CLA IC . -16.99 -31.82 3.59
C2 CLA IC . -15.50 -31.99 3.82
C3 CLA IC . -14.86 -31.32 4.80
C4 CLA IC . -15.62 -30.37 5.68
C5 CLA IC . -13.37 -31.51 5.02
C6 CLA IC . -12.59 -30.92 3.86
C7 CLA IC . -11.57 -31.93 3.35
C8 CLA IC . -11.71 -32.12 1.85
C9 CLA IC . -11.73 -30.76 1.14
C10 CLA IC . -12.98 -32.90 1.55
C11 CLA IC . -13.35 -32.83 0.08
C12 CLA IC . -14.16 -34.05 -0.35
C13 CLA IC . -15.58 -33.67 -0.72
C14 CLA IC . -16.58 -34.34 0.20
C15 CLA IC . -15.83 -34.08 -2.17
C16 CLA IC . -17.19 -33.60 -2.66
C17 CLA IC . -18.02 -34.76 -3.20
C18 CLA IC . -18.19 -34.70 -4.72
C19 CLA IC . -16.85 -34.82 -5.45
C20 CLA IC . -19.14 -35.80 -5.20
MG CLA JC . -7.52 -37.19 9.50
CHA CLA JC . -10.53 -38.37 8.06
CHB CLA JC . -5.89 -38.86 6.98
CHC CLA JC . -4.73 -35.55 10.47
CHD CLA JC . -9.44 -35.17 11.73
NA CLA JC . -8.12 -38.46 7.71
C1A CLA JC . -9.28 -38.85 7.37
C2A CLA JC . -9.29 -39.86 6.26
C3A CLA JC . -7.82 -40.01 5.98
C4A CLA JC . -7.22 -39.03 6.94
CMA CLA JC . -7.40 -41.40 6.46
CAA CLA JC . -9.93 -39.29 4.99
CBA CLA JC . -10.85 -40.29 4.32
CGA CLA JC . -10.46 -40.48 2.87
O1A CLA JC . -9.34 -40.82 2.50
O2A CLA JC . -11.28 -40.30 1.86
NB CLA JC . -5.59 -37.19 8.77
C1B CLA JC . -5.07 -37.98 7.84
C2B CLA JC . -3.58 -37.89 7.76
C3B CLA JC . -3.28 -36.91 8.80
C4B CLA JC . -4.58 -36.53 9.38
CMB CLA JC . -2.64 -38.61 6.85
CAB CLA JC . -1.97 -36.37 9.23
CBB CLA JC . -1.02 -36.06 8.37
NC CLA JC . -7.16 -35.56 10.86
C1C CLA JC . -5.94 -35.12 11.18
C2C CLA JC . -5.86 -34.18 12.30
C3C CLA JC . -7.26 -34.06 12.67
C4C CLA JC . -7.98 -34.95 11.72
CMC CLA JC . -4.64 -33.53 12.90
CAC CLA JC . -7.82 -33.22 13.80
CBC CLA JC . -7.64 -33.97 15.09
ND CLA JC . -9.48 -36.73 9.87
C1D CLA JC . -10.16 -36.04 10.78
C2D CLA JC . -11.64 -36.24 10.75
C3D CLA JC . -11.72 -37.19 9.63
C4D CLA JC . -10.48 -37.43 9.19
CMD CLA JC . -12.88 -35.77 11.47
CAD CLA JC . -12.71 -37.97 8.85
OBD CLA JC . -13.98 -37.79 8.89
CBD CLA JC . -11.98 -38.70 7.76
CGD CLA JC . -12.26 -40.16 7.84
O1D CLA JC . -12.06 -40.79 8.86
O2D CLA JC . -12.80 -40.86 6.68
CED CLA JC . -13.95 -41.68 6.79
C1 CLA JC . -10.75 -39.70 0.47
C2 CLA JC . -9.71 -38.61 0.42
C3 CLA JC . -10.03 -37.39 -0.02
C4 CLA JC . -11.43 -37.08 -0.45
C5 CLA JC . -8.97 -36.30 -0.07
C6 CLA JC . -9.08 -35.59 -1.41
C7 CLA JC . -8.52 -34.18 -1.35
C8 CLA JC . -7.54 -33.95 -2.49
C9 CLA JC . -6.26 -33.30 -1.97
C10 CLA JC . -8.19 -33.09 -3.57
C11 CLA JC . -8.68 -33.92 -4.74
C12 CLA JC . -7.52 -34.48 -5.57
C13 CLA JC . -7.84 -34.45 -7.06
C14 CLA JC . -9.02 -35.35 -7.38
C15 CLA JC . -6.58 -34.83 -7.84
C16 CLA JC . -6.61 -36.27 -8.33
C17 CLA JC . -5.30 -36.98 -8.03
C18 CLA JC . -5.54 -38.33 -7.35
C19 CLA JC . -6.53 -39.18 -8.15
C20 CLA JC . -4.23 -39.07 -7.14
MG CLA KC . -0.29 -42.42 6.44
CHA CLA KC . 1.42 -43.85 9.21
CHB CLA KC . -2.72 -44.81 7.00
CHC CLA KC . -2.16 -40.74 4.24
CHD CLA KC . 2.07 -39.72 6.46
NA CLA KC . -0.64 -44.12 7.93
C1A CLA KC . 0.13 -44.53 8.85
C2A CLA KC . -0.31 -45.81 9.51
C3A CLA KC . -1.59 -46.09 8.76
C4A CLA KC . -1.69 -44.92 7.85
CMA CLA KC . -1.26 -47.25 7.83
CAA CLA KC . -0.63 -45.63 10.99
CBA CLA KC . -1.26 -46.88 11.57
CGA CLA KC . -0.53 -47.25 12.84
O1A CLA KC . -1.02 -47.22 13.96
O2A CLA KC . 0.73 -47.63 12.88
NB CLA KC . -2.20 -42.72 5.77
C1B CLA KC . -3.02 -43.77 6.00
C2B CLA KC . -4.24 -43.76 5.14
C3B CLA KC . -4.02 -42.55 4.35
C4B CLA KC . -2.74 -41.97 4.79
CMB CLA KC . -5.39 -44.74 5.09
CAB CLA KC . -4.83 -41.92 3.29
CBB CLA KC . -5.98 -41.34 3.49
NC CLA KC . -0.08 -40.50 5.52
C1C CLA KC . -0.89 -40.06 4.56
C2C CLA KC . -0.47 -38.85 3.82
C3C CLA KC . 0.80 -38.56 4.49
C4C CLA KC . 0.95 -39.63 5.51
CMC CLA KC . -1.16 -38.13 2.70
CAC CLA KC . 1.76 -37.43 4.19
CBC CLA KC . 1.13 -36.11 4.58
ND CLA KC . 1.32 -41.77 7.53
C1D CLA KC . 2.25 -40.81 7.44
C2D CLA KC . 3.41 -40.96 8.36
C3D CLA KC . 3.00 -42.20 9.04
C4D CLA KC . 1.84 -42.60 8.53
CMD CLA KC . 4.69 -40.24 8.70
CAD CLA KC . 3.48 -43.12 10.09
OBD CLA KC . 4.66 -43.12 10.60
CBD CLA KC . 2.48 -44.23 10.22
CGD CLA KC . 3.16 -45.53 9.90
O1D CLA KC . 2.59 -46.61 10.03
O2D CLA KC . 4.54 -45.57 9.43
CED CLA KC . 4.93 -46.54 8.46
C1 CLA KC . 1.26 -48.76 11.88
C2 CLA KC . 0.95 -50.23 12.07
C3 CLA KC . 1.46 -51.13 11.23
C4 CLA KC . 1.15 -52.59 11.43
C5 CLA KC . 2.35 -50.69 10.09
C6 CLA KC . 2.42 -51.78 9.02
C7 CLA KC . 1.40 -51.54 7.91
C8 CLA KC . 1.77 -52.34 6.67
C9 CLA KC . 3.22 -52.07 6.26
C10 CLA KC . 0.81 -52.01 5.53
C11 CLA KC . 1.13 -52.79 4.27
C12 CLA KC . 1.49 -51.86 3.12
C13 CLA KC . 1.91 -52.64 1.87
C14 CLA KC . 2.95 -53.69 2.20
C15 CLA KC . 2.40 -51.66 0.81
C16 CLA KC . 1.29 -50.71 0.39
C17 CLA KC . 1.50 -50.22 -1.04
C18 CLA KC . 0.25 -50.39 -1.88
C19 CLA KC . -0.72 -49.23 -1.68
C20 CLA KC . 0.61 -50.55 -3.36
MG CLA LC . -33.24 -37.69 -25.16
CHA CLA LC . -34.30 -38.69 -28.38
CHB CLA LC . -33.62 -34.45 -26.29
CHC CLA LC . -32.81 -36.76 -21.97
CHD CLA LC . -33.43 -41.13 -24.13
NA CLA LC . -33.90 -36.66 -27.10
C1A CLA LC . -34.22 -37.20 -28.21
C2A CLA LC . -34.45 -36.25 -29.33
C3A CLA LC . -34.20 -34.92 -28.65
C4A CLA LC . -33.90 -35.35 -27.25
CMA CLA LC . -32.96 -34.32 -29.27
CAA CLA LC . -35.91 -36.36 -29.79
CBA CLA LC . -36.72 -35.07 -29.70
CGA CLA LC . -38.00 -35.34 -28.95
O1A CLA LC . -38.07 -35.53 -27.75
O2A CLA LC . -39.19 -35.44 -29.52
NB CLA LC . -33.25 -35.84 -24.25
C1B CLA LC . -33.30 -34.64 -24.86
C2B CLA LC . -33.04 -33.51 -23.93
C3B CLA LC . -32.80 -34.20 -22.67
C4B CLA LC . -32.95 -35.65 -22.95
CMB CLA LC . -33.01 -32.03 -24.22
CAB CLA LC . -32.48 -33.53 -21.37
CBB CLA LC . -31.69 -34.05 -20.46
NC CLA LC . -33.17 -38.78 -23.32
C1C CLA LC . -32.88 -38.22 -22.14
C2C CLA LC . -32.64 -39.17 -21.02
C3C CLA LC . -32.83 -40.46 -21.68
C4C CLA LC . -33.15 -40.11 -23.09
CMC CLA LC . -32.31 -38.87 -19.58
CAC CLA LC . -32.73 -41.84 -21.08
CBC CLA LC . -31.34 -42.40 -21.35
ND CLA LC . -33.78 -39.52 -25.91
C1D CLA LC . -33.73 -40.80 -25.52
C2D CLA LC . -33.98 -41.81 -26.60
C3D CLA LC . -34.20 -40.89 -27.72
C4D CLA LC . -34.08 -39.63 -27.26
CMD CLA LC . -34.04 -43.30 -26.77
CAD CLA LC . -34.51 -40.90 -29.17
OBD CLA LC . -34.41 -41.94 -29.93
CBD CLA LC . -34.62 -39.49 -29.62
CGD CLA LC . -33.62 -39.21 -30.71
O1D CLA LC . -32.42 -39.25 -30.48
O2D CLA LC . -34.08 -38.88 -32.05
CED CLA LC . -34.26 -39.92 -33.00
C1 CLA LC . -40.51 -34.91 -28.78
C2 CLA LC . -41.15 -35.61 -27.61
C3 CLA LC . -42.45 -35.40 -27.32
C4 CLA LC . -43.24 -34.46 -28.19
C5 CLA LC . -43.11 -36.09 -26.14
C6 CLA LC . -44.36 -35.33 -25.75
C7 CLA LC . -45.37 -36.23 -25.04
C8 CLA LC . -46.61 -35.44 -24.61
C9 CLA LC . -47.60 -36.35 -23.88
C10 CLA LC . -47.25 -34.80 -25.83
MG CLA MC . -42.30 -31.30 -26.27
CHA CLA MC . -39.88 -31.27 -28.87
CHB CLA MC . -44.51 -30.05 -28.59
CHC CLA MC . -44.68 -31.89 -24.00
CHD CLA MC . -39.92 -33.05 -24.21
NA CLA MC . -42.23 -30.73 -28.48
C1A CLA MC . -41.23 -30.75 -29.27
C2A CLA MC . -41.51 -30.16 -30.63
C3A CLA MC . -42.97 -29.76 -30.50
C4A CLA MC . -43.28 -30.22 -29.10
CMA CLA MC . -43.13 -28.25 -30.59
CAA CLA MC . -41.35 -31.22 -31.72
CBA CLA MC . -42.55 -32.15 -31.82
CGA CLA MC . -42.09 -33.53 -32.23
O1A CLA MC . -41.58 -33.80 -33.29
O2A CLA MC . -42.20 -34.60 -31.46
NB CLA MC . -44.33 -31.04 -26.31
C1B CLA MC . -45.04 -30.41 -27.26
C2B CLA MC . -46.46 -30.15 -26.87
C3B CLA MC . -46.50 -30.70 -25.51
C4B CLA MC . -45.13 -31.24 -25.24
CMB CLA MC . -47.55 -29.48 -27.66
CAB CLA MC . -47.69 -30.71 -24.62
CBB CLA MC . -47.62 -30.69 -23.31
NC CLA MC . -42.30 -32.36 -24.40
C1C CLA MC . -43.35 -32.40 -23.59
C2C CLA MC . -43.12 -33.00 -22.25
C3C CLA MC . -41.71 -33.36 -22.33
C4C CLA MC . -41.29 -32.91 -23.69
CMC CLA MC . -44.09 -33.21 -21.12
CAC CLA MC . -40.86 -34.01 -21.27
CBC CLA MC . -40.50 -35.43 -21.65
ND CLA MC . -40.40 -32.10 -26.39
C1D CLA MC . -39.51 -32.65 -25.56
C2D CLA MC . -38.13 -32.80 -26.10
C3D CLA MC . -38.36 -32.24 -27.44
C4D CLA MC . -39.64 -31.85 -27.53
CMD CLA MC . -36.79 -33.32 -25.67
CAD CLA MC . -37.63 -31.95 -28.69
OBD CLA MC . -36.35 -31.96 -28.82
CBD CLA MC . -38.59 -31.37 -29.67
CGD CLA MC . -38.07 -30.02 -30.09
O1D CLA MC . -37.16 -29.93 -30.89
O2D CLA MC . -38.65 -28.80 -29.54
CED CLA MC . -38.90 -27.72 -30.45
C1 CLA MC . -43.28 -35.73 -31.81
MG CLA NC . -33.88 -29.65 -21.92
CHA CLA NC . -30.71 -29.13 -20.44
CHB CLA NC . -35.02 -30.23 -18.71
CHC CLA NC . -36.94 -29.57 -23.22
CHD CLA NC . -32.54 -28.43 -25.03
NA CLA NC . -32.99 -29.67 -19.80
C1A CLA NC . -31.78 -29.49 -19.46
C2A CLA NC . -31.51 -29.72 -17.99
C3A CLA NC . -32.90 -30.08 -17.48
C4A CLA NC . -33.71 -29.97 -18.74
CMA CLA NC . -32.93 -31.51 -16.96
CAA CLA NC . -31.10 -28.40 -17.35
CBA CLA NC . -30.04 -28.57 -16.27
CGA CLA NC . -30.71 -28.89 -14.95
O1A CLA NC . -30.97 -30.01 -14.57
O2A CLA NC . -31.10 -27.99 -14.07
NB CLA NC . -35.73 -29.83 -21.06
C1B CLA NC . -36.02 -30.19 -19.80
C2B CLA NC . -37.46 -30.50 -19.58
C3B CLA NC . -38.00 -30.30 -20.94
C4B CLA NC . -36.86 -29.88 -21.78
CMB CLA NC . -38.13 -30.92 -18.30
CAB CLA NC . -39.39 -30.44 -21.45
CBB CLA NC . -40.43 -30.56 -20.65
NC CLA NC . -34.63 -29.01 -23.83
C1C CLA NC . -35.91 -29.12 -24.18
C2C CLA NC . -36.23 -28.77 -25.58
C3C CLA NC . -34.91 -28.41 -26.11
C4C CLA NC . -34.00 -28.59 -24.94
CMC CLA NC . -37.59 -28.81 -26.23
CAC CLA NC . -34.47 -27.92 -27.47
CBC CLA NC . -35.26 -28.46 -28.65
ND CLA NC . -32.13 -28.87 -22.68
C1D CLA NC . -31.63 -28.53 -23.87
C2D CLA NC . -30.16 -28.27 -23.91
C3D CLA NC . -29.87 -28.53 -22.50
C4D CLA NC . -31.00 -28.86 -21.86
CMD CLA NC . -29.10 -27.89 -24.89
CAD CLA NC . -28.71 -28.56 -21.57
OBD CLA NC . -27.50 -28.65 -21.97
CBD CLA NC . -29.22 -28.98 -20.22
CGD CLA NC . -28.63 -30.31 -19.85
O1D CLA NC . -28.18 -31.06 -20.70
O2D CLA NC . -28.64 -30.75 -18.47
CED CLA NC . -27.46 -30.69 -17.68
C1 CLA NC . -32.66 -27.76 -13.79
C2 CLA NC . -33.15 -26.62 -12.94
C3 CLA NC . -34.22 -26.78 -12.16
C4 CLA NC . -34.95 -28.09 -12.16
C5 CLA NC . -34.72 -25.66 -11.29
C6 CLA NC . -34.63 -24.33 -12.04
C7 CLA NC . -33.55 -23.44 -11.43
C8 CLA NC . -34.04 -22.74 -10.16
C9 CLA NC . -33.73 -21.26 -10.21
C10 CLA NC . -33.40 -23.38 -8.94
C11 CLA NC . -34.14 -22.95 -7.67
C12 CLA NC . -35.30 -23.88 -7.37
C13 CLA NC . -35.63 -23.83 -5.88
C14 CLA NC . -35.96 -22.41 -5.45
C15 CLA NC . -34.45 -24.36 -5.08
C16 CLA NC . -34.70 -25.77 -4.55
C17 CLA NC . -33.46 -26.27 -3.82
C18 CLA NC . -33.77 -27.48 -2.94
C19 CLA NC . -34.53 -28.55 -3.73
C20 CLA NC . -32.50 -28.06 -2.36
MG CLA OC . -42.37 -37.48 -3.84
CHA CLA OC . -41.39 -40.01 -1.54
CHB CLA OC . -39.12 -36.35 -3.65
CHC CLA OC . -43.12 -35.52 -6.45
CHD CLA OC . -45.52 -39.19 -4.23
NA CLA OC . -40.47 -38.10 -2.74
C1A CLA OC . -40.31 -39.03 -1.89
C2A CLA OC . -38.97 -39.04 -1.23
C3A CLA OC . -38.29 -37.86 -1.89
C4A CLA OC . -39.35 -37.40 -2.84
CMA CLA OC . -38.10 -36.76 -0.86
CAA CLA OC . -38.20 -40.30 -1.63
CBA CLA OC . -38.31 -40.55 -3.14
CGA CLA OC . -37.92 -41.96 -3.48
O1A CLA OC . -36.83 -42.44 -3.28
O2A CLA OC . -38.73 -42.84 -4.04
NB CLA OC . -41.24 -36.16 -4.92
C1B CLA OC . -40.00 -35.72 -4.65
C2B CLA OC . -39.58 -34.56 -5.49
C3B CLA OC . -40.78 -34.34 -6.29
C4B CLA OC . -41.76 -35.37 -5.88
CMB CLA OC . -38.27 -33.83 -5.48
CAB CLA OC . -41.02 -33.32 -7.35
CBB CLA OC . -40.67 -32.06 -7.16
NC CLA OC . -44.06 -37.41 -5.16
C1C CLA OC . -44.21 -36.47 -6.11
C2C CLA OC . -45.52 -36.43 -6.78
C3C CLA OC . -46.22 -37.52 -6.12
C4C CLA OC . -45.24 -38.05 -5.14
CMC CLA OC . -46.00 -35.50 -7.87
CAC CLA OC . -47.63 -38.00 -6.36
CBC CLA OC . -48.62 -37.03 -5.75
ND CLA OC . -43.32 -39.19 -3.19
C1D CLA OC . -44.55 -39.74 -3.28
C2D CLA OC . -44.79 -40.89 -2.36
C3D CLA OC . -43.48 -40.94 -1.69
C4D CLA OC . -42.71 -39.96 -2.19
CMD CLA OC . -45.88 -41.86 -2.02
CAD CLA OC . -42.77 -41.71 -0.66
OBD CLA OC . -43.14 -42.85 -0.19
CBD CLA OC . -41.37 -41.18 -0.58
CGD CLA OC . -41.05 -40.77 0.83
O1D CLA OC . -40.07 -41.23 1.40
O2D CLA OC . -41.88 -39.82 1.55
CED CLA OC . -41.26 -38.69 2.16
C1 CLA OC . -38.62 -43.20 -5.59
C2 CLA OC . -39.49 -42.54 -6.64
C3 CLA OC . -40.15 -43.31 -7.53
C4 CLA OC . -40.02 -44.80 -7.47
C5 CLA OC . -41.03 -42.67 -8.58
C6 CLA OC . -40.18 -42.01 -9.66
C7 CLA OC . -40.95 -41.87 -10.97
C8 CLA OC . -40.83 -40.47 -11.55
C9 CLA OC . -41.39 -40.42 -12.96
C10 CLA OC . -39.36 -40.04 -11.50
C11 CLA OC . -39.05 -38.94 -12.52
C12 CLA OC . -37.58 -39.00 -12.91
C13 CLA OC . -37.17 -37.76 -13.71
C14 CLA OC . -38.12 -37.53 -14.87
C15 CLA OC . -35.73 -37.94 -14.19
C16 CLA OC . -35.30 -36.80 -15.11
C17 CLA OC . -34.18 -37.23 -16.04
C18 CLA OC . -32.81 -36.87 -15.48
C19 CLA OC . -32.15 -38.06 -14.81
C20 CLA OC . -31.92 -36.27 -16.55
MG CLA PC . -52.96 -34.97 -6.48
CHA CLA PC . -55.65 -37.22 -5.99
CHB CLA PC . -51.65 -37.34 -8.62
CHC CLA PC . -50.73 -32.63 -7.37
CHD CLA PC . -54.77 -32.50 -4.58
NA CLA PC . -53.56 -37.03 -7.25
C1A CLA PC . -54.58 -37.73 -6.91
C2A CLA PC . -54.61 -39.12 -7.51
C3A CLA PC . -53.32 -39.13 -8.31
C4A CLA PC . -52.80 -37.74 -8.07
CMA CLA PC . -52.34 -40.14 -7.73
CAA CLA PC . -55.75 -39.24 -8.51
CBA CLA PC . -55.91 -37.94 -9.30
CGA CLA PC . -57.03 -38.03 -10.31
O1A CLA PC . -58.07 -38.66 -10.14
O2A CLA PC . -57.01 -37.44 -11.49
NB CLA PC . -51.43 -34.99 -7.85
C1B CLA PC . -50.95 -36.04 -8.54
C2B CLA PC . -49.67 -35.75 -9.25
C3B CLA PC . -49.42 -34.37 -8.85
C4B CLA PC . -50.56 -33.96 -7.99
CMB CLA PC . -48.84 -36.66 -10.12
CAB CLA PC . -48.29 -33.49 -9.23
CBB CLA PC . -48.18 -33.06 -10.47
NC CLA PC . -52.82 -32.86 -6.09
C1C CLA PC . -51.77 -32.12 -6.45
C2C CLA PC . -51.71 -30.75 -5.90
C3C CLA PC . -52.92 -30.72 -5.09
C4C CLA PC . -53.53 -32.07 -5.26
CMC CLA PC . -50.68 -29.69 -6.12
CAC CLA PC . -53.44 -29.58 -4.25
CBC CLA PC . -54.41 -28.74 -5.05
ND CLA PC . -54.77 -34.74 -5.53
C1D CLA PC . -55.37 -33.83 -4.76
C2D CLA PC . -56.63 -34.30 -4.09
C3D CLA PC . -56.68 -35.67 -4.63
C4D CLA PC . -55.62 -35.86 -5.44
CMD CLA PC . -57.69 -33.78 -3.16
CAD CLA PC . -57.52 -36.88 -4.59
OBD CLA PC . -58.71 -36.94 -4.11
CBD CLA PC . -56.91 -37.91 -5.48
CGD CLA PC . -56.59 -39.15 -4.70
O1D CLA PC . -56.71 -40.25 -5.22
O2D CLA PC . -56.10 -39.07 -3.33
CED CLA PC . -54.94 -39.78 -2.96
C1 CLA PC . -58.20 -37.68 -12.54
MG CLA QC . -54.34 -18.84 -5.24
CHA CLA QC . -55.76 -17.28 -2.47
CHB CLA QC . -56.09 -21.64 -4.28
CHC CLA QC . -53.11 -20.22 -7.94
CHD CLA QC . -52.74 -15.73 -6.09
NA CLA QC . -55.76 -19.42 -3.59
C1A CLA QC . -56.16 -18.70 -2.63
C2A CLA QC . -57.06 -19.39 -1.68
C3A CLA QC . -57.13 -20.77 -2.27
C4A CLA QC . -56.27 -20.61 -3.47
CMA CLA QC . -56.41 -21.76 -1.37
CAA CLA QC . -58.47 -18.87 -1.90
CBA CLA QC . -58.67 -17.38 -2.19
CGA CLA QC . -58.41 -16.96 -3.62
O1A CLA QC . -58.62 -15.86 -4.05
O2A CLA QC . -57.94 -17.70 -4.58
NB CLA QC . -54.59 -20.69 -6.01
C1B CLA QC . -55.29 -21.71 -5.51
C2B CLA QC . -55.19 -22.94 -6.31
C3B CLA QC . -54.31 -22.49 -7.38
C4B CLA QC . -53.98 -21.08 -7.12
CMB CLA QC . -55.81 -24.27 -6.09
CAB CLA QC . -53.84 -23.31 -8.49
CBB CLA QC . -54.70 -24.16 -8.99
NC CLA QC . -53.10 -18.06 -6.79
C1C CLA QC . -52.70 -18.81 -7.79
C2C CLA QC . -51.82 -18.16 -8.77
C3C CLA QC . -51.72 -16.82 -8.21
C4C CLA QC . -52.54 -16.86 -6.99
CMC CLA QC . -51.21 -18.69 -10.02
CAC CLA QC . -50.97 -15.67 -8.78
CBC CLA QC . -50.11 -15.02 -7.73
ND CLA QC . -54.21 -16.91 -4.57
C1D CLA QC . -53.58 -15.79 -4.89
C2D CLA QC . -53.82 -14.66 -3.93
C3D CLA QC . -54.70 -15.34 -2.99
C4D CLA QC . -54.87 -16.60 -3.41
CMD CLA QC . -53.41 -13.23 -3.76
CAD CLA QC . -55.45 -15.11 -1.75
OBD CLA QC . -55.43 -14.03 -1.05
CBD CLA QC . -56.15 -16.35 -1.37
CGD CLA QC . -55.66 -16.93 -0.08
O1D CLA QC . -54.49 -17.01 0.20
O2D CLA QC . -56.62 -17.40 0.88
CED CLA QC . -56.80 -16.63 2.07
C1 CLA QC . -56.77 -17.17 -5.53
C2 CLA QC . -56.83 -15.85 -6.27
C3 CLA QC . -56.30 -15.75 -7.50
C4 CLA QC . -56.35 -14.45 -8.24
C5 CLA QC . -55.65 -16.94 -8.13
C6 CLA QC . -56.14 -17.03 -9.56
C7 CLA QC . -55.49 -18.19 -10.27
C8 CLA QC . -55.89 -18.20 -11.73
C9 CLA QC . -56.60 -19.49 -12.05
C10 CLA QC . -54.67 -18.02 -12.61
C11 CLA QC . -54.37 -16.54 -12.76
C12 CLA QC . -53.18 -16.33 -13.66
C13 CLA QC . -53.20 -14.91 -14.22
C14 CLA QC . -54.55 -14.60 -14.84
C15 CLA QC . -52.11 -14.80 -15.26
MG CLA RC . -44.17 -16.76 -2.81
CHA CLA RC . -41.35 -16.37 -0.72
CHB CLA RC . -45.81 -17.96 -0.02
CHC CLA RC . -46.97 -16.61 -4.64
CHD CLA RC . -42.40 -14.99 -5.39
NA CLA RC . -43.67 -17.13 -0.61
C1A CLA RC . -42.55 -16.96 -0.03
C2A CLA RC . -42.51 -17.46 1.39
C3A CLA RC . -43.94 -17.97 1.58
C4A CLA RC . -44.53 -17.66 0.24
CMA CLA RC . -43.95 -19.47 1.80
CAA CLA RC . -42.25 -16.28 2.34
CBA CLA RC . -42.99 -16.42 3.67
CGA CLA RC . -44.13 -15.44 3.72
O1A CLA RC . -45.30 -15.72 3.47
O2A CLA RC . -44.00 -14.17 4.05
NB CLA RC . -46.13 -17.19 -2.35
C1B CLA RC . -46.61 -17.76 -1.24
C2B CLA RC . -48.05 -18.16 -1.34
C3B CLA RC . -48.37 -17.75 -2.72
C4B CLA RC . -47.11 -17.16 -3.27
CMB CLA RC . -48.92 -18.80 -0.29
CAB CLA RC . -49.64 -17.86 -3.48
CBB CLA RC . -50.81 -17.84 -2.88
NC CLA RC . -44.63 -15.85 -4.69
C1C CLA RC . -45.79 -16.04 -5.32
C2C CLA RC . -45.83 -15.63 -6.75
C3C CLA RC . -44.47 -15.12 -6.94
C4C CLA RC . -43.82 -15.30 -5.63
CMC CLA RC . -46.94 -15.70 -7.74
CAC CLA RC . -43.87 -14.56 -8.21
CBC CLA RC . -43.81 -13.05 -8.12
ND CLA RC . -42.38 -15.81 -3.11
C1D CLA RC . -41.72 -15.23 -4.12
C2D CLA RC . -40.28 -14.90 -3.84
C3D CLA RC . -40.22 -15.38 -2.45
C4D CLA RC . -41.41 -15.88 -2.11
CMD CLA RC . -39.10 -14.28 -4.53
CAD CLA RC . -39.25 -15.50 -1.34
OBD CLA RC . -37.97 -15.46 -1.50
CBD CLA RC . -39.94 -16.18 -0.20
CGD CLA RC . -39.32 -17.53 0.03
O1D CLA RC . -39.33 -18.37 -0.84
O2D CLA RC . -38.73 -17.85 1.32
CED CLA RC . -37.44 -18.46 1.36
C1 CLA RC . -45.15 -13.10 3.69
C2 CLA RC . -45.67 -12.91 2.30
C3 CLA RC . -45.71 -11.67 1.78
C4 CLA RC . -45.20 -10.54 2.61
C5 CLA RC . -46.24 -11.40 0.40
C6 CLA RC . -45.10 -11.37 -0.61
C7 CLA RC . -44.82 -12.76 -1.18
C8 CLA RC . -45.27 -12.87 -2.63
C9 CLA RC . -44.74 -11.71 -3.45
C10 CLA RC . -46.80 -12.96 -2.68
C11 CLA RC . -47.38 -12.45 -3.98
C12 CLA RC . -48.74 -13.08 -4.25
C13 CLA RC . -49.71 -12.07 -4.88
C14 CLA RC . -49.18 -11.61 -6.23
MG CLA SC . -39.07 -23.81 -4.48
CHA CLA SC . -38.20 -25.49 -1.47
CHB CLA SC . -38.96 -20.91 -2.63
CHC CLA SC . -39.31 -22.18 -7.41
CHD CLA SC . -38.58 -26.90 -6.25
NA CLA SC . -38.63 -23.23 -2.31
C1A CLA SC . -38.37 -24.00 -1.33
C2A CLA SC . -38.29 -23.30 0.00
C3A CLA SC . -38.58 -21.86 -0.40
C4A CLA SC . -38.71 -21.99 -1.88
CMA CLA SC . -39.90 -21.39 0.21
CAA CLA SC . -36.84 -23.40 0.50
CBA CLA SC . -36.11 -22.09 0.79
CGA CLA SC . -35.52 -21.48 -0.47
O1A CLA SC . -35.50 -22.06 -1.54
O2A CLA SC . -35.05 -20.26 -0.56
NB CLA SC . -39.08 -21.82 -4.94
C1B CLA SC . -39.15 -20.78 -4.09
C2B CLA SC . -39.38 -19.47 -4.77
C3B CLA SC . -39.49 -19.89 -6.16
C4B CLA SC . -39.29 -21.36 -6.18
CMB CLA SC . -39.51 -18.11 -4.16
CAB CLA SC . -39.74 -19.03 -7.35
CBB CLA SC . -40.91 -18.48 -7.54
NC CLA SC . -38.89 -24.45 -6.52
C1C CLA SC . -39.14 -23.65 -7.56
C2C CLA SC . -39.23 -24.30 -8.88
C3C CLA SC . -39.00 -25.69 -8.52
C4C CLA SC . -38.80 -25.68 -7.06
CMC CLA SC . -39.49 -23.69 -10.23
CAC CLA SC . -38.96 -26.89 -9.44
CBC CLA SC . -37.54 -27.34 -9.65
ND CLA SC . -38.49 -25.75 -4.11
C1D CLA SC . -38.40 -26.90 -4.79
C2D CLA SC . -38.12 -28.11 -3.96
C3D CLA SC . -38.05 -27.47 -2.64
C4D CLA SC . -38.26 -26.15 -2.79
CMD CLA SC . -37.92 -29.60 -4.16
CAD CLA SC . -37.83 -27.80 -1.22
OBD CLA SC . -37.47 -28.95 -0.76
CBD CLA SC . -37.99 -26.55 -0.42
CGD CLA SC . -39.24 -26.67 0.41
O1D CLA SC . -40.33 -26.65 -0.13
O2D CLA SC . -39.16 -26.83 1.85
CED CLA SC . -39.77 -27.96 2.47
C1 CLA SC . -35.54 -19.29 -1.74
C2 CLA SC . -35.16 -19.54 -3.18
C3 CLA SC . -34.97 -18.51 -4.02
C4 CLA SC . -35.15 -17.10 -3.54
C5 CLA SC . -34.57 -18.78 -5.46
C6 CLA SC . -35.08 -17.68 -6.37
C7 CLA SC . -36.48 -18.00 -6.89
C8 CLA SC . -36.66 -17.59 -8.35
C9 CLA SC . -36.20 -18.70 -9.30
C10 CLA SC . -35.93 -16.29 -8.63
C11 CLA SC . -36.89 -15.21 -9.12
C12 CLA SC . -36.86 -13.99 -8.21
C13 CLA SC . -37.56 -12.81 -8.84
C14 CLA SC . -37.61 -11.62 -7.89
C15 CLA SC . -38.97 -13.21 -9.27
MG CLA TC . -39.70 -14.26 -19.51
CHA CLA TC . -39.01 -11.77 -21.92
CHB CLA TC . -36.35 -15.02 -19.66
CHC CLA TC . -40.22 -16.18 -16.80
CHD CLA TC . -43.02 -12.92 -19.17
NA CLA TC . -37.88 -13.50 -20.64
C1A CLA TC . -37.82 -12.60 -21.54
C2A CLA TC . -36.47 -12.44 -22.19
C3A CLA TC . -35.67 -13.51 -21.46
C4A CLA TC . -36.69 -14.05 -20.51
CMA CLA TC . -35.28 -14.62 -22.44
CAA CLA TC . -35.84 -11.12 -21.80
CBA CLA TC . -36.35 -10.62 -20.44
CGA CLA TC . -35.34 -9.76 -19.71
O1A CLA TC . -34.54 -9.00 -20.23
O2A CLA TC . -35.26 -9.74 -18.40
NB CLA TC . -38.44 -15.40 -18.37
C1B CLA TC . -37.17 -15.70 -18.64
C2B CLA TC . -36.62 -16.77 -17.76
C3B CLA TC . -37.77 -17.10 -16.93
C4B CLA TC . -38.86 -16.20 -17.37
CMB CLA TC . -35.24 -17.37 -17.78
CAB CLA TC . -37.86 -18.12 -15.86
CBB CLA TC . -37.51 -17.80 -14.63
NC CLA TC . -41.37 -14.46 -18.15
C1C CLA TC . -41.41 -15.38 -17.18
C2C CLA TC . -42.71 -15.55 -16.52
C3C CLA TC . -43.53 -14.57 -17.21
C4C CLA TC . -42.61 -13.96 -18.20
CMC CLA TC . -43.08 -16.48 -15.38
CAC CLA TC . -44.99 -14.27 -16.99
CBC CLA TC . -45.13 -12.96 -16.23
ND CLA TC . -40.84 -12.71 -20.22
C1D CLA TC . -42.11 -12.31 -20.16
C2D CLA TC . -42.50 -11.24 -21.14
C3D CLA TC . -41.20 -11.09 -21.82
C4D CLA TC . -40.33 -11.93 -21.26
CMD CLA TC . -43.71 -10.44 -21.53
CAD CLA TC . -40.57 -10.31 -22.90
OBD CLA TC . -41.22 -9.71 -23.83
CBD CLA TC . -39.13 -10.70 -22.97
CGD CLA TC . -38.80 -11.26 -24.32
O1D CLA TC . -39.46 -12.18 -24.78
O2D CLA TC . -37.69 -10.74 -25.09
CED CLA TC . -37.79 -10.62 -26.51
C1 CLA TC . -34.77 -8.41 -17.63
C2 CLA TC . -34.31 -8.49 -16.20
C3 CLA TC . -34.43 -7.44 -15.37
C4 CLA TC . -35.03 -6.16 -15.88
C5 CLA TC . -33.97 -7.54 -13.94
C6 CLA TC . -35.12 -7.20 -13.00
C7 CLA TC . -36.26 -8.22 -13.12
C8 CLA TC . -37.50 -7.73 -12.38
C9 CLA TC . -37.32 -7.86 -10.87
C10 CLA TC . -38.71 -8.52 -12.84
C11 CLA TC . -39.97 -8.03 -12.11
C12 CLA TC . -40.73 -7.02 -12.95
C13 CLA TC . -41.55 -6.07 -12.08
C14 CLA TC . -40.71 -5.47 -10.97
C15 CLA TC . -42.77 -6.80 -11.53
C16 CLA TC . -43.89 -5.84 -11.16
C17 CLA TC . -44.02 -4.70 -12.17
C18 CLA TC . -45.49 -4.36 -12.43
C19 CLA TC . -45.70 -2.85 -12.39
C20 CLA TC . -45.96 -4.94 -13.75
MG CLA UC . -49.43 -26.59 -24.16
CHA CLA UC . -48.12 -25.64 -27.30
CHB CLA UC . -52.55 -26.31 -25.63
CHC CLA UC . -50.63 -28.04 -21.40
CHD CLA UC . -46.08 -27.34 -23.08
NA CLA UC . -50.26 -26.06 -26.22
C1A CLA UC . -49.62 -25.69 -27.26
C2A CLA UC . -50.48 -25.26 -28.42
C3A CLA UC . -51.88 -25.47 -27.85
C4A CLA UC . -51.56 -25.99 -26.48
CMA CLA UC . -52.61 -24.14 -27.73
CAA CLA UC . -50.33 -26.23 -29.59
CBA CLA UC . -50.33 -27.68 -29.10
CGA CLA UC . -50.91 -28.61 -30.15
O1A CLA UC . -51.69 -28.27 -31.02
O2A CLA UC . -50.64 -29.90 -30.22
NB CLA UC . -51.33 -27.13 -23.63
C1B CLA UC . -52.48 -26.85 -24.25
C2B CLA UC . -53.70 -27.18 -23.45
C3B CLA UC . -53.09 -27.68 -22.21
C4B CLA UC . -51.63 -27.62 -22.41
CMB CLA UC . -55.15 -27.01 -23.80
CAB CLA UC . -53.75 -28.17 -20.99
CBB CLA UC . -53.79 -29.45 -20.72
NC CLA UC . -48.48 -27.59 -22.51
C1C CLA UC . -49.15 -28.01 -21.44
C2C CLA UC . -48.33 -28.46 -20.29
C3C CLA UC . -46.98 -28.25 -20.81
C4C CLA UC . -47.19 -27.71 -22.18
CMC CLA UC . -48.78 -29.00 -18.96
CAC CLA UC . -45.69 -28.52 -20.11
CBC CLA UC . -45.12 -29.83 -20.59
ND CLA UC . -47.52 -26.61 -24.90
C1D CLA UC . -46.28 -26.81 -24.43
C2D CLA UC . -45.18 -26.43 -25.37
C3D CLA UC . -45.99 -25.98 -26.50
C4D CLA UC . -47.29 -26.11 -26.18
CMD CLA UC . -43.67 -26.42 -25.41
CAD CLA UC . -45.85 -25.44 -27.86
OBD CLA UC . -44.75 -25.31 -28.51
CBD CLA UC . -47.21 -25.14 -28.40
CGD CLA UC . -47.32 -23.65 -28.56
O1D CLA UC . -47.24 -23.14 -29.66
O2D CLA UC . -47.52 -22.81 -27.39
CED CLA UC . -48.55 -21.82 -27.40
C1 CLA UC . -51.84 -30.97 -30.22
MG CLA VC . -48.08 -12.08 -26.44
CHA CLA VC . -49.58 -12.66 -29.58
CHB CLA VC . -48.26 -8.72 -27.20
CHC CLA VC . -47.15 -11.52 -23.27
CHD CLA VC . -48.43 -15.58 -25.72
NA CLA VC . -48.84 -10.81 -28.18
C1A CLA VC . -49.34 -11.21 -29.28
C2A CLA VC . -49.58 -10.12 -30.29
C3A CLA VC . -49.15 -8.88 -29.51
C4A CLA VC . -48.73 -9.49 -28.20
CMA CLA VC . -47.94 -8.21 -30.16
CAA CLA VC . -51.06 -10.00 -30.67
CBA CLA VC . -51.94 -9.74 -29.45
CGA CLA VC . -53.36 -10.12 -29.81
O1A CLA VC . -53.78 -10.22 -30.95
O2A CLA VC . -54.29 -10.41 -28.93
NB CLA VC . -47.80 -10.34 -25.37
C1B CLA VC . -47.80 -9.09 -25.84
C2B CLA VC . -47.30 -8.08 -24.87
C3B CLA VC . -46.99 -8.93 -23.71
C4B CLA VC . -47.32 -10.33 -24.12
CMB CLA VC . -47.17 -6.59 -25.01
CAB CLA VC . -46.44 -8.50 -22.41
CBB CLA VC . -47.07 -8.79 -21.29
NC CLA VC . -47.92 -13.35 -24.72
C1C CLA VC . -47.43 -12.95 -23.55
C2C CLA VC . -47.20 -14.01 -22.54
C3C CLA VC . -47.62 -15.20 -23.28
C4C CLA VC . -48.05 -14.70 -24.60
CMC CLA VC . -46.67 -13.89 -21.14
CAC CLA VC . -47.64 -16.62 -22.81
CBC CLA VC . -49.09 -17.01 -22.56
ND CLA VC . -48.85 -13.78 -27.28
C1D CLA VC . -48.88 -15.09 -27.04
C2D CLA VC . -49.37 -15.96 -28.15
C3D CLA VC . -49.64 -14.91 -29.13
C4D CLA VC . -49.33 -13.72 -28.60
CMD CLA VC . -49.62 -17.42 -28.45
CAD CLA VC . -50.14 -14.74 -30.52
OBD CLA VC . -50.31 -15.69 -31.37
CBD CLA VC . -49.99 -13.30 -30.88
CGD CLA VC . -48.78 -13.21 -31.74
O1D CLA VC . -47.86 -13.98 -31.58
O2D CLA VC . -48.67 -12.21 -32.78
CED CLA VC . -47.46 -12.22 -33.52
C1 CLA VC . -55.76 -9.78 -29.00
C2 CLA VC . -56.12 -8.58 -28.17
C3 CLA VC . -56.92 -8.73 -27.10
C4 CLA VC . -57.45 -10.10 -26.75
C5 CLA VC . -57.29 -7.54 -26.26
C6 CLA VC . -57.04 -7.87 -24.80
C7 CLA VC . -57.46 -6.71 -23.91
C8 CLA VC . -56.27 -6.07 -23.22
C9 CLA VC . -55.39 -5.30 -24.20
C10 CLA VC . -55.46 -7.14 -22.48
C11 CLA VC . -55.62 -7.00 -20.97
C12 CLA VC . -54.62 -6.01 -20.38
C13 CLA VC . -55.23 -4.64 -20.16
C14 CLA VC . -54.37 -3.78 -19.23
C15 CLA VC . -56.65 -4.77 -19.60
MG CLA WC . -42.82 -3.64 -25.94
CHA CLA WC . -44.18 -5.19 -28.79
CHB CLA WC . -43.34 -0.65 -27.58
CHC CLA WC . -42.03 -2.15 -23.05
CHD CLA WC . -42.92 -6.82 -24.24
NA CLA WC . -43.67 -2.97 -27.94
C1A CLA WC . -44.09 -3.70 -28.90
C2A CLA WC . -44.45 -2.95 -30.15
C3A CLA WC . -44.15 -1.51 -29.74
C4A CLA WC . -43.70 -1.71 -28.32
CMA CLA WC . -43.00 -0.95 -30.56
CAA CLA WC . -45.96 -3.03 -30.43
CBA CLA WC . -46.73 -3.04 -29.12
CGA CLA WC . -48.22 -3.08 -29.37
O1A CLA WC . -48.76 -3.59 -30.35
O2A CLA WC . -49.12 -2.57 -28.54
NB CLA WC . -42.74 -1.67 -25.39
C1B CLA WC . -42.86 -0.60 -26.19
C2B CLA WC . -42.50 0.69 -25.52
C3B CLA WC . -42.13 0.23 -24.20
C4B CLA WC . -42.29 -1.25 -24.19
CMB CLA WC . -42.52 2.09 -26.07
CAB CLA WC . -41.65 1.07 -23.07
CBB CLA WC . -42.19 0.98 -21.88
NC CLA WC . -42.60 -4.38 -23.92
C1C CLA WC . -42.18 -3.62 -22.92
C2C CLA WC . -41.87 -4.33 -21.65
C3C CLA WC . -42.17 -5.71 -22.02
C4C CLA WC . -42.60 -5.62 -23.43
CMC CLA WC . -41.39 -3.77 -20.34
CAC CLA WC . -42.06 -6.95 -21.16
CBC CLA WC . -40.63 -7.41 -21.12
ND CLA WC . -43.44 -5.57 -26.26
C1D CLA WC . -43.36 -6.75 -25.65
C2D CLA WC . -43.73 -7.93 -26.49
C3D CLA WC . -44.05 -7.23 -27.75
C4D CLA WC . -43.86 -5.92 -27.54
CMD CLA WC . -43.82 -9.43 -26.38
CAD CLA WC . -44.50 -7.50 -29.13
OBD CLA WC . -44.29 -8.61 -29.74
CBD CLA WC . -44.59 -6.19 -29.84
CGD CLA WC . -43.61 -6.20 -30.96
O1D CLA WC . -42.44 -6.50 -30.78
O2D CLA WC . -44.05 -5.83 -32.31
CED CLA WC . -44.44 -6.86 -33.21
C1 CLA WC . -50.03 -3.58 -27.69
C2 CLA WC . -51.21 -4.28 -28.30
C3 CLA WC . -51.84 -5.27 -27.66
C4 CLA WC . -53.01 -5.94 -28.30
C5 CLA WC . -51.36 -5.71 -26.29
C6 CLA WC . -52.33 -6.71 -25.68
C7 CLA WC . -51.75 -8.12 -25.69
C8 CLA WC . -51.73 -8.71 -24.28
C9 CLA WC . -50.82 -7.88 -23.37
C10 CLA WC . -51.28 -10.17 -24.34
C11 CLA WC . -50.68 -10.65 -23.03
C12 CLA WC . -51.76 -11.16 -22.08
C13 CLA WC . -51.15 -12.08 -21.02
C14 CLA WC . -52.25 -12.67 -20.13
C15 CLA WC . -50.13 -11.33 -20.19
MG CLA XC . -32.14 -3.90 -23.50
CHA CLA XC . -34.78 -6.27 -23.47
CHB CLA XC . -34.49 -1.58 -22.50
CHC CLA XC . -29.56 -1.82 -22.95
CHD CLA XC . -29.84 -6.60 -24.06
NA CLA XC . -34.37 -3.91 -23.02
C1A CLA XC . -35.20 -4.87 -23.12
C2A CLA XC . -36.64 -4.47 -22.92
C3A CLA XC . -36.51 -2.98 -22.64
C4A CLA XC . -35.02 -2.80 -22.70
CMA CLA XC . -37.11 -2.26 -23.83
CAA CLA XC . -37.33 -5.12 -21.73
CBA CLA XC . -36.40 -5.52 -20.59
CGA CLA XC . -37.25 -5.87 -19.41
O1A CLA XC . -37.34 -5.21 -18.38
O2A CLA XC . -38.05 -6.92 -19.36
NB CLA XC . -32.05 -1.98 -22.78
C1B CLA XC . -33.08 -1.16 -22.52
C2B CLA XC . -32.66 0.26 -22.25
C3B CLA XC . -31.20 0.16 -22.40
C4B CLA XC . -30.91 -1.26 -22.73
CMB CLA XC . -33.50 1.45 -21.92
CAB CLA XC . -30.21 1.24 -22.24
CBB CLA XC . -29.87 1.65 -21.04
NC CLA XC . -30.01 -4.19 -23.45
C1C CLA XC . -29.14 -3.20 -23.31
C2C CLA XC . -27.71 -3.54 -23.54
C3C CLA XC . -27.81 -4.97 -23.85
C4C CLA XC . -29.26 -5.27 -23.77
CMC CLA XC . -26.49 -2.67 -23.45
CAC CLA XC . -26.68 -5.92 -24.18
CBC CLA XC . -26.39 -6.79 -22.98
ND CLA XC . -32.14 -5.95 -23.65
C1D CLA XC . -31.27 -6.91 -23.99
C2D CLA XC . -31.88 -8.24 -24.28
C3D CLA XC . -33.29 -7.90 -24.06
C4D CLA XC . -33.37 -6.61 -23.71
CMD CLA XC . -31.44 -9.62 -24.70
CAD CLA XC . -34.63 -8.52 -24.09
OBD CLA XC . -34.90 -9.69 -24.55
CBD CLA XC . -35.64 -7.49 -23.67
CGD CLA XC . -36.63 -7.26 -24.77
O1D CLA XC . -36.32 -7.39 -25.94
O2D CLA XC . -37.98 -6.84 -24.44
CED CLA XC . -39.11 -7.61 -24.86
C1 CLA XC . -38.62 -7.47 -17.98
C2 CLA XC . -38.61 -8.95 -17.65
C3 CLA XC . -39.76 -9.55 -17.29
C4 CLA XC . -39.77 -11.01 -16.98
C5 CLA XC . -41.03 -8.73 -17.21
C6 CLA XC . -42.21 -9.58 -16.76
C7 CLA XC . -43.16 -8.78 -15.88
C8 CLA XC . -44.35 -8.21 -16.65
C9 CLA XC . -44.67 -9.05 -17.89
C10 CLA XC . -44.08 -6.74 -16.98
C11 CLA XC . -44.57 -6.33 -18.37
C12 CLA XC . -45.95 -5.70 -18.31
C13 CLA XC . -46.06 -4.48 -19.23
C14 CLA XC . -47.27 -3.65 -18.84
C15 CLA XC . -46.12 -4.94 -20.68
C16 CLA XC . -46.89 -3.96 -21.57
C17 CLA XC . -46.13 -3.65 -22.85
C18 CLA XC . -46.67 -2.37 -23.50
C19 CLA XC . -45.84 -1.98 -24.71
C20 CLA XC . -48.12 -2.55 -23.90
MG CLA YC . -32.33 -16.24 -21.83
CHA CLA YC . -32.08 -19.51 -20.47
CHB CLA YC . -31.44 -15.09 -18.71
CHC CLA YC . -32.04 -13.20 -23.24
CHD CLA YC . -32.68 -17.69 -25.10
NA CLA YC . -31.80 -17.17 -19.81
C1A CLA YC . -31.80 -18.41 -19.48
C2A CLA YC . -31.56 -18.66 -18.01
C3A CLA YC . -31.32 -17.24 -17.49
C4A CLA YC . -31.52 -16.43 -18.75
CMA CLA YC . -32.23 -16.78 -16.36
CAA CLA YC . -30.36 -19.56 -17.73
CBA CLA YC . -29.89 -19.47 -16.28
CGA CLA YC . -30.97 -19.88 -15.28
O1A CLA YC . -31.97 -20.53 -15.54
O2A CLA YC . -30.88 -19.59 -14.00
NB CLA YC . -31.77 -14.42 -21.07
C1B CLA YC . -31.56 -14.09 -19.79
C2B CLA YC . -31.43 -12.62 -19.56
C3B CLA YC . -31.62 -12.10 -20.92
C4B CLA YC . -31.82 -13.29 -21.78
CMB CLA YC . -31.18 -11.91 -18.26
CAB CLA YC . -31.61 -10.72 -21.44
CBB CLA YC . -31.61 -9.65 -20.66
NC CLA YC . -32.30 -15.58 -23.88
C1C CLA YC . -32.27 -14.28 -24.23
C2C CLA YC . -32.49 -14.00 -25.66
C3C CLA YC . -32.66 -15.34 -26.20
C4C CLA YC . -32.53 -16.23 -25.02
CMC CLA YC . -32.53 -12.67 -26.38
CAC CLA YC . -32.92 -15.73 -27.64
CBC CLA YC . -31.60 -15.83 -28.37
ND CLA YC . -32.34 -18.08 -22.72
C1D CLA YC . -32.55 -18.58 -23.95
C2D CLA YC . -32.64 -20.07 -24.01
C3D CLA YC . -32.44 -20.37 -22.59
C4D CLA YC . -32.28 -19.22 -21.92
CMD CLA YC . -32.87 -21.12 -25.06
CAD CLA YC . -32.37 -21.53 -21.68
OBD CLA YC . -32.79 -22.70 -21.97
CBD CLA YC . -32.20 -21.01 -20.28
CGD CLA YC . -33.45 -21.41 -19.55
O1D CLA YC . -33.63 -22.57 -19.26
O2D CLA YC . -34.45 -20.44 -19.17
CED CLA YC . -35.44 -20.83 -18.21
C1 CLA YC . -32.17 -19.57 -13.04
C2 CLA YC . -33.34 -18.64 -13.28
C3 CLA YC . -33.32 -17.41 -12.75
C4 CLA YC . -32.13 -16.96 -11.96
C5 CLA YC . -34.49 -16.47 -12.96
C6 CLA YC . -33.99 -15.18 -13.59
C7 CLA YC . -35.16 -14.37 -14.14
C8 CLA YC . -34.70 -13.37 -15.18
C9 CLA YC . -35.85 -12.47 -15.64
MG CLA ZC . -24.39 -7.95 -6.83
CHA CLA ZC . -26.62 -8.30 -4.13
CHB CLA ZC . -26.72 -5.74 -8.16
CHC CLA ZC . -22.08 -7.15 -9.11
CHD CLA ZC . -21.94 -9.81 -4.98
NA CLA ZC . -26.43 -7.10 -6.23
C1A CLA ZC . -27.12 -7.39 -5.21
C2A CLA ZC . -28.48 -6.75 -5.18
C3A CLA ZC . -28.49 -5.99 -6.49
C4A CLA ZC . -27.12 -6.28 -6.99
CMA CLA ZC . -29.52 -6.59 -7.44
CAA CLA ZC . -28.40 -5.68 -4.11
CBA CLA ZC . -29.41 -4.55 -4.31
CGA CLA ZC . -28.98 -3.39 -3.45
O1A CLA ZC . -27.82 -2.99 -3.39
O2A CLA ZC . -29.75 -2.68 -2.66
NB CLA ZC . -24.40 -6.59 -8.39
C1B CLA ZC . -25.43 -5.88 -8.85
C2B CLA ZC . -25.16 -5.18 -10.13
C3B CLA ZC . -23.78 -5.60 -10.40
C4B CLA ZC . -23.39 -6.48 -9.27
CMB CLA ZC . -26.10 -4.29 -10.90
CAB CLA ZC . -22.91 -5.27 -11.55
CBB CLA ZC . -22.81 -4.03 -11.98
NC CLA ZC . -22.30 -8.36 -6.98
C1C CLA ZC . -21.57 -8.02 -8.04
C2C CLA ZC . -20.20 -8.58 -8.07
C3C CLA ZC . -20.16 -9.35 -6.84
C4C CLA ZC . -21.51 -9.16 -6.23
CMC CLA ZC . -19.12 -8.40 -9.12
CAC CLA ZC . -19.02 -10.18 -6.28
CBC CLA ZC . -18.26 -9.37 -5.25
ND CLA ZC . -24.16 -8.82 -5.00
C1D CLA ZC . -23.27 -9.60 -4.37
C2D CLA ZC . -23.73 -10.21 -3.09
C3D CLA ZC . -25.09 -9.64 -3.06
C4D CLA ZC . -25.26 -8.88 -4.15
CMD CLA ZC . -23.22 -11.11 -2.00
CAD CLA ZC . -26.31 -9.64 -2.22
OBD CLA ZC . -26.42 -10.17 -1.05
CBD CLA ZC . -27.35 -8.82 -2.92
CGD CLA ZC . -28.46 -9.69 -3.40
O1D CLA ZC . -28.29 -10.46 -4.33
O2D CLA ZC . -29.76 -9.63 -2.77
CED CLA ZC . -30.57 -10.79 -2.74
C1 CLA ZC . -30.14 -1.17 -3.00
C2 CLA ZC . -31.55 -0.80 -3.42
C3 CLA ZC . -31.83 0.37 -4.00
C4 CLA ZC . -33.24 0.69 -4.40
C5 CLA ZC . -30.73 1.36 -4.27
C6 CLA ZC . -31.18 2.75 -3.80
C7 CLA ZC . -30.88 3.82 -4.84
C8 CLA ZC . -31.69 5.08 -4.57
C9 CLA ZC . -32.77 5.28 -5.63
C10 CLA ZC . -30.75 6.29 -4.46
C11 CLA ZC . -30.92 7.29 -5.59
C12 CLA ZC . -29.78 7.19 -6.58
C13 CLA ZC . -29.64 8.43 -7.47
C14 CLA ZC . -30.37 9.65 -6.89
C15 CLA ZC . -30.14 8.11 -8.86
C16 CLA ZC . -29.52 9.03 -9.91
C17 CLA ZC . -30.29 8.93 -11.23
C18 CLA ZC . -30.08 7.57 -11.89
C19 CLA ZC . -31.36 6.74 -11.89
C20 CLA ZC . -29.55 7.73 -13.30
MG CLA AD . -35.90 -9.30 -0.30
CHA CLA AD . -33.55 -8.19 -2.70
CHB CLA AD . -38.01 -9.93 -2.96
CHC CLA AD . -37.85 -10.93 1.88
CHD CLA AD . -33.32 -9.10 2.21
NA CLA AD . -35.81 -9.10 -2.58
C1A CLA AD . -34.87 -8.61 -3.29
C2A CLA AD . -35.22 -8.45 -4.75
C3A CLA AD . -36.64 -9.00 -4.79
C4A CLA AD . -36.84 -9.38 -3.35
CMA CLA AD . -37.63 -7.91 -5.16
CAA CLA AD . -34.35 -9.34 -5.64
CBA CLA AD . -34.23 -8.77 -7.04
CGA CLA AD . -34.06 -9.88 -8.04
O1A CLA AD . -33.34 -10.86 -7.88
O2A CLA AD . -34.67 -9.93 -9.22
NB CLA AD . -37.67 -10.32 -0.54
C1B CLA AD . -38.46 -10.38 -1.63
C2B CLA AD . -39.80 -10.98 -1.36
C3B CLA AD . -39.71 -11.26 0.08
C4B CLA AD . -38.36 -10.83 0.50
CMB CLA AD . -40.92 -11.21 -2.34
CAB CLA AD . -40.70 -11.86 1.01
CBB CLA AD . -41.97 -11.91 0.75
NC CLA AD . -35.59 -9.97 1.72
C1C CLA AD . -36.57 -10.47 2.47
C2C CLA AD . -36.32 -10.56 3.93
C3C CLA AD . -34.96 -10.01 4.01
C4C CLA AD . -34.61 -9.70 2.60
CMC CLA AD . -37.22 -11.05 5.01
CAC CLA AD . -34.09 -9.81 5.22
CBC CLA AD . -34.21 -8.38 5.70
ND CLA AD . -33.91 -8.87 -0.14
C1D CLA AD . -33.01 -8.69 0.84
C2D CLA AD . -31.73 -8.05 0.42
C3D CLA AD . -32.03 -7.89 -0.99
C4D CLA AD . -33.26 -8.36 -1.26
CMD CLA AD . -30.42 -7.61 1.03
CAD CLA AD . -31.41 -7.37 -2.21
OBD CLA AD . -30.23 -6.89 -2.24
CBD CLA AD . -32.32 -7.60 -3.37
CGD CLA AD . -32.59 -6.27 -4.02
O1D CLA AD . -32.34 -6.11 -5.20
O2D CLA AD . -33.13 -5.16 -3.26
CED CLA AD . -33.90 -4.16 -3.92
C1 CLA AD . -33.92 -10.61 -10.47
C2 CLA AD . -32.53 -10.18 -10.86
C3 CLA AD . -31.88 -10.80 -11.85
C4 CLA AD . -32.52 -11.95 -12.59
C5 CLA AD . -30.48 -10.36 -12.24
C6 CLA AD . -30.20 -10.73 -13.68
C7 CLA AD . -29.24 -9.72 -14.31
C8 CLA AD . -29.34 -9.72 -15.83
C9 CLA AD . -28.23 -10.57 -16.44
C10 CLA AD . -29.27 -8.29 -16.35
C11 CLA AD . -30.59 -7.56 -16.11
C12 CLA AD . -30.51 -6.14 -16.66
C13 CLA AD . -30.41 -5.12 -15.53
C14 CLA AD . -31.63 -4.20 -15.53
C15 CLA AD . -29.12 -4.31 -15.66
C16 CLA AD . -29.06 -3.24 -14.59
C17 CLA AD . -27.72 -2.52 -14.57
C18 CLA AD . -27.54 -1.73 -13.27
C19 CLA AD . -26.26 -0.89 -13.32
C20 CLA AD . -28.75 -0.86 -12.98
MG CLA BD . -19.21 -25.16 0.95
CHA CLA BD . -20.55 -28.37 1.54
CHB CLA BD . -20.02 -24.46 4.23
CHC CLA BD . -17.41 -22.34 0.60
CHD CLA BD . -18.03 -26.30 -2.24
NA CLA BD . -20.16 -26.27 2.70
C1A CLA BD . -20.65 -27.44 2.71
C2A CLA BD . -21.36 -27.79 3.99
C3A CLA BD . -21.22 -26.51 4.80
C4A CLA BD . -20.39 -25.69 3.87
CMA CLA BD . -22.57 -25.84 5.00
CAA CLA BD . -20.55 -28.90 4.68
CBA CLA BD . -20.24 -28.64 6.17
CGA CLA BD . -18.95 -27.89 6.41
O1A CLA BD . -18.82 -27.00 7.22
O2A CLA BD . -17.81 -28.10 5.78
NB CLA BD . -18.75 -23.64 2.26
C1B CLA BD . -19.24 -23.45 3.50
C2B CLA BD . -18.89 -22.13 4.09
C3B CLA BD . -18.13 -21.53 2.99
C4B CLA BD . -18.08 -22.53 1.91
CMB CLA BD . -19.25 -21.58 5.44
CAB CLA BD . -17.51 -20.19 2.97
CBB CLA BD . -16.40 -19.98 3.66
NC CLA BD . -17.87 -24.47 -0.58
C1C CLA BD . -17.35 -23.24 -0.59
C2C CLA BD . -16.73 -22.80 -1.85
C3C CLA BD . -16.91 -23.99 -2.69
C4C CLA BD . -17.62 -24.95 -1.81
CMC CLA BD . -16.08 -21.48 -2.18
CAC CLA BD . -16.50 -24.16 -4.14
CBC CLA BD . -15.44 -25.24 -4.29
ND CLA BD . -19.18 -26.87 -0.17
C1D CLA BD . -18.78 -27.25 -1.39
C2D CLA BD . -19.16 -28.64 -1.77
C3D CLA BD . -19.87 -29.03 -0.55
C4D CLA BD . -19.85 -27.99 0.30
CMD CLA BD . -19.01 -29.57 -2.94
CAD CLA BD . -20.59 -30.18 0.03
OBD CLA BD . -21.00 -31.21 -0.63
CBD CLA BD . -21.11 -29.76 1.37
CGD CLA BD . -22.61 -29.72 1.30
O1D CLA BD . -23.14 -28.96 0.53
O2D CLA BD . -23.40 -30.61 2.13
CED CLA BD . -24.42 -31.42 1.54
C1 CLA BD . -16.72 -26.93 5.68
C2 CLA BD . -16.42 -26.25 4.37
C3 CLA BD . -15.14 -26.00 4.03
C4 CLA BD . -14.03 -26.37 4.94
C5 CLA BD . -14.84 -25.34 2.69
C6 CLA BD . -15.56 -26.09 1.59
C7 CLA BD . -14.73 -27.24 1.05
C8 CLA BD . -15.55 -28.15 0.16
C9 CLA BD . -16.62 -28.87 0.97
C10 CLA BD . -14.65 -29.15 -0.55
C11 CLA BD . -14.14 -28.61 -1.88
C12 CLA BD . -12.95 -29.43 -2.37
C13 CLA BD . -13.19 -30.08 -3.73
C14 CLA BD . -14.66 -30.43 -3.95
C15 CLA BD . -12.31 -31.31 -3.85
C16 CLA BD . -12.60 -32.07 -5.14
C17 CLA BD . -12.45 -33.59 -4.95
C18 CLA BD . -13.28 -34.33 -5.98
C19 CLA BD . -12.92 -33.90 -7.40
C20 CLA BD . -13.12 -35.85 -5.82
MG CLA CD . -27.18 -24.83 -2.58
CHA CLA CD . -29.64 -26.09 -0.37
CHB CLA CD . -25.15 -27.36 -1.40
CHC CLA CD . -25.08 -24.03 -5.07
CHD CLA CD . -29.68 -22.67 -3.98
NA CLA CD . -27.35 -26.55 -1.08
C1A CLA CD . -28.33 -26.82 -0.31
C2A CLA CD . -28.06 -27.91 0.69
C3A CLA CD . -26.62 -28.27 0.36
C4A CLA CD . -26.35 -27.35 -0.79
CMA CLA CD . -25.77 -27.84 1.55
CAA CLA CD . -28.98 -29.11 0.45
CBA CLA CD . -28.27 -30.36 -0.07
CGA CLA CD . -28.46 -30.49 -1.56
O1A CLA CD . -28.32 -29.58 -2.36
O2A CLA CD . -28.81 -31.61 -2.17
NB CLA CD . -25.39 -25.63 -3.18
C1B CLA CD . -24.65 -26.56 -2.54
C2B CLA CD . -23.28 -26.71 -3.09
C3B CLA CD . -23.28 -25.72 -4.18
C4B CLA CD . -24.63 -25.09 -4.15
CMB CLA CD . -22.19 -27.64 -2.66
CAB CLA CD . -22.17 -25.40 -5.10
CBB CLA CD . -22.33 -25.46 -6.40
NC CLA CD . -27.38 -23.58 -4.31
C1C CLA CD . -26.38 -23.31 -5.15
C2C CLA CD . -26.63 -22.26 -6.16
C3C CLA CD . -28.01 -21.88 -5.84
C4C CLA CD . -28.37 -22.75 -4.69
CMC CLA CD . -25.73 -21.74 -7.25
CAC CLA CD . -28.87 -20.84 -6.52
CBC CLA CD . -29.95 -21.52 -7.33
ND CLA CD . -29.18 -24.42 -2.39
C1D CLA CD . -30.06 -23.54 -2.87
C2D CLA CD . -31.38 -23.52 -2.18
C3D CLA CD . -31.14 -24.57 -1.18
C4D CLA CD . -29.90 -25.03 -1.36
CMD CLA CD . -32.68 -22.78 -2.27
CAD CLA CD . -31.82 -25.27 -0.07
OBD CLA CD . -33.08 -25.23 0.17
CBD CLA CD . -30.85 -26.25 0.52
CGD CLA CD . -30.46 -25.87 1.91
O1D CLA CD . -30.32 -24.70 2.20
O2D CLA CD . -30.21 -26.88 2.92
CED CLA CD . -30.62 -26.67 4.26
C1 CLA CD . -29.40 -31.57 -3.67
C2 CLA CD . -30.88 -31.45 -3.92
C3 CLA CD . -31.43 -31.90 -5.07
C4 CLA CD . -30.57 -32.50 -6.14
C5 CLA CD . -32.93 -31.76 -5.28
C6 CLA CD . -33.28 -31.81 -6.76
C7 CLA CD . -34.79 -31.90 -6.97
C8 CLA CD . -35.23 -30.96 -8.08
C9 CLA CD . -35.07 -29.51 -7.66
C10 CLA CD . -36.68 -31.26 -8.46
C11 CLA CD . -36.78 -32.46 -9.40
C12 CLA CD . -38.00 -32.35 -10.31
C13 CLA CD . -38.75 -33.68 -10.45
C14 CLA CD . -37.78 -34.86 -10.49
C15 CLA CD . -39.61 -33.64 -11.70
C16 CLA CD . -41.09 -33.70 -11.36
C17 CLA CD . -41.64 -35.12 -11.49
C18 CLA CD . -42.28 -35.34 -12.86
C19 CLA CD . -42.09 -36.77 -13.32
C20 CLA CD . -43.76 -34.97 -12.83
MG CLA DD . -15.39 -20.65 -16.55
CHA CLA DD . -12.61 -20.58 -18.55
CHB CLA DD . -16.61 -23.05 -18.56
CHC CLA DD . -17.91 -20.76 -14.48
CHD CLA DD . -13.85 -18.20 -14.43
NA CLA DD . -14.69 -21.73 -18.38
C1A CLA DD . -13.63 -21.56 -18.99
C2A CLA DD . -13.49 -22.41 -20.19
C3A CLA DD . -14.79 -23.17 -20.16
C4A CLA DD . -15.41 -22.62 -18.95
CMA CLA DD . -15.70 -22.74 -21.27
CAA CLA DD . -12.35 -23.42 -20.02
CBA CLA DD . -12.04 -23.87 -18.59
CGA CLA DD . -10.99 -24.93 -18.50
O1A CLA DD . -11.07 -26.03 -18.97
O2A CLA DD . -9.86 -24.85 -17.88
NB CLA DD . -17.06 -21.79 -16.51
C1B CLA DD . -17.43 -22.68 -17.40
C2B CLA DD . -18.75 -23.25 -17.10
C3B CLA DD . -19.10 -22.54 -15.88
C4B CLA DD . -17.98 -21.66 -15.61
CMB CLA DD . -19.52 -24.30 -17.84
CAB CLA DD . -20.29 -22.66 -15.04
CBB CLA DD . -21.45 -22.80 -15.59
NC CLA DD . -15.79 -19.63 -14.74
C1C CLA DD . -16.88 -19.82 -14.08
C2C CLA DD . -17.06 -19.05 -12.88
C3C CLA DD . -15.85 -18.28 -12.87
C4C CLA DD . -15.14 -18.72 -14.06
CMC CLA DD . -18.19 -19.11 -11.94
CAC CLA DD . -15.42 -17.29 -11.86
CBC CLA DD . -14.16 -17.82 -11.23
ND CLA DD . -13.67 -19.60 -16.38
C1D CLA DD . -13.15 -18.68 -15.61
C2D CLA DD . -11.84 -18.19 -16.03
C3D CLA DD . -11.67 -19.00 -17.23
C4D CLA DD . -12.74 -19.76 -17.36
CMD CLA DD . -10.84 -17.20 -15.55
CAD CLA DD . -10.73 -19.24 -18.31
OBD CLA DD . -9.55 -18.76 -18.39
CBD CLA DD . -11.29 -20.29 -19.19
CGD CLA DD . -11.48 -19.89 -20.59
O1D CLA DD . -12.49 -19.46 -21.01
O2D CLA DD . -10.45 -19.98 -21.53
CED CLA DD . -10.19 -18.79 -22.24
C1 CLA DD . -9.49 -25.96 -16.78
C2 CLA DD . -9.89 -25.87 -15.34
C3 CLA DD . -9.20 -26.44 -14.35
C4 CLA DD . -7.99 -27.24 -14.63
C5 CLA DD . -9.66 -26.26 -12.92
C6 CLA DD . -8.62 -26.64 -11.88
C7 CLA DD . -8.14 -25.43 -11.10
C8 CLA DD . -9.14 -25.01 -10.04
C9 CLA DD . -8.55 -23.95 -9.14
C10 CLA DD . -9.51 -26.20 -9.19
C11 CLA DD . -10.41 -25.81 -8.04
C12 CLA DD . -9.61 -25.27 -6.85
C13 CLA DD . -8.85 -26.31 -6.05
C14 CLA DD . -8.42 -27.49 -6.89
C15 CLA DD . -9.59 -26.81 -4.80
C16 CLA DD . -8.72 -27.79 -4.02
C17 CLA DD . -8.64 -27.48 -2.53
C18 CLA DD . -8.29 -28.68 -1.65
C19 CLA DD . -7.29 -28.36 -0.56
C20 CLA DD . -9.53 -29.26 -1.00
MG CLA ED . -24.51 5.02 -20.48
CHA CLA ED . -25.46 6.02 -23.67
CHB CLA ED . -23.18 8.07 -20.09
CHC CLA ED . -23.81 4.05 -17.38
CHD CLA ED . -26.15 1.93 -21.04
NA CLA ED . -24.33 6.88 -21.73
C1A CLA ED . -24.73 7.06 -22.91
C2A CLA ED . -24.39 8.39 -23.46
C3A CLA ED . -23.66 9.00 -22.30
C4A CLA ED . -23.72 7.92 -21.30
CMA CLA ED . -22.21 9.16 -22.69
CAA CLA ED . -25.63 9.27 -23.63
CBA CLA ED . -26.93 8.86 -22.95
CGA CLA ED . -27.44 9.84 -21.94
O1A CLA ED . -27.11 10.99 -21.84
O2A CLA ED . -28.35 9.52 -21.07
NB CLA ED . -23.62 5.97 -18.93
C1B CLA ED . -23.10 7.17 -18.93
C2B CLA ED . -22.45 7.52 -17.65
C3B CLA ED . -22.67 6.31 -16.91
C4B CLA ED . -23.40 5.39 -17.77
CMB CLA ED . -21.74 8.74 -17.19
CAB CLA ED . -22.28 5.98 -15.53
CBB CLA ED . -23.14 6.21 -14.57
NC CLA ED . -24.94 3.25 -19.38
C1C CLA ED . -24.54 3.04 -18.14
C2C CLA ED . -24.86 1.74 -17.58
C3C CLA ED . -25.56 1.13 -18.67
C4C CLA ED . -25.55 2.13 -19.73
CMC CLA ED . -24.56 1.21 -16.22
CAC CLA ED . -26.16 -0.23 -18.74
CBC CLA ED . -27.53 -0.17 -18.14
ND CLA ED . -25.59 4.09 -21.91
C1D CLA ED . -26.16 2.92 -22.10
C2D CLA ED . -26.75 2.71 -23.42
C3D CLA ED . -26.43 4.00 -24.01
C4D CLA ED . -25.78 4.71 -23.10
CMD CLA ED . -27.46 1.63 -24.13
CAD CLA ED . -26.59 4.75 -25.26
OBD CLA ED . -26.62 4.20 -26.41
CBD CLA ED . -26.00 6.09 -25.05
CGD CLA ED . -24.92 6.44 -26.00
O1D CLA ED . -24.75 7.58 -26.27
O2D CLA ED . -24.07 5.49 -26.59
CED CLA ED . -22.76 5.90 -26.94
C1 CLA ED . -29.09 10.49 -20.04
C2 CLA ED . -29.08 10.21 -18.56
C3 CLA ED . -30.11 9.65 -17.93
C4 CLA ED . -30.04 9.43 -16.45
C5 CLA ED . -31.35 9.24 -18.67
C6 CLA ED . -31.82 7.87 -18.22
C7 CLA ED . -33.24 7.52 -18.69
C8 CLA ED . -33.44 6.07 -19.11
C9 CLA ED . -34.91 5.70 -19.06
C10 CLA ED . -32.65 5.13 -18.23
C11 CLA ED . -32.95 3.68 -18.55
C12 CLA ED . -31.92 2.88 -17.81
C13 CLA ED . -32.31 1.43 -17.63
C14 CLA ED . -33.78 1.27 -17.26
C15 CLA ED . -31.41 0.80 -16.57
C16 CLA ED . -31.89 1.03 -15.15
C17 CLA ED . -31.14 2.19 -14.50
C18 CLA ED . -32.08 3.08 -13.72
C19 CLA ED . -31.96 2.80 -12.24
C20 CLA ED . -31.75 4.53 -13.97
MG CLA FD . -21.14 12.70 -14.46
CHA CLA FD . -21.32 12.83 -17.90
CHB CLA FD . -18.29 14.45 -14.75
CHC CLA FD . -21.09 12.69 -11.17
CHD CLA FD . -24.26 10.99 -14.43
NA CLA FD . -19.93 13.56 -16.13
C1A CLA FD . -20.14 13.48 -17.34
C2A CLA FD . -19.14 14.14 -18.17
C3A CLA FD . -18.16 14.61 -17.16
C4A CLA FD . -18.84 14.18 -15.93
CMA CLA FD . -16.96 13.72 -17.24
CAA CLA FD . -19.83 15.43 -18.63
CBA CLA FD . -20.40 16.31 -17.52
CGA CLA FD . -21.46 17.28 -17.92
O1A CLA FD . -22.30 17.05 -18.75
O2A CLA FD . -21.60 18.49 -17.44
NB CLA FD . -19.84 13.50 -13.14
C1B CLA FD . -18.74 14.14 -13.42
C2B CLA FD . -17.99 14.53 -12.23
C3B CLA FD . -18.83 14.00 -11.18
C4B CLA FD . -19.97 13.36 -11.84
CMB CLA FD . -16.70 15.28 -12.18
CAB CLA FD . -18.63 14.08 -9.74
CBB CLA FD . -19.65 14.36 -8.98
NC CLA FD . -22.50 11.95 -13.02
C1C CLA FD . -22.27 12.02 -11.74
C2C CLA FD . -23.28 11.40 -10.90
C3C CLA FD . -24.20 10.92 -11.89
C4C CLA FD . -23.62 11.31 -13.16
CMC CLA FD . -23.39 11.29 -9.43
CAC CLA FD . -25.48 10.19 -11.68
CBC CLA FD . -25.58 9.12 -12.72
ND CLA FD . -22.56 12.03 -15.74
C1D CLA FD . -23.69 11.37 -15.70
C2D CLA FD . -24.28 11.09 -17.02
C3D CLA FD . -23.27 11.70 -17.85
C4D CLA FD . -22.33 12.20 -17.07
CMD CLA FD . -25.48 10.43 -17.60
CAD CLA FD . -22.95 11.94 -19.25
OBD CLA FD . -23.53 11.43 -20.27
CBD CLA FD . -21.70 12.71 -19.33
CGD CLA FD . -20.74 12.05 -20.21
O1D CLA FD . -20.39 10.95 -20.05
O2D CLA FD . -20.21 12.72 -21.34
CED CLA FD . -20.34 12.09 -22.58
C1 CLA FD . -22.67 18.91 -16.31
C2 CLA FD . -24.15 18.80 -16.52
C3 CLA FD . -25.11 19.03 -15.63
C4 CLA FD . -26.53 18.86 -16.05
C5 CLA FD . -24.82 19.45 -14.23
C6 CLA FD . -25.80 18.75 -13.30
MG CLA GD . -15.85 14.72 0.83
CHA CLA GD . -15.03 14.11 -2.56
CHB CLA GD . -12.46 14.98 1.38
CHC CLA GD . -16.65 15.89 3.87
CHD CLA GD . -19.30 14.98 -0.16
NA CLA GD . -13.94 14.58 -0.42
C1A CLA GD . -13.83 14.30 -1.67
C2A CLA GD . -12.43 14.12 -2.15
C3A CLA GD . -11.64 14.39 -0.88
C4A CLA GD . -12.74 14.69 0.10
CMA CLA GD . -10.89 13.15 -0.43
CAA CLA GD . -12.13 15.17 -3.23
CBA CLA GD . -10.87 15.99 -2.97
CGA CLA GD . -11.20 17.45 -3.15
O1A CLA GD . -12.24 17.97 -2.78
O2A CLA GD . -10.39 18.33 -3.70
NB CLA GD . -14.69 15.39 2.39
C1B CLA GD . -13.36 15.30 2.51
C2B CLA GD . -12.86 15.61 3.88
C3B CLA GD . -14.13 15.87 4.59
C4B CLA GD . -15.20 15.71 3.58
CMB CLA GD . -11.44 15.63 4.38
CAB CLA GD . -14.38 16.24 6.01
CBB CLA GD . -13.48 16.87 6.74
NC CLA GD . -17.70 15.41 1.69
C1C CLA GD . -17.82 15.76 2.98
C2C CLA GD . -19.21 15.99 3.45
C3C CLA GD . -19.97 15.75 2.23
C4C CLA GD . -18.96 15.39 1.22
CMC CLA GD . -19.69 16.40 4.82
CAC CLA GD . -21.47 15.83 2.04
CBC CLA GD . -21.82 17.03 1.19
ND CLA GD . -17.00 14.65 -0.87
C1D CLA GD . -18.30 14.68 -1.20
C2D CLA GD . -18.62 14.38 -2.62
C3D CLA GD . -17.25 14.16 -3.11
C4D CLA GD . -16.41 14.33 -2.08
CMD CLA GD . -19.84 14.27 -3.51
CAD CLA GD . -16.53 13.82 -4.35
OBD CLA GD . -17.07 13.43 -5.45
CBD CLA GD . -15.08 13.67 -4.00
CGD CLA GD . -14.70 12.22 -4.04
O1D CLA GD . -15.26 11.41 -3.32
O2D CLA GD . -13.66 11.75 -4.93
CED CLA GD . -13.90 10.59 -5.72
C1 CLA GD . -10.93 19.32 -4.84
C2 CLA GD . -12.02 18.87 -5.78
C3 CLA GD . -11.70 18.31 -6.96
C4 CLA GD . -10.27 18.12 -7.35
C5 CLA GD . -12.80 17.86 -7.91
C6 CLA GD . -14.10 18.58 -7.59
C7 CLA GD . -15.08 17.67 -6.85
C8 CLA GD . -16.06 18.53 -6.05
C9 CLA GD . -17.05 17.65 -5.29
C10 CLA GD . -16.73 19.51 -7.01
C11 CLA GD . -18.24 19.61 -6.84
C12 CLA GD . -18.96 18.99 -8.02
C13 CLA GD . -20.43 19.38 -8.05
C14 CLA GD . -20.58 20.88 -8.28
C15 CLA GD . -21.09 18.96 -6.74
C16 CLA GD . -20.99 17.45 -6.56
C17 CLA GD . -21.91 16.72 -7.51
C18 CLA GD . -22.40 15.42 -6.87
C19 CLA GD . -23.52 15.70 -5.88
C20 CLA GD . -22.84 14.43 -7.93
MG CLA HD . -12.32 13.62 11.82
CHA CLA HD . -12.57 16.06 14.37
CHB CLA HD . -15.07 15.12 10.39
CHC CLA HD . -11.73 11.69 9.14
CHD CLA HD . -9.18 12.58 13.25
NA CLA HD . -13.68 15.38 12.29
C1A CLA HD . -13.64 16.15 13.32
C2A CLA HD . -14.76 17.14 13.40
C3A CLA HD . -15.54 16.81 12.13
C4A CLA HD . -14.71 15.72 11.55
CMA CLA HD . -16.90 16.23 12.50
CAA CLA HD . -14.13 18.51 13.28
CBA CLA HD . -15.01 19.63 12.74
CGA CLA HD . -14.13 20.86 12.68
O1A CLA HD . -12.98 20.85 12.28
O2A CLA HD . -14.50 22.07 13.06
NB CLA HD . -13.26 13.48 10.00
C1B CLA HD . -14.42 14.04 9.63
C2B CLA HD . -14.96 13.50 8.35
C3B CLA HD . -13.95 12.50 8.01
C4B CLA HD . -12.93 12.54 9.09
CMB CLA HD . -16.22 13.88 7.61
CAB CLA HD . -13.94 11.59 6.84
CBB CLA HD . -13.11 11.83 5.84
NC CLA HD . -10.65 12.39 11.25
C1C CLA HD . -10.66 11.62 10.15
C2C CLA HD . -9.52 10.68 10.03
C3C CLA HD . -8.76 10.98 11.24
C4C CLA HD . -9.55 12.04 11.92
CMC CLA HD . -9.24 9.70 8.94
CAC CLA HD . -7.47 10.34 11.70
CBC CLA HD . -6.33 11.30 11.45
ND CLA HD . -11.05 14.13 13.35
C1D CLA HD . -9.93 13.66 13.90
C2D CLA HD . -9.53 14.30 15.20
C3D CLA HD . -10.64 15.26 15.32
C4D CLA HD . -11.45 15.11 14.26
CMD CLA HD . -8.44 14.21 16.23
CAD CLA HD . -11.14 16.30 16.23
OBD CLA HD . -10.70 16.54 17.42
CBD CLA HD . -12.39 16.87 15.65
CGD CLA HD . -13.51 16.68 16.63
O1D CLA HD . -13.51 17.31 17.67
O2D CLA HD . -14.63 15.78 16.36
CED CLA HD . -15.94 16.17 16.73
C1 CLA HD . -14.72 23.21 11.96
C2 CLA HD . -13.72 23.46 10.86
C3 CLA HD . -14.05 24.23 9.81
C4 CLA HD . -15.43 24.80 9.73
C5 CLA HD . -13.03 24.47 8.72
C6 CLA HD . -13.65 25.12 7.49
C7 CLA HD . -13.48 26.63 7.51
C8 CLA HD . -12.43 27.12 6.53
C9 CLA HD . -11.03 26.92 7.08
C10 CLA HD . -12.66 28.60 6.24
C11 CLA HD . -13.93 28.81 5.40
C12 CLA HD . -14.27 30.29 5.29
C13 CLA HD . -15.61 30.48 4.60
MG CLA ID . -40.68 -3.24 0.45
CHA CLA ID . -43.52 -5.28 0.92
CHB CLA ID . -38.92 -6.17 -0.05
CHC CLA ID . -38.14 -1.31 -0.60
CHD CLA ID . -42.84 -0.36 0.48
NA CLA ID . -41.14 -5.47 0.41
C1A CLA ID . -42.25 -6.04 0.65
C2A CLA ID . -42.20 -7.53 0.72
C3A CLA ID . -40.73 -7.78 0.44
C4A CLA ID . -40.22 -6.39 0.23
CMA CLA ID . -40.10 -8.27 1.73
CAA CLA ID . -43.01 -8.16 -0.42
CBA CLA ID . -42.60 -7.60 -1.78
CGA CLA ID . -43.57 -8.01 -2.86
O1A CLA ID . -44.75 -7.69 -2.89
O2A CLA ID . -43.25 -8.75 -3.90
NB CLA ID . -38.81 -3.70 -0.27
C1B CLA ID . -38.21 -4.89 -0.28
C2B CLA ID . -36.75 -4.83 -0.61
C3B CLA ID . -36.56 -3.39 -0.75
C4B CLA ID . -37.88 -2.76 -0.54
CMB CLA ID . -35.74 -5.94 -0.72
CAB CLA ID . -35.29 -2.69 -1.08
CBB CLA ID . -34.83 -1.73 -0.31
NC CLA ID . -40.54 -1.14 -0.02
C1C CLA ID . -39.39 -0.55 -0.33
C2C CLA ID . -39.42 0.94 -0.39
C3C CLA ID . -40.82 1.20 -0.08
C4C CLA ID . -41.42 -0.14 0.14
CMC CLA ID . -38.31 1.90 -0.71
CAC CLA ID . -41.49 2.55 0.04
CBC CLA ID . -41.93 3.03 -1.33
ND CLA ID . -42.67 -2.78 0.58
C1D CLA ID . -43.44 -1.69 0.68
C2D CLA ID . -44.87 -1.95 1.02
C3D CLA ID . -44.83 -3.42 1.09
C4D CLA ID . -43.58 -3.81 0.84
CMD CLA ID . -46.15 -1.17 1.25
CAD CLA ID . -45.71 -4.58 1.35
OBD CLA ID . -46.92 -4.51 1.77
CBD CLA ID . -44.86 -5.80 1.37
CGD CLA ID . -44.70 -6.26 2.79
O1D CLA ID . -44.10 -5.57 3.60
O2D CLA ID . -45.28 -7.52 3.23
CED CLA ID . -46.16 -7.56 4.35
C1 CLA ID . -44.05 -8.60 -5.28
MG CLA JD . -29.08 -5.89 3.93
CHA CLA JD . -31.94 -3.85 4.31
CHB CLA JD . -28.71 -4.41 0.83
CHC CLA JD . -26.06 -7.35 3.81
CHD CLA JD . -29.40 -6.86 7.38
NA CLA JD . -30.16 -4.30 2.70
C1A CLA JD . -31.24 -3.68 2.99
C2A CLA JD . -31.80 -2.83 1.89
C3A CLA JD . -30.77 -3.05 0.80
C4A CLA JD . -29.80 -3.96 1.48
CMA CLA JD . -31.42 -3.82 -0.34
CAA CLA JD . -31.81 -1.36 2.29
CBA CLA JD . -32.00 -0.45 1.09
CGA CLA JD . -32.53 0.90 1.53
O1A CLA JD . -32.05 1.56 2.44
O2A CLA JD . -33.57 1.49 0.97
NB CLA JD . -27.58 -5.84 2.53
C1B CLA JD . -27.63 -5.31 1.29
C2B CLA JD . -26.47 -5.70 0.43
C3B CLA JD . -25.72 -6.57 1.33
C4B CLA JD . -26.47 -6.60 2.61
CMB CLA JD . -26.18 -5.31 -1.00
CAB CLA JD . -24.45 -7.29 1.08
CBB CLA JD . -24.30 -8.04 0.00
NC CLA JD . -27.88 -6.89 5.41
C1C CLA JD . -26.75 -7.54 5.10
C2C CLA JD . -26.24 -8.48 6.13
C3C CLA JD . -27.23 -8.30 7.20
C4C CLA JD . -28.19 -7.31 6.65
CMC CLA JD . -25.03 -9.36 6.10
CAC CLA JD . -27.27 -9.02 8.53
CBC CLA JD . -26.22 -8.45 9.45
ND CLA JD . -30.25 -5.47 5.57
C1D CLA JD . -30.41 -5.95 6.81
C2D CLA JD . -31.66 -5.51 7.50
C3D CLA JD . -32.23 -4.66 6.44
C4D CLA JD . -31.38 -4.69 5.39
CMD CLA JD . -32.36 -5.70 8.82
CAD CLA JD . -33.40 -3.82 6.16
OBD CLA JD . -34.49 -3.85 6.82
CBD CLA JD . -33.25 -3.25 4.78
CGD CLA JD . -34.35 -3.75 3.89
O1D CLA JD . -34.85 -3.02 3.04
O2D CLA JD . -34.86 -5.11 4.03
CED CLA JD . -34.94 -5.94 2.86
C1 CLA JD . -33.46 3.00 0.48
C2 CLA JD . -34.69 3.76 0.00
C3 CLA JD . -34.57 4.78 -0.86
C4 CLA JD . -33.21 5.20 -1.34
C5 CLA JD . -35.78 5.52 -1.34
C6 CLA JD . -35.87 5.40 -2.85
C7 CLA JD . -37.08 4.55 -3.27
C8 CLA JD . -37.34 4.66 -4.77
C9 CLA JD . -38.47 5.64 -5.05
C10 CLA JD . -37.66 3.28 -5.33
C11 CLA JD . -38.78 2.61 -4.55
C12 CLA JD . -39.00 1.18 -5.02
C13 CLA JD . -40.33 0.61 -4.53
C14 CLA JD . -40.71 -0.64 -5.30
C15 CLA JD . -41.43 1.66 -4.66
MG CLA KD . -25.78 5.71 1.53
CHA CLA KD . -28.23 3.57 2.98
CHB CLA KD . -25.33 3.23 -0.82
CHC CLA KD . -23.91 7.93 -0.15
CHD CLA KD . -26.83 8.30 3.79
NA CLA KD . -26.65 3.65 1.10
C1A CLA KD . -27.52 3.01 1.79
C2A CLA KD . -27.80 1.63 1.28
C3A CLA KD . -26.85 1.53 0.11
C4A CLA KD . -26.24 2.90 0.11
CMA CLA KD . -25.75 0.55 0.49
CAA CLA KD . -29.23 1.62 0.71
CBA CLA KD . -29.44 2.54 -0.50
CGA CLA KD . -29.64 4.00 -0.11
O1A CLA KD . -30.65 4.44 0.41
O2A CLA KD . -28.74 4.96 -0.25
NB CLA KD . -24.80 5.59 -0.27
C1B CLA KD . -24.61 4.50 -1.02
C2B CLA KD . -23.62 4.70 -2.13
C3B CLA KD . -23.22 6.09 -1.90
C4B CLA KD . -24.00 6.57 -0.73
CMB CLA KD . -23.15 3.73 -3.18
CAB CLA KD . -22.25 6.89 -2.67
CBB CLA KD . -22.47 7.18 -3.94
NC CLA KD . -25.49 7.82 1.75
C1C CLA KD . -24.59 8.51 1.03
C2C CLA KD . -24.32 9.89 1.49
C3C CLA KD . -25.21 9.99 2.64
C4C CLA KD . -25.88 8.66 2.71
CMC CLA KD . -23.38 10.91 0.93
CAC CLA KD . -25.42 11.15 3.58
CBC CLA KD . -24.40 11.09 4.69
ND CLA KD . -27.18 6.03 2.99
C1D CLA KD . -27.49 6.99 3.88
C2D CLA KD . -28.48 6.60 4.93
C3D CLA KD . -28.74 5.22 4.50
C4D CLA KD . -27.98 4.96 3.42
CMD CLA KD . -29.18 7.21 6.12
CAD CLA KD . -29.55 4.04 4.88
OBD CLA KD . -30.52 4.05 5.71
CBD CLA KD . -29.27 2.95 3.89
CGD CLA KD . -28.80 1.73 4.62
O1D CLA KD . -29.01 0.61 4.17
O2D CLA KD . -28.10 1.86 5.88
CED CLA KD . -27.36 0.74 6.37
C1 CLA KD . -29.09 6.34 -0.97
C2 CLA KD . -28.01 7.27 -1.47
C3 CLA KD . -28.30 8.51 -1.90
C4 CLA KD . -29.72 8.98 -1.90
C5 CLA KD . -27.19 9.42 -2.39
C6 CLA KD . -26.72 8.96 -3.78
C7 CLA KD . -25.26 9.36 -4.00
C8 CLA KD . -25.11 10.86 -4.21
C9 CLA KD . -25.14 11.21 -5.69
C10 CLA KD . -23.82 11.33 -3.54
C11 CLA KD . -23.69 12.86 -3.61
C12 CLA KD . -24.87 13.54 -2.93
C13 CLA KD . -24.45 14.89 -2.37
C14 CLA KD . -23.37 14.71 -1.30
C15 CLA KD . -25.66 15.62 -1.81
C16 CLA KD . -25.26 16.95 -1.17
C17 CLA KD . -25.86 17.08 0.23
C18 CLA KD . -26.38 18.49 0.49
C19 CLA KD . -25.24 19.49 0.54
C20 CLA KD . -27.41 18.89 -0.58
MG CLA LD . -23.90 2.29 -8.25
CHA CLA LD . -25.71 0.43 -5.86
CHB CLA LD . -23.38 -0.72 -9.88
CHC CLA LD . -22.65 4.11 -10.78
CHD CLA LD . -25.05 5.31 -6.67
NA CLA LD . -24.48 0.11 -7.94
C1A CLA LD . -25.13 -0.40 -6.95
C2A CLA LD . -25.19 -1.91 -6.96
C3A CLA LD . -24.44 -2.24 -8.24
C4A CLA LD . -24.08 -0.87 -8.74
CMA CLA LD . -23.16 -3.01 -7.93
CAA CLA LD . -26.62 -2.40 -7.11
CBA CLA LD . -27.35 -1.72 -8.26
CGA CLA LD . -28.72 -2.33 -8.39
O1A CLA LD . -29.04 -3.15 -9.24
O2A CLA LD . -29.72 -2.05 -7.57
NB CLA LD . -23.16 1.75 -10.10
C1B CLA LD . -22.92 0.52 -10.55
C2B CLA LD . -22.16 0.50 -11.84
C3B CLA LD . -21.97 1.93 -12.07
C4B CLA LD . -22.62 2.63 -10.95
CMB CLA LD . -21.71 -0.68 -12.66
CAB CLA LD . -21.26 2.58 -13.20
CBB CLA LD . -21.87 2.69 -14.36
NC CLA LD . -23.95 4.39 -8.70
C1C CLA LD . -23.26 4.93 -9.72
C2C CLA LD . -23.14 6.41 -9.70
C3C CLA LD . -23.88 6.74 -8.48
C4C CLA LD . -24.33 5.44 -7.95
CMC CLA LD . -22.45 7.32 -10.68
CAC CLA LD . -24.15 8.10 -7.89
CBC CLA LD . -25.58 8.50 -8.18
ND CLA LD . -25.11 2.88 -6.71
C1D CLA LD . -25.46 4.02 -6.09
C2D CLA LD . -26.25 3.86 -4.83
C3D CLA LD . -26.32 2.39 -4.81
C4D CLA LD . -25.66 1.91 -5.88
CMD CLA LD . -26.90 4.71 -3.77
CAD CLA LD . -26.87 1.28 -3.99
OBD CLA LD . -27.72 1.40 -3.04
CBD CLA LD . -26.38 0.00 -4.57
CGD CLA LD . -25.30 -0.54 -3.68
O1D CLA LD . -24.32 0.13 -3.43
O2D CLA LD . -25.42 -1.85 -3.07
CED CLA LD . -25.01 -2.05 -1.72
C1 CLA LD . -31.23 -2.03 -8.08
C2 CLA LD . -31.60 -1.46 -9.44
C3 CLA LD . -32.71 -0.72 -9.58
C4 CLA LD . -33.58 -0.42 -8.41
C5 CLA LD . -33.06 -0.16 -10.95
C6 CLA LD . -34.55 -0.36 -11.21
C7 CLA LD . -35.26 0.98 -11.34
C8 CLA LD . -36.70 0.90 -10.85
C9 CLA LD . -37.64 0.51 -11.97
C10 CLA LD . -37.10 2.24 -10.24
MG CLA MD . 15.58 -34.23 -7.45
CHA CLA MD . 17.96 -32.48 -5.50
CHB CLA MD . 17.71 -36.94 -7.22
CHC CLA MD . 13.08 -36.06 -8.77
CHD CLA MD . 13.34 -31.45 -7.07
NA CLA MD . 17.59 -34.69 -6.48
C1A CLA MD . 18.35 -33.88 -5.83
C2A CLA MD . 19.69 -34.46 -5.46
C3A CLA MD . 19.58 -35.87 -6.03
C4A CLA MD . 18.20 -35.84 -6.61
CMA CLA MD . 20.60 -36.06 -7.14
CAA CLA MD . 19.85 -34.56 -3.95
CBA CLA MD . 18.81 -35.44 -3.27
CGA CLA MD . 17.58 -34.63 -2.90
O1A CLA MD . 17.61 -33.55 -2.31
O2A CLA MD . 16.34 -34.97 -3.17
NB CLA MD . 15.42 -36.23 -7.88
C1B CLA MD . 16.39 -37.16 -7.85
C2B CLA MD . 16.00 -38.45 -8.49
C3B CLA MD . 14.63 -38.14 -8.93
C4B CLA MD . 14.36 -36.76 -8.52
CMB CLA MD . 16.78 -39.71 -8.66
CAB CLA MD . 13.70 -39.04 -9.65
CBB CLA MD . 12.76 -39.67 -8.98
NC CLA MD . 13.50 -33.82 -7.80
C1C CLA MD . 12.68 -34.68 -8.42
C2C CLA MD . 11.33 -34.15 -8.74
C3C CLA MD . 11.41 -32.79 -8.22
C4C CLA MD . 12.79 -32.69 -7.67
CMC CLA MD . 10.18 -34.85 -9.42
CAC CLA MD . 10.34 -31.73 -8.24
CBC CLA MD . 9.61 -31.73 -6.91
ND CLA MD . 15.49 -32.41 -6.50
C1D CLA MD . 14.67 -31.35 -6.47
C2D CLA MD . 15.24 -30.13 -5.82
C3D CLA MD . 16.56 -30.65 -5.45
C4D CLA MD . 16.63 -31.93 -5.87
CMD CLA MD . 14.82 -28.72 -5.51
CAD CLA MD . 17.81 -30.23 -4.78
OBD CLA MD . 17.93 -29.18 -4.06
CBD CLA MD . 18.74 -31.41 -4.78
CGD CLA MD . 19.99 -31.06 -5.52
O1D CLA MD . 19.94 -30.52 -6.62
O2D CLA MD . 21.28 -31.38 -4.94
CED CLA MD . 22.21 -30.32 -4.65
C1 CLA MD . 15.63 -36.21 -2.45
C2 CLA MD . 15.60 -37.59 -3.06
C3 CLA MD . 14.46 -38.01 -3.64
C4 CLA MD . 13.28 -37.08 -3.67
C5 CLA MD . 14.34 -39.38 -4.26
C6 CLA MD . 12.87 -39.78 -4.35
C7 CLA MD . 12.58 -41.00 -3.49
C8 CLA MD . 11.37 -40.78 -2.56
C9 CLA MD . 11.61 -39.64 -1.58
C10 CLA MD . 11.03 -42.11 -1.86
C11 CLA MD . 11.54 -42.22 -0.43
C12 CLA MD . 13.02 -42.59 -0.36
C13 CLA MD . 13.27 -44.06 -0.08
C14 CLA MD . 13.36 -44.32 1.42
C15 CLA MD . 14.55 -44.49 -0.77
MG CLA ND . 10.61 -33.60 -12.52
CHA CLA ND . 10.58 -37.13 -12.86
CHB CLA ND . 7.16 -33.80 -12.72
CHC CLA ND . 10.58 -30.37 -11.60
CHD CLA ND . 14.13 -33.78 -11.75
NA CLA ND . 9.03 -35.25 -12.74
C1A CLA ND . 9.23 -36.50 -12.89
C2A CLA ND . 7.98 -37.30 -13.15
C3A CLA ND . 6.92 -36.21 -13.12
C4A CLA ND . 7.75 -34.99 -12.84
CMA CLA ND . 6.24 -36.07 -14.47
CAA CLA ND . 7.74 -38.23 -11.96
CBA CLA ND . 7.70 -37.45 -10.65
CGA CLA ND . 8.33 -38.20 -9.50
O1A CLA ND . 7.77 -39.06 -8.86
O2A CLA ND . 9.56 -38.00 -9.06
NB CLA ND . 9.07 -32.30 -12.16
C1B CLA ND . 7.76 -32.48 -12.43
C2B CLA ND . 6.96 -31.24 -12.33
C3B CLA ND . 7.98 -30.25 -12.00
C4B CLA ND . 9.27 -30.99 -11.92
CMB CLA ND . 5.47 -31.05 -12.54
CAB CLA ND . 7.81 -28.79 -11.78
CBB CLA ND . 8.35 -27.93 -12.61
NC CLA ND . 12.12 -32.29 -11.74
C1C CLA ND . 11.92 -31.00 -11.51
C2C CLA ND . 13.13 -30.20 -11.15
C3C CLA ND . 14.16 -31.24 -11.18
C4C CLA ND . 13.44 -32.48 -11.56
CMC CLA ND . 13.24 -28.74 -10.83
CAC CLA ND . 15.63 -31.07 -10.90
CBC CLA ND . 16.34 -30.60 -12.15
ND CLA ND . 12.09 -35.01 -12.26
C1D CLA ND . 13.41 -35.03 -12.06
C2D CLA ND . 14.05 -36.37 -12.23
C3D CLA ND . 12.85 -37.16 -12.54
C4D CLA ND . 11.79 -36.34 -12.54
CMD CLA ND . 15.42 -36.99 -12.15
CAD CLA ND . 12.46 -38.55 -12.85
OBD CLA ND . 13.26 -39.53 -13.07
CBD CLA ND . 10.98 -38.56 -13.11
CGD CLA ND . 10.73 -38.92 -14.54
O1D CLA ND . 11.13 -38.21 -15.44
O2D CLA ND . 9.99 -40.12 -14.88
CED CLA ND . 10.55 -41.06 -15.79
C1 CLA ND . 10.00 -38.24 -7.54
C2 CLA ND . 9.06 -38.23 -6.36
C3 CLA ND . 9.21 -37.34 -5.37
C4 CLA ND . 10.29 -36.31 -5.45
C5 CLA ND . 8.27 -37.35 -4.18
C6 CLA ND . 9.08 -37.41 -2.90
C7 CLA ND . 8.24 -37.10 -1.67
C8 CLA ND . 7.09 -38.09 -1.52
C9 CLA ND . 5.81 -37.38 -1.10
C10 CLA ND . 7.47 -39.17 -0.51
C11 CLA ND . 6.30 -40.12 -0.27
C12 CLA ND . 6.77 -41.50 0.15
C13 CLA ND . 5.58 -42.39 0.50
C14 CLA ND . 6.04 -43.70 1.12
C15 CLA ND . 4.75 -42.64 -0.76
C16 CLA ND . 3.32 -43.02 -0.39
C17 CLA ND . 2.73 -43.99 -1.40
C18 CLA ND . 1.21 -43.86 -1.48
C19 CLA ND . 0.79 -42.89 -2.57
C20 CLA ND . 0.55 -45.22 -1.67
MG CLA OD . 1.04 -26.34 -2.93
CHA CLA OD . -1.11 -26.85 -5.60
CHB CLA OD . -1.55 -26.97 -0.91
CHC CLA OD . 3.21 -25.98 -0.49
CHD CLA OD . 3.67 -25.85 -5.27
NA CLA OD . -1.12 -26.86 -3.20
C1A CLA OD . -1.75 -27.00 -4.27
C2A CLA OD . -3.18 -27.28 -4.10
C3A CLA OD . -3.29 -27.33 -2.59
C4A CLA OD . -1.90 -27.04 -2.19
CMA CLA OD . -4.10 -26.13 -2.23
CAA CLA OD . -3.56 -28.56 -4.82
CBA CLA OD . -4.26 -29.67 -4.04
CGA CLA OD . -3.82 -30.97 -4.64
O1A CLA OD . -2.76 -31.11 -5.18
O2A CLA OD . -4.47 -32.10 -4.68
NB CLA OD . 0.86 -26.48 -0.93
C1B CLA OD . -0.26 -26.71 -0.27
C2B CLA OD . -0.04 -26.67 1.18
C3B CLA OD . 1.35 -26.38 1.26
C4B CLA OD . 1.83 -26.26 -0.11
CMB CLA OD . -1.01 -26.87 2.30
CAB CLA OD . 2.15 -26.22 2.46
CBB CLA OD . 3.08 -25.31 2.50
NC CLA OD . 3.12 -25.99 -2.91
C1C CLA OD . 3.81 -25.84 -1.80
C2C CLA OD . 5.23 -25.55 -1.98
C3C CLA OD . 5.34 -25.51 -3.42
C4C CLA OD . 4.00 -25.79 -3.87
CMC CLA OD . 6.27 -25.32 -0.95
CAC CLA OD . 6.52 -25.26 -4.29
CBC CLA OD . 7.54 -24.52 -3.48
ND CLA OD . 1.38 -26.33 -4.92
C1D CLA OD . 2.35 -26.12 -5.77
C2D CLA OD . 2.00 -26.18 -7.19
C3D CLA OD . 0.59 -26.48 -7.04
C4D CLA OD . 0.31 -26.55 -5.75
CMD CLA OD . 2.65 -26.03 -8.52
CAD CLA OD . -0.57 -26.72 -7.84
OBD CLA OD . -0.68 -26.44 -9.06
CBD CLA OD . -1.71 -26.96 -6.95
CGD CLA OD . -2.60 -25.82 -7.16
O1D CLA OD . -2.19 -24.72 -7.00
O2D CLA OD . -3.95 -25.97 -7.58
CED CLA OD . -4.49 -24.96 -8.40
C1 CLA OD . -3.73 -33.48 -4.37
C2 CLA OD . -2.24 -33.65 -4.45
C3 CLA OD . -1.66 -34.72 -4.96
C4 CLA OD . -2.52 -35.83 -5.46
C5 CLA OD . -0.17 -34.82 -5.04
C6 CLA OD . 0.25 -36.27 -4.98
C7 CLA OD . 1.73 -36.42 -4.69
C8 CLA OD . 1.97 -37.80 -4.13
C9 CLA OD . 1.14 -38.00 -2.88
C10 CLA OD . 3.44 -38.01 -3.81
C11 CLA OD . 3.74 -39.50 -3.82
C12 CLA OD . 5.00 -39.84 -4.59
C13 CLA OD . 5.43 -41.30 -4.44
C14 CLA OD . 6.94 -41.38 -4.42
C15 CLA OD . 4.95 -42.10 -5.61
C16 CLA OD . 4.60 -43.52 -5.22
C17 CLA OD . 4.30 -44.35 -6.47
C18 CLA OD . 2.81 -44.45 -6.74
C19 CLA OD . 2.56 -44.55 -8.22
C20 CLA OD . 2.22 -45.67 -6.09
MG CLA PD . -40.44 5.86 -25.36
CHA CLA PD . -38.22 3.21 -25.38
CHB CLA PD . -39.04 6.78 -22.44
CHC CLA PD . -42.53 8.42 -25.47
CHD CLA PD . -41.70 4.73 -28.50
NA CLA PD . -38.79 5.08 -24.05
C1A CLA PD . -38.09 4.08 -24.21
C2A CLA PD . -37.11 3.83 -23.14
C3A CLA PD . -37.40 4.97 -22.20
C4A CLA PD . -38.48 5.66 -22.93
CMA CLA PD . -38.03 4.45 -20.93
CAA CLA PD . -35.77 4.14 -23.77
CBA CLA PD . -35.65 5.53 -24.36
CGA CLA PD . -34.27 6.00 -24.11
O1A CLA PD . -33.64 6.78 -24.75
O2A CLA PD . -33.56 5.55 -23.14
NB CLA PD . -40.74 7.43 -24.11
C1B CLA PD . -40.11 7.64 -22.96
C2B CLA PD . -40.60 8.86 -22.28
C3B CLA PD . -41.63 9.30 -23.20
C4B CLA PD . -41.64 8.36 -24.30
CMB CLA PD . -40.18 9.46 -20.98
CAB CLA PD . -42.51 10.47 -23.10
CBB CLA PD . -41.99 11.65 -22.91
NC CLA PD . -41.87 6.47 -26.79
C1C CLA PD . -42.63 7.53 -26.62
C2C CLA PD . -43.61 7.80 -27.67
C3C CLA PD . -43.36 6.70 -28.58
C4C CLA PD . -42.28 5.95 -27.93
CMC CLA PD . -44.59 8.91 -27.76
CAC CLA PD . -44.05 6.40 -29.87
CBC CLA PD . -44.59 5.01 -29.78
ND CLA PD . -40.14 4.41 -26.72
C1D CLA PD . -40.63 3.99 -27.87
C2D CLA PD . -40.02 2.77 -28.40
C3D CLA PD . -39.06 2.50 -27.34
C4D CLA PD . -39.18 3.46 -26.44
CMD CLA PD . -40.17 1.88 -29.60
CAD CLA PD . -38.00 1.55 -26.97
OBD CLA PD . -38.02 0.32 -27.28
CBD CLA PD . -37.47 1.97 -25.66
CGD CLA PD . -38.08 1.07 -24.63
O1D CLA PD . -39.20 0.64 -24.75
O2D CLA PD . -37.37 0.70 -23.44
CED CLA PD . -38.08 0.15 -22.36
C1 CLA PD . -32.47 6.36 -22.36
C2 CLA PD . -31.14 6.58 -23.00
C3 CLA PD . -30.01 6.32 -22.33
C4 CLA PD . -28.72 6.56 -23.01
C5 CLA PD . -30.05 5.78 -20.93
C6 CLA PD . -28.74 6.06 -20.21
C7 CLA PD . -28.51 5.08 -19.07
C8 CLA PD . -28.20 5.79 -17.77
C9 CLA PD . -27.13 6.84 -17.98
C10 CLA PD . -27.74 4.79 -16.74
C11 CLA PD . -27.61 5.37 -15.35
C12 CLA PD . -27.61 4.24 -14.35
C13 CLA PD . -26.82 4.50 -13.08
C14 CLA PD . -25.40 4.89 -13.43
C15 CLA PD . -26.79 3.24 -12.23
C16 CLA PD . -26.71 3.50 -10.74
C17 CLA PD . -28.09 3.71 -10.14
C18 CLA PD . -28.28 3.05 -8.79
C19 CLA PD . -29.50 3.60 -8.12
C20 CLA PD . -28.54 1.59 -8.98
MG CLA QD . -5.59 -14.28 11.35
CHA CLA QD . -8.48 -14.59 9.41
CHB CLA QD . -3.96 -13.70 8.50
CHC CLA QD . -2.97 -13.83 13.24
CHD CLA QD . -7.59 -14.77 14.24
NA CLA QD . -6.14 -14.14 9.18
C1A CLA QD . -7.25 -14.31 8.64
C2A CLA QD . -7.22 -14.21 7.16
C3A CLA QD . -5.76 -13.93 6.96
C4A CLA QD . -5.25 -13.91 8.30
CMA CLA QD . -5.26 -15.28 6.51
CAA CLA QD . -8.05 -13.09 6.56
CBA CLA QD . -7.68 -12.93 5.10
CGA CLA QD . -7.99 -11.60 4.53
O1A CLA QD . -7.21 -10.83 4.08
O2A CLA QD . -9.20 -11.17 4.39
NB CLA QD . -3.68 -13.81 10.91
C1B CLA QD . -3.17 -13.63 9.72
C2B CLA QD . -1.72 -13.36 9.75
C3B CLA QD . -1.46 -13.41 11.17
C4B CLA QD . -2.74 -13.69 11.81
CMB CLA QD . -0.81 -13.12 8.61
CAB CLA QD . -0.21 -13.22 11.89
CBB CLA QD . 0.75 -12.55 11.32
NC CLA QD . -5.35 -14.31 13.45
C1C CLA QD . -4.18 -14.12 14.00
C2C CLA QD . -4.16 -14.22 15.46
C3C CLA QD . -5.53 -14.50 15.74
C4C CLA QD . -6.18 -14.54 14.44
CMC CLA QD . -3.02 -14.07 16.40
CAC CLA QD . -6.12 -14.73 17.09
CBC CLA QD . -7.35 -15.58 16.98
ND CLA QD . -7.53 -14.58 11.88
C1D CLA QD . -8.23 -14.79 12.96
C2D CLA QD . -9.66 -15.05 12.74
C3D CLA QD . -9.71 -14.96 11.29
C4D CLA QD . -8.48 -14.70 10.88
CMD CLA QD . -10.85 -15.35 13.60
CAD CLA QD . -10.64 -15.05 10.15
OBD CLA QD . -11.89 -14.92 10.20
CBD CLA QD . -9.88 -14.75 8.92
CGD CLA QD . -10.20 -15.58 7.74
O1D CLA QD . -10.42 -16.75 7.81
O2D CLA QD . -10.29 -14.94 6.47
CED CLA QD . -11.54 -14.45 6.05
C1 CLA QD . -9.60 -9.65 4.45
C2 CLA QD . -9.35 -8.79 5.63
C3 CLA QD . -10.35 -8.35 6.37
C4 CLA QD . -11.76 -8.70 6.04
C5 CLA QD . -10.06 -7.48 7.53
C6 CLA QD . -10.84 -7.94 8.74
C7 CLA QD . -10.31 -7.20 9.94
C8 CLA QD . -11.07 -5.92 10.11
C9 CLA QD . -10.54 -5.16 11.30
C10 CLA QD . -12.52 -6.25 10.34
C11 CLA QD . -13.37 -5.08 9.96
C12 CLA QD . -14.04 -5.28 8.63
C13 CLA QD . -14.80 -4.05 8.23
C14 CLA QD . -16.25 -4.42 8.10
C15 CLA QD . -14.26 -3.53 6.90
C16 CLA QD . -13.80 -2.09 6.97
C17 CLA QD . -14.50 -1.25 5.94
C18 CLA QD . -13.52 -0.36 5.24
C19 CLA QD . -14.21 0.48 4.20
C20 CLA QD . -12.79 0.55 6.19
MG CLA RD . 5.18 -17.54 6.51
CHA CLA RD . 2.09 -17.47 8.13
CHB CLA RD . 5.54 -20.56 7.81
CHC CLA RD . 8.00 -17.62 4.77
CHD CLA RD . 4.45 -14.40 5.09
NA CLA RD . 3.94 -18.89 7.83
C1A CLA RD . 2.84 -18.71 8.35
C2A CLA RD . 2.36 -19.80 9.22
C3A CLA RD . 3.50 -20.76 9.09
C4A CLA RD . 4.39 -20.04 8.18
CMA CLA RD . 4.24 -20.76 10.41
CAA CLA RD . 1.18 -20.48 8.58
CBA CLA RD . 0.36 -21.27 9.58
CGA CLA RD . 0.98 -22.60 9.92
O1A CLA RD . 2.00 -23.01 9.48
O2A CLA RD . 0.46 -23.42 10.78
NB CLA RD . 6.59 -18.93 6.31
C1B CLA RD . 6.60 -20.07 6.93
C2B CLA RD . 7.80 -20.85 6.63
C3B CLA RD . 8.50 -19.95 5.74
C4B CLA RD . 7.67 -18.77 5.60
CMB CLA RD . 8.17 -22.21 7.16
CAB CLA RD . 9.78 -20.10 5.06
CBB CLA RD . 9.81 -20.95 4.06
NC CLA RD . 6.07 -16.19 5.13
C1C CLA RD . 7.24 -16.40 4.57
C2C CLA RD . 7.75 -15.34 3.72
C3C CLA RD . 6.69 -14.38 3.82
C4C CLA RD . 5.71 -15.01 4.71
CMC CLA RD . 9.03 -15.30 2.97
CAC CLA RD . 6.59 -13.02 3.20
CBC CLA RD . 7.49 -12.09 3.96
ND CLA RD . 3.70 -16.17 6.49
C1D CLA RD . 3.48 -14.99 5.97
C2D CLA RD . 2.21 -14.39 6.35
C3D CLA RD . 1.71 -15.45 7.22
C4D CLA RD . 2.59 -16.41 7.25
CMD CLA RD . 1.47 -13.14 6.03
CAD CLA RD . 0.55 -15.80 8.06
OBD CLA RD . -0.64 -15.65 7.65
CBD CLA RD . 0.77 -17.08 8.68
CGD CLA RD . 0.69 -16.75 10.11
O1D CLA RD . 1.57 -16.21 10.69
O2D CLA RD . -0.53 -17.02 10.81
CED CLA RD . -0.72 -16.48 12.08
C1 CLA RD . 0.63 -24.99 10.70
C2 CLA RD . 0.09 -25.76 9.54
C3 CLA RD . -0.77 -26.75 9.70
C4 CLA RD . -1.22 -27.12 11.05
C5 CLA RD . -1.28 -27.48 8.50
C6 CLA RD . -0.37 -28.64 8.18
C7 CLA RD . -0.46 -29.09 6.74
C8 CLA RD . 0.77 -29.87 6.37
C9 CLA RD . 1.87 -28.92 5.97
C10 CLA RD . 0.48 -30.82 5.23
C11 CLA RD . -0.64 -31.74 5.63
C12 CLA RD . -0.65 -33.03 4.84
C13 CLA RD . -2.09 -33.45 4.71
C14 CLA RD . -2.70 -33.67 6.07
C15 CLA RD . -2.26 -34.70 3.90
C16 CLA RD . -3.74 -34.99 3.77
C17 CLA RD . -4.05 -35.68 2.47
C18 CLA RD . -4.92 -36.89 2.71
C19 CLA RD . -6.11 -36.59 3.58
C20 CLA RD . -5.46 -37.43 1.41
MG CLA SD . 9.04 -19.26 -0.08
CHA CLA SD . 12.11 -20.48 -1.13
CHB CLA SD . 8.51 -22.30 1.25
CHC CLA SD . 6.23 -18.00 1.01
CHD CLA SD . 9.91 -16.09 -1.47
NA CLA SD . 10.19 -21.19 0.05
C1A CLA SD . 11.31 -21.46 -0.41
C2A CLA SD . 11.73 -22.86 -0.17
C3A CLA SD . 10.54 -23.39 0.58
C4A CLA SD . 9.69 -22.22 0.64
CMA CLA SD . 9.76 -24.29 -0.38
CAA CLA SD . 12.89 -22.98 0.78
CBA CLA SD . 13.26 -24.46 0.84
CGA CLA SD . 12.45 -25.26 1.81
O1A CLA SD . 12.35 -24.98 2.97
O2A CLA SD . 11.80 -26.35 1.51
NB CLA SD . 7.56 -20.05 1.01
C1B CLA SD . 7.47 -21.29 1.44
C2B CLA SD . 6.23 -21.57 2.16
C3B CLA SD . 5.59 -20.28 2.07
C4B CLA SD . 6.47 -19.39 1.34
CMB CLA SD . 5.77 -22.83 2.80
CAB CLA SD . 4.30 -19.93 2.64
CBB CLA SD . 4.16 -19.95 3.94
NC CLA SD . 8.21 -17.31 -0.21
C1C CLA SD . 7.04 -17.02 0.28
C2C CLA SD . 6.57 -15.66 0.06
C3C CLA SD . 7.68 -15.10 -0.68
C4C CLA SD . 8.63 -16.20 -0.78
CMC CLA SD . 5.31 -15.01 0.48
CAC CLA SD . 7.81 -13.70 -1.21
CBC CLA SD . 9.11 -13.11 -0.74
ND CLA SD . 10.56 -18.35 -1.04
C1D CLA SD . 10.84 -17.19 -1.57
C2D CLA SD . 12.13 -17.10 -2.25
C3D CLA SD . 12.60 -18.46 -2.04
C4D CLA SD . 11.66 -19.10 -1.35
CMD CLA SD . 12.92 -16.09 -3.01
CAD CLA SD . 13.73 -19.33 -2.33
OBD CLA SD . 14.73 -19.06 -3.08
CBD CLA SD . 13.49 -20.62 -1.69
CGD CLA SD . 13.80 -21.79 -2.51
O1D CLA SD . 13.56 -21.80 -3.68
O2D CLA SD . 14.47 -22.89 -1.88
CED CLA SD . 15.80 -22.66 -1.54
C1 CLA SD . 10.86 -27.16 2.50
C2 CLA SD . 9.38 -26.97 2.41
C3 CLA SD . 8.68 -26.52 3.43
C4 CLA SD . 9.34 -26.17 4.70
C5 CLA SD . 7.20 -26.34 3.28
C6 CLA SD . 6.43 -27.25 4.19
C7 CLA SD . 6.77 -28.70 3.93
C8 CLA SD . 5.67 -29.62 4.42
C9 CLA SD . 5.38 -29.30 5.86
C10 CLA SD . 6.15 -31.04 4.30
C11 CLA SD . 5.56 -31.80 3.14
C12 CLA SD . 4.11 -32.11 3.39
C13 CLA SD . 3.62 -33.42 2.79
C14 CLA SD . 4.70 -34.48 2.66
C15 CLA SD . 2.98 -33.18 1.47
C16 CLA SD . 2.27 -34.44 1.06
C17 CLA SD . 0.78 -34.34 1.18
C18 CLA SD . 0.18 -34.84 -0.11
C19 CLA SD . -1.32 -34.96 -0.05
C20 CLA SD . 0.59 -33.93 -1.23
FE1 SF4 TD . 14.08 -11.49 -31.78
FE2 SF4 TD . 11.87 -10.04 -31.05
FE3 SF4 TD . 13.17 -11.60 -29.20
FE4 SF4 TD . 11.73 -12.78 -31.22
S1 SF4 TD . 10.90 -11.47 -29.52
S2 SF4 TD . 13.83 -13.37 -30.50
S3 SF4 TD . 12.11 -11.31 -32.94
S4 SF4 TD . 14.01 -9.75 -30.27
FE1 SF4 UD . 12.16 -0.20 -37.40
FE2 SF4 UD . 10.83 -1.58 -39.35
FE3 SF4 UD . 9.68 -1.25 -36.88
FE4 SF4 UD . 11.83 -2.92 -37.18
S1 SF4 UD . 9.75 -3.19 -38.10
S2 SF4 UD . 11.53 -1.36 -35.52
S3 SF4 UD . 13.04 -1.80 -38.79
S4 SF4 UD . 10.18 0.40 -38.40
C1 BCR VD . -5.73 5.22 -7.60
C2 BCR VD . -5.18 4.93 -8.99
C3 BCR VD . -5.75 5.82 -10.08
C4 BCR VD . -5.03 7.15 -9.99
C5 BCR VD . -4.59 7.34 -8.55
C6 BCR VD . -5.11 6.64 -7.50
C7 BCR VD . -5.03 7.30 -6.17
C8 BCR VD . -5.67 8.40 -5.73
C9 BCR VD . -5.43 8.82 -4.56
C10 BCR VD . -5.41 10.07 -4.32
C11 BCR VD . -5.85 10.96 -3.66
C33 BCR VD . -3.53 8.36 -8.31
C31 BCR VD . -7.07 5.96 -7.45
C32 BCR VD . -4.86 4.86 -6.41
C34 BCR VD . -5.15 7.82 -3.46
C12 BCR VD . -6.31 11.95 -3.01
C13 BCR VD . -6.84 12.69 -1.85
C14 BCR VD . -7.26 13.96 -2.06
C15 BCR VD . -7.82 14.78 -0.98
C16 BCR VD . -8.46 15.88 -0.58
C17 BCR VD . -9.03 16.71 0.07
C18 BCR VD . -9.57 17.92 0.33
C19 BCR VD . -10.31 18.21 1.57
C20 BCR VD . -11.34 18.86 2.12
C21 BCR VD . -12.15 19.28 2.90
C22 BCR VD . -13.06 20.15 3.39
C23 BCR VD . -13.80 19.92 4.64
C24 BCR VD . -13.87 20.89 5.55
C25 BCR VD . -14.60 20.72 6.83
C26 BCR VD . -13.85 20.45 7.92
C27 BCR VD . -14.40 20.03 9.26
C28 BCR VD . -15.89 19.74 9.11
C29 BCR VD . -16.27 19.67 7.64
C30 BCR VD . -16.12 20.94 6.79
C35 BCR VD . -6.90 12.08 -0.48
C36 BCR VD . -9.40 19.02 -0.68
C37 BCR VD . -13.32 21.42 2.62
C38 BCR VD . -12.35 20.55 7.80
C39 BCR VD . -16.99 20.15 5.82
C40 BCR VD . -16.83 21.81 7.84
C1 BCR WD . -29.20 13.04 0.84
C2 BCR WD . -28.45 14.06 1.70
C3 BCR WD . -29.32 15.21 2.17
C4 BCR WD . -29.30 16.17 1.01
C5 BCR WD . -29.67 15.36 -0.21
C6 BCR WD . -29.41 14.03 -0.34
C7 BCR WD . -29.46 13.53 -1.75
C8 BCR WD . -28.61 13.80 -2.75
C9 BCR WD . -28.83 13.28 -3.89
C10 BCR WD . -28.54 13.91 -4.93
C11 BCR WD . -27.94 13.92 -5.95
C33 BCR WD . -30.40 16.11 -1.29
C31 BCR WD . -28.31 12.13 0.00
C32 BCR WD . -30.72 12.99 0.74
C34 BCR WD . -29.45 11.91 -4.00
C12 BCR WD . -27.28 14.02 -7.02
C13 BCR WD . -26.85 13.68 -8.39
C14 BCR WD . -26.10 14.59 -9.01
C15 BCR WD . -25.56 14.45 -10.37
C16 BCR WD . -24.76 14.90 -11.33
C17 BCR WD . -24.19 15.04 -12.38
C18 BCR WD . -23.26 15.45 -13.26
C19 BCR WD . -22.09 16.21 -12.81
C20 BCR WD . -21.21 17.20 -13.02
C21 BCR WD . -20.28 17.95 -12.87
C22 BCR WD . -19.30 18.79 -13.23
C23 BCR WD . -18.44 19.47 -12.24
C24 BCR WD . -17.45 20.23 -12.70
C25 BCR WD . -16.50 20.98 -11.85
C26 BCR WD . -16.99 21.98 -11.08
C27 BCR WD . -16.44 22.29 -9.72
C28 BCR WD . -14.96 21.97 -9.77
C29 BCR WD . -14.85 20.61 -10.46
C30 BCR WD . -15.03 20.58 -11.98
C35 BCR WD . -27.25 12.39 -9.04
C36 BCR WD . -23.42 15.11 -14.71
C37 BCR WD . -19.04 19.01 -14.68
C38 BCR WD . -18.10 22.82 -11.61
C39 BCR WD . -13.97 21.68 -12.12
C40 BCR WD . -14.63 19.12 -11.77
MG CLA XD . -7.74 24.37 0.46
CHA CLA XD . -8.57 27.57 -0.82
CHB CLA XD . -9.86 25.11 3.08
CHC CLA XD . -7.43 21.16 1.34
CHD CLA XD . -6.03 23.67 -2.64
NA CLA XD . -9.08 26.12 1.08
C1A CLA XD . -9.21 27.24 0.50
C2A CLA XD . -10.02 28.26 1.27
C3A CLA XD . -10.41 27.44 2.51
C4A CLA XD . -9.75 26.13 2.21
CMA CLA XD . -9.79 28.03 3.77
CAA CLA XD . -11.29 28.70 0.54
CBA CLA XD . -12.14 29.58 1.44
CGA CLA XD . -11.65 31.01 1.43
O1A CLA XD . -10.48 31.35 1.40
O2A CLA XD . -12.44 32.07 1.49
NB CLA XD . -8.58 23.27 1.99
C1B CLA XD . -9.31 23.74 3.01
C2B CLA XD . -9.53 22.73 4.08
C3B CLA XD . -8.82 21.57 3.56
C4B CLA XD . -8.25 22.00 2.25
CMB CLA XD . -10.31 22.88 5.36
CAB CLA XD . -8.72 20.25 4.25
CBB CLA XD . -7.98 19.25 3.86
NC CLA XD . -6.90 22.67 -0.53
C1C CLA XD . -6.79 21.47 0.05
C2C CLA XD . -5.99 20.46 -0.68
C3C CLA XD . -5.58 21.22 -1.86
C4C CLA XD . -6.19 22.56 -1.67
CMC CLA XD . -5.68 19.04 -0.30
CAC CLA XD . -4.73 20.75 -3.02
CBC CLA XD . -3.30 20.58 -2.56
ND CLA XD . -7.36 25.25 -1.36
C1D CLA XD . -6.65 24.99 -2.46
C2D CLA XD . -6.54 26.12 -3.43
C3D CLA XD . -7.33 27.11 -2.70
C4D CLA XD . -7.76 26.57 -1.55
CMD CLA XD . -5.91 26.42 -4.77
CAD CLA XD . -7.80 28.51 -2.84
OBD CLA XD . -7.73 29.23 -3.91
CBD CLA XD . -8.59 28.85 -1.62
CGD CLA XD . -7.90 29.95 -0.87
O1D CLA XD . -6.79 29.77 -0.39
O2D CLA XD . -8.53 31.24 -0.73
CED CLA XD . -7.98 32.38 -1.40
MG CLA YD . -35.73 13.51 2.31
CHA CLA YD . -35.82 16.91 3.27
CHB CLA YD . -33.82 14.54 -0.37
CHC CLA YD . -35.13 10.25 1.75
CHD CLA YD . -37.23 12.67 5.47
NA CLA YD . -34.89 15.47 1.52
C1A CLA YD . -35.06 16.65 1.99
C2A CLA YD . -34.50 17.76 1.14
C3A CLA YD . -33.89 16.98 0.00
C4A CLA YD . -34.20 15.57 0.41
CMA CLA YD . -34.58 17.30 -1.32
CAA CLA YD . -33.38 18.46 1.90
CBA CLA YD . -32.56 19.38 1.01
CGA CLA YD . -33.17 20.77 1.05
O1A CLA YD . -34.17 21.07 1.67
O2A CLA YD . -32.66 21.82 0.43
NB CLA YD . -34.58 12.55 0.90
C1B CLA YD . -34.00 13.09 -0.18
C2B CLA YD . -33.51 12.07 -1.16
C3B CLA YD . -33.91 10.83 -0.51
C4B CLA YD . -34.57 11.21 0.76
CMB CLA YD . -32.80 12.27 -2.47
CAB CLA YD . -33.71 9.44 -1.00
CBB CLA YD . -33.01 8.58 -0.30
NC CLA YD . -36.07 11.74 3.49
C1C CLA YD . -35.87 10.51 3.00
C2C CLA YD . -36.43 9.40 3.81
C3C CLA YD . -37.03 10.12 4.92
C4C CLA YD . -36.76 11.55 4.63
CMC CLA YD . -36.38 7.91 3.55
CAC CLA YD . -37.79 9.54 6.10
CBC CLA YD . -36.98 9.67 7.37
ND CLA YD . -36.34 14.42 4.04
C1D CLA YD . -36.99 14.08 5.17
C2D CLA YD . -37.44 15.23 6.02
C3D CLA YD . -36.93 16.33 5.19
C4D CLA YD . -36.33 15.81 4.11
CMD CLA YD . -38.17 15.44 7.32
CAD CLA YD . -36.88 17.81 5.18
OBD CLA YD . -37.62 18.59 5.87
CBD CLA YD . -36.17 18.23 3.92
CGD CLA YD . -37.11 19.02 3.06
O1D CLA YD . -38.22 18.58 2.78
O2D CLA YD . -36.72 20.32 2.57
CED CLA YD . -37.22 21.51 3.21
C1 CLA YD . -31.18 22.33 0.78
MG CLA ZD . -30.35 37.71 -5.43
CHA CLA ZD . -30.40 36.17 -8.51
CHB CLA ZD . -27.04 37.86 -5.72
CHC CLA ZD . -30.43 39.21 -2.47
CHD CLA ZD . -33.93 37.45 -5.32
NA CLA ZD . -28.85 37.08 -6.98
C1A CLA ZD . -29.04 36.51 -8.06
C2A CLA ZD . -27.80 36.22 -8.83
C3A CLA ZD . -26.76 36.77 -7.90
C4A CLA ZD . -27.59 37.28 -6.79
CMA CLA ZD . -25.96 35.64 -7.31
CAA CLA ZD . -27.78 37.03 -10.09
CBA CLA ZD . -27.40 36.23 -11.32
CGA CLA ZD . -26.22 35.36 -11.03
O2A CLA ZD . -26.03 34.30 -11.77
NB CLA ZD . -28.90 38.45 -4.23
C1B CLA ZD . -27.62 38.43 -4.49
C2B CLA ZD . -26.81 39.02 -3.43
C3B CLA ZD . -27.83 39.41 -2.50
C4B CLA ZD . -29.12 39.01 -3.06
CMB CLA ZD . -25.33 39.19 -3.35
CAB CLA ZD . -27.65 40.05 -1.20
CBB CLA ZD . -28.32 39.56 -0.21
NC CLA ZD . -31.96 38.26 -4.13
C1C CLA ZD . -31.75 38.84 -2.97
C2C CLA ZD . -32.94 39.11 -2.20
C3C CLA ZD . -33.99 38.60 -3.04
C4C CLA ZD . -33.28 38.10 -4.20
CMC CLA ZD . -33.07 39.72 -0.84
CAC CLA ZD . -35.45 38.62 -2.71
CBC CLA ZD . -36.28 38.91 -3.91
ND CLA ZD . -31.90 37.03 -6.54
C1D CLA ZD . -33.20 36.94 -6.47
C2D CLA ZD . -33.82 36.27 -7.61
C3D CLA ZD . -32.64 35.98 -8.40
C4D CLA ZD . -31.60 36.44 -7.74
CMD CLA ZD . -35.18 35.84 -8.01
CAD CLA ZD . -32.24 35.36 -9.66
OBD CLA ZD . -32.84 34.38 -10.17
CBD CLA ZD . -30.78 35.50 -9.78
CGD CLA ZD . -30.12 34.19 -9.91
O1D CLA ZD . -30.53 33.21 -9.36
O2D CLA ZD . -28.94 34.09 -10.73
CED CLA ZD . -29.08 34.08 -12.14
C1 CLA ZD . -26.62 32.88 -11.38
C2 CLA ZD . -26.08 32.02 -10.26
C3 CLA ZD . -26.52 30.76 -10.10
C4 CLA ZD . -27.54 30.20 -11.03
C5 CLA ZD . -26.01 29.85 -9.02
C6 CLA ZD . -25.56 30.65 -7.81
C7 CLA ZD . -25.99 29.96 -6.54
C8 CLA ZD . -25.78 30.85 -5.32
C9 CLA ZD . -24.40 31.48 -5.31
C10 CLA ZD . -26.07 30.07 -4.03
C11 CLA ZD . -25.68 28.60 -4.05
C12 CLA ZD . -25.70 27.94 -2.67
C13 CLA ZD . -26.89 28.40 -1.84
C14 CLA ZD . -26.68 28.17 -0.34
C15 CLA ZD . -28.17 27.71 -2.33
C16 CLA ZD . -29.40 28.62 -2.33
C17 CLA ZD . -30.55 27.95 -3.07
C18 CLA ZD . -31.88 28.65 -2.85
C19 CLA ZD . -32.35 29.30 -4.15
C20 CLA ZD . -32.91 27.66 -2.33
MG CLA AE . -63.39 -28.50 -20.60
CHA CLA AE . -66.72 -27.85 -19.71
CHB CLA AE . -64.33 -28.31 -23.79
CHC CLA AE . -60.19 -29.04 -21.29
CHD CLA AE . -62.60 -28.58 -17.09
NA CLA AE . -65.33 -28.11 -21.67
C1A CLA AE . -66.47 -27.91 -21.18
C2A CLA AE . -67.50 -27.69 -22.21
C3A CLA AE . -66.72 -27.87 -23.49
C4A CLA AE . -65.37 -28.11 -22.96
CMA CLA AE . -67.13 -29.17 -24.17
CAA CLA AE . -67.63 -26.19 -22.08
CBA CLA AE . -68.86 -25.57 -22.73
CGA CLA AE . -68.52 -24.89 -24.02
O1A CLA AE . -68.10 -25.42 -25.02
O2A CLA AE . -68.65 -23.61 -24.23
NB CLA AE . -62.38 -28.65 -22.34
C1B CLA AE . -62.91 -28.57 -23.54
C2B CLA AE . -61.92 -28.75 -24.62
C3B CLA AE . -60.71 -28.97 -23.85
C4B CLA AE . -61.09 -28.90 -22.44
CMB CLA AE . -62.16 -28.72 -26.10
CAB CLA AE . -59.35 -29.23 -24.33
CBB CLA AE . -58.55 -29.97 -23.60
NC CLA AE . -61.67 -28.75 -19.37
C1C CLA AE . -60.47 -28.98 -19.85
C2C CLA AE . -59.42 -29.16 -18.87
C3C CLA AE . -60.16 -29.02 -17.63
C4C CLA AE . -61.52 -28.78 -18.06
CMC CLA AE . -57.95 -29.44 -19.08
CAC CLA AE . -59.66 -29.08 -16.22
CBC CLA AE . -58.26 -29.64 -16.25
ND CLA AE . -64.28 -28.28 -18.77
C1D CLA AE . -63.97 -28.33 -17.49
C2D CLA AE . -65.09 -28.12 -16.55
C3D CLA AE . -66.15 -27.94 -17.53
C4D CLA AE . -65.64 -28.04 -18.74
CMD CLA AE . -65.36 -28.08 -15.08
CAD CLA AE . -67.58 -27.67 -17.55
OBD CLA AE . -68.16 -27.14 -16.56
CBD CLA AE . -68.01 -27.61 -18.98
CGD CLA AE . -69.00 -28.69 -19.22
O1D CLA AE . -70.16 -28.45 -19.43
O2D CLA AE . -68.61 -30.08 -19.22
CED CLA AE . -69.41 -30.99 -19.96
C1 CLA AE . -69.62 -23.11 -25.39
C2 CLA AE . -69.27 -23.11 -26.86
C3 CLA AE . -69.82 -22.20 -27.68
C4 CLA AE . -69.48 -22.20 -29.14
C5 CLA AE . -70.76 -21.16 -27.13
C6 CLA AE . -70.87 -19.95 -28.05
C7 CLA AE . -70.55 -18.65 -27.32
C8 CLA AE . -71.73 -18.10 -26.53
C9 CLA AE . -71.55 -16.61 -26.26
C10 CLA AE . -71.89 -18.88 -25.23
MG CLA BE . -66.17 -23.22 -37.79
CHA CLA BE . -64.31 -26.11 -37.62
CHB CLA BE . -67.04 -24.14 -40.93
CHC CLA BE . -68.03 -20.48 -37.81
CHD CLA BE . -65.22 -22.49 -34.37
NA CLA BE . -65.74 -24.95 -39.14
C1A CLA BE . -65.00 -25.92 -38.90
C2A CLA BE . -64.88 -26.89 -40.01
C3A CLA BE . -65.76 -26.26 -41.07
C4A CLA BE . -66.21 -25.04 -40.35
CMA CLA BE . -65.00 -25.99 -42.34
CAA CLA BE . -65.59 -28.12 -39.50
CBA CLA BE . -64.63 -29.14 -38.94
CGA CLA BE . -63.81 -29.63 -40.10
O1A CLA BE . -63.33 -28.90 -40.94
O2A CLA BE . -63.53 -30.89 -40.32
NB CLA BE . -67.40 -22.42 -39.19
C1B CLA BE . -67.61 -22.89 -40.41
C2B CLA BE . -68.52 -22.03 -41.19
C3B CLA BE . -68.80 -20.95 -40.25
C4B CLA BE . -68.05 -21.27 -39.02
CMB CLA BE . -69.03 -22.20 -42.59
CAB CLA BE . -69.65 -19.77 -40.45
CBB CLA BE . -70.13 -19.14 -39.40
NC CLA BE . -66.56 -21.75 -36.30
C1C CLA BE . -67.33 -20.70 -36.53
C2C CLA BE . -67.46 -19.73 -35.45
C3C CLA BE . -66.62 -20.34 -34.43
C4C CLA BE . -66.11 -21.57 -35.06
CMC CLA BE . -68.26 -18.45 -35.43
CAC CLA BE . -66.32 -19.88 -33.05
CBC CLA BE . -66.36 -21.10 -32.16
ND CLA BE . -65.08 -23.98 -36.26
C1D CLA BE . -64.74 -23.69 -35.02
C2D CLA BE . -63.82 -24.67 -34.38
C3D CLA BE . -63.70 -25.61 -35.49
C4D CLA BE . -64.43 -25.16 -36.51
CMD CLA BE . -63.13 -24.90 -33.08
CAD CLA BE . -63.04 -26.87 -35.80
OBD CLA BE . -62.80 -27.74 -34.90
CBD CLA BE . -63.42 -27.24 -37.19
CGD CLA BE . -62.23 -27.39 -38.07
O1D CLA BE . -62.32 -27.27 -39.28
O2D CLA BE . -60.95 -27.73 -37.52
CED CLA BE . -59.80 -27.58 -38.33
C1 CLA BE . -63.63 -31.48 -41.80
C1 BCR CE . -70.17 -23.96 -34.15
C2 BCR CE . -70.14 -23.53 -35.60
C3 BCR CE . -69.92 -24.74 -36.50
C4 BCR CE . -68.58 -25.37 -36.17
C5 BCR CE . -68.43 -25.62 -34.69
C6 BCR CE . -68.93 -24.76 -33.81
C7 BCR CE . -68.32 -24.69 -32.48
C8 BCR CE . -68.70 -25.61 -31.61
C9 BCR CE . -68.27 -25.66 -30.42
C10 BCR CE . -67.07 -25.95 -30.16
C11 BCR CE . -66.21 -25.79 -29.37
C33 BCR CE . -67.72 -26.85 -34.22
C31 BCR CE . -71.37 -24.85 -33.89
C32 BCR CE . -70.23 -22.72 -33.26
C34 BCR CE . -69.20 -25.37 -29.29
C12 BCR CE . -65.30 -25.63 -28.54
C13 BCR CE . -64.78 -25.46 -27.17
C14 BCR CE . -63.53 -25.85 -26.89
C15 BCR CE . -62.97 -25.71 -25.55
C16 BCR CE . -61.95 -25.66 -24.70
C17 BCR CE . -60.80 -25.66 -24.38
C18 BCR CE . -59.64 -25.68 -23.74
C19 BCR CE . -59.44 -25.61 -22.29
C20 BCR CE . -58.53 -25.31 -21.38
C21 BCR CE . -57.90 -25.07 -20.40
C22 BCR CE . -56.77 -25.08 -19.69
C23 BCR CE . -56.60 -24.52 -18.34
C24 BCR CE . -56.63 -25.32 -17.28
C25 BCR CE . -56.44 -24.87 -15.89
C26 BCR CE . -56.01 -25.76 -14.99
C27 BCR CE . -55.46 -25.28 -13.68
C28 BCR CE . -56.25 -24.12 -13.09
C29 BCR CE . -57.15 -23.34 -14.04
C30 BCR CE . -56.68 -23.44 -15.49
C35 BCR CE . -65.64 -24.88 -26.10
C36 BCR CE . -58.42 -25.74 -24.59
C37 BCR CE . -55.57 -25.72 -20.31
C38 BCR CE . -56.06 -27.23 -15.24
C39 BCR CE . -55.40 -22.66 -15.63
C40 BCR CE . -57.75 -22.83 -16.36
C1 LMG DE . -65.15 -10.59 -6.58
O1 LMG DE . -63.87 -11.21 -6.50
C2 LMG DE . -66.27 -11.57 -6.99
O2 LMG DE . -66.15 -11.88 -8.37
C3 LMG DE . -67.67 -10.98 -6.78
O3 LMG DE . -68.55 -12.07 -6.59
C4 LMG DE . -67.78 -10.06 -5.58
O4 LMG DE . -67.83 -10.89 -4.42
C5 LMG DE . -66.57 -9.15 -5.51
O5 LMG DE . -66.37 -6.79 -5.11
C6 LMG DE . -66.65 -8.05 -4.47
O6 LMG DE . -65.43 -9.98 -5.32
C7 LMG DE . -63.54 -11.91 -7.69
C8 LMG DE . -63.05 -10.97 -8.77
C9 LMG DE . -63.89 -11.21 -10.01
O7 LMG DE . -63.19 -9.62 -8.37
C10 LMG DE . -62.00 -8.81 -8.58
O9 LMG DE . -61.10 -8.87 -7.77
C11 LMG DE . -61.88 -7.89 -9.76
O8 LMG DE . -63.63 -10.20 -10.96
C28 LMG DE . -63.97 -10.46 -12.34
O10 LMG DE . -65.09 -10.86 -12.60
C29 LMG DE . -62.95 -10.29 -13.44
MG CLA EE . 27.83 -65.59 0.06
CHA CLA EE . 31.27 -65.12 -0.60
CHB CLA EE . 27.85 -62.36 1.30
CHC CLA EE . 24.48 -65.78 0.06
CHD CLA EE . 27.97 -68.68 -1.79
NA CLA EE . 29.36 -63.91 0.31
C1A CLA EE . 30.61 -63.94 0.03
C2A CLA EE . 31.39 -62.71 0.45
C3A CLA EE . 30.27 -61.87 1.06
C4A CLA EE . 29.07 -62.76 0.87
CMA CLA EE . 30.52 -61.66 2.55
CAA CLA EE . 31.98 -62.04 -0.77
CBA CLA EE . 31.86 -60.52 -0.79
CGA CLA EE . 32.93 -59.88 0.06
O1A CLA EE . 32.78 -59.52 1.20
O2A CLA EE . 34.16 -59.67 -0.36
NB CLA EE . 26.38 -64.23 0.56
C1B CLA EE . 26.54 -63.05 1.20
C2B CLA EE . 25.25 -62.49 1.72
C3B CLA EE . 24.31 -63.53 1.33
C4B CLA EE . 25.09 -64.57 0.62
CMB CLA EE . 24.91 -61.25 2.48
CAB CLA EE . 22.87 -63.54 1.58
CBB CLA EE . 22.15 -62.82 0.75
NC CLA EE . 26.45 -66.99 -0.80
C1C CLA EE . 25.14 -66.95 -0.54
C2C CLA EE . 24.35 -68.16 -0.89
C3C CLA EE . 25.40 -69.02 -1.46
C4C CLA EE . 26.64 -68.21 -1.35
CMC CLA EE . 22.88 -68.43 -0.72
CAC CLA EE . 25.24 -70.42 -1.99
CBC CLA EE . 24.54 -70.39 -3.33
ND CLA EE . 29.17 -66.70 -1.03
C1D CLA EE . 29.21 -67.91 -1.64
C2D CLA EE . 30.57 -68.35 -2.07
C3D CLA EE . 31.34 -67.18 -1.63
C4D CLA EE . 30.51 -66.30 -1.07
CMD CLA EE . 31.22 -69.52 -2.76
CAD CLA EE . 32.73 -66.66 -1.61
OBD CLA EE . 33.73 -67.15 -2.25
CBD CLA EE . 32.74 -65.38 -0.82
CGD CLA EE . 33.32 -65.64 0.54
O1D CLA EE . 32.97 -66.61 1.18
O2D CLA EE . 34.32 -64.74 1.10
CED CLA EE . 35.35 -65.26 1.94
C1 CLA EE . 35.22 -58.97 0.62
C1 BCR FE . 6.55 -37.58 6.06
C2 BCR FE . 7.76 -36.64 5.93
C3 BCR FE . 8.98 -37.33 5.33
C4 BCR FE . 8.77 -37.51 3.84
C5 BCR FE . 7.28 -37.37 3.63
C6 BCR FE . 6.41 -37.82 4.55
C7 BCR FE . 5.25 -38.63 4.08
C8 BCR FE . 5.28 -39.59 3.15
C9 BCR FE . 4.22 -40.21 2.85
C10 BCR FE . 3.57 -39.89 1.79
C11 BCR FE . 2.47 -39.91 1.33
C33 BCR FE . 6.79 -36.72 2.37
C31 BCR FE . 6.78 -39.10 6.15
C32 BCR FE . 5.15 -36.96 5.96
C34 BCR FE . 3.74 -41.33 3.75
C12 BCR FE . 1.36 -39.90 0.73
C13 BCR FE . 0.00 -40.44 0.47
C14 BCR FE . -0.81 -39.75 -0.35
C15 BCR FE . -2.16 -40.24 -0.65
C16 BCR FE . -3.40 -40.21 -1.14
C17 BCR FE . -4.42 -39.79 -1.65
C18 BCR FE . -5.22 -39.05 -2.41
C19 BCR FE . -6.68 -39.32 -2.48
C20 BCR FE . -7.82 -39.20 -3.16
C21 BCR FE . -8.97 -39.24 -3.53
C22 BCR FE . -10.10 -38.72 -4.04
C23 BCR FE . -11.35 -39.49 -4.28
C24 BCR FE . -12.00 -40.19 -3.36
C25 BCR FE . -13.24 -40.86 -3.77
C26 BCR FE . -13.26 -42.19 -3.95
C27 BCR FE . -14.33 -43.06 -3.34
C28 BCR FE . -15.59 -42.22 -3.30
C29 BCR FE . -15.21 -40.79 -2.94
C30 BCR FE . -14.45 -39.96 -3.98
C35 BCR FE . -0.47 -41.74 1.10
C36 BCR FE . -4.67 -37.92 -3.22
C37 BCR FE . -10.10 -37.27 -4.39
C38 BCR FE . -12.19 -42.83 -4.79
C39 BCR FE . -15.51 -40.30 -5.03
C40 BCR FE . -14.72 -38.82 -2.98
C1 BCR GE . 2.15 -45.85 4.33
C2 BCR GE . 1.58 -46.62 3.14
C3 BCR GE . 1.99 -48.08 3.15
C4 BCR GE . 3.51 -48.17 3.06
C5 BCR GE . 4.09 -47.41 4.22
C6 BCR GE . 3.60 -46.22 4.58
C7 BCR GE . 4.50 -45.26 5.27
C8 BCR GE . 5.50 -44.62 4.65
C9 BCR GE . 6.23 -43.83 5.33
C10 BCR GE . 7.46 -43.77 5.10
C11 BCR GE . 8.39 -43.11 4.78
C33 BCR GE . 5.22 -48.02 4.99
C31 BCR GE . 1.38 -46.19 5.60
C32 BCR GE . 2.07 -44.36 4.05
C34 BCR GE . 5.64 -42.96 6.40
C12 BCR GE . 9.39 -42.47 4.39
C13 BCR GE . 10.49 -41.49 4.53
C14 BCR GE . 11.48 -41.50 3.63
C15 BCR GE . 12.61 -40.58 3.66
C16 BCR GE . 13.72 -40.13 3.09
C17 BCR GE . 14.56 -40.08 2.23
C18 BCR GE . 15.66 -39.87 1.49
C19 BCR GE . 16.86 -39.18 1.94
C20 BCR GE . 18.04 -38.72 1.51
C21 BCR GE . 19.13 -38.24 1.42
C22 BCR GE . 20.37 -38.08 0.91
C23 BCR GE . 20.81 -38.97 -0.18
C24 BCR GE . 21.86 -38.66 -0.93
C25 BCR GE . 22.30 -39.55 -2.03
C26 BCR GE . 22.86 -40.73 -1.76
C27 BCR GE . 22.75 -41.87 -2.75
C28 BCR GE . 22.99 -41.40 -4.18
C29 BCR GE . 23.13 -39.88 -4.33
C30 BCR GE . 22.15 -39.11 -3.47
C35 BCR GE . 10.51 -40.53 5.68
C36 BCR GE . 15.67 -40.39 0.08
C37 BCR GE . 21.28 -37.03 1.45
C38 BCR GE . 23.62 -40.94 -0.49
C39 BCR GE . 20.71 -39.34 -3.94
C40 BCR GE . 22.48 -37.62 -3.54
C1 BCR HE . -8.41 16.06 9.13
C2 BCR HE . -9.71 15.38 9.57
C3 BCR HE . -10.83 16.40 9.73
C4 BCR HE . -10.47 17.32 10.89
C5 BCR HE . -9.12 17.94 10.63
C6 BCR HE . -8.17 17.34 9.90
C7 BCR HE . -6.85 18.03 9.83
C8 BCR HE . -5.78 17.78 10.60
C9 BCR HE . -4.74 18.51 10.40
C10 BCR HE . -3.57 18.06 10.29
C11 BCR HE . -2.51 17.97 10.82
C33 BCR HE . -8.86 19.30 11.20
C31 BCR HE . -8.52 16.44 7.66
C32 BCR HE . -7.26 15.08 9.32
C34 BCR HE . -4.92 19.99 10.29
C12 BCR HE . -1.33 17.91 11.29
C13 BCR HE . -0.15 17.16 11.74
C14 BCR HE . 1.08 17.52 11.31
C15 BCR HE . 2.27 16.75 11.69
C16 BCR HE . 3.55 16.39 11.61
C17 BCR HE . 4.54 15.74 11.86
C18 BCR HE . 5.75 15.17 12.02
C19 BCR HE . 7.09 15.78 11.83
C20 BCR HE . 8.39 15.53 11.94
C21 BCR HE . 9.34 14.84 12.26
C22 BCR HE . 10.51 14.21 12.42
C23 BCR HE . 11.79 14.57 11.77
C24 BCR HE . 12.88 14.65 12.54
C25 BCR HE . 14.25 14.96 12.05
C26 BCR HE . 15.16 14.00 12.07
C27 BCR HE . 16.12 13.85 10.92
C28 BCR HE . 16.74 15.22 10.59
C29 BCR HE . 16.18 16.34 11.46
C30 BCR HE . 14.66 16.32 11.55
C35 BCR HE . -0.30 16.00 12.67
C36 BCR HE . 5.75 13.75 12.47
C37 BCR HE . 10.54 13.05 13.37
C38 BCR HE . 15.25 13.07 13.24
C39 BCR HE . 14.05 16.62 10.19
C40 BCR HE . 14.20 17.37 12.57
C1 BCR IE . -0.79 24.47 20.27
C2 BCR IE . -0.22 24.19 21.64
C3 BCR IE . 0.44 25.44 22.19
C4 BCR IE . 1.66 25.72 21.35
C5 BCR IE . 1.28 25.83 19.90
C6 BCR IE . 0.18 25.26 19.39
C7 BCR IE . -0.18 25.41 17.96
C8 BCR IE . 0.33 24.78 16.90
C9 BCR IE . -0.18 25.12 15.77
C10 BCR IE . 0.40 25.05 14.66
C11 BCR IE . 1.05 24.44 13.88
C33 BCR IE . 2.18 26.64 19.00
C31 BCR IE . -2.03 25.34 20.41
C32 BCR IE . -1.15 23.17 19.57
C34 BCR IE . -1.59 25.63 15.74
C12 BCR IE . 1.70 23.86 12.96
C13 BCR IE . 2.85 23.13 12.40
C14 BCR IE . 3.07 23.13 11.08
C15 BCR IE . 4.23 22.40 10.59
C16 BCR IE . 4.92 21.50 9.89
C17 BCR IE . 5.88 20.91 9.47
C18 BCR IE . 6.77 19.93 9.30
C19 BCR IE . 7.84 20.05 8.30
C20 BCR IE . 8.41 19.59 7.20
C21 BCR IE . 9.18 19.47 6.28
C22 BCR IE . 9.77 18.93 5.21
C23 BCR IE . 10.89 19.61 4.55
C24 BCR IE . 12.09 19.04 4.59
C25 BCR IE . 13.27 19.66 3.96
C26 BCR IE . 13.55 19.40 2.68
C27 BCR IE . 14.61 20.16 1.92
C28 BCR IE . 15.80 20.54 2.80
C29 BCR IE . 15.59 20.36 4.31
C30 BCR IE . 14.16 20.56 4.78
C35 BCR IE . 3.74 22.36 13.30
C36 BCR IE . 6.69 18.71 10.17
C37 BCR IE . 9.29 17.61 4.68
C38 BCR IE . 12.78 18.33 1.95
C39 BCR IE . 13.72 22.02 4.65
C40 BCR IE . 14.06 20.13 6.23
C1 LMG JE . -18.67 25.74 17.54
O1 LMG JE . -19.01 25.30 16.22
C2 LMG JE . -19.79 26.59 18.14
O2 LMG JE . -19.76 27.92 17.60
C3 LMG JE . -19.69 26.64 19.66
O3 LMG JE . -20.62 25.72 20.25
C4 LMG JE . -18.28 26.32 20.14
O4 LMG JE . -18.23 26.32 21.57
C5 LMG JE . -17.81 24.96 19.61
O5 LMG JE . -19.09 23.00 20.16
C6 LMG JE . -18.06 23.87 20.64
O6 LMG JE . -18.47 24.62 18.40
C7 LMG JE . -17.83 25.11 15.45
C8 LMG JE . -18.20 24.86 14.00
C9 LMG JE . -17.34 25.73 13.07
O7 LMG JE . -18.04 23.47 13.72
C10 LMG JE . -18.54 23.07 12.41
O9 LMG JE . -19.45 23.69 11.90
C11 LMG JE . -17.93 21.88 11.70
C12 LMG JE . -18.45 20.60 12.33
C13 LMG JE . -19.48 19.91 11.45
C14 LMG JE . -18.90 18.64 10.85
C15 LMG JE . -19.86 17.96 9.89
C16 LMG JE . -19.98 16.47 10.19
O8 LMG JE . -16.28 26.33 13.80
C28 LMG JE . -16.04 27.77 13.65
O10 LMG JE . -16.80 28.55 14.21
C29 LMG JE . -14.89 28.27 12.82
C30 LMG JE . -15.00 29.77 12.60
C31 LMG JE . -13.72 30.33 11.99
C32 LMG JE . -13.99 31.04 10.67
C33 LMG JE . -12.76 31.84 10.21
C34 LMG JE . -12.46 31.61 8.73
C35 LMG JE . -11.10 32.20 8.35
C36 LMG JE . -10.42 31.34 7.29
MG CLA KE . -2.27 32.78 17.24
CHA CLA KE . -5.04 32.39 19.41
CHB CLA KE . -0.34 32.78 20.10
CHC CLA KE . 0.40 32.55 15.22
CHD CLA KE . -4.44 32.20 14.44
NA CLA KE . -2.62 32.59 19.50
C1A CLA KE . -3.73 32.51 20.12
C2A CLA KE . -3.60 32.64 21.63
C3A CLA KE . -2.10 32.77 21.80
C4A CLA KE . -1.64 32.70 20.38
CMA CLA KE . -1.72 34.11 22.40
CAA CLA KE . -4.10 31.45 22.42
CBA CLA KE . -4.88 31.91 23.65
CGA CLA KE . -4.30 31.32 24.91
O1A CLA KE . -4.60 31.68 26.04
O2A CLA KE . -3.42 30.34 24.96
NB CLA KE . -0.26 32.64 17.63
C1B CLA KE . 0.36 32.76 18.81
C2B CLA KE . 1.84 32.85 18.71
C3B CLA KE . 2.03 32.78 17.26
C4B CLA KE . 0.68 32.66 16.66
CMB CLA KE . 2.83 32.97 19.82
CAB CLA KE . 3.31 32.83 16.51
CBB CLA KE . 3.70 31.80 15.78
NC CLA KE . -2.06 32.34 15.15
C1C CLA KE . -0.90 32.44 14.50
C2C CLA KE . -0.96 32.44 13.02
C3C CLA KE . -2.40 32.31 12.81
C4C CLA KE . -2.98 32.26 14.17
CMC CLA KE . 0.16 32.54 12.03
CAC CLA KE . -3.12 32.27 11.48
CBC CLA KE . -2.94 30.91 10.84
ND CLA KE . -4.23 32.34 16.86
C1D CLA KE . -5.03 32.20 15.79
C2D CLA KE . -6.49 32.06 16.11
C3D CLA KE . -6.42 32.15 17.57
C4D CLA KE . -5.13 32.30 17.93
CMD CLA KE . -7.79 31.89 15.38
CAD CLA KE . -7.29 32.12 18.76
OBD CLA KE . -8.47 31.59 18.79
CBD CLA KE . -6.44 32.32 19.97
CGD CLA KE . -6.81 33.62 20.63
O1D CLA KE . -7.21 33.63 21.78
O2D CLA KE . -6.71 34.87 19.89
CED CLA KE . -6.07 35.99 20.48
C1 CLA KE . -2.47 30.17 26.24
C2 CLA KE . -1.13 30.88 26.36
C3 CLA KE . -0.16 30.36 27.11
C4 CLA KE . -0.40 29.10 27.88
C5 CLA KE . 1.18 31.05 27.22
C6 CLA KE . 1.81 31.24 25.84
C7 CLA KE . 1.87 29.92 25.08
C8 CLA KE . 3.18 29.77 24.33
C9 CLA KE . 3.19 30.63 23.07
C10 CLA KE . 3.40 28.29 23.99
C11 CLA KE . 3.00 27.38 25.15
C12 CLA KE . 3.41 25.94 24.89
C13 CLA KE . 3.94 25.29 26.16
C14 CLA KE . 5.42 24.96 26.02
C15 CLA KE . 3.13 24.04 26.48
C16 CLA KE . 1.68 24.38 26.79
MG CLA LE . 4.66 33.61 24.27
CHA CLA LE . 5.72 31.41 26.84
CHB CLA LE . 3.09 35.42 26.75
CHC CLA LE . 4.17 35.97 21.95
CHD CLA LE . 6.86 31.87 22.00
NA CLA LE . 4.42 33.46 26.54
C1A CLA LE . 4.86 32.55 27.32
C2A CLA LE . 4.43 32.69 28.75
C3A CLA LE . 3.60 33.97 28.70
C4A CLA LE . 3.71 34.32 27.24
CMA CLA LE . 2.16 33.78 29.13
CAA CLA LE . 5.64 32.82 29.69
CBA CLA LE . 6.54 34.04 29.51
CGA CLA LE . 7.28 34.10 28.18
O1A CLA LE . 8.30 33.49 27.93
O2A CLA LE . 6.88 34.80 27.12
NB CLA LE . 3.78 35.46 24.37
C1B CLA LE . 3.08 35.98 25.39
C2B CLA LE . 2.32 37.22 25.02
C3B CLA LE . 2.66 37.35 23.60
C4B CLA LE . 3.57 36.22 23.28
CMB CLA LE . 1.43 38.09 25.87
CAB CLA LE . 2.22 38.39 22.66
CBB CLA LE . 1.43 38.08 21.64
NC CLA LE . 5.46 33.90 22.29
C1C CLA LE . 5.04 34.87 21.48
C2C CLA LE . 5.51 34.80 20.07
C3C CLA LE . 6.31 33.58 20.11
C4C CLA LE . 6.21 33.10 21.52
CMC CLA LE . 5.23 35.72 18.92
CAC CLA LE . 7.07 32.91 18.99
CBC CLA LE . 6.19 31.86 18.34
ND CLA LE . 6.04 32.08 24.28
C1D CLA LE . 6.77 31.40 23.39
C2D CLA LE . 7.45 30.17 23.93
C3D CLA LE . 6.98 30.24 25.32
C4D CLA LE . 6.20 31.33 25.45
CMD CLA LE . 8.35 29.07 23.45
CAD CLA LE . 7.10 29.52 26.60
OBD CLA LE . 8.06 28.70 26.88
CBD CLA LE . 6.27 30.24 27.61
CGD CLA LE . 5.13 29.37 28.08
O1D CLA LE . 4.09 29.32 27.45
O2D CLA LE . 5.26 28.59 29.29
CED CLA LE . 4.94 27.19 29.27
C1 CLA LE . 6.44 36.34 27.22
C2 CLA LE . 5.55 36.84 28.34
C3 CLA LE . 4.96 38.05 28.35
C4 CLA LE . 4.08 38.42 29.51
C5 CLA LE . 5.18 39.02 27.21
C6 CLA LE . 6.28 40.06 27.47
C7 CLA LE . 7.17 39.77 28.68
C8 CLA LE . 8.57 39.28 28.32
C9 CLA LE . 8.78 39.16 26.81
C10 CLA LE . 8.83 37.95 29.01
C11 CLA LE . 9.75 38.09 30.22
C12 CLA LE . 11.18 38.34 29.75
C13 CLA LE . 12.13 37.24 30.20
C14 CLA LE . 13.57 37.68 30.03
C15 CLA LE . 11.83 35.96 29.41
C16 CLA LE . 12.99 34.97 29.52
MG CLA ME . 23.93 34.59 -1.63
CHA CLA ME . 27.41 34.54 -1.23
CHB CLA ME . 24.49 36.35 -4.52
CHC CLA ME . 20.62 34.50 -2.06
CHD CLA ME . 23.61 32.63 1.34
NA CLA ME . 25.74 35.35 -2.77
C1A CLA ME . 26.95 35.26 -2.44
C2A CLA ME . 27.91 35.91 -3.36
C3A CLA ME . 26.97 36.49 -4.40
C4A CLA ME . 25.64 36.04 -3.89
CMA CLA ME . 27.01 38.00 -4.28
CAA CLA ME . 28.86 34.87 -3.96
CBA CLA ME . 28.24 33.49 -4.24
CGA CLA ME . 27.58 33.48 -5.60
O1A CLA ME . 26.37 33.55 -5.79
O2A CLA ME . 28.27 33.40 -6.71
NB CLA ME . 22.72 35.32 -3.11
C1B CLA ME . 23.08 36.03 -4.19
C2B CLA ME . 21.90 36.45 -5.01
C3B CLA ME . 20.80 35.88 -4.24
C4B CLA ME . 21.39 35.21 -3.09
CMB CLA ME . 21.86 37.24 -6.28
CAB CLA ME . 19.35 35.90 -4.48
CBB CLA ME . 18.51 35.80 -3.48
NC CLA ME . 22.36 33.67 -0.53
C1C CLA ME . 21.07 33.80 -0.86
C2C CLA ME . 20.10 33.19 0.03
C3C CLA ME . 20.98 32.62 1.05
C4C CLA ME . 22.37 32.97 0.62
CMC CLA ME . 18.61 33.21 -0.11
CAC CLA ME . 20.54 31.87 2.28
CBC CLA ME . 19.65 32.81 3.08
ND CLA ME . 25.11 33.71 -0.22
C1D CLA ME . 24.95 33.01 0.89
C2D CLA ME . 26.25 32.69 1.59
C3D CLA ME . 27.19 33.33 0.67
C4D CLA ME . 26.48 33.88 -0.31
CMD CLA ME . 26.74 31.96 2.80
CAD CLA ME . 28.64 33.56 0.48
OBD CLA ME . 29.58 32.82 0.96
CBD CLA ME . 28.83 34.35 -0.76
CGD CLA ME . 29.47 35.64 -0.35
O1D CLA ME . 28.85 36.48 0.28
O2D CLA ME . 30.84 35.92 -0.66
CED CLA ME . 31.70 36.37 0.38
C1 CLA ME . 29.86 33.48 -6.61
C2 CLA ME . 30.64 34.76 -6.80
C3 CLA ME . 31.96 34.85 -6.50
C4 CLA ME . 32.71 33.69 -5.92
C5 CLA ME . 32.66 36.16 -6.76
C6 CLA ME . 31.80 37.33 -6.30
C7 CLA ME . 31.48 38.29 -7.43
C8 CLA ME . 31.63 39.73 -6.97
C9 CLA ME . 30.73 40.67 -7.76
C10 CLA ME . 33.08 40.14 -7.13
C1 BCR NE . -5.02 -35.44 -12.76
C2 BCR NE . -5.80 -35.27 -14.06
C3 BCR NE . -5.29 -36.17 -15.17
C4 BCR NE . -3.84 -35.81 -15.43
C5 BCR NE . -3.02 -35.86 -14.16
C6 BCR NE . -3.56 -35.79 -12.95
C7 BCR NE . -2.77 -35.99 -11.71
C8 BCR NE . -1.77 -36.86 -11.61
C9 BCR NE . -1.14 -36.98 -10.51
C10 BCR NE . 0.11 -37.10 -10.49
C11 BCR NE . 1.00 -37.87 -10.45
C33 BCR NE . -1.53 -36.00 -14.31
C31 BCR NE . -5.65 -36.55 -11.93
C32 BCR NE . -5.06 -34.13 -11.98
C34 BCR NE . -1.87 -36.96 -9.19
C12 BCR NE . 1.95 -38.70 -10.41
C13 BCR NE . 3.07 -39.38 -9.73
C14 BCR NE . 3.90 -40.15 -10.44
C15 BCR NE . 5.04 -40.84 -9.84
C16 BCR NE . 6.26 -41.36 -9.96
C17 BCR NE . 7.33 -41.89 -9.77
C18 BCR NE . 8.57 -42.28 -10.10
C19 BCR NE . 9.46 -43.03 -9.21
C20 BCR NE . 10.72 -43.35 -8.93
C21 BCR NE . 11.73 -43.81 -8.47
C22 BCR NE . 13.06 -43.93 -8.31
C23 BCR NE . 13.68 -44.96 -7.44
C24 BCR NE . 15.01 -45.00 -7.36
C25 BCR NE . 15.75 -45.97 -6.53
C26 BCR NE . 15.38 -46.19 -5.26
C27 BCR NE . 16.41 -46.52 -4.22
C28 BCR NE . 17.36 -47.57 -4.79
C29 BCR NE . 18.00 -47.01 -6.05
C30 BCR NE . 16.94 -46.71 -7.11
C35 BCR NE . 3.27 -39.19 -8.26
C36 BCR NE . 9.08 -41.93 -11.45
C37 BCR NE . 13.92 -42.97 -9.04
C38 BCR NE . 13.94 -46.15 -4.86
C39 BCR NE . 16.45 -48.02 -7.68
C40 BCR NE . 17.58 -45.86 -8.20
C1 BCR OE . 16.97 -63.85 4.06
C2 BCR OE . 15.82 -64.24 3.15
C3 BCR OE . 16.16 -65.44 2.28
C4 BCR OE . 17.34 -65.08 1.39
C5 BCR OE . 18.50 -64.62 2.23
C6 BCR OE . 18.32 -63.92 3.36
C7 BCR OE . 19.46 -63.19 3.95
C8 BCR OE . 20.11 -62.25 3.26
C9 BCR OE . 21.12 -61.63 3.75
C10 BCR OE . 21.35 -60.44 3.41
C11 BCR OE . 21.81 -59.41 3.74
C33 BCR OE . 19.88 -64.99 1.78
C31 BCR OE . 17.02 -64.80 5.24
C32 BCR OE . 16.78 -62.44 4.56
C34 BCR OE . 22.06 -62.29 4.71
C12 BCR OE . 22.28 -58.30 4.10
C13 BCR OE . 23.37 -57.34 4.39
C14 BCR OE . 23.11 -56.04 4.25
C15 BCR OE . 24.08 -54.97 4.48
C16 BCR OE . 24.35 -53.66 4.55
C17 BCR OE . 24.87 -52.59 4.67
C18 BCR OE . 24.91 -51.25 4.81
C19 BCR OE . 26.16 -50.48 4.82
C20 BCR OE . 26.72 -49.28 4.93
C21 BCR OE . 27.53 -48.39 4.97
C22 BCR OE . 27.97 -47.15 4.81
C23 BCR OE . 29.34 -46.73 5.19
C24 BCR OE . 29.90 -45.76 4.49
C25 BCR OE . 31.26 -45.26 4.78
C26 BCR OE . 31.55 -44.80 6.00
C27 BCR OE . 32.93 -44.25 6.29
C28 BCR OE . 33.49 -43.47 5.11
C29 BCR OE . 33.01 -43.90 3.71
C30 BCR OE . 32.33 -45.26 3.71
C35 BCR OE . 24.72 -57.82 4.81
C36 BCR OE . 23.62 -50.51 4.97
C37 BCR OE . 27.07 -46.12 4.20
C38 BCR OE . 30.53 -44.80 7.10
C39 BCR OE . 33.34 -46.35 4.04
C40 BCR OE . 31.73 -45.51 2.32
MG CLA PE . 29.27 -54.63 -1.29
CHA CLA PE . 28.10 -57.94 -1.37
CHB CLA PE . 26.72 -53.96 0.87
CHC CLA PE . 30.53 -51.53 -1.16
CHD CLA PE . 31.98 -55.61 -3.49
NA CLA PE . 27.59 -55.81 -0.33
C1A CLA PE . 27.30 -57.04 -0.49
C2A CLA PE . 26.08 -57.50 0.25
C3A CLA PE . 25.66 -56.21 0.96
C4A CLA PE . 26.71 -55.26 0.48
CMA CLA PE . 24.29 -55.77 0.48
CAA CLA PE . 26.35 -58.59 1.30
CBA CLA PE . 27.82 -58.89 1.60
CGA CLA PE . 28.43 -57.75 2.37
O1A CLA PE . 28.51 -56.61 1.97
O2A CLA PE . 28.96 -57.88 3.57
NB CLA PE . 28.70 -52.96 -0.25
C1B CLA PE . 27.64 -52.85 0.54
C2B CLA PE . 27.47 -51.46 1.09
C3B CLA PE . 28.60 -50.78 0.47
C4B CLA PE . 29.32 -51.78 -0.36
CMB CLA PE . 26.43 -50.93 2.02
CAB CLA PE . 28.99 -49.36 0.63
CBB CLA PE . 29.95 -48.85 -0.10
NC CLA PE . 31.00 -53.74 -2.18
C1C CLA PE . 31.31 -52.44 -2.02
C2C CLA PE . 32.51 -51.98 -2.76
C3C CLA PE . 32.93 -53.19 -3.43
C4C CLA PE . 31.93 -54.21 -3.02
CMC CLA PE . 33.13 -50.60 -2.79
CAC CLA PE . 34.10 -53.38 -4.36
CBC CLA PE . 35.22 -54.05 -3.59
ND CLA PE . 30.01 -56.29 -2.25
C1D CLA PE . 31.00 -56.61 -3.08
C2D CLA PE . 31.00 -58.05 -3.52
C3D CLA PE . 29.80 -58.51 -2.79
C4D CLA PE . 29.30 -57.48 -2.11
CMD CLA PE . 31.80 -58.96 -4.40
CAD CLA PE . 29.01 -59.73 -2.59
OBD CLA PE . 28.97 -60.70 -3.43
CBD CLA PE . 27.89 -59.40 -1.65
CGD CLA PE . 26.57 -59.63 -2.31
O1D CLA PE . 26.38 -59.27 -3.46
O2D CLA PE . 25.50 -60.28 -1.59
CED CLA PE . 24.84 -61.39 -2.17
C1 CLA PE . 28.81 -59.25 4.39
MG CLA QE . 21.41 -44.94 -1.81
CHA CLA QE . 24.17 -46.87 -2.82
CHB CLA QE . 22.62 -45.24 1.38
CHC CLA QE . 18.85 -43.00 -0.93
CHD CLA QE . 20.42 -44.67 -5.27
NA CLA QE . 23.19 -45.93 -0.82
C1A CLA QE . 24.10 -46.62 -1.36
C2A CLA QE . 25.12 -47.17 -0.41
C3A CLA QE . 24.60 -46.65 0.92
C4A CLA QE . 23.39 -45.89 0.49
CMA CLA QE . 24.14 -47.81 1.79
CAA CLA QE . 26.42 -46.41 -0.70
CBA CLA QE . 26.23 -44.90 -0.61
CGA CLA QE . 27.37 -44.14 -1.24
O1A CLA QE . 28.51 -44.09 -0.81
O2A CLA QE . 27.25 -43.44 -2.36
NB CLA QE . 20.82 -44.20 0.00
C1B CLA QE . 21.39 -44.43 1.19
C2B CLA QE . 20.66 -43.78 2.32
C3B CLA QE . 19.55 -43.13 1.61
C4B CLA QE . 19.73 -43.45 0.17
CMB CLA QE . 20.98 -43.79 3.79
CAB CLA QE . 18.48 -42.32 2.19
CBB CLA QE . 17.30 -42.86 2.44
NC CLA QE . 19.88 -43.98 -2.95
C1C CLA QE . 18.91 -43.25 -2.38
C2C CLA QE . 17.90 -42.70 -3.31
C3C CLA QE . 18.38 -43.20 -4.60
C4C CLA QE . 19.59 -43.98 -4.27
CMC CLA QE . 16.70 -41.85 -3.01
CAC CLA QE . 17.77 -42.99 -5.97
CBC CLA QE . 18.66 -42.04 -6.75
ND CLA QE . 22.02 -45.53 -3.67
C1D CLA QE . 21.62 -45.44 -4.94
C2D CLA QE . 22.48 -46.17 -5.93
C3D CLA QE . 23.48 -46.72 -5.01
C4D CLA QE . 23.17 -46.33 -3.76
CMD CLA QE . 22.54 -46.44 -7.41
CAD CLA QE . 24.71 -47.55 -5.01
OBD CLA QE . 25.10 -48.29 -5.98
CBD CLA QE . 25.18 -47.68 -3.60
CGD CLA QE . 25.07 -49.11 -3.19
O1D CLA QE . 24.11 -49.78 -3.53
O2D CLA QE . 26.08 -49.74 -2.37
CED CLA QE . 26.45 -51.09 -2.63
C1 CLA QE . 28.09 -42.11 -2.59
C2 CLA QE . 27.69 -40.77 -2.00
C3 CLA QE . 27.53 -39.70 -2.79
C4 CLA QE . 27.76 -39.81 -4.26
C5 CLA QE . 27.10 -38.38 -2.20
C6 CLA QE . 27.99 -37.28 -2.76
C7 CLA QE . 28.28 -36.21 -1.72
C8 CLA QE . 29.77 -36.09 -1.41
C9 CLA QE . 30.43 -37.45 -1.29
C10 CLA QE . 29.96 -35.29 -0.12
C11 CLA QE . 31.38 -34.80 0.03
C12 CLA QE . 32.00 -35.29 1.33
C13 CLA QE . 32.54 -34.13 2.15
C14 CLA QE . 33.78 -33.53 1.48
C15 CLA QE . 32.86 -34.60 3.56
C16 CLA QE . 32.16 -33.73 4.60
C17 CLA QE . 30.70 -34.12 4.76
C18 CLA QE . 30.30 -34.19 6.23
C19 CLA QE . 29.67 -32.88 6.68
C20 CLA QE . 29.37 -35.36 6.49
MG CLA RE . 21.09 -47.96 11.19
CHA CLA RE . 22.07 -51.08 12.48
CHB CLA RE . 19.01 -47.70 13.89
CHC CLA RE . 20.32 -44.95 9.97
CHD CLA RE . 23.46 -48.42 8.49
NA CLA RE . 20.59 -49.23 13.01
C1A CLA RE . 21.04 -50.38 13.31
C2A CLA RE . 20.45 -50.98 14.56
C3A CLA RE . 19.48 -49.87 14.97
C4A CLA RE . 19.70 -48.86 13.90
CMA CLA RE . 18.04 -50.37 14.92
CAA CLA RE . 21.46 -51.25 15.68
CBA CLA RE . 22.94 -51.02 15.34
CGA CLA RE . 23.47 -49.85 16.12
O1A CLA RE . 23.16 -49.58 17.27
O2A CLA RE . 24.35 -48.99 15.63
NB CLA RE . 19.83 -46.50 11.86
C1B CLA RE . 19.04 -46.55 12.94
C2B CLA RE . 18.20 -45.33 13.10
C3B CLA RE . 18.61 -44.55 11.92
C4B CLA RE . 19.62 -45.35 11.22
CMB CLA RE . 17.20 -44.98 14.16
CAB CLA RE . 18.14 -43.22 11.51
CBB CLA RE . 18.82 -42.57 10.60
NC CLA RE . 21.81 -46.87 9.49
C1C CLA RE . 21.33 -45.66 9.16
C2C CLA RE . 21.89 -45.06 7.93
C3C CLA RE . 22.82 -46.09 7.50
C4C CLA RE . 22.69 -47.16 8.53
CMC CLA RE . 21.58 -43.73 7.30
CAC CLA RE . 23.71 -46.08 6.28
CBC CLA RE . 24.95 -45.27 6.60
ND CLA RE . 22.48 -49.31 10.52
C1D CLA RE . 23.33 -49.47 9.50
C2D CLA RE . 24.09 -50.76 9.50
C3D CLA RE . 23.53 -51.35 10.73
C4D CLA RE . 22.63 -50.50 11.24
CMD CLA RE . 25.12 -51.47 8.68
CAD CLA RE . 23.62 -52.58 11.55
OBD CLA RE . 24.14 -53.69 11.17
CBD CLA RE . 22.69 -52.43 12.70
CGD CLA RE . 21.63 -53.49 12.59
O1D CLA RE . 20.64 -53.30 11.91
O2D CLA RE . 21.78 -54.75 13.27
CED CLA RE . 21.67 -55.97 12.53
C1 CLA RE . 25.34 -48.14 16.57
C2 CLA RE . 24.81 -47.11 17.53
C3 CLA RE . 25.36 -45.88 17.58
C4 CLA RE . 26.50 -45.53 16.67
C5 CLA RE . 24.81 -44.85 18.53
C1 LUT SE . -63.53 21.76 -12.04
C2 LUT SE . -63.49 21.73 -10.52
C3 LUT SE . -64.73 22.26 -9.83
C4 LUT SE . -65.15 23.54 -10.52
C5 LUT SE . -65.50 23.19 -11.93
C6 LUT SE . -64.65 22.50 -12.68
C7 LUT SE . -64.83 22.28 -14.12
C8 LUT SE . -64.42 22.81 -15.30
C9 LUT SE . -64.93 22.00 -16.45
C10 LUT SE . -65.43 22.50 -17.60
C11 LUT SE . -65.97 21.62 -18.65
C12 LUT SE . -65.88 21.56 -19.98
C13 LUT SE . -66.64 20.48 -20.65
C14 LUT SE . -66.79 20.43 -21.99
C15 LUT SE . -67.53 19.33 -22.65
C16 LUT SE . -63.62 20.31 -12.47
C17 LUT SE . -62.23 22.39 -12.53
C18 LUT SE . -66.83 23.61 -12.45
C19 LUT SE . -64.86 20.49 -16.31
C20 LUT SE . -67.33 19.43 -19.82
O3 LUT SE . -64.28 22.57 -8.53
C21 LUT SE . -74.44 16.45 -32.95
C22 LUT SE . -74.86 16.18 -34.39
C23 LUT SE . -73.84 15.35 -35.14
C24 LUT SE . -72.57 16.17 -35.10
C25 LUT SE . -72.11 16.28 -33.67
C26 LUT SE . -72.97 16.51 -32.70
C27 LUT SE . -72.48 16.89 -31.35
C28 LUT SE . -72.49 16.26 -30.16
C29 LUT SE . -71.89 17.01 -29.03
C30 LUT SE . -71.31 16.41 -27.96
C31 LUT SE . -70.68 17.23 -26.91
C32 LUT SE . -70.25 17.02 -25.65
C33 LUT SE . -69.60 18.16 -24.97
C34 LUT SE . -69.44 18.23 -23.65
C35 LUT SE . -68.81 19.38 -22.99
C36 LUT SE . -74.97 15.34 -32.08
C37 LUT SE . -74.94 17.82 -32.55
C38 LUT SE . -70.65 16.14 -33.40
C39 LUT SE . -71.96 18.52 -29.08
C40 LUT SE . -69.04 19.27 -25.82
O23 LUT SE . -74.22 15.11 -36.49
C1 LUT TE . -45.69 16.05 -23.21
C2 LUT TE . -45.15 16.36 -24.59
C3 LUT TE . -44.88 17.83 -24.68
C4 LUT TE . -46.19 18.58 -24.41
C5 LUT TE . -46.78 18.13 -23.11
C6 LUT TE . -46.92 16.86 -22.95
C7 LUT TE . -48.18 16.26 -22.54
C8 LUT TE . -49.19 16.78 -21.82
C9 LUT TE . -50.38 15.92 -21.58
C10 LUT TE . -51.22 16.05 -20.52
C11 LUT TE . -52.35 15.14 -20.43
C12 LUT TE . -53.60 15.20 -19.96
C13 LUT TE . -54.41 13.98 -20.17
C14 LUT TE . -55.44 13.64 -19.38
C15 LUT TE . -56.24 12.42 -19.60
C16 LUT TE . -44.65 16.47 -22.18
C17 LUT TE . -45.96 14.57 -23.12
C18 LUT TE . -47.12 19.03 -21.97
C19 LUT TE . -50.63 14.86 -22.63
C20 LUT TE . -54.12 13.13 -21.36
O3 LUT TE . -44.46 18.00 -26.00
C21 LUT TE . -66.54 7.09 -14.51
C22 LUT TE . -67.89 7.10 -13.80
C23 LUT TE . -68.34 8.42 -13.20
C24 LUT TE . -67.15 9.25 -12.78
C25 LUT TE . -66.38 9.49 -14.03
C26 LUT TE . -65.95 8.45 -14.75
C27 LUT TE . -64.81 8.69 -15.66
C28 LUT TE . -64.41 8.26 -16.88
C29 LUT TE . -63.11 8.90 -17.26
C30 LUT TE . -62.84 9.45 -18.48
C31 LUT TE . -61.54 10.14 -18.72
C32 LUT TE . -60.40 9.96 -19.41
C33 LUT TE . -59.38 11.04 -19.23
C34 LUT TE . -58.46 11.37 -20.16
C35 LUT TE . -57.52 12.48 -19.92
C36 LUT TE . -66.63 6.41 -15.86
C37 LUT TE . -65.60 6.35 -13.59
C38 LUT TE . -66.14 10.90 -14.46
C39 LUT TE . -62.03 8.92 -16.21
C40 LUT TE . -59.39 11.80 -17.93
O23 LUT TE . -69.00 8.16 -11.97
MG CLA UE . -67.56 15.65 -31.94
CHA CLA UE . -67.62 14.61 -35.26
CHB CLA UE . -67.22 18.79 -33.10
CHC CLA UE . -67.62 16.55 -28.79
CHD CLA UE . -68.03 12.24 -30.93
NA CLA UE . -67.44 16.60 -33.96
C1A CLA UE . -67.45 16.06 -35.08
C2A CLA UE . -67.33 17.02 -36.20
C3A CLA UE . -67.19 18.34 -35.49
C4A CLA UE . -67.29 17.89 -34.09
CMA CLA UE . -65.82 18.94 -35.66
CAA CLA UE . -68.69 17.10 -36.88
CBA CLA UE . -69.94 17.13 -35.97
CGA CLA UE . -70.23 18.46 -35.33
O1A CLA UE . -69.63 19.49 -35.54
O2A CLA UE . -71.21 18.70 -34.49
NB CLA UE . -67.46 17.46 -31.04
C1B CLA UE . -67.29 18.64 -31.63
C2B CLA UE . -67.21 19.76 -30.67
C3B CLA UE . -67.33 19.06 -29.41
C4B CLA UE . -67.47 17.64 -29.75
CMB CLA UE . -67.02 21.22 -30.92
CAB CLA UE . -67.31 19.60 -28.05
CBB CLA UE . -67.73 20.82 -27.82
NC CLA UE . -67.80 14.53 -30.13
C1C CLA UE . -67.78 15.11 -28.96
C2C CLA UE . -67.92 14.25 -27.80
C3C CLA UE . -68.05 12.96 -28.45
C4C CLA UE . -67.96 13.24 -29.88
CMC CLA UE . -67.96 14.62 -26.35
CAC CLA UE . -68.25 11.65 -27.77
CBC CLA UE . -69.73 11.43 -27.77
ND CLA UE . -67.80 13.80 -32.75
C1D CLA UE . -67.95 12.55 -32.35
C2D CLA UE . -68.02 11.57 -33.45
C3D CLA UE . -67.89 12.46 -34.58
C4D CLA UE . -67.76 13.70 -34.12
CMD CLA UE . -68.18 10.11 -33.67
CAD CLA UE . -67.85 12.41 -36.04
OBD CLA UE . -68.42 11.49 -36.73
CBD CLA UE . -67.71 13.80 -36.52
CGD CLA UE . -66.55 13.73 -37.41
O1D CLA UE . -65.59 14.44 -37.23
O2D CLA UE . -66.63 12.79 -38.50
CED CLA UE . -66.19 13.21 -39.80
C1 CLA UE . -71.11 19.77 -33.30
C2 CLA UE . -72.33 20.12 -32.48
C3 CLA UE . -72.25 20.57 -31.23
C4 CLA UE . -70.91 20.69 -30.60
C5 CLA UE . -73.49 20.95 -30.47
C6 CLA UE . -73.22 21.18 -28.98
C7 CLA UE . -74.44 20.85 -28.12
C8 CLA UE . -75.47 21.98 -28.07
C9 CLA UE . -76.01 22.22 -26.66
C10 CLA UE . -76.63 21.69 -29.01
MG CLA VE . -68.90 25.32 -26.00
CHA CLA VE . -69.07 23.58 -23.02
CHB CLA VE . -66.63 27.37 -24.41
CHC CLA VE . -68.65 26.85 -28.85
CHD CLA VE . -71.15 22.97 -27.42
NA CLA VE . -67.93 25.46 -23.97
C1A CLA VE . -68.15 24.72 -22.99
C2A CLA VE . -67.44 25.16 -21.77
C3A CLA VE . -66.62 26.35 -22.24
C4A CLA VE . -67.09 26.40 -23.64
CMA CLA VE . -66.85 27.66 -21.53
CAA CLA VE . -66.67 24.10 -21.03
CBA CLA VE . -67.26 24.04 -19.62
CGA CLA VE . -67.18 25.38 -18.95
O1A CLA VE . -66.40 26.23 -19.28
O2A CLA VE . -67.97 25.75 -17.98
NB CLA VE . -67.76 26.89 -26.53
C1B CLA VE . -66.94 27.62 -25.81
C2B CLA VE . -66.36 28.73 -26.55
C3B CLA VE . -66.98 28.54 -27.85
C4B CLA VE . -67.84 27.38 -27.74
CMB CLA VE . -65.39 29.74 -26.04
CAB CLA VE . -66.89 29.28 -29.09
CBB CLA VE . -68.04 29.53 -29.64
NC CLA VE . -69.77 24.93 -27.89
C1C CLA VE . -69.56 25.71 -28.93
C2C CLA VE . -70.28 25.34 -30.15
C3C CLA VE . -71.01 24.18 -29.69
C4C CLA VE . -70.63 24.02 -28.29
CMC CLA VE . -70.27 25.98 -31.52
CAC CLA VE . -71.95 23.35 -30.50
CBC CLA VE . -71.35 23.19 -31.88
ND CLA VE . -69.90 23.64 -25.48
C1D CLA VE . -70.76 22.82 -26.02
C2D CLA VE . -71.25 21.76 -25.10
C3D CLA VE . -70.53 22.14 -23.92
C4D CLA VE . -69.80 23.19 -24.20
CMD CLA VE . -72.19 20.58 -25.09
CAD CLA VE . -70.38 21.71 -22.55
OBD CLA VE . -70.96 20.70 -22.05
CBD CLA VE . -69.39 22.61 -21.94
CGD CLA VE . -69.88 23.25 -20.72
O1D CLA VE . -69.76 24.44 -20.57
O2D CLA VE . -70.41 22.39 -19.69
CED CLA VE . -71.72 21.87 -19.75
C1 CLA VE . -69.53 25.46 -18.07
C2 CLA VE . -70.45 26.39 -18.83
C3 CLA VE . -71.65 26.00 -19.26
C4 CLA VE . -72.50 26.97 -20.01
C5 CLA VE . -72.12 24.61 -19.00
C6 CLA VE . -73.31 24.24 -19.88
C7 CLA VE . -74.16 23.21 -19.15
C8 CLA VE . -75.58 23.25 -19.66
C9 CLA VE . -76.47 22.66 -18.58
C10 CLA VE . -75.63 22.47 -20.97
C11 CLA VE . -77.04 21.98 -21.29
MG CLA WE . -58.29 23.27 -9.20
CHA CLA WE . -58.84 24.05 -5.80
CHB CLA WE . -60.99 25.19 -9.86
CHC CLA WE . -57.68 22.65 -12.38
CHD CLA WE . -55.42 21.43 -8.27
NA CLA WE . -59.75 24.50 -7.99
C1A CLA WE . -59.81 24.66 -6.73
C2A CLA WE . -60.97 25.50 -6.32
C3A CLA WE . -61.61 25.82 -7.64
C4A CLA WE . -60.72 25.12 -8.56
CMA CLA WE . -62.93 25.09 -7.76
CAA CLA WE . -60.63 26.89 -5.83
CBA CLA WE . -59.27 27.04 -5.23
CGA CLA WE . -58.25 26.98 -6.28
O1A CLA WE . -58.48 26.90 -7.45
O2A CLA WE . -56.98 26.98 -5.97
NB CLA WE . -59.22 23.88 -10.90
C1B CLA WE . -60.31 24.61 -11.00
C2B CLA WE . -60.75 24.81 -12.38
C3B CLA WE . -59.77 24.04 -13.10
C4B CLA WE . -58.84 23.49 -12.10
CMB CLA WE . -61.92 25.57 -12.90
CAB CLA WE . -59.67 23.85 -14.56
CBB CLA WE . -60.60 23.18 -15.21
NC CLA WE . -56.75 22.20 -10.18
C1C CLA WE . -56.70 22.03 -11.48
C2C CLA WE . -55.61 21.21 -12.00
C3C CLA WE . -54.94 20.86 -10.78
C4C CLA WE . -55.72 21.50 -9.71
CMC CLA WE . -55.29 20.86 -13.42
CAC CLA WE . -53.71 20.02 -10.66
CBC CLA WE . -52.57 20.94 -10.33
ND CLA WE . -57.26 22.79 -7.52
C1D CLA WE . -56.20 22.07 -7.22
C2D CLA WE . -55.91 22.00 -5.76
C3D CLA WE . -57.00 22.82 -5.25
C4D CLA WE . -57.73 23.22 -6.29
CMD CLA WE . -54.89 21.38 -4.85
CAD CLA WE . -57.56 23.33 -3.99
OBD CLA WE . -56.85 23.58 -2.97
CBD CLA WE . -58.74 24.15 -4.30
CGD CLA WE . -59.89 23.62 -3.53
O1D CLA WE . -60.01 22.46 -3.32
O2D CLA WE . -60.85 24.51 -2.93
CED CLA WE . -61.96 23.98 -2.21
C1 CLA WE . -55.83 27.11 -7.06
C2 CLA WE . -55.47 25.96 -7.95
C3 CLA WE . -54.83 26.16 -9.10
C4 CLA WE . -54.48 27.55 -9.51
C5 CLA WE . -54.48 24.98 -9.96
C6 CLA WE . -54.23 25.41 -11.39
C7 CLA WE . -55.50 25.26 -12.20
C8 CLA WE . -55.58 26.08 -13.49
C9 CLA WE . -54.59 27.24 -13.53
C10 CLA WE . -56.98 26.63 -13.62
C11 CLA WE . -57.53 26.32 -14.99
C12 CLA WE . -56.89 27.17 -16.09
C13 CLA WE . -57.87 28.07 -16.86
C14 CLA WE . -57.10 29.20 -17.52
C15 CLA WE . -58.92 28.64 -15.93
C16 CLA WE . -59.70 29.80 -16.50
C17 CLA WE . -61.13 29.76 -15.97
C18 CLA WE . -62.00 28.81 -16.79
C19 CLA WE . -61.28 27.50 -17.07
C20 CLA WE . -63.32 28.54 -16.10
MG CLA XE . -51.97 18.02 -26.76
CHA CLA XE . -50.51 19.79 -29.35
CHB CLA XE . -51.15 15.21 -28.51
CHC CLA XE . -53.19 16.36 -24.19
CHD CLA XE . -52.55 21.11 -25.05
NA CLA XE . -50.93 17.54 -28.71
C1A CLA XE . -50.48 18.34 -29.55
C2A CLA XE . -49.91 17.73 -30.75
C3A CLA XE . -50.14 16.26 -30.47
C4A CLA XE . -50.77 16.33 -29.15
CMA CLA XE . -51.19 15.76 -31.40
CAA CLA XE . -48.46 18.14 -30.62
CBA CLA XE . -47.43 17.03 -30.79
CGA CLA XE . -47.14 16.38 -29.48
O1A CLA XE . -46.13 16.53 -28.86
O2A CLA XE . -47.97 15.62 -28.81
NB CLA XE . -52.11 16.03 -26.39
C1B CLA XE . -51.79 15.04 -27.20
C2B CLA XE . -52.12 13.73 -26.63
C3B CLA XE . -52.72 14.11 -25.38
C4B CLA XE . -52.68 15.56 -25.30
CMB CLA XE . -51.93 12.37 -27.17
CAB CLA XE . -53.25 13.19 -24.38
CBB CLA XE . -53.35 11.93 -24.68
NC CLA XE . -52.74 18.67 -24.88
C1C CLA XE . -53.22 17.83 -23.98
C2C CLA XE . -53.79 18.43 -22.78
C3C CLA XE . -53.59 19.82 -23.04
C4C CLA XE . -52.93 19.87 -24.36
CMC CLA XE . -54.41 17.80 -21.57
CAC CLA XE . -53.97 20.94 -22.14
CBC CLA XE . -53.00 20.93 -20.99
ND CLA XE . -51.64 20.01 -27.00
C1D CLA XE . -51.89 21.14 -26.36
C2D CLA XE . -51.49 22.36 -27.09
C3D CLA XE . -50.94 21.75 -28.28
C4D CLA XE . -51.06 20.43 -28.16
CMD CLA XE . -51.52 23.83 -26.87
CAD CLA XE . -50.30 22.09 -29.56
OBD CLA XE . -50.43 23.17 -30.19
CBD CLA XE . -50.00 20.84 -30.29
CGD CLA XE . -50.78 20.86 -31.56
O1D CLA XE . -50.26 21.14 -32.59
O2D CLA XE . -52.17 20.52 -31.59
CED CLA XE . -52.60 19.77 -32.71
C1 CLA XE . -47.45 14.33 -28.02
C2 CLA XE . -48.25 13.79 -26.85
C3 CLA XE . -47.86 12.71 -26.18
C4 CLA XE . -46.64 11.99 -26.60
C5 CLA XE . -48.62 12.15 -25.01
C6 CLA XE . -48.04 12.71 -23.71
C7 CLA XE . -47.01 11.81 -23.03
C8 CLA XE . -47.32 11.46 -21.58
C9 CLA XE . -48.81 11.24 -21.38
C10 CLA XE . -46.73 12.50 -20.61
C11 CLA XE . -47.50 12.68 -19.31
C12 CLA XE . -46.97 13.85 -18.51
C13 CLA XE . -48.08 14.76 -18.01
C14 CLA XE . -47.47 16.01 -17.41
C15 CLA XE . -48.93 14.01 -17.01
C16 CLA XE . -49.70 14.89 -16.03
C17 CLA XE . -49.64 14.33 -14.62
C18 CLA XE . -50.87 14.70 -13.80
C19 CLA XE . -50.76 14.18 -12.38
C20 CLA XE . -51.04 16.19 -13.75
MG CLA YE . -54.01 7.71 -21.15
CHA CLA YE . -52.91 6.13 -24.02
CHB CLA YE . -51.34 9.72 -21.42
CHC CLA YE . -55.19 9.20 -18.43
CHD CLA YE . -56.83 5.47 -21.11
NA CLA YE . -52.29 7.92 -22.59
C1A CLA YE . -52.04 7.24 -23.59
C2A CLA YE . -50.81 7.60 -24.33
C3A CLA YE . -50.32 8.75 -23.48
C4A CLA YE . -51.37 8.82 -22.42
CMA CLA YE . -48.98 8.43 -22.86
CAA CLA YE . -51.29 8.09 -25.68
CBA CLA YE . -50.64 7.35 -26.84
CGA CLA YE . -49.23 7.82 -26.90
O1A CLA YE . -48.88 8.92 -26.60
O2A CLA YE . -48.21 7.12 -27.27
NB CLA YE . -53.36 9.28 -20.06
C1B CLA YE . -52.24 9.97 -20.29
C2B CLA YE . -52.02 11.05 -19.29
C3B CLA YE . -53.17 10.86 -18.42
C4B CLA YE . -53.94 9.74 -18.98
CMB CLA YE . -50.91 12.04 -19.19
CAB CLA YE . -53.51 11.64 -17.23
CBB CLA YE . -54.52 11.28 -16.49
NC CLA YE . -55.76 7.37 -19.98
C1C CLA YE . -56.03 8.09 -18.90
C2C CLA YE . -57.25 7.70 -18.18
C3C CLA YE . -57.72 6.61 -19.00
C4C CLA YE . -56.74 6.49 -20.06
CMC CLA YE . -57.84 8.28 -16.94
CAC CLA YE . -58.93 5.76 -18.80
CBC CLA YE . -60.05 6.40 -19.60
ND CLA YE . -54.82 6.17 -22.20
C1D CLA YE . -55.85 5.35 -22.16
C2D CLA YE . -55.88 4.35 -23.25
C3D CLA YE . -54.67 4.72 -23.95
C4D CLA YE . -54.12 5.75 -23.30
CMD CLA YE . -56.73 3.21 -23.71
CAD CLA YE . -53.87 4.34 -25.11
OBD CLA YE . -53.83 3.15 -25.55
CBD CLA YE . -52.72 5.25 -25.21
CGD CLA YE . -51.50 4.42 -25.06
O1D CLA YE . -51.23 3.88 -24.02
O2D CLA YE . -50.65 4.23 -26.20
CED CLA YE . -51.00 3.23 -27.14
C1 CLA YE . -47.72 5.85 -26.43
C2 CLA YE . -46.87 5.99 -25.19
C3 CLA YE . -46.31 4.93 -24.61
C4 CLA YE . -46.51 3.58 -25.20
C5 CLA YE . -45.48 5.08 -23.37
C6 CLA YE . -44.45 6.16 -23.58
C7 CLA YE . -43.39 6.16 -22.51
C8 CLA YE . -43.88 6.04 -21.08
C9 CLA YE . -45.33 6.49 -20.89
C10 CLA YE . -42.96 6.86 -20.20
C11 CLA YE . -42.46 6.05 -19.02
MG CLA ZE . -74.72 9.28 -14.00
CHA CLA ZE . -77.29 9.28 -11.60
CHB CLA ZE . -73.23 6.91 -12.13
CHC CLA ZE . -72.35 9.23 -16.40
CHD CLA ZE . -76.50 11.71 -15.88
NA CLA ZE . -75.20 8.19 -12.07
C1A CLA ZE . -76.19 8.34 -11.32
C2A CLA ZE . -76.18 7.47 -10.11
C3A CLA ZE . -74.87 6.74 -10.29
C4A CLA ZE . -74.39 7.30 -11.58
CMA CLA ZE . -73.91 7.21 -9.21
CAA CLA ZE . -77.29 6.47 -10.34
CBA CLA ZE . -77.74 5.79 -9.06
CGA CLA ZE . -76.77 4.70 -8.70
O1A CLA ZE . -76.91 3.52 -8.96
O2A CLA ZE . -75.64 4.87 -8.05
NB CLA ZE . -73.03 8.19 -14.24
C1B CLA ZE . -72.56 7.32 -13.38
C2B CLA ZE . -71.28 6.74 -13.82
C3B CLA ZE . -71.03 7.44 -15.08
C4B CLA ZE . -72.18 8.34 -15.25
CMB CLA ZE . -70.50 5.71 -13.08
CAB CLA ZE . -69.94 7.34 -16.06
CBB CLA ZE . -70.21 7.50 -17.33
NC CLA ZE . -74.48 10.30 -15.86
C1C CLA ZE . -73.44 10.17 -16.67
C2C CLA ZE . -73.42 11.00 -17.87
C3C CLA ZE . -74.67 11.73 -17.72
C4C CLA ZE . -75.24 11.23 -16.45
CMC CLA ZE . -72.39 11.06 -18.95
CAC CLA ZE . -75.24 12.76 -18.63
CBC CLA ZE . -74.97 14.12 -18.05
ND CLA ZE . -76.46 10.31 -13.92
C1D CLA ZE . -77.09 11.23 -14.62
C2D CLA ZE . -78.38 11.70 -14.03
C3D CLA ZE . -78.39 10.87 -12.81
C4D CLA ZE . -77.29 10.12 -12.82
CMD CLA ZE . -79.51 12.66 -14.31
CAD CLA ZE . -79.23 10.61 -11.62
OBD CLA ZE . -80.45 10.99 -11.41
CBD CLA ZE . -78.55 9.57 -10.80
CGD CLA ZE . -78.39 10.18 -9.44
O1D CLA ZE . -78.27 9.47 -8.46
O2D CLA ZE . -78.41 11.62 -9.25
CED CLA ZE . -77.79 12.14 -8.08
C1 CLA ZE . -75.28 3.99 -6.76
C2 CLA ZE . -75.98 4.14 -5.43
MG CLA AF . -61.75 32.04 -25.92
CHA CLA AF . -63.19 30.11 -28.54
CHB CLA AF . -61.79 34.60 -28.08
CHC CLA AF . -60.25 33.65 -23.51
CHD CLA AF . -61.67 29.01 -23.99
NA CLA AF . -62.41 32.34 -28.06
C1A CLA AF . -62.94 31.53 -28.86
C2A CLA AF . -63.31 32.08 -30.18
C3A CLA AF . -62.85 33.50 -30.00
C4A CLA AF . -62.31 33.50 -28.62
CMA CLA AF . -61.65 33.67 -30.90
CAA CLA AF . -64.81 32.07 -30.29
CBA CLA AF . -65.49 32.77 -29.13
CGA CLA AF . -66.95 32.48 -29.34
O1A CLA AF . -67.52 32.67 -30.39
O2A CLA AF . -67.76 31.94 -28.47
NB CLA AF . -61.07 33.95 -25.83
C1B CLA AF . -61.19 34.87 -26.75
C2B CLA AF . -60.67 36.18 -26.29
C3B CLA AF . -60.21 35.87 -24.94
C4B CLA AF . -60.52 34.45 -24.72
CMB CLA AF . -60.59 37.50 -26.99
CAB CLA AF . -59.59 36.82 -24.00
CBB CLA AF . -60.01 36.92 -22.78
NC CLA AF . -61.06 31.39 -24.02
C1C CLA AF . -60.50 32.23 -23.17
C2C CLA AF . -60.14 31.64 -21.87
C3C CLA AF . -60.58 30.26 -22.03
C4C CLA AF . -61.12 30.22 -23.39
CMC CLA AF . -59.48 32.27 -20.67
CAC CLA AF . -60.47 29.16 -21.03
CBC CLA AF . -61.87 28.78 -20.62
ND CLA AF . -62.22 30.05 -26.10
C1D CLA AF . -62.23 28.96 -25.34
C2D CLA AF . -62.80 27.74 -25.96
C3D CLA AF . -63.16 28.30 -27.23
C4D CLA AF . -62.81 29.58 -27.25
CMD CLA AF . -63.06 26.31 -25.63
CAD CLA AF . -63.77 27.89 -28.49
OBD CLA AF . -64.07 26.72 -28.81
CBD CLA AF . -63.83 29.05 -29.38
CGD CLA AF . -62.94 28.67 -30.47
O1D CLA AF . -63.38 28.25 -31.50
O2D CLA AF . -61.54 28.80 -30.23
CED CLA AF . -60.62 28.94 -31.30
C1 CLA AF . -68.71 32.83 -27.55
C2 CLA AF . -68.65 32.67 -26.05
C3 CLA AF . -69.29 31.66 -25.46
C4 CLA AF . -70.06 30.67 -26.28
C5 CLA AF . -69.23 31.50 -23.97
C6 CLA AF . -69.31 30.04 -23.60
C7 CLA AF . -70.68 29.42 -23.79
C8 CLA AF . -70.63 27.93 -23.50
C9 CLA AF . -71.79 27.17 -24.10
C10 CLA AF . -70.61 27.73 -22.00
MG CLA BF . -61.55 32.17 -7.13
CHA CLA BF . -58.10 32.05 -7.18
CHB CLA BF . -61.22 34.79 -5.02
CHC CLA BF . -64.80 32.35 -7.27
CHD CLA BF . -61.59 29.49 -9.50
NA CLA BF . -59.86 33.30 -6.20
C1A CLA BF . -58.65 33.09 -6.32
C2A CLA BF . -57.76 33.96 -5.54
C3A CLA BF . -58.78 34.84 -4.85
C4A CLA BF . -60.04 34.28 -5.39
CMA CLA BF . -58.83 34.57 -3.37
CAA CLA BF . -56.91 34.72 -6.53
CBA CLA BF . -57.74 35.55 -7.50
CGA CLA BF . -58.25 34.84 -8.74
O1A CLA BF . -59.29 35.16 -9.29
O2A CLA BF . -57.65 33.85 -9.37
NB CLA BF . -62.84 33.44 -6.26
C1B CLA BF . -62.57 34.41 -5.41
C2B CLA BF . -63.78 35.10 -4.91
C3B CLA BF . -64.82 34.36 -5.58
C4B CLA BF . -64.14 33.34 -6.41
CMB CLA BF . -63.93 36.23 -3.95
CAB CLA BF . -66.26 34.57 -5.48
CBB CLA BF . -67.07 33.68 -5.95
NC CLA BF . -62.97 31.07 -8.26
C1C CLA BF . -64.25 31.29 -8.13
C2C CLA BF . -65.12 30.42 -8.91
C3C CLA BF . -64.16 29.58 -9.57
C4C CLA BF . -62.87 30.07 -9.10
CMC CLA BF . -66.61 30.40 -9.00
CAC CLA BF . -64.44 28.48 -10.53
CBC CLA BF . -64.18 29.08 -11.88
ND CLA BF . -60.28 31.00 -8.19
C1D CLA BF . -60.32 29.99 -9.02
C2D CLA BF . -59.00 29.44 -9.41
C3D CLA BF . -58.16 30.32 -8.62
C4D CLA BF . -58.94 31.16 -7.96
CMD CLA BF . -58.47 28.35 -10.28
CAD CLA BF . -56.76 30.61 -8.31
OBD CLA BF . -55.75 30.04 -8.81
CBD CLA BF . -56.67 31.73 -7.37
CGD CLA BF . -56.18 31.24 -6.07
O1D CLA BF . -56.00 31.95 -5.14
O2D CLA BF . -55.96 29.86 -5.84
CED CLA BF . -56.65 29.35 -4.72
C1 CLA BF . -58.05 33.35 -10.85
C2 CLA BF . -59.51 33.29 -11.22
C3 CLA BF . -59.92 32.66 -12.32
C4 CLA BF . -58.90 32.00 -13.21
C5 CLA BF . -61.39 32.61 -12.66
C6 CLA BF . -61.67 32.83 -14.15
C7 CLA BF . -62.92 32.10 -14.63
C8 CLA BF . -64.21 32.78 -14.19
C9 CLA BF . -64.18 33.20 -12.73
C10 CLA BF . -65.40 31.88 -14.46
C11 CLA BF . -66.69 32.45 -13.88
C12 CLA BF . -66.90 32.10 -12.41
C13 CLA BF . -68.39 32.11 -12.04
C14 CLA BF . -68.86 33.54 -11.79
C15 CLA BF . -68.64 31.26 -10.79
C16 CLA BF . -69.54 30.04 -11.00
C17 CLA BF . -70.97 30.29 -10.52
C18 CLA BF . -71.27 29.70 -9.15
C19 CLA BF . -71.39 30.78 -8.10
C20 CLA BF . -72.55 28.87 -9.17
MG CLA CF . -49.24 31.07 -22.76
CHA CLA CF . -51.49 29.72 -24.81
CHB CLA CF . -48.52 27.86 -21.78
CHC CLA CF . -46.97 32.43 -20.80
CHD CLA CF . -50.05 34.35 -23.94
NA CLA CF . -49.92 28.98 -23.25
C1A CLA CF . -50.80 28.69 -24.05
C2A CLA CF . -51.09 27.25 -24.21
C3A CLA CF . -50.11 26.64 -23.22
C4A CLA CF . -49.47 27.88 -22.69
CMA CLA CF . -50.74 25.76 -22.18
CAA CLA CF . -50.73 27.05 -25.67
CBA CLA CF . -49.28 26.65 -25.95
CGA CLA CF . -48.46 27.77 -26.52
O1A CLA CF . -48.67 28.95 -26.48
O2A CLA CF . -47.33 27.53 -27.10
NB CLA CF . -47.93 30.28 -21.48
C1B CLA CF . -47.80 29.01 -21.21
C2B CLA CF . -46.79 28.78 -20.23
C3B CLA CF . -46.33 30.13 -19.93
C4B CLA CF . -47.11 30.99 -20.76
CMB CLA CF . -46.48 27.42 -19.78
CAB CLA CF . -45.32 30.68 -19.03
CBB CLA CF . -45.66 31.75 -18.35
NC CLA CF . -48.62 33.08 -22.45
C1C CLA CF . -47.68 33.40 -21.58
C2C CLA CF . -47.35 34.79 -21.43
C3C CLA CF . -48.27 35.39 -22.37
C4C CLA CF . -49.01 34.24 -22.93
CMC CLA CF . -46.32 35.41 -20.55
CAC CLA CF . -48.43 36.86 -22.68
CBC CLA CF . -47.17 37.64 -22.39
ND CLA CF . -50.43 31.99 -24.05
C1D CLA CF . -50.74 33.18 -24.48
C2D CLA CF . -51.81 33.19 -25.51
C3D CLA CF . -52.05 31.76 -25.57
C4D CLA CF . -51.27 31.15 -24.73
CMD CLA CF . -52.60 34.11 -26.38
CAD CLA CF . -52.90 30.83 -26.30
OBD CLA CF . -54.05 31.07 -26.75
CBD CLA CF . -52.48 29.47 -25.87
CGD CLA CF . -53.56 28.54 -25.55
O1D CLA CF . -54.61 29.01 -25.36
O2D CLA CF . -53.42 27.12 -25.58
CED CLA CF . -54.43 26.37 -26.20
C1 CLA CF . -46.49 26.35 -26.49
C2 CLA CF . -45.17 26.70 -25.89
C3 CLA CF . -44.15 26.96 -26.70
C4 CLA CF . -44.31 26.91 -28.19
C5 CLA CF . -42.81 27.34 -26.09
C6 CLA CF . -41.72 27.55 -27.16
C7 CLA CF . -40.33 27.17 -26.67
C8 CLA CF . -39.78 25.96 -27.43
C9 CLA CF . -40.75 24.79 -27.40
C10 CLA CF . -38.40 25.58 -26.89
C11 CLA CF . -38.44 24.60 -25.73
C12 CLA CF . -39.62 24.82 -24.79
C13 CLA CF . -39.32 25.83 -23.68
C14 CLA CF . -37.87 25.81 -23.21
C15 CLA CF . -40.27 25.68 -22.52
C16 CLA CF . -40.64 24.25 -22.20
C17 CLA CF . -42.09 24.13 -21.77
C18 CLA CF . -42.14 23.22 -20.58
C19 CLA CF . -41.33 23.83 -19.46
C20 CLA CF . -43.56 22.89 -20.10
MG CLA DF . -62.78 3.51 -10.32
CHA CLA DF . -60.69 6.29 -10.25
CHB CLA DF . -62.65 3.67 -13.71
CHC CLA DF . -64.62 0.79 -10.25
CHD CLA DF . -62.62 3.45 -6.69
NA CLA DF . -61.78 4.82 -11.85
C1A CLA DF . -61.05 5.83 -11.63
C2A CLA DF . -60.58 6.53 -12.87
C3A CLA DF . -61.21 5.67 -13.95
C4A CLA DF . -61.94 4.65 -13.13
CMA CLA DF . -62.19 6.46 -14.79
CAA CLA DF . -59.05 6.51 -13.01
CBA CLA DF . -58.32 5.38 -12.28
CGA CLA DF . -58.57 4.05 -12.94
O1A CLA DF . -58.17 3.76 -14.05
O2A CLA DF . -59.23 3.06 -12.37
NB CLA DF . -63.52 2.37 -11.81
C1B CLA DF . -63.42 2.58 -13.12
C2B CLA DF . -64.17 1.56 -13.91
C3B CLA DF . -64.73 0.74 -12.86
C4B CLA DF . -64.28 1.31 -11.58
CMB CLA DF . -64.34 1.38 -15.40
CAB CLA DF . -65.58 -0.44 -13.00
CBB CLA DF . -66.62 -0.52 -12.21
NC CLA DF . -63.48 2.31 -8.70
C1C CLA DF . -64.25 1.25 -8.90
C2C CLA DF . -64.71 0.56 -7.68
C3C CLA DF . -64.10 1.37 -6.65
C4C CLA DF . -63.39 2.41 -7.38
CMC CLA DF . -65.55 -0.66 -7.57
CAC CLA DF . -64.15 1.22 -5.17
CBC CLA DF . -62.76 1.46 -4.64
ND CLA DF . -61.92 4.50 -8.74
C1D CLA DF . -61.90 4.46 -7.42
C2D CLA DF . -61.12 5.53 -6.77
C3D CLA DF . -60.66 6.22 -7.96
C4D CLA DF . -61.15 5.60 -9.03
CMD CLA DF . -60.74 5.98 -5.39
CAD CLA DF . -59.84 7.39 -8.34
OBD CLA DF . -59.67 8.42 -7.59
CBD CLA DF . -59.84 7.46 -9.82
CGD CLA DF . -60.57 8.73 -10.13
O1D CLA DF . -60.20 9.48 -11.00
O2D CLA DF . -61.74 9.04 -9.32
CED CLA DF . -62.69 8.00 -9.13
C1 CLA DF . -58.86 2.71 -10.86
C2 CLA DF . -57.69 3.45 -10.27
C3 CLA DF . -56.71 2.84 -9.59
C4 CLA DF . -56.73 1.37 -9.34
C5 CLA DF . -55.59 3.68 -9.04
C6 CLA DF . -55.09 4.62 -10.13
C7 CLA DF . -53.82 4.05 -10.76
C8 CLA DF . -54.12 3.24 -12.02
C9 CLA DF . -54.97 2.04 -11.69
C10 CLA DF . -52.82 2.77 -12.66
C11 CLA DF . -51.82 3.90 -12.79
C12 CLA DF . -50.47 3.35 -13.18
C13 CLA DF . -50.03 3.98 -14.48
C14 CLA DF . -49.45 2.90 -15.39
C15 CLA DF . -49.01 5.06 -14.21
C16 CLA DF . -49.47 6.02 -13.12
C17 CLA DF . -48.34 6.92 -12.62
C18 CLA DF . -47.03 6.15 -12.46
C19 CLA DF . -46.17 6.26 -13.72
C20 CLA DF . -46.25 6.60 -11.23
MG CLA EF . -67.73 4.27 -32.84
CHA CLA EF . -66.87 7.04 -30.87
CHB CLA EF . -70.21 3.65 -30.67
CHC CLA EF . -68.52 1.73 -34.87
CHD CLA EF . -65.09 5.18 -35.09
NA CLA EF . -68.48 5.24 -30.96
C1A CLA EF . -68.03 6.25 -30.37
C2A CLA EF . -68.76 6.61 -29.14
C3A CLA EF . -69.80 5.51 -29.08
C4A CLA EF . -69.50 4.75 -30.32
CMA CLA EF . -69.53 4.61 -27.91
CAA CLA EF . -69.44 7.94 -29.45
CBA CLA EF . -70.28 7.96 -30.73
CGA CLA EF . -70.66 9.37 -31.10
O1A CLA EF . -69.94 10.33 -30.98
O2A CLA EF . -71.80 9.79 -31.63
NB CLA EF . -69.20 2.88 -32.78
C1B CLA EF . -70.11 2.74 -31.84
C2B CLA EF . -71.00 1.56 -32.08
C3B CLA EF . -70.46 1.04 -33.33
C4B CLA EF . -69.34 1.91 -33.69
CMB CLA EF . -72.16 1.04 -31.30
CAB CLA EF . -70.88 -0.11 -34.13
CBB CLA EF . -71.02 0.03 -35.42
NC CLA EF . -66.93 3.60 -34.69
C1C CLA EF . -67.38 2.54 -35.33
C2C CLA EF . -66.70 2.17 -36.56
C3C CLA EF . -65.69 3.20 -36.62
C4C CLA EF . -65.91 4.02 -35.43
CMC CLA EF . -66.98 1.05 -37.51
CAC CLA EF . -64.67 3.36 -37.70
CBC CLA EF . -65.46 3.69 -38.93
ND CLA EF . -66.29 5.70 -33.08
C1D CLA EF . -65.31 6.00 -33.90
C2D CLA EF . -64.52 7.19 -33.53
C3D CLA EF . -65.20 7.54 -32.30
C4D CLA EF . -66.18 6.67 -32.11
CMD CLA EF . -63.36 8.00 -34.05
CAD CLA EF . -65.15 8.55 -31.25
OBD CLA EF . -64.13 9.25 -30.96
CBD CLA EF . -66.22 8.25 -30.27
CGD CLA EF . -65.47 7.91 -29.03
O1D CLA EF . -64.75 6.94 -29.01
O2D CLA EF . -65.54 8.71 -27.85
CED CLA EF . -64.68 8.41 -26.76
C1 CLA EF . -73.25 9.33 -31.11
C2 CLA EF . -74.16 8.48 -31.96
C3 CLA EF . -75.47 8.38 -31.73
C4 CLA EF . -76.10 9.13 -30.60
C5 CLA EF . -76.33 7.51 -32.61
C6 CLA EF . -75.88 6.06 -32.56
C7 CLA EF . -74.71 5.83 -33.51
C8 CLA EF . -74.04 4.47 -33.32
C9 CLA EF . -75.06 3.35 -33.22
C10 CLA EF . -73.13 4.47 -32.09
C11 CLA EF . -73.71 5.23 -30.90
C12 CLA EF . -73.86 4.35 -29.66
C13 CLA EF . -73.42 5.08 -28.41
C14 CLA EF . -72.86 4.12 -27.37
C15 CLA EF . -74.60 5.82 -27.84
C16 CLA EF . -74.08 7.10 -27.21
C17 CLA EF . -73.67 6.77 -25.80
C18 CLA EF . -72.44 7.56 -25.36
C19 CLA EF . -71.19 6.91 -25.90
C20 CLA EF . -72.54 9.01 -25.76
MG CLA FF . -59.32 1.74 -25.70
CHA CLA FF . -57.10 3.72 -27.51
CHB CLA FF . -58.40 -0.82 -27.74
CHC CLA FF . -61.33 -0.10 -23.82
CHD CLA FF . -59.99 4.58 -23.60
NA CLA FF . -57.91 1.46 -27.43
C1A CLA FF . -57.19 2.32 -27.98
C2A CLA FF . -56.39 1.84 -29.13
C3A CLA FF . -56.84 0.40 -29.18
C4A CLA FF . -57.78 0.31 -28.05
CMA CLA FF . -57.64 0.20 -30.44
CAA CLA FF . -54.91 1.86 -28.77
CBA CLA FF . -54.61 1.35 -27.35
CGA CLA FF . -53.34 0.57 -27.26
O1A CLA FF . -52.25 0.94 -27.65
O2A CLA FF . -53.27 -0.63 -26.75
NB CLA FF . -59.80 -0.24 -25.76
C1B CLA FF . -59.38 -1.12 -26.66
C2B CLA FF . -59.97 -2.45 -26.46
C3B CLA FF . -60.84 -2.22 -25.30
C4B CLA FF . -60.67 -0.81 -24.93
CMB CLA FF . -59.75 -3.72 -27.24
CAB CLA FF . -61.70 -3.19 -24.60
CBB CLA FF . -62.95 -3.35 -24.95
NC CLA FF . -60.46 2.19 -23.97
C1C CLA FF . -61.23 1.30 -23.38
C2C CLA FF . -62.00 1.79 -22.24
C3C CLA FF . -61.60 3.16 -22.19
C4C CLA FF . -60.65 3.32 -23.29
CMC CLA FF . -62.95 1.03 -21.38
CAC CLA FF . -62.03 4.20 -21.22
CBC CLA FF . -63.54 4.16 -21.24
ND CLA FF . -58.77 3.70 -25.47
C1D CLA FF . -59.05 4.73 -24.70
C2D CLA FF . -58.34 5.98 -25.07
C3D CLA FF . -57.58 5.49 -26.20
C4D CLA FF . -57.87 4.22 -26.37
CMD CLA FF . -58.22 7.41 -24.63
CAD CLA FF . -56.62 5.96 -27.20
OBD CLA FF . -55.81 6.92 -26.96
CBD CLA FF . -56.27 4.82 -28.07
CGD CLA FF . -56.63 5.08 -29.47
O1D CLA FF . -57.77 4.97 -29.82
O2D CLA FF . -55.59 5.42 -30.40
CED CLA FF . -55.47 6.73 -30.93
C1 CLA FF . -53.78 -0.96 -25.28
C2 CLA FF . -53.47 -0.07 -24.09
C3 CLA FF . -52.35 -0.22 -23.38
C4 CLA FF . -51.35 -1.26 -23.79
C5 CLA FF . -52.08 0.66 -22.20
MG CLA GF . -71.09 1.20 -18.30
CHA CLA GF . -72.96 0.49 -15.44
CHB CLA GF . -68.59 2.25 -16.21
CHC CLA GF . -69.36 1.70 -21.01
CHD CLA GF . -73.83 -0.11 -20.27
NA CLA GF . -70.78 1.35 -16.07
C1A CLA GF . -71.60 1.05 -15.17
C2A CLA GF . -71.10 1.38 -13.81
C3A CLA GF . -69.67 1.89 -14.06
C4A CLA GF . -69.67 1.83 -15.55
CMA CLA GF . -69.33 3.27 -13.55
CAA CLA GF . -71.22 0.35 -12.69
CBA CLA GF . -71.76 1.09 -11.46
CGA CLA GF . -71.13 2.45 -11.19
O1A CLA GF . -69.94 2.62 -11.00
O2A CLA GF . -71.80 3.59 -11.17
NB CLA GF . -69.20 1.89 -18.56
C1B CLA GF . -68.32 2.30 -17.64
C2B CLA GF . -67.05 2.80 -18.21
C3B CLA GF . -67.31 2.63 -19.62
C4B CLA GF . -68.66 2.06 -19.76
CMB CLA GF . -65.81 3.34 -17.56
CAB CLA GF . -66.39 2.97 -20.70
CBB CLA GF . -66.74 2.79 -21.94
NC CLA GF . -71.54 0.82 -20.33
C1C CLA GF . -70.70 1.14 -21.29
C2C CLA GF . -71.19 0.87 -22.66
C3C CLA GF . -72.52 0.34 -22.41
C4C CLA GF . -72.62 0.36 -20.95
CMC CLA GF . -70.50 1.12 -23.98
CAC CLA GF . -73.56 -0.13 -23.39
CBC CLA GF . -74.29 -1.32 -22.82
ND CLA GF . -72.94 0.36 -18.09
C1D CLA GF . -73.95 -0.08 -18.83
C2D CLA GF . -75.14 -0.54 -18.08
C3D CLA GF . -74.67 -0.28 -16.73
C4D CLA GF . -73.44 0.22 -16.80
CMD CLA GF . -76.50 -1.12 -18.36
CAD CLA GF . -75.13 -0.40 -15.35
OBD CLA GF . -76.37 -0.33 -15.04
CBD CLA GF . -74.03 0.09 -14.46
CGD CLA GF . -74.54 1.23 -13.66
O1D CLA GF . -74.97 2.24 -14.17
O2D CLA GF . -74.52 1.14 -12.22
CED CLA GF . -75.74 1.30 -11.51
C1 CLA GF . -73.12 3.82 -12.04
C2 CLA GF . -73.06 4.43 -13.43
C3 CLA GF . -74.08 5.04 -14.04
C4 CLA GF . -73.84 5.62 -15.39
C5 CLA GF . -75.40 5.25 -13.37
C6 CLA GF . -76.51 4.44 -14.04
C7 CLA GF . -76.40 4.37 -15.55
C8 CLA GF . -76.71 3.00 -16.09
C9 CLA GF . -75.50 2.44 -16.81
C10 CLA GF . -77.92 3.16 -17.00
C11 CLA GF . -78.03 2.10 -18.07
C12 CLA GF . -78.12 2.78 -19.42
C13 CLA GF . -79.01 2.00 -20.37
C14 CLA GF . -79.35 2.88 -21.56
C15 CLA GF . -80.27 1.45 -19.71
C16 CLA GF . -80.82 2.36 -18.61
C17 CLA GF . -82.20 1.96 -18.11
C18 CLA GF . -82.64 2.96 -17.05
C19 CLA GF . -82.54 4.39 -17.58
C20 CLA GF . -84.04 2.68 -16.51
MG CLA HF . -81.74 7.25 -10.43
CHA CLA HF . -83.88 9.14 -8.37
CHB CLA HF . -82.27 9.56 -12.86
CHC CLA HF . -79.60 5.44 -12.25
CHD CLA HF . -81.24 4.98 -7.66
NA CLA HF . -82.94 9.16 -10.61
C1A CLA HF . -83.69 9.72 -9.75
C2A CLA HF . -84.38 10.96 -10.22
C3A CLA HF . -83.84 11.06 -11.66
C4A CLA HF . -82.95 9.85 -11.73
CMA CLA HF . -84.99 10.99 -12.65
CAA CLA HF . -84.01 12.23 -9.43
CBA CLA HF . -84.30 13.49 -10.24
CGA CLA HF . -84.56 14.70 -9.38
O1A CLA HF . -85.32 14.72 -8.43
O2A CLA HF . -84.02 15.89 -9.58
NB CLA HF . -81.01 7.48 -12.31
C1B CLA HF . -81.35 8.44 -13.18
C2B CLA HF . -80.67 8.28 -14.50
C3B CLA HF . -79.90 7.07 -14.29
C4B CLA HF . -80.18 6.63 -12.90
CMB CLA HF . -80.73 9.12 -15.74
CAB CLA HF . -79.01 6.41 -15.25
CBB CLA HF . -77.78 6.86 -15.32
NC CLA HF . -80.58 5.49 -10.00
C1C CLA HF . -79.80 4.91 -10.90
C2C CLA HF . -79.11 3.68 -10.47
C3C CLA HF . -79.58 3.54 -9.10
C4C CLA HF . -80.49 4.69 -8.92
CMC CLA HF . -78.17 2.81 -11.24
CAC CLA HF . -79.21 2.47 -8.12
CBC CLA HF . -78.51 1.34 -8.83
ND CLA HF . -82.31 7.00 -8.48
C1D CLA HF . -82.13 6.13 -7.49
C2D CLA HF . -82.87 6.44 -6.23
C3D CLA HF . -83.56 7.67 -6.67
C4D CLA HF . -83.20 7.91 -7.93
CMD CLA HF . -83.05 5.87 -4.85
CAD CLA HF . -84.49 8.70 -6.15
OBD CLA HF . -84.68 9.03 -4.92
CBD CLA HF . -84.74 9.65 -7.24
CGD CLA HF . -86.18 9.35 -7.46
O1D CLA HF . -86.96 9.69 -6.60
O2D CLA HF . -86.66 8.62 -8.63
CED CLA HF . -87.97 8.84 -9.12
O1 LHG IF . -54.80 35.74 -28.96
C1 LHG IF . -55.14 34.99 -27.79
C2 LHG IF . -56.60 34.58 -27.84
O2 LHG IF . -57.16 34.74 -26.53
C3 LHG IF . -56.71 33.10 -28.08
O3 LHG IF . -57.52 32.64 -27.03
P LHG IF . -58.13 31.20 -27.14
O4 LHG IF . -59.62 31.16 -27.18
O5 LHG IF . -57.34 30.47 -28.16
O6 LHG IF . -57.66 30.78 -25.69
C4 LHG IF . -58.40 29.85 -24.91
C5 LHG IF . -57.54 29.29 -23.80
C6 LHG IF . -56.88 28.06 -24.37
O7 LHG IF . -56.56 30.24 -23.45
C7 LHG IF . -55.56 29.78 -22.52
O9 LHG IF . -54.83 28.89 -22.84
C8 LHG IF . -55.40 30.42 -21.19
C9 LHG IF . -53.93 30.45 -20.83
C10 LHG IF . -53.55 29.35 -19.86
O8 LHG IF . -57.83 27.04 -24.66
C23 LHG IF . -57.78 25.81 -23.90
O10 LHG IF . -58.81 25.32 -23.54
C24 LHG IF . -56.48 25.15 -23.58
C11 LHG IF . -52.13 29.52 -19.35
C12 LHG IF . -52.07 30.15 -17.98
C13 LHG IF . -52.10 29.13 -16.84
C14 LHG IF . -51.40 29.71 -15.63
C15 LHG IF . -51.71 28.98 -14.32
C16 LHG IF . -50.44 28.80 -13.49
C17 LHG IF . -50.73 28.46 -12.04
C18 LHG IF . -51.81 27.39 -11.95
C19 LHG IF . -51.90 26.89 -10.51
C20 LHG IF . -50.54 26.50 -9.97
C21 LHG IF . -49.76 27.72 -9.47
C22 LHG IF . -48.97 27.39 -8.22
C25 LHG IF . -56.28 24.98 -22.07
C26 LHG IF . -54.82 25.17 -21.71
C27 LHG IF . -54.56 24.89 -20.25
C28 LHG IF . -53.17 25.37 -19.83
C29 LHG IF . -52.49 24.36 -18.93
C30 LHG IF . -52.71 24.62 -17.44
C31 LHG IF . -51.46 24.25 -16.65
C32 LHG IF . -51.80 23.99 -15.18
C33 LHG IF . -50.55 23.98 -14.33
C34 LHG IF . -50.66 22.94 -13.22
C35 LHG IF . -49.36 22.75 -12.46
C36 LHG IF . -49.57 22.64 -10.96
C37 LHG IF . -48.42 23.25 -10.16
C38 LHG IF . -48.90 24.30 -9.17
MG CLA JF . 10.86 64.11 2.88
CHA CLA JF . 14.21 65.03 2.64
CHB CLA JF . 10.60 64.90 -0.39
CHC CLA JF . 7.71 63.13 3.17
CHD CLA JF . 11.42 63.25 6.32
NA CLA JF . 12.24 64.87 1.29
C1A CLA JF . 13.45 65.18 1.39
C2A CLA JF . 14.08 65.69 0.15
C3A CLA JF . 12.89 65.63 -0.80
C4A CLA JF . 11.84 65.11 0.08
NB CLA JF . 9.35 64.01 1.53
C1B CLA JF . 9.39 64.37 0.26
C2B CLA JF . 8.09 64.24 -0.46
C3B CLA JF . 7.28 63.71 0.65
C4B CLA JF . 8.13 63.61 1.85
NC CLA JF . 9.76 63.29 4.52
C1C CLA JF . 8.47 62.98 4.44
C2C CLA JF . 7.84 62.48 5.68
C3C CLA JF . 8.96 62.51 6.60
C4C CLA JF . 10.08 63.03 5.79
ND CLA JF . 12.36 64.06 4.25
C1D CLA JF . 12.54 63.77 5.52
C2D CLA JF . 13.91 64.00 6.04
C3D CLA JF . 14.52 64.50 4.83
C4D CLA JF . 13.59 64.53 3.87
CAD CLA JF . 15.82 64.99 4.33
CBD CLA JF . 15.65 65.34 2.89
MG CLA KF . 22.19 64.41 12.26
CHA CLA KF . 19.87 66.17 10.44
CHB CLA KF . 19.69 63.72 14.47
CHC CLA KF . 24.42 62.64 13.92
CHD CLA KF . 24.66 65.18 9.72
NA CLA KF . 20.00 64.87 12.45
C1A CLA KF . 19.31 65.56 11.67
C2A CLA KF . 17.91 65.74 12.14
C3A CLA KF . 17.87 64.90 13.42
C4A CLA KF . 19.29 64.47 13.47
CMA CLA KF . 17.49 65.65 14.66
CAA CLA KF . 16.82 65.37 11.17
CBA CLA KF . 15.49 65.27 11.92
CGA CLA KF . 15.28 66.31 12.98
O1A CLA KF . 15.94 67.29 13.09
O2A CLA KF . 14.33 66.32 13.89
NB CLA KF . 22.06 63.31 13.96
C1B CLA KF . 21.00 63.15 14.74
C2B CLA KF . 21.27 62.34 15.94
C3B CLA KF . 22.68 62.02 15.77
C4B CLA KF . 23.08 62.67 14.50
CMB CLA KF . 20.32 61.95 17.02
CAB CLA KF . 23.55 61.21 16.64
CBB CLA KF . 24.84 61.44 16.71
NC CLA KF . 24.22 63.97 11.84
C1C CLA KF . 24.95 63.25 12.68
C2C CLA KF . 26.36 63.05 12.34
C3C CLA KF . 26.44 63.80 11.10
C4C CLA KF . 25.07 64.34 10.86
CMC CLA KF . 27.42 62.30 13.08
CAC CLA KF . 27.72 63.92 10.31
CBC CLA KF . 28.83 64.15 11.31
ND CLA KF . 22.38 65.37 10.48
C1D CLA KF . 23.30 65.68 9.57
C2D CLA KF . 22.81 66.54 8.45
C3D CLA KF . 21.43 66.68 8.87
C4D CLA KF . 21.26 66.03 10.00
CMD CLA KF . 23.34 67.18 7.22
CAD CLA KF . 20.18 67.34 8.46
OBD CLA KF . 20.01 68.02 7.39
CBD CLA KF . 19.12 66.97 9.45
CGD CLA KF . 18.43 68.06 10.13
O1D CLA KF . 18.97 68.68 11.00
O2D CLA KF . 17.06 68.32 9.79
CED CLA KF . 16.82 68.83 8.50
C1 CLA KF . 13.16 67.36 13.56
C2 CLA KF . 13.21 68.12 12.26
C3 CLA KF . 12.30 69.04 11.94
C4 CLA KF . 11.18 69.32 12.88
C5 CLA KF . 12.38 69.78 10.65
C6 CLA KF . 11.00 69.71 10.05
C7 CLA KF . 10.41 71.09 9.85
C8 CLA KF . 9.65 71.54 11.08
C9 CLA KF . 8.53 70.57 11.42
C10 CLA KF . 9.06 72.92 10.78
C11 CLA KF . 10.14 73.98 10.82
C12 CLA KF . 10.44 74.43 12.24
C13 CLA KF . 11.80 73.90 12.66
C14 CLA KF . 11.98 74.07 14.17
C15 CLA KF . 12.86 74.68 11.89
MG CLA LF . 23.34 48.71 26.96
CHA CLA LF . 24.15 45.96 28.94
CHB CLA LF . 21.36 46.62 25.16
CHC CLA LF . 22.50 51.40 25.18
CHD CLA LF . 25.44 50.75 29.10
NA CLA LF . 22.80 46.52 27.04
C1A CLA LF . 23.21 45.65 27.84
C2A CLA LF . 22.72 44.26 27.60
C3A CLA LF . 21.82 44.51 26.39
C4A CLA LF . 21.98 45.98 26.17
CMA CLA LF . 22.43 43.80 25.20
CAA CLA LF . 22.00 43.71 28.85
CBA CLA LF . 20.60 43.15 28.64
CGA CLA LF . 20.62 41.79 27.98
O1A CLA LF . 19.64 41.15 27.68
O2A CLA LF . 21.72 41.16 27.65
NB CLA LF . 22.08 48.97 25.39
C1B CLA LF . 21.36 48.05 24.76
C2B CLA LF . 20.59 48.59 23.61
C3B CLA LF . 20.97 49.99 23.66
C4B CLA LF . 21.89 50.13 24.78
CMB CLA LF . 19.69 47.92 22.64
CAB CLA LF . 20.55 51.10 22.79
CBB CLA LF . 21.44 51.96 22.34
NC CLA LF . 23.88 50.77 27.13
C1C CLA LF . 23.44 51.68 26.28
C2C CLA LF . 23.93 53.04 26.48
C3C CLA LF . 24.80 52.87 27.65
C4C CLA LF . 24.71 51.42 27.98
CMC CLA LF . 23.55 54.25 25.66
CAC CLA LF . 25.61 53.94 28.36
CBC CLA LF . 26.14 53.45 29.69
ND CLA LF . 24.53 48.57 28.65
C1D CLA LF . 25.32 49.32 29.41
C2D CLA LF . 26.02 48.57 30.50
C3D CLA LF . 25.50 47.23 30.25
C4D CLA LF . 24.69 47.31 29.21
CMD CLA LF . 27.00 48.77 31.63
CAD CLA LF . 25.57 45.86 30.78
OBD CLA LF . 25.70 45.58 32.02
CBD CLA LF . 24.76 45.00 29.91
CGD CLA LF . 25.90 44.33 29.19
O1D CLA LF . 26.20 44.52 28.01
O2D CLA LF . 26.78 43.44 29.92
CED CLA LF . 28.10 43.25 29.45
C1 CLA LF . 21.81 40.37 26.28
C2 CLA LF . 20.70 39.43 25.89
C3 CLA LF . 20.95 38.12 25.73
C4 CLA LF . 22.33 37.58 25.95
C5 CLA LF . 19.81 37.21 25.31
C6 CLA LF . 20.21 36.37 24.11
C7 CLA LF . 21.29 35.36 24.47
C8 CLA LF . 20.68 34.14 25.11
C9 CLA LF . 19.74 34.52 26.23
C10 CLA LF . 21.79 33.24 25.62
C11 CLA LF . 21.63 31.80 25.15
C12 CLA LF . 22.83 31.37 24.33
C13 CLA LF . 22.80 32.06 22.97
C14 CLA LF . 23.06 33.56 23.08
C15 CLA LF . 21.46 31.79 22.31
C16 CLA LF . 21.42 32.41 20.92
C17 CLA LF . 19.99 32.42 20.38
C18 CLA LF . 19.48 33.82 20.11
C19 CLA LF . 20.30 34.54 19.05
C20 CLA LF . 18.01 33.77 19.71
MG CLA MF . 19.22 49.27 3.97
CHA CLA MF . 21.32 49.38 1.23
CHB CLA MF . 16.73 48.42 1.79
CHC CLA MF . 17.30 49.04 6.65
CHD CLA MF . 22.03 50.05 6.07
NA CLA MF . 19.02 48.92 1.74
C1A CLA MF . 19.92 49.03 0.88
C2A CLA MF . 19.46 48.77 -0.51
C3A CLA MF . 17.99 48.48 -0.30
C4A CLA MF . 17.90 48.60 1.17
CMA CLA MF . 17.17 49.59 -0.90
CAA CLA MF . 20.12 47.49 -1.00
CBA CLA MF . 19.86 46.33 -0.05
CGA CLA MF . 18.88 45.35 -0.63
O1A CLA MF . 19.12 44.62 -1.56
O2A CLA MF . 17.65 45.15 -0.24
NB CLA MF . 17.27 48.77 4.19
C1B CLA MF . 16.39 48.49 3.23
C2B CLA MF . 15.04 48.23 3.75
C3B CLA MF . 15.25 48.42 5.17
C4B CLA MF . 16.66 48.75 5.36
CMB CLA MF . 13.79 47.87 3.01
CAB CLA MF . 14.25 48.31 6.23
CBB CLA MF . 13.13 48.92 6.00
NC CLA MF . 19.63 49.50 6.04
C1C CLA MF . 18.69 49.39 6.98
C2C CLA MF . 19.12 49.63 8.35
C3C CLA MF . 20.53 49.93 8.16
C4C CLA MF . 20.72 49.82 6.71
CMC CLA MF . 18.32 49.58 9.61
CAC CLA MF . 21.56 50.27 9.18
CBC CLA MF . 22.46 49.07 9.34
ND CLA MF . 21.22 49.63 3.85
C1D CLA MF . 22.24 49.94 4.63
C2D CLA MF . 23.53 50.16 3.94
C3D CLA MF . 23.09 49.92 2.57
C4D CLA MF . 21.79 49.63 2.60
CMD CLA MF . 24.94 50.49 4.27
CAD CLA MF . 23.60 49.89 1.20
CBD CLA MF . 22.48 49.54 0.31
CGD CLA MF . 22.05 50.71 -0.47
O1D CLA MF . 21.30 50.56 -1.38
O2D CLA MF . 22.45 52.03 -0.10
CED CLA MF . 21.51 53.07 -0.40
C1 CLA MF . 17.28 45.12 1.31
C2 CLA MF . 16.76 43.92 2.08
C3 CLA MF . 15.80 44.08 2.99
C4 CLA MF . 15.22 45.42 3.25
C5 CLA MF . 15.28 42.93 3.79
C6 CLA MF . 16.00 42.91 5.12
C7 CLA MF . 15.14 42.27 6.20
C8 CLA MF . 15.92 41.26 7.00
C9 CLA MF . 15.20 39.94 6.96
C10 CLA MF . 16.05 41.74 8.43
C11 CLA MF . 17.29 41.15 9.10
C12 CLA MF . 17.46 41.63 10.54
C13 CLA MF . 18.77 42.37 10.79
C14 CLA MF . 19.97 41.58 10.37
C15 CLA MF . 18.89 42.68 12.27
MG CLA NF . 9.05 45.90 8.34
CHA CLA NF . 7.63 45.23 5.26
CHB CLA NF . 11.79 44.28 7.28
CHC CLA NF . 10.34 46.72 11.30
CHD CLA NF . 6.06 47.69 9.23
NA CLA NF . 9.67 44.86 6.45
C1A CLA NF . 9.00 44.68 5.40
C2A CLA NF . 9.72 43.89 4.35
C3A CLA NF . 11.04 43.62 5.05
C4A CLA NF . 10.84 44.29 6.35
CMA CLA NF . 11.16 42.15 5.37
CAA CLA NF . 9.95 44.75 3.12
CBA CLA NF . 11.11 44.26 2.27
CGA CLA NF . 10.91 42.83 1.85
O1A CLA NF . 9.84 42.38 1.52
O2A CLA NF . 11.87 41.95 1.78
NB CLA NF . 10.85 45.56 9.17
C1B CLA NF . 11.83 44.86 8.64
C2B CLA NF . 13.01 44.73 9.54
C3B CLA NF . 12.55 45.46 10.70
C4B CLA NF . 11.19 45.93 10.40
CMB CLA NF . 14.31 44.05 9.32
CAB CLA NF . 13.28 45.68 11.96
CBB CLA NF . 12.96 44.98 13.00
NC CLA NF . 8.30 47.03 9.97
C1C CLA NF . 8.98 47.22 11.09
C2C CLA NF . 8.32 47.98 12.13
C3C CLA NF . 7.05 48.27 11.50
C4C CLA NF . 7.14 47.64 10.19
CMC CLA NF . 8.84 48.38 13.46
CAC CLA NF . 5.88 49.03 12.04
CBC CLA NF . 5.89 50.40 11.40
ND CLA NF . 7.24 46.44 7.58
C1D CLA NF . 6.15 47.08 7.93
C2D CLA NF . 5.08 47.10 6.91
C3D CLA NF . 5.76 46.34 5.89
C4D CLA NF . 6.96 46.00 6.31
CMD CLA NF . 3.70 47.63 6.71
CAD CLA NF . 5.50 45.86 4.55
OBD CLA NF . 4.34 45.67 4.12
CBD CLA NF . 6.71 45.14 4.08
CGD CLA NF . 6.40 43.76 3.66
O1D CLA NF . 5.32 43.25 3.92
O2D CLA NF . 7.40 43.02 2.93
CED CLA NF . 7.16 42.66 1.57
C1 CLA NF . 11.64 40.37 1.67
C2 CLA NF . 11.12 39.50 2.80
C3 CLA NF . 11.76 38.38 3.17
C4 CLA NF . 13.04 37.96 2.52
C5 CLA NF . 11.25 37.53 4.32
C6 CLA NF . 10.03 36.69 3.98
C7 CLA NF . 9.04 36.66 5.15
C8 CLA NF . 9.28 35.50 6.11
C9 CLA NF . 8.42 34.31 5.70
C10 CLA NF . 8.99 35.95 7.54
C11 CLA NF . 8.63 34.82 8.51
C12 CLA NF . 8.36 35.34 9.92
C13 CLA NF . 6.92 35.16 10.38
C14 CLA NF . 6.33 33.82 9.95
C15 CLA NF . 6.06 36.32 9.89
C16 CLA NF . 4.92 36.69 10.84
C17 CLA NF . 5.30 37.85 11.77
C18 CLA NF . 4.22 38.93 11.92
C19 CLA NF . 4.50 40.12 11.02
C20 CLA NF . 2.81 38.42 11.67
MG CLA OF . -0.80 62.67 18.88
CHA CLA OF . -3.28 64.61 17.34
CHB CLA OF . -3.27 61.36 20.78
CHC CLA OF . 1.63 60.75 20.20
CHD CLA OF . 1.61 64.11 16.66
NA CLA OF . -3.05 62.93 19.06
C1A CLA OF . -3.79 63.71 18.41
C2A CLA OF . -5.22 63.74 18.79
C3A CLA OF . -5.22 62.66 19.88
C4A CLA OF . -3.77 62.28 19.93
CMA CLA OF . -5.70 63.27 21.19
CAA CLA OF . -6.21 63.55 17.66
CBA CLA OF . -7.60 63.30 18.25
CGA CLA OF . -8.18 64.45 19.01
O1A CLA OF . -8.87 65.31 18.52
O2A CLA OF . -8.06 64.64 20.30
NB CLA OF . -0.83 61.22 20.30
C1B CLA OF . -1.90 60.83 20.99
C2B CLA OF . -1.54 59.80 21.99
C3B CLA OF . -0.10 59.65 21.78
C4B CLA OF . 0.27 60.58 20.72
CMB CLA OF . -2.46 59.10 22.96
CAB CLA OF . 0.85 58.75 22.47
CBB CLA OF . 1.37 57.76 21.80
NC CLA OF . 1.30 62.45 18.46
C1C CLA OF . 2.11 61.64 19.14
C2C CLA OF . 3.53 61.70 18.77
C3C CLA OF . 3.51 62.69 17.71
C4C CLA OF . 2.09 63.09 17.60
CMC CLA OF . 4.72 60.99 19.34
CAC CLA OF . 4.68 63.23 16.95
CBC CLA OF . 5.46 64.16 17.86
ND CLA OF . -0.68 64.01 17.33
C1D CLA OF . 0.22 64.55 16.53
C2D CLA OF . -0.31 65.58 15.59
C3D CLA OF . -1.72 65.54 15.97
C4D CLA OF . -1.85 64.65 16.96
CMD CLA OF . 0.18 66.48 14.49
CAD CLA OF . -3.03 66.16 15.65
OBD CLA OF . -3.17 67.28 15.05
CBD CLA OF . -4.06 65.58 16.54
CGD CLA OF . -4.51 66.68 17.47
O1D CLA OF . -5.34 67.51 17.13
O2D CLA OF . -3.97 66.78 18.81
CED CLA OF . -4.82 66.70 19.95
C1 CLA OF . -9.41 64.73 21.13
C2 CLA OF . -10.70 64.61 20.37
C3 CLA OF . -11.85 64.34 21.00
C4 CLA OF . -11.86 64.16 22.49
C5 CLA OF . -13.12 64.18 20.20
C6 CLA OF . -14.34 64.29 21.09
C7 CLA OF . -15.63 64.55 20.31
C8 CLA OF . -15.42 65.37 19.03
C9 CLA OF . -16.66 66.19 18.68
C10 CLA OF . -15.02 64.45 17.89
C11 CLA OF . -13.89 65.04 17.08
C12 CLA OF . -12.57 64.36 17.41
MG CLA PF . 28.57 61.34 9.16
CHA CLA PF . 26.38 63.02 7.02
CHB CLA PF . 31.07 62.67 7.38
CHC CLA PF . 30.57 59.79 11.32
CHD CLA PF . 25.71 60.11 10.99
NA CLA PF . 28.71 62.72 7.38
C1A CLA PF . 27.80 63.23 6.70
C2A CLA PF . 28.25 64.05 5.54
C3A CLA PF . 29.75 63.91 5.70
C4A CLA PF . 29.87 63.05 6.90
CMA CLA PF . 30.28 63.12 4.53
CAA CLA PF . 27.79 65.51 5.63
CBA CLA PF . 28.75 66.46 4.90
CGA CLA PF . 28.64 66.48 3.38
O1A CLA PF . 28.50 65.50 2.67
O2A CLA PF . 28.71 67.59 2.66
NB CLA PF . 30.59 61.25 9.34
C1B CLA PF . 31.46 61.83 8.53
C2B CLA PF . 32.86 61.52 8.91
C3B CLA PF . 32.66 60.66 10.07
C4B CLA PF . 31.22 60.55 10.26
CMB CLA PF . 34.13 61.96 8.27
CAB CLA PF . 33.67 60.02 10.92
CBB CLA PF . 33.63 58.72 11.06
NC CLA PF . 28.17 60.16 10.89
C1C CLA PF . 29.13 59.61 11.60
C2C CLA PF . 28.73 58.78 12.73
C3C CLA PF . 27.28 58.89 12.65
C4C CLA PF . 27.04 59.75 11.47
CMC CLA PF . 29.58 58.04 13.71
CAC CLA PF . 26.27 58.25 13.54
CBC CLA PF . 26.01 59.19 14.69
ND CLA PF . 26.54 61.45 9.16
C1D CLA PF . 25.50 60.98 9.83
C2D CLA PF . 24.18 61.38 9.30
C3D CLA PF . 24.62 62.20 8.17
C4D CLA PF . 25.94 62.20 8.15
CMD CLA PF . 22.73 61.17 9.60
CAD CLA PF . 24.08 63.02 7.07
OBD CLA PF . 22.85 63.19 6.79
CBD CLA PF . 25.20 63.56 6.28
CGD CLA PF . 25.12 62.85 4.98
O1D CLA PF . 25.23 61.65 4.93
O2D CLA PF . 24.91 63.59 3.77
CED CLA PF . 24.00 64.68 3.76
C1 CLA PF . 28.21 67.71 1.16
C2 CLA PF . 29.12 68.34 0.14
C3 CLA PF . 28.76 69.47 -0.48
C4 CLA PF . 27.47 70.19 -0.21
C5 CLA PF . 29.74 70.08 -1.44
C6 CLA PF . 30.80 70.75 -0.56
C7 CLA PF . 30.18 71.80 0.36
C8 CLA PF . 30.89 71.81 1.70
C9 CLA PF . 30.29 72.91 2.56
C10 CLA PF . 32.37 72.05 1.47
MG CLA QF . 29.41 55.33 25.26
CHA CLA QF . 32.20 56.01 27.11
CHB CLA QF . 28.70 58.64 25.46
CHC CLA QF . 26.80 54.61 23.35
CHD CLA QF . 30.46 51.85 25.11
NA CLA QF . 30.35 57.16 26.19
C1A CLA QF . 31.40 57.23 26.86
C2A CLA QF . 31.74 58.59 27.40
C3A CLA QF . 30.59 59.40 26.82
C4A CLA QF . 29.82 58.35 26.11
CMA CLA QF . 29.69 60.06 27.87
CAA CLA QF . 33.12 59.04 26.91
CBA CLA QF . 33.18 60.45 26.30
CGA CLA QF . 34.29 61.34 26.84
O1A CLA QF . 35.50 61.18 26.68
O2A CLA QF . 34.05 62.41 27.59
NB CLA QF . 27.94 56.48 24.49
C1B CLA QF . 27.78 57.79 24.69
C2B CLA QF . 26.58 58.33 24.03
C3B CLA QF . 26.05 57.13 23.42
C4B CLA QF . 26.95 56.02 23.76
CMB CLA QF . 26.10 59.76 24.02
CAB CLA QF . 24.85 57.01 22.60
CBB CLA QF . 24.92 57.30 21.33
NC CLA QF . 28.77 53.51 24.36
C1C CLA QF . 27.66 53.43 23.65
C2C CLA QF . 27.33 52.08 23.17
C3C CLA QF . 28.42 51.29 23.69
C4C CLA QF . 29.24 52.26 24.41
CMC CLA QF . 26.16 51.63 22.35
CAC CLA QF . 28.71 49.82 23.57
CBC CLA QF . 29.15 49.33 24.93
ND CLA QF . 30.91 54.09 25.86
C1D CLA QF . 31.27 52.81 25.84
C2D CLA QF . 32.52 52.48 26.58
C3D CLA QF . 32.81 53.82 27.05
C4D CLA QF . 31.89 54.67 26.62
CMD CLA QF . 33.38 51.31 26.91
CAD CLA QF . 33.82 54.52 27.85
OBD CLA QF . 34.45 53.89 28.77
CBD CLA QF . 33.41 55.95 27.94
CGD CLA QF . 32.76 56.12 29.30
O1D CLA QF . 33.20 55.53 30.27
O2D CLA QF . 31.57 56.95 29.55
CED CLA QF . 30.80 56.75 30.73
C1 CLA QF . 32.77 62.45 28.58
C2 CLA QF . 31.39 62.83 28.11
C3 CLA QF . 30.40 63.23 28.95
C4 CLA QF . 29.07 63.58 28.33
C5 CLA QF . 30.62 63.32 30.44
C6 CLA QF . 29.51 64.16 31.09
C7 CLA QF . 29.45 64.02 32.61
C8 CLA QF . 28.20 64.65 33.25
C9 CLA QF . 27.52 65.71 32.39
C10 CLA QF . 28.57 65.19 34.63
C11 CLA QF . 27.98 64.32 35.76
C12 CLA QF . 28.65 64.54 37.11
C13 CLA QF . 28.93 63.22 37.82
C14 CLA QF . 28.90 63.35 39.34
C15 CLA QF . 30.26 62.63 37.35
C16 CLA QF . 31.38 63.66 37.33
C17 CLA QF . 31.56 64.20 38.74
C18 CLA QF . 32.77 65.10 38.84
C19 CLA QF . 32.35 66.57 38.88
C20 CLA QF . 33.60 64.73 40.06
MG CLA RF . 31.56 50.64 7.58
CHA CLA RF . 35.04 50.78 7.59
CHB CLA RF . 31.61 53.76 6.34
CHC CLA RF . 28.27 50.37 7.44
CHD CLA RF . 31.78 47.22 8.75
NA CLA RF . 33.16 52.13 7.02
C1A CLA RF . 34.42 52.02 7.10
C2A CLA RF . 35.16 53.27 6.68
C3A CLA RF . 34.01 54.18 6.31
C4A CLA RF . 32.84 53.30 6.57
CMA CLA RF . 33.90 55.33 7.30
CAA CLA RF . 36.04 53.16 5.42
CBA CLA RF . 35.30 52.96 4.09
CGA CLA RF . 35.59 53.94 2.95
O1A CLA RF . 35.68 53.63 1.77
O2A CLA RF . 35.73 55.24 3.06
NB CLA RF . 30.12 51.91 6.95
C1B CLA RF . 30.30 53.13 6.52
C2B CLA RF . 29.04 53.83 6.21
C3B CLA RF . 28.07 52.81 6.54
C4B CLA RF . 28.83 51.65 7.00
CMB CLA RF . 28.85 55.22 5.68
CAB CLA RF . 26.61 52.88 6.45
CBB CLA RF . 26.02 54.04 6.24
NC CLA RF . 30.25 49.03 8.02
C1C CLA RF . 28.94 49.15 7.92
C2C CLA RF . 28.17 47.98 8.31
C3C CLA RF . 29.22 47.05 8.69
C4C CLA RF . 30.46 47.79 8.47
CMC CLA RF . 26.68 47.82 8.29
CAC CLA RF . 29.11 45.65 9.21
CBC CLA RF . 29.41 45.72 10.69
ND CLA RF . 32.95 49.23 8.05
C1D CLA RF . 33.01 47.98 8.53
C2D CLA RF . 34.37 47.46 8.79
C3D CLA RF . 35.14 48.63 8.39
C4D CLA RF . 34.29 49.59 8.00
CMD CLA RF . 35.00 46.20 9.30
CAD CLA RF . 36.53 49.11 8.28
OBD CLA RF . 37.58 48.41 8.44
CBD CLA RF . 36.49 50.49 7.75
CGD CLA RF . 37.05 51.42 8.72
O1D CLA RF . 38.23 51.70 8.66
O2D CLA RF . 36.18 51.96 9.75
CED CLA RF . 35.42 53.15 9.53
C1 CLA RF . 36.96 55.95 2.31
MG CLA SF . 1.11 49.83 19.86
CHA CLA SF . 1.06 48.16 22.91
CHB CLA SF . 4.43 49.08 19.78
CHC CLA SF . 1.09 51.29 16.89
CHD CLA SF . -2.42 50.36 20.14
NA CLA SF . 2.59 48.73 21.18
C1A CLA SF . 2.38 48.19 22.29
C2A CLA SF . 3.56 47.60 22.96
C3A CLA SF . 4.63 47.90 21.92
C4A CLA SF . 3.85 48.62 20.88
CMA CLA SF . 5.66 48.86 22.47
CAA CLA SF . 3.32 46.10 23.05
CBA CLA SF . 4.61 45.32 23.14
CGA CLA SF . 4.32 43.86 23.35
O1A CLA SF . 5.17 43.01 23.44
O2A CLA SF . 3.11 43.32 23.42
NB CLA SF . 2.58 50.13 18.50
C1B CLA SF . 3.86 49.80 18.63
C2B CLA SF . 4.67 50.22 17.48
C3B CLA SF . 3.67 50.88 16.64
C4B CLA SF . 2.39 50.78 17.36
CMB CLA SF . 6.14 50.01 17.27
CAB CLA SF . 3.84 51.52 15.34
CBB CLA SF . 4.48 50.88 14.40
NC CLA SF . -0.45 50.69 18.70
C1C CLA SF . -0.24 51.26 17.52
C2C CLA SF . -1.41 51.86 16.88
C3C CLA SF . -2.45 51.56 17.85
C4C CLA SF . -1.75 50.84 18.93
CMC CLA SF . -1.52 52.55 15.55
CAC CLA SF . -3.91 51.92 17.80
CBC CLA SF . -4.67 50.79 17.16
ND CLA SF . -0.43 49.42 21.10
C1D CLA SF . -1.72 49.66 21.21
C2D CLA SF . -2.33 49.13 22.45
C3D CLA SF . -1.15 48.56 23.07
C4D CLA SF . -0.12 48.75 22.27
CMD CLA SF . -3.66 49.03 23.14
CAD CLA SF . -0.76 47.83 24.27
OBD CLA SF . -1.46 47.80 25.33
CBD CLA SF . 0.68 47.55 24.21
CGD CLA SF . 1.36 48.26 25.34
O1D CLA SF . 2.55 48.17 25.46
O2D CLA SF . 0.56 49.04 26.28
CED CLA SF . -0.24 50.15 25.86
C1 CLA SF . 2.10 43.59 24.62
C2 CLA SF . 2.52 43.50 26.06
C3 CLA SF . 1.67 43.52 27.10
C4 CLA SF . 0.19 43.66 26.85
C5 CLA SF . 2.22 43.39 28.50
C6 CLA SF . 1.45 44.26 29.48
C7 CLA SF . 2.29 44.62 30.70
C8 CLA SF . 2.24 43.56 31.79
C9 CLA SF . 0.92 42.82 31.89
C10 CLA SF . 2.47 44.27 33.11
C11 CLA SF . 3.20 43.38 34.11
C12 CLA SF . 4.40 44.12 34.72
C13 CLA SF . 4.43 44.06 36.24
C14 CLA SF . 3.03 44.16 36.85
C15 CLA SF . 5.34 45.16 36.78
C16 CLA SF . 5.19 46.50 36.06
C17 CLA SF . 3.74 46.98 36.06
C18 CLA SF . 3.50 48.42 36.53
C19 CLA SF . 2.27 48.48 37.44
C20 CLA SF . 4.70 49.06 37.21
MG CLA TF . 0.29 60.34 0.43
CHA CLA TF . 3.36 59.95 2.02
CHB CLA TF . -0.90 61.35 3.42
CHC CLA TF . -2.56 60.83 -1.15
CHD CLA TF . 1.83 59.36 -2.64
NA CLA TF . 1.11 60.64 2.49
C1A CLA TF . 2.27 60.42 2.89
C2A CLA TF . 2.53 60.69 4.30
C3A CLA TF . 1.15 61.12 4.75
C4A CLA TF . 0.39 61.04 3.49
CMA CLA TF . 0.61 60.10 5.71
CAA CLA TF . 3.46 61.91 4.12
CBA CLA TF . 2.85 63.28 3.73
CGA CLA TF . 3.04 63.88 2.31
O1A CLA TF . 2.22 63.87 1.40
O2A CLA TF . 4.10 64.52 1.85
NB CLA TF . -1.49 61.03 1.06
C1B CLA TF . -1.82 61.36 2.29
C2B CLA TF . -3.25 61.75 2.39
C3B CLA TF . -3.70 61.58 1.03
C4B CLA TF . -2.55 61.12 0.27
CMB CLA TF . -4.03 62.20 3.58
CAB CLA TF . -5.04 61.82 0.50
CBB CLA TF . -5.47 61.07 -0.48
NC CLA TF . -0.24 60.13 -1.61
C1C CLA TF . -1.48 60.37 -2.02
C2C CLA TF . -1.73 60.14 -3.43
C3C CLA TF . -0.43 59.70 -3.88
C4C CLA TF . 0.42 59.73 -2.68
CMC CLA TF . -3.01 60.36 -4.16
CAC CLA TF . -0.03 59.32 -5.28
CBC CLA TF . -1.26 59.19 -6.15
ND CLA TF . 2.11 59.80 -0.29
C1D CLA TF . 2.64 59.41 -1.43
C2D CLA TF . 4.08 59.05 -1.34
C3D CLA TF . 4.30 59.30 0.08
C4D CLA TF . 3.16 59.71 0.60
CMD CLA TF . 5.18 58.57 -2.23
CAD CLA TF . 5.35 59.24 1.11
OBD CLA TF . 6.59 58.93 0.94
CBD CLA TF . 4.78 59.69 2.40
CGD CLA TF . 4.93 58.61 3.43
O1D CLA TF . 5.57 57.62 3.25
O2D CLA TF . 4.35 58.75 4.72
CED CLA TF . 5.21 58.43 5.80
C1 CLA TF . 4.01 65.83 0.90
C2 CLA TF . 2.77 66.61 0.53
C3 CLA TF . 2.84 67.90 0.14
C4 CLA TF . 4.18 68.53 0.07
C5 CLA TF . 1.64 68.76 -0.20
C6 CLA TF . 0.43 68.03 -0.75
C7 CLA TF . -0.84 68.44 0.00
C8 CLA TF . -2.14 68.14 -0.73
C9 CLA TF . -3.11 69.30 -0.59
C10 CLA TF . -2.79 66.86 -0.18
C11 CLA TF . -4.24 66.68 -0.61
C12 CLA TF . -4.46 65.43 -1.45
C13 CLA TF . -5.00 65.70 -2.85
C14 CLA TF . -6.51 65.55 -2.94
C15 CLA TF . -4.33 64.77 -3.83
MG CLA UF . 1.32 50.07 4.85
CHA CLA UF . 4.10 49.16 3.00
CHB CLA UF . -0.52 49.03 2.25
CHC CLA UF . -1.28 50.82 6.73
CHD CLA UF . 3.52 50.99 7.53
NA CLA UF . 1.71 49.18 2.84
C1A CLA UF . 2.81 48.94 2.31
C2A CLA UF . 2.75 48.39 0.94
C3A CLA UF . 1.26 48.36 0.73
C4A CLA UF . 0.77 48.89 2.02
CMA CLA UF . 0.93 49.39 -0.33
CAA CLA UF . 3.20 46.94 0.98
CBA CLA UF . 2.45 46.13 2.03
CGA CLA UF . 2.92 44.71 2.03
O1A CLA UF . 4.08 44.36 1.95
O2A CLA UF . 2.12 43.69 2.13
NB CLA UF . -0.66 49.92 4.52
C1B CLA UF . -1.25 49.51 3.42
C2B CLA UF . -2.72 49.59 3.49
C3B CLA UF . -2.91 50.12 4.81
C4B CLA UF . -1.57 50.30 5.39
CMB CLA UF . -3.73 49.21 2.46
CAB CLA UF . -4.18 50.42 5.46
CBB CLA UF . -5.15 49.56 5.26
NC CLA UF . 1.17 50.78 6.83
C1C CLA UF . 0.01 51.05 7.40
C2C CLA UF . 0.06 51.59 8.75
C3C CLA UF . 1.49 51.64 8.97
C4C CLA UF . 2.07 51.12 7.73
CMC CLA UF . -1.08 51.99 9.64
CAC CLA UF . 2.22 52.11 10.17
CBC CLA UF . 3.30 51.09 10.42
ND CLA UF . 3.30 50.10 5.32
C1D CLA UF . 4.11 50.48 6.30
C2D CLA UF . 5.56 50.33 6.02
C3D CLA UF . 5.48 49.78 4.67
C4D CLA UF . 4.19 49.70 4.35
CMD CLA UF . 6.89 50.55 6.69
CAD CLA UF . 6.34 49.32 3.57
OBD CLA UF . 7.59 49.12 3.61
CBD CLA UF . 5.46 48.90 2.46
CGD CLA UF . 5.70 49.75 1.27
O1D CLA UF . 5.16 50.81 1.12
O2D CLA UF . 6.62 49.29 0.28
CED CLA UF . 7.76 48.66 0.79
C1 CLA UF . 1.83 43.05 3.57
C2 CLA UF . 2.85 42.25 4.34
C3 CLA UF . 2.73 42.07 5.66
C4 CLA UF . 1.57 42.67 6.39
C5 CLA UF . 3.75 41.25 6.40
C6 CLA UF . 5.17 41.75 6.15
C7 CLA UF . 5.90 41.97 7.49
C8 CLA UF . 7.22 41.24 7.56
C9 CLA UF . 7.02 39.74 7.40
C10 CLA UF . 7.93 41.56 8.87
C11 CLA UF . 9.19 40.72 8.98
C12 CLA UF . 9.99 41.01 10.25
C13 CLA UF . 11.37 40.36 10.21
C14 CLA UF . 11.33 38.96 9.65
C15 CLA UF . 12.01 40.28 11.59
C16 CLA UF . 11.67 41.46 12.50
C17 CLA UF . 12.94 42.13 13.05
C18 CLA UF . 13.32 41.61 14.42
C19 CLA UF . 14.83 41.58 14.57
C20 CLA UF . 12.69 42.43 15.53
MG CLA VF . -3.53 57.67 15.63
CHA CLA VF . -6.14 59.98 15.36
CHB CLA VF . -3.01 58.11 12.35
CHC CLA VF . -0.98 55.59 16.02
CHD CLA VF . -4.19 57.48 19.16
NA CLA VF . -4.46 58.92 14.01
C1A CLA VF . -5.43 59.71 14.08
C2A CLA VF . -5.84 60.35 12.80
C3A CLA VF . -4.82 59.72 11.86
C4A CLA VF . -4.04 58.86 12.79
CMA CLA VF . -5.44 58.80 10.84
CAA CLA VF . -5.62 61.85 12.94
CBA CLA VF . -6.84 62.70 12.58
CGA CLA VF . -6.66 64.18 12.95
O1A CLA VF . -5.65 64.84 12.81
O2A CLA VF . -7.60 64.94 13.48
NB CLA VF . -2.16 56.95 14.34
C1B CLA VF . -2.10 57.19 13.04
C2B CLA VF . -1.01 56.46 12.36
C3B CLA VF . -0.45 55.73 13.49
C4B CLA VF . -1.21 56.08 14.67
CMB CLA VF . -0.59 56.45 10.93
CAB CLA VF . 0.68 54.81 13.46
CBB CLA VF . 1.27 54.59 14.59
NC CLA VF . -2.72 56.71 17.34
C1C CLA VF . -1.70 55.87 17.28
C2C CLA VF . -1.31 55.25 18.54
C3C CLA VF . -2.26 55.82 19.45
C4C CLA VF . -3.09 56.70 18.62
CMC CLA VF . -0.22 54.28 18.85
CAC CLA VF . -2.35 55.55 20.90
CBC CLA VF . -1.99 54.10 21.09
ND CLA VF . -4.75 58.46 17.04
C1D CLA VF . -5.00 58.35 18.33
C2D CLA VF . -6.12 59.16 18.83
C3D CLA VF . -6.53 59.79 17.58
C4D CLA VF . -5.73 59.35 16.62
CMD CLA VF . -6.81 59.44 20.12
CAD CLA VF . -7.52 60.72 17.06
OBD CLA VF . -8.64 60.89 17.62
CBD CLA VF . -7.28 60.90 15.61
CGD CLA VF . -8.48 60.66 14.78
O1D CLA VF . -8.41 60.65 13.59
O2D CLA VF . -9.79 60.50 15.38
CED CLA VF . -10.96 60.41 14.58
C1 CLA VF . -8.63 65.67 12.53
C2 CLA VF . -8.66 67.18 12.37
C3 CLA VF . -9.76 67.79 11.93
C4 CLA VF . -10.98 66.99 11.58
C5 CLA VF . -9.81 69.29 11.82
C6 CLA VF . -10.83 69.82 12.82
C7 CLA VF . -11.92 70.66 12.17
C8 CLA VF . -12.31 70.19 10.79
C9 CLA VF . -12.40 71.37 9.83
C10 CLA VF . -13.60 69.37 10.86
C11 CLA VF . -14.87 70.14 10.54
C12 CLA VF . -15.15 70.11 9.05
C13 CLA VF . -16.07 71.23 8.60
C14 CLA VF . -15.29 72.53 8.55
C15 CLA VF . -17.26 71.36 9.54
C16 CLA VF . -18.21 70.17 9.55
C17 CLA VF . -18.67 69.89 10.99
C18 CLA VF . -20.08 69.33 11.07
C19 CLA VF . -20.63 69.51 12.48
C20 CLA VF . -21.01 69.99 10.07
MG CLA WF . 5.04 69.11 -2.60
CHA CLA WF . 6.50 66.04 -3.74
CHB CLA WF . 7.76 69.56 -0.75
CHC CLA WF . 3.65 72.02 -1.62
CHD CLA WF . 2.25 68.52 -4.70
NA CLA WF . 6.94 67.94 -2.27
C1A CLA WF . 7.33 66.82 -2.75
C2A CLA WF . 8.68 66.40 -2.23
C3A CLA WF . 9.00 67.55 -1.27
C4A CLA WF . 7.82 68.42 -1.45
CMA CLA WF . 8.98 67.18 0.20
CAA CLA WF . 9.75 66.53 -3.30
CBA CLA WF . 9.84 67.92 -3.96
CGA CLA WF . 10.53 69.02 -3.15
O1A CLA WF . 11.73 69.23 -3.08
O2A CLA WF . 9.89 69.88 -2.38
NB CLA WF . 5.64 70.60 -1.36
C1B CLA WF . 6.77 70.61 -0.67
C2B CLA WF . 6.93 71.81 0.20
C3B CLA WF . 5.70 72.52 -0.08
C4B CLA WF . 4.95 71.69 -1.05
CMB CLA WF . 8.07 72.13 1.10
CAB CLA WF . 5.24 73.82 0.46
CBB CLA WF . 5.52 74.92 -0.20
NC CLA WF . 3.23 70.11 -3.12
C1C CLA WF . 2.85 71.26 -2.58
C2C CLA WF . 1.55 71.79 -2.99
C3C CLA WF . 1.12 70.77 -3.92
C4C CLA WF . 2.23 69.77 -3.92
CMC CLA WF . 0.87 73.05 -2.55
CAC CLA WF . -0.18 70.75 -4.68
CBC CLA WF . -0.24 71.91 -5.66
ND CLA WF . 4.41 67.72 -3.94
C1D CLA WF . 3.33 67.54 -4.70
C2D CLA WF . 3.35 66.27 -5.49
C3D CLA WF . 4.65 65.74 -5.05
C4D CLA WF . 5.20 66.58 -4.18
CMD CLA WF . 2.45 65.57 -6.47
CAD CLA WF . 5.51 64.57 -5.27
OBD CLA WF . 5.06 63.45 -5.67
CBD CLA WF . 6.75 64.71 -4.46
CGD CLA WF . 6.91 63.39 -3.71
O1D CLA WF . 6.11 62.94 -2.92
O2D CLA WF . 8.04 62.53 -4.00
CED CLA WF . 8.00 61.68 -5.11
C1 LUT XF . 19.27 56.99 22.50
C2 LUT XF . 19.49 56.11 23.73
C3 LUT XF . 20.88 55.51 23.81
C4 LUT XF . 21.08 54.79 22.49
C5 LUT XF . 21.14 55.84 21.41
C6 LUT XF . 20.26 56.82 21.38
C7 LUT XF . 20.25 57.77 20.25
C8 LUT XF . 19.25 57.81 19.38
C9 LUT XF . 19.27 58.78 18.26
C10 LUT XF . 18.13 59.22 17.73
C11 LUT XF . 18.01 60.20 16.64
C12 LUT XF . 16.79 60.43 16.14
C13 LUT XF . 16.48 61.42 15.07
C14 LUT XF . 15.63 61.15 14.06
C15 LUT XF . 15.30 62.14 13.03
C16 LUT XF . 19.35 58.44 22.96
C17 LUT XF . 17.91 56.69 21.92
C18 LUT XF . 22.25 55.74 20.41
C19 LUT XF . 20.60 59.20 17.71
C20 LUT XF . 17.07 62.80 15.17
O3 LUT XF . 20.98 54.56 24.87
C21 LUT XF . 10.99 70.43 5.78
C22 LUT XF . 9.89 71.44 5.51
C23 LUT XF . 8.81 71.05 4.51
C24 LUT XF . 9.32 70.01 3.51
C25 LUT XF . 9.80 68.85 4.35
C26 LUT XF . 10.59 69.02 5.41
C27 LUT XF . 11.08 67.88 6.20
C28 LUT XF . 10.67 67.70 7.45
C29 LUT XF . 11.20 66.58 8.25
C30 LUT XF . 10.81 66.44 9.51
C31 LUT XF . 11.26 65.39 10.41
C32 LUT XF . 12.50 64.91 10.44
C33 LUT XF . 12.81 63.86 11.42
C34 LUT XF . 13.87 63.04 11.29
C35 LUT XF . 14.18 62.04 12.30
C36 LUT XF . 11.41 70.52 7.24
C37 LUT XF . 12.18 70.77 4.92
C38 LUT XF . 9.35 67.46 3.97
C39 LUT XF . 12.19 65.65 7.64
C40 LUT XF . 11.93 63.75 12.63
O23 LUT XF . 8.40 72.20 3.78
C1 LUT YF . 20.71 42.53 5.59
C2 LUT YF . 21.35 42.07 4.29
C3 LUT YF . 21.61 43.12 3.25
C4 LUT YF . 20.39 44.00 3.17
C5 LUT YF . 20.16 44.64 4.49
C6 LUT YF . 20.24 43.94 5.60
C7 LUT YF . 19.86 44.51 6.89
C8 LUT YF . 18.72 45.17 6.97
C9 LUT YF . 18.31 45.75 8.26
C10 LUT YF . 17.15 46.39 8.33
C11 LUT YF . 16.70 46.97 9.59
C12 LUT YF . 15.57 47.65 9.56
C13 LUT YF . 15.02 48.25 10.76
C14 LUT YF . 13.88 48.94 10.66
C15 LUT YF . 13.19 49.60 11.75
C16 LUT YF . 21.71 42.35 6.70
C17 LUT YF . 19.48 41.71 5.84
C18 LUT YF . 19.84 46.10 4.52
C19 LUT YF . 19.21 45.62 9.45
C20 LUT YF . 15.75 48.05 12.05
O3 LUT YF . 21.78 42.50 1.99
C21 LUT YF . 5.25 56.72 18.67
C22 LUT YF . 4.88 58.20 18.77
C23 LUT YF . 3.59 58.69 18.09
C24 LUT YF . 2.71 57.59 17.50
C25 LUT YF . 3.38 56.27 17.32
C26 LUT YF . 4.69 56.18 17.41
C27 LUT YF . 5.42 55.55 16.30
C28 LUT YF . 6.59 54.91 16.28
C29 LUT YF . 7.02 54.37 14.98
C30 LUT YF . 8.03 53.50 14.89
C31 LUT YF . 8.50 52.93 13.63
C32 LUT YF . 9.67 52.31 13.62
C33 LUT YF . 10.27 51.69 12.43
C34 LUT YF . 11.36 50.95 12.60
C35 LUT YF . 12.06 50.28 11.51
C36 LUT YF . 4.65 55.99 19.87
C37 LUT YF . 6.74 56.48 18.66
C38 LUT YF . 2.56 55.04 17.09
C39 LUT YF . 6.32 54.77 13.71
C40 LUT YF . 9.66 51.89 11.09
O23 LUT YF . 3.88 59.63 17.06
O1 LHG ZF . 31.35 58.49 6.97
C1 LHG ZF . 31.49 57.90 5.68
C2 LHG ZF . 31.24 58.90 4.56
O2 LHG ZF . 32.32 59.83 4.48
C3 LHG ZF . 29.93 59.64 4.75
O3 LHG ZF . 28.97 58.83 5.40
P LHG ZF . 28.68 59.22 6.89
O4 LHG ZF . 27.53 60.17 6.90
O5 LHG ZF . 29.97 59.60 7.47
O6 LHG ZF . 28.29 57.85 7.53
C4 LHG ZF . 29.14 57.22 8.47
C5 LHG ZF . 28.30 56.17 9.14
C6 LHG ZF . 29.01 55.56 10.32
O7 LHG ZF . 27.14 56.84 9.57
C7 LHG ZF . 25.93 56.20 9.09
O9 LHG ZF . 25.00 56.90 8.75
C8 LHG ZF . 25.86 54.70 9.01
C9 LHG ZF . 24.57 54.24 9.68
C10 LHG ZF . 24.87 53.63 11.04
O8 LHG ZF . 28.03 54.91 11.10
C23 LHG ZF . 28.38 54.30 12.38
O10 LHG ZF . 29.40 53.64 12.50
C24 LHG ZF . 27.45 54.52 13.56
C11 LHG ZF . 25.43 52.23 10.88
C12 LHG ZF . 26.93 52.23 11.07
C13 LHG ZF . 27.64 52.60 9.77
C14 LHG ZF . 29.14 52.73 9.97
C15 LHG ZF . 29.81 51.38 10.18
C16 LHG ZF . 30.38 51.29 11.59
C17 LHG ZF . 30.75 49.87 11.97
C25 LHG ZF . 26.77 53.22 14.00
C26 LHG ZF . 26.07 53.41 15.33
C27 LHG ZF . 25.99 52.07 16.05
C28 LHG ZF . 24.58 51.76 16.54
C29 LHG ZF . 24.64 50.51 17.40
C30 LHG ZF . 23.26 49.90 17.56
MG CLA AG . 58.57 45.30 14.55
CHA CLA AG . 58.13 46.39 11.19
CHB CLA AG . 61.85 44.72 13.73
CHC CLA AG . 58.84 43.84 17.55
CHD CLA AG . 54.98 45.27 14.89
NA CLA AG . 59.87 45.51 12.69
C1A CLA AG . 59.54 45.98 11.54
C2A CLA AG . 60.69 46.12 10.59
C3A CLA AG . 61.85 45.56 11.41
C4A CLA AG . 61.16 45.23 12.70
CMA CLA AG . 62.41 44.31 10.76
CAA CLA AG . 60.93 47.61 10.28
CBA CLA AG . 62.01 48.25 11.13
CGA CLA AG . 61.54 48.56 12.53
O1A CLA AG . 60.36 48.71 12.84
O2A CLA AG . 62.36 48.71 13.54
NB CLA AG . 60.14 44.37 15.49
C1B CLA AG . 61.41 44.31 15.08
C2B CLA AG . 62.35 43.79 16.11
C3B CLA AG . 61.45 43.53 17.25
C4B CLA AG . 60.10 43.92 16.77
CMB CLA AG . 63.85 43.59 16.03
CAB CLA AG . 61.89 42.98 18.57
CBB CLA AG . 61.21 43.02 19.68
NC CLA AG . 57.11 44.64 15.98
C1C CLA AG . 57.45 44.15 17.18
C2C CLA AG . 56.32 43.94 18.12
C3C CLA AG . 55.18 44.38 17.33
C4C CLA AG . 55.78 44.79 16.03
CMC CLA AG . 56.36 43.42 19.53
CAC CLA AG . 53.74 44.41 17.72
CBC CLA AG . 53.35 45.84 18.01
ND CLA AG . 56.88 45.62 13.41
C1D CLA AG . 55.57 45.73 13.62
C2D CLA AG . 54.78 46.32 12.50
C3D CLA AG . 55.87 46.56 11.56
C4D CLA AG . 57.02 46.15 12.13
CMD CLA AG . 53.35 46.68 12.17
CAD CLA AG . 56.11 47.10 10.20
OBD CLA AG . 55.21 47.47 9.37
CBD CLA AG . 57.59 47.12 9.98
CGD CLA AG . 57.95 46.48 8.65
O1D CLA AG . 57.86 47.14 7.63
O2D CLA AG . 58.45 45.13 8.54
CED CLA AG . 59.47 44.85 7.58
C1 CLA AG . 62.14 47.98 14.95
C2 CLA AG . 60.86 48.16 15.73
C3 CLA AG . 60.77 49.15 16.62
C4 CLA AG . 61.93 50.08 16.84
C5 CLA AG . 59.49 49.34 17.39
C6 CLA AG . 59.80 49.46 18.89
C7 CLA AG . 60.06 48.11 19.52
C8 CLA AG . 58.78 47.38 19.91
C9 CLA AG . 57.64 48.33 20.25
C10 CLA AG . 59.07 46.46 21.09
C11 CLA AG . 59.50 47.25 22.32
C12 CLA AG . 58.72 46.83 23.56
C13 CLA AG . 58.31 48.03 24.40
C14 CLA AG . 58.18 47.67 25.87
C15 CLA AG . 57.01 48.63 23.84
C16 CLA AG . 55.77 47.95 24.40
C17 CLA AG . 55.09 47.07 23.36
C18 CLA AG . 54.32 47.90 22.33
C19 CLA AG . 53.52 46.99 21.41
C20 CLA AG . 53.42 48.92 22.99
MG CLA BG . 66.51 41.50 21.93
CHA CLA BG . 68.83 40.22 19.57
CHB CLA BG . 66.54 44.40 20.08
CHC CLA BG . 63.90 42.47 23.79
CHD CLA BG . 66.23 38.17 23.31
NA CLA BG . 67.55 42.25 20.03
C1A CLA BG . 68.42 41.64 19.31
C2A CLA BG . 69.05 42.53 18.26
C3A CLA BG . 68.26 43.84 18.43
C4A CLA BG . 67.37 43.47 19.58
CMA CLA BG . 69.14 45.02 18.81
CAA CLA BG . 69.03 41.99 16.83
CBA CLA BG . 70.06 42.73 15.99
CGA CLA BG . 71.52 42.49 16.37
O1A CLA BG . 72.45 42.73 15.62
O2A CLA BG . 72.00 42.01 17.51
NB CLA BG . 65.35 43.19 21.90
C1B CLA BG . 65.57 44.31 21.18
C2B CLA BG . 64.71 45.46 21.61
C3B CLA BG . 63.95 44.85 22.70
C4B CLA BG . 64.41 43.45 22.81
CMB CLA BG . 64.66 46.86 21.06
CAB CLA BG . 62.92 45.51 23.54
CBB CLA BG . 61.68 45.07 23.54
NC CLA BG . 65.22 40.45 23.28
C1C CLA BG . 64.29 41.07 24.03
C2C CLA BG . 63.70 40.27 25.13
C3C CLA BG . 64.39 38.99 24.96
C4C CLA BG . 65.30 39.20 23.81
CMC CLA BG . 62.66 40.66 26.15
CAC CLA BG . 64.24 37.73 25.79
CBC CLA BG . 65.11 37.85 27.02
ND CLA BG . 67.24 39.59 21.61
C1D CLA BG . 67.14 38.38 22.17
C2D CLA BG . 68.01 37.33 21.56
C3D CLA BG . 68.65 38.14 20.52
C4D CLA BG . 68.18 39.39 20.61
CMD CLA BG . 68.31 35.87 21.73
CAD CLA BG . 69.63 38.02 19.42
OBD CLA BG . 69.89 36.93 18.78
CBD CLA BG . 69.94 39.40 18.94
CGD CLA BG . 71.27 39.71 19.54
O1D CLA BG . 72.30 39.60 18.89
O2D CLA BG . 71.37 40.14 20.93
CED CLA BG . 72.59 40.67 21.45
C1 CLA BG . 72.42 42.96 18.73
C2 CLA BG . 72.49 44.47 18.60
C3 CLA BG . 72.49 45.25 19.69
C4 CLA BG . 72.43 44.63 21.06
C5 CLA BG . 72.56 46.75 19.56
C6 CLA BG . 71.54 47.39 20.49
C7 CLA BG . 72.19 48.53 21.28
C8 CLA BG . 71.14 49.35 22.03
C9 CLA BG . 70.37 50.26 21.08
C10 CLA BG . 71.83 50.16 23.12
MG CLA CG . 60.80 25.46 31.41
CHA CLA CG . 61.90 23.20 28.96
CHB CLA CG . 61.79 27.97 29.27
CHC CLA CG . 59.24 27.57 33.51
CHD CLA CG . 59.29 22.66 33.14
NA CLA CG . 61.73 25.60 29.34
C1A CLA CG . 62.11 24.64 28.59
C2A CLA CG . 62.87 25.07 27.36
C3A CLA CG . 62.81 26.58 27.49
C4A CLA CG . 62.06 26.74 28.77
CMA CLA CG . 64.21 27.18 27.64
CAA CLA CG . 62.17 24.64 26.07
CBA CLA CG . 63.00 23.63 25.28
CGA CLA CG . 64.16 24.29 24.55
O1A CLA CG . 64.69 25.33 24.87
O2A CLA CG . 64.73 23.80 23.46
NB CLA CG . 60.52 27.49 31.35
C1B CLA CG . 61.07 28.37 30.49
C2B CLA CG . 60.86 29.79 30.89
C3B CLA CG . 60.11 29.64 32.13
C4B CLA CG . 59.94 28.18 32.36
CMB CLA CG . 61.31 31.04 30.18
CAB CLA CG . 59.60 30.72 33.02
CBB CLA CG . 58.64 31.51 32.60
NC CLA CG . 59.44 25.15 33.05
C1C CLA CG . 58.97 26.14 33.81
C2C CLA CG . 58.13 25.71 34.95
C3C CLA CG . 58.16 24.26 34.80
C4C CLA CG . 58.99 24.03 33.61
CMC CLA CG . 57.43 26.54 35.99
CAC CLA CG . 57.50 23.19 35.63
CBC CLA CG . 56.25 22.72 34.92
ND CLA CG . 60.51 23.43 31.21
C1D CLA CG . 60.03 22.40 31.91
C2D CLA CG . 60.29 21.04 31.36
C3D CLA CG . 61.05 21.45 30.17
C4D CLA CG . 61.13 22.78 30.14
CMD CLA CG . 60.00 19.60 31.68
CAD CLA CG . 61.73 20.86 29.00
OBD CLA CG . 61.93 19.61 28.81
CBD CLA CG . 62.51 21.96 28.36
CGD CLA CG . 63.89 21.92 28.93
O1D CLA CG . 64.68 21.06 28.61
O2D CLA CG . 64.30 22.95 29.88
CED CLA CG . 64.17 22.78 31.30
C1 CLA CG . 64.01 22.69 22.56
C2 CLA CG . 63.96 21.23 22.93
C3 CLA CG . 63.86 20.29 21.99
C4 CLA CG . 63.82 18.84 22.37
C5 CLA CG . 63.81 20.69 20.53
C6 CLA CG . 63.26 19.54 19.69
C7 CLA CG . 64.30 19.10 18.66
C8 CLA CG . 63.82 17.87 17.90
C9 CLA CG . 63.78 16.64 18.82
C10 CLA CG . 64.72 17.63 16.71
C11 CLA CG . 64.29 16.41 15.92
C12 CLA CG . 64.54 16.60 14.42
C13 CLA CG . 63.69 15.64 13.60
C14 CLA CG . 64.55 14.51 13.04
C15 CLA CG . 63.00 16.40 12.47
MG CLA DG . 58.87 25.45 10.89
CHA CLA DG . 57.45 25.86 14.11
CHB CLA DG . 61.68 24.27 12.51
CHC CLA DG . 59.96 24.48 7.87
CHD CLA DG . 55.65 26.23 9.46
NA CLA DG . 59.52 25.09 13.05
C1A CLA DG . 58.87 25.35 14.12
C2A CLA DG . 59.66 25.18 15.40
C3A CLA DG . 60.99 24.67 14.84
C4A CLA DG . 60.73 24.66 13.37
CMA CLA DG . 62.14 25.64 15.14
CAA CLA DG . 59.02 24.12 16.29
CBA CLA DG . 60.03 23.38 17.17
CGA CLA DG . 59.52 23.32 18.58
O1A CLA DG . 58.36 23.46 18.90
O2A CLA DG . 60.28 23.10 19.64
NB CLA DG . 60.57 24.46 10.29
C1B CLA DG . 61.65 24.17 11.03
C2B CLA DG . 62.82 23.70 10.23
C3B CLA DG . 62.28 23.78 8.87
C4B CLA DG . 60.88 24.26 9.00
CMB CLA DG . 64.18 23.27 10.69
CAB CLA DG . 62.97 23.44 7.60
CBB CLA DG . 63.19 24.35 6.69
NC CLA DG . 57.90 25.29 8.97
C1C CLA DG . 58.58 25.00 7.85
C2C CLA DG . 57.84 25.21 6.58
C3C CLA DG . 56.55 25.70 7.06
C4C CLA DG . 56.69 25.73 8.55
CMC CLA DG . 58.29 24.97 5.16
CAC CLA DG . 55.36 26.11 6.24
CBC CLA DG . 54.34 24.99 6.22
ND CLA DG . 56.94 25.88 11.48
C1D CLA DG . 55.79 26.26 10.92
C2D CLA DG . 54.73 26.71 11.88
C3D CLA DG . 55.47 26.51 13.13
C4D CLA DG . 56.70 26.05 12.84
CMD CLA DG . 53.32 27.22 11.87
CAD CLA DG . 55.28 26.66 14.59
OBD CLA DG . 54.34 27.33 15.16
CBD CLA DG . 56.55 26.25 15.25
CGD CLA DG . 57.06 27.46 15.95
O1D CLA DG . 57.01 28.56 15.41
O2D CLA DG . 57.63 27.33 17.27
CED CLA DG . 56.76 27.33 18.41
MG CLA EG . 46.57 29.57 17.03
CHA CLA EG . 46.79 30.85 20.34
CHB CLA EG . 49.64 28.12 17.63
CHC CLA EG . 46.10 27.89 14.18
CHD CLA EG . 43.16 30.73 16.90
NA CLA EG . 48.06 29.47 18.76
C1A CLA EG . 47.99 30.05 19.91
C2A CLA EG . 49.22 29.90 20.77
C3A CLA EG . 50.10 29.03 19.87
C4A CLA EG . 49.22 28.84 18.68
CMA CLA EG . 51.36 29.78 19.46
CAA CLA EG . 48.88 29.13 22.04
CBA CLA EG . 50.12 28.47 22.65
CGA CLA EG . 49.81 27.02 22.87
O1A CLA EG . 49.07 26.59 23.74
O2A CLA EG . 50.33 26.03 22.16
NB CLA EG . 47.70 28.17 16.07
C1B CLA EG . 48.96 27.79 16.37
C2B CLA EG . 49.60 26.96 15.30
C3B CLA EG . 48.54 26.91 14.30
C4B CLA EG . 47.40 27.68 14.85
CMB CLA EG . 50.98 26.34 15.27
CAB CLA EG . 48.56 26.23 12.98
CBB CLA EG . 49.37 26.65 12.03
NC CLA EG . 44.84 29.27 15.79
C1C CLA EG . 44.91 28.67 14.59
C2C CLA EG . 43.73 28.84 13.71
C3C CLA EG . 42.86 29.66 14.55
C4C CLA EG . 43.64 29.87 15.80
CMC CLA EG . 43.49 28.31 12.33
CAC CLA EG . 41.48 30.18 14.21
CBC CLA EG . 41.60 31.42 13.34
ND CLA EG . 45.18 30.49 18.24
C1D CLA EG . 43.95 31.00 18.11
C2D CLA EG . 43.49 31.84 19.27
C3D CLA EG . 44.67 31.73 20.12
C4D CLA EG . 45.59 30.97 19.49
CMD CLA EG . 42.27 32.63 19.69
CAD CLA EG . 45.18 32.19 21.43
OBD CLA EG . 44.69 33.19 22.08
CBD CLA EG . 46.56 31.64 21.61
CGD CLA EG . 47.56 32.76 21.77
O1D CLA EG . 47.50 33.50 22.74
O2D CLA EG . 48.59 33.01 20.78
CED CLA EG . 49.89 33.41 21.22
MG CLA FG . 49.42 45.29 31.95
CHA CLA FG . 49.00 45.91 35.40
CHB CLA FG . 51.64 47.93 31.97
CHC CLA FG . 50.25 44.35 28.84
CHD CLA FG . 47.54 42.23 32.34
NA CLA FG . 50.26 46.75 33.49
C1A CLA FG . 49.94 46.86 34.72
C2A CLA FG . 50.56 48.04 35.43
C3A CLA FG . 51.39 48.66 34.31
C4A CLA FG . 51.09 47.72 33.18
CMA CLA FG . 50.88 50.06 33.96
CAA CLA FG . 51.51 47.58 36.53
CBA CLA FG . 51.08 48.06 37.90
CGA CLA FG . 51.36 46.98 38.92
O1A CLA FG . 50.54 46.55 39.72
O2A CLA FG . 52.51 46.36 39.04
NB CLA FG . 50.80 46.02 30.62
C1B CLA FG . 51.52 47.15 30.72
C2B CLA FG . 52.21 47.54 29.46
C3B CLA FG . 51.78 46.47 28.56
C4B CLA FG . 50.91 45.57 29.35
CMB CLA FG . 53.10 48.73 29.18
CAB CLA FG . 52.14 46.30 27.12
CBB CLA FG . 52.97 45.37 26.73
NC CLA FG . 49.01 43.52 30.80
C1C CLA FG . 49.36 43.39 29.51
C2C CLA FG . 48.79 42.23 28.80
C3C CLA FG . 48.01 41.59 29.86
C4C CLA FG . 48.20 42.47 31.04
CMC CLA FG . 48.98 41.79 27.37
CAC CLA FG . 47.17 40.34 29.74
CBC CLA FG . 47.94 39.16 30.31
ND CLA FG . 48.51 44.19 33.42
C1D CLA FG . 47.73 43.10 33.52
C2D CLA FG . 47.11 42.88 34.87
C3D CLA FG . 47.67 44.04 35.57
C4D CLA FG . 48.43 44.73 34.71
CMD CLA FG . 46.20 41.89 35.55
CAD CLA FG . 47.65 44.69 36.90
OBD CLA FG . 47.01 44.27 37.93
CBD CLA FG . 48.42 45.97 36.80
CGD CLA FG . 47.47 47.13 36.88
O1D CLA FG . 46.57 47.24 36.08
O2D CLA FG . 47.63 48.14 37.91
CED CLA FG . 46.51 48.49 38.73
C1 CLA FG . 53.65 46.96 40.00
C2 CLA FG . 53.50 48.32 40.66
C3 CLA FG . 53.96 49.43 40.05
C4 CLA FG . 54.60 49.34 38.70
C5 CLA FG . 53.81 50.77 40.72
C6 CLA FG . 55.18 51.43 40.79
C7 CLA FG . 55.27 52.45 41.92
C8 CLA FG . 56.68 53.01 42.02
C9 CLA FG . 57.66 51.95 42.50
C10 CLA FG . 56.69 54.23 42.94
C11 CLA FG . 55.91 53.95 44.22
C12 CLA FG . 55.59 55.26 44.94
C13 CLA FG . 54.10 55.42 45.18
C14 CLA FG . 53.30 55.23 43.89
C15 CLA FG . 53.84 56.81 45.78
C16 CLA FG . 53.63 57.86 44.70
C17 CLA FG . 54.86 58.76 44.56
C18 CLA FG . 55.02 59.24 43.12
C19 CLA FG . 55.58 60.65 43.09
C20 CLA FG . 55.90 58.28 42.33
MG CLA GG . 69.32 25.50 35.90
CHA CLA GG . 68.41 22.96 33.73
CHB CLA GG . 71.29 23.22 37.48
CHC CLA GG . 70.26 28.03 37.86
CHD CLA GG . 67.29 27.77 33.98
NA CLA GG . 69.82 23.33 35.64
C1A CLA GG . 69.36 22.54 34.78
C2A CLA GG . 69.85 21.14 34.91
C3A CLA GG . 70.77 21.26 36.12
C4A CLA GG . 70.63 22.70 36.44
CMA CLA GG . 70.27 20.49 37.34
CAA CLA GG . 70.60 20.63 33.67
CBA CLA GG . 70.88 21.63 32.55
CGA CLA GG . 72.32 22.07 32.61
O1A CLA GG . 73.22 21.42 33.12
O2A CLA GG . 72.77 23.22 32.13
NB CLA GG . 70.63 25.61 37.45
C1B CLA GG . 71.32 24.60 37.98
C2B CLA GG . 72.13 25.02 39.17
C3B CLA GG . 71.79 26.45 39.24
C4B CLA GG . 70.86 26.72 38.14
CMB CLA GG . 73.04 24.19 40.03
CAB CLA GG . 72.26 27.47 40.20
CBB CLA GG . 71.54 28.54 40.38
NC CLA GG . 68.85 27.58 35.90
C1C CLA GG . 69.33 28.43 36.80
C2C CLA GG . 68.87 29.82 36.70
C3C CLA GG . 67.98 29.74 35.55
C4C CLA GG . 68.04 28.31 35.13
CMC CLA GG . 69.25 30.99 37.56
CAC CLA GG . 67.19 30.82 34.89
CBC CLA GG . 67.70 30.89 33.46
ND CLA GG . 68.12 25.54 34.25
C1D CLA GG . 67.35 26.38 33.57
C2D CLA GG . 66.61 25.77 32.42
C3D CLA GG . 67.09 24.39 32.55
C4D CLA GG . 67.93 24.34 33.60
CMD CLA GG . 65.65 26.14 31.32
CAD CLA GG . 66.95 23.08 31.90
OBD CLA GG . 66.79 23.00 30.64
CBD CLA GG . 67.81 22.12 32.64
CGD CLA GG . 67.05 20.99 33.22
O1D CLA GG . 66.32 20.31 32.52
O2D CLA GG . 67.20 20.68 34.62
CED CLA GG . 67.61 19.37 34.98
C1 CLA GG . 73.65 23.35 30.80
C2 CLA GG . 74.89 22.53 30.53
C3 CLA GG . 76.13 23.02 30.65
C4 CLA GG . 77.30 22.12 30.37
C5 CLA GG . 76.38 24.44 31.11
C6 CLA GG . 77.86 24.78 31.22
C7 CLA GG . 78.39 24.66 32.65
C8 CLA GG . 78.88 25.98 33.23
C9 CLA GG . 80.23 25.81 33.91
C10 CLA GG . 77.84 26.59 34.16
C11 CLA GG . 77.56 25.79 35.43
C12 CLA GG . 76.09 25.87 35.83
C13 CLA GG . 75.73 27.23 36.43
C14 CLA GG . 75.02 27.05 37.76
C15 CLA GG . 74.82 27.99 35.47
C16 CLA GG . 75.46 29.29 35.03
C17 CLA GG . 75.92 29.22 33.58
C18 CLA GG . 74.82 29.69 32.63
C19 CLA GG . 75.22 30.98 31.94
C20 CLA GG . 74.49 28.62 31.61
MG CLA HG . 35.42 39.02 11.61
CHA CLA HG . 32.81 41.00 12.74
CHB CLA HG . 34.65 40.07 8.48
CHC CLA HG . 38.03 37.22 10.65
CHD CLA HG . 36.14 38.15 15.04
NA CLA HG . 33.90 40.40 10.68
C1A CLA HG . 32.98 41.05 11.26
C2A CLA HG . 32.10 41.82 10.34
C3A CLA HG . 32.73 41.51 8.98
C4A CLA HG . 33.83 40.60 9.40
CMA CLA HG . 31.77 40.75 8.10
CAA CLA HG . 32.16 43.31 10.56
CBA CLA HG . 31.35 43.80 11.75
CGA CLA HG . 29.97 43.17 11.83
O1A CLA HG . 29.56 42.30 11.09
O2A CLA HG . 29.08 43.53 12.73
NB CLA HG . 36.25 38.71 9.79
C1B CLA HG . 35.81 39.17 8.63
C2B CLA HG . 36.62 38.68 7.49
C3B CLA HG . 37.59 37.85 8.16
C4B CLA HG . 37.29 37.92 9.59
CMB CLA HG . 36.46 38.97 6.03
CAB CLA HG . 38.70 37.07 7.57
CBB CLA HG . 39.57 36.50 8.36
NC CLA HG . 36.85 37.89 12.71
C1C CLA HG . 37.82 37.21 12.10
C2C CLA HG . 38.70 36.42 12.99
C3C CLA HG . 38.12 36.71 14.29
C4C CLA HG . 37.00 37.61 13.99
CMC CLA HG . 39.86 35.55 12.64
CAC CLA HG . 38.54 36.20 15.62
CBC CLA HG . 37.55 35.13 16.04
ND CLA HG . 34.77 39.40 13.50
C1D CLA HG . 35.02 39.05 14.75
C2D CLA HG . 34.11 39.63 15.78
C3D CLA HG . 33.26 40.40 14.90
C4D CLA HG . 33.67 40.23 13.63
CMD CLA HG . 33.88 39.64 17.27
CAD CLA HG . 32.09 41.29 14.98
OBD CLA HG . 31.24 41.26 15.96
CBD CLA HG . 31.76 41.66 13.59
CGD CLA HG . 30.50 40.85 13.40
O1D CLA HG . 29.45 41.27 13.86
O2D CLA HG . 30.54 39.55 12.76
CED CLA HG . 30.65 39.41 11.35
C1 CLA HG . 27.59 42.93 12.82
MG CLA IG . 40.95 33.70 28.25
CHA CLA IG . 40.04 30.61 29.50
CHB CLA IG . 43.55 32.13 26.69
CHC CLA IG . 41.69 36.71 26.98
CHD CLA IG . 38.07 35.14 29.87
NA CLA IG . 41.73 31.60 28.08
C1A CLA IG . 41.26 30.58 28.64
C2A CLA IG . 42.02 29.31 28.38
C3A CLA IG . 43.13 29.82 27.47
C4A CLA IG . 42.80 31.28 27.40
CMA CLA IG . 44.57 29.47 27.82
CAA CLA IG . 41.16 28.34 27.56
CBA CLA IG . 39.68 28.66 27.28
CGA CLA IG . 39.51 29.91 26.43
O1A CLA IG . 40.35 30.41 25.72
O2A CLA IG . 38.39 30.62 26.36
NB CLA IG . 42.42 34.32 26.99
C1B CLA IG . 43.40 33.58 26.49
C2B CLA IG . 44.35 34.34 25.65
C3B CLA IG . 43.79 35.70 25.73
C4B CLA IG . 42.59 35.59 26.60
CMB CLA IG . 45.55 33.84 24.91
CAB CLA IG . 44.30 36.94 25.11
CBB CLA IG . 44.82 36.98 23.90
NC CLA IG . 40.00 35.60 28.39
C1C CLA IG . 40.49 36.70 27.82
C2C CLA IG . 39.74 37.94 28.06
C3C CLA IG . 38.67 37.45 28.92
C4C CLA IG . 38.92 36.00 29.07
CMC CLA IG . 40.02 39.32 27.56
CAC CLA IG . 37.51 38.16 29.54
CBC CLA IG . 36.29 37.29 29.30
ND CLA IG . 39.36 33.17 29.39
C1D CLA IG . 38.32 33.71 30.01
C2D CLA IG . 37.48 32.77 30.81
C3D CLA IG . 38.23 31.54 30.55
C4D CLA IG . 39.27 31.84 29.76
CMD CLA IG . 36.26 32.80 31.67
CAD CLA IG . 38.23 30.10 30.87
OBD CLA IG . 37.29 29.47 31.49
CBD CLA IG . 39.39 29.45 30.19
CGD CLA IG . 40.34 28.85 31.18
O1D CLA IG . 41.55 28.97 31.02
O2D CLA IG . 39.84 28.09 32.31
CED CLA IG . 39.37 28.75 33.49
C1 CLA IG . 37.28 30.64 27.52
C2 CLA IG . 36.53 29.42 28.00
C3 CLA IG . 35.19 29.35 27.89
C4 CLA IG . 34.43 30.47 27.27
C5 CLA IG . 34.44 28.11 28.36
C6 CLA IG . 34.21 28.16 29.87
C7 CLA IG . 33.19 29.21 30.28
MG CLA JG . 48.50 47.62 12.40
CHA CLA JG . 47.51 49.92 14.88
CHB CLA JG . 50.23 46.03 14.90
CHC CLA JG . 49.30 45.41 10.09
CHD CLA JG . 46.49 49.43 10.07
NA CLA JG . 48.84 47.92 14.62
C1A CLA JG . 48.39 48.83 15.35
C2A CLA JG . 48.88 48.78 16.76
C3A CLA JG . 49.73 47.52 16.75
C4A CLA JG . 49.59 47.12 15.33
CMA CLA JG . 51.16 47.96 16.91
CAA CLA JG . 47.79 48.88 17.81
CBA CLA JG . 47.75 50.31 18.37
CGA CLA JG . 49.09 50.99 18.53
O1A CLA JG . 49.22 52.20 18.51
O2A CLA JG . 50.26 50.37 18.65
NB CLA JG . 49.62 45.92 12.49
C1B CLA JG . 50.26 45.44 13.56
C2B CLA JG . 51.04 44.23 13.28
C3B CLA JG . 50.76 44.05 11.86
C4B CLA JG . 49.86 45.15 11.44
CMB CLA JG . 51.87 43.41 14.21
CAB CLA JG . 51.31 42.94 11.07
CBB CLA JG . 51.56 41.81 11.69
NC CLA JG . 47.94 47.46 10.36
C1C CLA JG . 48.40 46.49 9.58
C2C CLA JG . 47.95 46.59 8.18
C3C CLA JG . 47.12 47.78 8.20
C4C CLA JG . 47.19 48.23 9.59
CMC CLA JG . 48.27 45.68 7.03
CAC CLA JG . 46.36 48.44 7.10
CBC CLA JG . 45.10 49.11 7.60
ND CLA JG . 47.26 49.24 12.34
C1D CLA JG . 46.54 49.91 11.44
C2D CLA JG . 45.84 51.12 11.97
C3D CLA JG . 46.28 51.05 13.35
C4D CLA JG . 47.07 49.99 13.49
CMD CLA JG . 44.94 52.23 11.50
CAD CLA JG . 46.14 51.78 14.63
OBD CLA JG . 45.20 52.62 14.89
CBD CLA JG . 46.96 51.07 15.67
CGD CLA JG . 48.09 51.99 16.06
O1D CLA JG . 49.25 51.69 15.93
O2D CLA JG . 47.88 53.31 16.60
CED CLA JG . 48.66 54.36 16.04
C1 CLA JG . 51.05 50.21 20.03
MG CLA KG . 43.67 37.35 14.74
CHA CLA KG . 46.13 34.92 15.42
CHB CLA KG . 44.28 36.77 11.45
CHC CLA KG . 41.23 39.55 14.13
CHD CLA KG . 43.10 37.68 18.24
NA CLA KG . 45.03 36.00 13.55
C1A CLA KG . 45.89 35.18 13.98
C2A CLA KG . 46.67 34.49 12.90
C3A CLA KG . 46.05 35.11 11.65
C4A CLA KG . 45.05 36.03 12.24
CMA CLA KG . 47.06 36.00 10.94
CAA CLA KG . 46.47 32.98 12.87
CBA CLA KG . 45.23 32.45 13.59
CGA CLA KG . 45.79 31.65 14.74
O1A CLA KG . 46.61 30.77 14.59
O2A CLA KG . 45.46 31.84 16.00
NB CLA KG . 42.86 38.04 13.02
C1B CLA KG . 43.23 37.74 11.78
C2B CLA KG . 42.48 38.49 10.76
C3B CLA KG . 41.60 39.30 11.58
C4B CLA KG . 41.90 38.96 12.97
CMB CLA KG . 42.61 38.42 9.27
CAB CLA KG . 40.58 40.26 11.16
CBB CLA KG . 40.80 41.05 10.15
NC CLA KG . 42.35 38.42 16.00
C1C CLA KG . 41.44 39.29 15.55
C2C CLA KG . 40.66 40.02 16.55
C3C CLA KG . 41.23 39.45 17.77
C4C CLA KG . 42.26 38.48 17.32
CMC CLA KG . 39.60 41.07 16.33
CAC CLA KG . 40.88 39.74 19.19
CBC CLA KG . 40.84 38.38 19.87
ND CLA KG . 44.33 36.56 16.49
C1D CLA KG . 44.12 36.73 17.80
C2D CLA KG . 44.99 35.86 18.67
C3D CLA KG . 45.76 35.18 17.64
C4D CLA KG . 45.35 35.61 16.45
CMD CLA KG . 45.27 35.56 20.12
CAD CLA KG . 46.82 34.17 17.54
OBD CLA KG . 47.00 33.25 18.41
CBD CLA KG . 47.09 33.97 16.09
CGD CLA KG . 48.57 34.07 15.90
O1D CLA KG . 49.25 33.17 16.36
O2D CLA KG . 49.25 35.17 15.24
CED CLA KG . 48.58 36.03 14.33
MG CLA LG . 42.34 47.05 28.20
CHA CLA LG . 41.30 49.75 30.14
CHB CLA LG . 42.83 49.29 25.69
CHC CLA LG . 43.46 44.44 26.45
CHD CLA LG . 41.90 44.89 31.02
NA CLA LG . 42.11 49.28 27.93
C1A CLA LG . 41.68 50.11 28.76
C2A CLA LG . 41.58 51.51 28.28
C3A CLA LG . 42.07 51.35 26.84
C4A CLA LG . 42.36 49.87 26.80
CMA CLA LG . 40.96 51.71 25.88
CAA CLA LG . 42.50 52.40 29.10
CBA CLA LG . 42.51 53.84 28.57
CGA CLA LG . 41.47 54.66 29.28
O1A CLA LG . 41.33 55.85 29.13
O2A CLA LG . 40.59 54.20 30.14
NB CLA LG . 43.07 46.90 26.33
C1B CLA LG . 43.17 47.87 25.42
C2B CLA LG . 43.69 47.37 24.13
C3B CLA LG . 43.85 45.94 24.39
C4B CLA LG . 43.45 45.75 25.78
CMB CLA LG . 43.95 48.16 22.88
CAB CLA LG . 44.34 44.85 23.52
CBB CLA LG . 44.40 43.60 23.91
NC CLA LG . 42.64 44.99 28.69
C1C CLA LG . 43.07 44.09 27.82
C2C CLA LG . 43.18 42.71 28.25
C3C CLA LG . 42.72 42.83 29.63
C4C CLA LG . 42.40 44.27 29.79
CMC CLA LG . 43.65 41.52 27.47
CAC CLA LG . 42.56 41.72 30.64
CBC CLA LG . 43.40 40.55 30.18
ND CLA LG . 41.78 47.14 30.15
C1D CLA LG . 41.59 46.32 31.18
C2D CLA LG . 41.05 46.98 32.41
C3D CLA LG . 40.97 48.36 31.92
C4D CLA LG . 41.39 48.37 30.65
CMD CLA LG . 40.66 46.59 33.83
CAD CLA LG . 40.56 49.72 32.37
OBD CLA LG . 39.75 49.97 33.33
CBD CLA LG . 40.79 50.66 31.23
CGD CLA LG . 39.47 51.26 30.84
O1D CLA LG . 38.72 50.65 30.13
O2D CLA LG . 39.04 52.55 31.33
CED CLA LG . 37.66 52.87 31.25
C1 CLA LG . 40.70 54.66 31.67
C2 CLA LG . 42.05 54.68 32.34
C3 CLA LG . 42.31 55.52 33.34
C4 CLA LG . 41.24 56.47 33.80
C5 CLA LG . 43.66 55.49 34.01
MG CLA MG . 60.77 64.18 31.62
CHA CLA MG . 62.70 66.10 29.33
CHB CLA MG . 63.48 64.37 33.74
CHC CLA MG . 58.76 62.92 33.99
CHD CLA MG . 57.93 64.60 29.45
NA CLA MG . 62.85 65.14 31.57
C1A CLA MG . 63.42 65.77 30.61
C2A CLA MG . 64.87 66.10 30.87
C3A CLA MG . 65.08 65.52 32.27
C4A CLA MG . 63.71 64.99 32.57
CMA CLA MG . 66.10 64.39 32.25
CAA CLA MG . 65.15 67.60 30.91
CBA CLA MG . 63.99 68.42 31.42
CGA CLA MG . 64.37 69.87 31.39
O1A CLA MG . 63.58 70.80 31.47
O2A CLA MG . 65.60 70.30 31.27
NB CLA MG . 61.07 63.76 33.60
C1B CLA MG . 62.24 63.77 34.27
C2B CLA MG . 62.17 63.13 35.62
C3B CLA MG . 60.77 62.71 35.66
C4B CLA MG . 60.16 63.14 34.37
CMB CLA MG . 63.24 62.97 36.66
CAB CLA MG . 60.06 62.02 36.75
CBB CLA MG . 59.59 60.80 36.58
NC CLA MG . 58.65 63.88 31.72
C1C CLA MG . 58.05 63.25 32.73
C2C CLA MG . 56.62 62.89 32.53
C3C CLA MG . 56.38 63.41 31.19
C4C CLA MG . 57.69 63.99 30.77
CMC CLA MG . 55.68 62.19 33.47
CAC CLA MG . 55.10 63.37 30.39
CBC CLA MG . 54.85 61.95 29.92
ND CLA MG . 60.27 65.14 29.87
C1D CLA MG . 59.21 65.19 29.04
C2D CLA MG . 59.47 65.86 27.72
C3D CLA MG . 60.88 66.19 27.92
C4D CLA MG . 61.28 65.76 29.13
CMD CLA MG . 58.73 66.20 26.47
CAD CLA MG . 62.00 66.85 27.20
OBD CLA MG . 61.88 67.53 26.12
CBD CLA MG . 63.20 66.83 28.10
CGD CLA MG . 64.33 66.16 27.35
O1D CLA MG . 65.19 65.50 27.92
O2D CLA MG . 64.42 66.30 25.91
CED CLA MG . 64.99 65.26 25.11
MG CLA NG . 48.21 32.62 34.63
CHA CLA NG . 46.84 31.09 31.78
CHB CLA NG . 45.85 30.88 36.46
CHC CLA NG . 49.77 33.73 37.37
CHD CLA NG . 50.91 33.84 32.61
NA CLA NG . 46.53 31.15 34.20
C1A CLA NG . 46.14 30.72 33.06
C2A CLA NG . 44.87 29.90 33.11
C3A CLA NG . 44.61 29.84 34.62
C4A CLA NG . 45.74 30.67 35.14
CMA CLA NG . 43.32 30.52 35.06
CAA CLA NG . 45.01 28.52 32.48
CBA CLA NG . 43.97 27.50 32.96
CGA CLA NG . 43.65 26.60 31.80
O1A CLA NG . 44.35 26.49 30.81
O2A CLA NG . 42.58 25.84 31.72
NB CLA NG . 47.86 32.31 36.63
C1B CLA NG . 46.85 31.66 37.21
C2B CLA NG . 46.81 31.77 38.69
C3B CLA NG . 47.97 32.62 38.94
C4B CLA NG . 48.56 32.90 37.60
CMB CLA NG . 45.82 31.19 39.67
CAB CLA NG . 48.49 33.12 40.23
CBB CLA NG . 48.50 34.41 40.50
NC CLA NG . 50.18 33.40 34.96
C1C CLA NG . 50.49 34.01 36.12
C2C CLA NG . 51.59 34.97 36.08
C3C CLA NG . 51.98 34.88 34.69
C4C CLA NG . 51.06 33.91 34.07
CMC CLA NG . 52.13 35.82 37.19
CAC CLA NG . 53.05 35.67 33.98
CBC CLA NG . 52.33 36.98 33.75
ND CLA NG . 48.89 32.51 32.69
C1D CLA NG . 49.84 33.07 31.95
C2D CLA NG . 49.70 32.87 30.46
C3D CLA NG . 48.47 32.06 30.48
C4D CLA NG . 48.07 31.91 31.75
CMD CLA NG . 50.39 33.23 29.17
CAD CLA NG . 47.55 31.39 29.55
OBD CLA NG . 47.38 31.76 28.33
CBD CLA NG . 46.46 30.77 30.36
CGD CLA NG . 45.19 31.51 30.05
O1D CLA NG . 44.13 30.92 30.03
O2D CLA NG . 45.23 32.93 29.81
CED CLA NG . 44.60 33.84 30.71
MG CLA OG . 59.19 15.67 41.01
CHA CLA OG . 55.99 16.47 42.30
CHB CLA OG . 58.46 12.40 41.86
CHC CLA OG . 61.91 14.82 39.25
CHD CLA OG . 59.42 19.03 39.72
NA CLA OG . 57.44 14.54 41.95
C1A CLA OG . 56.35 15.02 42.41
C2A CLA OG . 55.46 14.02 43.12
C3A CLA OG . 56.28 12.75 42.97
C4A CLA OG . 57.47 13.24 42.20
CMA CLA OG . 56.74 12.24 44.34
CAA CLA OG . 54.17 13.84 42.33
CBA CLA OG . 52.94 14.27 43.15
CGA CLA OG . 51.95 14.91 42.22
O1A CLA OG . 50.83 15.28 42.54
O2A CLA OG . 52.18 15.15 40.93
NB CLA OG . 60.04 13.84 40.58
C1B CLA OG . 59.70 12.65 41.10
C2B CLA OG . 60.70 11.58 40.82
C3B CLA OG . 61.70 12.31 40.04
C4B CLA OG . 61.21 13.71 39.95
CMB CLA OG . 60.68 10.12 41.23
CAB CLA OG . 62.97 11.77 39.49
CBB CLA OG . 63.39 12.03 38.27
NC CLA OG . 60.45 16.76 39.67
C1C CLA OG . 61.55 16.24 39.11
C2C CLA OG . 62.39 17.17 38.33
C3C CLA OG . 61.63 18.42 38.48
C4C CLA OG . 60.46 18.07 39.32
CMC CLA OG . 63.67 16.90 37.57
CAC CLA OG . 61.99 19.76 37.91
CBC CLA OG . 63.17 20.29 38.69
ND CLA OG . 58.05 17.38 40.89
C1D CLA OG . 58.21 18.66 40.50
C2D CLA OG . 57.11 19.58 40.92
C3D CLA OG . 56.28 18.62 41.63
C4D CLA OG . 56.85 17.42 41.58
CMD CLA OG . 56.67 21.01 40.85
CAD CLA OG . 54.99 18.58 42.36
OBD CLA OG . 54.09 19.50 42.32
CBD CLA OG . 54.83 17.21 42.92
CGD CLA OG . 55.05 17.30 44.39
O1D CLA OG . 55.88 18.08 44.85
O2D CLA OG . 54.27 16.48 45.29
CED CLA OG . 53.45 17.10 46.29
MG CLA PG . 65.29 59.21 23.61
CHA CLA PG . 65.92 60.75 26.73
CHB CLA PG . 67.87 57.05 24.42
CHC CLA PG . 64.33 57.39 20.96
CHD CLA PG . 62.32 61.21 23.30
NA CLA PG . 66.73 58.90 25.37
C1A CLA PG . 66.83 59.61 26.43
C2A CLA PG . 67.98 59.23 27.32
C3A CLA PG . 68.58 58.06 26.54
C4A CLA PG . 67.67 57.98 25.37
CMA CLA PG . 70.00 58.37 26.07
CAA CLA PG . 67.50 58.74 28.67
CBA CLA PG . 66.51 57.58 28.54
CGA CLA PG . 65.08 58.09 28.65
O1A CLA PG . 64.12 57.55 28.12
O2A CLA PG . 64.72 59.15 29.34
NB CLA PG . 65.98 57.43 22.84
C1B CLA PG . 67.09 56.76 23.19
C2B CLA PG . 67.46 55.67 22.24
C3B CLA PG . 66.39 55.80 21.24
C4B CLA PG . 65.53 56.91 21.68
CMB CLA PG . 68.61 54.70 22.29
CAB CLA PG . 66.21 54.99 20.01
CBB CLA PG . 65.13 54.23 19.86
NC CLA PG . 63.54 59.27 22.37
C1C CLA PG . 63.41 58.50 21.28
C2C CLA PG . 62.27 58.85 20.38
C3C CLA PG . 61.67 59.97 21.10
C4C CLA PG . 62.53 60.15 22.29
CMC CLA PG . 61.84 58.19 19.10
CAC CLA PG . 60.46 60.78 20.70
CBC CLA PG . 60.83 61.72 19.57
ND CLA PG . 64.22 60.61 24.67
C1D CLA PG . 63.16 61.39 24.50
C2D CLA PG . 62.92 62.40 25.57
C3D CLA PG . 64.07 62.09 26.43
C4D CLA PG . 64.76 61.08 25.87
CMD CLA PG . 61.94 63.49 25.91
CAD CLA PG . 64.70 62.51 27.70
OBD CLA PG . 64.07 63.09 28.66
CBD CLA PG . 65.98 61.75 27.86
CGD CLA PG . 67.13 62.68 27.65
O1D CLA PG . 67.68 63.23 28.60
O2D CLA PG . 67.62 62.94 26.30
CED CLA PG . 68.98 62.67 25.96
MG CLA QG . -36.41 53.39 -13.04
CHA CLA QG . -37.39 53.46 -16.46
CHB CLA QG . -34.34 56.01 -13.88
CHC CLA QG . -35.60 53.40 -9.92
CHD CLA QG . -38.72 50.79 -12.54
NA CLA QG . -35.93 54.60 -14.91
C1A CLA QG . -36.38 54.46 -16.08
C2A CLA QG . -35.83 55.39 -17.09
C3A CLA QG . -34.85 56.18 -16.24
C4A CLA QG . -35.04 55.56 -14.91
CMA CLA QG . -33.43 55.88 -16.65
CAA CLA QG . -36.94 56.33 -17.54
CBA CLA QG . -37.77 56.92 -16.41
CGA CLA QG . -36.97 58.03 -15.79
O1A CLA QG . -36.23 58.75 -16.41
O2A CLA QG . -36.95 58.34 -14.52
NB CLA QG . -35.14 54.58 -12.04
C1B CLA QG . -34.36 55.56 -12.49
C2B CLA QG . -33.53 56.15 -11.41
C3B CLA QG . -33.93 55.36 -10.29
C4B CLA QG . -34.94 54.40 -10.75
CMB CLA QG . -32.52 57.26 -11.47
CAB CLA QG . -33.47 55.47 -8.91
CBB CLA QG . -32.53 56.31 -8.63
NC CLA QG . -37.10 52.23 -11.42
C1C CLA QG . -36.62 52.38 -10.20
C2C CLA QG . -37.19 51.46 -9.20
C3C CLA QG . -38.11 50.70 -10.00
C4C CLA QG . -37.98 51.25 -11.36
CMC CLA QG . -36.94 51.31 -7.74
CAC CLA QG . -39.02 49.63 -9.54
CBC CLA QG . -40.11 50.37 -8.83
ND CLA QG . -37.77 52.33 -14.13
C1D CLA QG . -38.60 51.35 -13.89
C2D CLA QG . -39.36 50.88 -15.05
C3D CLA QG . -38.84 51.77 -16.05
C4D CLA QG . -37.94 52.55 -15.47
CMD CLA QG . -40.41 49.87 -15.39
CAD CLA QG . -38.98 52.06 -17.49
OBD CLA QG . -40.01 51.84 -18.19
CBD CLA QG . -38.10 53.20 -17.77
CGD CLA QG . -37.44 53.00 -19.07
O1D CLA QG . -38.11 52.61 -19.99
O2D CLA QG . -36.07 53.35 -19.27
CED CLA QG . -35.78 54.16 -20.39
C1 CLA QG . -38.12 57.93 -13.51
C2 CLA QG . -38.73 58.89 -12.50
C3 CLA QG . -37.97 59.48 -11.55
C4 CLA QG . -36.51 59.23 -11.55
C5 CLA QG . -38.55 60.46 -10.57
C6 CLA QG . -39.88 60.08 -9.94
C7 CLA QG . -40.62 61.23 -9.23
C8 CLA QG . -42.12 61.27 -9.51
C9 CLA QG . -42.58 62.68 -9.81
C10 CLA QG . -42.95 60.63 -8.40
C11 CLA QG . -43.16 61.58 -7.23
C12 CLA QG . -44.19 61.06 -6.25
C13 CLA QG . -44.20 61.89 -4.98
C14 CLA QG . -42.78 62.14 -4.46
C15 CLA QG . -45.13 61.22 -3.97
C16 CLA QG . -44.45 60.56 -2.77
C17 CLA QG . -45.43 59.85 -1.86
C18 CLA QG . -45.43 60.43 -0.46
C19 CLA QG . -46.19 59.54 0.53
C20 CLA QG . -44.02 60.69 0.05
MG CLA RG . -30.37 59.81 -4.61
CHA CLA RG . -31.02 61.28 -7.71
CHB CLA RG . -33.55 58.80 -4.52
CHC CLA RG . -29.56 58.42 -1.69
CHD CLA RG . -26.98 60.94 -4.92
NA CLA RG . -32.12 60.01 -5.98
C1A CLA RG . -32.17 60.59 -7.09
C2A CLA RG . -33.49 60.57 -7.71
C3A CLA RG . -34.29 59.75 -6.71
C4A CLA RG . -33.27 59.49 -5.66
CMA CLA RG . -35.43 60.59 -6.19
CAA CLA RG . -33.53 59.98 -9.10
CBA CLA RG . -34.68 60.62 -9.86
CGA CLA RG . -35.96 60.51 -9.07
O1A CLA RG . -36.71 61.45 -8.85
O2A CLA RG . -36.38 59.38 -8.53
NB CLA RG . -31.44 58.73 -3.27
C1B CLA RG . -32.71 58.41 -3.36
C2B CLA RG . -33.16 57.64 -2.18
C3B CLA RG . -31.94 57.58 -1.40
C4B CLA RG . -30.93 58.28 -2.15
CMB CLA RG . -34.53 57.09 -1.89
CAB CLA RG . -31.64 56.97 -0.09
CBB CLA RG . -30.72 57.45 0.70
NC CLA RG . -28.56 59.69 -3.51
C1C CLA RG . -28.45 59.10 -2.34
C2C CLA RG . -27.15 59.14 -1.68
C3C CLA RG . -26.38 59.89 -2.65
C4C CLA RG . -27.35 60.18 -3.73
CMC CLA RG . -26.78 58.55 -0.35
CAC CLA RG . -24.93 60.30 -2.64
CBC CLA RG . -24.54 61.02 -1.37
ND CLA RG . -29.16 60.82 -5.89
C1D CLA RG . -27.92 61.23 -5.98
C2D CLA RG . -27.58 62.00 -7.20
C3D CLA RG . -28.88 61.97 -7.85
C4D CLA RG . -29.71 61.31 -7.06
CMD CLA RG . -26.40 62.69 -7.82
CAD CLA RG . -29.52 62.46 -9.06
OBD CLA RG . -29.17 63.51 -9.71
CBD CLA RG . -30.93 61.97 -9.05
CGD CLA RG . -31.85 63.08 -9.42
O1D CLA RG . -31.57 64.23 -9.20
O2D CLA RG . -33.09 62.80 -10.08
CED CLA RG . -33.60 63.68 -11.05
C1 CLA RG . -37.90 59.13 -8.13
C2 CLA RG . -38.33 58.91 -6.72
C3 CLA RG . -39.62 58.75 -6.43
C4 CLA RG . -40.66 58.82 -7.50
C5 CLA RG . -40.03 58.49 -5.02
C6 CLA RG . -41.27 57.63 -4.99
C7 CLA RG . -41.63 57.23 -3.58
C8 CLA RG . -40.82 56.02 -3.16
C9 CLA RG . -41.55 54.75 -3.55
C10 CLA RG . -40.59 56.09 -1.67
C11 CLA RG . -41.90 56.21 -0.93
MG CLA SG . -23.43 49.09 8.86
CHA CLA SG . -23.34 49.25 12.36
CHB CLA SG . -23.98 52.43 8.92
CHC CLA SG . -23.37 48.88 5.57
CHD CLA SG . -22.72 45.57 9.10
NA CLA SG . -23.62 50.69 10.46
C1A CLA SG . -23.58 50.56 11.71
C2A CLA SG . -23.80 51.79 12.48
C3A CLA SG . -24.01 52.78 11.36
C4A CLA SG . -23.86 51.93 10.16
CMA CLA SG . -25.46 53.21 11.35
CAA CLA SG . -22.57 52.03 13.32
CBA CLA SG . -21.43 52.66 12.56
CGA CLA SG . -20.65 51.56 11.97
O1A CLA SG . -19.60 51.15 12.40
O2A CLA SG . -21.06 50.94 10.90
NB CLA SG . -23.64 50.50 7.40
C1B CLA SG . -23.88 51.79 7.58
C2B CLA SG . -24.04 52.52 6.30
C3B CLA SG . -23.86 51.46 5.33
C4B CLA SG . -23.62 50.23 6.10
CMB CLA SG . -24.30 53.95 6.05
CAB CLA SG . -23.89 51.60 3.86
CBB CLA SG . -24.74 50.96 3.12
NC CLA SG . -23.08 47.45 7.55
C1C CLA SG . -23.13 47.59 6.23
C2C CLA SG . -22.93 46.36 5.47
C3C CLA SG . -22.72 45.37 6.51
C4C CLA SG . -22.84 46.15 7.76
CMC CLA SG . -22.95 46.20 3.99
CAC CLA SG . -22.46 43.89 6.34
CBC CLA SG . -20.98 43.60 6.42
ND CLA SG . -23.08 47.66 10.27
C1D CLA SG . -22.84 46.36 10.31
C2D CLA SG . -22.72 45.81 11.68
C3D CLA SG . -22.93 47.03 12.46
C4D CLA SG . -23.13 48.02 11.60
CMD CLA SG . -22.46 44.46 12.29
CAD CLA SG . -23.00 47.50 13.85
OBD CLA SG . -23.32 46.80 14.85
CBD CLA SG . -23.24 48.96 13.83
CGD CLA SG . -24.49 49.30 14.59
O1D CLA SG . -25.60 49.18 14.16
O2D CLA SG . -24.37 49.77 15.93
CED CLA SG . -25.30 49.25 16.85
C1 CLA SG . -20.48 49.54 10.42
C2 CLA SG . -19.25 49.45 9.56
C3 CLA SG . -19.24 48.68 8.48
C4 CLA SG . -20.44 47.88 8.09
C5 CLA SG . -18.03 48.62 7.60
C6 CLA SG . -18.22 49.38 6.29
C7 CLA SG . -19.61 49.17 5.70
C8 CLA SG . -19.71 49.43 4.20
C9 CLA SG . -18.40 49.24 3.45
C10 CLA SG . -20.22 50.84 4.03
C11 CLA SG . -20.31 51.15 2.54
C12 CLA SG . -19.39 52.31 2.20
C13 CLA SG . -20.21 53.47 1.67
C14 CLA SG . -20.45 53.31 0.18
C15 CLA SG . -19.46 54.76 1.98
C16 CLA SG . -19.69 55.23 3.41
C17 CLA SG . -18.37 55.51 4.09
C18 CLA SG . -18.52 55.84 5.57
C19 CLA SG . -19.53 54.94 6.24
C20 CLA SG . -17.18 55.73 6.29
MG CLA TG . -22.22 45.48 -10.39
CHA CLA TG . -20.14 46.29 -13.05
CHB CLA TG . -23.64 43.22 -12.42
CHC CLA TG . -24.06 44.66 -7.75
CHD CLA TG . -20.44 47.83 -8.38
NA CLA TG . -21.93 44.80 -12.52
C1A CLA TG . -21.13 45.24 -13.35
C2A CLA TG . -21.22 44.61 -14.68
C3A CLA TG . -22.35 43.64 -14.46
C4A CLA TG . -22.67 43.89 -13.04
CMA CLA TG . -23.55 44.13 -15.22
CAA CLA TG . -19.97 43.76 -14.86
CBA CLA TG . -19.55 42.89 -13.68
CGA CLA TG . -20.47 41.72 -13.45
O1A CLA TG . -20.78 40.90 -14.24
O2A CLA TG . -21.05 41.47 -12.31
NB CLA TG . -23.66 44.08 -10.12
C1B CLA TG . -24.16 43.27 -11.05
C2B CLA TG . -25.25 42.42 -10.54
C3B CLA TG . -25.34 42.89 -9.18
C4B CLA TG . -24.32 43.91 -8.99
CMB CLA TG . -26.07 41.38 -11.22
CAB CLA TG . -26.26 42.39 -8.17
CBB CLA TG . -27.16 41.53 -8.56
NC CLA TG . -22.21 46.13 -8.37
C1C CLA TG . -23.07 45.70 -7.47
C2C CLA TG . -22.97 46.32 -6.15
C3C CLA TG . -21.89 47.24 -6.34
C4C CLA TG . -21.50 47.06 -7.74
CMC CLA TG . -23.79 46.05 -4.94
CAC CLA TG . -21.28 48.18 -5.36
CBC CLA TG . -19.84 47.79 -5.17
ND CLA TG . -20.66 46.77 -10.53
C1D CLA TG . -20.04 47.65 -9.77
C2D CLA TG . -18.97 48.41 -10.45
C3D CLA TG . -19.06 47.80 -11.77
C4D CLA TG . -20.03 46.91 -11.74
CMD CLA TG . -17.98 49.47 -10.11
CAD CLA TG . -18.44 47.88 -13.11
OBD CLA TG . -17.27 48.32 -13.37
CBD CLA TG . -19.14 46.89 -13.96
CGD CLA TG . -19.83 47.60 -15.06
O1D CLA TG . -19.21 47.92 -16.02
O2D CLA TG . -21.21 47.91 -15.05
CED CLA TG . -21.90 47.88 -16.28
C1 CLA TG . -21.23 40.01 -11.72
C2 CLA TG . -22.38 39.59 -10.82
C3 CLA TG . -22.14 39.07 -9.62
C4 CLA TG . -20.74 38.86 -9.16
C5 CLA TG . -23.29 38.70 -8.72
C6 CLA TG . -22.84 37.80 -7.56
C7 CLA TG . -21.91 38.50 -6.58
C8 CLA TG . -21.67 37.84 -5.22
C9 CLA TG . -22.09 36.39 -5.20
C10 CLA TG . -22.37 38.62 -4.12
C11 CLA TG . -21.48 38.88 -2.90
C12 CLA TG . -22.33 38.94 -1.63
C13 CLA TG . -21.71 39.62 -0.41
C14 CLA TG . -20.28 40.10 -0.63
C15 CLA TG . -21.74 38.65 0.76
C16 CLA TG . -21.03 39.20 1.99
C17 CLA TG . -19.51 39.09 1.91
C18 CLA TG . -18.83 39.10 3.29
C19 CLA TG . -17.36 39.45 3.14
C20 CLA TG . -19.52 40.05 4.25
MG CLA UG . -43.41 33.10 -26.90
CHA CLA UG . -40.93 31.18 -25.53
CHB CLA UG . -40.87 35.05 -28.22
CHC CLA UG . -45.76 34.84 -28.28
CHD CLA UG . -45.89 30.81 -25.53
NA CLA UG . -41.15 33.13 -26.90
C1A CLA UG . -40.41 32.34 -26.29
C2A CLA UG . -38.97 32.58 -26.43
C3A CLA UG . -38.96 33.84 -27.28
C4A CLA UG . -40.41 34.03 -27.50
CMA CLA UG . -38.49 35.05 -26.48
CAA CLA UG . -38.64 31.33 -27.22
CBA CLA UG . -39.15 31.37 -28.69
CGA CLA UG . -40.63 31.18 -28.92
O1A CLA UG . -41.23 31.48 -29.93
O2A CLA UG . -41.50 30.64 -28.10
NB CLA UG . -43.32 34.71 -28.10
C1B CLA UG . -42.26 35.40 -28.51
C2B CLA UG . -42.60 36.59 -29.34
C3B CLA UG . -44.07 36.49 -29.35
C4B CLA UG . -44.41 35.30 -28.55
CMB CLA UG . -41.70 37.61 -30.00
CAB CLA UG . -45.02 37.42 -29.99
CBB CLA UG . -45.32 38.51 -29.31
NC CLA UG . -45.50 32.84 -26.89
C1C CLA UG . -46.25 33.70 -27.51
C2C CLA UG . -47.68 33.48 -27.46
C3C CLA UG . -47.74 32.29 -26.65
C4C CLA UG . -46.33 31.95 -26.33
CMC CLA UG . -48.80 34.23 -28.10
CAC CLA UG . -49.03 31.62 -26.36
CBC CLA UG . -49.49 31.17 -27.76
ND CLA UG . -43.55 31.37 -25.81
C1D CLA UG . -44.46 30.56 -25.28
C2D CLA UG . -43.85 29.44 -24.47
C3D CLA UG . -42.44 29.77 -24.61
C4D CLA UG . -42.36 30.85 -25.36
CMD CLA UG . -44.27 28.24 -23.68
CAD CLA UG . -41.12 29.31 -24.20
OBD CLA UG . -40.99 29.04 -22.96
CBD CLA UG . -40.08 30.18 -24.86
CGD CLA UG . -39.02 30.94 -24.12
O1D CLA UG . -37.90 30.50 -24.02
O2D CLA UG . -39.28 32.29 -23.65
CED CLA UG . -38.17 33.17 -23.66
MG CLA VG . -45.73 48.54 3.27
CHA CLA VG . -47.93 50.39 5.18
CHB CLA VG . -44.58 51.42 1.99
CHC CLA VG . -43.60 46.64 1.54
CHD CLA VG . -47.08 45.61 4.83
NA CLA VG . -46.20 50.70 3.56
C1A CLA VG . -47.06 51.21 4.30
C2A CLA VG . -47.13 52.68 4.23
C3A CLA VG . -46.05 52.97 3.19
C4A CLA VG . -45.57 51.60 2.89
CMA CLA VG . -46.57 53.46 1.85
CAA CLA VG . -46.73 53.17 5.61
CBA CLA VG . -47.19 54.59 5.89
CGA CLA VG . -48.69 54.69 5.92
O1A CLA VG . -49.42 54.24 6.78
O2A CLA VG . -49.37 55.31 4.97
NB CLA VG . -44.27 48.99 1.95
C1B CLA VG . -43.95 50.20 1.53
C2B CLA VG . -42.88 50.20 0.53
C3B CLA VG . -42.61 48.78 0.41
C4B CLA VG . -43.52 48.09 1.33
CMB CLA VG . -42.24 51.34 -0.17
CAB CLA VG . -41.62 48.15 -0.46
CBB CLA VG . -41.52 48.63 -1.68
NC CLA VG . -45.40 46.46 3.23
C1C CLA VG . -44.49 45.90 2.44
C2C CLA VG . -44.45 44.44 2.49
C3C CLA VG . -45.48 44.18 3.49
C4C CLA VG . -46.00 45.47 3.86
CMC CLA VG . -43.56 43.55 1.69
CAC CLA VG . -46.07 42.92 4.05
CBC CLA VG . -47.51 43.07 3.62
ND CLA VG . -47.11 47.97 4.66
C1D CLA VG . -47.62 46.88 5.21
C2D CLA VG . -48.71 47.08 6.20
C3D CLA VG . -48.77 48.52 6.13
C4D CLA VG . -47.87 48.94 5.25
CMD CLA VG . -49.59 46.29 7.10
CAD CLA VG . -49.54 49.63 6.72
OBD CLA VG . -50.80 49.48 6.95
CBD CLA VG . -49.01 50.86 6.09
CGD CLA VG . -50.01 51.32 5.08
O1D CLA VG . -50.59 50.49 4.39
O2D CLA VG . -50.25 52.74 4.88
CED CLA VG . -51.54 53.28 4.59
C1 CLA VG . -48.76 56.68 4.42
C2 CLA VG . -48.87 57.95 5.24
C3 CLA VG . -49.70 58.92 4.83
C4 CLA VG . -50.52 58.75 3.57
C5 CLA VG . -49.84 60.18 5.66
C6 CLA VG . -50.84 61.16 5.06
C7 CLA VG . -52.30 60.76 5.28
C8 CLA VG . -53.34 61.64 4.56
C9 CLA VG . -52.80 63.02 4.17
C10 CLA VG . -54.64 61.72 5.38
C11 CLA VG . -54.80 63.00 6.20
C12 CLA VG . -55.07 62.73 7.67
C13 CLA VG . -54.92 63.98 8.51
C14 CLA VG . -55.64 65.16 7.87
C15 CLA VG . -53.44 64.29 8.73
C16 CLA VG . -53.22 64.92 10.09
C17 CLA VG . -52.56 63.94 11.06
C18 CLA VG . -51.90 64.68 12.20
C19 CLA VG . -52.73 64.53 13.46
C20 CLA VG . -50.46 64.22 12.43
MG CLA WG . -20.04 58.90 -6.69
CHA CLA WG . -17.58 59.74 -4.30
CHB CLA WG . -22.32 59.10 -4.18
CHC CLA WG . -22.34 58.19 -9.04
CHD CLA WG . -17.50 58.85 -9.21
NA CLA WG . -19.99 59.38 -4.48
C1A CLA WG . -18.98 59.66 -3.77
C2A CLA WG . -19.32 59.86 -2.33
C3A CLA WG . -20.84 59.65 -2.33
C4A CLA WG . -21.07 59.36 -3.76
CMA CLA WG . -21.25 58.41 -1.55
CAA CLA WG . -18.92 61.26 -1.85
CBA CLA WG . -19.52 62.43 -2.65
CGA CLA WG . -18.95 62.49 -4.04
O1A CLA WG . -17.84 62.89 -4.31
O2A CLA WG . -19.65 62.15 -5.09
NB CLA WG . -22.07 58.69 -6.60
C1B CLA WG . -22.83 58.77 -5.52
C2B CLA WG . -24.25 58.52 -5.82
C3B CLA WG . -24.23 58.26 -7.23
C4B CLA WG . -22.82 58.38 -7.65
CMB CLA WG . -25.45 58.51 -4.97
CAB CLA WG . -25.40 57.96 -8.08
CBB CLA WG . -25.73 58.84 -8.99
NC CLA WG . -19.92 58.60 -8.81
C1C CLA WG . -20.98 58.27 -9.57
C2C CLA WG . -20.70 58.02 -10.99
C3C CLA WG . -19.26 58.23 -11.04
C4C CLA WG . -18.88 58.57 -9.65
CMC CLA WG . -21.64 57.61 -12.08
CAC CLA WG . -18.34 58.10 -12.21
CBC CLA WG . -17.30 59.18 -12.12
ND CLA WG . -18.02 59.21 -6.86
C1D CLA WG . -17.09 59.17 -7.81
C2D CLA WG . -15.69 59.45 -7.35
C3D CLA WG . -15.98 59.68 -5.92
C4D CLA WG . -17.28 59.52 -5.72
CMD CLA WG . -14.30 59.55 -7.90
CAD CLA WG . -15.27 60.01 -4.69
OBD CLA WG . -14.06 60.35 -4.56
CBD CLA WG . -16.27 60.07 -3.61
CGD CLA WG . -15.74 59.11 -2.57
O1D CLA WG . -16.08 57.95 -2.53
O2D CLA WG . -14.78 59.58 -1.60
CED CLA WG . -13.44 59.84 -1.98
C1 CLA WG . -20.85 63.11 -5.50
C2 CLA WG . -20.75 64.62 -5.39
C3 CLA WG . -21.57 65.40 -4.67
C4 CLA WG . -22.68 64.80 -3.86
C5 CLA WG . -21.33 66.90 -4.65
C6 CLA WG . -22.53 67.65 -4.08
C7 CLA WG . -22.30 69.16 -4.02
C8 CLA WG . -22.90 69.96 -5.18
C9 CLA WG . -23.02 69.14 -6.46
C10 CLA WG . -22.06 71.22 -5.41
C11 CLA WG . -22.68 72.24 -6.39
C12 CLA WG . -21.66 72.82 -7.38
C13 CLA WG . -22.27 73.32 -8.68
C14 CLA WG . -21.30 74.21 -9.44
C15 CLA WG . -23.58 74.05 -8.40
C16 CLA WG . -24.07 74.86 -9.59
C17 CLA WG . -25.51 75.32 -9.40
C18 CLA WG . -25.62 76.83 -9.20
C19 CLA WG . -24.94 77.58 -10.33
C20 CLA WG . -27.07 77.25 -9.07
MG CLA XG . -20.43 57.68 11.83
CHA CLA XG . -17.75 55.38 11.99
CHB CLA XG . -18.80 59.49 14.09
CHC CLA XG . -22.94 59.84 11.52
CHD CLA XG . -21.93 55.66 9.31
NA CLA XG . -18.46 57.47 12.93
C1A CLA XG . -17.58 56.56 12.90
C2A CLA XG . -16.44 56.79 13.83
C3A CLA XG . -16.86 58.09 14.47
C4A CLA XG . -18.13 58.37 13.78
CMA CLA XG . -17.09 57.89 15.95
CAA CLA XG . -15.16 57.25 13.18
CBA CLA XG . -14.03 57.58 14.17
CGA CLA XG . -14.19 58.66 15.26
O1A CLA XG . -14.11 58.44 16.44
O2A CLA XG . -14.36 59.96 15.10
NB CLA XG . -20.81 59.46 12.70
C1B CLA XG . -20.06 60.04 13.61
C2B CLA XG . -20.64 61.32 14.09
C3B CLA XG . -21.87 61.39 13.30
C4B CLA XG . -21.88 60.19 12.47
CMB CLA XG . -20.12 62.29 15.11
CAB CLA XG . -22.90 62.45 13.33
CBB CLA XG . -24.16 62.12 13.40
NC CLA XG . -22.16 57.74 10.57
C1C CLA XG . -23.06 58.69 10.63
C2C CLA XG . -24.23 58.56 9.75
C3C CLA XG . -23.92 57.31 9.08
C4C CLA XG . -22.64 56.89 9.68
CMC CLA XG . -25.41 59.46 9.56
CAC CLA XG . -24.74 56.63 8.02
CBC CLA XG . -26.20 56.78 8.31
ND CLA XG . -20.06 55.98 10.80
C1D CLA XG . -20.67 55.25 9.90
C2D CLA XG . -19.96 54.01 9.54
C3D CLA XG . -18.82 54.15 10.40
C4D CLA XG . -18.92 55.27 11.10
CMD CLA XG . -20.11 52.83 8.64
CAD CLA XG . -17.64 53.38 10.71
OBD CLA XG . -17.82 52.13 10.84
CBD CLA XG . -16.84 54.18 11.69
CGD CLA XG . -16.12 53.37 12.73
O1D CLA XG . -15.51 53.86 13.63
O2D CLA XG . -16.02 51.96 12.63
CED CLA XG . -17.03 51.19 13.25
C1 CLA XG . -15.78 60.68 15.02
C2 CLA XG . -16.39 60.96 13.67
C3 CLA XG . -17.09 62.08 13.38
MG CLA YG . -12.85 52.60 -5.33
CHA CLA YG . -9.79 53.83 -4.20
CHB CLA YG . -12.26 49.88 -3.42
CHC CLA YG . -15.83 51.59 -6.32
CHD CLA YG . -13.29 55.66 -7.13
NA CLA YG . -11.22 51.89 -3.94
C1A CLA YG . -10.14 52.49 -3.66
C2A CLA YG . -9.24 51.73 -2.75
C3A CLA YG . -10.08 50.47 -2.52
C4A CLA YG . -11.27 50.75 -3.35
CMA CLA YG . -9.42 49.23 -3.05
CAA CLA YG . -9.04 52.54 -1.48
CBA CLA YG . -8.63 51.62 -0.35
CGA CLA YG . -8.71 52.36 0.95
O1A CLA YG . -7.75 52.74 1.58
O2A CLA YG . -9.81 52.67 1.55
NB CLA YG . -13.92 50.93 -4.90
C1B CLA YG . -13.54 49.91 -4.15
C2B CLA YG . -14.54 48.82 -4.12
C3B CLA YG . -15.58 49.35 -4.99
C4B CLA YG . -15.10 50.67 -5.44
CMB CLA YG . -14.54 47.51 -3.40
CAB CLA YG . -16.85 48.68 -5.32
CBB CLA YG . -17.54 48.99 -6.37
NC CLA YG . -14.32 53.52 -6.53
C1C CLA YG . -15.46 52.92 -6.84
C2C CLA YG . -16.35 53.66 -7.74
C3C CLA YG . -15.58 54.85 -7.95
C4C CLA YG . -14.35 54.67 -7.18
CMC CLA YG . -17.70 53.31 -8.29
CAC CLA YG . -15.93 56.01 -8.81
CBC CLA YG . -15.36 55.73 -10.18
ND CLA YG . -11.92 54.38 -5.67
C1D CLA YG . -12.09 55.49 -6.36
C2D CLA YG . -10.99 56.46 -6.28
C3D CLA YG . -10.11 55.73 -5.40
C4D CLA YG . -10.68 54.58 -5.10
CMD CLA YG . -10.61 57.81 -6.80
CAD CLA YG . -8.82 55.87 -4.76
OBD CLA YG . -8.17 56.95 -4.73
CBD CLA YG . -8.58 54.67 -3.93
CGD CLA YG . -7.37 54.00 -4.41
O1D CLA YG . -7.24 53.84 -5.59
O2D CLA YG . -6.34 53.56 -3.51
CED CLA YG . -5.11 53.17 -4.09
C1 CLA YG . -9.94 52.09 3.03
C2 CLA YG . -9.04 50.95 3.40
C3 CLA YG . -9.48 49.90 4.10
C4 CLA YG . -10.89 49.85 4.56
C5 CLA YG . -8.56 48.76 4.41
MG CLA ZG . -41.08 36.76 5.03
CHA CLA ZG . -41.37 36.01 8.41
CHB CLA ZG . -37.91 37.57 5.64
CHC CLA ZG . -40.86 37.29 1.76
CHD CLA ZG . -44.44 35.71 4.58
NA CLA ZG . -39.76 36.77 6.83
C1A CLA ZG . -40.03 36.49 8.02
C2A CLA ZG . -38.90 36.65 8.97
C3A CLA ZG . -37.83 37.17 8.07
C4A CLA ZG . -38.53 37.17 6.76
CMA CLA ZG . -37.57 38.60 8.47
CAA CLA ZG . -38.41 35.25 9.23
CBA CLA ZG . -37.61 35.03 10.51
CGA CLA ZG . -36.39 35.91 10.67
O1A CLA ZG . -35.84 36.49 9.75
O2A CLA ZG . -35.77 36.11 11.83
NB CLA ZG . -39.56 37.34 3.84
C1B CLA ZG . -38.35 37.66 4.24
C2B CLA ZG . -37.48 38.10 3.15
C3B CLA ZG . -38.38 38.02 2.03
C4B CLA ZG . -39.66 37.53 2.55
CMB CLA ZG . -36.05 38.55 3.20
CAB CLA ZG . -38.11 38.33 0.64
CBB CLA ZG . -38.31 37.38 -0.24
NC CLA ZG . -42.46 36.51 3.43
C1C CLA ZG . -42.17 36.81 2.18
C2C CLA ZG . -43.24 36.64 1.22
C3C CLA ZG . -44.31 36.16 2.08
C4C CLA ZG . -43.71 36.13 3.40
CMC CLA ZG . -43.20 36.90 -0.26
CAC CLA ZG . -45.70 35.76 1.75
CBC CLA ZG . -46.56 36.98 1.67
ND CLA ZG . -42.62 36.01 6.10
C1D CLA ZG . -43.87 35.65 5.92
C2D CLA ZG . -44.59 35.22 7.14
C3D CLA ZG . -43.51 35.39 8.08
C4D CLA ZG . -42.45 35.84 7.45
CMD CLA ZG . -45.95 34.73 7.57
CAD CLA ZG . -43.26 35.24 9.52
OBD CLA ZG . -44.13 34.95 10.40
CBD CLA ZG . -41.86 35.63 9.77
CGD CLA ZG . -41.93 36.88 10.56
O1D CLA ZG . -42.52 37.85 10.14
O2D CLA ZG . -41.33 36.96 11.86
CED CLA ZG . -42.20 37.17 12.96
C1 CLA ZG . -34.42 36.98 11.99
C2 CLA ZG . -33.43 37.02 10.85
C3 CLA ZG . -32.12 36.90 11.11
C4 CLA ZG . -31.62 36.75 12.50
C5 CLA ZG . -31.14 36.91 9.97
MG CLA AH . -43.02 43.96 -16.42
CHA CLA AH . -40.69 45.34 -14.28
CHB CLA AH . -45.25 44.39 -13.93
CHC CLA AH . -45.22 42.80 -18.56
CHD CLA AH . -40.52 43.78 -18.94
NA CLA AH . -43.00 44.77 -14.33
C1A CLA AH . -42.02 45.23 -13.70
C2A CLA AH . -42.27 45.64 -12.32
C3A CLA AH . -43.76 45.34 -12.23
C4A CLA AH . -44.03 44.79 -13.57
CMA CLA AH . -44.01 44.22 -11.24
CAA CLA AH . -41.78 47.06 -12.17
CBA CLA AH . -42.76 48.21 -12.33
CGA CLA AH . -41.96 49.46 -12.14
O1A CLA AH . -41.38 49.77 -11.13
O2A CLA AH . -41.75 50.39 -13.02
NB CLA AH . -45.00 43.66 -16.25
C1B CLA AH . -45.75 43.83 -15.19
C2B CLA AH . -47.15 43.43 -15.44
C3B CLA AH . -47.08 42.98 -16.79
C4B CLA AH . -45.70 43.15 -17.23
CMB CLA AH . -48.35 43.44 -14.57
CAB CLA AH . -48.16 42.46 -17.61
CBB CLA AH . -49.30 42.29 -17.00
NC CLA AH . -42.89 43.40 -18.47
C1C CLA AH . -43.90 42.90 -19.14
C2C CLA AH . -43.64 42.49 -20.51
C3C CLA AH . -42.26 42.80 -20.60
C4C CLA AH . -41.88 43.35 -19.30
CMC CLA AH . -44.55 41.90 -21.52
CAC CLA AH . -41.39 42.64 -21.79
CBC CLA AH . -40.56 43.88 -21.79
ND CLA AH . -41.07 44.42 -16.70
C1D CLA AH . -40.16 44.31 -17.63
C2D CLA AH . -38.81 44.76 -17.21
C3D CLA AH . -39.11 45.17 -15.86
C4D CLA AH . -40.38 44.95 -15.64
CMD CLA AH . -37.44 44.90 -17.77
CAD CLA AH . -38.46 45.73 -14.66
OBD CLA AH . -37.30 46.24 -14.63
CBD CLA AH . -39.48 45.89 -13.61
CGD CLA AH . -39.16 45.17 -12.36
O1D CLA AH . -39.22 43.97 -12.29
O2D CLA AH . -38.77 45.89 -11.20
CED CLA AH . -37.43 45.76 -10.76
C1 CLA AH . -42.79 51.60 -13.05
C2 CLA AH . -44.21 51.14 -13.13
C3 CLA AH . -45.21 51.81 -12.54
C4 CLA AH . -44.90 53.06 -11.78
C5 CLA AH . -46.64 51.29 -12.67
C6 CLA AH . -46.77 49.92 -13.33
C7 CLA AH . -47.05 48.83 -12.31
C8 CLA AH . -47.74 47.56 -12.84
C9 CLA AH . -48.49 47.81 -14.14
C10 CLA AH . -48.68 47.00 -11.78
C11 CLA AH . -47.89 46.59 -10.55
C12 CLA AH . -47.49 47.77 -9.69
C13 CLA AH . -46.53 47.42 -8.57
C14 CLA AH . -47.02 47.99 -7.27
C15 CLA AH . -45.17 47.97 -8.87
C16 CLA AH . -45.30 49.48 -9.00
C17 CLA AH . -44.13 50.18 -8.33
C18 CLA AH . -44.46 50.91 -7.02
C19 CLA AH . -43.72 52.23 -6.95
C20 CLA AH . -45.94 51.17 -6.81
MG CLA BH . -37.65 36.19 -10.84
CHA CLA BH . -34.57 36.72 -12.31
CHB CLA BH . -38.17 33.89 -13.26
CHC CLA BH . -40.48 35.59 -9.33
CHD CLA BH . -36.78 38.52 -8.31
NA CLA BH . -36.51 35.37 -12.59
C1A CLA BH . -35.39 35.71 -13.00
C2A CLA BH . -34.91 35.00 -14.20
C3A CLA BH . -36.12 34.14 -14.48
C4A CLA BH . -37.00 34.49 -13.37
CMA CLA BH . -36.82 34.67 -15.69
CAA CLA BH . -33.76 34.15 -13.65
CBA CLA BH . -33.90 32.61 -13.64
CGA CLA BH . -33.28 31.86 -12.50
O1A CLA BH . -32.18 32.04 -12.10
O2A CLA BH . -33.79 30.85 -11.85
NB CLA BH . -39.12 34.87 -11.25
C1B CLA BH . -39.22 34.05 -12.26
C2B CLA BH . -40.47 33.28 -12.31
C3B CLA BH . -41.12 33.81 -11.14
C4B CLA BH . -40.22 34.79 -10.54
CMB CLA BH . -40.94 32.27 -13.28
CAB CLA BH . -42.42 33.44 -10.63
CBB CLA BH . -42.98 34.28 -9.80
NC CLA BH . -38.48 36.95 -9.06
C1C CLA BH . -39.66 36.59 -8.64
C2C CLA BH . -40.11 37.25 -7.44
C3C CLA BH . -39.00 38.12 -7.14
C4C CLA BH . -38.05 37.85 -8.21
CMC CLA BH . -41.39 37.04 -6.71
CAC CLA BH . -38.82 39.07 -6.02
CBC CLA BH . -40.14 39.74 -5.73
ND CLA BH . -36.11 37.38 -10.29
C1D CLA BH . -35.82 38.25 -9.37
C2D CLA BH . -34.51 38.91 -9.50
C3D CLA BH . -34.07 38.23 -10.71
C4D CLA BH . -35.01 37.39 -11.10
CMD CLA BH . -33.69 39.91 -8.77
CAD CLA BH . -32.93 38.18 -11.63
OBD CLA BH . -31.76 38.51 -11.33
CBD CLA BH . -33.21 37.18 -12.68
CGD CLA BH . -33.19 37.79 -14.01
O1D CLA BH . -34.17 38.30 -14.45
O2D CLA BH . -31.98 37.78 -14.77
CED CLA BH . -30.85 38.43 -14.23
C1 CLA BH . -34.60 30.97 -10.47
C2 CLA BH . -34.07 31.28 -9.07
C3 CLA BH . -34.90 31.38 -8.02
C4 CLA BH . -36.38 31.19 -8.24
C5 CLA BH . -34.44 31.67 -6.59
C6 CLA BH . -33.15 32.50 -6.50
C7 CLA BH . -32.97 33.15 -5.14
C8 CLA BH . -31.78 34.10 -5.05
C9 CLA BH . -30.50 33.50 -5.58
C10 CLA BH . -31.62 34.60 -3.63
C11 CLA BH . -30.24 35.12 -3.26
C12 CLA BH . -30.20 35.19 -1.75
C13 CLA BH . -28.88 35.66 -1.17
C14 CLA BH . -27.69 35.06 -1.87
C15 CLA BH . -28.87 35.26 0.29
C16 CLA BH . -28.57 36.42 1.24
C17 CLA BH . -29.78 37.21 1.68
C18 CLA BH . -31.03 36.38 1.92
C19 CLA BH . -31.63 35.93 0.61
C20 CLA BH . -30.74 35.20 2.81
MG CLA CH . -47.63 40.73 -0.83
CHA CLA CH . -50.68 41.58 -2.30
CHB CLA CH . -46.31 40.85 -3.93
CHC CLA CH . -44.75 40.13 0.66
CHD CLA CH . -49.24 40.84 2.38
NA CLA CH . -48.40 41.19 -2.91
C1A CLA CH . -49.58 41.46 -3.27
C2A CLA CH . -49.75 41.63 -4.74
C3A CLA CH . -48.32 41.38 -5.22
C4A CLA CH . -47.61 41.13 -3.95
CMA CLA CH . -48.25 40.12 -6.05
CAA CLA CH . -50.21 43.05 -5.06
CBA CLA CH . -49.63 43.65 -6.34
CGA CLA CH . -50.72 43.80 -7.38
O1A CLA CH . -51.63 43.02 -7.53
O2A CLA CH . -50.80 44.77 -8.25
NB CLA CH . -45.76 40.53 -1.55
C1B CLA CH . -45.40 40.57 -2.82
C2B CLA CH . -43.96 40.29 -2.99
C3B CLA CH . -43.54 40.08 -1.64
C4B CLA CH . -44.73 40.24 -0.80
CMB CLA CH . -43.12 40.24 -4.22
CAB CLA CH . -42.20 39.77 -1.21
CBB CLA CH . -41.25 40.52 -1.70
NC CLA CH . -47.10 40.53 1.22
C1C CLA CH . -45.86 40.25 1.62
C2C CLA CH . -45.67 40.06 3.07
C3C CLA CH . -47.02 40.28 3.53
C4C CLA CH . -47.82 40.55 2.33
CMC CLA CH . -44.45 39.77 3.89
CAC CLA CH . -47.49 40.22 4.94
CBC CLA CH . -47.14 38.84 5.42
ND CLA CH . -49.45 41.13 -0.01
C1D CLA CH . -50.03 41.12 1.18
C2D CLA CH . -51.47 41.40 1.18
C3D CLA CH . -51.66 41.58 -0.25
C4D CLA CH . -50.50 41.40 -0.85
CMD CLA CH . -52.56 41.52 2.19
CAD CLA CH . -52.71 41.88 -1.23
OBD CLA CH . -53.93 41.62 -1.03
CBD CLA CH . -52.11 41.91 -2.58
CGD CLA CH . -52.72 40.85 -3.39
O1D CLA CH . -52.38 39.71 -3.25
O2D CLA CH . -53.75 41.09 -4.35
CED CLA CH . -54.72 40.08 -4.55
C1 CLA CH . -50.73 46.29 -7.80
C2 CLA CH . -51.80 46.89 -6.91
C3 CLA CH . -51.74 48.14 -6.42
C4 CLA CH . -52.84 48.65 -5.55
C5 CLA CH . -50.58 49.03 -6.70
C6 CLA CH . -50.23 49.80 -5.43
MG CLA DH . -51.86 46.32 -21.17
CHA CLA DH . -52.50 49.73 -21.73
CHB CLA DH . -48.95 46.87 -22.79
CHC CLA DH . -51.16 43.08 -20.47
CHD CLA DH . -54.91 46.12 -19.35
NA CLA DH . -50.83 48.09 -22.14
C1A CLA DH . -51.24 49.26 -22.26
C2A CLA DH . -50.39 50.21 -23.03
C3A CLA DH . -49.24 49.26 -23.37
C4A CLA DH . -49.68 47.99 -22.73
CMA CLA DH . -49.27 49.01 -24.86
CAA CLA DH . -50.17 51.49 -22.25
CBA CLA DH . -48.70 51.70 -21.99
CGA CLA DH . -48.28 50.61 -21.04
O1A CLA DH . -48.94 49.64 -20.71
O2A CLA DH . -47.12 50.65 -20.43
NB CLA DH . -50.26 45.14 -21.57
C1B CLA DH . -49.19 45.51 -22.25
C2B CLA DH . -48.22 44.42 -22.45
C3B CLA DH . -48.87 43.31 -21.77
C4B CLA DH . -50.15 43.84 -21.24
CMB CLA DH . -46.91 44.48 -23.17
CAB CLA DH . -48.38 41.94 -21.63
CBB CLA DH . -49.12 41.03 -21.09
NC CLA DH . -52.89 44.83 -20.05
C1C CLA DH . -52.45 43.57 -19.93
C2C CLA DH . -53.35 42.68 -19.19
C3C CLA DH . -54.44 43.58 -18.86
C4C CLA DH . -54.08 44.90 -19.44
CMC CLA DH . -53.22 41.23 -18.87
CAC CLA DH . -55.66 43.18 -18.10
CBC CLA DH . -56.08 41.85 -18.67
ND CLA DH . -53.40 47.53 -20.59
C1D CLA DH . -54.55 47.43 -19.94
C2D CLA DH . -55.33 48.71 -19.88
C3D CLA DH . -54.43 49.59 -20.64
C4D CLA DH . -53.39 48.86 -20.98
CMD CLA DH . -56.61 49.24 -19.32
CAD CLA DH . -54.29 50.99 -21.09
OBD CLA DH . -54.55 51.96 -20.29
CBD CLA DH . -53.04 51.09 -21.87
CGD CLA DH . -53.49 51.09 -23.28
O1D CLA DH . -53.10 51.92 -24.08
O2D CLA DH . -54.42 50.08 -23.73
CED CLA DH . -54.19 49.38 -24.93
MG CLA EH . -42.20 27.08 -13.94
CHA CLA EH . -44.53 25.74 -16.11
CHB CLA EH . -44.02 25.67 -11.46
CHC CLA EH . -39.86 28.23 -11.95
CHD CLA EH . -40.38 28.32 -16.78
NA CLA EH . -44.07 25.83 -13.78
C1A CLA EH . -44.82 25.45 -14.71
C2A CLA EH . -46.03 24.67 -14.29
C3A CLA EH . -45.82 24.68 -12.79
C4A CLA EH . -44.56 25.44 -12.66
CMA CLA EH . -46.90 25.54 -12.20
CAA CLA EH . -45.94 23.24 -14.77
CBA CLA EH . -46.93 22.36 -14.01
CGA CLA EH . -46.76 20.91 -14.41
O1A CLA EH . -47.46 19.99 -14.11
O2A CLA EH . -45.77 20.48 -15.13
NB CLA EH . -41.96 26.94 -11.94
C1B CLA EH . -42.79 26.38 -11.09
C2B CLA EH . -42.38 26.52 -9.69
C3B CLA EH . -41.15 27.27 -9.85
C4B CLA EH . -40.96 27.50 -11.29
CMB CLA EH . -43.04 26.01 -8.45
CAB CLA EH . -40.25 27.72 -8.81
CBB CLA EH . -38.98 27.83 -9.10
NC CLA EH . -40.39 28.12 -14.33
C1C CLA EH . -39.58 28.51 -13.36
C2C CLA EH . -38.39 29.26 -13.82
C3C CLA EH . -38.58 29.26 -15.25
C4C CLA EH . -39.82 28.54 -15.45
CMC CLA EH . -37.27 29.83 -13.00
CAC CLA EH . -37.72 29.82 -16.34
CBC CLA EH . -37.03 31.08 -15.93
ND CLA EH . -42.27 27.10 -15.96
C1D CLA EH . -41.60 27.59 -16.99
C2D CLA EH . -42.22 27.31 -18.30
C3D CLA EH . -43.37 26.59 -17.85
C4D CLA EH . -43.35 26.50 -16.55
CMD CLA EH . -41.98 27.55 -19.75
CAD CLA EH . -44.53 25.91 -18.38
OBD CLA EH . -44.58 25.50 -19.58
CBD CLA EH . -45.34 25.33 -17.30
CGD CLA EH . -46.66 25.95 -17.34
O1D CLA EH . -47.63 25.31 -17.60
O2D CLA EH . -46.79 27.34 -17.10
CED CLA EH . -48.06 27.83 -16.71
C1 CLA EH . -44.66 19.62 -14.38
C1 LUT FH . -29.34 53.70 6.70
C2 LUT FH . -28.35 54.01 7.81
C3 LUT FH . -27.41 52.83 7.98
C4 LUT FH . -27.06 52.02 6.72
C5 LUT FH . -27.48 52.73 5.45
C6 LUT FH . -28.66 53.29 5.42
C7 LUT FH . -29.37 53.48 4.15
C8 LUT FH . -28.98 53.58 2.87
C9 LUT FH . -30.03 53.70 1.82
C10 LUT FH . -29.77 53.99 0.51
C11 LUT FH . -30.89 54.05 -0.45
C12 LUT FH . -30.99 54.20 -1.78
C13 LUT FH . -32.38 54.19 -2.28
C14 LUT FH . -32.75 54.88 -3.36
C15 LUT FH . -34.14 54.91 -3.83
C16 LUT FH . -30.25 54.89 6.46
C17 LUT FH . -30.13 52.53 7.22
C18 LUT FH . -26.60 52.80 4.26
C19 LUT FH . -31.47 53.45 2.25
C20 LUT FH . -33.41 53.36 -1.57
O3 LUT FH . -28.04 52.02 8.95
C21 LUT FH . -42.07 57.51 -12.57
C22 LUT FH . -42.60 58.07 -13.88
C23 LUT FH . -42.49 57.10 -15.04
C24 LUT FH . -41.05 56.64 -15.11
C25 LUT FH . -40.74 55.91 -13.83
C26 LUT FH . -40.99 56.50 -12.68
C27 LUT FH . -40.14 56.17 -11.53
C28 LUT FH . -40.42 55.73 -10.29
C29 LUT FH . -39.26 55.53 -9.37
C30 LUT FH . -39.35 54.81 -8.23
C31 LUT FH . -38.15 54.66 -7.39
C32 LUT FH . -37.97 54.65 -6.07
C33 LUT FH . -36.57 54.51 -5.60
C34 LUT FH . -36.29 53.99 -4.41
C35 LUT FH . -34.90 53.84 -3.96
C36 LUT FH . -43.18 56.87 -11.78
C37 LUT FH . -41.49 58.66 -11.81
C38 LUT FH . -40.18 54.55 -13.87
C39 LUT FH . -37.96 56.20 -9.73
C40 LUT FH . -35.48 55.02 -6.47
O23 LUT FH . -42.83 57.76 -16.25
C1 LUT GH . -19.01 42.16 -8.97
C2 LUT GH . -17.88 41.71 -9.86
C3 LUT GH . -16.79 40.89 -9.24
C4 LUT GH . -16.52 41.39 -7.85
C5 LUT GH . -17.76 41.32 -7.04
C6 LUT GH . -18.90 41.78 -7.52
C7 LUT GH . -20.16 41.92 -6.76
C8 LUT GH . -20.67 42.41 -5.60
C9 LUT GH . -22.15 42.28 -5.46
C10 LUT GH . -22.82 42.34 -4.28
C11 LUT GH . -24.29 42.21 -4.24
C12 LUT GH . -25.25 42.80 -3.52
C13 LUT GH . -26.66 42.39 -3.80
C14 LUT GH . -27.70 42.81 -3.06
C15 LUT GH . -29.08 42.37 -3.32
C16 LUT GH . -20.30 41.66 -9.59
C17 LUT GH . -19.05 43.66 -9.02
C18 LUT GH . -17.69 40.73 -5.69
C19 LUT GH . -22.97 42.13 -6.72
C20 LUT GH . -26.94 41.51 -4.96
O3 LUT GH . -15.65 41.15 -10.04
C21 LUT GH . -40.29 42.13 3.00
C22 LUT GH . -41.65 42.52 3.55
C23 LUT GH . -41.60 43.74 4.44
C24 LUT GH . -40.82 44.85 3.74
C25 LUT GH . -39.49 44.33 3.26
C26 LUT GH . -39.43 43.25 2.53
C27 LUT GH . -38.40 43.20 1.48
C28 LUT GH . -38.22 43.14 0.15
C29 LUT GH . -36.79 43.25 -0.31
C30 LUT GH . -36.34 42.79 -1.52
C31 LUT GH . -34.90 42.95 -1.84
C32 LUT GH . -33.98 42.51 -2.70
C33 LUT GH . -32.58 42.99 -2.48
C34 LUT GH . -31.54 42.58 -3.24
C35 LUT GH . -30.16 43.05 -2.98
C36 LUT GH . -40.48 41.13 1.88
C37 LUT GH . -39.48 41.62 4.14
C38 LUT GH . -38.23 44.98 3.68
C39 LUT GH . -35.82 43.95 0.63
C40 LUT GH . -32.30 43.93 -1.34
O23 LUT GH . -41.01 43.39 5.68
C1 NEX HH . -51.11 41.56 -31.20
C2 NEX HH . -50.78 42.01 -32.64
C3 NEX HH . -49.89 41.17 -33.58
C4 NEX HH . -49.70 39.76 -33.08
C5 NEX HH . -49.33 39.78 -31.62
C6 NEX HH . -50.52 40.21 -30.82
C7 NEX HH . -51.01 39.50 -29.86
C8 NEX HH . -51.56 38.70 -28.79
C9 NEX HH . -51.01 38.20 -27.49
C10 NEX HH . -51.75 37.78 -26.52
C11 NEX HH . -51.63 36.65 -25.54
C12 NEX HH . -51.69 36.71 -24.32
C13 NEX HH . -52.36 35.96 -23.19
C14 NEX HH . -52.31 36.35 -21.99
C15 NEX HH . -53.33 36.18 -20.92
C16 NEX HH . -52.62 41.54 -31.01
C17 NEX HH . -50.52 42.61 -30.29
C18 NEX HH . -48.79 38.40 -31.25
C19 NEX HH . -49.53 38.25 -27.29
C20 NEX HH . -53.13 34.69 -23.43
O3 NEX HH . -50.44 41.11 -34.90
O4 NEX HH . -48.32 40.76 -31.43
C21 NEX HH . -48.59 40.31 -10.35
C22 NEX HH . -47.73 40.92 -9.27
C23 NEX HH . -46.96 42.15 -9.69
C24 NEX HH . -47.98 43.22 -9.95
C25 NEX HH . -48.94 42.80 -11.03
C26 NEX HH . -49.20 41.32 -11.31
C27 NEX HH . -50.43 41.03 -12.14
C28 NEX HH . -50.43 40.47 -13.36
C29 NEX HH . -51.57 40.28 -14.05
C30 NEX HH . -51.57 39.72 -15.18
C31 NEX HH . -52.39 38.60 -15.70
C32 NEX HH . -52.39 38.24 -16.83
C33 NEX HH . -53.43 37.58 -17.67
C34 NEX HH . -53.23 37.38 -18.89
C35 NEX HH . -53.13 36.18 -19.74
C36 NEX HH . -49.73 39.53 -9.72
C37 NEX HH . -47.69 39.33 -11.09
C38 NEX HH . -49.92 43.82 -11.59
C39 NEX HH . -52.91 40.67 -13.50
C40 NEX HH . -54.75 37.19 -17.09
O23 NEX HH . -46.17 42.64 -8.63
O24 NEX HH . -48.26 42.07 -12.05
O1 G3P IH . -23.35 51.57 -4.54
C1 G3P IH . -22.47 51.43 -3.44
C2 G3P IH . -21.17 52.18 -3.74
O2 G3P IH . -20.07 51.31 -3.59
C3 G3P IH . -21.24 52.73 -5.16
O1P G3P IH . -20.07 53.47 -5.46
O4P G3P IH . -20.02 55.22 -7.33
O2P G3P IH . -21.54 55.55 -5.41
O3P G3P IH . -19.11 55.77 -5.09
P G3P IH . -20.19 55.02 -5.84
#